data_6BNW
#
_entry.id   6BNW
#
loop_
_entity.id
_entity.type
_entity.pdbx_description
1 polymer 'Unconventional myosin-VI'
2 polymer 'Actin, alpha skeletal muscle'
#
loop_
_entity_poly.entity_id
_entity_poly.type
_entity_poly.pdbx_seq_one_letter_code
_entity_poly.pdbx_strand_id
1 'polypeptide(L)'
;EDGKPVWAPHPTDGFQVGNIVDIGPDSLTIEPLNQKGKTFLALINQVFPAEEDSKKDVEDNCSLMYLNEATLLHNIKVRY
SKDRIYTYVANILIAVNPYFDIPKIYSSETIKSYQGKSLGTMPPHVFAIADKAFRDMKVLKLSQSIIVSGESGAGKTENT
KFVLRYLTESYGTGQDIDDRIVEANPLLEAFGNAKTVRNNNSSRFGKFVEIHFNEKSSVVGGFVSHYLLEKSRICVQGKE
ERNYHIFYRLCAGASEDIRERLHLSSPDNFRYLNRGCTRYFANKETDKQILQNRKSPEYLKAGSLKDPLLDDHGDFIRMC
TAMKKIGLDDEEKLDLFRVVAGVLHLGNIDFEEAGSTSGGCNLKNKSTQALEYCAELLGLDQDDLRVSLTTRVMLTTAGG
AKGTVIKVPLKVEQANNARDALAKTVYSHLFDHVVNRVNQCFPFETSSYFIGVLDIAGFEYFEHNSFEQFCINYCNEKLQ
QFFNERILKEEQELYQKEGLGVNEVHYVDNQDCIDLIEARLVGILDILDEENRLPQPSDQHFTSAVHQKHKDHFRLSIPR
KSKLAIHRNIRDDEGFIIRHFAGAVCYETTQFVEKNNDALHMSLESLICESRDKFIRELFESSTNNNKDTKQKAGKLSFI
SVGNKFKTQLNLLLDKLRSTGASFIRCIKPNLKMTSHHFEGAQILSQLQCSGMVSVLDLMQGGFPSRASFHELYNMYKKY
MPDKLARLDPRLFCKALFKALGLNEIDYKFGLTKVFFRPGKFAEFDQIMKSDPDHLAELVKRVNHWLICSRWKKVQWCSL
SVIKLKNKIKYRAEAC
;
I,J,K,L,M,N
2 'polypeptide(L)'
;MCDEDETTALVCDNGSGLVKAGFAGDDAPRAVFPSIVGRPRHQGVMVGMGQKDSYVGDEAQSKRGILTLKYPIEHGIITN
WDDMEKIWHHTFYNELRVAPEEHPTLLTEAPLNPKANREKMTQIMFETFNVPAMYVAIQAVLSLYASGRTTGIVLDSGDG
VTHNVPIYEGYALPHAIMRLDLAGRDLTDYLMKILTERGYSFVTTAEREIVRDIKEKLCYVALDFENEMATAASSSSLEK
SYELPDGQVITIGNERFRCPETLFQPSFIGMESAGIHETTYNSIMKCDIDIRKDLYANNVMSGGTTMYPGIADRMQKEIT
ALAPSTMKIKIIAPPERKYSVWIGGSILASLSTFQQMWITKQEYDEAGPSIVH
;
A,B,C,D,E,F,G,H
#
# COMPACT_ATOMS: atom_id res chain seq x y z
N LYS A 4 108.93 -10.94 -71.93
CA LYS A 4 107.75 -11.55 -72.01
C LYS A 4 106.57 -10.67 -72.18
N PRO A 5 105.68 -10.86 -73.10
CA PRO A 5 104.54 -10.02 -73.26
C PRO A 5 103.50 -10.22 -72.19
N VAL A 6 102.74 -9.17 -71.90
CA VAL A 6 101.68 -9.18 -70.92
C VAL A 6 100.38 -8.81 -71.61
N TRP A 7 99.28 -8.76 -70.85
CA TRP A 7 98.00 -8.31 -71.35
C TRP A 7 97.80 -6.92 -70.80
N ALA A 8 97.61 -5.98 -71.73
CA ALA A 8 97.42 -4.59 -71.56
C ALA A 8 95.96 -4.18 -71.63
N PRO A 9 95.36 -3.47 -70.69
CA PRO A 9 93.98 -3.01 -70.81
C PRO A 9 93.76 -2.15 -72.06
N HIS A 10 92.86 -2.55 -72.96
CA HIS A 10 92.55 -1.81 -74.16
C HIS A 10 91.11 -1.35 -74.05
N PRO A 11 90.66 -0.18 -74.43
CA PRO A 11 89.27 0.19 -74.25
C PRO A 11 88.29 -0.62 -75.06
N THR A 12 88.54 -0.85 -76.33
CA THR A 12 87.65 -1.59 -77.19
C THR A 12 87.73 -3.08 -77.05
N ASP A 13 88.92 -3.68 -76.94
CA ASP A 13 89.10 -5.11 -76.83
C ASP A 13 89.12 -5.60 -75.41
N GLY A 14 89.24 -4.71 -74.43
CA GLY A 14 89.32 -5.04 -73.03
C GLY A 14 90.73 -5.31 -72.62
N PHE A 15 91.37 -6.26 -73.29
CA PHE A 15 92.74 -6.70 -73.11
C PHE A 15 93.43 -6.91 -74.44
N GLN A 16 94.62 -6.32 -74.67
CA GLN A 16 95.37 -6.54 -75.89
C GLN A 16 96.81 -6.87 -75.53
N VAL A 17 97.59 -7.48 -76.44
CA VAL A 17 98.96 -7.90 -76.16
C VAL A 17 99.94 -6.73 -76.18
N GLY A 18 100.94 -6.72 -75.28
CA GLY A 18 101.88 -5.62 -75.20
C GLY A 18 102.97 -5.91 -74.22
N ASN A 19 104.19 -5.35 -74.44
CA ASN A 19 105.32 -5.62 -73.57
C ASN A 19 105.47 -4.48 -72.57
N ILE A 20 106.37 -4.64 -71.59
CA ILE A 20 106.68 -3.64 -70.58
C ILE A 20 108.05 -3.10 -70.89
N VAL A 21 108.17 -1.78 -71.20
CA VAL A 21 109.44 -1.24 -71.62
C VAL A 21 109.96 -0.15 -70.70
N ASP A 22 109.20 0.23 -69.67
CA ASP A 22 109.68 1.08 -68.61
C ASP A 22 108.90 0.66 -67.38
N ILE A 23 109.53 0.56 -66.21
CA ILE A 23 108.89 0.09 -65.00
C ILE A 23 109.23 0.95 -63.81
N GLY A 24 108.27 1.18 -62.92
CA GLY A 24 108.40 1.98 -61.72
C GLY A 24 107.07 2.04 -61.06
N PRO A 25 106.95 2.42 -59.79
CA PRO A 25 105.69 2.48 -59.09
C PRO A 25 104.64 3.31 -59.78
N ASP A 26 103.48 2.70 -60.10
CA ASP A 26 102.38 3.27 -60.83
C ASP A 26 102.80 3.92 -62.14
N SER A 27 103.81 3.35 -62.81
CA SER A 27 104.37 3.90 -64.01
C SER A 27 104.80 2.82 -64.97
N LEU A 28 103.96 1.79 -65.12
CA LEU A 28 104.21 0.68 -66.01
C LEU A 28 103.97 1.10 -67.45
N THR A 29 105.03 1.45 -68.20
CA THR A 29 104.91 1.86 -69.59
C THR A 29 104.76 0.67 -70.48
N ILE A 30 103.59 0.54 -71.13
CA ILE A 30 103.24 -0.61 -71.94
C ILE A 30 103.25 -0.25 -73.41
N GLU A 31 104.14 -0.89 -74.20
CA GLU A 31 104.11 -0.73 -75.64
C GLU A 31 103.21 -1.81 -76.23
N PRO A 32 102.16 -1.56 -77.00
CA PRO A 32 101.37 -2.61 -77.66
C PRO A 32 102.17 -3.50 -78.59
N LEU A 33 101.75 -4.76 -78.81
CA LEU A 33 102.43 -5.67 -79.69
C LEU A 33 101.93 -5.53 -81.06
N ASN A 34 102.82 -5.30 -81.97
CA ASN A 34 102.59 -5.06 -83.33
C ASN A 34 101.85 -3.82 -83.65
N GLN A 35 101.82 -2.91 -82.81
CA GLN A 35 101.26 -1.63 -82.93
C GLN A 35 102.14 -0.66 -82.22
N LYS A 36 103.19 -0.38 -82.64
CA LYS A 36 104.15 0.48 -82.07
C LYS A 36 103.73 1.90 -82.05
N GLY A 37 103.91 2.55 -81.07
CA GLY A 37 103.52 3.91 -80.92
C GLY A 37 102.58 4.33 -80.18
N LYS A 38 101.86 3.68 -79.77
CA LYS A 38 100.93 3.99 -79.00
C LYS A 38 101.16 3.74 -77.54
N THR A 39 102.36 3.69 -77.08
CA THR A 39 102.86 3.44 -75.76
C THR A 39 102.22 4.28 -74.67
N PHE A 40 101.38 3.66 -73.85
CA PHE A 40 100.69 4.30 -72.75
C PHE A 40 101.24 3.83 -71.41
N LEU A 41 100.66 4.29 -70.29
CA LEU A 41 101.07 3.84 -68.97
C LEU A 41 99.93 3.10 -68.31
N ALA A 42 100.23 2.21 -67.36
CA ALA A 42 99.22 1.51 -66.59
C ALA A 42 99.48 1.58 -65.10
N LEU A 43 98.83 0.68 -64.35
CA LEU A 43 98.95 0.51 -62.92
C LEU A 43 99.17 -0.96 -62.70
N ILE A 44 99.76 -1.36 -61.56
CA ILE A 44 100.06 -2.76 -61.27
C ILE A 44 98.85 -3.67 -61.27
N ASN A 45 97.71 -3.18 -60.76
CA ASN A 45 96.46 -3.90 -60.72
C ASN A 45 95.72 -3.99 -62.03
N GLN A 46 96.20 -3.38 -63.12
CA GLN A 46 95.55 -3.46 -64.40
C GLN A 46 96.30 -4.27 -65.42
N VAL A 47 97.53 -4.73 -65.11
CA VAL A 47 98.36 -5.51 -66.00
C VAL A 47 98.45 -6.94 -65.51
N PHE A 48 98.29 -7.92 -66.41
CA PHE A 48 98.28 -9.33 -66.09
C PHE A 48 99.23 -10.11 -67.00
N PRO A 49 100.03 -11.07 -66.60
CA PRO A 49 100.93 -11.77 -67.51
C PRO A 49 100.19 -12.67 -68.49
N ALA A 50 100.85 -13.07 -69.58
CA ALA A 50 100.24 -13.86 -70.64
C ALA A 50 100.95 -15.18 -70.88
N GLU A 51 100.27 -16.14 -71.50
CA GLU A 51 100.80 -17.45 -71.85
C GLU A 51 101.79 -17.40 -73.00
N GLU A 52 102.81 -18.27 -72.98
CA GLU A 52 103.85 -18.33 -73.97
C GLU A 52 103.36 -18.76 -75.34
N ASP A 53 102.50 -19.77 -75.41
CA ASP A 53 101.95 -20.28 -76.63
C ASP A 53 100.57 -19.69 -76.86
N SER A 54 100.32 -19.17 -78.04
CA SER A 54 99.07 -18.54 -78.41
C SER A 54 98.20 -19.42 -79.24
N LYS A 55 98.66 -20.57 -79.61
CA LYS A 55 97.89 -21.47 -80.40
C LYS A 55 97.14 -22.47 -79.58
N LYS A 56 97.39 -22.74 -78.47
CA LYS A 56 96.74 -23.64 -77.57
C LYS A 56 95.44 -23.15 -77.03
N ASP A 57 94.53 -24.08 -76.71
CA ASP A 57 93.27 -23.82 -76.15
C ASP A 57 92.94 -24.88 -75.16
N VAL A 58 92.77 -24.94 -74.08
CA VAL A 58 92.56 -25.93 -73.06
C VAL A 58 91.12 -26.07 -72.63
N GLU A 59 90.66 -27.32 -72.46
CA GLU A 59 89.32 -27.67 -72.07
C GLU A 59 89.06 -27.27 -70.63
N ASP A 60 90.06 -27.50 -69.75
CA ASP A 60 90.05 -27.12 -68.38
C ASP A 60 91.01 -25.95 -68.25
N ASN A 61 90.60 -24.91 -67.52
CA ASN A 61 91.38 -23.69 -67.41
C ASN A 61 92.33 -23.74 -66.24
N CYS A 62 92.32 -24.83 -65.47
CA CYS A 62 93.31 -25.04 -64.43
C CYS A 62 94.52 -25.73 -65.00
N SER A 63 94.52 -25.92 -66.33
CA SER A 63 95.58 -26.45 -67.13
C SER A 63 96.39 -25.34 -67.76
N LEU A 64 96.17 -24.08 -67.34
CA LEU A 64 96.92 -22.92 -67.76
C LEU A 64 98.08 -22.70 -66.82
N MET A 65 99.13 -22.05 -67.30
CA MET A 65 100.29 -21.79 -66.51
C MET A 65 100.23 -20.51 -65.76
N TYR A 66 99.74 -19.47 -66.37
CA TYR A 66 99.51 -18.20 -65.74
C TYR A 66 98.04 -17.94 -65.70
N LEU A 67 97.35 -18.31 -64.67
CA LEU A 67 95.93 -18.16 -64.53
C LEU A 67 95.55 -16.80 -63.96
N ASN A 68 94.76 -16.04 -64.72
CA ASN A 68 94.29 -14.73 -64.35
C ASN A 68 93.08 -14.45 -65.22
N GLU A 69 92.53 -13.23 -65.19
CA GLU A 69 91.31 -12.93 -65.91
C GLU A 69 91.57 -12.69 -67.39
N ALA A 70 92.72 -12.11 -67.77
CA ALA A 70 93.08 -11.90 -69.15
C ALA A 70 93.45 -13.18 -69.90
N THR A 71 94.04 -14.18 -69.22
CA THR A 71 94.39 -15.47 -69.81
C THR A 71 93.20 -16.41 -69.87
N LEU A 72 92.15 -16.08 -69.11
CA LEU A 72 90.90 -16.82 -69.10
C LEU A 72 90.02 -16.20 -70.15
N LEU A 73 90.05 -14.87 -70.35
CA LEU A 73 89.29 -14.25 -71.42
C LEU A 73 89.90 -14.54 -72.80
N HIS A 74 91.20 -14.85 -72.87
CA HIS A 74 91.81 -15.23 -74.13
C HIS A 74 91.51 -16.67 -74.47
N ASN A 75 91.41 -17.57 -73.47
CA ASN A 75 91.08 -18.95 -73.73
C ASN A 75 89.64 -19.08 -74.21
N ILE A 76 88.71 -18.25 -73.69
CA ILE A 76 87.34 -18.21 -74.17
C ILE A 76 87.24 -17.54 -75.53
N LYS A 77 88.10 -16.54 -75.84
CA LYS A 77 88.09 -15.90 -77.15
C LYS A 77 88.59 -16.81 -78.26
N VAL A 78 89.58 -17.67 -77.95
CA VAL A 78 90.09 -18.65 -78.88
C VAL A 78 89.11 -19.79 -79.06
N ARG A 79 88.43 -20.24 -77.98
CA ARG A 79 87.47 -21.31 -78.11
C ARG A 79 86.13 -20.83 -78.62
N TYR A 80 85.90 -19.50 -78.71
CA TYR A 80 84.76 -18.96 -79.40
C TYR A 80 85.02 -19.04 -80.89
N SER A 81 86.26 -18.69 -81.31
CA SER A 81 86.73 -18.79 -82.68
C SER A 81 86.72 -20.21 -83.20
N LYS A 82 87.09 -21.20 -82.36
CA LYS A 82 87.09 -22.60 -82.73
C LYS A 82 85.79 -23.33 -82.41
N ASP A 83 84.73 -22.58 -82.06
CA ASP A 83 83.38 -23.06 -81.80
C ASP A 83 83.25 -24.08 -80.67
N ARG A 84 83.95 -23.90 -79.55
CA ARG A 84 83.89 -24.74 -78.38
C ARG A 84 83.33 -23.93 -77.23
N ILE A 85 82.03 -23.70 -77.27
CA ILE A 85 81.27 -22.89 -76.35
C ILE A 85 81.18 -23.42 -74.93
N TYR A 86 81.17 -24.75 -74.75
CA TYR A 86 81.11 -25.40 -73.45
C TYR A 86 82.50 -25.63 -72.93
N THR A 87 82.86 -25.00 -71.80
CA THR A 87 84.23 -25.00 -71.30
C THR A 87 84.25 -25.12 -69.79
N TYR A 88 84.93 -26.15 -69.28
CA TYR A 88 85.07 -26.45 -67.86
C TYR A 88 86.05 -25.53 -67.17
N VAL A 89 85.61 -24.70 -66.23
CA VAL A 89 86.55 -23.94 -65.44
C VAL A 89 86.43 -24.52 -64.07
N ALA A 90 87.41 -25.35 -63.65
CA ALA A 90 87.38 -26.08 -62.41
C ALA A 90 86.19 -27.02 -62.30
N ASN A 91 85.23 -26.77 -61.52
CA ASN A 91 84.01 -27.51 -61.31
C ASN A 91 82.80 -26.71 -61.75
N ILE A 92 83.02 -25.60 -62.48
CA ILE A 92 82.00 -24.70 -62.95
C ILE A 92 81.96 -24.76 -64.47
N LEU A 93 80.78 -25.05 -65.03
CA LEU A 93 80.63 -25.01 -66.47
C LEU A 93 80.48 -23.58 -66.95
N ILE A 94 81.30 -23.16 -67.91
CA ILE A 94 81.16 -21.86 -68.53
C ILE A 94 80.66 -22.16 -69.90
N ALA A 95 79.55 -21.53 -70.27
CA ALA A 95 78.90 -21.72 -71.53
C ALA A 95 78.80 -20.35 -72.17
N VAL A 96 79.07 -20.26 -73.47
CA VAL A 96 78.98 -19.02 -74.21
C VAL A 96 77.84 -19.19 -75.17
N ASN A 97 76.93 -18.21 -75.31
CA ASN A 97 75.79 -18.36 -76.20
C ASN A 97 76.21 -18.10 -77.65
N PRO A 98 76.06 -18.98 -78.62
CA PRO A 98 76.50 -18.72 -79.97
C PRO A 98 75.45 -17.98 -80.75
N TYR A 99 74.20 -18.02 -80.31
CA TYR A 99 73.06 -17.45 -80.97
C TYR A 99 72.75 -18.00 -82.36
N PHE A 100 73.23 -19.17 -82.69
CA PHE A 100 72.93 -19.89 -83.89
C PHE A 100 73.19 -21.34 -83.62
N ASP A 101 72.61 -22.26 -84.39
CA ASP A 101 72.75 -23.68 -84.18
C ASP A 101 74.07 -24.23 -84.68
N ILE A 102 74.85 -24.86 -83.84
CA ILE A 102 76.12 -25.47 -84.17
C ILE A 102 75.86 -26.93 -84.53
N PRO A 103 76.39 -27.50 -85.61
CA PRO A 103 76.14 -28.88 -85.98
C PRO A 103 76.59 -29.94 -85.01
N LYS A 104 75.82 -31.01 -84.94
CA LYS A 104 76.01 -32.21 -84.17
C LYS A 104 76.26 -32.18 -82.66
N ILE A 105 76.49 -31.02 -82.02
CA ILE A 105 76.66 -30.97 -80.58
C ILE A 105 75.42 -31.28 -79.77
N TYR A 106 74.21 -31.14 -80.35
CA TYR A 106 72.98 -31.48 -79.67
C TYR A 106 72.42 -32.79 -80.21
N SER A 107 73.17 -33.51 -81.06
CA SER A 107 72.77 -34.78 -81.67
C SER A 107 72.51 -35.90 -80.69
N SER A 108 71.59 -36.83 -81.04
CA SER A 108 71.27 -37.96 -80.20
C SER A 108 72.34 -39.01 -80.23
N GLU A 109 73.22 -38.99 -81.25
CA GLU A 109 74.39 -39.84 -81.29
C GLU A 109 75.45 -39.34 -80.32
N THR A 110 75.49 -38.02 -80.10
CA THR A 110 76.34 -37.33 -79.15
C THR A 110 75.87 -37.62 -77.75
N ILE A 111 74.56 -37.61 -77.52
CA ILE A 111 73.98 -37.91 -76.23
C ILE A 111 74.15 -39.39 -75.86
N LYS A 112 74.06 -40.31 -76.83
CA LYS A 112 74.31 -41.72 -76.60
C LYS A 112 75.78 -42.05 -76.37
N SER A 113 76.68 -41.23 -76.94
CA SER A 113 78.12 -41.36 -76.75
C SER A 113 78.52 -41.00 -75.35
N TYR A 114 78.18 -39.78 -74.90
CA TYR A 114 78.47 -39.25 -73.60
C TYR A 114 78.02 -40.12 -72.43
N GLN A 115 76.86 -40.78 -72.53
CA GLN A 115 76.28 -41.65 -71.52
C GLN A 115 77.26 -42.55 -70.76
N GLY A 116 77.43 -42.29 -69.47
CA GLY A 116 78.25 -43.07 -68.57
C GLY A 116 79.72 -42.85 -68.60
N LYS A 117 80.19 -41.88 -69.39
CA LYS A 117 81.59 -41.59 -69.48
C LYS A 117 82.07 -40.70 -68.40
N SER A 118 83.29 -40.82 -67.99
CA SER A 118 83.90 -40.05 -66.94
C SER A 118 84.32 -38.67 -67.36
N LEU A 119 84.27 -37.71 -66.42
CA LEU A 119 84.66 -36.35 -66.66
C LEU A 119 86.11 -36.17 -67.03
N GLY A 120 86.36 -35.28 -67.97
CA GLY A 120 87.66 -35.03 -68.51
C GLY A 120 88.08 -35.96 -69.58
N THR A 121 87.49 -37.14 -69.66
CA THR A 121 87.71 -38.14 -70.66
C THR A 121 87.03 -37.77 -71.93
N MET A 122 85.93 -37.14 -71.85
CA MET A 122 85.21 -36.63 -72.95
C MET A 122 85.19 -35.12 -72.85
N PRO A 123 85.17 -34.36 -73.93
CA PRO A 123 85.18 -32.92 -73.88
C PRO A 123 84.03 -32.27 -73.13
N PRO A 124 84.13 -31.08 -72.56
CA PRO A 124 83.05 -30.42 -71.85
C PRO A 124 81.83 -30.19 -72.69
N HIS A 125 80.64 -30.47 -72.15
CA HIS A 125 79.39 -30.32 -72.85
C HIS A 125 78.34 -30.10 -71.80
N VAL A 126 77.14 -29.63 -72.19
CA VAL A 126 76.02 -29.41 -71.30
C VAL A 126 75.55 -30.71 -70.66
N PHE A 127 75.65 -31.81 -71.39
CA PHE A 127 75.27 -33.12 -70.92
C PHE A 127 76.36 -33.80 -70.10
N ALA A 128 77.55 -33.20 -69.96
CA ALA A 128 78.62 -33.78 -69.16
C ALA A 128 78.50 -33.37 -67.71
N ILE A 129 77.64 -32.39 -67.45
CA ILE A 129 77.36 -31.89 -66.12
C ILE A 129 76.15 -32.64 -65.63
N ALA A 130 75.17 -32.91 -66.51
CA ALA A 130 74.02 -33.69 -66.14
C ALA A 130 74.33 -35.17 -65.92
N ASP A 131 75.38 -35.71 -66.55
CA ASP A 131 75.79 -37.09 -66.32
C ASP A 131 76.55 -37.26 -65.00
N LYS A 132 77.30 -36.23 -64.58
CA LYS A 132 78.02 -36.22 -63.33
C LYS A 132 77.08 -36.11 -62.16
N ALA A 133 75.98 -35.36 -62.31
CA ALA A 133 74.98 -35.24 -61.28
C ALA A 133 73.88 -36.25 -61.46
N PHE A 134 74.27 -37.47 -61.85
CA PHE A 134 73.39 -38.62 -61.87
C PHE A 134 74.15 -39.75 -61.22
N ARG A 135 75.49 -39.77 -61.35
CA ARG A 135 76.28 -40.73 -60.64
C ARG A 135 76.49 -40.34 -59.18
N ASP A 136 76.24 -39.08 -58.79
CA ASP A 136 76.27 -38.72 -57.39
C ASP A 136 74.98 -39.15 -56.69
N MET A 137 73.94 -39.51 -57.47
CA MET A 137 72.72 -40.10 -56.95
C MET A 137 72.93 -41.53 -56.47
N LYS A 138 73.95 -42.23 -57.02
CA LYS A 138 74.25 -43.59 -56.61
C LYS A 138 75.41 -43.64 -55.62
N VAL A 139 76.33 -42.67 -55.68
CA VAL A 139 77.42 -42.58 -54.72
C VAL A 139 76.96 -42.11 -53.35
N LEU A 140 76.73 -40.80 -53.17
CA LEU A 140 76.35 -40.25 -51.88
C LEU A 140 74.85 -40.21 -51.64
N LYS A 141 74.04 -40.48 -52.67
CA LYS A 141 72.60 -40.59 -52.60
C LYS A 141 71.89 -39.34 -52.09
N LEU A 142 72.16 -38.22 -52.72
CA LEU A 142 71.62 -36.93 -52.35
C LEU A 142 71.03 -36.25 -53.57
N SER A 143 69.86 -35.60 -53.41
CA SER A 143 69.20 -34.83 -54.45
C SER A 143 70.05 -33.69 -54.96
N GLN A 144 70.13 -33.50 -56.27
CA GLN A 144 71.04 -32.55 -56.90
C GLN A 144 70.33 -31.33 -57.48
N SER A 145 70.74 -30.11 -57.12
CA SER A 145 70.17 -28.90 -57.68
C SER A 145 71.05 -28.26 -58.73
N ILE A 146 70.57 -28.23 -59.97
CA ILE A 146 71.19 -27.53 -61.08
C ILE A 146 70.89 -26.05 -60.97
N ILE A 147 71.91 -25.19 -60.82
CA ILE A 147 71.68 -23.76 -60.72
C ILE A 147 72.30 -23.12 -61.92
N VAL A 148 71.47 -22.57 -62.82
CA VAL A 148 71.96 -21.93 -64.02
C VAL A 148 71.96 -20.43 -63.81
N SER A 149 73.15 -19.82 -63.86
CA SER A 149 73.32 -18.39 -63.67
C SER A 149 73.70 -17.70 -64.97
N GLY A 150 73.77 -16.36 -64.96
CA GLY A 150 74.10 -15.56 -66.12
C GLY A 150 73.08 -14.47 -66.32
N GLU A 151 73.43 -13.39 -67.03
CA GLU A 151 72.54 -12.29 -67.36
C GLU A 151 71.38 -12.71 -68.20
N SER A 152 70.23 -12.06 -68.14
CA SER A 152 69.08 -12.45 -68.91
C SER A 152 69.26 -12.35 -70.41
N GLY A 153 68.82 -13.39 -71.13
CA GLY A 153 69.03 -13.53 -72.55
C GLY A 153 70.30 -14.25 -72.87
N ALA A 154 70.87 -14.97 -71.91
CA ALA A 154 72.12 -15.67 -72.07
C ALA A 154 71.95 -17.14 -72.43
N GLY A 155 70.71 -17.67 -72.47
CA GLY A 155 70.47 -19.05 -72.86
C GLY A 155 70.21 -19.97 -71.72
N LYS A 156 69.86 -19.43 -70.54
CA LYS A 156 69.63 -20.22 -69.35
C LYS A 156 68.38 -21.07 -69.39
N THR A 157 67.47 -20.80 -70.32
CA THR A 157 66.21 -21.51 -70.42
C THR A 157 66.37 -22.47 -71.54
N GLU A 158 67.06 -22.10 -72.64
CA GLU A 158 67.34 -23.06 -73.70
C GLU A 158 68.34 -24.11 -73.26
N ASN A 159 69.40 -23.77 -72.49
CA ASN A 159 70.30 -24.77 -71.95
C ASN A 159 69.65 -25.59 -70.84
N THR A 160 68.59 -25.06 -70.20
CA THR A 160 67.81 -25.82 -69.23
C THR A 160 66.98 -26.86 -69.94
N LYS A 161 66.44 -26.59 -71.14
CA LYS A 161 65.69 -27.58 -71.88
C LYS A 161 66.60 -28.69 -72.42
N PHE A 162 67.90 -28.41 -72.67
CA PHE A 162 68.86 -29.43 -73.06
C PHE A 162 69.21 -30.36 -71.90
N VAL A 163 69.29 -29.83 -70.67
CA VAL A 163 69.59 -30.64 -69.50
C VAL A 163 68.45 -31.57 -69.16
N LEU A 164 67.19 -31.11 -69.27
CA LEU A 164 66.01 -31.92 -69.01
C LEU A 164 65.75 -32.97 -70.07
N ARG A 165 66.21 -32.74 -71.31
CA ARG A 165 66.07 -33.72 -72.36
C ARG A 165 67.07 -34.85 -72.20
N TYR A 166 68.27 -34.56 -71.65
CA TYR A 166 69.26 -35.57 -71.38
C TYR A 166 68.88 -36.47 -70.22
N LEU A 167 68.24 -35.92 -69.18
CA LEU A 167 67.86 -36.68 -68.03
C LEU A 167 66.69 -37.58 -68.30
N THR A 168 65.81 -37.22 -69.23
CA THR A 168 64.68 -38.05 -69.60
C THR A 168 64.99 -38.91 -70.80
N GLU A 169 66.27 -39.09 -71.14
CA GLU A 169 66.67 -39.93 -72.22
C GLU A 169 67.82 -40.83 -71.83
N SER A 170 68.91 -40.30 -71.31
CA SER A 170 70.08 -41.08 -70.92
C SER A 170 69.86 -42.05 -69.84
N TYR A 171 69.06 -41.68 -68.87
CA TYR A 171 68.72 -42.51 -67.80
C TYR A 171 67.29 -42.91 -67.91
N GLY A 172 66.91 -43.17 -68.83
CA GLY A 172 65.63 -43.62 -69.16
C GLY A 172 64.54 -42.94 -69.19
N THR A 173 63.43 -43.25 -69.60
CA THR A 173 62.27 -42.70 -69.68
C THR A 173 61.56 -42.44 -68.70
N GLY A 174 61.05 -42.27 -68.37
CA GLY A 174 60.38 -42.01 -67.42
C GLY A 174 59.02 -41.59 -67.52
N GLN A 175 58.77 -40.65 -68.20
CA GLN A 175 57.51 -40.10 -68.40
C GLN A 175 56.99 -40.53 -69.73
N ASP A 176 55.68 -40.66 -69.83
CA ASP A 176 55.01 -41.06 -71.03
C ASP A 176 55.14 -40.02 -72.12
N ILE A 177 54.99 -38.76 -71.77
CA ILE A 177 55.15 -37.66 -72.65
C ILE A 177 56.25 -36.77 -72.11
N ASP A 178 57.37 -36.67 -72.78
CA ASP A 178 58.50 -35.85 -72.42
C ASP A 178 58.20 -34.39 -72.59
N ASP A 179 57.49 -34.05 -73.68
CA ASP A 179 57.65 -32.82 -74.41
C ASP A 179 56.86 -31.72 -73.70
N ARG A 180 55.97 -32.11 -72.78
CA ARG A 180 55.19 -31.23 -71.94
C ARG A 180 56.04 -30.34 -71.10
N ILE A 181 57.12 -30.87 -70.54
CA ILE A 181 58.05 -30.10 -69.76
C ILE A 181 58.75 -29.05 -70.60
N VAL A 182 59.16 -29.39 -71.81
CA VAL A 182 59.79 -28.47 -72.74
C VAL A 182 58.85 -27.40 -73.25
N GLU A 183 57.66 -27.79 -73.68
CA GLU A 183 56.66 -26.92 -74.22
C GLU A 183 56.02 -25.95 -73.28
N ALA A 184 55.89 -26.30 -71.99
CA ALA A 184 55.28 -25.48 -70.98
C ALA A 184 56.03 -24.21 -70.66
N ASN A 185 57.36 -24.18 -70.78
CA ASN A 185 58.13 -23.01 -70.45
C ASN A 185 57.76 -21.76 -71.23
N PRO A 186 57.63 -21.66 -72.56
CA PRO A 186 57.18 -20.42 -73.18
C PRO A 186 55.78 -19.99 -72.79
N LEU A 187 54.91 -20.90 -72.29
CA LEU A 187 53.60 -20.55 -71.80
C LEU A 187 53.68 -19.69 -70.54
N LEU A 188 54.53 -20.10 -69.56
CA LEU A 188 54.66 -19.36 -68.32
C LEU A 188 55.54 -18.13 -68.48
N GLU A 189 56.32 -18.06 -69.56
CA GLU A 189 57.10 -16.90 -69.88
C GLU A 189 56.27 -15.85 -70.60
N ALA A 190 55.04 -16.17 -71.04
CA ALA A 190 54.13 -15.17 -71.55
C ALA A 190 53.64 -14.25 -70.43
N PHE A 191 53.32 -14.86 -69.27
CA PHE A 191 52.88 -14.19 -68.07
C PHE A 191 53.98 -13.46 -67.32
N GLY A 192 55.21 -14.00 -67.31
CA GLY A 192 56.30 -13.45 -66.50
C GLY A 192 57.37 -12.66 -67.19
N ASN A 193 57.55 -12.78 -68.50
CA ASN A 193 58.53 -11.99 -69.22
C ASN A 193 58.08 -10.54 -69.41
N ALA A 194 59.05 -9.62 -69.47
CA ALA A 194 58.82 -8.23 -69.70
C ALA A 194 59.92 -7.69 -70.60
N LYS A 195 60.09 -6.36 -70.68
CA LYS A 195 61.13 -5.69 -71.44
C LYS A 195 61.96 -4.88 -70.50
N THR A 196 63.30 -5.04 -70.52
CA THR A 196 64.20 -4.28 -69.68
C THR A 196 65.17 -3.55 -70.57
N VAL A 197 65.96 -2.61 -70.00
CA VAL A 197 66.94 -1.86 -70.75
C VAL A 197 68.06 -2.75 -71.27
N ARG A 198 68.45 -3.78 -70.51
CA ARG A 198 69.45 -4.73 -70.90
C ARG A 198 69.00 -5.74 -71.94
N ASN A 199 67.75 -6.24 -71.87
CA ASN A 199 67.30 -7.21 -72.81
C ASN A 199 65.81 -7.07 -73.09
N ASN A 200 65.42 -7.22 -74.36
CA ASN A 200 64.04 -7.16 -74.77
C ASN A 200 63.21 -8.30 -74.23
N ASN A 201 63.65 -9.54 -74.41
CA ASN A 201 62.99 -10.67 -73.82
C ASN A 201 63.65 -11.03 -72.51
N SER A 202 63.16 -10.53 -71.37
CA SER A 202 63.74 -10.89 -70.09
C SER A 202 62.69 -11.45 -69.17
N SER A 203 63.03 -12.45 -68.35
CA SER A 203 62.15 -13.03 -67.35
C SER A 203 62.21 -12.25 -66.07
N ARG A 204 61.05 -11.90 -65.48
CA ARG A 204 61.04 -11.17 -64.22
C ARG A 204 60.57 -12.05 -63.09
N PHE A 205 60.87 -13.35 -63.19
CA PHE A 205 60.52 -14.34 -62.20
C PHE A 205 61.59 -15.42 -62.18
N GLY A 206 61.72 -16.12 -61.04
CA GLY A 206 62.73 -17.14 -60.82
C GLY A 206 62.11 -18.49 -60.69
N LYS A 207 61.92 -19.19 -61.82
CA LYS A 207 61.32 -20.50 -61.82
C LYS A 207 62.26 -21.58 -61.31
N PHE A 208 61.70 -22.63 -60.67
CA PHE A 208 62.48 -23.72 -60.12
C PHE A 208 61.82 -25.03 -60.48
N VAL A 209 62.36 -25.75 -61.48
CA VAL A 209 61.83 -27.04 -61.87
C VAL A 209 62.27 -28.08 -60.86
N GLU A 210 61.37 -28.97 -60.40
CA GLU A 210 61.71 -30.06 -59.49
C GLU A 210 61.31 -31.38 -60.12
N ILE A 211 62.23 -32.05 -60.85
CA ILE A 211 61.97 -33.33 -61.48
C ILE A 211 62.22 -34.41 -60.45
N HIS A 212 61.16 -35.14 -60.08
CA HIS A 212 61.25 -36.15 -59.06
C HIS A 212 61.58 -37.51 -59.65
N PHE A 213 62.23 -38.38 -58.85
CA PHE A 213 62.59 -39.72 -59.26
C PHE A 213 62.20 -40.65 -58.12
N ASN A 214 62.78 -41.86 -58.07
CA ASN A 214 62.50 -42.83 -57.03
C ASN A 214 63.72 -43.69 -56.78
N GLU A 215 63.65 -44.63 -55.83
CA GLU A 215 64.75 -45.52 -55.47
C GLU A 215 65.16 -46.48 -56.56
N LYS A 216 64.30 -46.73 -57.55
CA LYS A 216 64.60 -47.53 -58.71
C LYS A 216 65.33 -46.73 -59.74
N SER A 217 65.48 -45.44 -59.58
CA SER A 217 66.14 -44.45 -60.41
C SER A 217 65.38 -44.09 -61.64
N SER A 218 64.05 -44.10 -61.57
CA SER A 218 63.17 -43.77 -62.67
C SER A 218 62.36 -42.53 -62.34
N VAL A 219 62.04 -41.72 -63.37
CA VAL A 219 61.28 -40.48 -63.22
C VAL A 219 59.84 -40.76 -62.78
N VAL A 220 59.32 -40.02 -61.79
CA VAL A 220 57.95 -40.20 -61.33
C VAL A 220 57.06 -39.02 -61.63
N GLY A 221 57.59 -37.92 -62.17
CA GLY A 221 56.84 -36.73 -62.52
C GLY A 221 57.58 -35.51 -62.08
N GLY A 222 56.96 -34.33 -62.12
CA GLY A 222 57.66 -33.10 -61.74
C GLY A 222 56.78 -32.06 -61.12
N PHE A 223 57.39 -30.93 -60.77
CA PHE A 223 56.71 -29.84 -60.13
C PHE A 223 57.49 -28.56 -60.39
N VAL A 224 56.87 -27.54 -61.01
CA VAL A 224 57.55 -26.29 -61.29
C VAL A 224 56.93 -25.23 -60.40
N SER A 225 57.75 -24.42 -59.73
CA SER A 225 57.27 -23.34 -58.88
C SER A 225 57.83 -22.02 -59.37
N HIS A 226 57.83 -20.97 -58.54
CA HIS A 226 58.34 -19.69 -58.93
C HIS A 226 58.60 -18.87 -57.70
N TYR A 227 59.67 -18.06 -57.77
CA TYR A 227 60.12 -17.23 -56.68
C TYR A 227 60.47 -15.90 -57.31
N LEU A 228 60.20 -14.82 -56.58
CA LEU A 228 60.40 -13.45 -57.01
C LEU A 228 59.51 -13.01 -58.16
N LEU A 229 58.57 -12.26 -58.00
CA LEU A 229 57.71 -11.72 -59.03
C LEU A 229 57.71 -10.22 -58.86
N GLU A 230 57.98 -9.46 -59.94
CA GLU A 230 57.99 -8.01 -59.88
C GLU A 230 56.57 -7.46 -59.85
N LYS A 231 55.93 -7.48 -58.68
CA LYS A 231 54.58 -7.02 -58.47
C LYS A 231 54.42 -5.54 -58.73
N SER A 232 55.47 -4.76 -58.45
CA SER A 232 55.55 -3.33 -58.69
C SER A 232 55.40 -2.96 -60.15
N ARG A 233 55.90 -3.81 -61.06
CA ARG A 233 55.82 -3.66 -62.50
C ARG A 233 54.41 -3.54 -63.01
N ILE A 234 53.43 -4.15 -62.31
CA ILE A 234 52.03 -4.05 -62.65
C ILE A 234 51.55 -2.63 -62.55
N CYS A 235 51.90 -1.94 -61.47
CA CYS A 235 51.50 -0.60 -61.21
C CYS A 235 52.29 0.48 -61.91
N VAL A 236 53.60 0.34 -61.98
CA VAL A 236 54.45 1.36 -62.56
C VAL A 236 55.57 0.74 -63.36
N GLN A 237 55.85 1.31 -64.54
CA GLN A 237 56.85 0.81 -65.47
C GLN A 237 57.80 1.92 -65.83
N GLY A 238 59.04 1.58 -66.16
CA GLY A 238 60.03 2.52 -66.64
C GLY A 238 59.74 3.02 -68.00
N LYS A 239 60.41 4.07 -68.45
CA LYS A 239 60.23 4.66 -69.75
C LYS A 239 60.53 3.77 -70.92
N GLU A 240 61.59 2.99 -70.84
CA GLU A 240 61.97 2.07 -71.87
C GLU A 240 61.54 0.65 -71.54
N GLU A 241 60.68 0.45 -70.59
CA GLU A 241 60.20 -0.84 -70.19
C GLU A 241 58.73 -1.03 -70.51
N ARG A 242 58.28 -2.29 -70.68
CA ARG A 242 56.87 -2.60 -70.85
C ARG A 242 56.35 -3.09 -69.51
N ASN A 243 55.17 -3.75 -69.45
CA ASN A 243 54.68 -4.28 -68.19
C ASN A 243 54.91 -5.79 -68.24
N TYR A 244 53.88 -6.66 -68.27
CA TYR A 244 54.09 -8.06 -68.55
C TYR A 244 53.74 -8.30 -69.99
N HIS A 245 54.27 -9.36 -70.61
CA HIS A 245 54.03 -9.60 -72.02
C HIS A 245 52.75 -10.33 -72.35
N ILE A 246 51.89 -10.61 -71.35
CA ILE A 246 50.58 -11.14 -71.66
C ILE A 246 49.60 -10.03 -72.01
N PHE A 247 49.73 -8.82 -71.44
CA PHE A 247 48.80 -7.75 -71.76
C PHE A 247 48.93 -7.20 -73.18
N TYR A 248 50.11 -7.29 -73.79
CA TYR A 248 50.31 -6.87 -75.16
C TYR A 248 49.96 -7.96 -76.14
N ARG A 249 49.72 -9.19 -75.64
CA ARG A 249 49.35 -10.34 -76.45
C ARG A 249 47.86 -10.50 -76.39
N LEU A 250 47.21 -9.82 -75.44
CA LEU A 250 45.78 -9.82 -75.30
C LEU A 250 45.25 -8.64 -76.08
N CYS A 251 45.91 -7.46 -76.05
CA CYS A 251 45.38 -6.35 -76.83
C CYS A 251 45.83 -6.38 -78.29
N ALA A 252 46.93 -7.07 -78.65
CA ALA A 252 47.30 -7.21 -80.05
C ALA A 252 46.91 -8.55 -80.64
N GLY A 253 46.58 -9.55 -79.85
CA GLY A 253 46.22 -10.88 -80.32
C GLY A 253 44.76 -11.16 -80.41
N ALA A 254 44.03 -11.19 -79.33
CA ALA A 254 42.62 -11.54 -79.23
C ALA A 254 41.68 -10.89 -80.22
N SER A 255 40.69 -11.66 -80.73
CA SER A 255 39.70 -11.24 -81.71
C SER A 255 38.80 -10.08 -81.31
N GLU A 256 37.91 -9.65 -82.22
CA GLU A 256 37.02 -8.53 -82.00
C GLU A 256 35.72 -8.99 -81.40
N ASP A 257 35.51 -10.31 -81.31
CA ASP A 257 34.40 -10.92 -80.64
C ASP A 257 34.85 -11.44 -79.28
N ILE A 258 36.02 -10.96 -78.84
CA ILE A 258 36.58 -11.19 -77.53
C ILE A 258 36.86 -9.84 -76.96
N ARG A 259 37.40 -8.88 -77.74
CA ARG A 259 37.68 -7.57 -77.21
C ARG A 259 36.42 -6.74 -76.97
N GLU A 260 35.37 -6.90 -77.78
CA GLU A 260 34.11 -6.23 -77.53
C GLU A 260 33.34 -6.84 -76.36
N ARG A 261 33.57 -8.13 -76.06
CA ARG A 261 32.94 -8.79 -74.94
C ARG A 261 33.60 -8.49 -73.62
N LEU A 262 34.88 -8.10 -73.63
CA LEU A 262 35.60 -7.73 -72.42
C LEU A 262 35.71 -6.23 -72.25
N HIS A 263 35.11 -5.46 -73.18
CA HIS A 263 35.09 -4.00 -73.20
C HIS A 263 36.48 -3.38 -73.23
N LEU A 264 37.43 -4.01 -73.93
CA LEU A 264 38.81 -3.57 -73.97
C LEU A 264 39.09 -2.56 -75.04
N SER A 265 39.81 -1.52 -74.67
CA SER A 265 40.23 -0.44 -75.52
C SER A 265 41.73 -0.52 -75.70
N SER A 266 42.38 0.52 -76.24
CA SER A 266 43.82 0.55 -76.45
C SER A 266 44.62 0.75 -75.16
N PRO A 267 45.88 0.31 -75.06
CA PRO A 267 46.65 0.36 -73.82
C PRO A 267 46.82 1.70 -73.15
N ASP A 268 46.77 2.81 -73.90
CA ASP A 268 46.95 4.15 -73.38
C ASP A 268 45.77 4.63 -72.54
N ASN A 269 44.63 3.92 -72.60
CA ASN A 269 43.46 4.23 -71.80
C ASN A 269 43.57 3.62 -70.41
N PHE A 270 44.40 2.59 -70.21
CA PHE A 270 44.53 1.93 -68.93
C PHE A 270 45.72 2.45 -68.13
N ARG A 271 45.51 2.88 -66.87
CA ARG A 271 46.53 3.42 -65.98
C ARG A 271 47.75 2.54 -65.78
N TYR A 272 47.54 1.23 -65.63
CA TYR A 272 48.62 0.28 -65.44
C TYR A 272 49.39 -0.02 -66.72
N LEU A 273 48.97 0.47 -67.88
CA LEU A 273 49.67 0.28 -69.13
C LEU A 273 50.06 1.59 -69.79
N ASN A 274 49.64 2.75 -69.31
CA ASN A 274 49.97 4.02 -69.91
C ASN A 274 51.21 4.68 -69.37
N ARG A 275 51.83 4.10 -68.38
CA ARG A 275 53.09 4.56 -67.88
C ARG A 275 54.20 3.96 -68.66
N GLY A 276 54.90 3.56 -68.99
CA GLY A 276 55.96 2.96 -69.75
C GLY A 276 55.72 2.87 -71.23
N CYS A 277 56.26 1.86 -71.86
CA CYS A 277 56.18 1.63 -73.28
C CYS A 277 54.95 0.82 -73.69
N THR A 278 54.19 1.33 -74.66
CA THR A 278 52.98 0.69 -75.18
C THR A 278 53.18 0.02 -76.52
N ARG A 279 54.36 0.14 -77.13
CA ARG A 279 54.69 -0.43 -78.41
C ARG A 279 54.74 -1.96 -78.46
N TYR A 280 54.28 -2.56 -79.57
CA TYR A 280 54.26 -4.00 -79.76
C TYR A 280 55.54 -4.48 -80.43
N PHE A 281 55.92 -5.74 -80.21
CA PHE A 281 57.06 -6.37 -80.86
C PHE A 281 56.57 -6.99 -82.14
N ALA A 282 56.81 -6.57 -83.23
CA ALA A 282 56.32 -7.05 -84.49
C ALA A 282 57.34 -6.94 -85.59
N ASN A 283 57.23 -7.72 -86.62
CA ASN A 283 58.02 -7.74 -87.81
C ASN A 283 57.22 -7.09 -88.92
N LYS A 284 57.80 -6.84 -90.11
CA LYS A 284 57.15 -6.16 -91.20
C LYS A 284 55.84 -6.75 -91.65
N GLU A 285 55.76 -8.07 -91.79
CA GLU A 285 54.56 -8.77 -92.15
C GLU A 285 53.49 -8.67 -91.07
N THR A 286 53.86 -8.79 -89.79
CA THR A 286 52.95 -8.72 -88.67
C THR A 286 52.41 -7.32 -88.41
N ASP A 287 53.16 -6.26 -88.76
CA ASP A 287 52.74 -4.87 -88.63
C ASP A 287 51.46 -4.58 -89.40
N LYS A 288 51.29 -5.15 -90.59
CA LYS A 288 50.08 -5.00 -91.36
C LYS A 288 48.98 -5.93 -90.91
N GLN A 289 49.28 -6.99 -90.17
CA GLN A 289 48.30 -7.92 -89.65
C GLN A 289 47.59 -7.40 -88.41
N ILE A 290 48.24 -6.60 -87.57
CA ILE A 290 47.63 -6.02 -86.38
C ILE A 290 46.58 -4.99 -86.77
N LEU A 291 45.36 -5.11 -86.20
CA LEU A 291 44.24 -4.24 -86.50
C LEU A 291 44.46 -2.79 -86.12
N GLN A 292 43.92 -1.86 -86.92
CA GLN A 292 44.07 -0.42 -86.76
C GLN A 292 43.59 0.13 -85.43
N ASN A 293 42.49 -0.40 -84.88
CA ASN A 293 41.96 0.00 -83.60
C ASN A 293 42.85 -0.39 -82.41
N ARG A 294 43.75 -1.35 -82.58
CA ARG A 294 44.67 -1.78 -81.55
C ARG A 294 45.91 -0.93 -81.50
N LYS A 295 46.20 -0.16 -82.54
CA LYS A 295 47.38 0.69 -82.61
C LYS A 295 47.14 2.02 -81.92
N SER A 296 47.90 2.27 -80.86
CA SER A 296 47.84 3.50 -80.08
C SER A 296 48.54 4.64 -80.78
N PRO A 297 48.32 5.91 -80.46
CA PRO A 297 49.03 7.02 -81.09
C PRO A 297 50.53 6.96 -80.97
N GLU A 298 51.07 6.41 -79.87
CA GLU A 298 52.50 6.22 -79.70
C GLU A 298 53.04 5.13 -80.61
N TYR A 299 52.23 4.10 -80.90
CA TYR A 299 52.60 3.07 -81.86
C TYR A 299 52.53 3.63 -83.26
N LEU A 300 51.55 4.50 -83.56
CA LEU A 300 51.47 5.14 -84.84
C LEU A 300 52.65 6.06 -85.09
N LYS A 301 53.06 6.85 -84.08
CA LYS A 301 54.20 7.72 -84.18
C LYS A 301 55.55 7.04 -84.17
N ALA A 302 55.80 6.11 -83.25
CA ALA A 302 57.10 5.48 -83.11
C ALA A 302 57.24 4.08 -83.65
N GLY A 303 56.16 3.42 -84.10
CA GLY A 303 56.20 2.09 -84.67
C GLY A 303 56.55 0.97 -83.73
N SER A 304 56.63 -0.24 -84.30
CA SER A 304 56.96 -1.48 -83.61
C SER A 304 58.34 -1.55 -82.99
N LEU A 305 58.55 -2.49 -82.11
CA LEU A 305 59.81 -2.79 -81.47
C LEU A 305 60.38 -4.01 -82.17
N LYS A 306 61.63 -4.06 -82.46
CA LYS A 306 62.26 -5.14 -83.19
C LYS A 306 63.05 -6.09 -82.30
N ASP A 307 62.91 -7.41 -82.52
CA ASP A 307 63.64 -8.44 -81.82
C ASP A 307 63.79 -9.65 -82.74
N PRO A 308 64.82 -10.49 -82.65
CA PRO A 308 64.93 -11.67 -83.50
C PRO A 308 64.00 -12.74 -83.17
N LEU A 309 63.52 -12.81 -81.93
CA LEU A 309 62.66 -13.83 -81.55
C LEU A 309 61.30 -13.45 -81.25
N LEU A 310 61.05 -12.39 -80.60
CA LEU A 310 59.74 -12.00 -80.23
C LEU A 310 58.85 -11.34 -81.25
N ASP A 311 57.59 -11.73 -81.28
CA ASP A 311 56.52 -11.17 -82.07
C ASP A 311 55.31 -11.33 -81.17
N ASP A 312 54.63 -10.24 -80.81
CA ASP A 312 53.51 -10.31 -79.89
C ASP A 312 52.31 -11.03 -80.49
N HIS A 313 51.95 -10.76 -81.77
CA HIS A 313 50.83 -11.44 -82.39
C HIS A 313 51.15 -12.89 -82.71
N GLY A 314 52.43 -13.21 -83.02
CA GLY A 314 52.92 -14.56 -83.25
C GLY A 314 52.93 -15.42 -82.02
N ASP A 315 53.34 -14.85 -80.89
CA ASP A 315 53.40 -15.55 -79.63
C ASP A 315 52.02 -15.72 -78.99
N PHE A 316 50.97 -15.05 -79.51
CA PHE A 316 49.62 -15.24 -79.02
C PHE A 316 49.04 -16.51 -79.65
N ILE A 317 49.44 -16.82 -80.90
CA ILE A 317 49.03 -18.05 -81.55
C ILE A 317 49.73 -19.22 -80.88
N ARG A 318 51.01 -19.08 -80.50
CA ARG A 318 51.72 -20.15 -79.83
C ARG A 318 51.41 -20.21 -78.34
N MET A 319 50.67 -19.22 -77.81
CA MET A 319 50.16 -19.23 -76.46
C MET A 319 48.90 -20.05 -76.44
N CYS A 320 47.96 -19.79 -77.36
CA CYS A 320 46.71 -20.53 -77.40
C CYS A 320 46.88 -21.96 -77.87
N THR A 321 47.95 -22.26 -78.62
CA THR A 321 48.32 -23.64 -78.96
C THR A 321 48.87 -24.38 -77.76
N ALA A 322 49.66 -23.70 -76.90
CA ALA A 322 50.22 -24.29 -75.70
C ALA A 322 49.19 -24.46 -74.59
N MET A 323 48.06 -23.73 -74.68
CA MET A 323 46.95 -23.86 -73.74
C MET A 323 46.19 -25.13 -74.00
N LYS A 324 45.93 -25.48 -75.26
CA LYS A 324 45.25 -26.73 -75.55
C LYS A 324 46.19 -27.94 -75.44
N LYS A 325 47.51 -27.72 -75.34
CA LYS A 325 48.45 -28.80 -75.13
C LYS A 325 48.67 -29.10 -73.64
N ILE A 326 48.28 -28.19 -72.73
CA ILE A 326 48.29 -28.48 -71.29
C ILE A 326 46.89 -28.81 -70.82
N GLY A 327 45.92 -28.86 -71.76
CA GLY A 327 44.55 -29.24 -71.48
C GLY A 327 43.64 -28.14 -71.01
N LEU A 328 43.99 -26.87 -71.21
CA LEU A 328 43.18 -25.74 -70.80
C LEU A 328 42.03 -25.53 -71.78
N ASP A 329 40.79 -25.57 -71.31
CA ASP A 329 39.60 -25.40 -72.11
C ASP A 329 39.44 -23.97 -72.59
N ASP A 330 38.87 -23.75 -73.79
CA ASP A 330 38.68 -22.41 -74.31
C ASP A 330 37.69 -21.59 -73.50
N GLU A 331 36.71 -22.25 -72.85
CA GLU A 331 35.78 -21.58 -71.94
C GLU A 331 36.43 -21.11 -70.64
N GLU A 332 37.54 -21.75 -70.24
CA GLU A 332 38.31 -21.38 -69.07
C GLU A 332 39.35 -20.35 -69.42
N LYS A 333 39.79 -20.32 -70.69
CA LYS A 333 40.67 -19.30 -71.21
C LYS A 333 39.96 -17.96 -71.30
N LEU A 334 38.65 -17.96 -71.55
CA LEU A 334 37.87 -16.74 -71.55
C LEU A 334 37.68 -16.17 -70.15
N ASP A 335 37.65 -17.03 -69.11
CA ASP A 335 37.61 -16.55 -67.74
C ASP A 335 38.97 -16.07 -67.30
N LEU A 336 40.07 -16.59 -67.89
CA LEU A 336 41.40 -16.09 -67.61
C LEU A 336 41.60 -14.71 -68.23
N PHE A 337 40.97 -14.46 -69.38
CA PHE A 337 40.99 -13.16 -70.02
C PHE A 337 40.11 -12.14 -69.28
N ARG A 338 39.05 -12.59 -68.58
CA ARG A 338 38.20 -11.71 -67.78
C ARG A 338 38.90 -11.26 -66.51
N VAL A 339 39.82 -12.07 -65.95
CA VAL A 339 40.57 -11.71 -64.76
C VAL A 339 41.67 -10.72 -65.12
N VAL A 340 42.36 -10.91 -66.27
CA VAL A 340 43.40 -10.00 -66.70
C VAL A 340 42.81 -8.64 -67.11
N ALA A 341 41.65 -8.62 -67.78
CA ALA A 341 40.98 -7.39 -68.13
C ALA A 341 40.39 -6.68 -66.91
N GLY A 342 40.01 -7.44 -65.86
CA GLY A 342 39.51 -6.84 -64.64
C GLY A 342 40.57 -6.12 -63.84
N VAL A 343 41.86 -6.49 -64.00
CA VAL A 343 42.95 -5.76 -63.37
C VAL A 343 43.19 -4.45 -64.09
N LEU A 344 43.02 -4.44 -65.42
CA LEU A 344 43.14 -3.23 -66.22
C LEU A 344 42.06 -2.21 -65.93
N HIS A 345 40.81 -2.64 -65.70
CA HIS A 345 39.77 -1.66 -65.39
C HIS A 345 39.66 -1.40 -63.90
N LEU A 346 40.51 -2.03 -63.07
CA LEU A 346 40.64 -1.69 -61.67
C LEU A 346 41.50 -0.45 -61.52
N GLY A 347 42.56 -0.35 -62.34
CA GLY A 347 43.45 0.80 -62.34
C GLY A 347 42.85 2.08 -62.85
N ASN A 348 41.71 2.01 -63.53
CA ASN A 348 41.01 3.17 -64.03
C ASN A 348 40.07 3.76 -63.00
N ILE A 349 40.06 3.31 -61.77
CA ILE A 349 39.28 3.87 -60.69
C ILE A 349 40.10 4.93 -59.96
N ASP A 350 39.57 6.17 -59.93
CA ASP A 350 40.18 7.33 -59.34
C ASP A 350 39.35 7.84 -58.18
N PHE A 351 40.02 8.17 -57.06
CA PHE A 351 39.44 8.62 -55.82
C PHE A 351 39.45 10.12 -55.62
N GLU A 352 38.65 10.63 -54.67
CA GLU A 352 38.70 12.02 -54.25
C GLU A 352 38.28 12.10 -52.80
N GLU A 353 38.07 13.29 -52.24
CA GLU A 353 37.70 13.46 -50.84
C GLU A 353 36.37 13.96 -50.59
N ALA A 354 35.67 13.59 -49.55
CA ALA A 354 34.39 13.99 -49.14
C ALA A 354 33.91 13.82 -48.02
N GLY A 355 32.82 14.14 -47.97
CA GLY A 355 32.27 14.01 -46.99
C GLY A 355 31.65 14.28 -45.87
N SER A 356 30.83 13.52 -45.59
CA SER A 356 30.16 13.62 -44.53
C SER A 356 30.93 13.27 -43.47
N THR A 357 31.84 12.36 -43.63
CA THR A 357 32.71 11.99 -42.77
C THR A 357 33.63 12.99 -42.59
N SER A 358 33.69 13.79 -43.47
CA SER A 358 34.44 14.84 -43.52
C SER A 358 35.76 14.43 -43.78
N GLY A 359 36.38 13.70 -43.68
CA GLY A 359 37.64 13.15 -43.94
C GLY A 359 37.69 12.12 -44.67
N GLY A 360 36.90 11.74 -45.31
CA GLY A 360 36.84 10.75 -46.00
C GLY A 360 37.17 10.54 -47.36
N CYS A 361 37.17 9.64 -48.04
CA CYS A 361 37.45 9.29 -49.37
C CYS A 361 36.20 8.90 -50.14
N ASN A 362 36.07 9.38 -51.39
CA ASN A 362 34.99 9.04 -52.28
C ASN A 362 35.60 8.71 -53.63
N LEU A 363 34.82 8.63 -54.73
CA LEU A 363 35.35 8.37 -56.05
C LEU A 363 35.08 9.55 -56.95
N LYS A 364 35.73 9.60 -58.12
CA LYS A 364 35.53 10.64 -59.11
C LYS A 364 34.38 10.32 -60.06
N ASN A 365 33.82 11.34 -60.73
CA ASN A 365 32.72 11.21 -61.67
C ASN A 365 33.06 10.35 -62.87
N LYS A 366 34.31 10.40 -63.34
CA LYS A 366 34.82 9.59 -64.43
C LYS A 366 34.99 8.12 -64.09
N SER A 367 34.87 7.75 -62.81
CA SER A 367 35.04 6.39 -62.33
C SER A 367 33.74 5.66 -62.15
N THR A 368 32.65 6.06 -62.82
CA THR A 368 31.35 5.41 -62.65
C THR A 368 31.13 4.45 -63.78
N GLN A 369 31.51 4.83 -65.01
CA GLN A 369 31.45 3.96 -66.16
C GLN A 369 32.53 2.90 -66.08
N ALA A 370 33.68 3.24 -65.51
CA ALA A 370 34.76 2.32 -65.31
C ALA A 370 34.47 1.33 -64.19
N LEU A 371 33.66 1.71 -63.19
CA LEU A 371 33.28 0.83 -62.11
C LEU A 371 32.20 -0.14 -62.54
N GLU A 372 31.34 0.23 -63.50
CA GLU A 372 30.35 -0.70 -64.01
C GLU A 372 30.98 -1.81 -64.85
N TYR A 373 31.99 -1.49 -65.67
CA TYR A 373 32.70 -2.49 -66.44
C TYR A 373 33.70 -3.30 -65.61
N CYS A 374 34.18 -2.77 -64.47
CA CYS A 374 35.12 -3.49 -63.63
C CYS A 374 34.41 -4.53 -62.77
N ALA A 375 33.21 -4.22 -62.29
CA ALA A 375 32.45 -5.10 -61.44
C ALA A 375 31.75 -6.20 -62.22
N GLU A 376 31.65 -6.03 -63.55
CA GLU A 376 31.08 -7.01 -64.45
C GLU A 376 32.09 -8.10 -64.76
N LEU A 377 33.39 -7.74 -64.81
CA LEU A 377 34.47 -8.69 -65.04
C LEU A 377 34.83 -9.43 -63.77
N LEU A 378 34.86 -8.73 -62.62
CA LEU A 378 35.18 -9.32 -61.33
C LEU A 378 34.04 -10.15 -60.75
N GLY A 379 32.77 -9.80 -60.99
CA GLY A 379 31.64 -10.57 -60.46
C GLY A 379 31.23 -10.15 -59.08
N LEU A 380 31.25 -8.83 -58.84
CA LEU A 380 30.94 -8.24 -57.56
C LEU A 380 29.89 -7.16 -57.75
N ASP A 381 29.22 -6.73 -56.67
CA ASP A 381 28.27 -5.63 -56.73
C ASP A 381 29.03 -4.31 -56.69
N GLN A 382 28.51 -3.26 -57.35
CA GLN A 382 29.22 -1.99 -57.45
C GLN A 382 29.23 -1.22 -56.15
N ASP A 383 28.10 -1.22 -55.42
CA ASP A 383 27.99 -0.52 -54.15
C ASP A 383 28.83 -1.17 -53.07
N ASP A 384 28.91 -2.51 -53.03
CA ASP A 384 29.71 -3.23 -52.05
C ASP A 384 31.20 -3.20 -52.35
N LEU A 385 31.60 -2.79 -53.57
CA LEU A 385 33.00 -2.69 -53.90
C LEU A 385 33.45 -1.24 -53.70
N ARG A 386 32.52 -0.28 -53.80
CA ARG A 386 32.84 1.10 -53.58
C ARG A 386 33.04 1.44 -52.12
N VAL A 387 32.31 0.79 -51.19
CA VAL A 387 32.57 0.96 -49.78
C VAL A 387 33.50 -0.10 -49.23
N SER A 388 34.32 -0.72 -50.09
CA SER A 388 35.33 -1.66 -49.64
C SER A 388 36.68 -1.18 -50.07
N LEU A 389 36.75 -0.42 -51.17
CA LEU A 389 37.97 0.25 -51.56
C LEU A 389 38.18 1.52 -50.74
N THR A 390 37.11 2.11 -50.19
CA THR A 390 37.22 3.37 -49.45
C THR A 390 37.04 3.29 -47.95
N THR A 391 36.86 2.11 -47.32
CA THR A 391 36.68 2.05 -45.87
C THR A 391 37.55 1.03 -45.19
N ARG A 392 37.75 1.20 -43.87
CA ARG A 392 38.44 0.29 -42.98
C ARG A 392 37.39 -0.32 -42.09
N VAL A 393 36.98 -1.55 -42.40
CA VAL A 393 35.99 -2.30 -41.65
C VAL A 393 36.56 -2.83 -40.35
N MET A 394 35.86 -2.64 -39.22
CA MET A 394 36.33 -3.17 -37.96
C MET A 394 35.11 -3.56 -37.16
N LEU A 395 35.29 -4.27 -36.03
CA LEU A 395 34.15 -4.71 -35.26
C LEU A 395 34.29 -4.38 -33.80
N THR A 396 33.17 -4.44 -33.07
CA THR A 396 33.09 -4.17 -31.63
C THR A 396 32.53 -5.37 -30.92
N THR A 397 32.28 -6.46 -31.65
CA THR A 397 31.74 -7.71 -31.14
C THR A 397 32.65 -8.43 -30.18
N THR A 404 28.84 -4.69 -32.90
CA THR A 404 28.48 -4.69 -34.30
C THR A 404 29.73 -4.56 -35.15
N VAL A 405 29.59 -4.44 -36.48
CA VAL A 405 30.69 -4.32 -37.42
C VAL A 405 30.56 -2.99 -38.12
N ILE A 406 31.42 -2.03 -37.77
CA ILE A 406 31.40 -0.69 -38.32
C ILE A 406 32.33 -0.53 -39.52
N LYS A 407 32.28 0.63 -40.18
CA LYS A 407 33.11 0.96 -41.32
C LYS A 407 33.66 2.35 -41.10
N VAL A 408 34.96 2.54 -41.35
CA VAL A 408 35.66 3.77 -41.08
C VAL A 408 36.36 4.24 -42.34
N PRO A 409 35.97 5.30 -43.04
CA PRO A 409 36.59 5.70 -44.30
C PRO A 409 38.09 5.93 -44.25
N LEU A 410 38.79 5.49 -45.31
CA LEU A 410 40.23 5.60 -45.45
C LEU A 410 40.65 6.94 -46.01
N LYS A 411 41.96 7.22 -45.95
CA LYS A 411 42.54 8.40 -46.55
C LYS A 411 42.68 8.20 -48.05
N VAL A 412 42.98 9.27 -48.81
CA VAL A 412 43.03 9.21 -50.26
C VAL A 412 44.30 8.53 -50.74
N GLU A 413 45.45 8.77 -50.08
CA GLU A 413 46.67 8.09 -50.42
C GLU A 413 46.60 6.63 -50.05
N GLN A 414 45.89 6.29 -48.96
CA GLN A 414 45.73 4.91 -48.59
C GLN A 414 44.70 4.19 -49.44
N ALA A 415 43.79 4.93 -50.12
CA ALA A 415 42.87 4.38 -51.09
C ALA A 415 43.56 4.04 -52.40
N ASN A 416 44.51 4.90 -52.82
CA ASN A 416 45.28 4.66 -54.01
C ASN A 416 46.25 3.52 -53.79
N ASN A 417 46.78 3.37 -52.56
CA ASN A 417 47.61 2.22 -52.25
C ASN A 417 46.79 0.95 -52.07
N ALA A 418 45.52 1.03 -51.67
CA ALA A 418 44.67 -0.15 -51.55
C ALA A 418 44.20 -0.70 -52.88
N ARG A 419 43.98 0.16 -53.88
CA ARG A 419 43.56 -0.27 -55.20
C ARG A 419 44.69 -0.94 -55.95
N ASP A 420 45.90 -0.43 -55.76
CA ASP A 420 47.11 -0.94 -56.33
C ASP A 420 47.52 -2.24 -55.64
N ALA A 421 47.28 -2.38 -54.33
CA ALA A 421 47.55 -3.60 -53.59
C ALA A 421 46.53 -4.69 -53.92
N LEU A 422 45.29 -4.33 -54.24
CA LEU A 422 44.28 -5.28 -54.65
C LEU A 422 44.58 -5.81 -56.04
N ALA A 423 45.16 -4.98 -56.92
CA ALA A 423 45.57 -5.41 -58.25
C ALA A 423 46.77 -6.36 -58.22
N LYS A 424 47.72 -6.15 -57.30
CA LYS A 424 48.87 -7.01 -57.15
C LYS A 424 48.50 -8.30 -56.46
N THR A 425 47.44 -8.29 -55.63
CA THR A 425 46.97 -9.49 -54.95
C THR A 425 46.29 -10.45 -55.91
N VAL A 426 45.51 -9.95 -56.88
CA VAL A 426 44.89 -10.80 -57.87
C VAL A 426 45.89 -11.43 -58.83
N TYR A 427 46.93 -10.69 -59.25
CA TYR A 427 47.94 -11.24 -60.14
C TYR A 427 48.84 -12.24 -59.45
N SER A 428 49.00 -12.14 -58.12
CA SER A 428 49.75 -13.12 -57.33
C SER A 428 49.09 -14.47 -57.35
N HIS A 429 47.78 -14.52 -57.05
CA HIS A 429 47.03 -15.76 -57.05
C HIS A 429 46.73 -16.26 -58.45
N LEU A 430 46.78 -15.37 -59.47
CA LEU A 430 46.63 -15.78 -60.85
C LEU A 430 47.87 -16.49 -61.36
N PHE A 431 49.07 -16.05 -60.94
CA PHE A 431 50.31 -16.69 -61.35
C PHE A 431 50.47 -18.05 -60.70
N ASP A 432 50.03 -18.21 -59.44
CA ASP A 432 50.03 -19.48 -58.78
C ASP A 432 48.98 -20.44 -59.33
N HIS A 433 47.89 -19.93 -59.94
CA HIS A 433 46.88 -20.75 -60.54
C HIS A 433 47.31 -21.32 -61.88
N VAL A 434 48.11 -20.56 -62.65
CA VAL A 434 48.62 -21.04 -63.92
C VAL A 434 49.65 -22.13 -63.72
N VAL A 435 50.57 -22.02 -62.74
CA VAL A 435 51.52 -23.08 -62.47
C VAL A 435 50.87 -24.31 -61.84
N ASN A 436 49.70 -24.17 -61.20
CA ASN A 436 48.99 -25.28 -60.62
C ASN A 436 48.25 -26.05 -61.72
N ARG A 437 47.80 -25.36 -62.77
CA ARG A 437 47.19 -25.99 -63.93
C ARG A 437 48.22 -26.78 -64.73
N VAL A 438 49.45 -26.24 -64.87
CA VAL A 438 50.56 -26.90 -65.54
C VAL A 438 51.13 -28.04 -64.72
N ASN A 439 51.34 -27.89 -63.39
CA ASN A 439 51.81 -28.97 -62.54
C ASN A 439 50.88 -30.18 -62.53
N GLN A 440 49.58 -29.96 -62.76
CA GLN A 440 48.59 -31.01 -62.90
C GLN A 440 48.72 -31.81 -64.18
N CYS A 441 49.54 -31.38 -65.16
CA CYS A 441 49.77 -32.14 -66.38
C CYS A 441 50.98 -33.03 -66.28
N PHE A 442 51.68 -33.03 -65.14
CA PHE A 442 52.76 -33.96 -64.87
C PHE A 442 52.82 -34.41 -63.42
N PRO A 443 51.75 -34.87 -62.81
CA PRO A 443 51.72 -35.24 -61.41
C PRO A 443 52.70 -36.34 -60.99
N PHE A 444 53.15 -36.33 -59.79
CA PHE A 444 54.09 -37.30 -59.26
C PHE A 444 53.56 -38.15 -58.16
N GLU A 445 54.04 -39.34 -58.03
CA GLU A 445 53.66 -40.28 -57.03
C GLU A 445 54.75 -40.71 -56.25
N THR A 446 55.07 -41.35 -55.37
CA THR A 446 56.07 -41.82 -54.52
C THR A 446 57.47 -41.45 -54.86
N SER A 447 58.01 -40.53 -54.32
CA SER A 447 59.30 -39.99 -54.61
C SER A 447 60.31 -40.16 -53.48
N SER A 448 61.58 -40.01 -53.78
CA SER A 448 62.69 -40.12 -52.84
C SER A 448 63.79 -39.18 -53.29
N TYR A 449 64.36 -39.40 -54.48
CA TYR A 449 65.39 -38.55 -55.03
C TYR A 449 64.78 -37.58 -56.01
N PHE A 450 65.47 -36.47 -56.31
CA PHE A 450 64.95 -35.46 -57.18
C PHE A 450 66.05 -34.56 -57.70
N ILE A 451 65.87 -34.02 -58.91
CA ILE A 451 66.85 -33.16 -59.54
C ILE A 451 66.17 -31.84 -59.81
N GLY A 452 66.60 -30.79 -59.09
CA GLY A 452 66.04 -29.45 -59.23
C GLY A 452 66.78 -28.67 -60.28
N VAL A 453 66.11 -27.73 -60.98
CA VAL A 453 66.76 -26.86 -61.94
C VAL A 453 66.34 -25.41 -61.73
N LEU A 454 67.22 -24.59 -61.14
CA LEU A 454 66.96 -23.18 -60.91
C LEU A 454 67.23 -22.32 -62.16
N ASP A 455 66.45 -21.25 -62.39
CA ASP A 455 66.61 -20.35 -63.51
C ASP A 455 66.26 -18.96 -63.01
N ILE A 456 67.29 -18.22 -62.55
CA ILE A 456 67.16 -16.90 -62.00
C ILE A 456 68.31 -16.04 -62.50
N ALA A 457 68.04 -14.78 -62.81
CA ALA A 457 69.00 -13.85 -63.37
C ALA A 457 70.11 -13.43 -62.45
N GLY A 458 71.25 -13.06 -63.02
CA GLY A 458 72.39 -12.59 -62.29
C GLY A 458 72.50 -11.17 -62.10
N PHE A 459 73.34 -10.52 -61.54
CA PHE A 459 73.59 -9.15 -61.27
C PHE A 459 73.27 -8.22 -62.43
N GLU A 460 72.16 -7.81 -62.59
CA GLU A 460 71.73 -6.98 -63.69
C GLU A 460 71.63 -5.58 -63.32
N TYR A 461 72.43 -4.78 -63.50
CA TYR A 461 72.42 -3.42 -63.19
C TYR A 461 72.31 -2.46 -64.27
N PHE A 462 71.52 -1.48 -64.11
CA PHE A 462 71.21 -0.52 -65.07
C PHE A 462 71.79 0.83 -64.72
N GLU A 463 71.46 1.86 -65.50
CA GLU A 463 71.86 3.22 -65.23
C GLU A 463 70.99 3.82 -64.15
N HIS A 464 69.70 3.51 -64.14
CA HIS A 464 68.76 3.89 -63.12
C HIS A 464 68.31 2.65 -62.39
N ASN A 465 68.60 2.56 -61.09
CA ASN A 465 68.30 1.40 -60.28
C ASN A 465 67.31 1.75 -59.19
N SER A 466 66.34 0.87 -58.94
CA SER A 466 65.29 1.07 -57.96
C SER A 466 65.20 -0.11 -57.00
N PHE A 467 64.00 -0.39 -56.48
CA PHE A 467 63.70 -1.39 -55.48
C PHE A 467 63.84 -2.79 -56.03
N GLU A 468 63.35 -3.05 -57.24
CA GLU A 468 63.43 -4.36 -57.83
C GLU A 468 64.85 -4.73 -58.23
N GLN A 469 65.71 -3.75 -58.54
CA GLN A 469 67.10 -4.00 -58.80
C GLN A 469 67.87 -4.21 -57.51
N PHE A 470 67.29 -3.81 -56.37
CA PHE A 470 67.91 -4.02 -55.09
C PHE A 470 67.48 -5.38 -54.60
N CYS A 471 66.27 -5.85 -54.94
CA CYS A 471 65.87 -7.21 -54.64
C CYS A 471 66.62 -8.24 -55.48
N ILE A 472 66.98 -7.93 -56.74
CA ILE A 472 67.78 -8.81 -57.57
C ILE A 472 69.23 -8.89 -57.11
N ASN A 473 69.82 -7.74 -56.71
CA ASN A 473 71.20 -7.74 -56.24
C ASN A 473 71.32 -8.29 -54.84
N TYR A 474 70.28 -8.17 -54.01
CA TYR A 474 70.26 -8.78 -52.70
C TYR A 474 70.11 -10.29 -52.81
N CYS A 475 69.32 -10.78 -53.79
CA CYS A 475 69.21 -12.21 -54.01
C CYS A 475 70.50 -12.76 -54.60
N ASN A 476 71.20 -11.98 -55.44
CA ASN A 476 72.50 -12.38 -55.93
C ASN A 476 73.57 -12.38 -54.85
N GLU A 477 73.54 -11.50 -53.83
CA GLU A 477 74.51 -11.55 -52.76
C GLU A 477 74.32 -12.74 -51.82
N LYS A 478 73.07 -13.25 -51.70
CA LYS A 478 72.81 -14.42 -50.88
C LYS A 478 73.17 -15.68 -51.64
N LEU A 479 72.94 -15.70 -52.96
CA LEU A 479 73.35 -16.81 -53.80
C LEU A 479 74.86 -16.86 -53.93
N GLN A 480 75.54 -15.71 -54.02
CA GLN A 480 76.99 -15.69 -54.04
C GLN A 480 77.61 -16.08 -52.71
N GLN A 481 76.93 -15.84 -51.56
CA GLN A 481 77.43 -16.38 -50.31
C GLN A 481 77.23 -17.89 -50.21
N PHE A 482 76.22 -18.43 -50.93
CA PHE A 482 76.03 -19.84 -51.11
C PHE A 482 77.13 -20.43 -51.98
N PHE A 483 77.52 -19.72 -53.05
CA PHE A 483 78.60 -20.15 -53.91
C PHE A 483 79.94 -20.07 -53.22
N ASN A 484 80.11 -19.17 -52.24
CA ASN A 484 81.35 -19.12 -51.49
C ASN A 484 81.45 -20.22 -50.46
N GLU A 485 80.33 -20.85 -50.03
CA GLU A 485 80.44 -21.97 -49.12
C GLU A 485 80.18 -23.30 -49.79
N ARG A 486 79.89 -23.32 -51.09
CA ARG A 486 79.74 -24.56 -51.82
C ARG A 486 80.80 -24.74 -52.88
N ILE A 487 81.40 -23.65 -53.41
CA ILE A 487 82.44 -23.75 -54.41
C ILE A 487 83.78 -23.56 -53.75
N LEU A 488 83.90 -22.75 -52.70
CA LEU A 488 85.20 -22.57 -52.07
C LEU A 488 85.35 -23.37 -50.81
N LYS A 489 84.38 -23.37 -49.89
CA LYS A 489 84.49 -24.16 -48.67
C LYS A 489 84.45 -25.68 -48.90
N GLU A 490 83.45 -26.17 -49.65
CA GLU A 490 83.33 -27.58 -49.94
C GLU A 490 84.45 -28.14 -50.79
N GLU A 491 84.95 -27.36 -51.74
CA GLU A 491 86.07 -27.74 -52.56
C GLU A 491 87.36 -27.93 -51.80
N GLN A 492 87.64 -27.10 -50.79
CA GLN A 492 88.85 -27.29 -50.04
C GLN A 492 88.72 -28.37 -49.00
N GLU A 493 87.49 -28.80 -48.71
CA GLU A 493 87.23 -29.99 -47.96
C GLU A 493 87.54 -31.23 -48.78
N LEU A 494 87.47 -31.11 -50.10
CA LEU A 494 87.72 -32.16 -51.06
C LEU A 494 89.18 -32.31 -51.34
N TYR A 495 89.96 -31.26 -51.16
CA TYR A 495 91.39 -31.33 -51.29
C TYR A 495 91.96 -32.04 -50.10
N GLN A 496 91.28 -31.96 -48.96
CA GLN A 496 91.66 -32.69 -47.79
C GLN A 496 91.02 -34.06 -47.72
N LYS A 497 90.23 -34.45 -48.72
CA LYS A 497 89.65 -35.76 -48.81
C LYS A 497 90.36 -36.61 -49.83
N GLU A 498 91.03 -36.02 -50.73
CA GLU A 498 91.79 -36.71 -51.72
C GLU A 498 93.22 -36.80 -51.36
N GLY A 499 93.74 -36.60 -50.46
CA GLY A 499 95.08 -36.72 -50.00
C GLY A 499 95.96 -35.63 -50.40
N LEU A 500 95.43 -34.56 -50.97
CA LEU A 500 96.19 -33.45 -51.40
C LEU A 500 96.61 -32.56 -50.28
N GLY A 501 95.76 -32.41 -49.26
CA GLY A 501 96.03 -31.65 -48.08
C GLY A 501 95.81 -30.21 -48.24
N VAL A 502 96.23 -29.42 -48.77
CA VAL A 502 96.16 -28.00 -49.02
C VAL A 502 95.79 -27.18 -47.82
N ASN A 503 96.62 -26.19 -47.47
CA ASN A 503 96.38 -25.30 -46.38
C ASN A 503 95.22 -24.39 -46.67
N GLU A 504 94.36 -24.22 -45.71
CA GLU A 504 93.16 -23.46 -45.84
C GLU A 504 93.36 -22.00 -46.11
N VAL A 505 92.70 -21.48 -47.12
CA VAL A 505 92.72 -20.10 -47.50
C VAL A 505 91.38 -19.52 -47.26
N HIS A 506 91.29 -18.45 -46.50
CA HIS A 506 90.03 -17.85 -46.15
C HIS A 506 89.53 -16.90 -47.15
N TYR A 507 88.29 -16.90 -47.38
CA TYR A 507 87.66 -16.03 -48.30
C TYR A 507 87.02 -14.88 -47.70
N VAL A 508 86.80 -13.84 -48.44
CA VAL A 508 86.21 -12.67 -47.98
C VAL A 508 84.75 -12.71 -47.97
N ASP A 509 84.20 -12.66 -46.86
CA ASP A 509 82.83 -12.79 -46.65
C ASP A 509 81.94 -11.64 -47.02
N ASN A 510 80.72 -11.83 -47.39
CA ASN A 510 79.73 -10.85 -47.74
C ASN A 510 78.61 -10.80 -46.73
N GLN A 511 78.86 -11.38 -45.55
CA GLN A 511 77.93 -11.45 -44.47
C GLN A 511 77.63 -10.10 -43.89
N ASP A 512 78.54 -9.15 -44.04
CA ASP A 512 78.33 -7.80 -43.62
C ASP A 512 77.27 -7.06 -44.44
N CYS A 513 77.08 -7.45 -45.70
CA CYS A 513 76.04 -6.88 -46.53
C CYS A 513 74.67 -7.43 -46.20
N ILE A 514 74.64 -8.70 -45.74
CA ILE A 514 73.44 -9.36 -45.34
C ILE A 514 72.91 -8.77 -44.06
N ASP A 515 73.81 -8.44 -43.14
CA ASP A 515 73.49 -7.79 -41.90
C ASP A 515 73.60 -6.28 -42.05
N LEU A 516 73.17 -5.81 -43.22
CA LEU A 516 72.96 -4.43 -43.56
C LEU A 516 71.61 -4.38 -44.21
N ILE A 517 71.42 -5.13 -45.32
CA ILE A 517 70.13 -5.17 -45.99
C ILE A 517 69.03 -5.80 -45.17
N GLU A 518 69.25 -7.00 -44.59
CA GLU A 518 68.23 -7.71 -43.83
C GLU A 518 68.49 -7.85 -42.35
N ALA A 519 69.40 -7.08 -41.74
CA ALA A 519 69.63 -7.14 -40.30
C ALA A 519 68.41 -6.85 -39.44
N ARG A 520 68.25 -7.55 -38.33
CA ARG A 520 67.11 -7.37 -37.46
C ARG A 520 67.17 -6.07 -36.68
N LEU A 521 66.09 -5.27 -36.80
CA LEU A 521 65.87 -4.00 -36.17
C LEU A 521 66.63 -2.85 -36.77
N VAL A 522 67.89 -3.07 -37.16
CA VAL A 522 68.73 -2.04 -37.74
C VAL A 522 68.94 -2.17 -39.23
N GLY A 523 68.40 -3.21 -39.89
CA GLY A 523 68.55 -3.38 -41.34
C GLY A 523 67.78 -2.42 -42.18
N ILE A 524 68.05 -2.39 -43.49
CA ILE A 524 67.37 -1.49 -44.41
C ILE A 524 65.93 -1.92 -44.62
N LEU A 525 65.66 -3.22 -44.71
CA LEU A 525 64.28 -3.69 -44.85
C LEU A 525 63.52 -3.59 -43.52
N ASP A 526 64.22 -3.45 -42.39
CA ASP A 526 63.66 -3.28 -41.06
C ASP A 526 63.39 -1.81 -40.75
N ILE A 527 63.71 -0.91 -41.68
CA ILE A 527 63.45 0.52 -41.56
C ILE A 527 62.46 0.85 -42.66
N LEU A 528 62.54 0.18 -43.83
CA LEU A 528 61.59 0.37 -44.90
C LEU A 528 60.21 -0.15 -44.55
N ASP A 529 60.11 -1.30 -43.87
CA ASP A 529 58.84 -1.80 -43.44
C ASP A 529 58.31 -1.06 -42.22
N GLU A 530 59.16 -0.32 -41.51
CA GLU A 530 58.70 0.46 -40.38
C GLU A 530 58.22 1.84 -40.82
N GLU A 531 58.72 2.33 -41.96
CA GLU A 531 58.29 3.59 -42.57
C GLU A 531 56.88 3.50 -43.06
N ASN A 532 56.47 2.37 -43.63
CA ASN A 532 55.12 2.22 -44.11
C ASN A 532 54.12 2.18 -42.96
N ARG A 533 54.52 1.68 -41.78
CA ARG A 533 53.68 1.69 -40.61
C ARG A 533 53.54 3.06 -39.97
N LEU A 534 54.48 3.98 -40.23
CA LEU A 534 54.45 5.34 -39.71
C LEU A 534 53.39 6.21 -40.36
N PRO A 535 52.62 7.05 -39.65
CA PRO A 535 51.67 7.94 -40.26
C PRO A 535 52.30 8.98 -41.12
N GLN A 536 52.08 9.35 -42.17
CA GLN A 536 52.65 10.26 -43.12
C GLN A 536 54.06 9.86 -43.60
N PRO A 537 54.27 8.70 -44.24
CA PRO A 537 55.58 8.26 -44.70
C PRO A 537 56.30 9.24 -45.61
N SER A 538 57.64 9.26 -45.60
CA SER A 538 58.40 10.18 -46.41
C SER A 538 59.66 9.53 -46.96
N ASP A 539 60.02 9.89 -48.20
CA ASP A 539 61.16 9.33 -48.88
C ASP A 539 62.44 10.02 -48.41
N GLN A 540 62.32 11.27 -47.97
CA GLN A 540 63.41 12.02 -47.39
C GLN A 540 63.70 11.52 -45.99
N HIS A 541 62.65 11.10 -45.25
CA HIS A 541 62.82 10.54 -43.92
C HIS A 541 63.40 9.15 -43.97
N PHE A 542 63.05 8.35 -44.99
CA PHE A 542 63.62 7.03 -45.16
C PHE A 542 65.07 7.11 -45.62
N THR A 543 65.45 8.09 -46.46
CA THR A 543 66.83 8.18 -46.91
C THR A 543 67.75 8.64 -45.81
N SER A 544 67.29 9.60 -44.98
CA SER A 544 68.07 10.05 -43.84
C SER A 544 68.12 9.03 -42.74
N ALA A 545 67.15 8.10 -42.67
CA ALA A 545 67.18 7.08 -41.65
C ALA A 545 68.18 5.98 -41.96
N VAL A 546 68.60 5.82 -43.22
CA VAL A 546 69.63 4.84 -43.51
C VAL A 546 70.97 5.37 -43.06
N HIS A 547 71.26 6.64 -43.37
CA HIS A 547 72.49 7.26 -42.94
C HIS A 547 72.53 7.61 -41.47
N GLN A 548 71.37 7.82 -40.82
CA GLN A 548 71.31 8.01 -39.39
C GLN A 548 71.50 6.72 -38.61
N LYS A 549 71.04 5.58 -39.15
CA LYS A 549 71.16 4.31 -38.45
C LYS A 549 72.48 3.64 -38.69
N HIS A 550 73.02 3.73 -39.91
CA HIS A 550 74.29 3.16 -40.22
C HIS A 550 75.24 4.21 -40.62
N LYS A 551 75.77 5.05 -39.85
CA LYS A 551 76.69 6.12 -40.07
C LYS A 551 78.03 5.69 -40.42
N ASP A 552 78.46 4.60 -39.88
CA ASP A 552 79.68 4.07 -40.16
C ASP A 552 79.77 2.78 -40.78
N HIS A 553 79.50 2.20 -41.62
CA HIS A 553 79.58 0.97 -42.25
C HIS A 553 80.31 1.10 -43.52
N PHE A 554 81.25 0.24 -43.79
CA PHE A 554 82.09 0.28 -44.92
C PHE A 554 81.44 -0.06 -46.23
N ARG A 555 80.37 -0.76 -46.24
CA ARG A 555 79.62 -1.10 -47.40
C ARG A 555 78.69 0.00 -47.87
N LEU A 556 78.40 0.99 -47.07
CA LEU A 556 77.46 2.05 -47.37
C LEU A 556 78.16 3.34 -47.73
N SER A 557 77.69 4.06 -48.75
CA SER A 557 78.23 5.33 -49.15
C SER A 557 77.12 6.27 -49.59
N ILE A 558 77.39 7.57 -49.57
CA ILE A 558 76.47 8.63 -49.92
C ILE A 558 76.74 9.07 -51.33
N PRO A 559 75.80 9.60 -52.10
CA PRO A 559 76.02 10.02 -53.46
C PRO A 559 77.16 10.97 -53.69
N ARG A 560 77.45 11.88 -52.75
CA ARG A 560 78.55 12.81 -52.88
C ARG A 560 79.89 12.18 -52.66
N LYS A 561 79.95 10.99 -52.08
CA LYS A 561 81.17 10.28 -51.90
C LYS A 561 81.50 9.42 -53.09
N SER A 562 80.69 9.33 -54.06
CA SER A 562 80.91 8.59 -55.29
C SER A 562 81.56 9.30 -56.32
N LYS A 563 82.40 8.68 -57.06
CA LYS A 563 83.09 9.26 -58.08
C LYS A 563 82.52 9.28 -59.44
N LEU A 564 81.54 8.44 -59.70
CA LEU A 564 80.88 8.41 -60.95
C LEU A 564 80.02 9.61 -61.17
N ALA A 565 80.10 10.13 -62.32
CA ALA A 565 79.43 11.31 -62.70
C ALA A 565 77.96 11.35 -62.57
N ILE A 566 77.33 10.31 -62.88
CA ILE A 566 75.93 10.22 -62.75
C ILE A 566 75.45 10.36 -61.43
N HIS A 567 76.22 9.90 -60.54
CA HIS A 567 75.92 10.03 -59.24
C HIS A 567 76.17 11.32 -58.73
N ARG A 568 76.74 12.15 -59.49
CA ARG A 568 76.94 13.43 -59.11
C ARG A 568 75.83 14.35 -59.31
N ASN A 569 74.83 13.92 -60.02
CA ASN A 569 73.69 14.67 -60.21
C ASN A 569 72.62 14.38 -59.21
N ILE A 570 72.68 13.22 -58.57
CA ILE A 570 71.76 12.78 -57.55
C ILE A 570 72.02 13.50 -56.23
N ARG A 571 70.96 13.98 -55.55
CA ARG A 571 71.11 14.69 -54.30
C ARG A 571 71.10 13.75 -53.11
N ASP A 572 71.55 14.22 -51.94
CA ASP A 572 71.67 13.45 -50.73
C ASP A 572 70.41 12.74 -50.29
N ASP A 573 69.26 13.38 -50.44
CA ASP A 573 67.98 12.81 -50.10
C ASP A 573 67.31 12.12 -51.27
N GLU A 574 68.04 11.82 -52.35
CA GLU A 574 67.52 11.15 -53.52
C GLU A 574 68.08 9.75 -53.74
N GLY A 575 68.86 9.17 -52.80
CA GLY A 575 69.42 7.84 -53.03
C GLY A 575 70.65 7.56 -52.22
N PHE A 576 71.07 6.28 -52.19
CA PHE A 576 72.16 5.79 -51.38
C PHE A 576 72.90 4.68 -52.10
N ILE A 577 74.21 4.53 -51.83
CA ILE A 577 75.06 3.59 -52.53
C ILE A 577 75.47 2.45 -51.64
N ILE A 578 75.12 1.22 -52.02
CA ILE A 578 75.50 -0.01 -51.36
C ILE A 578 76.61 -0.65 -52.18
N ARG A 579 77.75 -0.97 -51.54
CA ARG A 579 78.85 -1.61 -52.23
C ARG A 579 78.60 -3.11 -52.14
N HIS A 580 78.55 -3.77 -53.29
CA HIS A 580 78.29 -5.19 -53.39
C HIS A 580 79.52 -5.88 -53.90
N PHE A 581 79.53 -7.21 -53.87
CA PHE A 581 80.62 -8.02 -54.35
C PHE A 581 80.81 -7.89 -55.85
N ALA A 582 79.81 -7.58 -56.58
CA ALA A 582 79.79 -7.34 -57.99
C ALA A 582 79.97 -5.87 -58.34
N GLY A 583 80.10 -4.97 -57.45
CA GLY A 583 80.30 -3.56 -57.68
C GLY A 583 79.47 -2.68 -56.80
N ALA A 584 79.65 -1.36 -56.91
CA ALA A 584 78.94 -0.38 -56.11
C ALA A 584 77.76 0.18 -56.89
N VAL A 585 76.54 -0.04 -56.39
CA VAL A 585 75.30 0.30 -57.10
C VAL A 585 74.51 1.33 -56.32
N CYS A 586 74.15 2.45 -56.96
CA CYS A 586 73.36 3.48 -56.32
C CYS A 586 71.90 3.19 -56.54
N TYR A 587 71.08 3.27 -55.48
CA TYR A 587 69.67 3.00 -55.57
C TYR A 587 68.94 4.27 -55.22
N GLU A 588 68.07 4.76 -56.13
CA GLU A 588 67.28 5.94 -55.87
C GLU A 588 66.16 5.62 -54.89
N THR A 589 65.78 6.58 -54.02
CA THR A 589 64.76 6.32 -53.02
C THR A 589 63.37 6.73 -53.40
N THR A 590 63.17 7.31 -54.59
CA THR A 590 61.83 7.60 -55.09
C THR A 590 60.99 6.36 -55.23
N GLN A 591 59.73 6.42 -54.75
CA GLN A 591 58.73 5.37 -54.69
C GLN A 591 59.11 4.03 -54.08
N PHE A 592 60.21 3.97 -53.30
CA PHE A 592 60.64 2.80 -52.56
C PHE A 592 59.61 2.36 -51.54
N VAL A 593 59.06 3.32 -50.78
CA VAL A 593 58.03 3.09 -49.78
C VAL A 593 56.72 2.62 -50.41
N GLU A 594 56.33 3.23 -51.54
CA GLU A 594 55.15 2.84 -52.29
C GLU A 594 55.24 1.43 -52.82
N LYS A 595 56.43 1.04 -53.33
CA LYS A 595 56.70 -0.31 -53.76
C LYS A 595 56.71 -1.32 -52.63
N ASN A 596 57.05 -0.91 -51.40
CA ASN A 596 57.00 -1.78 -50.24
C ASN A 596 55.60 -1.83 -49.63
N ASN A 597 54.63 -1.33 -50.16
CA ASN A 597 53.27 -1.41 -49.69
C ASN A 597 52.53 -2.53 -50.41
N ASP A 598 52.00 -3.50 -49.66
CA ASP A 598 51.29 -4.65 -50.19
C ASP A 598 50.20 -5.00 -49.23
N ALA A 599 49.66 -4.03 -48.50
CA ALA A 599 48.63 -4.16 -47.52
C ALA A 599 47.40 -4.84 -47.97
N LEU A 600 47.01 -5.89 -47.38
CA LEU A 600 45.82 -6.59 -47.70
C LEU A 600 44.72 -6.28 -46.71
N HIS A 601 43.86 -5.38 -47.04
CA HIS A 601 42.76 -4.97 -46.21
C HIS A 601 41.74 -6.07 -46.03
N MET A 602 41.28 -6.24 -44.80
CA MET A 602 40.36 -7.27 -44.45
C MET A 602 39.01 -7.16 -45.15
N SER A 603 38.56 -5.96 -45.47
CA SER A 603 37.34 -5.80 -46.23
C SER A 603 37.46 -6.23 -47.66
N LEU A 604 38.66 -6.15 -48.23
CA LEU A 604 38.86 -6.62 -49.57
C LEU A 604 39.07 -8.09 -49.61
N GLU A 605 39.45 -8.69 -48.47
CA GLU A 605 39.57 -10.10 -48.39
C GLU A 605 38.21 -10.74 -48.29
N SER A 606 37.28 -10.07 -47.60
CA SER A 606 35.91 -10.48 -47.58
C SER A 606 35.14 -9.87 -48.71
N LEU A 607 35.71 -9.94 -49.90
CA LEU A 607 35.11 -9.45 -51.11
C LEU A 607 35.64 -10.23 -52.26
N ILE A 608 36.96 -10.43 -52.33
CA ILE A 608 37.52 -11.23 -53.39
C ILE A 608 37.28 -12.70 -53.19
N CYS A 609 37.23 -13.13 -51.92
CA CYS A 609 36.86 -14.46 -51.58
C CYS A 609 35.39 -14.67 -51.82
N GLU A 610 34.59 -13.69 -51.47
CA GLU A 610 33.17 -13.71 -51.61
C GLU A 610 32.61 -13.39 -52.98
N SER A 611 33.42 -13.44 -54.05
CA SER A 611 32.98 -13.22 -55.42
C SER A 611 31.94 -14.20 -55.89
N ARG A 612 31.07 -13.78 -56.82
CA ARG A 612 30.03 -14.60 -57.37
C ARG A 612 30.51 -15.43 -58.54
N ASP A 613 31.68 -15.22 -59.08
CA ASP A 613 32.24 -15.96 -60.18
C ASP A 613 32.99 -17.21 -59.70
N LYS A 614 32.72 -18.35 -60.32
CA LYS A 614 33.33 -19.63 -59.99
C LYS A 614 34.83 -19.71 -60.22
N PHE A 615 35.36 -18.99 -61.22
CA PHE A 615 36.78 -18.97 -61.50
C PHE A 615 37.56 -18.24 -60.42
N ILE A 616 37.05 -17.10 -59.94
CA ILE A 616 37.67 -16.34 -58.86
C ILE A 616 37.67 -17.11 -57.56
N ARG A 617 36.58 -17.86 -57.30
CA ARG A 617 36.49 -18.75 -56.17
C ARG A 617 37.54 -19.83 -56.21
N GLU A 618 37.80 -20.39 -57.39
CA GLU A 618 38.85 -21.34 -57.60
C GLU A 618 40.23 -20.74 -57.42
N LEU A 619 40.45 -19.50 -57.83
CA LEU A 619 41.71 -18.81 -57.65
C LEU A 619 42.08 -18.61 -56.19
N PHE A 620 41.12 -18.25 -55.36
CA PHE A 620 41.32 -18.03 -53.96
C PHE A 620 40.92 -19.21 -53.13
N GLU A 621 41.03 -20.39 -53.60
CA GLU A 621 40.77 -21.60 -52.94
C GLU A 621 41.40 -22.09 -51.94
N GLY A 635 43.54 -9.78 -34.86
CA GLY A 635 43.61 -9.47 -36.25
C GLY A 635 44.92 -9.02 -36.61
N LYS A 636 45.82 -9.46 -37.05
CA LYS A 636 47.14 -9.16 -37.42
C LYS A 636 47.32 -9.33 -38.71
N LEU A 637 48.22 -8.71 -39.40
CA LEU A 637 49.18 -7.81 -39.14
C LEU A 637 48.97 -6.61 -39.88
N SER A 638 48.56 -5.68 -39.79
CA SER A 638 48.26 -4.47 -40.44
C SER A 638 48.62 -4.30 -41.85
N PHE A 639 49.78 -4.05 -42.16
CA PHE A 639 50.22 -3.88 -43.45
C PHE A 639 50.85 -5.11 -44.07
N ILE A 640 51.18 -6.08 -43.27
CA ILE A 640 51.78 -7.33 -43.63
C ILE A 640 53.18 -7.21 -44.08
N SER A 641 53.80 -6.81 -44.67
CA SER A 641 55.13 -6.59 -45.17
C SER A 641 55.45 -7.12 -46.49
N VAL A 642 55.99 -6.53 -47.37
CA VAL A 642 56.32 -6.89 -48.67
C VAL A 642 57.74 -7.31 -48.76
N GLY A 643 58.67 -6.53 -48.22
CA GLY A 643 60.06 -6.86 -48.21
C GLY A 643 60.36 -8.00 -47.32
N ASN A 644 59.55 -8.25 -46.31
CA ASN A 644 59.80 -9.38 -45.45
C ASN A 644 58.92 -10.54 -45.85
N LYS A 645 58.00 -10.32 -46.78
CA LYS A 645 57.28 -11.38 -47.45
C LYS A 645 58.24 -12.06 -48.41
N PHE A 646 58.99 -11.27 -49.19
CA PHE A 646 59.99 -11.80 -50.09
C PHE A 646 61.20 -12.35 -49.35
N LYS A 647 61.58 -11.80 -48.18
CA LYS A 647 62.68 -12.34 -47.42
C LYS A 647 62.36 -13.71 -46.85
N THR A 648 61.07 -13.95 -46.55
CA THR A 648 60.60 -15.25 -46.11
C THR A 648 60.67 -16.27 -47.22
N GLN A 649 60.33 -15.87 -48.47
CA GLN A 649 60.36 -16.80 -49.58
C GLN A 649 61.76 -16.97 -50.16
N LEU A 650 62.69 -16.04 -49.87
CA LEU A 650 64.07 -16.19 -50.27
C LEU A 650 64.82 -17.08 -49.32
N ASN A 651 64.60 -16.93 -47.99
CA ASN A 651 65.25 -17.81 -47.04
C ASN A 651 64.68 -19.20 -47.06
N LEU A 652 63.42 -19.38 -47.50
CA LEU A 652 62.88 -20.71 -47.70
C LEU A 652 63.50 -21.41 -48.92
N LEU A 653 63.91 -20.65 -49.96
CA LEU A 653 64.60 -21.26 -51.09
C LEU A 653 66.06 -21.52 -50.78
N LEU A 654 66.65 -20.79 -49.80
CA LEU A 654 67.99 -21.04 -49.33
C LEU A 654 68.09 -22.33 -48.57
N ASP A 655 67.02 -22.72 -47.85
CA ASP A 655 66.97 -23.97 -47.14
C ASP A 655 66.87 -25.16 -48.09
N LYS A 656 66.35 -24.95 -49.32
CA LYS A 656 66.27 -25.98 -50.33
C LYS A 656 67.58 -26.11 -51.09
N LEU A 657 68.49 -25.11 -50.99
CA LEU A 657 69.78 -25.14 -51.63
C LEU A 657 70.83 -25.69 -50.68
N ARG A 658 70.75 -25.35 -49.38
CA ARG A 658 71.66 -25.88 -48.39
C ARG A 658 71.38 -27.35 -48.11
N SER A 659 70.14 -27.82 -48.34
CA SER A 659 69.76 -29.20 -48.16
C SER A 659 70.00 -30.08 -49.39
N THR A 660 70.38 -29.51 -50.56
CA THR A 660 70.60 -30.29 -51.77
C THR A 660 72.00 -30.12 -52.34
N GLY A 661 72.41 -31.04 -53.24
CA GLY A 661 73.71 -31.03 -53.89
C GLY A 661 73.71 -30.12 -55.08
N ALA A 662 74.31 -29.13 -55.22
CA ALA A 662 74.30 -28.14 -56.27
C ALA A 662 75.30 -28.36 -57.40
N SER A 663 74.95 -27.88 -58.61
CA SER A 663 75.78 -27.92 -59.80
C SER A 663 75.77 -26.53 -60.41
N PHE A 664 76.95 -26.02 -60.80
CA PHE A 664 77.13 -24.66 -61.24
C PHE A 664 77.42 -24.47 -62.72
N ILE A 665 76.45 -23.89 -63.42
CA ILE A 665 76.47 -23.55 -64.84
C ILE A 665 76.41 -22.04 -64.97
N ARG A 666 77.35 -21.41 -65.69
CA ARG A 666 77.38 -19.97 -65.88
C ARG A 666 77.30 -19.69 -67.37
N CYS A 667 76.31 -18.87 -67.79
CA CYS A 667 76.04 -18.57 -69.18
C CYS A 667 76.43 -17.14 -69.52
N ILE A 668 77.42 -17.00 -70.42
CA ILE A 668 78.05 -15.78 -70.85
C ILE A 668 77.52 -15.32 -72.20
N LYS A 669 77.07 -14.05 -72.27
CA LYS A 669 76.56 -13.43 -73.47
C LYS A 669 77.74 -12.79 -74.24
N PRO A 670 78.11 -13.15 -75.46
CA PRO A 670 79.29 -12.59 -76.11
C PRO A 670 79.10 -11.23 -76.74
N ASN A 671 77.86 -10.81 -77.05
CA ASN A 671 77.65 -9.54 -77.70
C ASN A 671 76.22 -9.07 -77.45
N LEU A 672 75.97 -7.76 -77.58
CA LEU A 672 74.66 -7.17 -77.33
C LEU A 672 73.75 -7.25 -78.51
N LYS A 673 74.28 -7.50 -79.70
CA LYS A 673 73.53 -7.66 -80.93
C LYS A 673 72.78 -8.97 -80.99
N MET A 674 73.28 -9.98 -80.27
CA MET A 674 72.78 -11.31 -80.16
C MET A 674 72.95 -12.06 -81.46
N THR A 675 74.14 -11.98 -82.05
CA THR A 675 74.48 -12.59 -83.32
C THR A 675 75.71 -13.44 -83.25
N SER A 676 75.79 -14.46 -84.11
CA SER A 676 76.91 -15.36 -84.22
C SER A 676 78.19 -14.73 -84.71
N HIS A 677 79.34 -15.25 -84.24
CA HIS A 677 80.68 -14.81 -84.59
C HIS A 677 80.99 -13.35 -84.27
N HIS A 678 80.55 -12.85 -83.14
CA HIS A 678 80.80 -11.50 -82.71
C HIS A 678 81.18 -11.53 -81.25
N PHE A 679 82.37 -11.00 -80.91
CA PHE A 679 82.90 -11.04 -79.57
C PHE A 679 83.39 -9.68 -79.20
N GLU A 680 82.75 -9.02 -78.28
CA GLU A 680 83.14 -7.72 -77.86
C GLU A 680 84.26 -7.64 -76.89
N GLY A 681 84.60 -8.33 -76.10
CA GLY A 681 85.68 -8.41 -75.17
C GLY A 681 85.62 -7.51 -73.95
N ALA A 682 84.77 -6.51 -73.92
CA ALA A 682 84.65 -5.61 -72.80
C ALA A 682 83.45 -5.93 -71.95
N GLN A 683 82.33 -6.30 -72.56
CA GLN A 683 81.14 -6.71 -71.89
C GLN A 683 81.28 -8.11 -71.33
N ILE A 684 82.02 -8.98 -72.02
CA ILE A 684 82.28 -10.33 -71.56
C ILE A 684 83.18 -10.32 -70.34
N LEU A 685 84.11 -9.36 -70.26
CA LEU A 685 84.98 -9.20 -69.11
C LEU A 685 84.19 -8.77 -67.90
N SER A 686 83.19 -7.89 -68.07
CA SER A 686 82.31 -7.47 -66.99
C SER A 686 81.44 -8.60 -66.50
N GLN A 687 81.13 -9.60 -67.34
CA GLN A 687 80.38 -10.76 -66.89
C GLN A 687 81.26 -11.75 -66.15
N LEU A 688 82.60 -11.64 -66.24
CA LEU A 688 83.50 -12.46 -65.45
C LEU A 688 83.76 -11.79 -64.10
N GLN A 689 83.63 -10.45 -64.07
CA GLN A 689 83.81 -9.67 -62.86
C GLN A 689 82.53 -9.51 -62.08
N CYS A 690 81.36 -9.71 -62.71
CA CYS A 690 80.09 -9.66 -62.03
C CYS A 690 79.49 -11.03 -61.98
N SER A 691 80.28 -12.01 -61.53
CA SER A 691 79.84 -13.37 -61.34
C SER A 691 80.76 -14.14 -60.43
N GLY A 692 81.78 -13.47 -59.85
CA GLY A 692 82.73 -14.09 -58.93
C GLY A 692 83.78 -14.92 -59.55
N MET A 693 83.84 -14.99 -60.89
CA MET A 693 84.77 -15.84 -61.60
C MET A 693 86.22 -15.53 -61.33
N VAL A 694 86.59 -14.24 -61.30
CA VAL A 694 87.95 -13.83 -60.98
C VAL A 694 88.34 -14.17 -59.55
N SER A 695 87.39 -14.00 -58.61
CA SER A 695 87.62 -14.27 -57.20
C SER A 695 87.72 -15.75 -56.87
N VAL A 696 86.95 -16.64 -57.54
CA VAL A 696 87.08 -18.07 -57.32
C VAL A 696 88.36 -18.61 -57.92
N LEU A 697 88.91 -17.93 -58.93
CA LEU A 697 90.13 -18.36 -59.60
C LEU A 697 91.31 -17.57 -59.10
N ASP A 698 91.30 -17.28 -57.79
CA ASP A 698 92.42 -16.68 -57.12
C ASP A 698 92.55 -17.38 -55.78
N LEU A 699 91.44 -17.74 -55.13
CA LEU A 699 91.46 -18.57 -53.95
C LEU A 699 91.84 -20.01 -54.25
N MET A 700 91.32 -20.54 -55.37
CA MET A 700 91.55 -21.88 -55.81
C MET A 700 92.97 -22.15 -56.25
N GLN A 701 93.71 -21.12 -56.66
CA GLN A 701 95.06 -21.29 -57.11
C GLN A 701 95.97 -21.83 -56.01
N GLY A 702 95.89 -21.36 -54.80
CA GLY A 702 96.61 -21.85 -53.61
C GLY A 702 97.80 -22.58 -53.77
N GLY A 703 98.22 -23.60 -53.18
CA GLY A 703 99.34 -24.42 -53.20
C GLY A 703 99.60 -25.24 -54.44
N PHE A 704 98.61 -25.39 -55.32
CA PHE A 704 98.75 -26.14 -56.55
C PHE A 704 98.05 -25.39 -57.67
N PRO A 705 98.57 -24.27 -58.20
CA PRO A 705 97.89 -23.46 -59.21
C PRO A 705 97.60 -24.17 -60.51
N SER A 706 98.41 -25.04 -60.99
CA SER A 706 98.19 -25.77 -62.21
C SER A 706 97.96 -27.21 -61.83
N ARG A 707 96.91 -27.81 -62.37
CA ARG A 707 96.53 -29.16 -62.05
C ARG A 707 95.90 -29.76 -63.28
N ALA A 708 96.40 -30.49 -64.00
CA ALA A 708 95.92 -31.00 -65.26
C ALA A 708 95.66 -32.49 -65.26
N SER A 709 94.61 -32.91 -65.97
CA SER A 709 94.20 -34.29 -66.11
C SER A 709 95.07 -35.09 -67.05
N PHE A 710 95.10 -36.43 -66.89
CA PHE A 710 95.90 -37.33 -67.71
C PHE A 710 95.60 -37.24 -69.20
N HIS A 711 94.33 -37.06 -69.59
CA HIS A 711 93.99 -36.92 -70.99
C HIS A 711 94.41 -35.58 -71.54
N GLU A 712 94.36 -34.51 -70.73
CA GLU A 712 94.84 -33.19 -71.14
C GLU A 712 96.36 -33.13 -71.27
N LEU A 713 97.10 -33.90 -70.45
CA LEU A 713 98.55 -33.94 -70.53
C LEU A 713 99.03 -34.90 -71.62
N TYR A 714 98.12 -35.66 -72.23
CA TYR A 714 98.43 -36.54 -73.33
C TYR A 714 98.34 -35.76 -74.63
N ASN A 715 97.36 -34.86 -74.76
CA ASN A 715 97.16 -34.07 -75.95
C ASN A 715 98.16 -32.93 -76.05
N MET A 716 98.50 -32.27 -74.93
CA MET A 716 99.44 -31.17 -74.92
C MET A 716 100.88 -31.59 -75.11
N TYR A 717 101.26 -32.83 -74.76
CA TYR A 717 102.63 -33.26 -74.88
C TYR A 717 102.87 -34.41 -75.82
N LYS A 718 101.86 -34.95 -76.51
CA LYS A 718 102.09 -35.99 -77.50
C LYS A 718 102.74 -35.52 -78.76
N LYS A 719 102.66 -34.24 -79.06
CA LYS A 719 103.28 -33.66 -80.22
C LYS A 719 104.75 -33.64 -80.16
N TYR A 720 105.32 -33.79 -78.97
CA TYR A 720 106.71 -33.86 -78.76
C TYR A 720 107.16 -35.28 -78.68
N MET A 721 106.30 -36.23 -78.92
CA MET A 721 106.59 -37.62 -78.88
C MET A 721 106.41 -38.26 -80.24
N PRO A 722 107.16 -39.28 -80.63
CA PRO A 722 106.98 -39.97 -81.89
C PRO A 722 105.73 -40.79 -81.92
N ASP A 723 105.24 -41.09 -83.09
CA ASP A 723 104.05 -41.82 -83.31
C ASP A 723 103.95 -43.15 -82.65
N LYS A 724 104.99 -43.92 -82.70
CA LYS A 724 105.07 -45.19 -82.07
C LYS A 724 104.93 -45.18 -80.57
N LEU A 725 105.51 -44.21 -79.93
CA LEU A 725 105.43 -44.08 -78.53
C LEU A 725 104.15 -43.48 -78.06
N ALA A 726 103.44 -42.86 -78.93
CA ALA A 726 102.20 -42.25 -78.62
C ALA A 726 100.99 -43.14 -78.64
N ARG A 727 101.17 -44.44 -78.85
CA ARG A 727 100.10 -45.39 -78.84
C ARG A 727 99.62 -45.77 -77.49
N LEU A 728 100.40 -45.51 -76.45
CA LEU A 728 100.08 -45.78 -75.09
C LEU A 728 98.86 -45.02 -74.58
N ASP A 729 98.10 -45.58 -73.63
CA ASP A 729 96.92 -44.94 -73.07
C ASP A 729 97.31 -43.77 -72.14
N PRO A 730 96.49 -42.75 -71.88
CA PRO A 730 96.95 -41.61 -71.11
C PRO A 730 97.22 -41.90 -69.65
N ARG A 731 96.60 -42.92 -69.04
CA ARG A 731 96.93 -43.29 -67.67
C ARG A 731 98.31 -43.92 -67.54
N LEU A 732 98.78 -44.59 -68.61
CA LEU A 732 100.11 -45.19 -68.61
C LEU A 732 101.14 -44.21 -69.12
N PHE A 733 100.80 -43.36 -70.10
CA PHE A 733 101.72 -42.37 -70.64
C PHE A 733 102.10 -41.31 -69.61
N CYS A 734 101.15 -40.86 -68.78
CA CYS A 734 101.44 -39.91 -67.72
C CYS A 734 102.18 -40.51 -66.53
N LYS A 735 102.10 -41.84 -66.33
CA LYS A 735 102.77 -42.50 -65.23
C LYS A 735 104.12 -43.01 -65.65
N ALA A 736 104.38 -43.07 -66.96
CA ALA A 736 105.67 -43.44 -67.48
C ALA A 736 106.50 -42.20 -67.73
N LEU A 737 105.88 -41.05 -68.05
CA LEU A 737 106.60 -39.82 -68.23
C LEU A 737 106.97 -39.20 -66.88
N PHE A 738 106.14 -39.42 -65.84
CA PHE A 738 106.47 -38.96 -64.51
C PHE A 738 107.59 -39.80 -63.89
N LYS A 739 107.58 -41.13 -64.13
CA LYS A 739 108.63 -42.00 -63.65
C LYS A 739 109.92 -41.87 -64.43
N ALA A 740 109.85 -41.53 -65.73
CA ALA A 740 111.03 -41.35 -66.55
C ALA A 740 111.81 -40.10 -66.20
N LEU A 741 111.10 -38.99 -65.93
CA LEU A 741 111.70 -37.75 -65.50
C LEU A 741 112.17 -37.84 -64.06
N GLY A 742 111.41 -38.55 -63.21
CA GLY A 742 111.77 -38.77 -61.82
C GLY A 742 111.56 -37.59 -60.95
N LEU A 743 110.59 -36.77 -61.32
CA LEU A 743 110.24 -35.55 -60.65
C LEU A 743 109.88 -35.72 -59.19
N ASN A 744 110.21 -34.76 -58.35
CA ASN A 744 109.96 -34.79 -56.92
C ASN A 744 108.51 -34.65 -56.56
N GLU A 745 107.97 -35.63 -55.84
CA GLU A 745 106.60 -35.72 -55.45
C GLU A 745 106.04 -34.59 -54.66
N ILE A 746 106.86 -33.87 -53.91
CA ILE A 746 106.45 -32.73 -53.15
C ILE A 746 106.26 -31.51 -54.02
N ASP A 747 106.91 -31.39 -55.16
CA ASP A 747 106.77 -30.30 -56.10
C ASP A 747 105.78 -30.66 -57.21
N TYR A 748 105.73 -31.94 -57.59
CA TYR A 748 104.86 -32.48 -58.61
C TYR A 748 104.07 -33.63 -57.99
N LYS A 749 102.83 -33.39 -57.58
CA LYS A 749 102.02 -34.42 -56.95
C LYS A 749 101.21 -35.20 -57.97
N PHE A 750 101.39 -36.52 -57.99
CA PHE A 750 100.70 -37.41 -58.90
C PHE A 750 99.43 -37.94 -58.27
N GLY A 751 98.27 -37.54 -58.77
CA GLY A 751 96.98 -37.92 -58.26
C GLY A 751 96.41 -39.14 -58.93
N LEU A 752 95.13 -39.41 -58.70
CA LEU A 752 94.41 -40.54 -59.27
C LEU A 752 94.14 -40.36 -60.76
N THR A 753 93.79 -39.13 -61.17
CA THR A 753 93.48 -38.81 -62.56
C THR A 753 94.08 -37.49 -63.00
N LYS A 754 94.84 -36.81 -62.13
CA LYS A 754 95.43 -35.53 -62.43
C LYS A 754 96.83 -35.43 -61.87
N VAL A 755 97.61 -34.47 -62.37
CA VAL A 755 98.92 -34.15 -61.86
C VAL A 755 98.81 -32.73 -61.34
N PHE A 756 99.20 -32.52 -60.08
CA PHE A 756 99.08 -31.25 -59.39
C PHE A 756 100.46 -30.64 -59.25
N PHE A 757 100.66 -29.43 -59.79
CA PHE A 757 101.95 -28.78 -59.84
C PHE A 757 102.01 -27.63 -58.84
N ARG A 758 103.09 -27.58 -58.04
CA ARG A 758 103.35 -26.47 -57.12
C ARG A 758 103.69 -25.19 -57.88
N PRO A 759 103.66 -23.99 -57.28
CA PRO A 759 103.97 -22.75 -57.97
C PRO A 759 105.28 -22.72 -58.75
N GLY A 760 105.24 -22.33 -60.03
CA GLY A 760 106.41 -22.25 -60.90
C GLY A 760 106.92 -23.55 -61.45
N LYS A 761 106.19 -24.67 -61.30
CA LYS A 761 106.68 -25.95 -61.75
C LYS A 761 105.95 -26.51 -62.96
N PHE A 762 104.81 -25.94 -63.38
CA PHE A 762 104.22 -26.34 -64.65
C PHE A 762 104.95 -25.64 -65.81
N ALA A 763 105.44 -24.42 -65.55
CA ALA A 763 106.27 -23.67 -66.47
C ALA A 763 107.64 -24.27 -66.62
N GLU A 764 108.12 -24.99 -65.58
CA GLU A 764 109.40 -25.65 -65.61
C GLU A 764 109.29 -27.00 -66.28
N PHE A 765 108.11 -27.66 -66.17
CA PHE A 765 107.81 -28.90 -66.87
C PHE A 765 107.63 -28.70 -68.36
N ASP A 766 107.11 -27.53 -68.78
CA ASP A 766 106.95 -27.22 -70.19
C ASP A 766 108.29 -27.04 -70.88
N GLN A 767 109.31 -26.55 -70.16
CA GLN A 767 110.65 -26.46 -70.69
C GLN A 767 111.43 -27.76 -70.63
N ILE A 768 110.95 -28.80 -69.91
CA ILE A 768 111.53 -30.13 -69.92
C ILE A 768 111.21 -30.81 -71.23
N MET A 769 109.96 -30.68 -71.67
CA MET A 769 109.43 -31.26 -72.89
C MET A 769 109.93 -30.54 -74.12
N LYS A 770 110.33 -29.26 -73.97
CA LYS A 770 110.85 -28.45 -75.04
C LYS A 770 112.37 -28.34 -74.94
N SER A 771 113.02 -29.41 -74.46
CA SER A 771 114.46 -29.51 -74.38
C SER A 771 115.02 -30.71 -74.77
N ASP A 772 115.99 -31.30 -74.99
CA ASP A 772 116.70 -32.43 -75.37
C ASP A 772 115.89 -33.68 -75.79
N PRO A 773 115.40 -33.79 -77.03
CA PRO A 773 114.62 -34.94 -77.49
C PRO A 773 115.27 -36.30 -77.37
N ASP A 774 116.61 -36.40 -77.57
CA ASP A 774 117.33 -37.66 -77.50
C ASP A 774 117.44 -38.17 -76.07
N HIS A 775 117.55 -37.26 -75.08
CA HIS A 775 117.60 -37.60 -73.68
C HIS A 775 116.25 -38.04 -73.18
N LEU A 776 115.16 -37.41 -73.65
CA LEU A 776 113.82 -37.79 -73.28
C LEU A 776 113.42 -39.11 -73.89
N ALA A 777 113.87 -39.42 -75.13
CA ALA A 777 113.59 -40.71 -75.70
C ALA A 777 114.39 -41.83 -75.05
N GLU A 778 115.55 -41.51 -74.46
CA GLU A 778 116.34 -42.47 -73.71
C GLU A 778 115.72 -42.79 -72.35
N LEU A 779 115.08 -41.79 -71.72
CA LEU A 779 114.40 -42.02 -70.46
C LEU A 779 113.08 -42.77 -70.64
N VAL A 780 112.43 -42.64 -71.79
CA VAL A 780 111.25 -43.43 -72.12
C VAL A 780 111.61 -44.87 -72.36
N LYS A 781 112.80 -45.13 -72.90
CA LYS A 781 113.33 -46.45 -73.10
C LYS A 781 113.64 -47.11 -71.78
N ARG A 782 114.18 -46.34 -70.82
CA ARG A 782 114.50 -46.84 -69.51
C ARG A 782 113.27 -47.19 -68.70
N VAL A 783 112.23 -46.35 -68.71
CA VAL A 783 111.01 -46.71 -68.02
C VAL A 783 110.23 -47.81 -68.70
N ASN A 784 110.38 -47.99 -70.02
CA ASN A 784 109.81 -49.13 -70.71
C ASN A 784 110.43 -50.44 -70.26
N HIS A 785 111.73 -50.41 -69.97
CA HIS A 785 112.44 -51.55 -69.43
C HIS A 785 111.99 -51.90 -68.05
N TRP A 786 111.61 -50.89 -67.27
CA TRP A 786 111.10 -51.11 -65.95
C TRP A 786 109.70 -51.69 -66.00
N LEU A 787 108.91 -51.34 -67.01
CA LEU A 787 107.59 -51.91 -67.18
C LEU A 787 107.58 -53.37 -67.61
N ILE A 788 108.64 -53.82 -68.27
CA ILE A 788 108.88 -55.20 -68.62
C ILE A 788 109.27 -56.03 -67.43
N CYS A 789 109.79 -55.39 -66.40
CA CYS A 789 110.22 -56.04 -65.21
C CYS A 789 109.17 -56.02 -64.20
N SER A 790 108.33 -55.01 -64.26
CA SER A 790 107.21 -54.89 -63.40
C SER A 790 106.01 -55.33 -64.14
N ARG A 791 106.02 -56.55 -64.62
CA ARG A 791 104.97 -57.15 -65.33
C ARG A 791 104.28 -58.11 -64.48
N TRP A 792 105.00 -58.84 -63.72
CA TRP A 792 104.48 -59.80 -62.87
C TRP A 792 104.29 -59.50 -61.49
N LYS A 793 104.76 -58.35 -61.04
CA LYS A 793 104.63 -57.97 -59.74
C LYS A 793 103.35 -57.57 -59.37
N LYS A 794 102.62 -57.07 -60.23
CA LYS A 794 101.37 -56.67 -59.99
C LYS A 794 100.38 -57.77 -60.05
N VAL A 795 100.62 -58.85 -60.71
CA VAL A 795 99.78 -59.99 -60.84
C VAL A 795 100.12 -61.00 -59.83
N GLN A 796 99.21 -61.37 -59.03
CA GLN A 796 99.42 -62.29 -58.01
C GLN A 796 98.79 -63.61 -58.26
N LYS B 4 17.56 109.00 -14.53
CA LYS B 4 16.99 108.52 -13.43
C LYS B 4 17.74 107.49 -12.70
N PRO B 5 17.98 107.56 -11.42
CA PRO B 5 18.72 106.56 -10.72
C PRO B 5 17.93 105.29 -10.51
N VAL B 6 18.63 104.16 -10.41
CA VAL B 6 18.05 102.86 -10.20
C VAL B 6 18.64 102.29 -8.92
N TRP B 7 18.22 101.06 -8.56
CA TRP B 7 18.77 100.36 -7.43
C TRP B 7 19.67 99.29 -8.02
N ALA B 8 20.93 99.35 -7.59
CA ALA B 8 22.04 98.53 -7.95
C ALA B 8 22.32 97.45 -6.93
N PRO B 9 22.42 96.16 -7.25
CA PRO B 9 22.79 95.15 -6.26
C PRO B 9 24.13 95.41 -5.61
N HIS B 10 24.19 95.56 -4.29
CA HIS B 10 25.42 95.79 -3.55
C HIS B 10 25.65 94.58 -2.68
N PRO B 11 26.83 94.03 -2.45
CA PRO B 11 26.96 92.85 -1.62
C PRO B 11 26.60 93.05 -0.18
N THR B 12 27.06 94.12 0.46
CA THR B 12 26.80 94.38 1.85
C THR B 12 25.45 94.97 2.15
N ASP B 13 24.97 95.94 1.35
CA ASP B 13 23.70 96.58 1.58
C ASP B 13 22.55 95.91 0.86
N GLY B 14 22.84 95.00 -0.07
CA GLY B 14 21.84 94.32 -0.87
C GLY B 14 21.50 95.10 -2.09
N PHE B 15 21.07 96.35 -1.90
CA PHE B 15 20.69 97.31 -2.91
C PHE B 15 21.22 98.69 -2.58
N GLN B 16 21.93 99.37 -3.51
CA GLN B 16 22.42 100.71 -3.28
C GLN B 16 22.05 101.58 -4.47
N VAL B 17 22.03 102.91 -4.35
CA VAL B 17 21.62 103.81 -5.42
C VAL B 17 22.71 103.98 -6.48
N GLY B 18 22.33 104.07 -7.77
CA GLY B 18 23.30 104.17 -8.85
C GLY B 18 22.63 104.40 -10.16
N ASN B 19 23.30 105.10 -11.10
CA ASN B 19 22.71 105.41 -12.39
C ASN B 19 23.19 104.41 -13.43
N ILE B 20 22.61 104.45 -14.64
CA ILE B 20 22.99 103.60 -15.77
C ILE B 20 23.70 104.47 -16.76
N VAL B 21 24.99 104.19 -17.05
CA VAL B 21 25.77 105.06 -17.92
C VAL B 21 26.26 104.37 -19.17
N ASP B 22 26.02 103.06 -19.31
CA ASP B 22 26.24 102.36 -20.55
C ASP B 22 25.21 101.24 -20.57
N ILE B 23 24.58 100.97 -21.72
CA ILE B 23 23.52 99.99 -21.81
C ILE B 23 23.67 99.11 -23.03
N GLY B 24 23.35 97.83 -22.90
CA GLY B 24 23.45 96.83 -23.94
C GLY B 24 23.07 95.51 -23.35
N PRO B 25 22.75 94.48 -24.12
CA PRO B 25 22.36 93.18 -23.60
C PRO B 25 23.35 92.58 -22.64
N ASP B 26 22.91 92.28 -21.42
CA ASP B 26 23.70 91.77 -20.33
C ASP B 26 24.94 92.59 -20.04
N SER B 27 24.86 93.92 -20.24
CA SER B 27 25.98 94.80 -20.11
C SER B 27 25.57 96.13 -19.54
N LEU B 28 24.70 96.11 -18.53
CA LEU B 28 24.23 97.31 -17.88
C LEU B 28 25.29 97.87 -16.96
N THR B 29 26.04 98.88 -17.42
CA THR B 29 27.10 99.50 -16.63
C THR B 29 26.50 100.46 -15.63
N ILE B 30 26.64 100.16 -14.33
CA ILE B 30 26.05 100.92 -13.25
C ILE B 30 27.09 101.70 -12.49
N GLU B 31 27.01 103.04 -12.50
CA GLU B 31 27.88 103.85 -11.68
C GLU B 31 27.18 104.09 -10.34
N PRO B 32 27.72 103.78 -9.16
CA PRO B 32 27.10 104.12 -7.89
C PRO B 32 26.85 105.60 -7.66
N LEU B 33 25.85 105.98 -6.86
CA LEU B 33 25.57 107.37 -6.58
C LEU B 33 26.35 107.83 -5.43
N ASN B 34 27.07 108.89 -5.64
CA ASN B 34 27.94 109.49 -4.72
C ASN B 34 29.12 108.68 -4.33
N GLN B 35 29.47 107.75 -5.08
CA GLN B 35 30.60 106.93 -4.96
C GLN B 35 31.15 106.65 -6.31
N LYS B 36 31.65 107.48 -6.93
CA LYS B 36 32.18 107.40 -8.24
C LYS B 36 33.36 106.50 -8.36
N GLY B 37 33.43 105.74 -9.26
CA GLY B 37 34.49 104.82 -9.45
C GLY B 37 34.41 103.56 -9.30
N LYS B 38 33.61 103.10 -8.82
CA LYS B 38 33.42 101.89 -8.66
C LYS B 38 32.47 101.22 -9.63
N THR B 39 32.28 101.75 -10.78
CA THR B 39 31.44 101.35 -11.89
C THR B 39 31.56 99.90 -12.29
N PHE B 40 30.55 99.09 -11.96
CA PHE B 40 30.50 97.68 -12.28
C PHE B 40 29.46 97.40 -13.35
N LEU B 41 29.24 96.13 -13.71
CA LEU B 41 28.22 95.76 -14.67
C LEU B 41 27.17 94.92 -13.99
N ALA B 42 25.94 94.89 -14.52
CA ALA B 42 24.89 94.04 -14.02
C ALA B 42 24.20 93.25 -15.12
N LEU B 43 23.01 92.72 -14.82
CA LEU B 43 22.15 91.98 -15.70
C LEU B 43 20.78 92.61 -15.57
N ILE B 44 19.90 92.45 -16.57
CA ILE B 44 18.57 93.06 -16.57
C ILE B 44 17.71 92.65 -15.39
N ASN B 45 17.80 91.37 -14.97
CA ASN B 45 17.07 90.83 -13.86
C ASN B 45 17.61 91.20 -12.49
N GLN B 46 18.71 91.94 -12.40
CA GLN B 46 19.26 92.34 -11.12
C GLN B 46 19.12 93.82 -10.85
N VAL B 47 18.65 94.62 -11.81
CA VAL B 47 18.49 96.06 -11.69
C VAL B 47 17.03 96.41 -11.64
N PHE B 48 16.62 97.29 -10.70
CA PHE B 48 15.24 97.68 -10.46
C PHE B 48 15.11 99.19 -10.41
N PRO B 49 14.13 99.87 -10.98
CA PRO B 49 14.05 101.33 -10.91
C PRO B 49 13.73 101.83 -9.51
N ALA B 50 13.98 103.12 -9.23
CA ALA B 50 13.80 103.72 -7.93
C ALA B 50 12.83 104.88 -7.93
N GLU B 51 12.27 105.23 -6.77
CA GLU B 51 11.36 106.34 -6.59
C GLU B 51 12.04 107.70 -6.67
N GLU B 52 11.36 108.71 -7.19
CA GLU B 52 11.88 110.05 -7.35
C GLU B 52 12.17 110.77 -6.06
N ASP B 53 11.28 110.66 -5.08
CA ASP B 53 11.44 111.28 -3.80
C ASP B 53 11.96 110.28 -2.79
N SER B 54 12.99 110.63 -2.06
CA SER B 54 13.63 109.78 -1.08
C SER B 54 13.23 110.09 0.32
N LYS B 55 12.46 111.11 0.53
CA LYS B 55 12.03 111.48 1.84
C LYS B 55 10.71 110.90 2.20
N LYS B 56 9.94 110.47 1.44
CA LYS B 56 8.67 109.87 1.64
C LYS B 56 8.71 108.47 2.16
N ASP B 57 7.69 108.06 2.93
CA ASP B 57 7.55 106.77 3.46
C ASP B 57 6.11 106.38 3.44
N VAL B 58 5.51 105.62 2.94
CA VAL B 58 4.11 105.27 2.78
C VAL B 58 3.68 104.10 3.64
N GLU B 59 2.49 104.24 4.25
CA GLU B 59 1.90 103.24 5.13
C GLU B 59 1.50 102.01 4.36
N ASP B 60 0.93 102.21 3.16
CA ASP B 60 0.55 101.18 2.24
C ASP B 60 1.56 101.24 1.10
N ASN B 61 2.06 100.08 0.67
CA ASN B 61 3.10 100.01 -0.34
C ASN B 61 2.54 99.91 -1.73
N CYS B 62 1.21 99.89 -1.86
CA CYS B 62 0.56 99.97 -3.16
C CYS B 62 0.36 101.42 -3.53
N SER B 63 0.86 102.33 -2.68
CA SER B 63 0.88 103.76 -2.85
C SER B 63 2.21 104.21 -3.41
N LEU B 64 3.06 103.27 -3.85
CA LEU B 64 4.32 103.54 -4.51
C LEU B 64 4.12 103.62 -6.00
N MET B 65 4.98 104.34 -6.70
CA MET B 65 4.89 104.50 -8.11
C MET B 65 5.60 103.45 -8.88
N TYR B 66 6.78 103.06 -8.46
CA TYR B 66 7.53 101.99 -9.03
C TYR B 66 7.63 100.89 -8.01
N LEU B 67 6.76 99.95 -8.00
CA LEU B 67 6.71 98.86 -7.06
C LEU B 67 7.56 97.69 -7.51
N ASN B 68 8.54 97.32 -6.69
CA ASN B 68 9.46 96.24 -6.93
C ASN B 68 10.05 95.86 -5.59
N GLU B 69 11.05 94.97 -5.55
CA GLU B 69 11.60 94.49 -4.30
C GLU B 69 12.56 95.49 -3.68
N ALA B 70 13.33 96.23 -4.49
CA ALA B 70 14.24 97.25 -4.00
C ALA B 70 13.54 98.50 -3.46
N THR B 71 12.37 98.88 -4.02
CA THR B 71 11.59 100.03 -3.55
C THR B 71 10.74 99.68 -2.36
N LEU B 72 10.56 98.37 -2.11
CA LEU B 72 9.84 97.86 -0.97
C LEU B 72 10.84 97.68 0.15
N LEU B 73 12.08 97.26 -0.14
CA LEU B 73 13.11 97.17 0.88
C LEU B 73 13.60 98.54 1.32
N HIS B 74 13.46 99.58 0.47
CA HIS B 74 13.80 100.93 0.87
C HIS B 74 12.73 101.56 1.71
N ASN B 75 11.44 101.25 1.46
CA ASN B 75 10.36 101.78 2.26
C ASN B 75 10.40 101.18 3.67
N ILE B 76 10.77 99.89 3.82
CA ILE B 76 10.96 99.27 5.12
C ILE B 76 12.22 99.78 5.80
N LYS B 77 13.29 100.12 5.06
CA LYS B 77 14.51 100.66 5.66
C LYS B 77 14.32 102.07 6.20
N VAL B 78 13.50 102.88 5.53
CA VAL B 78 13.16 104.22 5.98
C VAL B 78 12.20 104.17 7.15
N ARG B 79 11.22 103.24 7.15
CA ARG B 79 10.30 103.14 8.26
C ARG B 79 10.89 102.37 9.43
N TYR B 80 12.05 101.72 9.27
CA TYR B 80 12.80 101.17 10.38
C TYR B 80 13.51 102.32 11.08
N SER B 81 14.10 103.24 10.30
CA SER B 81 14.73 104.44 10.79
C SER B 81 13.78 105.37 11.51
N LYS B 82 12.54 105.50 11.03
CA LYS B 82 11.51 106.32 11.65
C LYS B 82 10.64 105.58 12.65
N ASP B 83 11.03 104.35 13.03
CA ASP B 83 10.39 103.50 14.03
C ASP B 83 8.94 103.13 13.75
N ARG B 84 8.57 102.81 12.51
CA ARG B 84 7.25 102.40 12.10
C ARG B 84 7.32 100.97 11.61
N ILE B 85 7.47 100.04 12.54
CA ILE B 85 7.63 98.62 12.33
C ILE B 85 6.45 97.90 11.71
N TYR B 86 5.22 98.34 12.00
CA TYR B 86 4.00 97.76 11.46
C TYR B 86 3.63 98.46 10.16
N THR B 87 3.63 97.71 9.05
CA THR B 87 3.47 98.30 7.73
C THR B 87 2.60 97.42 6.84
N TYR B 88 1.49 97.98 6.33
CA TYR B 88 0.53 97.32 5.47
C TYR B 88 1.04 97.14 4.06
N VAL B 89 1.24 95.90 3.59
CA VAL B 89 1.57 95.71 2.20
C VAL B 89 0.35 95.02 1.64
N ALA B 90 -0.50 95.75 0.90
CA ALA B 90 -1.75 95.27 0.39
C ALA B 90 -2.70 94.82 1.50
N ASN B 91 -2.95 93.58 1.68
CA ASN B 91 -3.78 92.96 2.69
C ASN B 91 -2.94 92.10 3.63
N ILE B 92 -1.60 92.23 3.57
CA ILE B 92 -0.66 91.48 4.36
C ILE B 92 0.05 92.42 5.30
N LEU B 93 0.02 92.13 6.61
CA LEU B 93 0.76 92.92 7.56
C LEU B 93 2.22 92.50 7.54
N ILE B 94 3.13 93.48 7.38
CA ILE B 94 4.55 93.23 7.47
C ILE B 94 4.95 93.90 8.75
N ALA B 95 5.62 93.11 9.61
CA ALA B 95 6.04 93.56 10.90
C ALA B 95 7.54 93.32 10.97
N VAL B 96 8.29 94.28 11.51
CA VAL B 96 9.72 94.16 11.66
C VAL B 96 9.98 94.08 13.13
N ASN B 97 10.83 93.16 13.61
CA ASN B 97 11.09 93.03 15.04
C ASN B 97 12.06 94.10 15.51
N PRO B 98 11.79 94.98 16.45
CA PRO B 98 12.74 95.99 16.85
C PRO B 98 13.68 95.49 17.89
N TYR B 99 13.34 94.41 18.58
CA TYR B 99 14.09 93.84 19.67
C TYR B 99 14.30 94.74 20.88
N PHE B 100 13.50 95.75 21.04
CA PHE B 100 13.47 96.61 22.19
C PHE B 100 12.11 97.21 22.26
N ASP B 101 11.66 97.71 23.41
CA ASP B 101 10.35 98.26 23.59
C ASP B 101 10.22 99.68 23.06
N ILE B 102 9.30 99.93 22.16
CA ILE B 102 9.02 101.23 21.58
C ILE B 102 7.93 101.90 22.41
N PRO B 103 8.03 103.16 22.81
CA PRO B 103 7.01 103.81 23.63
C PRO B 103 5.65 103.95 23.02
N LYS B 104 4.63 103.84 23.87
CA LYS B 104 3.22 104.00 23.62
C LYS B 104 2.50 103.20 22.54
N ILE B 105 3.19 102.47 21.65
CA ILE B 105 2.52 101.66 20.65
C ILE B 105 1.76 100.46 21.18
N TYR B 106 2.09 99.97 22.40
CA TYR B 106 1.37 98.88 23.02
C TYR B 106 0.47 99.40 24.14
N SER B 107 0.34 100.73 24.28
CA SER B 107 -0.47 101.38 25.32
C SER B 107 -1.95 101.06 25.26
N SER B 108 -2.63 101.07 26.42
CA SER B 108 -4.05 100.81 26.49
C SER B 108 -4.86 101.98 26.01
N GLU B 109 -4.28 103.19 25.96
CA GLU B 109 -4.90 104.34 25.34
C GLU B 109 -4.89 104.21 23.82
N THR B 110 -3.85 103.55 23.28
CA THR B 110 -3.69 103.22 21.88
C THR B 110 -4.68 102.16 21.49
N ILE B 111 -4.87 101.14 22.34
CA ILE B 111 -5.84 100.09 22.09
C ILE B 111 -7.27 100.59 22.17
N LYS B 112 -7.58 101.53 23.07
CA LYS B 112 -8.89 102.14 23.16
C LYS B 112 -9.19 103.10 22.02
N SER B 113 -8.15 103.70 21.44
CA SER B 113 -8.26 104.59 20.30
C SER B 113 -8.62 103.81 19.05
N TYR B 114 -7.83 102.80 18.70
CA TYR B 114 -8.01 101.95 17.54
C TYR B 114 -9.38 101.28 17.44
N GLN B 115 -9.98 100.87 18.57
CA GLN B 115 -11.28 100.24 18.65
C GLN B 115 -12.37 100.77 17.73
N GLY B 116 -12.78 99.96 16.75
CA GLY B 116 -13.86 100.27 15.84
C GLY B 116 -13.55 101.15 14.68
N LYS B 117 -12.29 101.55 14.51
CA LYS B 117 -11.90 102.41 13.44
C LYS B 117 -11.64 101.67 12.18
N SER B 118 -11.88 102.28 11.05
CA SER B 118 -11.71 101.69 9.76
C SER B 118 -10.27 101.64 9.28
N LEU B 119 -9.93 100.63 8.48
CA LEU B 119 -8.61 100.46 7.94
C LEU B 119 -8.17 101.56 7.03
N GLY B 120 -6.92 101.94 7.14
CA GLY B 120 -6.34 103.03 6.39
C GLY B 120 -6.56 104.37 6.99
N THR B 121 -7.59 104.52 7.82
CA THR B 121 -7.92 105.71 8.54
C THR B 121 -7.01 105.91 9.69
N MET B 122 -6.58 104.87 10.29
CA MET B 122 -5.63 104.86 11.34
C MET B 122 -4.39 104.15 10.85
N PRO B 123 -3.19 104.50 11.28
CA PRO B 123 -1.97 103.88 10.84
C PRO B 123 -1.87 102.38 11.06
N PRO B 124 -1.14 101.58 10.31
CA PRO B 124 -1.01 100.15 10.51
C PRO B 124 -0.46 99.78 11.86
N HIS B 125 -1.05 98.77 12.51
CA HIS B 125 -0.65 98.33 13.82
C HIS B 125 -1.07 96.89 13.92
N VAL B 126 -0.55 96.16 14.92
CA VAL B 126 -0.89 94.76 15.17
C VAL B 126 -2.36 94.60 15.51
N PHE B 127 -2.92 95.59 16.19
CA PHE B 127 -4.32 95.59 16.57
C PHE B 127 -5.24 96.08 15.48
N ALA B 128 -4.71 96.53 14.33
CA ALA B 128 -5.55 96.97 13.22
C ALA B 128 -5.93 95.81 12.32
N ILE B 129 -5.29 94.67 12.54
CA ILE B 129 -5.55 93.45 11.82
C ILE B 129 -6.52 92.66 12.64
N ALA B 130 -6.38 92.68 13.98
CA ALA B 130 -7.31 92.02 14.85
C ALA B 130 -8.68 92.71 14.92
N ASP B 131 -8.76 94.03 14.66
CA ASP B 131 -10.02 94.73 14.62
C ASP B 131 -10.78 94.47 13.31
N LYS B 132 -10.05 94.28 12.20
CA LYS B 132 -10.64 93.96 10.91
C LYS B 132 -11.21 92.56 10.89
N ALA B 133 -10.56 91.61 11.59
CA ALA B 133 -11.04 90.26 11.69
C ALA B 133 -11.89 90.08 12.93
N PHE B 134 -12.72 91.09 13.22
CA PHE B 134 -13.76 91.01 14.22
C PHE B 134 -15.00 91.58 13.59
N ARG B 135 -14.86 92.54 12.67
CA ARG B 135 -16.00 93.03 11.93
C ARG B 135 -16.40 92.09 10.80
N ASP B 136 -15.52 91.15 10.39
CA ASP B 136 -15.92 90.14 9.44
C ASP B 136 -16.73 89.04 10.11
N MET B 137 -16.72 89.00 11.46
CA MET B 137 -17.57 88.12 12.24
C MET B 137 -19.03 88.56 12.20
N LYS B 138 -19.28 89.86 11.98
CA LYS B 138 -20.63 90.37 11.90
C LYS B 138 -21.10 90.54 10.46
N VAL B 139 -20.18 90.77 9.51
CA VAL B 139 -20.51 90.85 8.10
C VAL B 139 -20.83 89.49 7.50
N LEU B 140 -19.81 88.68 7.18
CA LEU B 140 -20.01 87.39 6.55
C LEU B 140 -20.20 86.24 7.52
N LYS B 141 -19.97 86.47 8.82
CA LYS B 141 -20.20 85.51 9.89
C LYS B 141 -19.44 84.20 9.76
N LEU B 142 -18.13 84.30 9.61
CA LEU B 142 -17.25 83.18 9.41
C LEU B 142 -16.10 83.27 10.38
N SER B 143 -15.69 82.13 10.98
CA SER B 143 -14.55 82.02 11.87
C SER B 143 -13.24 82.42 11.19
N GLN B 144 -12.40 83.21 11.87
CA GLN B 144 -11.22 83.80 11.28
C GLN B 144 -9.93 83.19 11.81
N SER B 145 -9.04 82.72 10.92
CA SER B 145 -7.75 82.18 11.34
C SER B 145 -6.60 83.15 11.11
N ILE B 146 -5.98 83.61 12.20
CA ILE B 146 -4.78 84.41 12.19
C ILE B 146 -3.58 83.51 11.92
N ILE B 147 -2.84 83.74 10.82
CA ILE B 147 -1.69 82.91 10.51
C ILE B 147 -0.49 83.80 10.57
N VAL B 148 0.39 83.59 11.57
CA VAL B 148 1.58 84.39 11.74
C VAL B 148 2.76 83.63 11.18
N SER B 149 3.39 84.18 10.13
CA SER B 149 4.54 83.58 9.48
C SER B 149 5.81 84.35 9.76
N GLY B 150 6.97 83.82 9.31
CA GLY B 150 8.27 84.42 9.52
C GLY B 150 9.23 83.42 10.09
N GLU B 151 10.55 83.65 9.94
CA GLU B 151 11.59 82.80 10.47
C GLU B 151 11.58 82.75 11.97
N SER B 152 12.03 81.68 12.61
CA SER B 152 12.01 81.57 14.04
C SER B 152 12.86 82.58 14.77
N GLY B 153 12.30 83.19 15.82
CA GLY B 153 12.93 84.26 16.56
C GLY B 153 12.55 85.61 16.00
N ALA B 154 11.47 85.69 15.21
CA ALA B 154 11.04 86.90 14.57
C ALA B 154 9.95 87.62 15.34
N GLY B 155 9.44 87.07 16.44
CA GLY B 155 8.43 87.74 17.26
C GLY B 155 7.05 87.24 17.05
N LYS B 156 6.88 86.04 16.45
CA LYS B 156 5.59 85.48 16.14
C LYS B 156 4.80 85.04 17.35
N THR B 157 5.44 84.90 18.51
CA THR B 157 4.79 84.44 19.72
C THR B 157 4.54 85.66 20.55
N GLU B 158 5.46 86.64 20.57
CA GLU B 158 5.20 87.89 21.27
C GLU B 158 4.14 88.72 20.56
N ASN B 159 4.11 88.78 19.21
CA ASN B 159 3.04 89.47 18.50
C ASN B 159 1.73 88.69 18.57
N THR B 160 1.79 87.36 18.84
CA THR B 160 0.59 86.56 19.07
C THR B 160 0.00 86.91 20.41
N LYS B 161 0.81 87.18 21.45
CA LYS B 161 0.27 87.57 22.73
C LYS B 161 -0.34 88.97 22.70
N PHE B 162 0.11 89.86 21.79
CA PHE B 162 -0.50 91.16 21.60
C PHE B 162 -1.86 91.08 20.91
N VAL B 163 -2.03 90.13 19.97
CA VAL B 163 -3.29 89.94 19.28
C VAL B 163 -4.34 89.36 20.22
N LEU B 164 -3.98 88.42 21.09
CA LEU B 164 -4.88 87.82 22.04
C LEU B 164 -5.27 88.75 23.18
N ARG B 165 -4.41 89.73 23.51
CA ARG B 165 -4.72 90.71 24.52
C ARG B 165 -5.71 91.74 24.00
N TYR B 166 -5.65 92.05 22.69
CA TYR B 166 -6.59 92.97 22.08
C TYR B 166 -7.99 92.37 21.94
N LEU B 167 -8.08 91.08 21.64
CA LEU B 167 -9.35 90.42 21.48
C LEU B 167 -10.07 90.20 22.77
N THR B 168 -9.34 90.06 23.88
CA THR B 168 -9.94 89.90 25.19
C THR B 168 -10.05 91.21 25.91
N GLU B 169 -9.96 92.33 25.20
CA GLU B 169 -10.10 93.64 25.79
C GLU B 169 -10.99 94.52 24.96
N SER B 170 -10.72 94.69 23.68
CA SER B 170 -11.50 95.54 22.79
C SER B 170 -12.91 95.12 22.59
N TYR B 171 -13.13 93.83 22.51
CA TYR B 171 -14.41 93.30 22.38
C TYR B 171 -14.80 92.59 23.63
N GLY B 172 -14.58 93.04 24.54
CA GLY B 172 -14.89 92.58 25.83
C GLY B 172 -14.36 91.60 26.47
N THR B 173 -14.49 91.26 27.63
CA THR B 173 -14.07 90.32 28.39
C THR B 173 -14.39 89.13 28.27
N GLY B 174 -14.44 88.51 28.40
CA GLY B 174 -14.75 87.36 28.27
C GLY B 174 -14.42 86.35 29.23
N GLN B 175 -13.29 86.23 29.55
CA GLN B 175 -12.80 85.29 30.45
C GLN B 175 -12.54 85.96 31.76
N ASP B 176 -12.68 85.22 32.84
CA ASP B 176 -12.46 85.70 34.17
C ASP B 176 -11.01 86.03 34.42
N ILE B 177 -10.12 85.18 33.96
CA ILE B 177 -8.71 85.38 34.04
C ILE B 177 -8.14 85.38 32.64
N ASP B 178 -7.65 86.50 32.16
CA ASP B 178 -7.04 86.68 30.86
C ASP B 178 -5.72 85.96 30.77
N ASP B 179 -4.94 86.03 31.84
CA ASP B 179 -3.50 86.08 31.80
C ASP B 179 -2.95 84.66 31.65
N ARG B 180 -3.82 83.66 31.89
CA ARG B 180 -3.54 82.25 31.73
C ARG B 180 -3.15 81.91 30.33
N ILE B 181 -3.81 82.49 29.33
CA ILE B 181 -3.48 82.29 27.95
C ILE B 181 -2.10 82.82 27.62
N VAL B 182 -1.75 84.01 28.13
CA VAL B 182 -0.45 84.62 27.94
C VAL B 182 0.66 83.87 28.64
N GLU B 183 0.46 83.51 29.90
CA GLU B 183 1.42 82.83 30.73
C GLU B 183 1.73 81.41 30.36
N ALA B 184 0.76 80.67 29.79
CA ALA B 184 0.92 79.29 29.42
C ALA B 184 1.90 79.04 28.29
N ASN B 185 2.08 79.99 27.37
CA ASN B 185 2.96 79.79 26.24
C ASN B 185 4.42 79.51 26.63
N PRO B 186 5.17 80.21 27.48
CA PRO B 186 6.51 79.78 27.82
C PRO B 186 6.58 78.44 28.53
N LEU B 187 5.49 77.94 29.14
CA LEU B 187 5.46 76.62 29.72
C LEU B 187 5.56 75.53 28.68
N LEU B 188 4.78 75.65 27.58
CA LEU B 188 4.79 74.65 26.53
C LEU B 188 5.98 74.80 25.61
N GLU B 189 6.64 75.97 25.64
CA GLU B 189 7.86 76.18 24.91
C GLU B 189 9.07 75.65 25.65
N ALA B 190 8.93 75.25 26.93
CA ALA B 190 9.99 74.55 27.63
C ALA B 190 10.18 73.14 27.06
N PHE B 191 9.05 72.47 26.80
CA PHE B 191 8.99 71.14 26.23
C PHE B 191 9.31 71.09 24.74
N GLY B 192 8.93 72.12 23.96
CA GLY B 192 9.05 72.09 22.50
C GLY B 192 10.16 72.89 21.88
N ASN B 193 10.74 73.88 22.56
CA ASN B 193 11.85 74.64 22.02
C ASN B 193 13.15 73.86 22.05
N ALA B 194 14.04 74.16 21.10
CA ALA B 194 15.34 73.55 20.98
C ALA B 194 16.33 74.62 20.54
N LYS B 195 17.53 74.21 20.07
CA LYS B 195 18.55 75.10 19.56
C LYS B 195 18.84 74.70 18.14
N THR B 196 18.79 75.66 17.19
CA THR B 196 19.09 75.42 15.79
C THR B 196 20.24 76.30 15.38
N VAL B 197 20.80 76.07 14.19
CA VAL B 197 21.89 76.87 13.67
C VAL B 197 21.47 78.29 13.40
N ARG B 198 20.22 78.50 12.95
CA ARG B 198 19.68 79.82 12.71
C ARG B 198 19.30 80.59 13.95
N ASN B 199 18.75 79.94 14.99
CA ASN B 199 18.37 80.64 16.18
C ASN B 199 18.53 79.78 17.41
N ASN B 200 19.01 80.39 18.51
CA ASN B 200 19.18 79.70 19.77
C ASN B 200 17.88 79.30 20.40
N ASN B 201 16.93 80.22 20.55
CA ASN B 201 15.61 79.89 21.02
C ASN B 201 14.69 79.66 19.85
N SER B 202 14.51 78.41 19.38
CA SER B 202 13.58 78.15 18.30
C SER B 202 12.57 77.11 18.71
N SER B 203 11.31 77.25 18.26
CA SER B 203 10.25 76.30 18.49
C SER B 203 10.27 75.20 17.46
N ARG B 204 10.20 73.93 17.88
CA ARG B 204 10.19 72.82 16.94
C ARG B 204 8.82 72.18 16.87
N PHE B 205 7.77 72.97 17.08
CA PHE B 205 6.40 72.55 17.04
C PHE B 205 5.54 73.69 16.53
N GLY B 206 4.37 73.36 15.97
CA GLY B 206 3.45 74.32 15.38
C GLY B 206 2.18 74.39 16.15
N LYS B 207 2.13 75.26 17.17
CA LYS B 207 0.97 75.43 18.01
C LYS B 207 -0.16 76.18 17.30
N PHE B 208 -1.42 75.86 17.65
CA PHE B 208 -2.58 76.48 17.05
C PHE B 208 -3.57 76.82 18.15
N VAL B 209 -3.64 78.10 18.54
CA VAL B 209 -4.58 78.55 19.55
C VAL B 209 -5.97 78.63 18.92
N GLU B 210 -7.03 78.14 19.58
CA GLU B 210 -8.40 78.25 19.11
C GLU B 210 -9.24 78.94 20.15
N ILE B 211 -9.38 80.28 20.09
CA ILE B 211 -10.18 81.04 21.04
C ILE B 211 -11.61 81.02 20.55
N HIS B 212 -12.51 80.40 21.33
CA HIS B 212 -13.88 80.24 20.95
C HIS B 212 -14.73 81.40 21.44
N PHE B 213 -15.84 81.69 20.75
CA PHE B 213 -16.76 82.75 21.10
C PHE B 213 -18.16 82.17 20.99
N ASN B 214 -19.19 83.02 20.88
CA ASN B 214 -20.57 82.60 20.76
C ASN B 214 -21.34 83.61 19.94
N GLU B 215 -22.65 83.37 19.70
CA GLU B 215 -23.51 84.24 18.91
C GLU B 215 -23.75 85.60 19.53
N LYS B 216 -23.53 85.75 20.84
CA LYS B 216 -23.62 87.01 21.53
C LYS B 216 -22.36 87.81 21.38
N SER B 217 -21.32 87.26 20.78
CA SER B 217 -20.01 87.79 20.49
C SER B 217 -19.12 87.91 21.70
N SER B 218 -19.25 87.00 22.66
CA SER B 218 -18.46 86.97 23.87
C SER B 218 -17.63 85.71 23.93
N VAL B 219 -16.44 85.80 24.53
CA VAL B 219 -15.50 84.69 24.67
C VAL B 219 -16.06 83.58 25.56
N VAL B 220 -15.96 82.31 25.15
CA VAL B 220 -16.44 81.19 25.96
C VAL B 220 -15.33 80.30 26.47
N GLY B 221 -14.08 80.53 26.06
CA GLY B 221 -12.92 79.75 26.49
C GLY B 221 -12.06 79.45 25.31
N GLY B 222 -11.05 78.57 25.47
CA GLY B 222 -10.15 78.28 24.36
C GLY B 222 -9.63 76.88 24.36
N PHE B 223 -8.79 76.58 23.37
CA PHE B 223 -8.23 75.27 23.18
C PHE B 223 -6.94 75.41 22.37
N VAL B 224 -5.80 74.97 22.90
CA VAL B 224 -4.53 75.05 22.20
C VAL B 224 -4.11 73.65 21.83
N SER B 225 -3.70 73.42 20.58
CA SER B 225 -3.24 72.13 20.13
C SER B 225 -1.82 72.25 19.61
N HIS B 226 -1.34 71.28 18.82
CA HIS B 226 0.01 71.32 18.30
C HIS B 226 0.10 70.39 17.13
N TYR B 227 0.90 70.78 16.13
CA TYR B 227 1.10 70.04 14.92
C TYR B 227 2.58 70.11 14.64
N LEU B 228 3.14 69.01 14.09
CA LEU B 228 4.54 68.85 13.79
C LEU B 228 5.42 68.80 15.02
N LEU B 229 5.93 67.77 15.42
CA LEU B 229 6.85 67.61 16.51
C LEU B 229 8.07 66.88 15.97
N GLU B 230 9.28 67.41 16.20
CA GLU B 230 10.50 66.77 15.74
C GLU B 230 10.86 65.59 16.62
N LYS B 231 10.20 64.45 16.41
CA LYS B 231 10.41 63.24 17.17
C LYS B 231 11.80 62.67 17.01
N SER B 232 12.40 62.85 15.83
CA SER B 232 13.75 62.46 15.50
C SER B 232 14.79 63.12 16.37
N ARG B 233 14.55 64.37 16.79
CA ARG B 233 15.41 65.15 17.66
C ARG B 233 15.67 64.48 18.98
N ILE B 234 14.73 63.67 19.48
CA ILE B 234 14.90 62.93 20.70
C ILE B 234 16.04 61.95 20.59
N CYS B 235 16.10 61.21 19.49
CA CYS B 235 17.11 60.22 19.25
C CYS B 235 18.43 60.73 18.75
N VAL B 236 18.44 61.69 17.85
CA VAL B 236 19.67 62.19 17.26
C VAL B 236 19.62 63.68 17.07
N GLN B 237 20.72 64.36 17.40
CA GLN B 237 20.83 65.80 17.33
C GLN B 237 22.03 66.19 16.51
N GLY B 238 21.99 67.36 15.89
CA GLY B 238 23.10 67.90 15.15
C GLY B 238 24.21 68.36 16.04
N LYS B 239 25.39 68.65 15.49
CA LYS B 239 26.54 69.09 16.22
C LYS B 239 26.38 70.39 16.95
N GLU B 240 25.74 71.37 16.34
CA GLU B 240 25.50 72.66 16.92
C GLU B 240 24.10 72.75 17.47
N GLU B 241 23.38 71.68 17.62
CA GLU B 241 22.03 71.66 18.11
C GLU B 241 21.93 70.97 19.46
N ARG B 242 20.89 71.31 20.26
CA ARG B 242 20.62 70.63 21.51
C ARG B 242 19.49 69.64 21.24
N ASN B 243 18.82 69.12 22.28
CA ASN B 243 17.68 68.23 22.07
C ASN B 243 16.43 69.05 22.36
N TYR B 244 15.63 68.76 23.39
CA TYR B 244 14.58 69.66 23.82
C TYR B 244 15.08 70.43 25.00
N HIS B 245 14.52 71.61 25.28
CA HIS B 245 15.01 72.43 26.36
C HIS B 245 14.46 72.10 27.73
N ILE B 246 13.66 71.04 27.88
CA ILE B 246 13.26 70.59 29.19
C ILE B 246 14.33 69.70 29.81
N PHE B 247 15.09 68.93 29.02
CA PHE B 247 16.11 68.06 29.60
C PHE B 247 17.30 68.79 30.19
N TYR B 248 17.62 70.00 29.69
CA TYR B 248 18.69 70.82 30.22
C TYR B 248 18.22 71.65 31.39
N ARG B 249 16.91 71.71 31.63
CA ARG B 249 16.30 72.44 32.71
C ARG B 249 16.02 71.50 33.86
N LEU B 250 16.09 70.20 33.58
CA LEU B 250 15.92 69.16 34.58
C LEU B 250 17.29 68.80 35.08
N CYS B 251 18.34 68.72 34.24
CA CYS B 251 19.66 68.40 34.77
C CYS B 251 20.39 69.62 35.31
N ALA B 252 20.06 70.85 34.89
CA ALA B 252 20.66 72.04 35.48
C ALA B 252 19.79 72.72 36.52
N GLY B 253 18.51 72.42 36.59
CA GLY B 253 17.59 73.03 37.52
C GLY B 253 17.29 72.25 38.75
N ALA B 254 16.67 71.11 38.67
CA ALA B 254 16.21 70.27 39.77
C ALA B 254 17.21 69.99 40.89
N SER B 255 16.74 70.00 42.15
CA SER B 255 17.53 69.78 43.35
C SER B 255 18.26 68.45 43.46
N GLU B 256 19.03 68.25 44.53
CA GLU B 256 19.83 67.06 44.74
C GLU B 256 19.03 66.02 45.50
N ASP B 257 17.85 66.39 45.99
CA ASP B 257 16.91 65.49 46.61
C ASP B 257 15.80 65.16 45.62
N ILE B 258 16.06 65.45 44.33
CA ILE B 258 15.25 65.09 43.21
C ILE B 258 16.13 64.35 42.25
N ARG B 259 17.39 64.79 42.04
CA ARG B 259 18.27 64.10 41.13
C ARG B 259 18.78 62.77 41.70
N GLU B 260 18.98 62.66 43.02
CA GLU B 260 19.34 61.38 43.62
C GLU B 260 18.18 60.41 43.68
N ARG B 261 16.93 60.91 43.70
CA ARG B 261 15.75 60.08 43.70
C ARG B 261 15.38 59.55 42.34
N LEU B 262 15.81 60.23 41.27
CA LEU B 262 15.57 59.80 39.90
C LEU B 262 16.78 59.13 39.29
N HIS B 263 17.87 59.00 40.07
CA HIS B 263 19.13 58.38 39.66
C HIS B 263 19.78 59.05 38.46
N LEU B 264 19.65 60.38 38.35
CA LEU B 264 20.14 61.13 37.21
C LEU B 264 21.57 61.56 37.32
N SER B 265 22.33 61.35 36.27
CA SER B 265 23.71 61.72 36.14
C SER B 265 23.85 62.84 35.15
N SER B 266 25.06 63.17 34.68
CA SER B 266 25.29 64.23 33.73
C SER B 266 24.85 63.87 32.30
N PRO B 267 24.50 64.82 31.41
CA PRO B 267 23.97 64.53 30.09
C PRO B 267 24.80 63.65 29.18
N ASP B 268 26.13 63.62 29.34
CA ASP B 268 27.03 62.85 28.51
C ASP B 268 26.94 61.35 28.75
N ASN B 269 26.29 60.94 29.85
CA ASN B 269 26.06 59.54 30.16
C ASN B 269 24.86 58.99 29.42
N PHE B 270 23.91 59.85 28.99
CA PHE B 270 22.70 59.41 28.31
C PHE B 270 22.83 59.48 26.80
N ARG B 271 22.55 58.36 26.09
CA ARG B 271 22.64 58.25 24.65
C ARG B 271 21.85 59.29 23.86
N TYR B 272 20.64 59.62 24.30
CA TYR B 272 19.80 60.61 23.66
C TYR B 272 20.24 62.04 23.93
N LEU B 273 21.22 62.28 24.79
CA LEU B 273 21.74 63.61 25.06
C LEU B 273 23.22 63.72 24.78
N ASN B 274 23.96 62.65 24.48
CA ASN B 274 25.37 62.72 24.22
C ASN B 274 25.75 62.91 22.77
N ARG B 275 24.79 62.95 21.88
CA ARG B 275 25.02 63.27 20.51
C ARG B 275 24.97 64.74 20.30
N GLY B 276 24.84 65.57 20.10
CA GLY B 276 24.80 67.00 19.92
C GLY B 276 25.44 67.81 21.01
N CYS B 277 24.93 68.97 21.26
CA CYS B 277 25.44 69.91 22.25
C CYS B 277 24.88 69.71 23.64
N THR B 278 25.75 69.59 24.65
CA THR B 278 25.38 69.39 26.04
C THR B 278 25.50 70.65 26.88
N ARG B 279 25.99 71.75 26.32
CA ARG B 279 26.17 73.01 27.00
C ARG B 279 24.88 73.72 27.43
N TYR B 280 24.91 74.36 28.60
CA TYR B 280 23.77 75.08 29.15
C TYR B 280 23.77 76.53 28.73
N PHE B 281 22.59 77.18 28.68
CA PHE B 281 22.48 78.60 28.39
C PHE B 281 22.56 79.34 29.70
N ALA B 282 23.48 80.01 30.05
CA ALA B 282 23.67 80.68 31.31
C ALA B 282 24.40 81.97 31.16
N ASN B 283 24.24 82.88 32.07
CA ASN B 283 24.88 84.15 32.19
C ASN B 283 25.95 84.05 33.26
N LYS B 284 26.79 85.08 33.46
CA LYS B 284 27.90 85.04 34.40
C LYS B 284 27.52 84.71 35.82
N GLU B 285 26.46 85.30 36.34
CA GLU B 285 25.96 85.02 37.65
C GLU B 285 25.42 83.61 37.81
N THR B 286 24.69 83.11 36.80
CA THR B 286 24.13 81.77 36.79
C THR B 286 25.16 80.68 36.64
N ASP B 287 26.30 80.94 35.98
CA ASP B 287 27.40 80.00 35.81
C ASP B 287 27.96 79.51 37.15
N LYS B 288 28.05 80.40 38.15
CA LYS B 288 28.49 80.01 39.46
C LYS B 288 27.39 79.39 40.29
N GLN B 289 26.13 79.57 39.94
CA GLN B 289 25.01 79.00 40.63
C GLN B 289 24.76 77.54 40.29
N ILE B 290 25.08 77.09 39.07
CA ILE B 290 24.93 75.72 38.65
C ILE B 290 25.94 74.83 39.38
N LEU B 291 25.46 73.73 39.98
CA LEU B 291 26.29 72.82 40.74
C LEU B 291 27.36 72.11 39.93
N GLN B 292 28.53 71.86 40.54
CA GLN B 292 29.69 71.26 39.92
C GLN B 292 29.45 69.88 39.34
N ASN B 293 28.65 69.03 40.00
CA ASN B 293 28.29 67.71 39.50
C ASN B 293 27.43 67.72 38.26
N ARG B 294 26.75 68.83 37.95
CA ARG B 294 25.92 68.96 36.78
C ARG B 294 26.71 69.40 35.56
N LYS B 295 27.92 69.91 35.74
CA LYS B 295 28.77 70.37 34.66
C LYS B 295 29.54 69.22 34.04
N SER B 296 29.27 68.95 32.76
CA SER B 296 29.92 67.91 31.99
C SER B 296 31.31 68.32 31.56
N PRO B 297 32.22 67.44 31.15
CA PRO B 297 33.54 67.83 30.68
C PRO B 297 33.53 68.77 29.49
N GLU B 298 32.54 68.66 28.60
CA GLU B 298 32.40 69.58 27.49
C GLU B 298 31.96 70.96 27.92
N TYR B 299 31.16 71.05 29.01
CA TYR B 299 30.78 72.32 29.59
C TYR B 299 31.97 72.91 30.32
N LEU B 300 32.80 72.09 30.98
CA LEU B 300 34.00 72.58 31.62
C LEU B 300 35.00 73.11 30.61
N LYS B 301 35.20 72.42 29.48
CA LYS B 301 36.08 72.87 28.43
C LYS B 301 35.57 74.04 27.60
N ALA B 302 34.32 74.01 27.13
CA ALA B 302 33.80 75.05 26.26
C ALA B 302 32.88 76.07 26.88
N GLY B 303 32.47 75.91 28.15
CA GLY B 303 31.61 76.85 28.84
C GLY B 303 30.20 76.97 28.36
N SER B 304 29.45 77.89 28.98
CA SER B 304 28.06 78.20 28.69
C SER B 304 27.78 78.73 27.31
N LEU B 305 26.53 78.73 26.89
CA LEU B 305 26.04 79.28 25.66
C LEU B 305 25.39 80.60 25.99
N LYS B 306 25.58 81.64 25.25
CA LYS B 306 25.06 82.96 25.51
C LYS B 306 23.85 83.31 24.68
N ASP B 307 22.82 83.92 25.29
CA ASP B 307 21.63 84.40 24.62
C ASP B 307 21.07 85.58 25.41
N PRO B 308 20.36 86.55 24.82
CA PRO B 308 19.78 87.65 25.58
C PRO B 308 18.64 87.27 26.40
N LEU B 309 17.93 86.21 26.05
CA LEU B 309 16.78 85.85 26.76
C LEU B 309 16.87 84.60 27.49
N LEU B 310 17.43 83.59 26.99
CA LEU B 310 17.49 82.34 27.64
C LEU B 310 18.52 82.11 28.72
N ASP B 311 18.12 81.47 29.81
CA ASP B 311 18.93 81.02 30.91
C ASP B 311 18.25 79.74 31.34
N ASP B 312 18.96 78.60 31.31
CA ASP B 312 18.35 77.32 31.63
C ASP B 312 17.96 77.21 33.10
N HIS B 313 18.81 77.66 34.05
CA HIS B 313 18.46 77.61 35.46
C HIS B 313 17.40 78.63 35.83
N GLY B 314 17.37 79.78 35.14
CA GLY B 314 16.36 80.82 35.30
C GLY B 314 15.00 80.42 34.81
N ASP B 315 14.94 79.74 33.66
CA ASP B 315 13.71 79.29 33.08
C ASP B 315 13.15 78.07 33.78
N PHE B 316 13.91 77.41 34.68
CA PHE B 316 13.40 76.29 35.46
C PHE B 316 12.60 76.84 36.64
N ILE B 317 12.99 78.01 37.17
CA ILE B 317 12.23 78.68 38.22
C ILE B 317 10.93 79.21 37.64
N ARG B 318 10.95 79.75 36.42
CA ARG B 318 9.74 80.25 35.80
C ARG B 318 8.92 79.14 35.16
N MET B 319 9.44 77.91 35.11
CA MET B 319 8.72 76.73 34.70
C MET B 319 7.92 76.23 35.87
N CYS B 320 8.55 76.09 37.06
CA CYS B 320 7.84 75.60 38.22
C CYS B 320 6.85 76.61 38.79
N THR B 321 7.06 77.90 38.52
CA THR B 321 6.07 78.94 38.85
C THR B 321 4.87 78.86 37.94
N ALA B 322 5.07 78.56 36.63
CA ALA B 322 3.99 78.42 35.68
C ALA B 322 3.21 77.12 35.84
N MET B 323 3.80 76.12 36.52
CA MET B 323 3.14 74.87 36.83
C MET B 323 2.12 75.06 37.93
N LYS B 324 2.45 75.83 38.98
CA LYS B 324 1.48 76.09 40.03
C LYS B 324 0.45 77.14 39.61
N LYS B 325 0.68 77.86 38.48
CA LYS B 325 -0.30 78.79 37.97
C LYS B 325 -1.29 78.14 37.01
N ILE B 326 -1.00 76.93 36.50
CA ILE B 326 -1.97 76.16 35.73
C ILE B 326 -2.60 75.09 36.60
N GLY B 327 -2.23 75.06 37.89
CA GLY B 327 -2.79 74.14 38.87
C GLY B 327 -2.14 72.78 38.95
N LEU B 328 -0.93 72.60 38.44
CA LEU B 328 -0.22 71.34 38.48
C LEU B 328 0.38 71.11 39.85
N ASP B 329 0.02 70.02 40.52
CA ASP B 329 0.50 69.67 41.84
C ASP B 329 1.96 69.25 41.83
N ASP B 330 2.71 69.55 42.90
CA ASP B 330 4.12 69.19 42.97
C ASP B 330 4.34 67.67 42.99
N GLU B 331 3.38 66.90 43.53
CA GLU B 331 3.43 65.45 43.50
C GLU B 331 3.21 64.86 42.11
N GLU B 332 2.54 65.61 41.22
CA GLU B 332 2.31 65.22 39.84
C GLU B 332 3.46 65.69 38.96
N LYS B 333 4.15 66.77 39.38
CA LYS B 333 5.35 67.24 38.74
C LYS B 333 6.50 66.27 38.92
N LEU B 334 6.54 65.56 40.07
CA LEU B 334 7.54 64.54 40.29
C LEU B 334 7.30 63.30 39.45
N ASP B 335 6.03 62.98 39.11
CA ASP B 335 5.76 61.90 38.19
C ASP B 335 6.03 62.31 36.75
N LEU B 336 5.95 63.62 36.43
CA LEU B 336 6.34 64.12 35.12
C LEU B 336 7.85 64.05 34.93
N PHE B 337 8.61 64.26 36.02
CA PHE B 337 10.05 64.12 36.01
C PHE B 337 10.49 62.66 35.93
N ARG B 338 9.67 61.71 36.44
CA ARG B 338 9.97 60.29 36.35
C ARG B 338 9.76 59.76 34.94
N VAL B 339 8.84 60.34 34.16
CA VAL B 339 8.61 59.94 32.78
C VAL B 339 9.71 60.48 31.88
N VAL B 340 10.17 61.71 32.10
CA VAL B 340 11.26 62.29 31.31
C VAL B 340 12.57 61.60 31.60
N ALA B 341 12.86 61.25 32.87
CA ALA B 341 14.05 60.51 33.21
C ALA B 341 14.00 59.05 32.74
N GLY B 342 12.79 58.46 32.63
CA GLY B 342 12.66 57.11 32.09
C GLY B 342 12.94 57.01 30.62
N VAL B 343 12.80 58.12 29.85
CA VAL B 343 13.17 58.13 28.45
C VAL B 343 14.68 58.19 28.31
N LEU B 344 15.36 58.90 29.23
CA LEU B 344 16.80 58.97 29.25
C LEU B 344 17.46 57.65 29.59
N HIS B 345 16.89 56.87 30.53
CA HIS B 345 17.50 55.59 30.84
C HIS B 345 16.96 54.47 29.97
N LEU B 346 16.07 54.77 29.01
CA LEU B 346 15.65 53.84 27.99
C LEU B 346 16.70 53.78 26.91
N GLY B 347 17.28 54.95 26.56
CA GLY B 347 18.33 55.06 25.55
C GLY B 347 19.64 54.44 25.93
N ASN B 348 19.85 54.15 27.23
CA ASN B 348 21.05 53.51 27.70
C ASN B 348 20.98 52.00 27.62
N ILE B 349 19.95 51.41 27.03
CA ILE B 349 19.84 49.99 26.81
C ILE B 349 20.44 49.62 25.47
N ASP B 350 21.45 48.73 25.49
CA ASP B 350 22.20 48.28 24.34
C ASP B 350 21.99 46.78 24.12
N PHE B 351 21.75 46.39 22.87
CA PHE B 351 21.46 45.05 22.43
C PHE B 351 22.66 44.30 21.87
N GLU B 352 22.57 42.96 21.76
CA GLU B 352 23.54 42.15 21.07
C GLU B 352 22.84 40.93 20.50
N GLU B 353 23.57 39.94 19.98
CA GLU B 353 22.98 38.75 19.38
C GLU B 353 23.20 37.51 20.09
N ALA B 354 22.31 36.56 20.11
CA ALA B 354 22.36 35.29 20.71
C ALA B 354 21.62 34.34 20.45
N GLY B 355 21.79 33.47 21.14
CA GLY B 355 21.14 32.54 21.02
C GLY B 355 20.77 31.33 20.74
N SER B 356 19.91 30.93 21.40
CA SER B 356 19.41 29.79 21.27
C SER B 356 18.63 29.77 20.17
N THR B 357 17.99 30.85 19.82
CA THR B 357 17.30 31.05 18.76
C THR B 357 18.12 31.11 17.68
N SER B 358 19.26 31.36 17.92
CA SER B 358 20.24 31.44 17.09
C SER B 358 20.11 32.66 16.36
N GLY B 359 19.47 33.30 16.06
CA GLY B 359 19.21 34.52 15.43
C GLY B 359 18.71 35.45 16.12
N GLY B 360 18.66 35.49 17.21
CA GLY B 360 18.15 36.30 17.95
C GLY B 360 18.68 37.45 18.56
N CYS B 361 18.25 38.26 19.23
CA CYS B 361 18.64 39.43 19.91
C CYS B 361 18.61 39.25 21.42
N ASN B 362 19.65 39.74 22.12
CA ASN B 362 19.73 39.73 23.56
C ASN B 362 20.19 41.12 23.99
N LEU B 363 20.61 41.32 25.25
CA LEU B 363 21.09 42.62 25.71
C LEU B 363 22.55 42.51 26.11
N LYS B 364 23.23 43.65 26.30
CA LYS B 364 24.60 43.68 26.73
C LYS B 364 24.73 43.67 28.25
N ASN B 365 25.91 43.29 28.77
CA ASN B 365 26.20 43.21 30.20
C ASN B 365 26.10 44.54 30.90
N LYS B 366 26.45 45.64 30.22
CA LYS B 366 26.35 46.99 30.72
C LYS B 366 24.92 47.51 30.82
N SER B 367 23.95 46.79 30.26
CA SER B 367 22.56 47.17 30.24
C SER B 367 21.74 46.50 31.32
N THR B 368 22.35 46.04 32.42
CA THR B 368 21.63 45.37 33.48
C THR B 368 21.36 46.32 34.60
N GLN B 369 22.33 47.19 34.93
CA GLN B 369 22.16 48.24 35.92
C GLN B 369 21.27 49.33 35.38
N ALA B 370 21.36 49.59 34.06
CA ALA B 370 20.53 50.57 33.41
C ALA B 370 19.10 50.09 33.24
N LEU B 371 18.87 48.77 33.14
CA LEU B 371 17.54 48.22 33.04
C LEU B 371 16.85 48.18 34.40
N GLU B 372 17.60 48.07 35.51
CA GLU B 372 16.99 48.13 36.82
C GLU B 372 16.51 49.53 37.17
N TYR B 373 17.26 50.57 36.80
CA TYR B 373 16.84 51.95 37.01
C TYR B 373 15.79 52.42 36.01
N CYS B 374 15.71 51.81 34.81
CA CYS B 374 14.72 52.19 33.82
C CYS B 374 13.34 51.63 34.14
N ALA B 375 13.29 50.41 34.68
CA ALA B 375 12.04 49.74 34.99
C ALA B 375 11.45 50.24 36.30
N GLU B 376 12.26 50.93 37.12
CA GLU B 376 11.84 51.54 38.36
C GLU B 376 11.13 52.85 38.11
N LEU B 377 11.54 53.59 37.06
CA LEU B 377 10.93 54.83 36.66
C LEU B 377 9.68 54.59 35.84
N LEU B 378 9.70 53.61 34.93
CA LEU B 378 8.55 53.25 34.11
C LEU B 378 7.46 52.49 34.85
N GLY B 379 7.81 51.66 35.86
CA GLY B 379 6.80 50.90 36.61
C GLY B 379 6.44 49.60 35.98
N LEU B 380 7.44 48.90 35.43
CA LEU B 380 7.28 47.65 34.73
C LEU B 380 8.23 46.63 35.33
N ASP B 381 8.02 45.33 35.06
CA ASP B 381 8.92 44.29 35.50
C ASP B 381 10.09 44.20 34.52
N GLN B 382 11.30 43.83 34.99
CA GLN B 382 12.48 43.83 34.15
C GLN B 382 12.49 42.69 33.15
N ASP B 383 12.05 41.49 33.57
CA ASP B 383 12.00 40.34 32.70
C ASP B 383 10.94 40.49 31.61
N ASP B 384 9.77 41.07 31.92
CA ASP B 384 8.71 41.28 30.95
C ASP B 384 8.99 42.44 29.99
N LEU B 385 9.98 43.30 30.29
CA LEU B 385 10.35 44.38 29.41
C LEU B 385 11.50 43.94 28.53
N ARG B 386 12.32 42.99 29.02
CA ARG B 386 13.42 42.48 28.25
C ARG B 386 12.98 41.55 27.12
N VAL B 387 11.91 40.77 27.31
CA VAL B 387 11.35 39.97 26.23
C VAL B 387 10.23 40.70 25.52
N SER B 388 10.19 42.03 25.58
CA SER B 388 9.22 42.81 24.83
C SER B 388 9.94 43.76 23.93
N LEU B 389 11.16 44.18 24.32
CA LEU B 389 12.02 44.93 23.44
C LEU B 389 12.70 44.03 22.42
N THR B 390 12.86 42.74 22.72
CA THR B 390 13.58 41.82 21.84
C THR B 390 12.73 40.80 21.10
N THR B 391 11.39 40.77 21.22
CA THR B 391 10.60 39.78 20.50
C THR B 391 9.43 40.36 19.75
N ARG B 392 8.92 39.58 18.76
CA ARG B 392 7.74 39.86 17.98
C ARG B 392 6.69 38.86 18.42
N VAL B 393 5.76 39.32 19.28
CA VAL B 393 4.67 38.51 19.79
C VAL B 393 3.60 38.30 18.73
N MET B 394 3.14 37.05 18.54
CA MET B 394 2.08 36.80 17.60
C MET B 394 1.24 35.66 18.14
N LEU B 395 0.08 35.36 17.56
CA LEU B 395 -0.77 34.32 18.08
C LEU B 395 -1.21 33.35 17.00
N THR B 396 -1.70 32.18 17.44
CA THR B 396 -2.21 31.14 16.57
C THR B 396 -3.64 30.81 16.92
N THR B 397 -4.23 31.56 17.85
CA THR B 397 -5.59 31.43 18.32
C THR B 397 -6.64 31.72 17.26
N THR B 404 -2.30 29.34 20.66
CA THR B 404 -1.62 29.99 21.77
C THR B 404 -0.99 31.28 21.29
N VAL B 405 -0.22 31.97 22.14
CA VAL B 405 0.42 33.24 21.84
C VAL B 405 1.92 33.03 21.97
N ILE B 406 2.64 32.97 20.84
CA ILE B 406 4.06 32.74 20.79
C ILE B 406 4.86 34.03 20.76
N LYS B 407 6.19 33.92 20.85
CA LYS B 407 7.10 35.04 20.82
C LYS B 407 8.22 34.69 19.87
N VAL B 408 8.61 35.62 18.98
CA VAL B 408 9.58 35.38 17.93
C VAL B 408 10.67 36.44 18.03
N PRO B 409 11.91 36.17 18.43
CA PRO B 409 12.93 37.20 18.58
C PRO B 409 13.20 38.06 17.37
N LEU B 410 13.42 39.35 17.59
CA LEU B 410 13.67 40.34 16.56
C LEU B 410 15.13 40.41 16.19
N LYS B 411 15.44 41.11 15.09
CA LYS B 411 16.80 41.37 14.66
C LYS B 411 17.41 42.49 15.51
N VAL B 412 18.72 42.72 15.43
CA VAL B 412 19.41 43.69 16.26
C VAL B 412 19.15 45.10 15.79
N GLU B 413 19.10 45.34 14.48
CA GLU B 413 18.77 46.64 13.96
C GLU B 413 17.32 46.98 14.20
N GLN B 414 16.43 45.97 14.19
CA GLN B 414 15.04 46.22 14.50
C GLN B 414 14.79 46.37 15.99
N ALA B 415 15.70 45.89 16.86
CA ALA B 415 15.66 46.13 18.28
C ALA B 415 16.07 47.54 18.63
N ASN B 416 17.10 48.06 17.92
CA ASN B 416 17.54 49.43 18.12
C ASN B 416 16.51 50.40 17.59
N ASN B 417 15.80 50.04 16.51
CA ASN B 417 14.71 50.87 16.03
C ASN B 417 13.47 50.76 16.90
N ALA B 418 13.25 49.64 17.60
CA ALA B 418 12.12 49.49 18.50
C ALA B 418 12.29 50.26 19.81
N ARG B 419 13.53 50.38 20.32
CA ARG B 419 13.79 51.11 21.55
C ARG B 419 13.66 52.60 21.34
N ASP B 420 14.11 53.06 20.17
CA ASP B 420 14.03 54.43 19.75
C ASP B 420 12.60 54.82 19.40
N ALA B 421 11.79 53.88 18.85
CA ALA B 421 10.39 54.13 18.56
C ALA B 421 9.55 54.13 19.83
N LEU B 422 9.95 53.35 20.85
CA LEU B 422 9.26 53.35 22.13
C LEU B 422 9.53 54.64 22.89
N ALA B 423 10.73 55.22 22.72
CA ALA B 423 11.06 56.50 23.33
C ALA B 423 10.31 57.67 22.70
N LYS B 424 10.09 57.63 21.38
CA LYS B 424 9.35 58.65 20.67
C LYS B 424 7.86 58.52 20.91
N THR B 425 7.38 57.31 21.22
CA THR B 425 5.98 57.07 21.52
C THR B 425 5.60 57.63 22.87
N VAL B 426 6.46 57.51 23.89
CA VAL B 426 6.18 58.09 25.19
C VAL B 426 6.20 59.61 25.18
N TYR B 427 7.12 60.24 24.44
CA TYR B 427 7.17 61.68 24.38
C TYR B 427 6.01 62.28 23.59
N SER B 428 5.44 61.50 22.63
CA SER B 428 4.25 61.91 21.89
C SER B 428 3.05 62.05 22.79
N HIS B 429 2.77 61.03 23.61
CA HIS B 429 1.65 61.06 24.54
C HIS B 429 1.92 61.95 25.73
N LEU B 430 3.19 62.25 26.04
CA LEU B 430 3.54 63.19 27.10
C LEU B 430 3.28 64.62 26.67
N PHE B 431 3.51 64.96 25.39
CA PHE B 431 3.26 66.30 24.89
C PHE B 431 1.77 66.58 24.78
N ASP B 432 0.97 65.56 24.42
CA ASP B 432 -0.47 65.69 24.39
C ASP B 432 -1.08 65.75 25.78
N HIS B 433 -0.41 65.19 26.80
CA HIS B 433 -0.88 65.25 28.17
C HIS B 433 -0.66 66.61 28.80
N VAL B 434 0.44 67.30 28.44
CA VAL B 434 0.71 68.63 28.94
C VAL B 434 -0.27 69.64 28.37
N VAL B 435 -0.60 69.58 27.06
CA VAL B 435 -1.59 70.49 26.49
C VAL B 435 -3.00 70.19 26.97
N ASN B 436 -3.29 68.96 27.42
CA ASN B 436 -4.59 68.60 27.95
C ASN B 436 -4.74 69.11 29.37
N ARG B 437 -3.63 69.19 30.13
CA ARG B 437 -3.64 69.77 31.47
C ARG B 437 -3.84 71.29 31.39
N VAL B 438 -3.23 71.95 30.40
CA VAL B 438 -3.38 73.38 30.15
C VAL B 438 -4.74 73.73 29.56
N ASN B 439 -5.26 72.96 28.58
CA ASN B 439 -6.60 73.20 28.03
C ASN B 439 -7.70 73.10 29.08
N GLN B 440 -7.48 72.29 30.13
CA GLN B 440 -8.38 72.17 31.26
C GLN B 440 -8.41 73.39 32.14
N CYS B 441 -7.50 74.37 31.99
CA CYS B 441 -7.51 75.60 32.77
C CYS B 441 -8.24 76.71 32.05
N PHE B 442 -8.78 76.45 30.85
CA PHE B 442 -9.63 77.38 30.15
C PHE B 442 -10.75 76.70 29.37
N PRO B 443 -11.53 75.81 29.95
CA PRO B 443 -12.57 75.08 29.24
C PRO B 443 -13.64 75.92 28.58
N PHE B 444 -14.24 75.46 27.52
CA PHE B 444 -15.26 76.16 26.79
C PHE B 444 -16.58 75.47 26.78
N GLU B 445 -17.64 76.21 26.69
CA GLU B 445 -18.98 75.72 26.66
C GLU B 445 -19.67 76.13 25.50
N THR B 446 -20.65 76.07 24.93
CA THR B 446 -21.41 76.38 23.81
C THR B 446 -20.83 77.38 22.85
N SER B 447 -20.27 76.98 21.86
CA SER B 447 -19.58 77.79 20.89
C SER B 447 -20.21 77.82 19.52
N SER B 448 -19.86 78.78 18.69
CA SER B 448 -20.34 78.96 17.34
C SER B 448 -19.24 79.57 16.51
N TYR B 449 -18.80 80.79 16.85
CA TYR B 449 -17.72 81.45 16.16
C TYR B 449 -16.43 81.25 16.91
N PHE B 450 -15.28 81.43 16.25
CA PHE B 450 -13.99 81.21 16.88
C PHE B 450 -12.89 81.87 16.09
N ILE B 451 -11.81 82.28 16.78
CA ILE B 451 -10.69 82.96 16.17
C ILE B 451 -9.47 82.13 16.46
N GLY B 452 -8.89 81.53 15.41
CA GLY B 452 -7.72 80.68 15.52
C GLY B 452 -6.46 81.48 15.36
N VAL B 453 -5.35 81.09 16.00
CA VAL B 453 -4.06 81.75 15.83
C VAL B 453 -2.96 80.73 15.61
N LEU B 454 -2.49 80.60 14.36
CA LEU B 454 -1.40 79.69 14.00
C LEU B 454 -0.03 80.29 14.30
N ASP B 455 0.96 79.47 14.71
CA ASP B 455 2.31 79.90 14.99
C ASP B 455 3.23 78.76 14.54
N ILE B 456 3.70 78.86 13.29
CA ILE B 456 4.55 77.86 12.67
C ILE B 456 5.61 78.57 11.87
N ALA B 457 6.85 78.05 11.87
CA ALA B 457 7.98 78.64 11.23
C ALA B 457 7.97 78.62 9.73
N GLY B 458 8.66 79.57 9.11
CA GLY B 458 8.76 79.67 7.68
C GLY B 458 9.89 79.02 7.07
N PHE B 459 10.22 78.94 5.92
CA PHE B 459 11.28 78.36 5.17
C PHE B 459 12.64 78.49 5.83
N GLU B 460 13.00 77.68 6.64
CA GLU B 460 14.24 77.74 7.37
C GLU B 460 15.26 76.86 6.82
N TYR B 461 16.10 77.16 6.10
CA TYR B 461 17.10 76.39 5.52
C TYR B 461 18.47 76.58 5.97
N PHE B 462 19.17 75.55 6.18
CA PHE B 462 20.46 75.55 6.70
C PHE B 462 21.48 75.15 5.67
N GLU B 463 22.74 74.97 6.09
CA GLU B 463 23.80 74.50 5.23
C GLU B 463 23.71 73.00 5.07
N HIS B 464 23.36 72.28 6.12
CA HIS B 464 23.10 70.86 6.11
C HIS B 464 21.64 70.64 6.37
N ASN B 465 20.91 70.05 5.40
CA ASN B 465 19.48 69.83 5.51
C ASN B 465 19.17 68.35 5.49
N SER B 466 18.21 67.93 6.32
CA SER B 466 17.82 66.54 6.48
C SER B 466 16.32 66.38 6.31
N PHE B 467 15.73 65.38 6.99
CA PHE B 467 14.34 64.98 6.91
C PHE B 467 13.43 66.01 7.54
N GLU B 468 13.79 66.56 8.70
CA GLU B 468 12.97 67.52 9.37
C GLU B 468 12.94 68.85 8.65
N GLN B 469 14.01 69.20 7.91
CA GLN B 469 14.01 70.39 7.08
C GLN B 469 13.23 70.18 5.80
N PHE B 470 12.96 68.92 5.44
CA PHE B 470 12.18 68.60 4.28
C PHE B 470 10.72 68.59 4.70
N CYS B 471 10.42 68.19 5.95
CA CYS B 471 9.07 68.33 6.46
C CYS B 471 8.65 69.78 6.70
N ILE B 472 9.58 70.67 7.09
CA ILE B 472 9.29 72.10 7.23
C ILE B 472 9.10 72.79 5.90
N ASN B 473 9.92 72.44 4.88
CA ASN B 473 9.78 73.05 3.58
C ASN B 473 8.61 72.50 2.82
N TYR B 474 8.22 71.23 3.07
CA TYR B 474 7.03 70.65 2.48
C TYR B 474 5.78 71.27 3.11
N CYS B 475 5.80 71.56 4.40
CA CYS B 475 4.68 72.23 5.03
C CYS B 475 4.59 73.67 4.58
N ASN B 476 5.73 74.34 4.33
CA ASN B 476 5.72 75.66 3.75
C ASN B 476 5.24 75.70 2.31
N GLU B 477 5.49 74.67 1.48
CA GLU B 477 4.97 74.64 0.13
C GLU B 477 3.46 74.44 0.06
N LYS B 478 2.87 73.76 1.06
CA LYS B 478 1.44 73.57 1.13
C LYS B 478 0.76 74.81 1.66
N LEU B 479 1.40 75.50 2.62
CA LEU B 479 0.89 76.76 3.14
C LEU B 479 1.03 77.85 2.10
N GLN B 480 2.11 77.87 1.29
CA GLN B 480 2.23 78.83 0.23
C GLN B 480 1.26 78.56 -0.92
N GLN B 481 0.84 77.30 -1.16
CA GLN B 481 -0.23 77.07 -2.13
C GLN B 481 -1.58 77.51 -1.58
N PHE B 482 -1.75 77.52 -0.25
CA PHE B 482 -2.90 78.11 0.41
C PHE B 482 -2.89 79.62 0.27
N PHE B 483 -1.70 80.26 0.40
CA PHE B 483 -1.57 81.68 0.24
C PHE B 483 -1.75 82.09 -1.21
N ASN B 484 -1.46 81.21 -2.18
CA ASN B 484 -1.71 81.54 -3.57
C ASN B 484 -3.18 81.42 -3.94
N GLU B 485 -4.01 80.69 -3.16
CA GLU B 485 -5.43 80.66 -3.47
C GLU B 485 -6.25 81.46 -2.49
N ARG B 486 -5.62 82.09 -1.49
CA ARG B 486 -6.33 82.98 -0.58
C ARG B 486 -5.87 84.41 -0.70
N ILE B 487 -4.63 84.68 -1.15
CA ILE B 487 -4.13 86.03 -1.31
C ILE B 487 -4.23 86.41 -2.76
N LEU B 488 -4.04 85.49 -3.72
CA LEU B 488 -4.11 85.88 -5.11
C LEU B 488 -5.45 85.53 -5.74
N LYS B 489 -5.97 84.31 -5.55
CA LYS B 489 -7.27 83.96 -6.14
C LYS B 489 -8.45 84.70 -5.52
N GLU B 490 -8.56 84.72 -4.19
CA GLU B 490 -9.63 85.42 -3.51
C GLU B 490 -9.60 86.93 -3.71
N GLU B 491 -8.42 87.52 -3.74
CA GLU B 491 -8.26 88.93 -3.98
C GLU B 491 -8.72 89.38 -5.34
N GLN B 492 -8.50 88.59 -6.39
CA GLN B 492 -8.96 89.00 -7.70
C GLN B 492 -10.43 88.71 -7.90
N GLU B 493 -11.03 87.91 -7.01
CA GLU B 493 -12.45 87.76 -6.93
C GLU B 493 -13.07 89.00 -6.31
N LEU B 494 -12.30 89.73 -5.51
CA LEU B 494 -12.70 90.93 -4.82
C LEU B 494 -12.61 92.14 -5.72
N TYR B 495 -11.73 92.09 -6.71
CA TYR B 495 -11.63 93.15 -7.68
C TYR B 495 -12.81 93.07 -8.62
N GLN B 496 -13.37 91.88 -8.79
CA GLN B 496 -14.55 91.71 -9.58
C GLN B 496 -15.81 91.82 -8.74
N LYS B 497 -15.69 92.08 -7.43
CA LYS B 497 -16.81 92.32 -6.57
C LYS B 497 -16.98 93.78 -6.25
N GLU B 498 -15.97 94.54 -6.38
CA GLU B 498 -16.01 95.94 -6.17
C GLU B 498 -16.17 96.68 -7.43
N GLY B 499 -16.42 96.38 -8.42
CA GLY B 499 -16.67 97.03 -9.66
C GLY B 499 -15.47 97.40 -10.40
N LEU B 500 -14.29 96.95 -9.98
CA LEU B 500 -13.06 97.26 -10.62
C LEU B 500 -12.84 96.45 -11.84
N GLY B 501 -13.29 95.21 -11.85
CA GLY B 501 -13.21 94.32 -12.98
C GLY B 501 -11.91 93.67 -13.14
N VAL B 502 -10.94 93.94 -13.37
CA VAL B 502 -9.59 93.46 -13.58
C VAL B 502 -9.52 92.11 -14.25
N ASN B 503 -8.79 92.03 -15.37
CA ASN B 503 -8.59 90.81 -16.09
C ASN B 503 -7.74 89.84 -15.32
N GLU B 504 -8.13 88.60 -15.28
CA GLU B 504 -7.50 87.58 -14.53
C GLU B 504 -6.10 87.27 -14.94
N VAL B 505 -5.18 87.24 -14.00
CA VAL B 505 -3.80 86.92 -14.19
C VAL B 505 -3.52 85.64 -13.49
N HIS B 506 -2.98 84.65 -14.19
CA HIS B 506 -2.75 83.36 -13.62
C HIS B 506 -1.45 83.26 -12.94
N TYR B 507 -1.41 82.59 -11.86
CA TYR B 507 -0.25 82.37 -11.09
C TYR B 507 0.40 81.11 -11.31
N VAL B 508 1.66 80.98 -11.00
CA VAL B 508 2.38 79.83 -11.17
C VAL B 508 2.24 78.87 -10.07
N ASP B 509 1.68 77.79 -10.32
CA ASP B 509 1.38 76.81 -9.40
C ASP B 509 2.49 75.98 -8.85
N ASN B 510 2.44 75.49 -7.65
CA ASN B 510 3.39 74.64 -6.99
C ASN B 510 2.83 73.26 -6.74
N GLN B 511 1.77 72.92 -7.46
CA GLN B 511 1.08 71.67 -7.39
C GLN B 511 1.93 70.54 -7.90
N ASP B 512 2.89 70.83 -8.76
CA ASP B 512 3.82 69.85 -9.25
C ASP B 512 4.80 69.37 -8.19
N CYS B 513 5.09 70.19 -7.18
CA CYS B 513 5.93 69.79 -6.07
C CYS B 513 5.19 68.93 -5.09
N ILE B 514 3.88 69.15 -4.96
CA ILE B 514 3.02 68.38 -4.10
C ILE B 514 2.85 66.98 -4.64
N ASP B 515 2.73 66.85 -5.96
CA ASP B 515 2.63 65.61 -6.65
C ASP B 515 4.02 65.14 -7.06
N LEU B 516 4.97 65.39 -6.18
CA LEU B 516 6.32 64.89 -6.23
C LEU B 516 6.61 64.38 -4.84
N ILE B 517 6.51 65.26 -3.83
CA ILE B 517 6.73 64.86 -2.45
C ILE B 517 5.68 63.88 -1.92
N GLU B 518 4.38 64.17 -2.09
CA GLU B 518 3.33 63.33 -1.56
C GLU B 518 2.47 62.62 -2.60
N ALA B 519 2.89 62.52 -3.86
CA ALA B 519 2.12 61.80 -4.88
C ALA B 519 1.85 60.34 -4.56
N ARG B 520 0.67 59.82 -4.88
CA ARG B 520 0.31 58.46 -4.60
C ARG B 520 1.04 57.46 -5.48
N LEU B 521 1.70 56.49 -4.84
CA LEU B 521 2.46 55.41 -5.41
C LEU B 521 3.81 55.81 -5.95
N VAL B 522 3.92 56.98 -6.61
CA VAL B 522 5.13 57.46 -7.20
C VAL B 522 5.80 58.58 -6.44
N GLY B 523 5.20 59.08 -5.34
CA GLY B 523 5.79 60.15 -4.55
C GLY B 523 6.99 59.76 -3.74
N ILE B 524 7.71 60.74 -3.18
CA ILE B 524 8.90 60.50 -2.38
C ILE B 524 8.54 59.87 -1.06
N LEU B 525 7.45 60.29 -0.41
CA LEU B 525 7.02 59.68 0.83
C LEU B 525 6.39 58.30 0.60
N ASP B 526 5.98 58.00 -0.65
CA ASP B 526 5.42 56.73 -1.07
C ASP B 526 6.49 55.73 -1.47
N ILE B 527 7.76 56.15 -1.42
CA ILE B 527 8.91 55.31 -1.70
C ILE B 527 9.68 55.20 -0.41
N LEU B 528 9.71 56.26 0.41
CA LEU B 528 10.35 56.23 1.72
C LEU B 528 9.63 55.32 2.69
N ASP B 529 8.29 55.33 2.69
CA ASP B 529 7.56 54.43 3.55
C ASP B 529 7.55 53.01 3.01
N GLU B 530 7.88 52.80 1.72
CA GLU B 530 7.95 51.47 1.18
C GLU B 530 9.32 50.85 1.40
N GLU B 531 10.36 51.68 1.56
CA GLU B 531 11.71 51.25 1.87
C GLU B 531 11.80 50.66 3.25
N ASN B 532 11.08 51.23 4.23
CA ASN B 532 11.09 50.71 5.56
C ASN B 532 10.41 49.35 5.64
N ARG B 533 9.42 49.09 4.78
CA ARG B 533 8.77 47.80 4.73
C ARG B 533 9.62 46.73 4.05
N LEU B 534 10.61 47.12 3.23
CA LEU B 534 11.51 46.21 2.55
C LEU B 534 12.51 45.54 3.48
N PRO B 535 12.83 44.25 3.39
CA PRO B 535 13.84 43.62 4.22
C PRO B 535 15.20 44.14 3.95
N GLN B 536 16.04 44.50 4.62
CA GLN B 536 17.35 45.08 4.51
C GLN B 536 17.34 46.47 3.85
N PRO B 537 16.68 47.50 4.40
CA PRO B 537 16.62 48.83 3.83
C PRO B 537 17.97 49.47 3.53
N SER B 538 18.08 50.33 2.51
CA SER B 538 19.33 50.96 2.16
C SER B 538 19.14 52.39 1.72
N ASP B 539 20.09 53.26 2.09
CA ASP B 539 20.04 54.68 1.80
C ASP B 539 20.48 54.93 0.36
N GLN B 540 21.32 54.04 -0.18
CA GLN B 540 21.75 54.08 -1.56
C GLN B 540 20.63 53.60 -2.47
N HIS B 541 19.82 52.64 -2.00
CA HIS B 541 18.68 52.15 -2.74
C HIS B 541 17.54 53.14 -2.74
N PHE B 542 17.36 53.90 -1.65
CA PHE B 542 16.35 54.92 -1.59
C PHE B 542 16.74 56.14 -2.43
N THR B 543 18.03 56.49 -2.51
CA THR B 543 18.44 57.65 -3.29
C THR B 543 18.34 57.36 -4.77
N SER B 544 18.72 56.15 -5.19
CA SER B 544 18.59 55.75 -6.59
C SER B 544 17.15 55.52 -6.98
N ALA B 545 16.24 55.23 -6.04
CA ALA B 545 14.86 55.05 -6.36
C ALA B 545 14.13 56.35 -6.61
N VAL B 546 14.67 57.50 -6.14
CA VAL B 546 14.04 58.77 -6.45
C VAL B 546 14.36 59.14 -7.87
N HIS B 547 15.62 58.98 -8.29
CA HIS B 547 16.02 59.26 -9.64
C HIS B 547 15.59 58.22 -10.64
N GLN B 548 15.36 56.97 -10.21
CA GLN B 548 14.79 55.96 -11.08
C GLN B 548 13.30 56.13 -11.31
N LYS B 549 12.56 56.64 -10.32
CA LYS B 549 11.13 56.82 -10.45
C LYS B 549 10.75 58.13 -11.09
N HIS B 550 11.49 59.20 -10.81
CA HIS B 550 11.24 60.47 -11.42
C HIS B 550 12.41 60.90 -12.19
N LYS B 551 12.77 60.41 -13.29
CA LYS B 551 13.87 60.71 -14.16
C LYS B 551 13.76 61.99 -14.83
N ASP B 552 12.59 62.40 -15.15
CA ASP B 552 12.36 63.60 -15.76
C ASP B 552 11.57 64.58 -15.09
N HIS B 553 11.50 65.17 -14.22
CA HIS B 553 10.75 66.14 -13.55
C HIS B 553 11.56 67.35 -13.37
N PHE B 554 11.02 68.50 -13.68
CA PHE B 554 11.67 69.75 -13.64
C PHE B 554 12.00 70.29 -12.28
N ARG B 555 11.34 69.88 -11.27
CA ARG B 555 11.58 70.26 -9.92
C ARG B 555 12.70 69.48 -9.26
N LEU B 556 13.13 68.37 -9.81
CA LEU B 556 14.13 67.50 -9.24
C LEU B 556 15.47 67.64 -9.93
N SER B 557 16.56 67.66 -9.16
CA SER B 557 17.90 67.74 -9.70
C SER B 557 18.85 66.88 -8.88
N ILE B 558 19.98 66.49 -9.47
CA ILE B 558 21.01 65.67 -8.89
C ILE B 558 22.12 66.54 -8.38
N PRO B 559 22.90 66.19 -7.36
CA PRO B 559 23.96 67.00 -6.84
C PRO B 559 24.97 67.49 -7.85
N ARG B 560 25.31 66.72 -8.88
CA ARG B 560 26.24 67.13 -9.90
C ARG B 560 25.68 68.13 -10.86
N LYS B 561 24.36 68.31 -10.90
CA LYS B 561 23.74 69.29 -11.72
C LYS B 561 23.63 70.62 -11.01
N SER B 562 24.00 70.74 -9.80
CA SER B 562 24.00 71.96 -9.03
C SER B 562 25.16 72.74 -9.11
N LYS B 563 25.07 74.00 -9.11
CA LYS B 563 26.14 74.85 -9.20
C LYS B 563 26.80 75.32 -7.97
N LEU B 564 26.14 75.19 -6.85
CA LEU B 564 26.71 75.56 -5.59
C LEU B 564 27.79 74.63 -5.16
N ALA B 565 28.83 75.18 -4.69
CA ALA B 565 29.99 74.48 -4.30
C ALA B 565 29.86 73.42 -3.29
N ILE B 566 29.08 73.64 -2.33
CA ILE B 566 28.83 72.67 -1.33
C ILE B 566 28.26 71.47 -1.80
N HIS B 567 27.46 71.62 -2.77
CA HIS B 567 26.90 70.55 -3.35
C HIS B 567 27.77 69.85 -4.21
N ARG B 568 28.90 70.35 -4.43
CA ARG B 568 29.82 69.70 -5.19
C ARG B 568 30.63 68.71 -4.49
N ASN B 569 30.57 68.68 -3.20
CA ASN B 569 31.23 67.74 -2.44
C ASN B 569 30.40 66.53 -2.15
N ILE B 570 29.07 66.66 -2.24
CA ILE B 570 28.11 65.61 -2.03
C ILE B 570 28.09 64.65 -3.21
N ARG B 571 28.08 63.33 -2.97
CA ARG B 571 28.06 62.33 -4.02
C ARG B 571 26.66 61.98 -4.45
N ASP B 572 26.50 61.35 -5.61
CA ASP B 572 25.23 60.99 -6.20
C ASP B 572 24.31 60.19 -5.30
N ASP B 573 24.86 59.26 -4.53
CA ASP B 573 24.11 58.44 -3.61
C ASP B 573 24.06 59.03 -2.21
N GLU B 574 24.40 60.31 -2.03
CA GLU B 574 24.39 60.98 -0.75
C GLU B 574 23.34 62.08 -0.64
N GLY B 575 22.41 62.24 -1.62
CA GLY B 575 21.42 63.31 -1.52
C GLY B 575 20.86 63.74 -2.84
N PHE B 576 19.77 64.53 -2.80
CA PHE B 576 19.02 64.95 -3.97
C PHE B 576 18.46 66.35 -3.76
N ILE B 577 18.30 67.11 -4.86
CA ILE B 577 17.91 68.50 -4.80
C ILE B 577 16.50 68.69 -5.33
N ILE B 578 15.62 69.22 -4.47
CA ILE B 578 14.25 69.58 -4.80
C ILE B 578 14.19 71.07 -4.96
N ARG B 579 13.67 71.56 -6.11
CA ARG B 579 13.54 72.98 -6.32
C ARG B 579 12.20 73.40 -5.77
N HIS B 580 12.19 74.36 -4.84
CA HIS B 580 11.02 74.86 -4.19
C HIS B 580 10.76 76.26 -4.60
N PHE B 581 9.59 76.82 -4.25
CA PHE B 581 9.22 78.18 -4.54
C PHE B 581 10.12 79.18 -3.83
N ALA B 582 10.68 78.85 -2.75
CA ALA B 582 11.60 79.62 -1.97
C ALA B 582 13.05 79.34 -2.32
N GLY B 583 13.38 78.48 -3.20
CA GLY B 583 14.73 78.17 -3.62
C GLY B 583 14.98 76.70 -3.79
N ALA B 584 16.18 76.33 -4.24
CA ALA B 584 16.57 74.96 -4.46
C ALA B 584 17.36 74.44 -3.27
N VAL B 585 16.84 73.41 -2.58
CA VAL B 585 17.41 72.91 -1.34
C VAL B 585 17.84 71.46 -1.50
N CYS B 586 19.11 71.16 -1.18
CA CYS B 586 19.61 69.80 -1.27
C CYS B 586 19.37 69.10 0.06
N TYR B 587 18.85 67.87 0.01
CA TYR B 587 18.58 67.11 1.21
C TYR B 587 19.44 65.87 1.18
N GLU B 588 20.25 65.67 2.23
CA GLU B 588 21.09 64.49 2.33
C GLU B 588 20.24 63.27 2.68
N THR B 589 20.59 62.08 2.18
CA THR B 589 19.79 60.89 2.42
C THR B 589 20.24 60.05 3.57
N THR B 590 21.33 60.42 4.26
CA THR B 590 21.75 59.72 5.47
C THR B 590 20.68 59.78 6.56
N GLN B 591 20.41 58.64 7.19
CA GLN B 591 19.42 58.38 8.22
C GLN B 591 17.98 58.81 7.96
N PHE B 592 17.61 59.07 6.69
CA PHE B 592 16.27 59.38 6.26
C PHE B 592 15.29 58.25 6.57
N VAL B 593 15.70 57.00 6.24
CA VAL B 593 14.91 55.80 6.50
C VAL B 593 14.75 55.53 7.98
N GLU B 594 15.81 55.73 8.77
CA GLU B 594 15.78 55.59 10.21
C GLU B 594 14.84 56.57 10.87
N LYS B 595 14.85 57.83 10.39
CA LYS B 595 13.93 58.85 10.84
C LYS B 595 12.48 58.58 10.45
N ASN B 596 12.24 57.86 9.35
CA ASN B 596 10.91 57.46 8.95
C ASN B 596 10.45 56.19 9.65
N ASN B 597 11.08 55.68 10.56
CA ASN B 597 10.68 54.51 11.32
C ASN B 597 10.04 54.95 12.62
N ASP B 598 8.78 54.55 12.86
CA ASP B 598 8.02 54.89 14.04
C ASP B 598 7.17 53.72 14.40
N ALA B 599 7.58 52.50 14.09
CA ALA B 599 6.90 51.27 14.31
C ALA B 599 6.47 51.02 15.70
N LEU B 600 5.24 50.84 15.95
CA LEU B 600 4.72 50.56 17.23
C LEU B 600 4.41 49.09 17.39
N HIS B 601 5.29 48.35 17.97
CA HIS B 601 5.15 46.94 18.18
C HIS B 601 4.04 46.62 19.15
N MET B 602 3.23 45.62 18.82
CA MET B 602 2.11 45.23 19.62
C MET B 602 2.47 44.73 21.00
N SER B 603 3.63 44.13 21.18
CA SER B 603 4.07 43.74 22.50
C SER B 603 4.44 44.90 23.38
N LEU B 604 4.87 46.00 22.80
CA LEU B 604 5.18 47.18 23.58
C LEU B 604 3.93 47.95 23.87
N GLU B 605 2.87 47.74 23.09
CA GLU B 605 1.62 48.36 23.36
C GLU B 605 0.93 47.68 24.50
N SER B 606 1.09 46.36 24.61
CA SER B 606 0.64 45.61 25.74
C SER B 606 1.68 45.56 26.81
N LEU B 607 2.27 46.71 27.10
CA LEU B 607 3.25 46.86 28.13
C LEU B 607 3.20 48.26 28.64
N ILE B 608 3.15 49.25 27.75
CA ILE B 608 3.05 50.63 28.19
C ILE B 608 1.66 50.96 28.67
N CYS B 609 0.65 50.32 28.08
CA CYS B 609 -0.70 50.41 28.55
C CYS B 609 -0.86 49.70 29.85
N GLU B 610 -0.23 48.53 29.97
CA GLU B 610 -0.29 47.69 31.12
C GLU B 610 0.65 48.05 32.25
N SER B 611 1.20 49.28 32.31
CA SER B 611 2.06 49.74 33.37
C SER B 611 1.38 49.78 34.73
N ARG B 612 2.15 49.61 35.81
CA ARG B 612 1.65 49.61 37.15
C ARG B 612 1.57 51.00 37.73
N ASP B 613 2.11 52.02 37.10
CA ASP B 613 2.06 53.40 37.55
C ASP B 613 0.80 54.11 37.07
N LYS B 614 0.10 54.81 37.97
CA LYS B 614 -1.12 55.54 37.69
C LYS B 614 -0.96 56.70 36.72
N PHE B 615 0.20 57.36 36.71
CA PHE B 615 0.46 58.46 35.80
C PHE B 615 0.58 58.00 34.36
N ILE B 616 1.28 56.88 34.12
CA ILE B 616 1.44 56.30 32.80
C ILE B 616 0.11 55.80 32.26
N ARG B 617 -0.73 55.25 33.14
CA ARG B 617 -2.08 54.86 32.79
C ARG B 617 -2.91 56.03 32.34
N GLU B 618 -2.77 57.16 33.01
CA GLU B 618 -3.42 58.39 32.63
C GLU B 618 -2.91 58.93 31.29
N LEU B 619 -1.61 58.81 31.02
CA LEU B 619 -1.02 59.23 29.76
C LEU B 619 -1.57 58.48 28.56
N PHE B 620 -1.74 57.17 28.70
CA PHE B 620 -2.25 56.33 27.64
C PHE B 620 -3.70 56.05 27.80
N GLU B 621 -4.48 56.90 28.34
CA GLU B 621 -5.88 56.84 28.49
C GLU B 621 -6.75 56.84 27.57
N GLY B 635 -4.69 42.37 12.26
CA GLY B 635 -3.71 43.15 12.94
C GLY B 635 -3.05 44.05 12.04
N LYS B 636 -3.14 45.09 11.75
CA LYS B 636 -2.61 46.08 10.89
C LYS B 636 -2.09 47.07 11.56
N LEU B 637 -1.14 47.83 11.13
CA LEU B 637 -0.44 47.92 9.99
C LEU B 637 0.96 47.74 10.23
N SER B 638 1.68 47.01 10.22
CA SER B 638 3.03 46.73 10.48
C SER B 638 3.91 47.77 11.01
N PHE B 639 4.35 48.62 10.24
CA PHE B 639 5.20 49.65 10.63
C PHE B 639 4.49 50.96 10.86
N ILE B 640 3.27 51.10 10.43
CA ILE B 640 2.42 52.24 10.56
C ILE B 640 2.85 53.39 9.75
N SER B 641 3.54 53.99 9.51
CA SER B 641 4.07 55.09 8.75
C SER B 641 4.30 56.34 9.44
N VAL B 642 5.29 57.00 9.38
CA VAL B 642 5.66 58.19 10.02
C VAL B 642 5.44 59.36 9.13
N GLY B 643 5.90 59.30 7.87
CA GLY B 643 5.71 60.34 6.92
C GLY B 643 4.30 60.46 6.49
N ASN B 644 3.52 59.40 6.58
CA ASN B 644 2.13 59.51 6.21
C ASN B 644 1.28 59.67 7.44
N LYS B 645 1.88 59.56 8.63
CA LYS B 645 1.26 59.95 9.86
C LYS B 645 1.21 61.46 9.92
N PHE B 646 2.34 62.11 9.59
CA PHE B 646 2.42 63.55 9.53
C PHE B 646 1.65 64.12 8.34
N LYS B 647 1.56 63.40 7.21
CA LYS B 647 0.79 63.88 6.08
C LYS B 647 -0.71 63.87 6.37
N THR B 648 -1.15 62.95 7.24
CA THR B 648 -2.54 62.91 7.70
C THR B 648 -2.83 64.09 8.61
N GLN B 649 -1.88 64.48 9.49
CA GLN B 649 -2.12 65.58 10.39
C GLN B 649 -1.87 66.94 9.74
N LEU B 650 -1.16 66.97 8.60
CA LEU B 650 -0.99 68.19 7.84
C LEU B 650 -2.19 68.46 6.97
N ASN B 651 -2.75 67.43 6.31
CA ASN B 651 -3.93 67.63 5.49
C ASN B 651 -5.17 67.85 6.35
N LEU B 652 -5.18 67.37 7.60
CA LEU B 652 -6.26 67.71 8.52
C LEU B 652 -6.20 69.16 8.98
N LEU B 653 -4.99 69.77 9.07
CA LEU B 653 -4.89 71.18 9.40
C LEU B 653 -5.18 72.06 8.19
N LEU B 654 -5.00 71.52 6.96
CA LEU B 654 -5.37 72.22 5.74
C LEU B 654 -6.87 72.36 5.59
N ASP B 655 -7.62 71.36 6.08
CA ASP B 655 -9.06 71.41 6.07
C ASP B 655 -9.60 72.43 7.05
N LYS B 656 -8.85 72.78 8.10
CA LYS B 656 -9.22 73.80 9.06
C LYS B 656 -8.86 75.19 8.56
N LEU B 657 -7.99 75.29 7.54
CA LEU B 657 -7.61 76.57 6.94
C LEU B 657 -8.49 76.88 5.76
N ARG B 658 -8.85 75.88 4.95
CA ARG B 658 -9.76 76.08 3.84
C ARG B 658 -11.18 76.33 4.30
N SER B 659 -11.54 75.87 5.50
CA SER B 659 -12.86 76.09 6.09
C SER B 659 -12.97 77.38 6.89
N THR B 660 -11.87 78.12 7.13
CA THR B 660 -11.90 79.36 7.91
C THR B 660 -11.37 80.55 7.15
N GLY B 661 -11.69 81.78 7.64
CA GLY B 661 -11.25 83.04 7.05
C GLY B 661 -9.87 83.40 7.49
N ALA B 662 -8.90 83.45 6.84
CA ALA B 662 -7.52 83.70 7.18
C ALA B 662 -7.07 85.15 7.17
N SER B 663 -6.08 85.47 8.00
CA SER B 663 -5.45 86.78 8.10
C SER B 663 -3.95 86.57 8.06
N PHE B 664 -3.23 87.39 7.27
CA PHE B 664 -1.82 87.19 6.98
C PHE B 664 -0.90 88.23 7.59
N ILE B 665 -0.10 87.81 8.58
CA ILE B 665 0.91 88.56 9.29
C ILE B 665 2.27 87.96 8.98
N ARG B 666 3.24 88.76 8.52
CA ARG B 666 4.58 88.29 8.20
C ARG B 666 5.56 89.05 9.06
N CYS B 667 6.42 88.32 9.81
CA CYS B 667 7.36 88.90 10.75
C CYS B 667 8.79 88.76 10.25
N ILE B 668 9.42 89.92 9.98
CA ILE B 668 10.74 90.08 9.43
C ILE B 668 11.79 90.38 10.49
N LYS B 669 12.88 89.60 10.51
CA LYS B 669 14.00 89.76 11.42
C LYS B 669 15.01 90.73 10.79
N PRO B 670 15.34 91.90 11.35
CA PRO B 670 16.23 92.84 10.68
C PRO B 670 17.70 92.54 10.82
N ASN B 671 18.14 91.75 11.79
CA ASN B 671 19.54 91.47 11.97
C ASN B 671 19.73 90.18 12.75
N LEU B 672 20.90 89.55 12.66
CA LEU B 672 21.19 88.29 13.30
C LEU B 672 21.65 88.46 14.73
N LYS B 673 22.08 89.66 15.11
CA LYS B 673 22.52 89.99 16.44
C LYS B 673 21.37 90.09 17.41
N MET B 674 20.18 90.40 16.90
CA MET B 674 18.94 90.57 17.61
C MET B 674 18.96 91.80 18.47
N THR B 675 19.42 92.92 17.90
CA THR B 675 19.56 94.20 18.58
C THR B 675 18.88 95.31 17.85
N SER B 676 18.44 96.34 18.60
CA SER B 676 17.79 97.52 18.09
C SER B 676 18.68 98.41 17.23
N HIS B 677 18.07 99.08 16.24
CA HIS B 677 18.72 100.00 15.32
C HIS B 677 19.82 99.39 14.48
N HIS B 678 19.66 98.18 13.99
CA HIS B 678 20.62 97.50 13.16
C HIS B 678 19.88 96.85 12.00
N PHE B 679 20.23 97.20 10.77
CA PHE B 679 19.55 96.72 9.57
C PHE B 679 20.57 96.25 8.59
N GLU B 680 20.63 94.97 8.34
CA GLU B 680 21.57 94.42 7.42
C GLU B 680 21.22 94.51 5.99
N GLY B 681 20.25 94.52 5.45
CA GLY B 681 19.78 94.68 4.11
C GLY B 681 19.93 93.51 3.18
N ALA B 682 20.73 92.51 3.51
CA ALA B 682 20.92 91.35 2.67
C ALA B 682 20.12 90.17 3.16
N GLN B 683 20.05 89.98 4.47
CA GLN B 683 19.27 88.94 5.08
C GLN B 683 17.80 89.27 5.05
N ILE B 684 17.45 90.55 5.17
CA ILE B 684 16.07 91.01 5.09
C ILE B 684 15.53 90.83 3.69
N LEU B 685 16.37 91.00 2.66
CA LEU B 685 15.99 90.78 1.28
C LEU B 685 15.69 89.31 1.03
N SER B 686 16.46 88.40 1.63
CA SER B 686 16.22 86.97 1.53
C SER B 686 14.95 86.55 2.21
N GLN B 687 14.48 87.30 3.24
CA GLN B 687 13.21 87.02 3.87
C GLN B 687 12.04 87.54 3.06
N LEU B 688 12.27 88.43 2.08
CA LEU B 688 11.23 88.88 1.16
C LEU B 688 11.14 87.92 -0.02
N GLN B 689 12.26 87.25 -0.33
CA GLN B 689 12.33 86.29 -1.41
C GLN B 689 11.99 84.89 -0.96
N CYS B 690 12.05 84.60 0.34
CA CYS B 690 11.67 83.32 0.89
C CYS B 690 10.42 83.47 1.72
N SER B 691 9.41 84.12 1.12
CA SER B 691 8.11 84.28 1.74
C SER B 691 7.06 84.65 0.73
N GLY B 692 7.40 84.67 -0.56
CA GLY B 692 6.47 84.97 -1.65
C GLY B 692 6.15 86.42 -1.83
N MET B 693 6.77 87.32 -1.06
CA MET B 693 6.45 88.73 -1.10
C MET B 693 6.70 89.38 -2.43
N VAL B 694 7.81 89.07 -3.10
CA VAL B 694 8.09 89.59 -4.44
C VAL B 694 7.10 89.08 -5.47
N SER B 695 6.70 87.81 -5.37
CA SER B 695 5.77 87.20 -6.29
C SER B 695 4.34 87.67 -6.13
N VAL B 696 3.87 87.96 -4.91
CA VAL B 696 2.53 88.51 -4.72
C VAL B 696 2.46 89.95 -5.16
N LEU B 697 3.59 90.66 -5.19
CA LEU B 697 3.65 92.05 -5.58
C LEU B 697 4.16 92.18 -6.99
N ASP B 698 3.74 91.24 -7.84
CA ASP B 698 3.97 91.30 -9.25
C ASP B 698 2.71 90.85 -9.95
N LEU B 699 2.00 89.85 -9.39
CA LEU B 699 0.69 89.48 -9.87
C LEU B 699 -0.37 90.52 -9.55
N MET B 700 -0.29 91.11 -8.35
CA MET B 700 -1.21 92.10 -7.87
C MET B 700 -1.11 93.42 -8.59
N GLN B 701 0.03 93.73 -9.20
CA GLN B 701 0.20 94.97 -9.91
C GLN B 701 -0.76 95.11 -11.09
N GLY B 702 -0.98 94.11 -11.88
CA GLY B 702 -1.94 94.03 -12.98
C GLY B 702 -2.42 95.22 -13.57
N GLY B 703 -3.56 95.56 -13.93
CA GLY B 703 -4.18 96.66 -14.53
C GLY B 703 -4.24 97.94 -13.75
N PHE B 704 -3.99 97.90 -12.44
CA PHE B 704 -4.00 99.08 -11.59
C PHE B 704 -2.83 99.01 -10.62
N PRO B 705 -1.57 99.22 -11.03
CA PRO B 705 -0.41 99.06 -10.15
C PRO B 705 -0.38 99.97 -8.97
N SER B 706 -0.83 101.17 -9.03
CA SER B 706 -0.86 102.09 -7.93
C SER B 706 -2.29 102.31 -7.57
N ARG B 707 -2.61 102.22 -6.27
CA ARG B 707 -3.95 102.34 -5.79
C ARG B 707 -3.90 102.95 -4.42
N ALA B 708 -4.13 104.02 -4.15
CA ALA B 708 -3.96 104.72 -2.90
C ALA B 708 -5.26 105.18 -2.28
N SER B 709 -5.33 105.12 -0.94
CA SER B 709 -6.47 105.51 -0.14
C SER B 709 -6.63 107.01 -0.01
N PHE B 710 -7.86 107.48 0.26
CA PHE B 710 -8.16 108.90 0.40
C PHE B 710 -7.35 109.61 1.48
N HIS B 711 -7.08 108.94 2.62
CA HIS B 711 -6.29 109.53 3.67
C HIS B 711 -4.81 109.59 3.29
N GLU B 712 -4.30 108.61 2.53
CA GLU B 712 -2.94 108.62 2.03
C GLU B 712 -2.72 109.67 0.96
N LEU B 713 -3.74 109.96 0.14
CA LEU B 713 -3.64 110.99 -0.89
C LEU B 713 -3.87 112.38 -0.34
N TYR B 714 -4.27 112.50 0.94
CA TYR B 714 -4.46 113.76 1.60
C TYR B 714 -3.14 114.18 2.22
N ASN B 715 -2.37 113.23 2.77
CA ASN B 715 -1.09 113.51 3.39
C ASN B 715 0.00 113.75 2.38
N MET B 716 0.02 113.01 1.26
CA MET B 716 1.03 113.15 0.23
C MET B 716 0.87 114.39 -0.61
N TYR B 717 -0.35 114.94 -0.74
CA TYR B 717 -0.57 116.10 -1.58
C TYR B 717 -1.07 117.34 -0.87
N LYS B 718 -1.25 117.33 0.46
CA LYS B 718 -1.63 118.53 1.18
C LYS B 718 -0.53 119.55 1.30
N LYS B 719 0.72 119.15 1.16
CA LYS B 719 1.83 120.04 1.22
C LYS B 719 1.92 120.96 0.07
N TYR B 720 1.23 120.64 -1.03
CA TYR B 720 1.16 121.46 -2.17
C TYR B 720 -0.06 122.30 -2.14
N MET B 721 -0.82 122.28 -1.08
CA MET B 721 -2.02 123.04 -0.91
C MET B 721 -1.90 124.04 0.22
N PRO B 722 -2.52 125.21 0.17
CA PRO B 722 -2.49 126.17 1.26
C PRO B 722 -3.27 125.72 2.45
N ASP B 723 -2.96 126.25 3.60
CA ASP B 723 -3.56 125.91 4.84
C ASP B 723 -5.05 126.00 4.91
N LYS B 724 -5.60 127.03 4.38
CA LYS B 724 -7.02 127.22 4.31
C LYS B 724 -7.77 126.20 3.53
N LEU B 725 -7.23 125.76 2.44
CA LEU B 725 -7.83 124.78 1.62
C LEU B 725 -7.64 123.39 2.13
N ALA B 726 -6.71 123.20 3.00
CA ALA B 726 -6.43 121.94 3.57
C ALA B 726 -7.27 121.53 4.76
N ARG B 727 -8.27 122.33 5.12
CA ARG B 727 -9.15 122.02 6.19
C ARG B 727 -10.21 121.01 5.85
N LEU B 728 -10.45 120.77 4.58
CA LEU B 728 -11.41 119.82 4.10
C LEU B 728 -11.09 118.38 4.49
N ASP B 729 -12.10 117.53 4.67
CA ASP B 729 -11.92 116.13 5.02
C ASP B 729 -11.36 115.31 3.84
N PRO B 730 -10.67 114.18 4.01
CA PRO B 730 -10.05 113.52 2.87
C PRO B 730 -11.01 112.91 1.88
N ARG B 731 -12.24 112.55 2.28
CA ARG B 731 -13.23 112.06 1.34
C ARG B 731 -13.74 113.16 0.42
N LEU B 732 -13.75 114.42 0.88
CA LEU B 732 -14.16 115.53 0.06
C LEU B 732 -13.00 116.12 -0.70
N PHE B 733 -11.79 116.16 -0.11
CA PHE B 733 -10.61 116.68 -0.77
C PHE B 733 -10.20 115.84 -1.96
N CYS B 734 -10.29 114.51 -1.88
CA CYS B 734 -10.00 113.64 -3.01
C CYS B 734 -11.06 113.64 -4.09
N LYS B 735 -12.31 114.02 -3.77
CA LYS B 735 -13.39 114.04 -4.73
C LYS B 735 -13.52 115.41 -5.34
N ALA B 736 -12.90 116.43 -4.75
CA ALA B 736 -12.86 117.75 -5.31
C ALA B 736 -11.61 117.93 -6.13
N LEU B 737 -10.50 117.23 -5.81
CA LEU B 737 -9.30 117.30 -6.61
C LEU B 737 -9.43 116.44 -7.85
N PHE B 738 -10.20 115.34 -7.79
CA PHE B 738 -10.45 114.54 -8.96
C PHE B 738 -11.42 115.23 -9.93
N LYS B 739 -12.44 115.93 -9.39
CA LYS B 739 -13.37 116.69 -10.21
C LYS B 739 -12.78 117.97 -10.76
N ALA B 740 -11.82 118.60 -10.04
CA ALA B 740 -11.17 119.80 -10.48
C ALA B 740 -10.23 119.57 -11.64
N LEU B 741 -9.46 118.48 -11.58
CA LEU B 741 -8.57 118.08 -12.65
C LEU B 741 -9.35 117.52 -13.83
N GLY B 742 -10.44 116.78 -13.56
CA GLY B 742 -11.30 116.26 -14.60
C GLY B 742 -10.74 115.07 -15.29
N LEU B 743 -9.92 114.32 -14.58
CA LEU B 743 -9.23 113.16 -15.07
C LEU B 743 -10.14 112.09 -15.61
N ASN B 744 -9.72 111.37 -16.65
CA ASN B 744 -10.48 110.32 -17.29
C ASN B 744 -10.64 109.08 -16.45
N GLU B 745 -11.89 108.68 -16.19
CA GLU B 745 -12.27 107.58 -15.36
C GLU B 745 -11.72 106.24 -15.75
N ILE B 746 -11.43 106.00 -17.02
CA ILE B 746 -10.87 104.79 -17.49
C ILE B 746 -9.38 104.69 -17.18
N ASP B 747 -8.66 105.78 -17.04
CA ASP B 747 -7.26 105.82 -16.68
C ASP B 747 -7.08 106.02 -15.18
N TYR B 748 -7.99 106.76 -14.55
CA TYR B 748 -7.99 107.05 -13.13
C TYR B 748 -9.34 106.63 -12.58
N LYS B 749 -9.44 105.45 -11.95
CA LYS B 749 -10.69 104.96 -11.42
C LYS B 749 -10.91 105.39 -9.98
N PHE B 750 -12.01 106.09 -9.71
CA PHE B 750 -12.35 106.59 -8.40
C PHE B 750 -13.22 105.57 -7.66
N GLY B 751 -12.70 104.95 -6.61
CA GLY B 751 -13.39 103.94 -5.83
C GLY B 751 -14.13 104.51 -4.66
N LEU B 752 -14.57 103.63 -3.76
CA LEU B 752 -15.29 103.99 -2.55
C LEU B 752 -14.40 104.67 -1.53
N THR B 753 -13.16 104.18 -1.36
CA THR B 753 -12.20 104.72 -0.41
C THR B 753 -10.81 104.82 -0.97
N LYS B 754 -10.61 104.50 -2.25
CA LYS B 754 -9.32 104.53 -2.89
C LYS B 754 -9.42 105.07 -4.31
N VAL B 755 -8.28 105.48 -4.87
CA VAL B 755 -8.18 105.89 -6.26
C VAL B 755 -7.24 104.90 -6.90
N PHE B 756 -7.66 104.27 -8.00
CA PHE B 756 -6.93 103.22 -8.68
C PHE B 756 -6.38 103.79 -9.97
N PHE B 757 -5.06 103.74 -10.16
CA PHE B 757 -4.39 104.34 -11.29
C PHE B 757 -3.89 103.29 -12.26
N ARG B 758 -4.19 103.47 -13.56
CA ARG B 758 -3.68 102.60 -14.62
C ARG B 758 -2.18 102.76 -14.80
N PRO B 759 -1.45 101.87 -15.48
CA PRO B 759 -0.01 101.98 -15.67
C PRO B 759 0.49 103.31 -16.20
N GLY B 760 1.47 103.92 -15.52
CA GLY B 760 2.07 105.19 -15.90
C GLY B 760 1.28 106.42 -15.58
N LYS B 761 0.18 106.32 -14.79
CA LYS B 761 -0.66 107.46 -14.53
C LYS B 761 -0.58 107.98 -13.11
N PHE B 762 0.04 107.26 -12.16
CA PHE B 762 0.31 107.83 -10.85
C PHE B 762 1.53 108.74 -10.92
N ALA B 763 2.49 108.39 -11.79
CA ALA B 763 3.66 109.19 -12.08
C ALA B 763 3.31 110.44 -12.86
N GLU B 764 2.20 110.40 -13.62
CA GLU B 764 1.74 111.54 -14.37
C GLU B 764 0.91 112.46 -13.50
N PHE B 765 0.21 111.90 -12.48
CA PHE B 765 -0.53 112.66 -11.48
C PHE B 765 0.39 113.38 -10.52
N ASP B 766 1.58 112.81 -10.22
CA ASP B 766 2.54 113.45 -9.35
C ASP B 766 3.14 114.70 -10.01
N GLN B 767 3.26 114.71 -11.35
CA GLN B 767 3.70 115.88 -12.06
C GLN B 767 2.60 116.90 -12.30
N ILE B 768 1.31 116.57 -12.07
CA ILE B 768 0.21 117.53 -12.11
C ILE B 768 0.27 118.42 -10.89
N MET B 769 0.52 117.80 -9.73
CA MET B 769 0.61 118.48 -8.46
C MET B 769 1.89 119.27 -8.30
N LYS B 770 2.94 118.91 -9.05
CA LYS B 770 4.21 119.58 -9.05
C LYS B 770 4.35 120.46 -10.29
N SER B 771 3.24 121.04 -10.75
CA SER B 771 3.21 121.98 -11.85
C SER B 771 2.42 123.09 -11.68
N ASP B 772 2.08 124.12 -12.12
CA ASP B 772 1.35 125.29 -12.10
C ASP B 772 0.44 125.55 -10.88
N PRO B 773 0.93 126.05 -9.75
CA PRO B 773 0.13 126.31 -8.55
C PRO B 773 -1.05 127.25 -8.72
N ASP B 774 -0.96 128.28 -9.57
CA ASP B 774 -2.02 129.25 -9.80
C ASP B 774 -3.18 128.63 -10.57
N HIS B 775 -2.88 127.70 -11.50
CA HIS B 775 -3.89 127.00 -12.28
C HIS B 775 -4.61 125.98 -11.43
N LEU B 776 -3.90 125.31 -10.51
CA LEU B 776 -4.51 124.35 -9.62
C LEU B 776 -5.37 125.03 -8.58
N ALA B 777 -4.97 126.22 -8.09
CA ALA B 777 -5.81 126.94 -7.16
C ALA B 777 -7.05 127.53 -7.82
N GLU B 778 -7.00 127.80 -9.14
CA GLU B 778 -8.15 128.24 -9.89
C GLU B 778 -9.14 127.13 -10.15
N LEU B 779 -8.66 125.89 -10.33
CA LEU B 779 -9.54 124.74 -10.49
C LEU B 779 -10.18 124.31 -9.19
N VAL B 780 -9.53 124.55 -8.05
CA VAL B 780 -10.11 124.32 -6.73
C VAL B 780 -11.22 125.30 -6.45
N LYS B 781 -11.07 126.53 -6.95
CA LYS B 781 -12.08 127.56 -6.85
C LYS B 781 -13.29 127.22 -7.67
N ARG B 782 -13.09 126.65 -8.87
CA ARG B 782 -14.15 126.26 -9.74
C ARG B 782 -14.94 125.08 -9.19
N VAL B 783 -14.29 124.05 -8.65
CA VAL B 783 -15.03 122.97 -8.04
C VAL B 783 -15.69 123.35 -6.73
N ASN B 784 -15.17 124.34 -6.00
CA ASN B 784 -15.83 124.90 -4.84
C ASN B 784 -17.14 125.56 -5.20
N HIS B 785 -17.18 126.22 -6.35
CA HIS B 785 -18.38 126.83 -6.88
C HIS B 785 -19.42 125.81 -7.26
N TRP B 786 -18.97 124.65 -7.73
CA TRP B 786 -19.85 123.58 -8.05
C TRP B 786 -20.43 122.94 -6.81
N LEU B 787 -19.67 122.91 -5.71
CA LEU B 787 -20.16 122.38 -4.46
C LEU B 787 -21.20 123.27 -3.78
N ILE B 788 -21.18 124.57 -4.05
CA ILE B 788 -22.17 125.52 -3.62
C ILE B 788 -23.47 125.38 -4.38
N CYS B 789 -23.40 124.80 -5.57
CA CYS B 789 -24.52 124.62 -6.41
C CYS B 789 -25.10 123.28 -6.22
N SER B 790 -24.26 122.34 -5.85
CA SER B 790 -24.66 121.03 -5.54
C SER B 790 -24.75 120.89 -4.09
N ARG B 791 -25.56 121.71 -3.45
CA ARG B 791 -25.78 121.71 -2.07
C ARG B 791 -27.08 121.13 -1.77
N TRP B 792 -28.05 121.44 -2.56
CA TRP B 792 -29.34 120.97 -2.40
C TRP B 792 -29.79 119.85 -3.16
N LYS B 793 -28.99 119.40 -4.11
CA LYS B 793 -29.34 118.34 -4.89
C LYS B 793 -29.27 117.09 -4.27
N LYS B 794 -28.45 116.94 -3.35
CA LYS B 794 -28.32 115.81 -2.67
C LYS B 794 -29.30 115.66 -1.58
N VAL B 795 -29.88 116.68 -1.04
CA VAL B 795 -30.85 116.69 0.00
C VAL B 795 -32.20 116.71 -0.58
N GLN B 796 -32.99 115.77 -0.26
CA GLN B 796 -34.28 115.64 -0.75
C GLN B 796 -35.34 115.96 0.26
N LYS C 4 85.30 -37.46 -14.85
CA LYS C 4 84.30 -38.33 -14.95
C LYS C 4 83.09 -37.86 -15.64
N PRO C 5 82.52 -38.52 -16.60
CA PRO C 5 81.36 -38.06 -17.28
C PRO C 5 80.11 -38.18 -16.45
N VAL C 6 79.13 -37.30 -16.71
CA VAL C 6 77.86 -37.26 -16.03
C VAL C 6 76.76 -37.44 -17.06
N TRP C 7 75.51 -37.42 -16.61
CA TRP C 7 74.36 -37.47 -17.49
C TRP C 7 73.80 -36.06 -17.52
N ALA C 8 73.73 -35.53 -18.73
CA ALA C 8 73.28 -34.23 -19.11
C ALA C 8 71.85 -34.23 -19.61
N PRO C 9 70.92 -33.43 -19.14
CA PRO C 9 69.57 -33.37 -19.70
C PRO C 9 69.57 -33.01 -21.18
N HIS C 10 69.03 -33.87 -22.05
CA HIS C 10 68.94 -33.62 -23.46
C HIS C 10 67.47 -33.50 -23.82
N PRO C 11 66.96 -32.64 -24.67
CA PRO C 11 65.54 -32.58 -24.93
C PRO C 11 64.95 -33.80 -25.58
N THR C 12 65.59 -34.35 -26.60
CA THR C 12 65.10 -35.50 -27.32
C THR C 12 65.35 -36.82 -26.64
N ASP C 13 66.55 -37.05 -26.09
CA ASP C 13 66.90 -38.30 -25.45
C ASP C 13 66.61 -38.32 -23.97
N GLY C 14 66.32 -37.16 -23.37
CA GLY C 14 66.07 -37.03 -21.95
C GLY C 14 67.33 -36.82 -21.19
N PHE C 15 68.28 -37.74 -21.35
CA PHE C 15 69.59 -37.76 -20.73
C PHE C 15 70.65 -38.20 -21.73
N GLN C 16 71.75 -37.44 -21.90
CA GLN C 16 72.83 -37.83 -22.80
C GLN C 16 74.14 -37.69 -22.05
N VAL C 17 75.22 -38.34 -22.51
CA VAL C 17 76.51 -38.32 -21.83
C VAL C 17 77.27 -37.02 -22.05
N GLY C 18 77.98 -36.49 -21.03
CA GLY C 18 78.68 -35.23 -21.14
C GLY C 18 79.49 -34.93 -19.93
N ASN C 19 80.61 -34.20 -20.08
CA ASN C 19 81.49 -33.91 -18.96
C ASN C 19 81.19 -32.53 -18.42
N ILE C 20 81.80 -32.16 -17.28
CA ILE C 20 81.66 -30.86 -16.64
C ILE C 20 82.97 -30.13 -16.85
N VAL C 21 82.96 -28.99 -17.56
CA VAL C 21 84.20 -28.29 -17.88
C VAL C 21 84.27 -26.90 -17.31
N ASP C 22 83.21 -26.42 -16.66
CA ASP C 22 83.24 -25.20 -15.89
C ASP C 22 82.23 -25.40 -14.80
N ILE C 23 82.53 -24.98 -13.56
CA ILE C 23 81.65 -25.21 -12.42
C ILE C 23 81.53 -23.97 -11.56
N GLY C 24 80.33 -23.71 -11.03
CA GLY C 24 80.01 -22.58 -10.19
C GLY C 24 78.55 -22.64 -9.88
N PRO C 25 78.03 -21.93 -8.89
CA PRO C 25 76.62 -21.97 -8.52
C PRO C 25 75.69 -21.66 -9.66
N ASP C 26 74.78 -22.59 -9.97
CA ASP C 26 73.85 -22.54 -11.07
C ASP C 26 74.49 -22.26 -12.41
N SER C 27 75.73 -22.74 -12.60
CA SER C 27 76.50 -22.46 -13.78
C SER C 27 77.33 -23.64 -14.19
N LEU C 28 76.74 -24.84 -14.14
CA LEU C 28 77.40 -26.07 -14.51
C LEU C 28 77.50 -26.17 -16.02
N THR C 29 78.66 -25.84 -16.61
CA THR C 29 78.85 -25.90 -18.05
C THR C 29 79.14 -27.32 -18.46
N ILE C 30 78.23 -27.91 -19.25
CA ILE C 30 78.30 -29.29 -19.66
C ILE C 30 78.65 -29.41 -21.13
N GLU C 31 79.81 -30.02 -21.44
CA GLU C 31 80.16 -30.31 -22.82
C GLU C 31 79.63 -31.71 -23.16
N PRO C 32 78.80 -31.96 -24.17
CA PRO C 32 78.40 -33.31 -24.55
C PRO C 32 79.55 -34.23 -24.94
N LEU C 33 79.41 -35.55 -24.77
CA LEU C 33 80.44 -36.50 -25.13
C LEU C 33 80.31 -36.90 -26.53
N ASN C 34 81.37 -36.75 -27.25
CA ASN C 34 81.48 -37.00 -28.62
C ASN C 34 80.68 -36.13 -29.50
N GLN C 35 80.28 -35.04 -29.06
CA GLN C 35 79.59 -34.04 -29.75
C GLN C 35 80.06 -32.71 -29.26
N LYS C 36 81.13 -32.34 -29.53
CA LYS C 36 81.76 -31.14 -29.11
C LYS C 36 81.14 -29.92 -29.68
N GLY C 37 80.94 -28.98 -28.97
CA GLY C 37 80.31 -27.78 -29.39
C GLY C 37 79.16 -27.39 -29.07
N LYS C 38 78.46 -28.03 -28.61
CA LYS C 38 77.32 -27.74 -28.20
C LYS C 38 77.18 -27.47 -26.74
N THR C 39 78.19 -27.09 -26.06
CA THR C 39 78.35 -26.80 -24.65
C THR C 39 77.32 -25.85 -24.09
N PHE C 40 76.39 -26.38 -23.28
CA PHE C 40 75.34 -25.61 -22.66
C PHE C 40 75.56 -25.51 -21.17
N LEU C 41 74.63 -24.88 -20.42
CA LEU C 41 74.74 -24.80 -18.97
C LEU C 41 73.58 -25.56 -18.34
N ALA C 42 73.75 -26.02 -17.09
CA ALA C 42 72.69 -26.68 -16.36
C ALA C 42 72.53 -26.10 -14.97
N LEU C 43 71.83 -26.85 -14.09
CA LEU C 43 71.58 -26.55 -12.70
C LEU C 43 71.96 -27.78 -11.94
N ILE C 44 72.26 -27.67 -10.63
CA ILE C 44 72.70 -28.80 -9.81
C ILE C 44 71.68 -29.92 -9.74
N ASN C 45 70.39 -29.60 -9.70
CA ASN C 45 69.30 -30.55 -9.65
C ASN C 45 68.98 -31.21 -10.97
N GLN C 46 69.63 -30.85 -12.08
CA GLN C 46 69.37 -31.46 -13.36
C GLN C 46 70.50 -32.35 -13.84
N VAL C 47 71.64 -32.38 -13.15
CA VAL C 47 72.80 -33.18 -13.51
C VAL C 47 72.98 -34.32 -12.54
N PHE C 48 73.23 -35.54 -13.06
CA PHE C 48 73.35 -36.75 -12.27
C PHE C 48 74.61 -37.51 -12.64
N PRO C 49 75.42 -38.09 -11.75
CA PRO C 49 76.62 -38.80 -12.15
C PRO C 49 76.34 -40.11 -12.89
N ALA C 50 77.31 -40.65 -13.61
CA ALA C 50 77.15 -41.84 -14.43
C ALA C 50 78.09 -42.96 -14.03
N GLU C 51 77.77 -44.20 -14.41
CA GLU C 51 78.58 -45.39 -14.14
C GLU C 51 79.83 -45.46 -15.00
N GLU C 52 80.92 -46.00 -14.47
CA GLU C 52 82.18 -46.12 -15.15
C GLU C 52 82.16 -47.05 -16.34
N ASP C 53 81.52 -48.20 -16.23
CA ASP C 53 81.41 -49.17 -17.28
C ASP C 53 80.07 -49.03 -17.97
N SER C 54 80.08 -48.95 -19.29
CA SER C 54 78.89 -48.79 -20.10
C SER C 54 78.42 -50.06 -20.72
N LYS C 55 79.14 -51.13 -20.57
CA LYS C 55 78.77 -52.38 -21.12
C LYS C 55 77.99 -53.24 -20.19
N LYS C 56 77.97 -53.08 -19.03
CA LYS C 56 77.25 -53.80 -18.01
C LYS C 56 75.78 -53.49 -17.95
N ASP C 57 74.99 -54.47 -17.52
CA ASP C 57 73.59 -54.36 -17.36
C ASP C 57 73.16 -55.12 -16.16
N VAL C 58 72.72 -54.89 -15.19
CA VAL C 58 72.40 -55.55 -13.95
C VAL C 58 70.94 -55.88 -13.80
N GLU C 59 70.66 -57.10 -13.30
CA GLU C 59 69.32 -57.62 -13.09
C GLU C 59 68.61 -56.88 -11.97
N ASP C 60 69.35 -56.58 -10.89
CA ASP C 60 68.92 -55.82 -9.77
C ASP C 60 69.61 -54.48 -9.87
N ASN C 61 68.87 -53.39 -9.66
CA ASN C 61 69.39 -52.04 -9.83
C ASN C 61 69.96 -51.50 -8.54
N CYS C 62 69.93 -52.28 -7.46
CA CYS C 62 70.60 -51.92 -6.23
C CYS C 62 72.02 -52.44 -6.26
N SER C 63 72.41 -53.02 -7.41
CA SER C 63 73.73 -53.51 -7.73
C SER C 63 74.49 -52.47 -8.54
N LEU C 64 73.97 -51.24 -8.65
CA LEU C 64 74.62 -50.12 -9.28
C LEU C 64 75.42 -49.36 -8.26
N MET C 65 76.46 -48.66 -8.70
CA MET C 65 77.30 -47.90 -7.84
C MET C 65 76.84 -46.50 -7.62
N TYR C 66 76.37 -45.84 -8.64
CA TYR C 66 75.79 -44.54 -8.56
C TYR C 66 74.34 -44.64 -8.92
N LEU C 67 73.47 -44.83 -8.00
CA LEU C 67 72.06 -44.98 -8.22
C LEU C 67 71.33 -43.65 -8.24
N ASN C 68 70.67 -43.36 -9.36
CA ASN C 68 69.92 -42.16 -9.59
C ASN C 68 68.97 -42.44 -10.73
N GLU C 69 68.24 -41.44 -11.24
CA GLU C 69 67.24 -41.66 -12.26
C GLU C 69 67.85 -41.84 -13.64
N ALA C 70 68.95 -41.15 -13.96
CA ALA C 70 69.64 -41.29 -15.22
C ALA C 70 70.39 -42.61 -15.38
N THR C 71 70.93 -43.18 -14.28
CA THR C 71 71.62 -44.47 -14.30
C THR C 71 70.65 -45.63 -14.26
N LEU C 72 69.39 -45.35 -13.90
CA LEU C 72 68.33 -46.32 -13.89
C LEU C 72 67.69 -46.29 -15.25
N LEU C 73 67.55 -45.12 -15.90
CA LEU C 73 67.02 -45.04 -17.24
C LEU C 73 68.02 -45.58 -18.27
N HIS C 74 69.33 -45.58 -17.96
CA HIS C 74 70.31 -46.17 -18.85
C HIS C 74 70.35 -47.68 -18.72
N ASN C 75 70.12 -48.22 -17.50
CA ASN C 75 70.09 -49.66 -17.32
C ASN C 75 68.87 -50.26 -18.02
N ILE C 76 67.72 -49.57 -18.01
CA ILE C 76 66.55 -50.00 -18.75
C ILE C 76 66.72 -49.81 -20.25
N LYS C 77 67.46 -48.79 -20.72
CA LYS C 77 67.71 -48.58 -22.14
C LYS C 77 68.63 -49.65 -22.72
N VAL C 78 69.61 -50.11 -21.94
CA VAL C 78 70.51 -51.18 -22.34
C VAL C 78 69.81 -52.52 -22.30
N ARG C 79 68.94 -52.77 -21.30
CA ARG C 79 68.22 -54.02 -21.24
C ARG C 79 67.02 -54.05 -22.15
N TYR C 80 66.62 -52.92 -22.74
CA TYR C 80 65.64 -52.89 -23.80
C TYR C 80 66.32 -53.35 -25.08
N SER C 81 67.54 -52.85 -25.33
CA SER C 81 68.39 -53.26 -26.45
C SER C 81 68.74 -54.73 -26.43
N LYS C 82 69.01 -55.30 -25.23
CA LYS C 82 69.34 -56.70 -25.07
C LYS C 82 68.13 -57.58 -24.80
N ASP C 83 66.91 -57.04 -24.97
CA ASP C 83 65.63 -57.73 -24.83
C ASP C 83 65.35 -58.36 -23.47
N ARG C 84 65.68 -57.69 -22.36
CA ARG C 84 65.44 -58.12 -21.01
C ARG C 84 64.46 -57.16 -20.36
N ILE C 85 63.21 -57.26 -20.76
CA ILE C 85 62.10 -56.42 -20.34
C ILE C 85 61.72 -56.50 -18.88
N TYR C 86 61.86 -57.68 -18.24
CA TYR C 86 61.55 -57.90 -16.85
C TYR C 86 62.78 -57.61 -16.00
N THR C 87 62.70 -56.60 -15.12
CA THR C 87 63.86 -56.13 -14.38
C THR C 87 63.49 -55.78 -12.96
N TYR C 88 64.15 -56.42 -11.99
CA TYR C 88 63.95 -56.23 -10.56
C TYR C 88 64.54 -54.93 -10.05
N VAL C 89 63.74 -53.99 -9.57
CA VAL C 89 64.30 -52.82 -8.93
C VAL C 89 63.90 -52.98 -7.48
N ALA C 90 64.84 -53.39 -6.62
CA ALA C 90 64.60 -53.69 -5.24
C ALA C 90 63.59 -54.81 -5.05
N ASN C 91 62.41 -54.57 -4.61
CA ASN C 91 61.31 -55.48 -4.42
C ASN C 91 60.16 -55.15 -5.36
N ILE C 92 60.41 -54.30 -6.36
CA ILE C 92 59.42 -53.86 -7.33
C ILE C 92 59.80 -54.39 -8.69
N LEU C 93 58.88 -55.11 -9.35
CA LEU C 93 59.14 -55.54 -10.71
C LEU C 93 58.89 -54.39 -11.67
N ILE C 94 59.87 -54.10 -12.54
CA ILE C 94 59.71 -53.12 -13.59
C ILE C 94 59.66 -53.94 -14.84
N ALA C 95 58.60 -53.73 -15.63
CA ALA C 95 58.36 -54.43 -16.84
C ALA C 95 58.23 -53.40 -17.93
N VAL C 96 58.83 -53.65 -19.09
CA VAL C 96 58.75 -52.74 -20.22
C VAL C 96 57.96 -53.48 -21.28
N ASN C 97 56.98 -52.82 -21.94
CA ASN C 97 56.17 -53.49 -22.93
C ASN C 97 56.91 -53.60 -24.26
N PRO C 98 57.17 -54.75 -24.86
CA PRO C 98 57.91 -54.80 -26.10
C PRO C 98 57.02 -54.62 -27.28
N TYR C 99 55.72 -54.82 -27.13
CA TYR C 99 54.73 -54.75 -28.17
C TYR C 99 54.91 -55.76 -29.31
N PHE C 100 55.64 -56.82 -29.08
CA PHE C 100 55.79 -57.93 -30.01
C PHE C 100 56.18 -59.11 -29.19
N ASP C 101 55.99 -60.34 -29.68
CA ASP C 101 56.28 -61.54 -28.95
C ASP C 101 57.76 -61.89 -28.96
N ILE C 102 58.37 -62.04 -27.81
CA ILE C 102 59.76 -62.40 -27.63
C ILE C 102 59.84 -63.91 -27.50
N PRO C 103 60.72 -64.65 -28.17
CA PRO C 103 60.80 -66.10 -28.08
C PRO C 103 61.14 -66.67 -26.73
N LYS C 104 60.54 -67.81 -26.43
CA LYS C 104 60.71 -68.65 -25.28
C LYS C 104 60.52 -68.10 -23.86
N ILE C 105 60.38 -66.79 -23.64
CA ILE C 105 60.14 -66.26 -22.31
C ILE C 105 58.79 -66.59 -21.71
N TYR C 106 57.79 -66.93 -22.53
CA TYR C 106 56.48 -67.33 -22.05
C TYR C 106 56.29 -68.84 -22.19
N SER C 107 57.36 -69.58 -22.57
CA SER C 107 57.34 -71.03 -22.76
C SER C 107 56.99 -71.83 -21.52
N SER C 108 56.36 -73.01 -21.70
CA SER C 108 56.00 -73.88 -20.59
C SER C 108 57.20 -74.60 -20.03
N GLU C 109 58.31 -74.69 -20.80
CA GLU C 109 59.57 -75.19 -20.29
C GLU C 109 60.23 -74.20 -19.36
N THR C 110 59.99 -72.89 -19.63
CA THR C 110 60.44 -71.77 -18.81
C THR C 110 59.66 -71.72 -17.55
N ILE C 111 58.34 -71.96 -17.61
CA ILE C 111 57.49 -71.98 -16.43
C ILE C 111 57.78 -73.19 -15.54
N LYS C 112 58.11 -74.35 -16.13
CA LYS C 112 58.49 -75.53 -15.36
C LYS C 112 59.87 -75.42 -14.74
N SER C 113 60.77 -74.62 -15.35
CA SER C 113 62.10 -74.35 -14.84
C SER C 113 62.03 -73.48 -13.61
N TYR C 114 61.40 -72.31 -13.70
CA TYR C 114 61.24 -71.35 -12.63
C TYR C 114 60.62 -71.90 -11.36
N GLN C 115 59.66 -72.82 -11.45
CA GLN C 115 58.97 -73.46 -10.35
C GLN C 115 59.82 -73.82 -9.13
N GLY C 116 59.59 -73.15 -8.01
CA GLY C 116 60.24 -73.41 -6.74
C GLY C 116 61.61 -72.85 -6.55
N LYS C 117 62.12 -72.10 -7.51
CA LYS C 117 63.44 -71.52 -7.41
C LYS C 117 63.46 -70.25 -6.64
N SER C 118 64.53 -69.96 -5.97
CA SER C 118 64.69 -68.79 -5.16
C SER C 118 64.99 -67.53 -5.94
N LEU C 119 64.54 -66.38 -5.44
CA LEU C 119 64.76 -65.10 -6.06
C LEU C 119 66.21 -64.71 -6.16
N GLY C 120 66.57 -64.12 -7.28
CA GLY C 120 67.92 -63.73 -7.59
C GLY C 120 68.75 -64.81 -8.16
N THR C 121 68.38 -66.07 -7.93
CA THR C 121 69.03 -67.24 -8.46
C THR C 121 68.68 -67.44 -9.87
N MET C 122 67.52 -67.10 -10.25
CA MET C 122 67.04 -67.13 -11.58
C MET C 122 66.77 -65.71 -12.03
N PRO C 123 66.94 -65.34 -13.29
CA PRO C 123 66.70 -64.00 -13.75
C PRO C 123 65.31 -63.44 -13.53
N PRO C 124 65.05 -62.16 -13.41
CA PRO C 124 63.74 -61.59 -13.21
C PRO C 124 62.76 -61.92 -14.32
N HIS C 125 61.54 -62.29 -13.97
CA HIS C 125 60.51 -62.67 -14.91
C HIS C 125 59.20 -62.39 -14.25
N VAL C 126 58.10 -62.37 -15.01
CA VAL C 126 56.76 -62.15 -14.51
C VAL C 126 56.33 -63.26 -13.57
N PHE C 127 56.80 -64.49 -13.82
CA PHE C 127 56.52 -65.64 -13.01
C PHE C 127 57.43 -65.76 -11.80
N ALA C 128 58.43 -64.89 -11.64
CA ALA C 128 59.32 -64.92 -10.49
C ALA C 128 58.74 -64.14 -9.33
N ILE C 129 57.70 -63.35 -9.61
CA ILE C 129 56.99 -62.56 -8.64
C ILE C 129 55.83 -63.38 -8.17
N ALA C 130 55.18 -64.14 -9.08
CA ALA C 130 54.11 -65.02 -8.70
C ALA C 130 54.57 -66.24 -7.91
N ASP C 131 55.82 -66.69 -8.08
CA ASP C 131 56.36 -67.79 -7.31
C ASP C 131 56.74 -67.37 -5.89
N LYS C 132 57.19 -66.10 -5.72
CA LYS C 132 57.54 -65.55 -4.42
C LYS C 132 56.30 -65.32 -3.58
N ALA C 133 55.19 -64.94 -4.21
CA ALA C 133 53.94 -64.75 -3.52
C ALA C 133 53.08 -66.00 -3.55
N PHE C 134 53.75 -67.15 -3.40
CA PHE C 134 53.11 -68.42 -3.19
C PHE C 134 53.83 -69.09 -2.05
N ARG C 135 55.13 -68.83 -1.89
CA ARG C 135 55.85 -69.31 -0.73
C ARG C 135 55.59 -68.47 0.50
N ASP C 136 55.05 -67.25 0.36
CA ASP C 136 54.64 -66.48 1.52
C ASP C 136 53.29 -66.97 2.05
N MET C 137 52.57 -67.79 1.25
CA MET C 137 51.36 -68.47 1.67
C MET C 137 51.66 -69.59 2.67
N LYS C 138 52.87 -70.16 2.62
CA LYS C 138 53.26 -71.21 3.54
C LYS C 138 54.09 -70.69 4.69
N VAL C 139 54.85 -69.59 4.50
CA VAL C 139 55.60 -68.95 5.56
C VAL C 139 54.71 -68.22 6.54
N LEU C 140 54.24 -67.01 6.20
CA LEU C 140 53.44 -66.20 7.11
C LEU C 140 51.95 -66.45 7.00
N LYS C 141 51.50 -67.21 5.98
CA LYS C 141 50.12 -67.62 5.80
C LYS C 141 49.12 -66.49 5.69
N LEU C 142 49.37 -65.58 4.76
CA LEU C 142 48.56 -64.41 4.53
C LEU C 142 48.23 -64.29 3.07
N SER C 143 46.98 -63.91 2.74
CA SER C 143 46.51 -63.68 1.38
C SER C 143 47.29 -62.59 0.69
N GLN C 144 47.69 -62.78 -0.56
CA GLN C 144 48.57 -61.88 -1.28
C GLN C 144 47.87 -61.10 -2.38
N SER C 145 47.97 -59.77 -2.39
CA SER C 145 47.39 -58.95 -3.45
C SER C 145 48.42 -58.47 -4.47
N ILE C 146 48.30 -58.94 -5.71
CA ILE C 146 49.09 -58.48 -6.82
C ILE C 146 48.54 -57.15 -7.32
N ILE C 147 49.34 -56.07 -7.28
CA ILE C 147 48.86 -54.77 -7.72
C ILE C 147 49.69 -54.40 -8.93
N VAL C 148 49.06 -54.36 -10.11
CA VAL C 148 49.75 -54.02 -11.34
C VAL C 148 49.45 -52.58 -11.68
N SER C 149 50.50 -51.73 -11.69
CA SER C 149 50.39 -50.33 -11.99
C SER C 149 51.00 -49.99 -13.34
N GLY C 150 50.85 -48.73 -13.79
CA GLY C 150 51.36 -48.26 -15.07
C GLY C 150 50.27 -47.56 -15.84
N GLU C 151 50.65 -46.71 -16.80
CA GLU C 151 49.72 -45.99 -17.66
C GLU C 151 48.91 -46.92 -18.52
N SER C 152 47.70 -46.58 -18.94
CA SER C 152 46.89 -47.44 -19.74
C SER C 152 47.45 -47.75 -21.10
N GLY C 153 47.39 -49.04 -21.48
CA GLY C 153 47.99 -49.54 -22.69
C GLY C 153 49.40 -50.02 -22.47
N ALA C 154 49.79 -50.25 -21.22
CA ALA C 154 51.13 -50.64 -20.86
C ALA C 154 51.29 -52.15 -20.70
N GLY C 155 50.21 -52.94 -20.81
CA GLY C 155 50.31 -54.39 -20.73
C GLY C 155 49.89 -54.96 -19.42
N LYS C 156 49.15 -54.20 -18.60
CA LYS C 156 48.74 -54.61 -17.28
C LYS C 156 47.68 -55.70 -17.28
N THR C 157 47.03 -55.95 -18.40
CA THR C 157 45.97 -56.94 -18.51
C THR C 157 46.58 -58.13 -19.17
N GLU C 158 47.47 -57.95 -20.15
CA GLU C 158 48.18 -59.09 -20.72
C GLU C 158 49.19 -59.69 -19.74
N ASN C 159 49.92 -58.88 -18.95
CA ASN C 159 50.78 -59.44 -17.91
C ASN C 159 49.99 -60.01 -16.75
N THR C 160 48.73 -59.59 -16.57
CA THR C 160 47.83 -60.18 -15.57
C THR C 160 47.41 -61.55 -16.03
N LYS C 161 47.18 -61.79 -17.33
CA LYS C 161 46.83 -63.11 -17.81
C LYS C 161 48.01 -64.08 -17.72
N PHE C 162 49.26 -63.59 -17.78
CA PHE C 162 50.44 -64.41 -17.58
C PHE C 162 50.61 -64.84 -16.13
N VAL C 163 50.26 -63.97 -15.17
CA VAL C 163 50.35 -64.28 -13.76
C VAL C 163 49.32 -65.32 -13.36
N LEU C 164 48.09 -65.22 -13.87
CA LEU C 164 47.02 -66.16 -13.58
C LEU C 164 47.23 -67.51 -14.24
N ARG C 165 47.96 -67.57 -15.36
CA ARG C 165 48.27 -68.83 -16.00
C ARG C 165 49.35 -69.57 -15.25
N TYR C 166 50.29 -68.85 -14.61
CA TYR C 166 51.32 -69.48 -13.80
C TYR C 166 50.78 -70.05 -12.50
N LEU C 167 49.81 -69.38 -11.88
CA LEU C 167 49.24 -69.82 -10.64
C LEU C 167 48.34 -71.02 -10.80
N THR C 168 47.71 -71.17 -11.96
CA THR C 168 46.88 -72.32 -12.24
C THR C 168 47.63 -73.40 -12.97
N GLU C 169 48.97 -73.36 -12.94
CA GLU C 169 49.77 -74.38 -13.57
C GLU C 169 50.89 -74.81 -12.65
N SER C 170 51.70 -73.91 -12.15
CA SER C 170 52.82 -74.23 -11.28
C SER C 170 52.47 -74.85 -9.98
N TYR C 171 51.39 -74.40 -9.40
CA TYR C 171 50.90 -74.93 -8.19
C TYR C 171 49.64 -75.67 -8.45
N GLY C 172 49.58 -76.28 -9.28
CA GLY C 172 48.51 -77.10 -9.68
C GLY C 172 47.38 -76.73 -10.18
N THR C 173 46.49 -77.42 -10.67
CA THR C 173 45.33 -77.21 -11.17
C THR C 173 44.34 -76.84 -10.51
N GLY C 174 43.74 -76.70 -10.37
CA GLY C 174 42.80 -76.34 -9.73
C GLY C 174 41.47 -76.30 -10.25
N GLN C 175 41.27 -75.71 -11.26
CA GLN C 175 40.05 -75.55 -11.90
C GLN C 175 39.98 -76.48 -13.06
N ASP C 176 38.79 -76.94 -13.39
CA ASP C 176 38.55 -77.83 -14.48
C ASP C 176 38.81 -77.17 -15.81
N ILE C 177 38.37 -75.94 -15.96
CA ILE C 177 38.60 -75.16 -17.12
C ILE C 177 39.35 -73.91 -16.72
N ASP C 178 40.59 -73.76 -17.13
CA ASP C 178 41.43 -72.62 -16.86
C ASP C 178 40.96 -71.39 -17.60
N ASP C 179 40.53 -71.57 -18.85
CA ASP C 179 40.70 -70.62 -19.91
C ASP C 179 39.59 -69.58 -19.83
N ARG C 180 38.55 -69.87 -19.03
CA ARG C 180 37.44 -69.01 -18.73
C ARG C 180 37.88 -67.71 -18.10
N ILE C 181 38.83 -67.77 -17.18
CA ILE C 181 39.39 -66.61 -16.55
C ILE C 181 40.11 -65.72 -17.55
N VAL C 182 40.89 -66.31 -18.45
CA VAL C 182 41.60 -65.59 -19.49
C VAL C 182 40.67 -64.99 -20.52
N GLU C 183 39.73 -65.76 -21.03
CA GLU C 183 38.79 -65.36 -22.03
C GLU C 183 37.76 -64.33 -21.64
N ALA C 184 37.35 -64.30 -20.37
CA ALA C 184 36.38 -63.38 -19.87
C ALA C 184 36.79 -61.93 -19.86
N ASN C 185 38.09 -61.63 -19.71
CA ASN C 185 38.55 -60.26 -19.67
C ASN C 185 38.21 -59.42 -20.90
N PRO C 186 38.45 -59.77 -22.17
CA PRO C 186 37.98 -58.93 -23.26
C PRO C 186 36.48 -58.74 -23.35
N LEU C 187 35.67 -59.64 -22.75
CA LEU C 187 34.23 -59.46 -22.69
C LEU C 187 33.83 -58.29 -21.83
N LEU C 188 34.43 -58.16 -20.63
CA LEU C 188 34.10 -57.07 -19.73
C LEU C 188 34.79 -55.78 -20.11
N GLU C 189 35.82 -55.85 -20.97
CA GLU C 189 36.47 -54.69 -21.51
C GLU C 189 35.71 -54.14 -22.70
N ALA C 190 34.72 -54.86 -23.25
CA ALA C 190 33.83 -54.31 -24.26
C ALA C 190 32.92 -53.23 -23.66
N PHE C 191 32.39 -53.53 -22.46
CA PHE C 191 31.54 -52.65 -21.69
C PHE C 191 32.27 -51.49 -21.03
N GLY C 192 33.52 -51.68 -20.58
CA GLY C 192 34.25 -50.67 -19.81
C GLY C 192 35.33 -49.89 -20.49
N ASN C 193 35.88 -50.37 -21.62
CA ASN C 193 36.88 -49.61 -22.35
C ASN C 193 36.28 -48.45 -23.13
N ALA C 194 37.08 -47.39 -23.31
CA ALA C 194 36.70 -46.21 -24.05
C ALA C 194 37.91 -45.74 -24.83
N LYS C 195 37.89 -44.49 -25.34
CA LYS C 195 38.98 -43.87 -26.06
C LYS C 195 39.38 -42.63 -25.32
N THR C 196 40.67 -42.47 -25.01
CA THR C 196 41.20 -41.29 -24.32
C THR C 196 42.24 -40.66 -25.19
N VAL C 197 42.69 -39.44 -24.84
CA VAL C 197 43.71 -38.74 -25.58
C VAL C 197 45.05 -39.45 -25.52
N ARG C 198 45.37 -40.07 -24.38
CA ARG C 198 46.58 -40.83 -24.20
C ARG C 198 46.59 -42.18 -24.89
N ASN C 199 45.46 -42.92 -24.89
CA ASN C 199 45.44 -44.22 -25.51
C ASN C 199 44.09 -44.52 -26.12
N ASN C 200 44.09 -45.14 -27.31
CA ASN C 200 42.88 -45.52 -27.98
C ASN C 200 42.13 -46.61 -27.26
N ASN C 201 42.77 -47.71 -26.90
CA ASN C 201 42.16 -48.73 -26.10
C ASN C 201 42.48 -48.52 -24.64
N SER C 202 41.64 -47.82 -23.87
CA SER C 202 41.89 -47.63 -22.46
C SER C 202 40.72 -48.11 -21.64
N SER C 203 40.99 -48.71 -20.47
CA SER C 203 39.97 -49.15 -19.53
C SER C 203 39.55 -48.03 -18.62
N ARG C 204 38.24 -47.80 -18.44
CA ARG C 204 37.76 -46.75 -17.56
C ARG C 204 37.15 -47.33 -16.30
N PHE C 205 37.66 -48.50 -15.87
CA PHE C 205 37.22 -49.19 -14.70
C PHE C 205 38.38 -49.92 -14.08
N GLY C 206 38.32 -50.19 -12.77
CA GLY C 206 39.38 -50.83 -12.00
C GLY C 206 38.96 -52.18 -11.53
N LYS C 207 39.19 -53.21 -12.36
CA LYS C 207 38.82 -54.58 -12.01
C LYS C 207 39.75 -55.19 -10.98
N PHE C 208 39.21 -56.10 -10.13
CA PHE C 208 39.97 -56.74 -9.08
C PHE C 208 39.63 -58.21 -9.09
N VAL C 209 40.54 -59.05 -9.64
CA VAL C 209 40.34 -60.48 -9.65
C VAL C 209 40.63 -61.04 -8.27
N GLU C 210 39.80 -61.94 -7.72
CA GLU C 210 40.04 -62.59 -6.45
C GLU C 210 40.04 -64.09 -6.62
N ILE C 211 41.22 -64.71 -6.87
CA ILE C 211 41.34 -66.14 -7.05
C ILE C 211 41.47 -66.78 -5.68
N HIS C 212 40.48 -67.59 -5.30
CA HIS C 212 40.44 -68.18 -3.99
C HIS C 212 41.12 -69.54 -3.98
N PHE C 213 41.65 -69.95 -2.82
CA PHE C 213 42.31 -71.22 -2.63
C PHE C 213 41.79 -71.83 -1.35
N ASN C 214 42.50 -72.79 -0.76
CA ASN C 214 42.09 -73.45 0.47
C ASN C 214 43.32 -73.86 1.25
N GLU C 215 43.14 -74.46 2.44
CA GLU C 215 44.23 -74.91 3.30
C GLU C 215 45.07 -76.02 2.73
N LYS C 216 44.56 -76.77 1.74
CA LYS C 216 45.28 -77.79 1.03
C LYS C 216 46.14 -77.20 -0.04
N SER C 217 46.04 -75.91 -0.32
CA SER C 217 46.73 -75.09 -1.29
C SER C 217 46.28 -75.32 -2.71
N SER C 218 45.02 -75.62 -2.92
CA SER C 218 44.43 -75.85 -4.21
C SER C 218 43.38 -74.81 -4.51
N VAL C 219 43.22 -74.44 -5.80
CA VAL C 219 42.27 -73.45 -6.26
C VAL C 219 40.83 -73.91 -6.05
N VAL C 220 39.95 -73.05 -5.52
CA VAL C 220 38.55 -73.40 -5.30
C VAL C 220 37.59 -72.62 -6.19
N GLY C 221 38.08 -71.64 -6.95
CA GLY C 221 37.29 -70.82 -7.85
C GLY C 221 37.68 -69.38 -7.72
N GLY C 222 36.91 -68.46 -8.31
CA GLY C 222 37.28 -67.05 -8.26
C GLY C 222 36.12 -66.11 -8.25
N PHE C 223 36.42 -64.81 -8.19
CA PHE C 223 35.44 -63.77 -8.13
C PHE C 223 36.04 -62.48 -8.65
N VAL C 224 35.48 -61.88 -9.71
CA VAL C 224 36.00 -60.64 -10.27
C VAL C 224 35.00 -59.55 -9.96
N SER C 225 35.47 -58.40 -9.46
CA SER C 225 34.61 -57.26 -9.17
C SER C 225 35.08 -56.06 -9.97
N HIS C 226 34.69 -54.84 -9.57
CA HIS C 226 35.07 -53.65 -10.28
C HIS C 226 34.87 -52.47 -9.40
N TYR C 227 35.77 -51.48 -9.51
CA TYR C 227 35.77 -50.28 -8.73
C TYR C 227 36.06 -49.16 -9.69
N LEU C 228 35.44 -47.99 -9.47
CA LEU C 228 35.54 -46.82 -10.30
C LEU C 228 34.95 -46.98 -11.69
N LEU C 229 33.89 -46.47 -12.01
CA LEU C 229 33.26 -46.48 -13.30
C LEU C 229 33.00 -45.04 -13.69
N GLU C 230 33.42 -44.60 -14.88
CA GLU C 230 33.19 -43.25 -15.34
C GLU C 230 31.76 -43.06 -15.80
N LYS C 231 30.83 -42.89 -14.85
CA LYS C 231 29.42 -42.72 -15.10
C LYS C 231 29.11 -41.46 -15.89
N SER C 232 29.91 -40.42 -15.69
CA SER C 232 29.83 -39.16 -16.40
C SER C 232 30.03 -39.29 -17.90
N ARG C 233 30.88 -40.23 -18.32
CA ARG C 233 31.17 -40.54 -19.71
C ARG C 233 29.95 -40.92 -20.50
N ILE C 234 28.93 -41.52 -19.85
CA ILE C 234 27.68 -41.85 -20.49
C ILE C 234 26.98 -40.62 -21.00
N CYS C 235 26.90 -39.58 -20.17
CA CYS C 235 26.25 -38.36 -20.50
C CYS C 235 27.02 -37.39 -21.35
N VAL C 236 28.30 -37.21 -21.10
CA VAL C 236 29.11 -36.26 -21.82
C VAL C 236 30.49 -36.80 -22.10
N GLN C 237 31.00 -36.57 -23.32
CA GLN C 237 32.28 -37.07 -23.78
C GLN C 237 33.10 -35.93 -24.30
N GLY C 238 34.43 -36.05 -24.24
CA GLY C 238 35.34 -35.08 -24.79
C GLY C 238 35.37 -35.11 -26.29
N LYS C 239 35.97 -34.12 -26.93
CA LYS C 239 36.06 -34.01 -28.35
C LYS C 239 36.80 -35.11 -29.05
N GLU C 240 37.91 -35.56 -28.49
CA GLU C 240 38.70 -36.63 -29.01
C GLU C 240 38.41 -37.94 -28.31
N GLU C 241 37.37 -38.05 -27.55
CA GLU C 241 37.00 -39.23 -26.82
C GLU C 241 35.72 -39.85 -27.35
N ARG C 242 35.54 -41.18 -27.15
CA ARG C 242 34.29 -41.85 -27.49
C ARG C 242 33.50 -42.01 -26.20
N ASN C 243 32.47 -42.89 -26.15
CA ASN C 243 31.75 -43.12 -24.91
C ASN C 243 32.22 -44.46 -24.39
N TYR C 244 31.38 -45.52 -24.32
CA TYR C 244 31.87 -46.85 -24.03
C TYR C 244 31.97 -47.59 -25.34
N HIS C 245 32.81 -48.63 -25.41
CA HIS C 245 32.99 -49.34 -26.66
C HIS C 245 31.98 -50.40 -26.98
N ILE C 246 30.94 -50.57 -26.15
CA ILE C 246 29.87 -51.47 -26.50
C ILE C 246 28.85 -50.78 -27.42
N PHE C 247 28.65 -49.46 -27.30
CA PHE C 247 27.67 -48.79 -28.16
C PHE C 247 28.09 -48.69 -29.62
N TYR C 248 29.40 -48.67 -29.89
CA TYR C 248 29.91 -48.65 -31.26
C TYR C 248 30.02 -50.04 -31.84
N ARG C 249 29.84 -51.08 -31.01
CA ARG C 249 29.89 -52.47 -31.41
C ARG C 249 28.48 -52.96 -31.61
N LEU C 250 27.50 -52.20 -31.13
CA LEU C 250 26.10 -52.50 -31.28
C LEU C 250 25.62 -51.76 -32.51
N CYS C 251 26.05 -50.52 -32.77
CA CYS C 251 25.60 -49.86 -33.99
C CYS C 251 26.43 -50.22 -35.21
N ALA C 252 27.68 -50.70 -35.06
CA ALA C 252 28.44 -51.16 -36.22
C ALA C 252 28.43 -52.67 -36.37
N GLY C 253 28.05 -53.43 -35.37
CA GLY C 253 28.05 -54.88 -35.40
C GLY C 253 26.73 -55.52 -35.67
N ALA C 254 25.75 -55.40 -34.84
CA ALA C 254 24.44 -56.03 -34.90
C ALA C 254 23.72 -55.95 -36.24
N SER C 255 23.04 -57.05 -36.63
CA SER C 255 22.30 -57.20 -37.87
C SER C 255 21.16 -56.22 -38.11
N GLU C 256 20.50 -56.31 -39.27
CA GLU C 256 19.42 -55.41 -39.65
C GLU C 256 18.08 -55.97 -39.21
N ASP C 257 18.08 -57.22 -38.71
CA ASP C 257 16.92 -57.84 -38.10
C ASP C 257 17.06 -57.80 -36.58
N ILE C 258 17.98 -56.95 -36.12
CA ILE C 258 18.19 -56.63 -34.73
C ILE C 258 18.09 -55.14 -34.61
N ARG C 259 18.66 -54.37 -35.56
CA ARG C 259 18.58 -52.93 -35.49
C ARG C 259 17.20 -52.39 -35.81
N GLU C 260 16.45 -53.04 -36.72
CA GLU C 260 15.08 -52.64 -36.98
C GLU C 260 14.12 -53.03 -35.86
N ARG C 261 14.45 -54.07 -35.08
CA ARG C 261 13.66 -54.50 -33.95
C ARG C 261 13.88 -53.66 -32.72
N LEU C 262 15.03 -52.99 -32.59
CA LEU C 262 15.33 -52.11 -31.48
C LEU C 262 15.15 -50.66 -31.84
N HIS C 263 14.71 -50.37 -33.08
CA HIS C 263 14.48 -49.03 -33.61
C HIS C 263 15.71 -48.14 -33.58
N LEU C 264 16.90 -48.71 -33.80
CA LEU C 264 18.15 -48.00 -33.70
C LEU C 264 18.55 -47.31 -34.97
N SER C 265 18.97 -46.06 -34.86
CA SER C 265 19.44 -45.23 -35.92
C SER C 265 20.93 -45.00 -35.76
N SER C 266 21.53 -44.05 -36.49
CA SER C 266 22.94 -43.74 -36.40
C SER C 266 23.32 -42.98 -35.11
N PRO C 267 24.55 -43.05 -34.61
CA PRO C 267 24.94 -42.46 -33.33
C PRO C 267 24.70 -40.97 -33.17
N ASP C 268 24.69 -40.19 -34.25
CA ASP C 268 24.51 -38.75 -34.22
C ASP C 268 23.10 -38.33 -33.85
N ASN C 269 22.14 -39.27 -33.90
CA ASN C 269 20.77 -39.03 -33.51
C ASN C 269 20.58 -39.13 -32.01
N PHE C 270 21.47 -39.83 -31.29
CA PHE C 270 21.35 -40.02 -29.85
C PHE C 270 22.18 -39.03 -29.07
N ARG C 271 21.57 -38.28 -28.12
CA ARG C 271 22.21 -37.28 -27.30
C ARG C 271 23.45 -37.74 -26.54
N TYR C 272 23.42 -38.95 -25.99
CA TYR C 272 24.53 -39.51 -25.26
C TYR C 272 25.66 -40.00 -26.17
N LEU C 273 25.50 -39.99 -27.48
CA LEU C 273 26.54 -40.38 -28.41
C LEU C 273 26.88 -39.27 -29.39
N ASN C 274 26.16 -38.16 -29.46
CA ASN C 274 26.46 -37.09 -30.38
C ASN C 274 27.38 -36.02 -29.86
N ARG C 275 27.79 -36.12 -28.63
CA ARG C 275 28.77 -35.24 -28.09
C ARG C 275 30.14 -35.76 -28.34
N GLY C 276 30.95 -36.06 -28.36
CA GLY C 276 32.26 -36.59 -28.64
C GLY C 276 32.45 -37.19 -30.00
N CYS C 277 33.29 -38.17 -30.11
CA CYS C 277 33.64 -38.84 -31.34
C CYS C 277 32.72 -40.01 -31.68
N THR C 278 32.17 -40.01 -32.91
CA THR C 278 31.27 -41.04 -33.40
C THR C 278 31.93 -42.02 -34.35
N ARG C 279 33.20 -41.81 -34.70
CA ARG C 279 33.96 -42.66 -35.61
C ARG C 279 34.25 -44.07 -35.10
N TYR C 280 34.22 -45.06 -35.99
CA TYR C 280 34.47 -46.45 -35.67
C TYR C 280 35.94 -46.80 -35.84
N PHE C 281 36.44 -47.81 -35.11
CA PHE C 281 37.79 -48.31 -35.25
C PHE C 281 37.77 -49.38 -36.32
N ALA C 282 38.23 -49.27 -37.40
CA ALA C 282 38.19 -50.22 -38.48
C ALA C 282 39.43 -50.20 -39.32
N ASN C 283 39.73 -51.26 -40.00
CA ASN C 283 40.82 -51.44 -40.92
C ASN C 283 40.27 -51.37 -42.33
N LYS C 284 41.10 -51.38 -43.38
CA LYS C 284 40.67 -51.22 -44.75
C LYS C 284 39.64 -52.22 -45.22
N GLU C 285 39.81 -53.49 -44.90
CA GLU C 285 38.88 -54.53 -45.24
C GLU C 285 37.55 -54.39 -44.50
N THR C 286 37.57 -54.01 -43.22
CA THR C 286 36.39 -53.81 -42.40
C THR C 286 35.60 -52.59 -42.76
N ASP C 287 36.23 -51.53 -43.31
CA ASP C 287 35.58 -50.32 -43.76
C ASP C 287 34.54 -50.58 -44.83
N LYS C 288 34.79 -51.51 -45.76
CA LYS C 288 33.83 -51.88 -46.75
C LYS C 288 32.81 -52.88 -46.25
N GLN C 289 33.04 -53.55 -45.13
CA GLN C 289 32.12 -54.48 -44.54
C GLN C 289 31.02 -53.80 -43.73
N ILE C 290 31.29 -52.66 -43.12
CA ILE C 290 30.30 -51.90 -42.36
C ILE C 290 29.25 -51.32 -43.30
N LEU C 291 27.95 -51.55 -42.98
CA LEU C 291 26.84 -51.11 -43.79
C LEU C 291 26.71 -49.59 -43.90
N GLN C 292 26.28 -49.10 -45.07
CA GLN C 292 26.16 -47.70 -45.41
C GLN C 292 25.25 -46.90 -44.48
N ASN C 293 24.13 -47.49 -44.02
CA ASN C 293 23.22 -46.86 -43.09
C ASN C 293 23.79 -46.64 -41.70
N ARG C 294 24.85 -47.37 -41.33
CA ARG C 294 25.51 -47.24 -40.04
C ARG C 294 26.55 -46.14 -40.05
N LYS C 295 26.98 -45.67 -41.21
CA LYS C 295 27.98 -44.63 -41.34
C LYS C 295 27.37 -43.25 -41.22
N SER C 296 27.76 -42.51 -40.18
CA SER C 296 27.30 -41.17 -39.92
C SER C 296 27.97 -40.15 -40.81
N PRO C 297 27.48 -38.94 -41.01
CA PRO C 297 28.14 -37.95 -41.84
C PRO C 297 29.55 -37.60 -41.39
N GLU C 298 29.85 -37.64 -40.08
CA GLU C 298 31.19 -37.42 -39.58
C GLU C 298 32.12 -38.57 -39.91
N TYR C 299 31.60 -39.81 -39.98
CA TYR C 299 32.36 -40.95 -40.41
C TYR C 299 32.59 -40.88 -41.91
N LEU C 300 31.61 -40.42 -42.68
CA LEU C 300 31.79 -40.23 -44.09
C LEU C 300 32.83 -39.16 -44.41
N LYS C 301 32.82 -38.03 -43.69
CA LYS C 301 33.80 -36.99 -43.84
C LYS C 301 35.18 -37.29 -43.32
N ALA C 302 35.31 -37.82 -42.10
CA ALA C 302 36.60 -38.05 -41.49
C ALA C 302 37.11 -39.47 -41.45
N GLY C 303 36.30 -40.46 -41.84
CA GLY C 303 36.69 -41.86 -41.89
C GLY C 303 36.95 -42.53 -40.57
N SER C 304 37.38 -43.80 -40.65
CA SER C 304 37.68 -44.65 -39.52
C SER C 304 38.84 -44.19 -38.65
N LEU C 305 38.95 -44.76 -37.45
CA LEU C 305 40.01 -44.54 -36.52
C LEU C 305 40.94 -45.74 -36.60
N LYS C 306 42.21 -45.58 -36.60
CA LYS C 306 43.19 -46.65 -36.75
C LYS C 306 43.83 -47.06 -35.44
N ASP C 307 43.97 -48.37 -35.21
CA ASP C 307 44.63 -48.93 -34.06
C ASP C 307 45.21 -50.30 -34.45
N PRO C 308 46.29 -50.81 -33.85
CA PRO C 308 46.82 -52.13 -34.18
C PRO C 308 46.00 -53.23 -33.70
N LEU C 309 45.21 -53.03 -32.64
CA LEU C 309 44.46 -54.07 -32.10
C LEU C 309 43.02 -53.95 -32.25
N LEU C 310 42.44 -52.84 -32.07
CA LEU C 310 41.05 -52.68 -32.15
C LEU C 310 40.38 -52.59 -33.50
N ASP C 311 39.25 -53.25 -33.65
CA ASP C 311 38.37 -53.23 -34.78
C ASP C 311 36.99 -53.39 -34.16
N ASP C 312 36.07 -52.44 -34.35
CA ASP C 312 34.77 -52.49 -33.71
C ASP C 312 33.91 -53.63 -34.25
N HIS C 313 33.87 -53.85 -35.58
CA HIS C 313 33.09 -54.94 -36.15
C HIS C 313 33.71 -56.30 -35.86
N GLY C 314 35.05 -56.38 -35.77
CA GLY C 314 35.79 -57.58 -35.41
C GLY C 314 35.59 -58.00 -33.98
N ASP C 315 35.58 -57.03 -33.05
CA ASP C 315 35.41 -57.27 -31.65
C ASP C 315 33.96 -57.58 -31.29
N PHE C 316 33.00 -57.36 -32.21
CA PHE C 316 31.61 -57.71 -31.97
C PHE C 316 31.43 -59.21 -32.23
N ILE C 317 32.19 -59.78 -33.17
CA ILE C 317 32.18 -61.21 -33.41
C ILE C 317 32.84 -61.93 -32.25
N ARG C 318 33.93 -61.37 -31.69
CA ARG C 318 34.58 -61.99 -30.55
C ARG C 318 33.89 -61.66 -29.24
N MET C 319 32.89 -60.77 -29.25
CA MET C 319 32.04 -60.49 -28.12
C MET C 319 30.96 -61.55 -28.07
N CYS C 320 30.29 -61.81 -29.20
CA CYS C 320 29.22 -62.80 -29.23
C CYS C 320 29.74 -64.22 -29.11
N THR C 321 31.00 -64.47 -29.48
CA THR C 321 31.66 -65.76 -29.24
C THR C 321 31.97 -65.94 -27.76
N ALA C 322 32.38 -64.86 -27.06
CA ALA C 322 32.67 -64.92 -25.64
C ALA C 322 31.42 -64.97 -24.78
N MET C 323 30.26 -64.60 -25.33
CA MET C 323 28.97 -64.70 -24.67
C MET C 323 28.51 -66.13 -24.60
N LYS C 324 28.66 -66.91 -25.69
CA LYS C 324 28.29 -68.31 -25.65
C LYS C 324 29.33 -69.15 -24.93
N LYS C 325 30.53 -68.61 -24.65
CA LYS C 325 31.54 -69.32 -23.88
C LYS C 325 31.39 -69.10 -22.38
N ILE C 326 30.63 -68.07 -21.94
CA ILE C 326 30.29 -67.90 -20.53
C ILE C 326 28.88 -68.41 -20.27
N GLY C 327 28.23 -68.97 -21.30
CA GLY C 327 26.90 -69.56 -21.20
C GLY C 327 25.74 -68.61 -21.34
N LEU C 328 25.93 -67.42 -21.90
CA LEU C 328 24.87 -66.45 -22.09
C LEU C 328 24.02 -66.81 -23.29
N ASP C 329 22.71 -67.01 -23.11
CA ASP C 329 21.78 -67.38 -24.14
C ASP C 329 21.54 -66.24 -25.12
N ASP C 330 21.29 -66.53 -26.41
CA ASP C 330 21.05 -65.51 -27.39
C ASP C 330 19.75 -64.74 -27.14
N GLU C 331 18.75 -65.37 -26.52
CA GLU C 331 17.52 -64.71 -26.13
C GLU C 331 17.70 -63.73 -24.97
N GLU C 332 18.75 -63.94 -24.14
CA GLU C 332 19.10 -63.06 -23.04
C GLU C 332 20.02 -61.96 -23.52
N LYS C 333 20.79 -62.22 -24.60
CA LYS C 333 21.61 -61.22 -25.25
C LYS C 333 20.74 -60.19 -25.95
N LEU C 334 19.57 -60.57 -26.45
CA LEU C 334 18.65 -59.63 -27.04
C LEU C 334 17.99 -58.73 -26.00
N ASP C 335 17.80 -59.22 -24.75
CA ASP C 335 17.31 -58.36 -23.69
C ASP C 335 18.43 -57.46 -23.17
N LEU C 336 19.70 -57.85 -23.29
CA LEU C 336 20.82 -57.00 -22.95
C LEU C 336 20.96 -55.87 -23.96
N PHE C 337 20.65 -56.13 -25.23
CA PHE C 337 20.62 -55.12 -26.27
C PHE C 337 19.44 -54.18 -26.12
N ARG C 338 18.31 -54.62 -25.55
CA ARG C 338 17.15 -53.77 -25.31
C ARG C 338 17.40 -52.80 -24.16
N VAL C 339 18.23 -53.17 -23.17
CA VAL C 339 18.57 -52.28 -22.06
C VAL C 339 19.55 -51.23 -22.51
N VAL C 340 20.54 -51.58 -23.36
CA VAL C 340 21.52 -50.62 -23.87
C VAL C 340 20.86 -49.64 -24.82
N ALA C 341 19.94 -50.10 -25.68
CA ALA C 341 19.21 -49.22 -26.57
C ALA C 341 18.20 -48.35 -25.85
N GLY C 342 17.66 -48.81 -24.69
CA GLY C 342 16.77 -48.01 -23.88
C GLY C 342 17.44 -46.85 -23.20
N VAL C 343 18.77 -46.94 -22.95
CA VAL C 343 19.52 -45.81 -22.40
C VAL C 343 19.74 -44.76 -23.47
N LEU C 344 19.94 -45.19 -24.73
CA LEU C 344 20.09 -44.29 -25.85
C LEU C 344 18.83 -43.52 -26.17
N HIS C 345 17.64 -44.15 -26.08
CA HIS C 345 16.43 -43.41 -26.35
C HIS C 345 15.87 -42.74 -25.10
N LEU C 346 16.55 -42.85 -23.95
CA LEU C 346 16.23 -42.09 -22.76
C LEU C 346 16.80 -40.70 -22.89
N GLY C 347 18.03 -40.60 -23.46
CA GLY C 347 18.70 -39.33 -23.68
C GLY C 347 18.07 -38.44 -24.71
N ASN C 348 17.18 -38.98 -25.54
CA ASN C 348 16.47 -38.23 -26.55
C ASN C 348 15.21 -37.59 -26.02
N ILE C 349 14.93 -37.65 -24.72
CA ILE C 349 13.81 -36.98 -24.10
C ILE C 349 14.22 -35.59 -23.64
N ASP C 350 13.51 -34.56 -24.16
CA ASP C 350 13.77 -33.17 -23.91
C ASP C 350 12.57 -32.53 -23.20
N PHE C 351 12.85 -31.74 -22.16
CA PHE C 351 11.88 -31.10 -21.30
C PHE C 351 11.62 -29.64 -21.64
N GLU C 352 10.52 -29.08 -21.12
CA GLU C 352 10.23 -27.66 -21.22
C GLU C 352 9.43 -27.24 -20.00
N GLU C 353 8.88 -26.01 -19.95
CA GLU C 353 8.13 -25.53 -18.81
C GLU C 353 6.73 -25.31 -19.05
N ALA C 354 5.83 -25.51 -18.10
CA ALA C 354 4.44 -25.31 -18.14
C ALA C 354 3.70 -25.24 -17.15
N GLY C 355 2.61 -25.19 -17.44
CA GLY C 355 1.83 -25.14 -16.61
C GLY C 355 0.90 -24.71 -15.82
N SER C 356 0.16 -25.51 -15.46
CA SER C 356 -0.78 -25.28 -14.66
C SER C 356 -0.29 -25.09 -13.42
N THR C 357 0.76 -25.75 -13.05
CA THR C 357 1.42 -25.63 -11.95
C THR C 357 2.08 -24.43 -11.95
N SER C 358 2.25 -23.95 -13.02
CA SER C 358 2.81 -22.82 -13.29
C SER C 358 4.21 -22.96 -13.11
N GLY C 359 4.88 -23.45 -12.64
CA GLY C 359 6.23 -23.75 -12.42
C GLY C 359 6.65 -24.90 -12.71
N GLY C 360 6.11 -25.63 -13.33
CA GLY C 360 6.41 -26.77 -13.63
C GLY C 360 7.12 -27.29 -14.72
N CYS C 361 7.46 -28.33 -15.03
CA CYS C 361 8.13 -28.99 -16.05
C CYS C 361 7.22 -29.89 -16.88
N ASN C 362 7.37 -29.85 -18.22
CA ASN C 362 6.63 -30.70 -19.14
C ASN C 362 7.64 -31.26 -20.13
N LEU C 363 7.20 -31.85 -21.26
CA LEU C 363 8.11 -32.37 -22.27
C LEU C 363 7.92 -31.61 -23.56
N LYS C 364 8.86 -31.76 -24.51
CA LYS C 364 8.76 -31.14 -25.82
C LYS C 364 7.99 -32.02 -26.81
N ASN C 365 7.49 -31.41 -27.89
CA ASN C 365 6.71 -32.08 -28.93
C ASN C 365 7.49 -33.15 -29.66
N LYS C 366 8.81 -32.95 -29.84
CA LYS C 366 9.71 -33.90 -30.45
C LYS C 366 10.01 -35.12 -29.59
N SER C 367 9.60 -35.10 -28.31
CA SER C 367 9.84 -36.17 -27.36
C SER C 367 8.67 -37.09 -27.20
N THR C 368 7.76 -37.19 -28.17
CA THR C 368 6.58 -38.04 -28.07
C THR C 368 6.82 -39.32 -28.80
N GLN C 369 7.47 -39.26 -29.98
CA GLN C 369 7.86 -40.43 -30.74
C GLN C 369 9.02 -41.13 -30.06
N ALA C 370 9.91 -40.35 -29.42
CA ALA C 370 11.02 -40.90 -28.70
C ALA C 370 10.59 -41.54 -27.38
N LEU C 371 9.49 -41.07 -26.78
CA LEU C 371 8.98 -41.66 -25.55
C LEU C 371 8.22 -42.93 -25.83
N GLU C 372 7.61 -43.09 -27.03
CA GLU C 372 6.96 -44.34 -27.36
C GLU C 372 7.95 -45.47 -27.61
N TYR C 373 9.09 -45.18 -28.26
CA TYR C 373 10.13 -46.17 -28.46
C TYR C 373 10.97 -46.42 -27.21
N CYS C 374 11.04 -45.48 -26.26
CA CYS C 374 11.80 -45.66 -25.03
C CYS C 374 11.06 -46.52 -24.04
N ALA C 375 9.74 -46.38 -23.96
CA ALA C 375 8.92 -47.12 -23.02
C ALA C 375 8.64 -48.54 -23.50
N GLU C 376 8.89 -48.80 -24.79
CA GLU C 376 8.74 -50.12 -25.39
C GLU C 376 9.96 -50.98 -25.08
N LEU C 377 11.15 -50.36 -24.99
CA LEU C 377 12.38 -51.03 -24.64
C LEU C 377 12.49 -51.24 -23.14
N LEU C 378 12.10 -50.24 -22.33
CA LEU C 378 12.14 -50.33 -20.88
C LEU C 378 11.03 -51.20 -20.29
N GLY C 379 9.83 -51.24 -20.90
CA GLY C 379 8.74 -52.07 -20.37
C GLY C 379 7.90 -51.35 -19.35
N LEU C 380 7.65 -50.07 -19.58
CA LEU C 380 6.91 -49.19 -18.69
C LEU C 380 5.81 -48.52 -19.46
N ASP C 381 4.81 -47.95 -18.77
CA ASP C 381 3.75 -47.18 -19.40
C ASP C 381 4.25 -45.77 -19.67
N GLN C 382 3.78 -45.11 -20.76
CA GLN C 382 4.29 -43.82 -21.14
C GLN C 382 3.81 -42.70 -20.24
N ASP C 383 2.55 -42.75 -19.80
CA ASP C 383 1.99 -41.75 -18.91
C ASP C 383 2.60 -41.82 -17.52
N ASP C 384 2.86 -43.03 -16.99
CA ASP C 384 3.46 -43.20 -15.68
C ASP C 384 4.96 -42.91 -15.65
N LEU C 385 5.60 -42.80 -16.82
CA LEU C 385 7.01 -42.47 -16.88
C LEU C 385 7.15 -40.98 -17.12
N ARG C 386 6.15 -40.35 -17.74
CA ARG C 386 6.19 -38.92 -17.96
C ARG C 386 5.93 -38.12 -16.70
N VAL C 387 5.07 -38.61 -15.77
CA VAL C 387 4.90 -37.97 -14.49
C VAL C 387 5.80 -38.56 -13.42
N SER C 388 6.91 -39.19 -13.82
CA SER C 388 7.90 -39.68 -12.87
C SER C 388 9.22 -39.04 -13.16
N LEU C 389 9.48 -38.67 -14.42
CA LEU C 389 10.63 -37.87 -14.77
C LEU C 389 10.41 -36.41 -14.42
N THR C 390 9.15 -35.94 -14.33
CA THR C 390 8.86 -34.54 -14.09
C THR C 390 8.30 -34.19 -12.73
N THR C 391 8.13 -35.14 -11.78
CA THR C 391 7.57 -34.80 -10.47
C THR C 391 8.37 -35.33 -9.31
N ARG C 392 8.18 -34.72 -8.12
CA ARG C 392 8.73 -35.12 -6.85
C ARG C 392 7.58 -35.67 -6.03
N VAL C 393 7.47 -36.99 -5.97
CA VAL C 393 6.44 -37.71 -5.22
C VAL C 393 6.71 -37.65 -3.73
N MET C 394 5.71 -37.30 -2.91
CA MET C 394 5.89 -37.30 -1.47
C MET C 394 4.58 -37.71 -0.85
N LEU C 395 4.54 -37.98 0.46
CA LEU C 395 3.31 -38.42 1.09
C LEU C 395 3.01 -37.64 2.33
N THR C 396 1.75 -37.74 2.79
CA THR C 396 1.25 -37.08 3.99
C THR C 396 0.69 -38.11 4.95
N THR C 397 0.82 -39.39 4.62
CA THR C 397 0.38 -40.53 5.41
C THR C 397 1.08 -40.66 6.73
N THR C 404 -2.37 -38.95 2.14
CA THR C 404 -2.33 -39.47 0.79
C THR C 404 -0.93 -39.31 0.22
N VAL C 405 -0.72 -39.62 -1.06
CA VAL C 405 0.57 -39.55 -1.74
C VAL C 405 0.43 -38.56 -2.87
N ILE C 406 1.01 -37.35 -2.72
CA ILE C 406 0.93 -36.29 -3.69
C ILE C 406 2.11 -36.29 -4.65
N LYS C 407 2.06 -35.43 -5.68
CA LYS C 407 3.10 -35.28 -6.66
C LYS C 407 3.35 -33.80 -6.84
N VAL C 408 4.63 -33.39 -6.87
CA VAL C 408 5.02 -32.00 -6.91
C VAL C 408 5.96 -31.78 -8.08
N PRO C 409 5.62 -31.11 -9.18
CA PRO C 409 6.49 -30.98 -10.34
C PRO C 409 7.86 -30.39 -10.07
N LEU C 410 8.89 -30.95 -10.73
CA LEU C 410 10.27 -30.55 -10.61
C LEU C 410 10.62 -29.39 -11.50
N LYS C 411 11.81 -28.79 -11.28
CA LYS C 411 12.34 -27.75 -12.12
C LYS C 411 12.91 -28.35 -13.40
N VAL C 412 13.23 -27.52 -14.41
CA VAL C 412 13.70 -28.01 -15.70
C VAL C 412 15.13 -28.48 -15.63
N GLU C 413 16.00 -27.78 -14.88
CA GLU C 413 17.36 -28.22 -14.70
C GLU C 413 17.42 -29.48 -13.86
N GLN C 414 16.51 -29.63 -12.89
CA GLN C 414 16.46 -30.83 -12.09
C GLN C 414 15.82 -32.00 -12.83
N ALA C 415 15.04 -31.74 -13.89
CA ALA C 415 14.52 -32.76 -14.79
C ALA C 415 15.58 -33.30 -15.72
N ASN C 416 16.46 -32.41 -16.21
CA ASN C 416 17.57 -32.81 -17.06
C ASN C 416 18.59 -33.57 -16.24
N ASN C 417 18.78 -33.20 -14.96
CA ASN C 417 19.66 -33.96 -14.11
C ASN C 417 19.05 -35.28 -13.66
N ALA C 418 17.71 -35.39 -13.58
CA ALA C 418 17.05 -36.64 -13.23
C ALA C 418 17.05 -37.67 -14.35
N ARG C 419 16.99 -37.23 -15.61
CA ARG C 419 17.01 -38.13 -16.75
C ARG C 419 18.39 -38.71 -16.97
N ASP C 420 19.40 -37.88 -16.73
CA ASP C 420 20.80 -38.24 -16.82
C ASP C 420 21.20 -39.13 -15.65
N ALA C 421 20.63 -38.92 -14.45
CA ALA C 421 20.88 -39.76 -13.29
C ALA C 421 20.18 -41.11 -13.41
N LEU C 422 19.02 -41.17 -14.10
CA LEU C 422 18.33 -42.41 -14.34
C LEU C 422 19.08 -43.25 -15.36
N ALA C 423 19.74 -42.61 -16.34
CA ALA C 423 20.56 -43.30 -17.31
C ALA C 423 21.83 -43.90 -16.70
N LYS C 424 22.45 -43.19 -15.75
CA LYS C 424 23.64 -43.67 -15.07
C LYS C 424 23.30 -44.75 -14.05
N THR C 425 22.06 -44.73 -13.52
CA THR C 425 21.61 -45.74 -12.58
C THR C 425 21.39 -47.08 -13.25
N VAL C 426 20.83 -47.10 -14.48
CA VAL C 426 20.64 -48.34 -15.21
C VAL C 426 21.95 -48.96 -15.65
N TYR C 427 22.94 -48.17 -16.09
CA TYR C 427 24.22 -48.69 -16.50
C TYR C 427 25.05 -49.21 -15.33
N SER C 428 24.82 -48.66 -14.11
CA SER C 428 25.46 -49.14 -12.90
C SER C 428 25.05 -50.56 -12.58
N HIS C 429 23.74 -50.83 -12.55
CA HIS C 429 23.22 -52.15 -12.27
C HIS C 429 23.40 -53.10 -13.44
N LEU C 430 23.58 -52.60 -14.67
CA LEU C 430 23.88 -53.42 -15.82
C LEU C 430 25.31 -53.93 -15.78
N PHE C 431 26.27 -53.11 -15.30
CA PHE C 431 27.65 -53.53 -15.20
C PHE C 431 27.84 -54.56 -14.08
N ASP C 432 27.09 -54.43 -12.98
CA ASP C 432 27.13 -55.41 -11.92
C ASP C 432 26.42 -56.70 -12.30
N HIS C 433 25.48 -56.66 -13.26
CA HIS C 433 24.81 -57.86 -13.73
C HIS C 433 25.67 -58.68 -14.66
N VAL C 434 26.52 -58.03 -15.47
CA VAL C 434 27.43 -58.72 -16.35
C VAL C 434 28.52 -59.43 -15.57
N VAL C 435 29.10 -58.81 -14.53
CA VAL C 435 30.10 -59.48 -13.71
C VAL C 435 29.51 -60.58 -12.84
N ASN C 436 28.20 -60.54 -12.54
CA ASN C 436 27.53 -61.56 -11.77
C ASN C 436 27.26 -62.77 -12.65
N ARG C 437 27.01 -62.56 -13.96
CA ARG C 437 26.84 -63.63 -14.91
C ARG C 437 28.17 -64.36 -15.14
N VAL C 438 29.27 -63.62 -15.22
CA VAL C 438 30.62 -64.16 -15.37
C VAL C 438 31.11 -64.83 -14.09
N ASN C 439 30.92 -64.24 -12.90
CA ASN C 439 31.32 -64.87 -11.64
C ASN C 439 30.62 -66.21 -11.40
N GLN C 440 29.40 -66.38 -11.95
CA GLN C 440 28.66 -67.62 -11.92
C GLN C 440 29.26 -68.72 -12.77
N CYS C 441 30.24 -68.43 -13.65
CA CYS C 441 30.91 -69.44 -14.45
C CYS C 441 32.18 -69.95 -13.79
N PHE C 442 32.53 -69.44 -12.61
CA PHE C 442 33.62 -69.96 -11.81
C PHE C 442 33.36 -69.90 -10.32
N PRO C 443 32.25 -70.41 -9.82
CA PRO C 443 31.89 -70.33 -8.41
C PRO C 443 32.88 -70.98 -7.46
N PHE C 444 32.98 -70.51 -6.25
CA PHE C 444 33.87 -71.02 -5.24
C PHE C 444 33.20 -71.59 -4.05
N GLU C 445 33.80 -72.54 -3.41
CA GLU C 445 33.32 -73.19 -2.24
C GLU C 445 34.20 -73.08 -1.15
N THR C 446 34.36 -73.35 -0.06
CA THR C 446 35.15 -73.29 1.09
C THR C 446 36.53 -72.72 0.93
N SER C 447 36.73 -71.57 1.21
CA SER C 447 37.96 -70.85 1.03
C SER C 447 38.64 -70.41 2.31
N SER C 448 39.91 -70.08 2.26
CA SER C 448 40.71 -69.62 3.37
C SER C 448 41.74 -68.64 2.86
N TYR C 449 42.63 -69.07 1.98
CA TYR C 449 43.64 -68.20 1.38
C TYR C 449 43.18 -67.75 0.02
N PHE C 450 43.74 -66.65 -0.50
CA PHE C 450 43.32 -66.11 -1.77
C PHE C 450 44.37 -65.16 -2.32
N ILE C 451 44.44 -65.07 -3.65
CA ILE C 451 45.42 -64.24 -4.34
C ILE C 451 44.64 -63.27 -5.18
N GLY C 452 44.69 -61.98 -4.82
CA GLY C 452 43.99 -60.92 -5.54
C GLY C 452 44.85 -60.33 -6.61
N VAL C 453 44.27 -59.84 -7.71
CA VAL C 453 45.01 -59.17 -8.77
C VAL C 453 44.32 -57.88 -9.18
N LEU C 454 44.87 -56.72 -8.74
CA LEU C 454 44.35 -55.42 -9.09
C LEU C 454 44.81 -54.95 -10.47
N ASP C 455 43.96 -54.22 -11.22
CA ASP C 455 44.29 -53.68 -12.52
C ASP C 455 43.60 -52.32 -12.63
N ILE C 456 44.35 -51.27 -12.26
CA ILE C 456 43.86 -49.92 -12.25
C ILE C 456 44.96 -49.00 -12.78
N ALA C 457 44.59 -47.98 -13.55
CA ALA C 457 45.50 -47.07 -14.20
C ALA C 457 46.24 -46.14 -13.28
N GLY C 458 47.42 -45.70 -13.70
CA GLY C 458 48.24 -44.78 -12.97
C GLY C 458 48.07 -43.37 -13.27
N PHE C 459 48.60 -42.41 -12.81
CA PHE C 459 48.55 -41.00 -13.00
C PHE C 459 48.43 -40.58 -14.45
N GLU C 460 47.35 -40.50 -14.97
CA GLU C 460 47.11 -40.18 -16.34
C GLU C 460 46.71 -38.79 -16.53
N TYR C 461 47.39 -37.92 -16.82
CA TYR C 461 47.08 -36.58 -17.02
C TYR C 461 47.12 -36.05 -18.36
N PHE C 462 46.18 -35.28 -18.72
CA PHE C 462 46.00 -34.76 -20.00
C PHE C 462 46.26 -33.28 -20.04
N GLU C 463 45.98 -32.64 -21.18
CA GLU C 463 46.08 -31.21 -21.34
C GLU C 463 44.86 -30.53 -20.74
N HIS C 464 43.69 -31.12 -20.88
CA HIS C 464 42.46 -30.68 -20.27
C HIS C 464 42.03 -31.71 -19.27
N ASN C 465 41.96 -31.33 -17.98
CA ASN C 465 41.62 -32.23 -16.90
C ASN C 465 40.34 -31.82 -16.22
N SER C 466 39.48 -32.78 -15.88
CA SER C 466 38.19 -32.55 -15.28
C SER C 466 38.03 -33.36 -14.00
N PHE C 467 36.79 -33.75 -13.68
CA PHE C 467 36.39 -34.44 -12.48
C PHE C 467 36.88 -35.87 -12.46
N GLU C 468 36.79 -36.59 -13.58
CA GLU C 468 37.23 -37.96 -13.63
C GLU C 468 38.74 -38.09 -13.58
N GLN C 469 39.48 -37.07 -14.03
CA GLN C 469 40.93 -37.04 -13.89
C GLN C 469 41.34 -36.66 -12.48
N PHE C 470 40.41 -36.09 -11.71
CA PHE C 470 40.68 -35.75 -10.33
C PHE C 470 40.35 -36.96 -9.50
N CYS C 471 39.36 -37.78 -9.89
CA CYS C 471 39.12 -39.04 -9.21
C CYS C 471 40.22 -40.07 -9.46
N ILE C 472 40.86 -40.08 -10.65
CA ILE C 472 41.99 -40.96 -10.93
C ILE C 472 43.24 -40.53 -10.19
N ASN C 473 43.51 -39.23 -10.10
CA ASN C 473 44.69 -38.76 -9.40
C ASN C 473 44.51 -38.81 -7.89
N TYR C 474 43.28 -38.69 -7.40
CA TYR C 474 42.99 -38.86 -5.99
C TYR C 474 43.13 -40.33 -5.60
N CYS C 475 42.71 -41.26 -6.47
CA CYS C 475 42.90 -42.66 -6.20
C CYS C 475 44.36 -43.06 -6.28
N ASN C 476 45.14 -42.42 -7.16
CA ASN C 476 46.57 -42.63 -7.21
C ASN C 476 47.29 -42.05 -6.00
N GLU C 477 46.84 -40.94 -5.40
CA GLU C 477 47.48 -40.42 -4.19
C GLU C 477 47.23 -41.28 -2.96
N LYS C 478 46.09 -42.01 -2.92
CA LYS C 478 45.79 -42.91 -1.82
C LYS C 478 46.54 -44.21 -1.99
N LEU C 479 46.70 -44.69 -3.23
CA LEU C 479 47.48 -45.87 -3.52
C LEU C 479 48.96 -45.59 -3.32
N GLN C 480 49.45 -44.39 -3.66
CA GLN C 480 50.83 -44.04 -3.40
C GLN C 480 51.11 -43.86 -1.91
N GLN C 481 50.12 -43.44 -1.09
CA GLN C 481 50.33 -43.44 0.35
C GLN C 481 50.34 -44.85 0.92
N PHE C 482 49.67 -45.81 0.25
CA PHE C 482 49.77 -47.22 0.55
C PHE C 482 51.14 -47.76 0.19
N PHE C 483 51.69 -47.33 -0.95
CA PHE C 483 53.02 -47.74 -1.37
C PHE C 483 54.08 -47.13 -0.49
N ASN C 484 53.84 -45.97 0.12
CA ASN C 484 54.80 -45.39 1.04
C ASN C 484 54.78 -46.07 2.40
N GLU C 485 53.71 -46.79 2.77
CA GLU C 485 53.74 -47.52 4.02
C GLU C 485 53.88 -49.02 3.83
N ARG C 486 53.96 -49.50 2.58
CA ARG C 486 54.21 -50.90 2.33
C ARG C 486 55.54 -51.13 1.64
N ILE C 487 56.07 -50.15 0.90
CA ILE C 487 57.35 -50.29 0.22
C ILE C 487 58.41 -49.60 1.04
N LEU C 488 58.12 -48.50 1.74
CA LEU C 488 59.15 -47.83 2.51
C LEU C 488 59.08 -48.16 3.98
N LYS C 489 57.89 -48.10 4.62
CA LYS C 489 57.80 -48.45 6.04
C LYS C 489 58.04 -49.93 6.35
N GLU C 490 57.39 -50.84 5.64
CA GLU C 490 57.56 -52.26 5.84
C GLU C 490 58.95 -52.76 5.50
N GLU C 491 59.57 -52.21 4.45
CA GLU C 491 60.91 -52.55 4.08
C GLU C 491 61.96 -52.19 5.11
N GLN C 492 61.82 -51.04 5.78
CA GLN C 492 62.80 -50.70 6.79
C GLN C 492 62.55 -51.41 8.09
N GLU C 493 61.37 -52.03 8.25
CA GLU C 493 61.10 -52.96 9.31
C GLU C 493 61.82 -54.28 9.06
N LEU C 494 62.09 -54.57 7.79
CA LEU C 494 62.75 -55.78 7.34
C LEU C 494 64.25 -55.65 7.45
N TYR C 495 64.77 -54.44 7.38
CA TYR C 495 66.18 -54.21 7.58
C TYR C 495 66.50 -54.37 9.04
N GLN C 496 65.52 -54.12 9.91
CA GLN C 496 65.69 -54.33 11.32
C GLN C 496 65.27 -55.74 11.73
N LYS C 497 64.85 -56.58 10.80
CA LYS C 497 64.54 -57.97 11.06
C LYS C 497 65.62 -58.89 10.58
N GLU C 498 66.41 -58.45 9.68
CA GLU C 498 67.51 -59.21 9.18
C GLU C 498 68.78 -58.84 9.83
N GLY C 499 68.99 -58.26 10.69
CA GLY C 499 70.16 -57.92 11.43
C GLY C 499 70.94 -56.82 10.86
N LEU C 500 70.42 -56.13 9.85
CA LEU C 500 71.10 -55.05 9.22
C LEU C 500 71.04 -53.80 10.02
N GLY C 501 69.94 -53.55 10.72
CA GLY C 501 69.75 -52.43 11.58
C GLY C 501 69.36 -51.20 10.89
N VAL C 502 69.78 -50.53 10.22
CA VAL C 502 69.57 -49.32 9.47
C VAL C 502 68.75 -48.28 10.19
N ASN C 503 69.30 -47.07 10.34
CA ASN C 503 68.63 -45.96 10.97
C ASN C 503 67.46 -45.49 10.15
N GLU C 504 66.36 -45.24 10.79
CA GLU C 504 65.14 -44.87 10.15
C GLU C 504 65.17 -43.57 9.43
N VAL C 505 64.74 -43.54 8.19
CA VAL C 505 64.66 -42.38 7.36
C VAL C 505 63.22 -42.10 7.10
N HIS C 506 62.76 -40.89 7.40
CA HIS C 506 61.38 -40.54 7.25
C HIS C 506 61.03 -40.08 5.90
N TYR C 507 59.92 -40.45 5.43
CA TYR C 507 59.43 -40.07 4.16
C TYR C 507 58.49 -38.97 4.17
N VAL C 508 58.32 -38.30 3.08
CA VAL C 508 57.45 -37.22 2.96
C VAL C 508 56.07 -37.61 2.69
N ASP C 509 55.24 -37.36 3.57
CA ASP C 509 53.90 -37.73 3.54
C ASP C 509 52.98 -36.99 2.61
N ASN C 510 51.95 -37.57 2.08
CA ASN C 510 50.95 -37.01 1.21
C ASN C 510 49.61 -36.94 1.89
N GLN C 511 49.61 -37.04 3.21
CA GLN C 511 48.45 -37.00 4.05
C GLN C 511 47.79 -35.66 4.04
N ASP C 512 48.54 -34.61 3.74
CA ASP C 512 48.02 -33.28 3.62
C ASP C 512 47.12 -33.10 2.39
N CYS C 513 47.35 -33.88 1.34
CA CYS C 513 46.51 -33.86 0.15
C CYS C 513 45.21 -34.59 0.38
N ILE C 514 45.25 -35.63 1.22
CA ILE C 514 44.10 -36.41 1.59
C ILE C 514 43.15 -35.60 2.44
N ASP C 515 43.70 -34.79 3.34
CA ASP C 515 42.96 -33.91 4.19
C ASP C 515 42.87 -32.53 3.53
N LEU C 516 42.70 -32.56 2.21
CA LEU C 516 42.40 -31.44 1.38
C LEU C 516 41.28 -31.91 0.48
N ILE C 517 41.51 -32.98 -0.30
CA ILE C 517 40.48 -33.52 -1.16
C ILE C 517 39.30 -34.13 -0.41
N GLU C 518 39.54 -35.01 0.58
CA GLU C 518 38.48 -35.67 1.31
C GLU C 518 38.34 -35.29 2.78
N ALA C 519 38.92 -34.17 3.24
CA ALA C 519 38.76 -33.74 4.62
C ALA C 519 37.32 -33.50 5.05
N ARG C 520 36.97 -33.86 6.29
CA ARG C 520 35.62 -33.69 6.78
C ARG C 520 35.27 -32.25 7.04
N LEU C 521 34.15 -31.80 6.44
CA LEU C 521 33.56 -30.49 6.52
C LEU C 521 34.28 -29.44 5.72
N VAL C 522 35.61 -29.45 5.69
CA VAL C 522 36.41 -28.47 4.98
C VAL C 522 37.04 -29.00 3.71
N GLY C 523 36.87 -30.29 3.35
CA GLY C 523 37.44 -30.84 2.13
C GLY C 523 36.77 -30.40 0.87
N ILE C 524 37.38 -30.70 -0.28
CA ILE C 524 36.86 -30.31 -1.58
C ILE C 524 35.62 -31.10 -1.92
N LEU C 525 35.58 -32.41 -1.61
CA LEU C 525 34.39 -33.21 -1.84
C LEU C 525 33.27 -32.90 -0.83
N ASP C 526 33.62 -32.26 0.31
CA ASP C 526 32.70 -31.83 1.34
C ASP C 526 32.12 -30.45 1.06
N ILE C 527 32.54 -29.83 -0.05
CA ILE C 527 32.04 -28.53 -0.50
C ILE C 527 31.35 -28.79 -1.82
N LEU C 528 31.85 -29.73 -2.63
CA LEU C 528 31.22 -30.12 -3.88
C LEU C 528 29.89 -30.82 -3.66
N ASP C 529 29.80 -31.71 -2.65
CA ASP C 529 28.54 -32.34 -2.35
C ASP C 529 27.59 -31.41 -1.61
N GLU C 530 28.09 -30.31 -1.03
CA GLU C 530 27.22 -29.35 -0.38
C GLU C 530 26.67 -28.33 -1.36
N GLU C 531 27.38 -28.10 -2.48
CA GLU C 531 26.95 -27.23 -3.56
C GLU C 531 25.75 -27.79 -4.28
N ASN C 532 25.70 -29.11 -4.47
CA ASN C 532 24.57 -29.71 -5.13
C ASN C 532 23.31 -29.64 -4.27
N ARG C 533 23.45 -29.65 -2.94
CA ARG C 533 22.33 -29.49 -2.05
C ARG C 533 21.80 -28.06 -1.98
N LEU C 534 22.63 -27.06 -2.34
CA LEU C 534 22.25 -25.67 -2.35
C LEU C 534 21.28 -25.31 -3.47
N PRO C 535 20.23 -24.50 -3.27
CA PRO C 535 19.35 -24.09 -4.34
C PRO C 535 20.02 -23.24 -5.37
N GLN C 536 20.05 -23.28 -6.49
CA GLN C 536 20.71 -22.58 -7.58
C GLN C 536 22.23 -22.76 -7.58
N PRO C 537 22.78 -23.97 -7.71
CA PRO C 537 24.23 -24.22 -7.71
C PRO C 537 25.01 -23.41 -8.74
N SER C 538 26.27 -23.07 -8.46
CA SER C 538 27.08 -22.29 -9.37
C SER C 538 28.52 -22.75 -9.38
N ASP C 539 29.15 -22.71 -10.56
CA ASP C 539 30.51 -23.16 -10.76
C ASP C 539 31.48 -22.09 -10.30
N GLN C 540 31.06 -20.82 -10.36
CA GLN C 540 31.81 -19.68 -9.88
C GLN C 540 31.79 -19.66 -8.37
N HIS C 541 30.66 -20.07 -7.75
CA HIS C 541 30.54 -20.15 -6.31
C HIS C 541 31.31 -21.31 -5.75
N PHE C 542 31.39 -22.44 -6.47
CA PHE C 542 32.18 -23.57 -6.04
C PHE C 542 33.67 -23.29 -6.19
N THR C 543 34.10 -22.55 -7.23
CA THR C 543 35.53 -22.27 -7.39
C THR C 543 36.03 -21.29 -6.36
N SER C 544 35.22 -20.27 -6.04
CA SER C 544 35.57 -19.33 -5.00
C SER C 544 35.47 -19.91 -3.62
N ALA C 545 34.69 -20.98 -3.43
CA ALA C 545 34.59 -21.61 -2.13
C ALA C 545 35.79 -22.48 -1.81
N VAL C 546 36.57 -22.91 -2.82
CA VAL C 546 37.78 -23.66 -2.54
C VAL C 546 38.84 -22.71 -2.03
N HIS C 547 39.00 -21.56 -2.70
CA HIS C 547 39.96 -20.57 -2.27
C HIS C 547 39.53 -19.79 -1.06
N GLN C 548 38.23 -19.68 -0.77
CA GLN C 548 37.75 -19.09 0.45
C GLN C 548 37.92 -19.99 1.67
N LYS C 549 37.81 -21.32 1.48
CA LYS C 549 37.92 -22.25 2.59
C LYS C 549 39.35 -22.64 2.88
N HIS C 550 40.18 -22.78 1.85
CA HIS C 550 41.56 -23.09 2.03
C HIS C 550 42.41 -22.03 1.48
N LYS C 551 42.57 -20.90 2.00
CA LYS C 551 43.34 -19.76 1.61
C LYS C 551 44.77 -19.94 1.72
N ASP C 552 45.20 -20.69 2.68
CA ASP C 552 46.52 -20.97 2.86
C ASP C 552 46.97 -22.31 2.77
N HIS C 553 47.04 -23.16 2.15
CA HIS C 553 47.48 -24.48 2.03
C HIS C 553 48.49 -24.57 0.96
N PHE C 554 49.60 -25.22 1.22
CA PHE C 554 50.69 -25.33 0.35
C PHE C 554 50.49 -26.19 -0.86
N ARG C 555 49.58 -27.10 -0.84
CA ARG C 555 49.24 -27.94 -1.94
C ARG C 555 48.31 -27.29 -2.94
N LEU C 556 47.68 -26.20 -2.62
CA LEU C 556 46.70 -25.54 -3.46
C LEU C 556 47.26 -24.28 -4.10
N SER C 557 46.98 -24.05 -5.39
CA SER C 557 47.40 -22.87 -6.09
C SER C 557 46.32 -22.40 -7.05
N ILE C 558 46.36 -21.13 -7.43
CA ILE C 558 45.43 -20.47 -8.32
C ILE C 558 46.00 -20.43 -9.70
N PRO C 559 45.24 -20.40 -10.79
CA PRO C 559 45.75 -20.38 -12.13
C PRO C 559 46.74 -19.29 -12.43
N ARG C 560 46.63 -18.10 -11.85
CA ARG C 560 47.56 -17.03 -12.06
C ARG C 560 48.87 -17.22 -11.37
N LYS C 561 48.96 -18.13 -10.41
CA LYS C 561 50.17 -18.44 -9.73
C LYS C 561 50.95 -19.51 -10.45
N SER C 562 50.46 -20.08 -11.48
CA SER C 562 51.12 -21.08 -12.29
C SER C 562 51.91 -20.58 -13.34
N LYS C 563 52.99 -21.18 -13.64
CA LYS C 563 53.84 -20.78 -14.63
C LYS C 563 53.67 -21.31 -15.99
N LEU C 564 52.94 -22.40 -16.14
CA LEU C 564 52.67 -22.96 -17.41
C LEU C 564 51.73 -22.13 -18.20
N ALA C 565 52.04 -21.98 -19.43
CA ALA C 565 51.32 -21.17 -20.32
C ALA C 565 49.88 -21.43 -20.52
N ILE C 566 49.53 -22.64 -20.57
CA ILE C 566 48.18 -23.02 -20.70
C ILE C 566 47.34 -22.60 -19.64
N HIS C 567 47.90 -22.58 -18.51
CA HIS C 567 47.24 -22.13 -17.43
C HIS C 567 47.13 -20.73 -17.37
N ARG C 568 47.75 -20.06 -18.24
CA ARG C 568 47.64 -18.71 -18.30
C ARG C 568 46.50 -18.19 -19.04
N ASN C 569 45.82 -19.03 -19.73
CA ASN C 569 44.66 -18.68 -20.42
C ASN C 569 43.41 -18.90 -19.61
N ILE C 570 43.48 -19.76 -18.60
CA ILE C 570 42.41 -20.08 -17.71
C ILE C 570 42.17 -18.95 -16.71
N ARG C 571 40.92 -18.55 -16.47
CA ARG C 571 40.59 -17.48 -15.55
C ARG C 571 40.40 -17.99 -14.14
N ASP C 572 40.44 -17.10 -13.14
CA ASP C 572 40.35 -17.42 -11.73
C ASP C 572 39.14 -18.24 -11.34
N ASP C 573 37.99 -17.97 -11.95
CA ASP C 573 36.77 -18.69 -11.69
C ASP C 573 36.56 -19.85 -12.66
N GLU C 574 37.60 -20.27 -13.38
CA GLU C 574 37.52 -21.37 -14.33
C GLU C 574 38.33 -22.60 -13.92
N GLY C 575 38.91 -22.66 -12.70
CA GLY C 575 39.70 -23.82 -12.32
C GLY C 575 40.70 -23.55 -11.22
N PHE C 576 41.29 -24.62 -10.67
CA PHE C 576 42.19 -24.56 -9.53
C PHE C 576 43.25 -25.63 -9.64
N ILE C 577 44.44 -25.37 -9.08
CA ILE C 577 45.59 -26.25 -9.22
C ILE C 577 45.91 -26.93 -7.91
N ILE C 578 45.87 -28.27 -7.91
CA ILE C 578 46.25 -29.11 -6.79
C ILE C 578 47.62 -29.68 -7.08
N ARG C 579 48.58 -29.51 -6.15
CA ARG C 579 49.90 -30.06 -6.33
C ARG C 579 49.89 -31.47 -5.76
N HIS C 580 50.25 -32.45 -6.59
CA HIS C 580 50.25 -33.84 -6.24
C HIS C 580 51.66 -34.34 -6.21
N PHE C 581 51.88 -35.56 -5.70
CA PHE C 581 53.16 -36.19 -5.64
C PHE C 581 53.73 -36.47 -7.02
N ALA C 582 52.95 -36.65 -7.99
CA ALA C 582 53.27 -36.86 -9.37
C ALA C 582 53.31 -35.57 -10.17
N GLY C 583 53.04 -34.43 -9.65
CA GLY C 583 53.08 -33.15 -10.32
C GLY C 583 51.91 -32.28 -9.99
N ALA C 584 51.91 -31.05 -10.52
CA ALA C 584 50.87 -30.08 -10.29
C ALA C 584 49.88 -30.08 -11.44
N VAL C 585 48.60 -30.42 -11.16
CA VAL C 585 47.58 -30.61 -12.17
C VAL C 585 46.45 -29.62 -11.99
N CYS C 586 46.11 -28.86 -13.04
CA CYS C 586 45.03 -27.90 -12.98
C CYS C 586 43.75 -28.59 -13.38
N TYR C 587 42.67 -28.39 -12.61
CA TYR C 587 41.39 -28.99 -12.89
C TYR C 587 40.40 -27.89 -13.17
N GLU C 588 39.76 -27.93 -14.34
CA GLU C 588 38.75 -26.95 -14.69
C GLU C 588 37.47 -27.20 -13.92
N THR C 589 36.72 -26.15 -13.53
CA THR C 589 35.52 -26.34 -12.73
C THR C 589 34.24 -26.41 -13.51
N THR C 590 34.28 -26.28 -14.84
CA THR C 590 33.11 -26.48 -15.67
C THR C 590 32.53 -27.87 -15.54
N GLN C 591 31.21 -27.96 -15.39
CA GLN C 591 30.40 -29.15 -15.17
C GLN C 591 30.81 -30.11 -14.05
N PHE C 592 31.65 -29.66 -13.10
CA PHE C 592 32.03 -30.42 -11.92
C PHE C 592 30.84 -30.76 -11.05
N VAL C 593 29.96 -29.78 -10.80
CA VAL C 593 28.74 -29.94 -10.02
C VAL C 593 27.75 -30.86 -10.70
N GLU C 594 27.59 -30.74 -12.03
CA GLU C 594 26.73 -31.61 -12.82
C GLU C 594 27.19 -33.05 -12.78
N LYS C 595 28.51 -33.28 -12.86
CA LYS C 595 29.10 -34.59 -12.73
C LYS C 595 28.96 -35.19 -11.34
N ASN C 596 28.89 -34.36 -10.29
CA ASN C 596 28.65 -34.81 -8.93
C ASN C 596 27.17 -35.02 -8.65
N ASN C 597 26.31 -34.95 -9.51
CA ASN C 597 24.89 -35.19 -9.33
C ASN C 597 24.57 -36.62 -9.74
N ASP C 598 24.02 -37.42 -8.83
CA ASP C 598 23.66 -38.81 -9.05
C ASP C 598 22.42 -39.10 -8.28
N ALA C 599 21.56 -38.11 -8.06
CA ALA C 599 20.34 -38.18 -7.33
C ALA C 599 19.39 -39.23 -7.75
N LEU C 600 19.02 -40.11 -6.92
CA LEU C 600 18.09 -41.14 -7.22
C LEU C 600 16.73 -40.82 -6.65
N HIS C 601 15.86 -40.29 -7.45
CA HIS C 601 14.53 -39.93 -7.05
C HIS C 601 13.68 -41.12 -6.71
N MET C 602 12.94 -41.03 -5.62
CA MET C 602 12.11 -42.10 -5.12
C MET C 602 11.02 -42.53 -6.08
N SER C 603 10.49 -41.62 -6.88
CA SER C 603 9.52 -41.98 -7.89
C SER C 603 10.10 -42.79 -9.02
N LEU C 604 11.37 -42.61 -9.32
CA LEU C 604 12.01 -43.39 -10.35
C LEU C 604 12.44 -44.72 -9.81
N GLU C 605 12.58 -44.83 -8.48
CA GLU C 605 12.89 -46.09 -7.88
C GLU C 605 11.67 -46.97 -7.85
N SER C 606 10.50 -46.37 -7.65
CA SER C 606 9.26 -47.06 -7.77
C SER C 606 8.74 -47.03 -9.17
N LEU C 607 9.61 -47.31 -10.12
CA LEU C 607 9.30 -47.37 -11.51
C LEU C 607 10.24 -48.31 -12.18
N ILE C 608 11.53 -48.20 -11.90
CA ILE C 608 12.49 -49.13 -12.48
C ILE C 608 12.44 -50.48 -11.82
N CYS C 609 12.11 -50.51 -10.53
CA CYS C 609 11.86 -51.72 -9.82
C CYS C 609 10.57 -52.35 -10.26
N GLU C 610 9.56 -51.51 -10.47
CA GLU C 610 8.25 -51.91 -10.86
C GLU C 610 8.06 -52.17 -12.34
N SER C 611 9.12 -52.35 -13.14
CA SER C 611 9.04 -52.66 -14.56
C SER C 611 8.34 -53.96 -14.86
N ARG C 612 7.70 -54.06 -16.03
CA ARG C 612 6.99 -55.23 -16.46
C ARG C 612 7.89 -56.23 -17.13
N ASP C 613 9.12 -55.92 -17.46
CA ASP C 613 10.07 -56.81 -18.09
C ASP C 613 10.84 -57.63 -17.06
N LYS C 614 10.94 -58.94 -17.27
CA LYS C 614 11.62 -59.88 -16.39
C LYS C 614 13.11 -59.66 -16.27
N PHE C 615 13.78 -59.17 -17.33
CA PHE C 615 15.21 -58.89 -17.30
C PHE C 615 15.54 -57.72 -16.41
N ILE C 616 14.75 -56.63 -16.48
CA ILE C 616 14.91 -55.46 -15.63
C ILE C 616 14.68 -55.79 -14.18
N ARG C 617 13.69 -56.65 -13.90
CA ARG C 617 13.44 -57.15 -12.57
C ARG C 617 14.62 -57.91 -12.01
N GLU C 618 15.27 -58.72 -12.85
CA GLU C 618 16.48 -59.42 -12.48
C GLU C 618 17.64 -58.48 -12.24
N LEU C 619 17.77 -57.40 -13.02
CA LEU C 619 18.81 -56.41 -12.83
C LEU C 619 18.73 -55.70 -11.49
N PHE C 620 17.53 -55.35 -11.06
CA PHE C 620 17.31 -54.67 -9.82
C PHE C 620 16.88 -55.60 -8.73
N GLU C 621 17.29 -56.81 -8.71
CA GLU C 621 17.06 -57.79 -7.74
C GLU C 621 17.46 -57.79 -6.53
N GLY C 635 12.91 -40.75 5.17
CA GLY C 635 13.31 -40.86 3.81
C GLY C 635 14.58 -40.24 3.58
N LYS C 636 15.62 -40.56 3.52
CA LYS C 636 16.93 -40.09 3.35
C LYS C 636 17.49 -40.59 2.27
N LEU C 637 18.43 -40.02 1.60
CA LEU C 637 19.13 -38.88 1.72
C LEU C 637 18.94 -38.04 0.57
N SER C 638 18.38 -37.26 0.25
CA SER C 638 18.09 -36.40 -0.83
C SER C 638 18.79 -36.60 -2.11
N PHE C 639 19.94 -36.18 -2.23
CA PHE C 639 20.69 -36.31 -3.39
C PHE C 639 21.64 -37.48 -3.38
N ILE C 640 21.89 -38.06 -2.25
CA ILE C 640 22.75 -39.18 -2.01
C ILE C 640 24.19 -38.87 -2.18
N SER C 641 24.87 -38.53 -2.73
CA SER C 641 26.23 -38.16 -3.00
C SER C 641 26.98 -38.97 -3.94
N VAL C 642 27.64 -38.56 -4.84
CA VAL C 642 28.37 -39.22 -5.84
C VAL C 642 29.81 -39.30 -5.47
N GLY C 643 30.42 -38.19 -5.07
CA GLY C 643 31.79 -38.17 -4.66
C GLY C 643 32.01 -38.87 -3.38
N ASN C 644 31.00 -38.99 -2.54
CA ASN C 644 31.18 -39.71 -1.31
C ASN C 644 30.64 -41.11 -1.43
N LYS C 645 29.98 -41.41 -2.56
CA LYS C 645 29.66 -42.76 -2.94
C LYS C 645 30.92 -43.46 -3.39
N PHE C 646 31.73 -42.79 -4.22
CA PHE C 646 33.00 -43.30 -4.66
C PHE C 646 34.03 -43.30 -3.54
N LYS C 647 33.99 -42.34 -2.59
CA LYS C 647 34.92 -42.35 -1.47
C LYS C 647 34.65 -43.52 -0.54
N THR C 648 33.40 -43.96 -0.44
CA THR C 648 33.03 -45.14 0.33
C THR C 648 33.56 -46.40 -0.32
N GLN C 649 33.51 -46.49 -1.66
CA GLN C 649 33.99 -47.68 -2.34
C GLN C 649 35.50 -47.67 -2.52
N LEU C 650 36.16 -46.51 -2.40
CA LEU C 650 37.60 -46.43 -2.43
C LEU C 650 38.19 -46.79 -1.09
N ASN C 651 37.60 -46.30 0.02
CA ASN C 651 38.11 -46.67 1.33
C ASN C 651 37.78 -48.10 1.69
N LEU C 652 36.73 -48.70 1.09
CA LEU C 652 36.48 -50.11 1.26
C LEU C 652 37.51 -50.97 0.53
N LEU C 653 38.06 -50.50 -0.61
CA LEU C 653 39.11 -51.23 -1.27
C LEU C 653 40.46 -51.03 -0.60
N LEU C 654 40.64 -49.92 0.14
CA LEU C 654 41.83 -49.70 0.95
C LEU C 654 41.92 -50.64 2.12
N ASP C 655 40.76 -51.03 2.68
CA ASP C 655 40.71 -51.98 3.76
C ASP C 655 41.06 -53.39 3.29
N LYS C 656 40.87 -53.69 2.00
CA LYS C 656 41.23 -54.97 1.42
C LYS C 656 42.71 -55.00 1.03
N LEU C 657 43.39 -53.84 0.97
CA LEU C 657 44.80 -53.75 0.66
C LEU C 657 45.61 -53.72 1.94
N ARG C 658 45.13 -53.03 2.99
CA ARG C 658 45.80 -53.01 4.27
C ARG C 658 45.69 -54.34 4.98
N SER C 659 44.65 -55.13 4.67
CA SER C 659 44.46 -56.45 5.25
C SER C 659 45.15 -57.56 4.49
N THR C 660 45.74 -57.31 3.30
CA THR C 660 46.40 -58.34 2.51
C THR C 660 47.86 -58.03 2.22
N GLY C 661 48.66 -59.05 1.81
CA GLY C 661 50.06 -58.92 1.48
C GLY C 661 50.24 -58.45 0.07
N ALA C 662 50.69 -57.44 -0.29
CA ALA C 662 50.82 -56.85 -1.59
C ALA C 662 52.10 -57.16 -2.35
N SER C 663 52.03 -57.16 -3.68
CA SER C 663 53.15 -57.35 -4.59
C SER C 663 53.10 -56.27 -5.63
N PHE C 664 54.25 -55.64 -5.93
CA PHE C 664 54.32 -54.46 -6.77
C PHE C 664 54.98 -54.67 -8.13
N ILE C 665 54.15 -54.58 -9.19
CA ILE C 665 54.51 -54.68 -10.58
C ILE C 665 54.25 -53.35 -11.25
N ARG C 666 55.25 -52.76 -11.94
CA ARG C 666 55.09 -51.47 -12.61
C ARG C 666 55.38 -51.70 -14.09
N CYS C 667 54.44 -51.30 -14.97
CA CYS C 667 54.53 -51.51 -16.39
C CYS C 667 54.76 -50.20 -17.13
N ILE C 668 55.93 -50.10 -17.79
CA ILE C 668 56.44 -48.96 -18.49
C ILE C 668 56.23 -49.07 -20.00
N LYS C 669 55.64 -48.04 -20.61
CA LYS C 669 55.39 -47.94 -22.02
C LYS C 669 56.61 -47.30 -22.70
N PRO C 670 57.35 -47.92 -23.62
CA PRO C 670 58.57 -47.32 -24.17
C PRO C 670 58.34 -46.30 -25.26
N ASN C 671 57.19 -46.29 -25.94
CA ASN C 671 56.96 -45.37 -27.03
C ASN C 671 55.48 -45.20 -27.25
N LEU C 672 55.06 -44.10 -27.89
CA LEU C 672 53.67 -43.79 -28.13
C LEU C 672 53.12 -44.44 -29.37
N LYS C 673 53.99 -44.91 -30.27
CA LYS C 673 53.64 -45.60 -31.48
C LYS C 673 53.15 -47.00 -31.22
N MET C 674 53.60 -47.60 -30.11
CA MET C 674 53.30 -48.92 -29.65
C MET C 674 53.92 -49.96 -30.53
N THR C 675 55.20 -49.78 -30.86
CA THR C 675 55.96 -50.64 -31.74
C THR C 675 57.25 -51.11 -31.11
N SER C 676 57.72 -52.30 -31.53
CA SER C 676 58.95 -52.90 -31.07
C SER C 676 60.21 -52.16 -31.49
N HIS C 677 61.24 -52.22 -30.64
CA HIS C 677 62.55 -51.60 -30.84
C HIS C 677 62.53 -50.09 -31.00
N HIS C 678 61.71 -49.39 -30.24
CA HIS C 678 61.63 -47.95 -30.27
C HIS C 678 61.60 -47.44 -28.84
N PHE C 679 62.55 -46.58 -28.47
CA PHE C 679 62.70 -46.08 -27.12
C PHE C 679 62.85 -44.59 -27.16
N GLU C 680 61.88 -43.85 -26.69
CA GLU C 680 61.94 -42.44 -26.69
C GLU C 680 62.72 -41.80 -25.61
N GLY C 681 62.93 -42.12 -24.57
CA GLY C 681 63.72 -41.64 -23.47
C GLY C 681 63.20 -40.47 -22.69
N ALA C 682 62.22 -39.74 -23.19
CA ALA C 682 61.66 -38.59 -22.50
C ALA C 682 60.35 -38.93 -21.86
N GLN C 683 59.51 -39.72 -22.53
CA GLN C 683 58.25 -40.17 -22.00
C GLN C 683 58.45 -41.26 -20.97
N ILE C 684 59.48 -42.10 -21.15
CA ILE C 684 59.80 -43.13 -20.20
C ILE C 684 60.32 -42.55 -18.90
N LEU C 685 61.04 -41.42 -18.98
CA LEU C 685 61.52 -40.71 -17.81
C LEU C 685 60.37 -40.14 -17.01
N SER C 686 59.34 -39.62 -17.68
CA SER C 686 58.15 -39.10 -17.02
C SER C 686 57.34 -40.21 -16.36
N GLN C 687 57.45 -41.46 -16.84
CA GLN C 687 56.79 -42.57 -16.17
C GLN C 687 57.58 -43.06 -14.96
N LEU C 688 58.85 -42.66 -14.81
CA LEU C 688 59.63 -42.96 -13.62
C LEU C 688 59.40 -41.88 -12.57
N GLN C 689 59.06 -40.67 -13.03
CA GLN C 689 58.78 -39.53 -12.16
C GLN C 689 57.32 -39.46 -11.77
N CYS C 690 56.43 -40.11 -12.52
CA CYS C 690 55.01 -40.16 -12.18
C CYS C 690 54.64 -41.56 -11.77
N SER C 691 55.42 -42.12 -10.85
CA SER C 691 55.16 -43.43 -10.29
C SER C 691 55.92 -43.65 -9.00
N GLY C 692 56.62 -42.62 -8.49
CA GLY C 692 57.36 -42.67 -7.24
C GLY C 692 58.66 -43.38 -7.31
N MET C 693 59.09 -43.84 -8.49
CA MET C 693 60.30 -44.61 -8.64
C MET C 693 61.56 -43.90 -8.21
N VAL C 694 61.70 -42.61 -8.56
CA VAL C 694 62.85 -41.82 -8.14
C VAL C 694 62.87 -41.60 -6.63
N SER C 695 61.69 -41.39 -6.03
CA SER C 695 61.56 -41.16 -4.59
C SER C 695 61.80 -42.40 -3.75
N VAL C 696 61.38 -43.60 -4.21
CA VAL C 696 61.68 -44.82 -3.48
C VAL C 696 63.14 -45.20 -3.58
N LEU C 697 63.83 -44.75 -4.62
CA LEU C 697 65.23 -45.05 -4.83
C LEU C 697 66.09 -43.88 -4.41
N ASP C 698 65.68 -43.23 -3.32
CA ASP C 698 66.47 -42.22 -2.69
C ASP C 698 66.34 -42.42 -1.19
N LEU C 699 65.16 -42.81 -0.69
CA LEU C 699 64.98 -43.22 0.68
C LEU C 699 65.64 -44.55 0.98
N MET C 700 65.54 -45.51 0.04
CA MET C 700 66.09 -46.82 0.16
C MET C 700 67.60 -46.86 0.14
N GLN C 701 68.26 -45.86 -0.45
CA GLN C 701 69.70 -45.83 -0.51
C GLN C 701 70.34 -45.78 0.86
N GLY C 702 69.86 -45.00 1.81
CA GLY C 702 70.29 -44.92 3.20
C GLY C 702 71.57 -45.36 3.55
N GLY C 703 71.98 -46.02 4.54
CA GLY C 703 73.17 -46.52 5.03
C GLY C 703 73.88 -47.58 4.25
N PHE C 704 73.21 -48.22 3.30
CA PHE C 704 73.79 -49.26 2.47
C PHE C 704 73.31 -49.06 1.03
N PRO C 705 73.79 -48.08 0.26
CA PRO C 705 73.28 -47.80 -1.08
C PRO C 705 73.48 -48.91 -2.07
N SER C 706 74.51 -49.67 -2.04
CA SER C 706 74.74 -50.77 -2.93
C SER C 706 74.65 -52.03 -2.14
N ARG C 707 73.90 -53.00 -2.65
CA ARG C 707 73.66 -54.23 -1.95
C ARG C 707 73.48 -55.31 -2.98
N ALA C 708 74.26 -56.09 -3.28
CA ALA C 708 74.24 -57.06 -4.34
C ALA C 708 74.23 -58.50 -3.88
N SER C 709 73.49 -59.35 -4.60
CA SER C 709 73.35 -60.76 -4.32
C SER C 709 74.56 -61.58 -4.71
N PHE C 710 74.75 -62.76 -4.10
CA PHE C 710 75.88 -63.64 -4.36
C PHE C 710 75.99 -64.09 -5.81
N HIS C 711 74.86 -64.34 -6.49
CA HIS C 711 74.90 -64.72 -7.89
C HIS C 711 75.24 -63.54 -8.79
N GLU C 712 74.81 -62.32 -8.44
CA GLU C 712 75.17 -61.12 -9.16
C GLU C 712 76.63 -60.74 -9.00
N LEU C 713 77.23 -61.02 -7.82
CA LEU C 713 78.64 -60.75 -7.59
C LEU C 713 79.53 -61.83 -8.14
N TYR C 714 78.97 -62.94 -8.62
CA TYR C 714 79.70 -64.02 -9.25
C TYR C 714 79.84 -63.72 -10.73
N ASN C 715 78.80 -63.16 -11.36
CA ASN C 715 78.82 -62.83 -12.77
C ASN C 715 79.62 -61.56 -13.06
N MET C 716 79.53 -60.54 -12.20
CA MET C 716 80.25 -59.29 -12.39
C MET C 716 81.74 -59.40 -12.12
N TYR C 717 82.19 -60.35 -11.29
CA TYR C 717 83.59 -60.44 -10.96
C TYR C 717 84.26 -61.75 -11.36
N LYS C 718 83.57 -62.71 -12.00
CA LYS C 718 84.22 -63.90 -12.50
C LYS C 718 85.11 -63.70 -13.69
N LYS C 719 84.92 -62.62 -14.42
CA LYS C 719 85.73 -62.29 -15.56
C LYS C 719 87.11 -61.90 -15.21
N TYR C 720 87.35 -61.53 -13.95
CA TYR C 720 88.62 -61.22 -13.45
C TYR C 720 89.25 -62.39 -12.79
N MET C 721 88.64 -63.54 -12.85
CA MET C 721 89.12 -64.75 -12.27
C MET C 721 89.42 -65.81 -13.32
N PRO C 722 90.41 -66.67 -13.15
CA PRO C 722 90.68 -67.74 -14.10
C PRO C 722 89.64 -68.80 -14.09
N ASP C 723 89.54 -69.54 -15.16
CA ASP C 723 88.57 -70.56 -15.34
C ASP C 723 88.51 -71.63 -14.29
N LYS C 724 89.63 -72.11 -13.86
CA LYS C 724 89.73 -73.06 -12.81
C LYS C 724 89.19 -72.64 -11.48
N LEU C 725 89.41 -71.41 -11.13
CA LEU C 725 88.93 -70.88 -9.90
C LEU C 725 87.50 -70.50 -9.95
N ALA C 726 86.95 -70.35 -11.11
CA ALA C 726 85.60 -69.99 -11.29
C ALA C 726 84.60 -71.11 -11.25
N ARG C 727 85.03 -72.33 -10.95
CA ARG C 727 84.15 -73.45 -10.82
C ARG C 727 83.38 -73.51 -9.54
N LEU C 728 83.81 -72.76 -8.53
CA LEU C 728 83.17 -72.68 -7.26
C LEU C 728 81.76 -72.11 -7.31
N ASP C 729 80.86 -72.54 -6.41
CA ASP C 729 79.49 -72.05 -6.36
C ASP C 729 79.42 -70.59 -5.84
N PRO C 730 78.41 -69.77 -6.14
CA PRO C 730 78.47 -68.37 -5.74
C PRO C 730 78.37 -68.13 -4.25
N ARG C 731 77.77 -69.04 -3.45
CA ARG C 731 77.76 -68.88 -2.01
C ARG C 731 79.13 -69.10 -1.39
N LEU C 732 79.98 -69.93 -2.03
CA LEU C 732 81.33 -70.16 -1.56
C LEU C 732 82.31 -69.17 -2.14
N PHE C 733 82.11 -68.76 -3.41
CA PHE C 733 82.98 -67.80 -4.06
C PHE C 733 82.90 -66.42 -3.41
N CYS C 734 81.70 -65.98 -3.01
CA CYS C 734 81.54 -64.72 -2.32
C CYS C 734 82.01 -64.73 -0.88
N LYS C 735 82.09 -65.91 -0.24
CA LYS C 735 82.52 -66.02 1.14
C LYS C 735 84.01 -66.30 1.22
N ALA C 736 84.61 -66.69 0.08
CA ALA C 736 86.04 -66.88 0.02
C ALA C 736 86.69 -65.62 -0.49
N LEU C 737 86.01 -64.80 -1.31
CA LEU C 737 86.56 -63.54 -1.76
C LEU C 737 86.44 -62.49 -0.68
N PHE C 738 85.41 -62.57 0.19
CA PHE C 738 85.29 -61.66 1.31
C PHE C 738 86.31 -61.98 2.40
N LYS C 739 86.58 -63.28 2.65
CA LYS C 739 87.57 -63.69 3.61
C LYS C 739 88.99 -63.50 3.12
N ALA C 740 89.23 -63.60 1.80
CA ALA C 740 90.54 -63.40 1.22
C ALA C 740 90.99 -61.96 1.27
N LEU C 741 90.07 -61.02 0.97
CA LEU C 741 90.34 -59.60 1.05
C LEU C 741 90.40 -59.14 2.48
N GLY C 742 89.56 -59.71 3.36
CA GLY C 742 89.56 -59.41 4.78
C GLY C 742 88.94 -58.11 5.11
N LEU C 743 87.99 -57.69 4.29
CA LEU C 743 87.29 -56.45 4.40
C LEU C 743 86.57 -56.25 5.72
N ASN C 744 86.50 -55.02 6.22
CA ASN C 744 85.88 -54.69 7.48
C ASN C 744 84.38 -54.80 7.46
N GLU C 745 83.82 -55.60 8.35
CA GLU C 745 82.43 -55.91 8.46
C GLU C 745 81.50 -54.75 8.66
N ILE C 746 81.97 -53.66 9.27
CA ILE C 746 81.19 -52.48 9.47
C ILE C 746 81.06 -51.65 8.21
N ASP C 747 81.97 -51.74 7.27
CA ASP C 747 81.93 -51.05 5.99
C ASP C 747 81.35 -51.97 4.90
N TYR C 748 81.60 -53.27 5.01
CA TYR C 748 81.14 -54.27 4.08
C TYR C 748 80.40 -55.33 4.89
N LYS C 749 79.07 -55.30 4.93
CA LYS C 749 78.29 -56.24 5.70
C LYS C 749 77.92 -57.46 4.88
N PHE C 750 78.30 -58.65 5.35
CA PHE C 750 78.03 -59.90 4.68
C PHE C 750 76.74 -60.50 5.20
N GLY C 751 75.71 -60.55 4.36
CA GLY C 751 74.40 -61.08 4.70
C GLY C 751 74.24 -62.53 4.39
N LEU C 752 73.00 -63.03 4.45
CA LEU C 752 72.65 -64.40 4.17
C LEU C 752 72.78 -64.75 2.69
N THR C 753 72.36 -63.83 1.81
CA THR C 753 72.40 -64.03 0.36
C THR C 753 72.88 -62.80 -0.37
N LYS C 754 73.26 -61.73 0.33
CA LYS C 754 73.70 -60.49 -0.27
C LYS C 754 74.87 -59.90 0.49
N VAL C 755 75.59 -58.97 -0.14
CA VAL C 755 76.66 -58.22 0.48
C VAL C 755 76.19 -56.78 0.44
N PHE C 756 76.17 -56.11 1.59
CA PHE C 756 75.67 -54.76 1.75
C PHE C 756 76.85 -53.83 1.93
N PHE C 757 76.99 -52.82 1.06
CA PHE C 757 78.13 -51.93 1.06
C PHE C 757 77.75 -50.55 1.57
N ARG C 758 78.53 -50.00 2.50
CA ARG C 758 78.36 -48.64 3.01
C ARG C 758 78.70 -47.61 1.93
N PRO C 759 78.33 -46.33 2.05
CA PRO C 759 78.62 -45.32 1.04
C PRO C 759 80.06 -45.21 0.60
N GLY C 760 80.31 -45.25 -0.72
CA GLY C 760 81.64 -45.16 -1.30
C GLY C 760 82.49 -46.41 -1.25
N LYS C 761 81.92 -47.56 -0.86
CA LYS C 761 82.71 -48.77 -0.72
C LYS C 761 82.44 -49.83 -1.77
N PHE C 762 81.39 -49.70 -2.60
CA PHE C 762 81.23 -50.60 -3.74
C PHE C 762 82.13 -50.13 -4.88
N ALA C 763 82.33 -48.81 -4.98
CA ALA C 763 83.24 -48.19 -5.91
C ALA C 763 84.70 -48.46 -5.56
N GLU C 764 84.97 -48.70 -4.26
CA GLU C 764 86.30 -49.02 -3.79
C GLU C 764 86.59 -50.49 -3.95
N PHE C 765 85.55 -51.35 -3.86
CA PHE C 765 85.65 -52.78 -4.12
C PHE C 765 85.85 -53.09 -5.59
N ASP C 766 85.29 -52.26 -6.50
CA ASP C 766 85.47 -52.43 -7.92
C ASP C 766 86.91 -52.16 -8.34
N GLN C 767 87.60 -51.24 -7.64
CA GLN C 767 89.00 -51.00 -7.88
C GLN C 767 89.93 -52.00 -7.22
N ILE C 768 89.44 -52.84 -6.29
CA ILE C 768 90.20 -53.95 -5.71
C ILE C 768 90.36 -55.05 -6.73
N MET C 769 89.26 -55.36 -7.43
CA MET C 769 89.20 -56.38 -8.45
C MET C 769 89.88 -55.98 -9.73
N LYS C 770 90.04 -54.67 -9.96
CA LYS C 770 90.69 -54.11 -11.12
C LYS C 770 92.09 -53.61 -10.75
N SER C 771 92.73 -54.31 -9.80
CA SER C 771 94.10 -54.03 -9.40
C SER C 771 94.92 -55.12 -9.22
N ASP C 772 96.00 -55.50 -9.01
CA ASP C 772 96.95 -56.49 -8.81
C ASP C 772 96.49 -57.96 -8.92
N PRO C 773 96.39 -58.56 -10.11
CA PRO C 773 95.94 -59.94 -10.29
C PRO C 773 96.75 -61.01 -9.57
N ASP C 774 98.08 -60.84 -9.43
CA ASP C 774 98.95 -61.80 -8.78
C ASP C 774 98.73 -61.82 -7.28
N HIS C 775 98.43 -60.65 -6.67
CA HIS C 775 98.15 -60.53 -5.26
C HIS C 775 96.80 -61.11 -4.92
N LEU C 776 95.80 -60.93 -5.81
CA LEU C 776 94.47 -61.49 -5.60
C LEU C 776 94.47 -62.99 -5.78
N ALA C 777 95.28 -63.54 -6.70
CA ALA C 777 95.38 -64.97 -6.83
C ALA C 777 96.13 -65.62 -5.68
N GLU C 778 97.03 -64.87 -5.02
CA GLU C 778 97.72 -65.34 -3.83
C GLU C 778 96.81 -65.37 -2.60
N LEU C 779 95.87 -64.41 -2.50
CA LEU C 779 94.91 -64.40 -1.42
C LEU C 779 93.83 -65.45 -1.59
N VAL C 780 93.50 -65.85 -2.82
CA VAL C 780 92.59 -66.95 -3.09
C VAL C 780 93.23 -68.27 -2.72
N LYS C 781 94.55 -68.39 -2.88
CA LYS C 781 95.31 -69.54 -2.49
C LYS C 781 95.35 -69.67 -0.98
N ARG C 782 95.49 -68.55 -0.27
CA ARG C 782 95.51 -68.54 1.17
C ARG C 782 94.17 -68.90 1.77
N VAL C 783 93.05 -68.38 1.26
CA VAL C 783 91.76 -68.79 1.77
C VAL C 783 91.38 -70.21 1.38
N ASN C 784 91.91 -70.74 0.26
CA ASN C 784 91.73 -72.13 -0.09
C ASN C 784 92.40 -73.05 0.91
N HIS C 785 93.56 -72.63 1.44
CA HIS C 785 94.26 -73.34 2.48
C HIS C 785 93.50 -73.35 3.78
N TRP C 786 92.77 -72.28 4.05
CA TRP C 786 91.96 -72.21 5.23
C TRP C 786 90.74 -73.09 5.09
N LEU C 787 90.21 -73.26 3.89
CA LEU C 787 89.10 -74.15 3.66
C LEU C 787 89.44 -75.63 3.79
N ILE C 788 90.69 -75.99 3.55
CA ILE C 788 91.22 -77.32 3.78
C ILE C 788 91.39 -77.64 5.24
N CYS C 789 91.50 -76.60 6.06
CA CYS C 789 91.69 -76.74 7.46
C CYS C 789 90.40 -76.66 8.16
N SER C 790 89.47 -75.95 7.58
CA SER C 790 88.16 -75.85 8.08
C SER C 790 87.28 -76.77 7.33
N ARG C 791 87.63 -78.04 7.31
CA ARG C 791 86.91 -79.05 6.67
C ARG C 791 86.17 -79.84 7.63
N TRP C 792 86.77 -80.12 8.73
CA TRP C 792 86.19 -80.87 9.75
C TRP C 792 85.58 -80.21 10.86
N LYS C 793 85.73 -78.90 10.96
CA LYS C 793 85.19 -78.20 11.98
C LYS C 793 83.81 -78.01 11.92
N LYS C 794 83.27 -77.99 10.80
CA LYS C 794 81.97 -77.85 10.63
C LYS C 794 81.22 -79.12 10.77
N VAL C 795 81.78 -80.26 10.59
CA VAL C 795 81.20 -81.55 10.70
C VAL C 795 81.41 -82.09 12.04
N GLN C 796 80.37 -82.41 12.72
CA GLN C 796 80.44 -82.89 14.02
C GLN C 796 80.12 -84.35 14.13
N LYS D 4 -35.77 69.03 -23.07
CA LYS D 4 -36.53 68.79 -22.00
C LYS D 4 -35.85 68.23 -20.82
N PRO D 5 -35.97 68.74 -19.62
CA PRO D 5 -35.31 68.20 -18.49
C PRO D 5 -35.92 66.90 -18.01
N VAL D 6 -35.09 66.06 -17.39
CA VAL D 6 -35.49 64.78 -16.85
C VAL D 6 -35.19 64.77 -15.37
N TRP D 7 -35.49 63.66 -14.68
CA TRP D 7 -35.16 63.48 -13.30
C TRP D 7 -33.99 62.53 -13.27
N ALA D 8 -32.92 63.01 -12.65
CA ALA D 8 -31.63 62.42 -12.47
C ALA D 8 -31.47 61.78 -11.10
N PRO D 9 -31.09 60.54 -10.92
CA PRO D 9 -30.84 59.98 -9.59
C PRO D 9 -29.78 60.75 -8.82
N HIS D 10 -30.11 61.29 -7.64
CA HIS D 10 -29.18 62.01 -6.81
C HIS D 10 -29.00 61.23 -5.54
N PRO D 11 -27.86 61.06 -4.90
CA PRO D 11 -27.78 60.25 -3.71
C PRO D 11 -28.53 60.79 -2.51
N THR D 12 -28.43 62.07 -2.23
CA THR D 12 -29.10 62.68 -1.09
C THR D 12 -30.55 62.98 -1.31
N ASP D 13 -30.95 63.53 -2.47
CA ASP D 13 -32.32 63.88 -2.74
C ASP D 13 -33.11 62.78 -3.39
N GLY D 14 -32.44 61.72 -3.87
CA GLY D 14 -33.07 60.61 -4.56
C GLY D 14 -33.19 60.88 -6.03
N PHE D 15 -33.84 61.99 -6.37
CA PHE D 15 -34.09 62.49 -7.70
C PHE D 15 -33.88 63.99 -7.78
N GLN D 16 -33.08 64.50 -8.73
CA GLN D 16 -32.88 65.94 -8.89
C GLN D 16 -33.05 66.28 -10.36
N VAL D 17 -33.30 67.55 -10.71
CA VAL D 17 -33.55 67.96 -12.08
C VAL D 17 -32.25 68.05 -12.90
N GLY D 18 -32.28 67.65 -14.19
CA GLY D 18 -31.09 67.65 -15.02
C GLY D 18 -31.41 67.30 -16.44
N ASN D 19 -30.62 67.83 -17.40
CA ASN D 19 -30.89 67.59 -18.81
C ASN D 19 -29.99 66.47 -19.31
N ILE D 20 -30.21 66.00 -20.55
CA ILE D 20 -29.43 64.97 -21.20
C ILE D 20 -28.61 65.64 -22.28
N VAL D 21 -27.27 65.60 -22.18
CA VAL D 21 -26.43 66.33 -23.13
C VAL D 21 -25.52 65.43 -23.93
N ASP D 22 -25.50 64.12 -23.66
CA ASP D 22 -24.85 63.16 -24.49
C ASP D 22 -25.65 61.88 -24.33
N ILE D 23 -25.90 61.13 -25.42
CA ILE D 23 -26.73 59.95 -25.36
C ILE D 23 -26.11 58.80 -26.13
N GLY D 24 -26.25 57.58 -25.63
CA GLY D 24 -25.72 56.37 -26.21
C GLY D 24 -26.02 55.24 -25.29
N PRO D 25 -25.96 53.98 -25.69
CA PRO D 25 -26.26 52.84 -24.85
C PRO D 25 -25.48 52.81 -23.57
N ASP D 26 -26.18 52.80 -22.43
CA ASP D 26 -25.65 52.84 -21.09
C ASP D 26 -24.68 53.99 -20.87
N SER D 27 -24.92 55.12 -21.53
CA SER D 27 -24.02 56.26 -21.50
C SER D 27 -24.78 57.56 -21.53
N LEU D 28 -25.87 57.63 -20.77
CA LEU D 28 -26.69 58.81 -20.68
C LEU D 28 -26.01 59.87 -19.83
N THR D 29 -25.33 60.85 -20.45
CA THR D 29 -24.65 61.91 -19.73
C THR D 29 -25.63 62.96 -19.28
N ILE D 30 -25.80 63.10 -17.95
CA ILE D 30 -26.77 63.98 -17.35
C ILE D 30 -26.11 65.18 -16.71
N GLU D 31 -26.39 66.39 -17.22
CA GLU D 31 -25.92 67.60 -16.57
C GLU D 31 -26.98 68.05 -15.57
N PRO D 32 -26.74 68.25 -14.28
CA PRO D 32 -27.73 68.80 -13.35
C PRO D 32 -28.25 70.18 -13.71
N LEU D 33 -29.48 70.53 -13.32
CA LEU D 33 -30.05 71.83 -13.60
C LEU D 33 -29.68 72.80 -12.56
N ASN D 34 -29.12 73.88 -12.97
CA ASN D 34 -28.62 74.91 -12.17
C ASN D 34 -27.48 74.57 -11.30
N GLN D 35 -26.79 73.57 -11.58
CA GLN D 35 -25.64 73.11 -10.95
C GLN D 35 -24.71 72.58 -11.98
N LYS D 36 -24.18 73.28 -12.74
CA LYS D 36 -23.32 72.94 -13.80
C LYS D 36 -22.03 72.36 -13.36
N GLY D 37 -21.60 71.40 -13.90
CA GLY D 37 -20.39 70.74 -13.54
C GLY D 37 -20.31 69.61 -12.98
N LYS D 38 -21.14 69.14 -12.54
CA LYS D 38 -21.17 68.01 -12.01
C LYS D 38 -21.69 66.90 -12.85
N THR D 39 -21.64 66.98 -14.13
CA THR D 39 -22.09 66.08 -15.16
C THR D 39 -21.64 64.65 -14.99
N PHE D 40 -22.56 63.76 -14.63
CA PHE D 40 -22.29 62.35 -14.43
C PHE D 40 -22.95 61.52 -15.52
N LEU D 41 -22.86 60.18 -15.46
CA LEU D 41 -23.52 59.32 -16.41
C LEU D 41 -24.56 58.49 -15.70
N ALA D 42 -25.57 58.01 -16.42
CA ALA D 42 -26.58 57.13 -15.88
C ALA D 42 -26.81 55.90 -16.75
N LEU D 43 -27.94 55.22 -16.53
CA LEU D 43 -28.41 54.06 -17.25
C LEU D 43 -29.83 54.36 -17.62
N ILE D 44 -30.38 53.70 -18.66
CA ILE D 44 -31.74 53.94 -19.14
C ILE D 44 -32.81 53.70 -18.09
N ASN D 45 -32.63 52.68 -17.24
CA ASN D 45 -33.55 52.34 -16.18
C ASN D 45 -33.47 53.22 -14.95
N GLN D 46 -32.55 54.20 -14.90
CA GLN D 46 -32.44 55.08 -13.77
C GLN D 46 -32.88 56.50 -14.06
N VAL D 47 -33.19 56.83 -15.32
CA VAL D 47 -33.60 58.16 -15.74
C VAL D 47 -35.07 58.15 -16.11
N PHE D 48 -35.84 59.14 -15.63
CA PHE D 48 -37.27 59.24 -15.84
C PHE D 48 -37.65 60.62 -16.36
N PRO D 49 -38.54 60.85 -17.31
CA PRO D 49 -38.87 62.19 -17.77
C PRO D 49 -39.63 63.01 -16.73
N ALA D 50 -39.66 64.33 -16.87
CA ALA D 50 -40.29 65.24 -15.92
C ALA D 50 -41.39 66.08 -16.54
N GLU D 51 -42.28 66.62 -15.71
CA GLU D 51 -43.38 67.49 -16.11
C GLU D 51 -42.92 68.88 -16.52
N GLU D 52 -43.59 69.50 -17.50
CA GLU D 52 -43.27 70.80 -18.01
C GLU D 52 -43.45 71.92 -17.02
N ASP D 53 -44.54 71.91 -16.27
CA ASP D 53 -44.84 72.91 -15.27
C ASP D 53 -44.46 72.40 -13.90
N SER D 54 -43.72 73.20 -13.14
CA SER D 54 -43.26 72.85 -11.83
C SER D 54 -44.06 73.47 -10.73
N LYS D 55 -45.00 74.29 -11.05
CA LYS D 55 -45.83 74.92 -10.08
C LYS D 55 -47.09 74.18 -9.80
N LYS D 56 -47.55 73.38 -10.51
CA LYS D 56 -48.72 72.58 -10.36
C LYS D 56 -48.59 71.44 -9.39
N ASP D 57 -49.70 71.05 -8.75
CA ASP D 57 -49.78 70.00 -7.83
C ASP D 57 -51.07 69.29 -8.01
N VAL D 58 -51.39 68.29 -8.32
CA VAL D 58 -52.61 67.58 -8.63
C VAL D 58 -53.07 66.67 -7.52
N GLU D 59 -54.40 66.68 -7.24
CA GLU D 59 -55.03 65.89 -6.21
C GLU D 59 -55.01 64.42 -6.56
N ASP D 60 -55.26 64.11 -7.85
CA ASP D 60 -55.20 62.80 -8.41
C ASP D 60 -53.95 62.75 -9.27
N ASN D 61 -53.18 61.67 -9.15
CA ASN D 61 -51.91 61.55 -9.84
C ASN D 61 -52.05 60.90 -11.19
N CYS D 62 -53.27 60.53 -11.58
CA CYS D 62 -53.55 60.06 -12.92
C CYS D 62 -53.89 61.23 -13.82
N SER D 63 -53.77 62.45 -13.25
CA SER D 63 -53.94 63.72 -13.90
C SER D 63 -52.59 64.28 -14.30
N LEU D 64 -51.52 63.49 -14.21
CA LEU D 64 -50.18 63.85 -14.65
C LEU D 64 -49.99 63.42 -16.08
N MET D 65 -49.09 64.08 -16.80
CA MET D 65 -48.83 63.77 -18.16
C MET D 65 -47.77 62.75 -18.36
N TYR D 66 -46.71 62.80 -17.60
CA TYR D 66 -45.68 61.82 -17.60
C TYR D 66 -45.67 61.13 -16.26
N LEU D 67 -46.37 60.06 -16.10
CA LEU D 67 -46.49 59.33 -14.87
C LEU D 67 -45.37 58.31 -14.69
N ASN D 68 -44.60 58.46 -13.62
CA ASN D 68 -43.49 57.60 -13.27
C ASN D 68 -43.23 57.80 -11.79
N GLU D 69 -42.16 57.22 -11.25
CA GLU D 69 -41.90 57.29 -9.82
C GLU D 69 -41.30 58.63 -9.41
N ALA D 70 -40.48 59.25 -10.26
CA ALA D 70 -39.91 60.55 -9.98
C ALA D 70 -40.91 61.71 -10.06
N THR D 71 -41.93 61.62 -10.95
CA THR D 71 -42.98 62.63 -11.08
C THR D 71 -44.06 62.46 -10.04
N LEU D 72 -44.09 61.28 -9.39
CA LEU D 72 -45.00 60.98 -8.30
C LEU D 72 -44.32 61.40 -7.03
N LEU D 73 -42.99 61.22 -6.90
CA LEU D 73 -42.28 61.69 -5.72
C LEU D 73 -42.15 63.20 -5.70
N HIS D 74 -42.22 63.87 -6.87
CA HIS D 74 -42.21 65.32 -6.90
C HIS D 74 -43.56 65.90 -6.57
N ASN D 75 -44.67 65.22 -6.96
CA ASN D 75 -46.00 65.69 -6.62
C ASN D 75 -46.24 65.58 -5.12
N ILE D 76 -45.73 64.52 -4.45
CA ILE D 76 -45.80 64.39 -3.01
C ILE D 76 -44.87 65.37 -2.31
N LYS D 77 -43.70 65.72 -2.89
CA LYS D 77 -42.79 66.68 -2.29
C LYS D 77 -43.34 68.09 -2.32
N VAL D 78 -44.07 68.45 -3.39
CA VAL D 78 -44.72 69.74 -3.51
C VAL D 78 -45.94 69.82 -2.61
N ARG D 79 -46.72 68.72 -2.48
CA ARG D 79 -47.88 68.74 -1.62
C ARG D 79 -47.52 68.52 -0.17
N TYR D 80 -46.27 68.16 0.14
CA TYR D 80 -45.78 68.17 1.50
C TYR D 80 -45.47 69.60 1.90
N SER D 81 -44.85 70.36 0.97
CA SER D 81 -44.56 71.77 1.13
C SER D 81 -45.81 72.61 1.28
N LYS D 82 -46.88 72.29 0.53
CA LYS D 82 -48.15 72.99 0.60
C LYS D 82 -49.13 72.40 1.61
N ASP D 83 -48.67 71.47 2.47
CA ASP D 83 -49.41 70.83 3.54
C ASP D 83 -50.66 70.07 3.12
N ARG D 84 -50.62 69.31 2.03
CA ARG D 84 -51.70 68.49 1.53
C ARG D 84 -51.27 67.03 1.60
N ILE D 85 -51.24 66.50 2.80
CA ILE D 85 -50.80 65.16 3.14
C ILE D 85 -51.64 64.03 2.59
N TYR D 86 -52.96 64.22 2.45
CA TYR D 86 -53.89 63.24 1.92
C TYR D 86 -53.99 63.40 0.42
N THR D 87 -53.57 62.37 -0.34
CA THR D 87 -53.46 62.48 -1.79
C THR D 87 -53.91 61.20 -2.46
N TYR D 88 -54.91 61.30 -3.35
CA TYR D 88 -55.49 60.20 -4.10
C TYR D 88 -54.59 59.72 -5.22
N VAL D 89 -54.09 58.50 -5.18
CA VAL D 89 -53.37 57.97 -6.32
C VAL D 89 -54.26 56.88 -6.84
N ALA D 90 -54.99 57.13 -7.94
CA ALA D 90 -55.97 56.23 -8.49
C ALA D 90 -57.10 55.92 -7.51
N ASN D 91 -57.18 54.78 -6.96
CA ASN D 91 -58.14 54.31 -5.98
C ASN D 91 -57.47 54.00 -4.65
N ILE D 92 -56.20 54.42 -4.49
CA ILE D 92 -55.40 54.19 -3.32
C ILE D 92 -55.13 55.51 -2.64
N LEU D 93 -55.48 55.63 -1.34
CA LEU D 93 -55.14 56.82 -0.60
C LEU D 93 -53.68 56.78 -0.18
N ILE D 94 -52.93 57.84 -0.49
CA ILE D 94 -51.57 57.98 -0.04
C ILE D 94 -51.64 59.08 0.99
N ALA D 95 -51.11 58.78 2.19
CA ALA D 95 -51.13 59.69 3.30
C ALA D 95 -49.69 59.84 3.74
N VAL D 96 -49.27 61.07 4.05
CA VAL D 96 -47.93 61.34 4.51
C VAL D 96 -48.07 61.78 5.94
N ASN D 97 -47.24 61.27 6.88
CA ASN D 97 -47.36 61.64 8.27
C ASN D 97 -46.73 63.00 8.53
N PRO D 98 -47.39 64.03 9.03
CA PRO D 98 -46.76 65.32 9.23
C PRO D 98 -46.05 65.39 10.54
N TYR D 99 -46.39 64.52 11.49
CA TYR D 99 -45.89 64.49 12.83
C TYR D 99 -46.15 65.74 13.66
N PHE D 100 -47.12 66.54 13.30
CA PHE D 100 -47.59 67.67 14.05
C PHE D 100 -49.01 67.92 13.62
N ASP D 101 -49.82 68.61 14.42
CA ASP D 101 -51.21 68.87 14.12
C ASP D 101 -51.40 69.99 13.11
N ILE D 102 -52.07 69.73 12.02
CA ILE D 102 -52.38 70.68 10.98
C ILE D 102 -53.75 71.29 11.28
N PRO D 103 -53.97 72.61 11.23
CA PRO D 103 -55.25 73.21 11.54
C PRO D 103 -56.41 72.82 10.66
N LYS D 104 -57.59 72.74 11.27
CA LYS D 104 -58.88 72.47 10.69
C LYS D 104 -59.15 71.23 9.85
N ILE D 105 -58.13 70.46 9.44
CA ILE D 105 -58.38 69.24 8.66
C ILE D 105 -59.06 68.12 9.42
N TYR D 106 -58.99 68.11 10.75
CA TYR D 106 -59.68 67.13 11.57
C TYR D 106 -60.91 67.72 12.24
N SER D 107 -61.29 68.96 11.88
CA SER D 107 -62.43 69.68 12.42
C SER D 107 -63.77 69.02 12.19
N SER D 108 -64.73 69.22 13.11
CA SER D 108 -66.07 68.65 12.98
C SER D 108 -66.89 69.39 11.96
N GLU D 109 -66.51 70.63 11.61
CA GLU D 109 -67.12 71.36 10.52
C GLU D 109 -66.67 70.79 9.17
N THR D 110 -65.45 70.26 9.13
CA THR D 110 -64.85 69.58 7.99
C THR D 110 -65.52 68.25 7.81
N ILE D 111 -65.78 67.52 8.89
CA ILE D 111 -66.46 66.24 8.84
C ILE D 111 -67.93 66.38 8.46
N LYS D 112 -68.60 67.44 8.89
CA LYS D 112 -69.98 67.72 8.50
C LYS D 112 -70.11 68.20 7.06
N SER D 113 -69.05 68.83 6.52
CA SER D 113 -68.98 69.27 5.14
C SER D 113 -68.88 68.10 4.21
N TYR D 114 -67.86 67.24 4.39
CA TYR D 114 -67.60 66.07 3.60
C TYR D 114 -68.76 65.09 3.46
N GLN D 115 -69.56 64.91 4.52
CA GLN D 115 -70.73 64.04 4.55
C GLN D 115 -71.59 64.00 3.31
N GLY D 116 -71.59 62.85 2.61
CA GLY D 116 -72.43 62.60 1.45
C GLY D 116 -71.95 63.15 0.14
N LYS D 117 -70.79 63.76 0.10
CA LYS D 117 -70.26 64.33 -1.10
C LYS D 117 -69.56 63.32 -1.95
N SER D 118 -69.57 63.49 -3.23
CA SER D 118 -68.97 62.60 -4.17
C SER D 118 -67.47 62.76 -4.31
N LEU D 119 -66.77 61.66 -4.61
CA LEU D 119 -65.33 61.65 -4.79
C LEU D 119 -64.85 62.51 -5.92
N GLY D 120 -63.75 63.19 -5.69
CA GLY D 120 -63.17 64.11 -6.64
C GLY D 120 -63.75 65.47 -6.60
N THR D 121 -64.96 65.61 -6.10
CA THR D 121 -65.67 66.86 -5.94
C THR D 121 -65.15 67.59 -4.77
N MET D 122 -64.74 66.92 -3.76
CA MET D 122 -64.12 67.46 -2.61
C MET D 122 -62.69 66.95 -2.56
N PRO D 123 -61.72 67.69 -2.05
CA PRO D 123 -60.35 67.27 -2.00
C PRO D 123 -60.08 65.98 -1.24
N PRO D 124 -59.05 65.20 -1.50
CA PRO D 124 -58.75 63.96 -0.80
C PRO D 124 -58.53 64.15 0.69
N HIS D 125 -59.12 63.28 1.51
CA HIS D 125 -59.03 63.36 2.95
C HIS D 125 -59.22 61.96 3.45
N VAL D 126 -58.89 61.71 4.73
CA VAL D 126 -59.05 60.42 5.38
C VAL D 126 -60.52 60.02 5.46
N PHE D 127 -61.40 61.00 5.62
CA PHE D 127 -62.82 60.78 5.69
C PHE D 127 -63.48 60.69 4.33
N ALA D 128 -62.74 60.88 3.21
CA ALA D 128 -63.30 60.76 1.88
C ALA D 128 -63.25 59.32 1.39
N ILE D 129 -62.50 58.48 2.11
CA ILE D 129 -62.37 57.08 1.83
C ILE D 129 -63.39 56.37 2.67
N ALA D 130 -63.62 56.82 3.92
CA ALA D 130 -64.63 56.25 4.76
C ALA D 130 -66.06 56.58 4.30
N ASP D 131 -66.27 57.70 3.59
CA ASP D 131 -67.57 58.03 3.05
C ASP D 131 -67.90 57.22 1.79
N LYS D 132 -66.88 56.88 0.99
CA LYS D 132 -67.04 56.07 -0.19
C LYS D 132 -67.35 54.64 0.16
N ALA D 133 -66.77 54.13 1.26
CA ALA D 133 -67.04 52.80 1.73
C ALA D 133 -68.17 52.78 2.75
N PHE D 134 -69.19 53.62 2.50
CA PHE D 134 -70.43 53.60 3.23
C PHE D 134 -71.53 53.63 2.21
N ARG D 135 -71.30 54.28 1.06
CA ARG D 135 -72.26 54.23 -0.02
C ARG D 135 -72.18 52.94 -0.80
N ASP D 136 -71.10 52.16 -0.67
CA ASP D 136 -71.05 50.83 -1.28
C ASP D 136 -71.83 49.83 -0.44
N MET D 137 -72.18 50.20 0.82
CA MET D 137 -73.06 49.41 1.67
C MET D 137 -74.50 49.47 1.19
N LYS D 138 -74.89 50.54 0.47
CA LYS D 138 -76.23 50.66 -0.05
C LYS D 138 -76.32 50.27 -1.52
N VAL D 139 -75.23 50.42 -2.28
CA VAL D 139 -75.16 49.99 -3.67
C VAL D 139 -75.09 48.48 -3.80
N LEU D 140 -73.91 47.87 -3.61
CA LEU D 140 -73.72 46.45 -3.77
C LEU D 140 -73.99 45.64 -2.52
N LYS D 141 -74.15 46.29 -1.36
CA LYS D 141 -74.51 45.68 -0.10
C LYS D 141 -73.55 44.61 0.40
N LEU D 142 -72.28 44.97 0.49
CA LEU D 142 -71.22 44.08 0.88
C LEU D 142 -70.39 44.73 1.97
N SER D 143 -69.98 43.96 3.00
CA SER D 143 -69.12 44.39 4.08
C SER D 143 -67.77 44.88 3.58
N GLN D 144 -67.28 46.01 4.09
CA GLN D 144 -66.08 46.66 3.58
C GLN D 144 -64.91 46.56 4.54
N SER D 145 -63.74 46.08 4.08
CA SER D 145 -62.54 46.01 4.89
C SER D 145 -61.55 47.12 4.59
N ILE D 146 -61.32 48.01 5.55
CA ILE D 146 -60.31 49.04 5.49
C ILE D 146 -58.95 48.41 5.80
N ILE D 147 -57.99 48.47 4.87
CA ILE D 147 -56.68 47.88 5.11
C ILE D 147 -55.70 49.02 5.09
N VAL D 148 -55.10 49.32 6.26
CA VAL D 148 -54.15 50.40 6.36
C VAL D 148 -52.75 49.81 6.37
N SER D 149 -51.96 50.15 5.33
CA SER D 149 -50.60 49.68 5.18
C SER D 149 -49.58 50.78 5.43
N GLY D 150 -48.28 50.43 5.43
CA GLY D 150 -47.19 51.37 5.68
C GLY D 150 -46.27 50.84 6.75
N GLU D 151 -45.03 51.32 6.80
CA GLU D 151 -44.03 50.95 7.79
C GLU D 151 -44.45 51.35 9.18
N SER D 152 -44.02 50.66 10.22
CA SER D 152 -44.41 50.99 11.56
C SER D 152 -43.95 52.35 12.05
N GLY D 153 -44.87 53.08 12.69
CA GLY D 153 -44.65 54.45 13.11
C GLY D 153 -45.07 55.43 12.05
N ALA D 154 -45.88 55.01 11.09
CA ALA D 154 -46.31 55.84 9.99
C ALA D 154 -47.67 56.48 10.21
N GLY D 155 -48.37 56.17 11.32
CA GLY D 155 -49.65 56.79 11.62
C GLY D 155 -50.82 55.93 11.33
N LYS D 156 -50.63 54.61 11.17
CA LYS D 156 -51.69 53.69 10.83
C LYS D 156 -52.70 53.46 11.92
N THR D 157 -52.39 53.83 13.17
CA THR D 157 -53.25 53.62 14.31
C THR D 157 -53.90 54.93 14.58
N GLU D 158 -53.20 56.06 14.45
CA GLU D 158 -53.83 57.35 14.60
C GLU D 158 -54.77 57.67 13.43
N ASN D 159 -54.44 57.31 12.19
CA ASN D 159 -55.38 57.47 11.08
C ASN D 159 -56.52 56.45 11.15
N THR D 160 -56.33 55.34 11.87
CA THR D 160 -57.40 54.37 12.12
C THR D 160 -58.38 54.95 13.10
N LYS D 161 -57.94 55.72 14.12
CA LYS D 161 -58.86 56.34 15.05
C LYS D 161 -59.64 57.47 14.41
N PHE D 162 -59.11 58.13 13.36
CA PHE D 162 -59.85 59.12 12.60
C PHE D 162 -60.93 58.51 11.72
N VAL D 163 -60.69 57.32 11.16
CA VAL D 163 -61.68 56.63 10.36
C VAL D 163 -62.84 56.13 11.19
N LEU D 164 -62.58 55.60 12.40
CA LEU D 164 -63.60 55.13 13.30
C LEU D 164 -64.42 56.24 13.93
N ARG D 165 -63.85 57.44 14.06
CA ARG D 165 -64.59 58.58 14.58
C ARG D 165 -65.53 59.13 13.54
N TYR D 166 -65.18 59.04 12.25
CA TYR D 166 -66.05 59.48 11.18
C TYR D 166 -67.24 58.55 10.98
N LEU D 167 -67.04 57.24 11.13
CA LEU D 167 -68.10 56.28 10.97
C LEU D 167 -69.10 56.30 12.09
N THR D 168 -68.68 56.67 13.30
CA THR D 168 -69.58 56.78 14.42
C THR D 168 -70.08 58.19 14.61
N GLU D 169 -69.98 59.03 13.58
CA GLU D 169 -70.48 60.38 13.63
C GLU D 169 -71.25 60.72 12.38
N SER D 170 -70.67 60.56 11.20
CA SER D 170 -71.32 60.89 9.94
C SER D 170 -72.53 60.11 9.62
N TYR D 171 -72.51 58.84 9.95
CA TYR D 171 -73.61 58.00 9.76
C TYR D 171 -74.21 57.64 11.08
N GLY D 172 -74.31 58.37 11.79
CA GLY D 172 -74.88 58.27 13.08
C GLY D 172 -74.40 57.68 14.10
N THR D 173 -74.78 57.69 15.27
CA THR D 173 -74.44 57.15 16.38
C THR D 173 -74.52 55.93 16.62
N GLY D 174 -74.51 55.39 16.95
CA GLY D 174 -74.58 54.21 17.17
C GLY D 174 -74.37 53.66 18.46
N GLN D 175 -73.37 53.90 19.02
CA GLN D 175 -72.99 53.44 20.28
C GLN D 175 -73.20 54.50 21.30
N ASP D 176 -73.51 54.12 22.51
CA ASP D 176 -73.73 55.01 23.60
C ASP D 176 -72.48 55.73 24.00
N ILE D 177 -71.37 55.02 24.07
CA ILE D 177 -70.09 55.57 24.35
C ILE D 177 -69.17 55.29 23.19
N ASP D 178 -68.75 56.30 22.45
CA ASP D 178 -67.85 56.21 21.32
C ASP D 178 -66.46 55.83 21.76
N ASP D 179 -66.01 56.42 22.87
CA ASP D 179 -64.63 56.79 23.11
C ASP D 179 -63.86 55.56 23.58
N ARG D 180 -64.59 54.50 23.98
CA ARG D 180 -64.06 53.22 24.38
C ARG D 180 -63.25 52.57 23.30
N ILE D 181 -63.71 52.65 22.04
CA ILE D 181 -62.99 52.14 20.92
C ILE D 181 -61.68 52.86 20.71
N VAL D 182 -61.67 54.18 20.84
CA VAL D 182 -60.48 54.99 20.70
C VAL D 182 -59.49 54.78 21.83
N GLU D 183 -59.96 54.79 23.07
CA GLU D 183 -59.17 54.64 24.25
C GLU D 183 -58.55 53.29 24.48
N ALA D 184 -59.20 52.21 24.03
CA ALA D 184 -58.72 50.86 24.20
C ALA D 184 -57.46 50.52 23.46
N ASN D 185 -57.19 51.16 22.30
CA ASN D 185 -56.01 50.85 21.53
C ASN D 185 -54.69 51.05 22.27
N PRO D 186 -54.32 52.14 22.95
CA PRO D 186 -53.07 52.17 23.69
C PRO D 186 -52.97 51.16 24.82
N LEU D 187 -54.10 50.62 25.34
CA LEU D 187 -54.08 49.57 26.33
C LEU D 187 -53.53 48.27 25.76
N LEU D 188 -54.00 47.86 24.57
CA LEU D 188 -53.54 46.63 23.97
C LEU D 188 -52.19 46.77 23.31
N GLU D 189 -51.75 48.02 23.06
CA GLU D 189 -50.43 48.28 22.55
C GLU D 189 -49.40 48.30 23.66
N ALA D 190 -49.82 48.29 24.95
CA ALA D 190 -48.88 48.11 26.05
C ALA D 190 -48.33 46.68 26.06
N PHE D 191 -49.23 45.71 25.83
CA PHE D 191 -48.91 44.30 25.75
C PHE D 191 -48.22 43.88 24.48
N GLY D 192 -48.52 44.51 23.33
CA GLY D 192 -47.99 44.07 22.03
C GLY D 192 -46.90 44.89 21.40
N ASN D 193 -46.70 46.15 21.79
CA ASN D 193 -45.62 46.96 21.25
C ASN D 193 -44.27 46.55 21.82
N ALA D 194 -43.21 46.74 21.02
CA ALA D 194 -41.85 46.46 21.40
C ALA D 194 -40.96 47.55 20.81
N LYS D 195 -39.63 47.32 20.78
CA LYS D 195 -38.66 48.23 20.20
C LYS D 195 -37.95 47.51 19.09
N THR D 196 -37.88 48.10 17.89
CA THR D 196 -37.19 47.52 16.75
C THR D 196 -36.12 48.48 16.29
N VAL D 197 -35.23 48.05 15.40
CA VAL D 197 -34.18 48.88 14.86
C VAL D 197 -34.73 50.03 14.03
N ARG D 198 -35.82 49.79 13.30
CA ARG D 198 -36.50 50.79 12.51
C ARG D 198 -37.30 51.79 13.30
N ASN D 199 -38.01 51.37 14.36
CA ASN D 199 -38.80 52.29 15.13
C ASN D 199 -38.84 51.89 16.59
N ASN D 200 -38.78 52.90 17.48
CA ASN D 200 -38.85 52.70 18.90
C ASN D 200 -40.20 52.21 19.36
N ASN D 201 -41.28 52.87 18.98
CA ASN D 201 -42.61 52.40 19.26
C ASN D 201 -43.13 51.60 18.09
N SER D 202 -42.99 50.28 18.06
CA SER D 202 -43.52 49.48 16.98
C SER D 202 -44.43 48.41 17.51
N SER D 203 -45.53 48.10 16.79
CA SER D 203 -46.45 47.03 17.13
C SER D 203 -45.99 45.72 16.58
N ARG D 204 -45.95 44.65 17.39
CA ARG D 204 -45.54 43.34 16.91
C ARG D 204 -46.72 42.40 16.80
N PHE D 205 -47.89 42.95 16.50
CA PHE D 205 -49.12 42.22 16.34
C PHE D 205 -49.99 42.91 15.30
N GLY D 206 -50.89 42.16 14.66
CA GLY D 206 -51.76 42.64 13.60
C GLY D 206 -53.19 42.64 14.03
N LYS D 207 -53.64 43.74 14.65
CA LYS D 207 -55.00 43.87 15.12
C LYS D 207 -56.00 44.09 13.98
N PHE D 208 -57.23 43.59 14.16
CA PHE D 208 -58.28 43.70 13.17
C PHE D 208 -59.57 44.11 13.85
N VAL D 209 -59.94 45.39 13.74
CA VAL D 209 -61.18 45.88 14.32
C VAL D 209 -62.35 45.45 13.44
N GLU D 210 -63.45 44.93 14.00
CA GLU D 210 -64.64 44.57 13.25
C GLU D 210 -65.84 45.31 13.80
N ILE D 211 -66.16 46.49 13.24
CA ILE D 211 -67.29 47.30 13.69
C ILE D 211 -68.52 46.79 12.96
N HIS D 212 -69.47 46.24 13.71
CA HIS D 212 -70.67 45.65 13.14
C HIS D 212 -71.78 46.67 13.02
N PHE D 213 -72.68 46.45 12.05
CA PHE D 213 -73.83 47.32 11.82
C PHE D 213 -75.04 46.42 11.64
N ASN D 214 -76.13 46.92 11.02
CA ASN D 214 -77.34 46.17 10.80
C ASN D 214 -78.01 46.67 9.54
N GLU D 215 -79.14 46.06 9.14
CA GLU D 215 -79.89 46.42 7.94
C GLU D 215 -80.50 47.80 7.98
N LYS D 216 -80.66 48.39 9.16
CA LYS D 216 -81.14 49.74 9.35
C LYS D 216 -80.03 50.74 9.17
N SER D 217 -78.78 50.29 9.03
CA SER D 217 -77.54 51.01 8.85
C SER D 217 -77.04 51.70 10.08
N SER D 218 -77.28 51.11 11.25
CA SER D 218 -76.86 51.64 12.52
C SER D 218 -75.88 50.70 13.19
N VAL D 219 -74.93 51.25 13.96
CA VAL D 219 -73.90 50.49 14.66
C VAL D 219 -74.50 49.60 15.75
N VAL D 220 -74.08 48.32 15.84
CA VAL D 220 -74.60 47.42 16.87
C VAL D 220 -73.54 47.01 17.87
N GLY D 221 -72.27 47.40 17.67
CA GLY D 221 -71.17 47.09 18.57
C GLY D 221 -69.97 46.67 17.77
N GLY D 222 -68.93 46.14 18.42
CA GLY D 222 -67.72 45.76 17.70
C GLY D 222 -67.01 44.59 18.29
N PHE D 223 -65.89 44.21 17.65
CA PHE D 223 -65.10 43.08 18.05
C PHE D 223 -63.69 43.27 17.52
N VAL D 224 -62.67 43.30 18.40
CA VAL D 224 -61.29 43.48 17.98
C VAL D 224 -60.58 42.16 18.22
N SER D 225 -59.81 41.67 17.23
CA SER D 225 -59.04 40.45 17.37
C SER D 225 -57.57 40.76 17.14
N HIS D 226 -56.75 39.73 16.85
CA HIS D 226 -55.35 39.93 16.63
C HIS D 226 -54.78 38.74 15.91
N TYR D 227 -53.82 38.99 15.02
CA TYR D 227 -53.20 37.99 14.20
C TYR D 227 -51.72 38.32 14.23
N LEU D 228 -50.87 37.29 14.22
CA LEU D 228 -49.43 37.37 14.30
C LEU D 228 -48.90 37.91 15.61
N LEU D 229 -48.38 37.20 16.43
CA LEU D 229 -47.78 37.60 17.67
C LEU D 229 -46.36 37.06 17.69
N GLU D 230 -45.34 37.91 17.95
CA GLU D 230 -43.96 37.47 17.99
C GLU D 230 -43.68 36.73 19.29
N LYS D 231 -44.06 35.46 19.37
CA LYS D 231 -43.88 34.61 20.54
C LYS D 231 -42.42 34.37 20.86
N SER D 232 -41.57 34.33 19.84
CA SER D 232 -40.13 34.19 19.95
C SER D 232 -39.48 35.31 20.72
N ARG D 233 -40.02 36.54 20.61
CA ARG D 233 -39.56 37.72 21.31
C ARG D 233 -39.57 37.57 22.81
N ILE D 234 -40.47 36.74 23.36
CA ILE D 234 -40.52 36.47 24.77
C ILE D 234 -39.25 35.80 25.25
N CYS D 235 -38.78 34.81 24.50
CA CYS D 235 -37.60 34.06 24.83
C CYS D 235 -36.29 34.70 24.47
N VAL D 236 -36.19 35.31 23.32
CA VAL D 236 -34.94 35.88 22.85
C VAL D 236 -35.18 37.20 22.14
N GLN D 237 -34.33 38.19 22.42
CA GLN D 237 -34.43 39.53 21.87
C GLN D 237 -33.13 39.92 21.23
N GLY D 238 -33.18 40.80 20.24
CA GLY D 238 -32.01 41.35 19.60
C GLY D 238 -31.27 42.30 20.48
N LYS D 239 -30.05 42.68 20.11
CA LYS D 239 -29.22 43.59 20.86
C LYS D 239 -29.77 44.98 21.03
N GLU D 240 -30.37 45.54 20.01
CA GLU D 240 -30.96 46.84 20.04
C GLU D 240 -32.46 46.75 20.22
N GLU D 241 -33.01 45.65 20.58
CA GLU D 241 -34.42 45.44 20.78
C GLU D 241 -34.77 45.19 22.23
N ARG D 242 -36.02 45.50 22.63
CA ARG D 242 -36.51 45.19 23.96
C ARG D 242 -37.36 43.92 23.83
N ASN D 243 -38.21 43.59 24.84
CA ASN D 243 -39.07 42.44 24.72
C ASN D 243 -40.47 42.98 24.46
N TYR D 244 -41.47 42.83 25.35
CA TYR D 244 -42.72 43.55 25.20
C TYR D 244 -42.68 44.73 26.12
N HIS D 245 -43.48 45.77 25.84
CA HIS D 245 -43.45 46.97 26.65
C HIS D 245 -44.27 46.95 27.90
N ILE D 246 -44.91 45.81 28.24
CA ILE D 246 -45.57 45.70 29.52
C ILE D 246 -44.58 45.32 30.62
N PHE D 247 -43.52 44.55 30.32
CA PHE D 247 -42.57 44.18 31.36
C PHE D 247 -41.72 45.31 31.89
N TYR D 248 -41.47 46.35 31.06
CA TYR D 248 -40.73 47.51 31.48
C TYR D 248 -41.62 48.54 32.16
N ARG D 249 -42.94 48.34 32.10
CA ARG D 249 -43.93 49.20 32.71
C ARG D 249 -44.35 48.61 34.03
N LEU D 250 -44.00 47.34 34.25
CA LEU D 250 -44.28 46.64 35.48
C LEU D 250 -43.05 46.79 36.36
N CYS D 251 -41.82 46.71 35.82
CA CYS D 251 -40.67 46.90 36.68
C CYS D 251 -40.30 48.36 36.89
N ALA D 252 -40.70 49.30 36.01
CA ALA D 252 -40.46 50.70 36.26
C ALA D 252 -41.68 51.43 36.80
N GLY D 253 -42.87 50.87 36.71
CA GLY D 253 -44.10 51.51 37.15
C GLY D 253 -44.59 51.08 38.50
N ALA D 254 -44.98 49.86 38.70
CA ALA D 254 -45.57 49.30 39.90
C ALA D 254 -44.88 49.62 41.23
N SER D 255 -45.66 49.89 42.28
CA SER D 255 -45.21 50.24 43.62
C SER D 255 -44.32 49.22 44.33
N GLU D 256 -43.86 49.55 45.54
CA GLU D 256 -42.97 48.70 46.31
C GLU D 256 -43.76 47.77 47.21
N ASP D 257 -45.08 47.98 47.28
CA ASP D 257 -46.00 47.11 47.97
C ASP D 257 -46.73 46.24 46.96
N ILE D 258 -46.18 46.19 45.75
CA ILE D 258 -46.60 45.33 44.67
C ILE D 258 -45.38 44.57 44.24
N ARG D 259 -44.20 45.21 44.14
CA ARG D 259 -43.01 44.50 43.73
C ARG D 259 -42.47 43.56 44.81
N GLU D 260 -42.62 43.91 46.11
CA GLU D 260 -42.24 43.00 47.17
C GLU D 260 -43.21 41.84 47.33
N ARG D 261 -44.47 42.01 46.92
CA ARG D 261 -45.46 40.96 46.99
C ARG D 261 -45.36 39.99 45.84
N LEU D 262 -44.77 40.38 44.71
CA LEU D 262 -44.57 39.52 43.57
C LEU D 262 -43.15 39.01 43.49
N HIS D 263 -42.29 39.38 44.46
CA HIS D 263 -40.89 38.99 44.57
C HIS D 263 -40.06 39.40 43.36
N LEU D 264 -40.35 40.56 42.76
CA LEU D 264 -39.71 41.02 41.56
C LEU D 264 -38.44 41.80 41.81
N SER D 265 -37.40 41.47 41.06
CA SER D 265 -36.12 42.10 41.09
C SER D 265 -35.90 42.88 39.82
N SER D 266 -34.67 43.32 39.52
CA SER D 266 -34.36 44.08 38.31
C SER D 266 -34.34 43.20 37.05
N PRO D 267 -34.57 43.73 35.84
CA PRO D 267 -34.68 42.93 34.62
C PRO D 267 -33.50 42.05 34.27
N ASP D 268 -32.27 42.38 34.69
CA ASP D 268 -31.08 41.64 34.38
C ASP D 268 -31.00 40.31 35.11
N ASN D 269 -31.85 40.10 36.13
CA ASN D 269 -31.92 38.86 36.86
C ASN D 269 -32.79 37.84 36.13
N PHE D 270 -33.71 38.27 35.24
CA PHE D 270 -34.60 37.37 34.54
C PHE D 270 -34.09 37.01 33.16
N ARG D 271 -33.99 35.70 32.84
CA ARG D 271 -33.49 35.19 31.57
C ARG D 271 -34.19 35.72 30.33
N TYR D 272 -35.51 35.87 30.39
CA TYR D 272 -36.29 36.39 29.28
C TYR D 272 -36.17 37.90 29.12
N LEU D 273 -35.51 38.61 30.00
CA LEU D 273 -35.30 40.04 29.90
C LEU D 273 -33.83 40.41 29.89
N ASN D 274 -32.88 39.51 30.15
CA ASN D 274 -31.48 39.83 30.17
C ASN D 274 -30.77 39.67 28.85
N ARG D 275 -31.45 39.20 27.84
CA ARG D 275 -30.91 39.14 26.52
C ARG D 275 -31.13 40.42 25.81
N GLY D 276 -31.32 41.10 25.29
CA GLY D 276 -31.55 42.36 24.63
C GLY D 276 -31.35 43.59 25.47
N CYS D 277 -32.09 44.61 25.19
CA CYS D 277 -32.02 45.90 25.86
C CYS D 277 -32.91 45.99 27.09
N THR D 278 -32.32 46.40 28.24
CA THR D 278 -33.02 46.55 29.50
C THR D 278 -33.33 47.98 29.86
N ARG D 279 -32.88 48.95 29.05
CA ARG D 279 -33.10 50.37 29.28
C ARG D 279 -34.55 50.84 29.15
N TYR D 280 -34.95 51.79 30.01
CA TYR D 280 -36.29 52.35 30.03
C TYR D 280 -36.40 53.57 29.14
N PHE D 281 -37.60 53.87 28.63
CA PHE D 281 -37.87 55.06 27.84
C PHE D 281 -38.26 56.16 28.80
N ALA D 282 -37.58 57.09 29.07
CA ALA D 282 -37.85 58.14 30.01
C ALA D 282 -37.32 59.47 29.58
N ASN D 283 -37.87 60.54 30.06
CA ASN D 283 -37.48 61.90 29.85
C ASN D 283 -36.74 62.39 31.08
N LYS D 284 -36.16 63.60 31.08
CA LYS D 284 -35.35 64.11 32.17
C LYS D 284 -36.04 64.14 33.51
N GLU D 285 -37.29 64.59 33.57
CA GLU D 285 -38.07 64.61 34.77
C GLU D 285 -38.40 63.23 35.29
N THR D 286 -38.74 62.28 34.39
CA THR D 286 -39.06 60.91 34.75
C THR D 286 -37.87 60.10 35.20
N ASP D 287 -36.65 60.41 34.73
CA ASP D 287 -35.42 59.76 35.13
C ASP D 287 -35.17 59.84 36.63
N LYS D 288 -35.48 60.99 37.26
CA LYS D 288 -35.37 61.14 38.68
C LYS D 288 -36.53 60.55 39.44
N GLN D 289 -37.68 60.30 38.80
CA GLN D 289 -38.83 59.71 39.41
C GLN D 289 -38.73 58.21 39.56
N ILE D 290 -38.04 57.51 38.65
CA ILE D 290 -37.84 56.07 38.73
C ILE D 290 -36.95 55.72 39.90
N LEU D 291 -37.38 54.77 40.75
CA LEU D 291 -36.67 54.35 41.94
C LEU D 291 -35.32 53.71 41.65
N GLN D 292 -34.33 53.94 42.54
CA GLN D 292 -32.97 53.48 42.42
C GLN D 292 -32.81 51.97 42.31
N ASN D 293 -33.62 51.20 43.05
CA ASN D 293 -33.62 49.75 43.00
C ASN D 293 -34.10 49.17 41.68
N ARG D 294 -34.84 49.94 40.88
CA ARG D 294 -35.34 49.51 39.59
C ARG D 294 -34.32 49.73 38.48
N LYS D 295 -33.31 50.54 38.71
CA LYS D 295 -32.28 50.85 37.73
C LYS D 295 -31.20 49.79 37.71
N SER D 296 -31.06 49.09 36.59
CA SER D 296 -30.08 48.05 36.38
C SER D 296 -28.70 48.63 36.11
N PRO D 297 -27.59 47.92 36.24
CA PRO D 297 -26.27 48.44 35.94
C PRO D 297 -26.11 48.96 34.53
N GLU D 298 -26.80 48.36 33.53
CA GLU D 298 -26.77 48.82 32.17
C GLU D 298 -27.53 50.13 32.00
N TYR D 299 -28.59 50.35 32.80
CA TYR D 299 -29.30 51.61 32.82
C TYR D 299 -28.47 52.66 33.51
N LEU D 300 -27.74 52.30 34.57
CA LEU D 300 -26.84 53.22 35.22
C LEU D 300 -25.70 53.66 34.31
N LYS D 301 -25.10 52.72 33.56
CA LYS D 301 -24.06 53.02 32.61
C LYS D 301 -24.49 53.74 31.35
N ALA D 302 -25.55 53.28 30.68
CA ALA D 302 -25.98 53.84 29.42
C ALA D 302 -27.18 54.76 29.44
N GLY D 303 -27.89 54.89 30.58
CA GLY D 303 -29.04 55.77 30.71
C GLY D 303 -30.27 55.40 29.93
N SER D 304 -31.28 56.24 30.03
CA SER D 304 -32.57 56.11 29.37
C SER D 304 -32.55 56.13 27.87
N LEU D 305 -33.63 55.69 27.24
CA LEU D 305 -33.85 55.72 25.81
C LEU D 305 -34.77 56.89 25.52
N LYS D 306 -34.55 57.66 24.53
CA LYS D 306 -35.33 58.83 24.20
C LYS D 306 -36.30 58.62 23.06
N ASP D 307 -37.55 59.13 23.20
CA ASP D 307 -38.57 59.08 22.18
C ASP D 307 -39.50 60.27 22.38
N PRO D 308 -40.17 60.82 21.36
CA PRO D 308 -41.09 61.93 21.56
C PRO D 308 -42.34 61.55 22.21
N LEU D 309 -42.76 60.30 22.12
CA LEU D 309 -43.98 59.90 22.65
C LEU D 309 -43.91 58.99 23.79
N LEU D 310 -43.07 58.04 23.80
CA LEU D 310 -42.99 57.10 24.84
C LEU D 310 -42.27 57.46 26.11
N ASP D 311 -42.85 57.10 27.25
CA ASP D 311 -42.31 57.21 28.58
C ASP D 311 -42.86 55.99 29.27
N ASP D 312 -41.99 55.09 29.81
CA ASP D 312 -42.46 53.86 30.42
C ASP D 312 -43.21 54.12 31.72
N HIS D 313 -42.73 55.02 32.60
CA HIS D 313 -43.42 55.31 33.84
C HIS D 313 -44.70 56.11 33.61
N GLY D 314 -44.73 56.96 32.58
CA GLY D 314 -45.90 57.73 32.15
C GLY D 314 -46.99 56.89 31.57
N ASP D 315 -46.63 55.90 30.75
CA ASP D 315 -47.57 55.01 30.11
C ASP D 315 -48.11 53.96 31.08
N PHE D 316 -47.52 53.80 32.28
CA PHE D 316 -48.03 52.89 33.30
C PHE D 316 -49.19 53.56 34.02
N ILE D 317 -49.16 54.90 34.17
CA ILE D 317 -50.26 55.64 34.75
C ILE D 317 -51.42 55.65 33.77
N ARG D 318 -51.16 55.79 32.45
CA ARG D 318 -52.22 55.76 31.48
C ARG D 318 -52.66 54.36 31.12
N MET D 319 -51.95 53.33 31.61
CA MET D 319 -52.35 51.95 31.50
C MET D 319 -53.35 51.64 32.58
N CYS D 320 -53.04 52.02 33.84
CA CYS D 320 -53.95 51.75 34.94
C CYS D 320 -55.20 52.62 34.90
N THR D 321 -55.14 53.79 34.24
CA THR D 321 -56.33 54.60 33.98
C THR D 321 -57.21 53.96 32.93
N ALA D 322 -56.61 53.34 31.89
CA ALA D 322 -57.36 52.67 30.85
C ALA D 322 -57.94 51.33 31.29
N MET D 323 -57.41 50.76 32.38
CA MET D 323 -57.92 49.54 32.98
C MET D 323 -59.22 49.81 33.71
N LYS D 324 -59.31 50.91 34.47
CA LYS D 324 -60.56 51.23 35.13
C LYS D 324 -61.58 51.82 34.18
N LYS D 325 -61.18 52.20 32.95
CA LYS D 325 -62.11 52.68 31.95
C LYS D 325 -62.70 51.55 31.10
N ILE D 326 -62.09 50.34 31.11
CA ILE D 326 -62.69 49.17 30.48
C ILE D 326 -63.35 48.30 31.52
N GLY D 327 -63.35 48.74 32.79
CA GLY D 327 -64.00 48.06 33.90
C GLY D 327 -63.18 46.99 34.57
N LEU D 328 -61.86 46.95 34.42
CA LEU D 328 -61.01 45.97 35.04
C LEU D 328 -60.76 46.32 36.50
N ASP D 329 -61.11 45.42 37.43
CA ASP D 329 -60.96 45.61 38.85
C ASP D 329 -59.51 45.58 39.28
N ASP D 330 -59.12 46.35 40.30
CA ASP D 330 -57.75 46.37 40.78
C ASP D 330 -57.31 45.04 41.37
N GLU D 331 -58.24 44.25 41.94
CA GLU D 331 -57.95 42.92 42.43
C GLU D 331 -57.69 41.91 41.32
N GLU D 332 -58.21 42.17 40.11
CA GLU D 332 -57.99 41.33 38.94
C GLU D 332 -56.74 41.79 38.21
N LYS D 333 -56.37 43.06 38.35
CA LYS D 333 -55.13 43.60 37.83
C LYS D 333 -53.94 43.03 38.59
N LEU D 334 -54.09 42.73 39.88
CA LEU D 334 -53.05 42.10 40.64
C LEU D 334 -52.85 40.64 40.26
N ASP D 335 -53.91 39.94 39.80
CA ASP D 335 -53.75 38.59 39.28
C ASP D 335 -53.17 38.61 37.88
N LEU D 336 -53.35 39.70 37.11
CA LEU D 336 -52.72 39.86 35.81
C LEU D 336 -51.23 40.11 35.98
N PHE D 337 -50.84 40.81 37.05
CA PHE D 337 -49.44 41.01 37.38
C PHE D 337 -48.77 39.75 37.91
N ARG D 338 -49.54 38.83 38.54
CA ARG D 338 -49.00 37.56 39.02
C ARG D 338 -48.73 36.60 37.87
N VAL D 339 -49.49 36.68 36.76
CA VAL D 339 -49.28 35.84 35.60
C VAL D 339 -48.07 36.33 34.81
N VAL D 340 -47.88 37.66 34.67
CA VAL D 340 -46.73 38.20 33.97
C VAL D 340 -45.45 37.96 34.74
N ALA D 341 -45.47 38.09 36.08
CA ALA D 341 -44.31 37.79 36.89
C ALA D 341 -44.00 36.30 36.96
N GLY D 342 -45.02 35.43 36.82
CA GLY D 342 -44.80 34.00 36.77
C GLY D 342 -44.11 33.53 35.52
N VAL D 343 -44.22 34.28 34.40
CA VAL D 343 -43.49 33.95 33.19
C VAL D 343 -42.03 34.33 33.35
N LEU D 344 -41.74 35.42 34.08
CA LEU D 344 -40.39 35.85 34.36
C LEU D 344 -39.65 34.89 35.27
N HIS D 345 -40.32 34.30 36.29
CA HIS D 345 -39.62 33.37 37.14
C HIS D 345 -39.72 31.94 36.62
N LEU D 346 -40.35 31.72 35.46
CA LEU D 346 -40.34 30.45 34.78
C LEU D 346 -39.03 30.32 34.02
N GLY D 347 -38.58 31.43 33.40
CA GLY D 347 -37.32 31.48 32.66
C GLY D 347 -36.08 31.34 33.48
N ASN D 348 -36.19 31.51 34.81
CA ASN D 348 -35.07 31.35 35.72
C ASN D 348 -34.88 29.91 36.16
N ILE D 349 -35.60 28.95 35.61
CA ILE D 349 -35.43 27.53 35.90
C ILE D 349 -34.44 26.94 34.91
N ASP D 350 -33.34 26.36 35.44
CA ASP D 350 -32.25 25.78 34.70
C ASP D 350 -32.15 24.30 34.99
N PHE D 351 -31.98 23.49 33.93
CA PHE D 351 -31.93 22.05 33.94
C PHE D 351 -30.51 21.47 33.92
N GLU D 352 -30.38 20.18 34.28
CA GLU D 352 -29.13 19.46 34.13
C GLU D 352 -29.44 17.99 33.89
N GLU D 353 -28.45 17.09 33.91
CA GLU D 353 -28.65 15.68 33.65
C GLU D 353 -28.44 14.80 34.79
N ALA D 354 -29.15 13.72 34.95
CA ALA D 354 -29.06 12.73 35.96
C ALA D 354 -29.55 11.60 35.91
N GLY D 355 -29.44 11.05 36.89
CA GLY D 355 -29.87 10.00 36.96
C GLY D 355 -29.96 8.70 37.06
N SER D 356 -30.89 8.33 37.64
CA SER D 356 -31.14 7.11 37.80
C SER D 356 -31.59 6.58 36.65
N THR D 357 -32.28 7.32 35.83
CA THR D 357 -32.68 7.02 34.65
C THR D 357 -31.61 6.96 33.81
N SER D 358 -30.64 7.53 34.16
CA SER D 358 -29.50 7.59 33.58
C SER D 358 -29.62 8.46 32.47
N GLY D 359 -30.24 8.81 31.83
CA GLY D 359 -30.51 9.68 30.77
C GLY D 359 -31.32 10.63 30.98
N GLY D 360 -31.67 10.97 31.95
CA GLY D 360 -32.48 11.84 32.23
C GLY D 360 -32.33 13.20 32.51
N CYS D 361 -33.04 14.06 32.74
CA CYS D 361 -33.04 15.42 33.03
C CYS D 361 -33.45 15.71 34.47
N ASN D 362 -32.72 16.63 35.15
CA ASN D 362 -33.04 17.07 36.49
C ASN D 362 -32.93 18.59 36.49
N LEU D 363 -32.91 19.26 37.65
CA LEU D 363 -32.77 20.70 37.72
C LEU D 363 -31.48 21.06 38.41
N LYS D 364 -31.07 22.33 38.32
CA LYS D 364 -29.88 22.84 38.99
C LYS D 364 -30.18 23.30 40.40
N ASN D 365 -29.14 23.40 41.26
CA ASN D 365 -29.23 23.82 42.64
C ASN D 365 -29.73 25.25 42.80
N LYS D 366 -29.37 26.14 41.87
CA LYS D 366 -29.82 27.51 41.83
C LYS D 366 -31.29 27.68 41.45
N SER D 367 -31.95 26.61 41.00
CA SER D 367 -33.33 26.62 40.56
C SER D 367 -34.29 26.14 41.62
N THR D 368 -33.93 26.19 42.90
CA THR D 368 -34.80 25.70 43.97
C THR D 368 -35.51 26.87 44.60
N GLN D 369 -34.81 28.00 44.80
CA GLN D 369 -35.40 29.22 45.30
C GLN D 369 -36.27 29.85 44.24
N ALA D 370 -35.88 29.72 42.97
CA ALA D 370 -36.64 30.22 41.85
C ALA D 370 -37.88 29.40 41.59
N LEU D 371 -37.86 28.09 41.92
CA LEU D 371 -39.01 27.24 41.74
C LEU D 371 -40.03 27.44 42.86
N GLU D 372 -39.60 27.86 44.06
CA GLU D 372 -40.54 28.16 45.12
C GLU D 372 -41.31 29.44 44.85
N TYR D 373 -40.66 30.48 44.30
CA TYR D 373 -41.34 31.70 43.93
C TYR D 373 -42.13 31.58 42.63
N CYS D 374 -41.80 30.64 41.73
CA CYS D 374 -42.53 30.46 40.49
C CYS D 374 -43.83 29.71 40.71
N ALA D 375 -43.83 28.73 41.62
CA ALA D 375 -45.00 27.91 41.89
C ALA D 375 -45.99 28.62 42.79
N GLU D 376 -45.55 29.71 43.46
CA GLU D 376 -46.38 30.54 44.30
C GLU D 376 -47.20 31.51 43.46
N LEU D 377 -46.63 31.97 42.33
CA LEU D 377 -47.31 32.85 41.40
C LEU D 377 -48.25 32.07 40.49
N LEU D 378 -47.83 30.89 40.01
CA LEU D 378 -48.63 30.05 39.15
C LEU D 378 -49.74 29.31 39.88
N GLY D 379 -49.56 28.93 41.15
CA GLY D 379 -50.60 28.22 41.90
C GLY D 379 -50.57 26.74 41.71
N LEU D 380 -49.36 26.17 41.66
CA LEU D 380 -49.12 24.77 41.43
C LEU D 380 -48.22 24.23 42.52
N ASP D 381 -48.16 22.90 42.69
CA ASP D 381 -47.24 22.28 43.63
C ASP D 381 -45.85 22.19 43.01
N GLN D 382 -44.78 22.28 43.81
CA GLN D 382 -43.43 22.30 43.28
C GLN D 382 -42.97 20.95 42.77
N ASP D 383 -43.32 19.87 43.48
CA ASP D 383 -42.94 18.53 43.07
C ASP D 383 -43.67 18.09 41.81
N ASP D 384 -44.96 18.44 41.66
CA ASP D 384 -45.74 18.09 40.49
C ASP D 384 -45.40 18.93 39.26
N LEU D 385 -44.68 20.05 39.44
CA LEU D 385 -44.26 20.88 38.31
C LEU D 385 -42.86 20.48 37.91
N ARG D 386 -42.06 19.96 38.85
CA ARG D 386 -40.72 19.51 38.54
C ARG D 386 -40.69 18.21 37.75
N VAL D 387 -41.64 17.29 37.98
CA VAL D 387 -41.76 16.10 37.15
C VAL D 387 -42.74 16.27 36.03
N SER D 388 -43.00 17.52 35.62
CA SER D 388 -43.84 17.79 34.46
C SER D 388 -43.06 18.56 33.45
N LEU D 389 -42.08 19.35 33.90
CA LEU D 389 -41.14 20.00 33.00
C LEU D 389 -40.08 19.01 32.53
N THR D 390 -39.80 17.95 33.29
CA THR D 390 -38.74 17.00 32.95
C THR D 390 -39.18 15.63 32.46
N THR D 391 -40.49 15.34 32.29
CA THR D 391 -40.90 14.00 31.85
C THR D 391 -41.88 14.03 30.71
N ARG D 392 -41.99 12.90 29.97
CA ARG D 392 -42.94 12.64 28.93
C ARG D 392 -43.90 11.61 29.46
N VAL D 393 -45.09 12.06 29.90
CA VAL D 393 -46.14 11.21 30.43
C VAL D 393 -46.83 10.44 29.33
N MET D 394 -47.02 9.11 29.49
CA MET D 394 -47.74 8.34 28.50
C MET D 394 -48.49 7.26 29.24
N LEU D 395 -49.40 6.53 28.57
CA LEU D 395 -50.17 5.52 29.24
C LEU D 395 -50.14 4.20 28.51
N THR D 396 -50.55 3.13 29.21
CA THR D 396 -50.63 1.78 28.68
C THR D 396 -52.03 1.24 28.84
N THR D 397 -52.96 2.08 29.31
CA THR D 397 -54.37 1.77 29.50
C THR D 397 -55.12 1.47 28.22
N THR D 404 -51.55 1.34 33.04
CA THR D 404 -51.30 2.43 33.96
C THR D 404 -50.77 3.63 33.20
N VAL D 405 -50.38 4.71 33.89
CA VAL D 405 -49.89 5.95 33.31
C VAL D 405 -48.47 6.15 33.80
N ILE D 406 -47.48 5.92 32.93
CA ILE D 406 -46.07 6.03 33.25
C ILE D 406 -45.50 7.41 32.93
N LYS D 407 -44.25 7.66 33.31
CA LYS D 407 -43.55 8.89 33.08
C LYS D 407 -42.17 8.55 32.56
N VAL D 408 -41.72 9.23 31.50
CA VAL D 408 -40.48 8.93 30.82
C VAL D 408 -39.62 10.19 30.75
N PRO D 409 -38.52 10.36 31.46
CA PRO D 409 -37.76 11.60 31.46
C PRO D 409 -37.30 12.09 30.10
N LEU D 410 -37.36 13.42 29.89
CA LEU D 410 -37.00 14.08 28.66
C LEU D 410 -35.53 14.38 28.59
N LYS D 411 -35.05 14.76 27.39
CA LYS D 411 -33.69 15.21 27.19
C LYS D 411 -33.51 16.63 27.69
N VAL D 412 -32.28 17.12 27.79
CA VAL D 412 -32.00 18.44 28.36
C VAL D 412 -32.34 19.55 27.38
N GLU D 413 -32.07 19.36 26.09
CA GLU D 413 -32.44 20.32 25.09
C GLU D 413 -33.95 20.36 24.90
N GLN D 414 -34.63 19.22 25.06
CA GLN D 414 -36.07 19.21 24.98
C GLN D 414 -36.74 19.73 26.24
N ALA D 415 -36.03 19.77 27.38
CA ALA D 415 -36.49 20.41 28.60
C ALA D 415 -36.41 21.93 28.51
N ASN D 416 -35.33 22.44 27.88
CA ASN D 416 -35.18 23.86 27.67
C ASN D 416 -36.16 24.35 26.64
N ASN D 417 -36.49 23.52 25.64
CA ASN D 417 -37.53 23.88 24.69
C ASN D 417 -38.92 23.75 25.27
N ALA D 418 -39.15 22.87 26.27
CA ALA D 418 -40.44 22.74 26.91
C ALA D 418 -40.76 23.88 27.88
N ARG D 419 -39.73 24.44 28.55
CA ARG D 419 -39.93 25.55 29.47
C ARG D 419 -40.23 26.83 28.73
N ASP D 420 -39.57 27.01 27.59
CA ASP D 420 -39.74 28.13 26.70
C ASP D 420 -41.06 28.03 25.96
N ALA D 421 -41.54 26.83 25.62
CA ALA D 421 -42.83 26.62 25.00
C ALA D 421 -43.97 26.79 25.98
N LEU D 422 -43.76 26.49 27.28
CA LEU D 422 -44.75 26.70 28.30
C LEU D 422 -44.90 28.19 28.60
N ALA D 423 -43.80 28.97 28.48
CA ALA D 423 -43.86 30.40 28.66
C ALA D 423 -44.58 31.12 27.53
N LYS D 424 -44.43 30.63 26.27
CA LYS D 424 -45.10 31.19 25.12
C LYS D 424 -46.56 30.78 25.09
N THR D 425 -46.90 29.63 25.69
CA THR D 425 -48.28 29.17 25.78
C THR D 425 -49.10 30.00 26.74
N VAL D 426 -48.53 30.41 27.88
CA VAL D 426 -49.25 31.27 28.83
C VAL D 426 -49.47 32.67 28.29
N TYR D 427 -48.49 33.25 27.57
CA TYR D 427 -48.65 34.58 27.02
C TYR D 427 -49.63 34.61 25.84
N SER D 428 -49.80 33.47 25.13
CA SER D 428 -50.78 33.35 24.07
C SER D 428 -52.19 33.45 24.60
N HIS D 429 -52.53 32.69 25.66
CA HIS D 429 -53.84 32.73 26.28
C HIS D 429 -54.04 33.98 27.10
N LEU D 430 -52.97 34.65 27.54
CA LEU D 430 -53.08 35.91 28.24
C LEU D 430 -53.43 37.05 27.30
N PHE D 431 -52.92 37.03 26.06
CA PHE D 431 -53.23 38.06 25.08
C PHE D 431 -54.67 37.92 24.57
N ASP D 432 -55.17 36.68 24.44
CA ASP D 432 -56.55 36.45 24.08
C ASP D 432 -57.51 36.77 25.22
N HIS D 433 -57.06 36.74 26.48
CA HIS D 433 -57.88 37.09 27.61
C HIS D 433 -58.06 38.58 27.76
N VAL D 434 -57.03 39.37 27.40
CA VAL D 434 -57.12 40.82 27.45
C VAL D 434 -58.05 41.35 26.38
N VAL D 435 -58.01 40.82 25.14
CA VAL D 435 -58.94 41.25 24.10
C VAL D 435 -60.35 40.78 24.35
N ASN D 436 -60.55 39.71 25.15
CA ASN D 436 -61.88 39.22 25.48
C ASN D 436 -62.49 40.09 26.58
N ARG D 437 -61.65 40.66 27.48
CA ARG D 437 -62.10 41.59 28.48
C ARG D 437 -62.52 42.92 27.84
N VAL D 438 -61.77 43.38 26.83
CA VAL D 438 -62.07 44.60 26.07
C VAL D 438 -63.27 44.41 25.14
N ASN D 439 -63.38 43.29 24.39
CA ASN D 439 -64.54 43.02 23.55
C ASN D 439 -65.85 42.98 24.32
N GLN D 440 -65.80 42.60 25.60
CA GLN D 440 -66.93 42.61 26.50
C GLN D 440 -67.40 44.00 26.88
N CYS D 441 -66.64 45.08 26.58
CA CYS D 441 -67.06 46.43 26.86
C CYS D 441 -67.74 47.08 25.66
N PHE D 442 -67.88 46.35 24.56
CA PHE D 442 -68.65 46.79 23.42
C PHE D 442 -69.39 45.66 22.70
N PRO D 443 -70.15 44.83 23.39
CA PRO D 443 -70.83 43.68 22.79
C PRO D 443 -71.81 44.01 21.68
N PHE D 444 -72.01 43.13 20.76
CA PHE D 444 -72.89 43.30 19.63
C PHE D 444 -74.05 42.35 19.60
N GLU D 445 -75.14 42.75 19.05
CA GLU D 445 -76.32 41.97 18.91
C GLU D 445 -76.73 41.84 17.57
N THR D 446 -77.50 41.37 16.87
CA THR D 446 -77.97 41.14 15.58
C THR D 446 -77.31 41.92 14.48
N SER D 447 -76.46 41.39 13.83
CA SER D 447 -75.67 42.01 12.80
C SER D 447 -75.91 41.47 11.40
N SER D 448 -75.49 42.20 10.38
CA SER D 448 -75.62 41.84 8.98
C SER D 448 -74.44 42.41 8.23
N TYR D 449 -74.31 43.74 8.21
CA TYR D 449 -73.19 44.41 7.56
C TYR D 449 -72.14 44.76 8.58
N PHE D 450 -70.90 45.00 8.14
CA PHE D 450 -69.81 45.28 9.05
C PHE D 450 -68.66 45.92 8.32
N ILE D 451 -67.89 46.77 9.02
CA ILE D 451 -66.77 47.49 8.45
C ILE D 451 -65.55 47.09 9.26
N GLY D 452 -64.63 46.35 8.62
CA GLY D 452 -63.41 45.89 9.27
C GLY D 452 -62.30 46.88 9.09
N VAL D 453 -61.35 46.98 10.03
CA VAL D 453 -60.19 47.84 9.91
C VAL D 453 -58.92 47.11 10.29
N LEU D 454 -58.11 46.71 9.28
CA LEU D 454 -56.85 46.02 9.48
C LEU D 454 -55.71 47.00 9.82
N ASP D 455 -54.76 46.60 10.68
CA ASP D 455 -53.60 47.41 11.06
C ASP D 455 -52.45 46.45 11.25
N ILE D 456 -51.67 46.26 10.16
CA ILE D 456 -50.54 45.37 10.11
C ILE D 456 -49.42 46.03 9.35
N ALA D 457 -48.17 45.85 9.78
CA ALA D 457 -47.01 46.46 9.21
C ALA D 457 -46.61 45.99 7.84
N GLY D 458 -45.96 46.84 7.08
CA GLY D 458 -45.48 46.53 5.76
C GLY D 458 -44.14 46.02 5.65
N PHE D 459 -43.51 45.68 4.70
CA PHE D 459 -42.20 45.16 4.43
C PHE D 459 -41.10 45.82 5.26
N GLU D 460 -40.85 45.40 6.36
CA GLU D 460 -39.88 45.97 7.26
C GLU D 460 -38.63 45.23 7.28
N TYR D 461 -37.70 45.50 6.67
CA TYR D 461 -36.46 44.85 6.61
C TYR D 461 -35.32 45.49 7.23
N PHE D 462 -34.54 44.77 7.93
CA PHE D 462 -33.46 45.23 8.67
C PHE D 462 -32.14 44.80 8.06
N GLU D 463 -31.03 45.06 8.76
CA GLU D 463 -29.72 44.63 8.35
C GLU D 463 -29.52 43.16 8.71
N HIS D 464 -30.03 42.73 9.86
CA HIS D 464 -30.05 41.36 10.30
C HIS D 464 -31.47 40.87 10.31
N ASN D 465 -31.80 39.87 9.50
CA ASN D 465 -33.15 39.36 9.38
C ASN D 465 -33.23 37.92 9.82
N SER D 466 -34.29 37.55 10.53
CA SER D 466 -34.48 36.22 11.08
C SER D 466 -35.83 35.66 10.69
N PHE D 467 -36.42 34.80 11.54
CA PHE D 467 -37.65 34.07 11.32
C PHE D 467 -38.85 34.99 11.36
N GLU D 468 -38.91 35.94 12.30
CA GLU D 468 -40.03 36.83 12.41
C GLU D 468 -40.06 37.85 11.28
N GLN D 469 -38.90 38.19 10.70
CA GLN D 469 -38.87 39.04 9.52
C GLN D 469 -39.23 38.28 8.27
N PHE D 470 -39.18 36.94 8.33
CA PHE D 470 -39.57 36.12 7.22
C PHE D 470 -41.06 35.88 7.31
N CYS D 471 -41.63 35.82 8.53
CA CYS D 471 -43.07 35.79 8.68
C CYS D 471 -43.76 37.09 8.32
N ILE D 472 -43.11 38.26 8.54
CA ILE D 472 -43.66 39.53 8.11
C ILE D 472 -43.59 39.73 6.61
N ASN D 473 -42.49 39.29 5.97
CA ASN D 473 -42.36 39.44 4.53
C ASN D 473 -43.18 38.41 3.79
N TYR D 474 -43.41 37.23 4.38
CA TYR D 474 -44.30 36.23 3.81
C TYR D 474 -45.75 36.69 3.92
N CYS D 475 -46.13 37.36 5.02
CA CYS D 475 -47.47 37.89 5.12
C CYS D 475 -47.66 39.08 4.18
N ASN D 476 -46.61 39.88 3.95
CA ASN D 476 -46.67 40.93 2.96
C ASN D 476 -46.75 40.41 1.53
N GLU D 477 -46.13 39.27 1.19
CA GLU D 477 -46.25 38.73 -0.15
C GLU D 477 -47.64 38.14 -0.44
N LYS D 478 -48.36 37.68 0.59
CA LYS D 478 -49.70 37.18 0.43
C LYS D 478 -50.69 38.33 0.36
N LEU D 479 -50.46 39.40 1.11
CA LEU D 479 -51.27 40.60 1.04
C LEU D 479 -51.04 41.32 -0.27
N GLN D 480 -49.80 41.36 -0.79
CA GLN D 480 -49.54 41.95 -2.08
C GLN D 480 -50.12 41.13 -3.22
N GLN D 481 -50.25 39.79 -3.09
CA GLN D 481 -50.96 39.04 -4.11
C GLN D 481 -52.47 39.28 -4.04
N PHE D 482 -52.99 39.66 -2.86
CA PHE D 482 -54.35 40.13 -2.69
C PHE D 482 -54.54 41.49 -3.35
N PHE D 483 -53.55 42.39 -3.21
CA PHE D 483 -53.60 43.69 -3.83
C PHE D 483 -53.45 43.59 -5.34
N ASN D 484 -52.77 42.55 -5.86
CA ASN D 484 -52.69 42.37 -7.29
C ASN D 484 -53.97 41.80 -7.88
N GLU D 485 -54.85 41.16 -7.10
CA GLU D 485 -56.11 40.70 -7.64
C GLU D 485 -57.28 41.54 -7.19
N ARG D 486 -57.06 42.58 -6.38
CA ARG D 486 -58.12 43.50 -6.00
C ARG D 486 -57.88 44.89 -6.52
N ILE D 487 -56.62 45.30 -6.77
CA ILE D 487 -56.31 46.62 -7.29
C ILE D 487 -56.07 46.52 -8.77
N LEU D 488 -55.49 45.42 -9.28
CA LEU D 488 -55.25 45.34 -10.71
C LEU D 488 -56.28 44.51 -11.43
N LYS D 489 -56.64 43.31 -10.94
CA LYS D 489 -57.66 42.51 -11.61
C LYS D 489 -59.07 43.09 -11.55
N GLU D 490 -59.54 43.49 -10.36
CA GLU D 490 -60.85 44.09 -10.20
C GLU D 490 -61.01 45.42 -10.90
N GLU D 491 -59.96 46.24 -10.89
CA GLU D 491 -59.98 47.51 -11.58
C GLU D 491 -60.11 47.40 -13.07
N GLN D 492 -59.49 46.41 -13.72
CA GLN D 492 -59.65 46.28 -15.14
C GLN D 492 -60.94 45.60 -15.53
N GLU D 493 -61.62 44.99 -14.56
CA GLU D 493 -62.97 44.55 -14.71
C GLU D 493 -63.92 45.73 -14.71
N LEU D 494 -63.52 46.82 -14.08
CA LEU D 494 -64.29 48.04 -13.94
C LEU D 494 -64.13 48.91 -15.17
N TYR D 495 -63.02 48.78 -15.88
CA TYR D 495 -62.83 49.48 -17.12
C TYR D 495 -63.69 48.85 -18.18
N GLN D 496 -63.99 47.56 -18.04
CA GLN D 496 -64.87 46.89 -18.94
C GLN D 496 -66.31 46.94 -18.45
N LYS D 497 -66.59 47.61 -17.33
CA LYS D 497 -67.94 47.81 -16.86
C LYS D 497 -68.40 49.22 -17.11
N GLU D 498 -67.53 50.12 -17.29
CA GLU D 498 -67.84 51.46 -17.60
C GLU D 498 -67.78 51.74 -19.05
N GLY D 499 -67.70 51.10 -19.90
CA GLY D 499 -67.71 51.27 -21.30
C GLY D 499 -66.42 51.68 -21.86
N LEU D 500 -65.35 51.67 -21.09
CA LEU D 500 -64.05 52.05 -21.54
C LEU D 500 -63.39 50.99 -22.34
N GLY D 501 -63.61 49.73 -21.99
CA GLY D 501 -63.10 48.59 -22.70
C GLY D 501 -61.72 48.25 -22.35
N VAL D 502 -60.77 48.67 -22.47
CA VAL D 502 -59.37 48.48 -22.22
C VAL D 502 -58.90 47.05 -22.34
N ASN D 503 -57.89 46.82 -23.19
CA ASN D 503 -57.31 45.51 -23.38
C ASN D 503 -56.57 45.06 -22.16
N GLU D 504 -56.75 43.83 -21.78
CA GLU D 504 -56.19 43.27 -20.60
C GLU D 504 -54.70 43.18 -20.58
N VAL D 505 -54.07 43.66 -19.53
CA VAL D 505 -52.66 43.64 -19.32
C VAL D 505 -52.39 42.74 -18.17
N HIS D 506 -51.53 41.74 -18.35
CA HIS D 506 -51.26 40.78 -17.34
C HIS D 506 -50.19 41.20 -16.41
N TYR D 507 -50.34 40.92 -15.19
CA TYR D 507 -49.41 41.23 -14.18
C TYR D 507 -48.53 40.15 -13.80
N VAL D 508 -47.40 40.42 -13.22
CA VAL D 508 -46.47 39.48 -12.82
C VAL D 508 -46.76 38.90 -11.51
N ASP D 509 -47.06 37.69 -11.47
CA ASP D 509 -47.44 36.99 -10.35
C ASP D 509 -46.41 36.66 -9.32
N ASN D 510 -46.69 36.55 -8.07
CA ASN D 510 -45.84 36.20 -6.97
C ASN D 510 -46.21 34.85 -6.38
N GLN D 511 -46.97 34.08 -7.14
CA GLN D 511 -47.44 32.77 -6.76
C GLN D 511 -46.33 31.78 -6.67
N ASP D 512 -45.23 32.02 -7.37
CA ASP D 512 -44.06 31.19 -7.29
C ASP D 512 -43.35 31.31 -5.94
N CYS D 513 -43.46 32.44 -5.25
CA CYS D 513 -42.90 32.61 -3.93
C CYS D 513 -43.73 31.92 -2.87
N ILE D 514 -45.04 31.85 -3.10
CA ILE D 514 -45.98 31.20 -2.21
C ILE D 514 -45.77 29.71 -2.26
N ASP D 515 -45.51 29.16 -3.44
CA ASP D 515 -45.22 27.78 -3.65
C ASP D 515 -43.72 27.55 -3.59
N LEU D 516 -43.08 28.28 -2.68
CA LEU D 516 -41.71 28.12 -2.29
C LEU D 516 -41.74 28.15 -0.77
N ILE D 517 -42.25 29.23 -0.17
CA ILE D 517 -42.34 29.32 1.27
C ILE D 517 -43.32 28.33 1.89
N GLU D 518 -44.56 28.24 1.37
CA GLU D 518 -45.58 27.36 1.93
C GLU D 518 -46.00 26.20 1.06
N ALA D 519 -45.25 25.82 0.02
CA ALA D 519 -45.58 24.67 -0.80
C ALA D 519 -45.70 23.35 -0.05
N ARG D 520 -46.65 22.50 -0.42
CA ARG D 520 -46.84 21.23 0.26
C ARG D 520 -45.76 20.23 -0.05
N LEU D 521 -45.15 19.69 1.01
CA LEU D 521 -44.10 18.69 1.02
C LEU D 521 -42.74 19.23 0.64
N VAL D 522 -42.65 20.12 -0.34
CA VAL D 522 -41.40 20.69 -0.80
C VAL D 522 -41.16 22.12 -0.36
N GLY D 523 -42.10 22.77 0.35
CA GLY D 523 -41.92 24.13 0.81
C GLY D 523 -40.93 24.30 1.94
N ILE D 524 -40.57 25.55 2.25
CA ILE D 524 -39.61 25.84 3.30
C ILE D 524 -40.21 25.58 4.66
N LEU D 525 -41.49 25.90 4.89
CA LEU D 525 -42.13 25.60 6.16
C LEU D 525 -42.45 24.11 6.29
N ASP D 526 -42.45 23.36 5.17
CA ASP D 526 -42.68 21.92 5.12
C ASP D 526 -41.39 21.14 5.33
N ILE D 527 -40.25 21.84 5.49
CA ILE D 527 -38.96 21.25 5.74
C ILE D 527 -38.56 21.73 7.13
N LEU D 528 -38.91 22.97 7.51
CA LEU D 528 -38.66 23.48 8.83
C LEU D 528 -39.46 22.77 9.90
N ASP D 529 -40.74 22.46 9.64
CA ASP D 529 -41.52 21.71 10.58
C ASP D 529 -41.16 20.23 10.58
N GLU D 530 -40.47 19.73 9.54
CA GLU D 530 -40.04 18.35 9.53
C GLU D 530 -38.70 18.16 10.23
N GLU D 531 -37.89 19.23 10.29
CA GLU D 531 -36.63 19.26 11.00
C GLU D 531 -36.82 19.15 12.48
N ASN D 532 -37.86 19.80 13.03
CA ASN D 532 -38.12 19.72 14.44
C ASN D 532 -38.57 18.33 14.85
N ARG D 533 -39.24 17.59 13.96
CA ARG D 533 -39.63 16.22 14.23
C ARG D 533 -38.48 15.24 14.16
N LEU D 534 -37.39 15.58 13.46
CA LEU D 534 -36.21 14.76 13.35
C LEU D 534 -35.40 14.66 14.63
N PRO D 535 -34.87 13.52 15.07
CA PRO D 535 -34.03 13.44 16.24
C PRO D 535 -32.74 14.15 16.09
N GLN D 536 -32.19 14.88 16.75
CA GLN D 536 -31.00 15.70 16.70
C GLN D 536 -31.05 16.78 15.61
N PRO D 537 -31.99 17.74 15.63
CA PRO D 537 -32.10 18.79 14.62
C PRO D 537 -30.84 19.61 14.41
N SER D 538 -30.61 20.13 13.19
CA SER D 538 -29.41 20.90 12.90
C SER D 538 -29.71 22.04 11.95
N ASP D 539 -29.04 23.18 12.18
CA ASP D 539 -29.23 24.39 11.40
C ASP D 539 -28.48 24.29 10.09
N GLN D 540 -27.38 23.51 10.08
CA GLN D 540 -26.61 23.23 8.89
C GLN D 540 -27.36 22.26 8.00
N HIS D 541 -28.10 21.30 8.61
CA HIS D 541 -28.90 20.36 7.87
C HIS D 541 -30.14 21.01 7.29
N PHE D 542 -30.73 21.98 7.99
CA PHE D 542 -31.87 22.72 7.48
C PHE D 542 -31.46 23.67 6.36
N THR D 543 -30.27 24.29 6.43
CA THR D 543 -29.84 25.21 5.38
C THR D 543 -29.50 24.48 4.11
N SER D 544 -28.83 23.32 4.22
CA SER D 544 -28.53 22.51 3.07
C SER D 544 -29.74 21.83 2.49
N ALA D 545 -30.81 21.64 3.29
CA ALA D 545 -32.02 21.04 2.78
C ALA D 545 -32.84 22.00 1.94
N VAL D 546 -32.65 23.32 2.07
CA VAL D 546 -33.35 24.24 1.22
C VAL D 546 -32.73 24.23 -0.15
N HIS D 547 -31.39 24.28 -0.21
CA HIS D 547 -30.69 24.22 -1.47
C HIS D 547 -30.67 22.84 -2.11
N GLN D 548 -30.80 21.76 -1.33
CA GLN D 548 -30.95 20.44 -1.87
C GLN D 548 -32.33 20.17 -2.45
N LYS D 549 -33.38 20.77 -1.87
CA LYS D 549 -34.74 20.55 -2.34
C LYS D 549 -35.12 21.47 -3.46
N HIS D 550 -34.67 22.72 -3.43
CA HIS D 550 -34.94 23.65 -4.48
C HIS D 550 -33.68 24.10 -5.11
N LYS D 551 -32.97 23.40 -5.87
CA LYS D 551 -31.74 23.67 -6.54
C LYS D 551 -31.86 24.63 -7.62
N ASP D 552 -32.95 24.63 -8.31
CA ASP D 552 -33.20 25.50 -9.33
C ASP D 552 -34.28 26.41 -9.21
N HIS D 553 -34.69 27.21 -8.64
CA HIS D 553 -35.73 28.13 -8.52
C HIS D 553 -35.21 29.50 -8.62
N PHE D 554 -35.81 30.33 -9.41
CA PHE D 554 -35.39 31.65 -9.68
C PHE D 554 -35.53 32.64 -8.56
N ARG D 555 -36.38 32.41 -7.63
CA ARG D 555 -36.57 33.22 -6.47
C ARG D 555 -35.56 32.96 -5.37
N LEU D 556 -34.82 31.88 -5.40
CA LEU D 556 -33.90 31.50 -4.36
C LEU D 556 -32.46 31.72 -4.78
N SER D 557 -31.63 32.25 -3.87
CA SER D 557 -30.23 32.46 -4.11
C SER D 557 -29.41 32.16 -2.87
N ILE D 558 -28.12 31.90 -3.06
CA ILE D 558 -27.16 31.55 -2.03
C ILE D 558 -26.39 32.77 -1.64
N PRO D 559 -25.87 32.93 -0.43
CA PRO D 559 -25.13 34.10 -0.03
C PRO D 559 -23.97 34.49 -0.90
N ARG D 560 -23.26 33.55 -1.51
CA ARG D 560 -22.16 33.84 -2.41
C ARG D 560 -22.59 34.35 -3.74
N LYS D 561 -23.86 34.19 -4.11
CA LYS D 561 -24.38 34.70 -5.34
C LYS D 561 -24.88 36.11 -5.18
N SER D 562 -24.89 36.67 -4.03
CA SER D 562 -25.29 38.04 -3.76
C SER D 562 -24.28 39.00 -3.87
N LYS D 563 -24.57 40.14 -4.33
CA LYS D 563 -23.66 41.16 -4.50
C LYS D 563 -23.44 42.12 -3.40
N LEU D 564 -24.35 42.18 -2.46
CA LEU D 564 -24.20 43.03 -1.33
C LEU D 564 -23.14 42.56 -0.40
N ALA D 565 -22.38 43.47 0.06
CA ALA D 565 -21.26 43.21 0.89
C ALA D 565 -21.49 42.49 2.17
N ILE D 566 -22.53 42.81 2.81
CA ILE D 566 -22.88 42.16 4.01
C ILE D 566 -23.11 40.77 3.89
N HIS D 567 -23.62 40.43 2.79
CA HIS D 567 -23.83 39.13 2.52
C HIS D 567 -22.67 38.44 2.14
N ARG D 568 -21.62 39.09 2.00
CA ARG D 568 -20.43 38.49 1.72
C ARG D 568 -19.69 37.99 2.87
N ASN D 569 -20.10 38.33 4.04
CA ASN D 569 -19.52 37.85 5.21
C ASN D 569 -20.20 36.62 5.73
N ILE D 570 -21.45 36.39 5.33
CA ILE D 570 -22.26 35.25 5.70
C ILE D 570 -21.81 34.01 4.96
N ARG D 571 -21.68 32.87 5.64
CA ARG D 571 -21.24 31.62 5.02
C ARG D 571 -22.41 30.83 4.47
N ASP D 572 -22.15 29.86 3.60
CA ASP D 572 -23.14 29.06 2.92
C ASP D 572 -24.13 28.36 3.84
N ASP D 573 -23.67 27.87 4.98
CA ASP D 573 -24.49 27.21 5.96
C ASP D 573 -25.02 28.15 7.03
N GLU D 574 -24.95 29.48 6.80
CA GLU D 574 -25.41 30.48 7.75
C GLU D 574 -26.62 31.27 7.24
N GLY D 575 -27.26 30.91 6.12
CA GLY D 575 -28.39 31.69 5.62
C GLY D 575 -28.64 31.55 4.16
N PHE D 576 -29.80 32.04 3.70
CA PHE D 576 -30.27 31.90 2.33
C PHE D 576 -31.07 33.12 1.92
N ILE D 577 -31.05 33.44 0.61
CA ILE D 577 -31.67 34.65 0.09
C ILE D 577 -32.89 34.34 -0.73
N ILE D 578 -34.05 34.86 -0.31
CA ILE D 578 -35.31 34.77 -1.01
C ILE D 578 -35.56 36.10 -1.70
N ARG D 579 -35.82 36.08 -3.02
CA ARG D 579 -36.11 37.28 -3.75
C ARG D 579 -37.60 37.52 -3.66
N HIS D 580 -38.01 38.68 -3.15
CA HIS D 580 -39.38 39.05 -2.95
C HIS D 580 -39.74 40.18 -3.88
N PHE D 581 -41.03 40.51 -3.98
CA PHE D 581 -41.51 41.59 -4.80
C PHE D 581 -41.02 42.94 -4.34
N ALA D 582 -40.72 43.10 -3.11
CA ALA D 582 -40.17 44.26 -2.48
C ALA D 582 -38.65 44.25 -2.41
N GLY D 583 -37.97 43.27 -2.85
CA GLY D 583 -36.53 43.17 -2.86
C GLY D 583 -36.01 41.83 -2.44
N ALA D 584 -34.70 41.64 -2.47
CA ALA D 584 -34.05 40.40 -2.11
C ALA D 584 -33.53 40.46 -0.69
N VAL D 585 -34.06 39.60 0.19
CA VAL D 585 -33.77 39.64 1.62
C VAL D 585 -33.09 38.37 2.07
N CYS D 586 -31.91 38.48 2.73
CA CYS D 586 -31.20 37.33 3.22
C CYS D 586 -31.67 37.02 4.62
N TYR D 587 -31.97 35.75 4.91
CA TYR D 587 -32.42 35.34 6.22
C TYR D 587 -31.41 34.40 6.79
N GLU D 588 -30.89 34.71 7.99
CA GLU D 588 -29.93 33.86 8.66
C GLU D 588 -30.64 32.64 9.24
N THR D 589 -29.98 31.47 9.27
CA THR D 589 -30.63 30.25 9.75
C THR D 589 -30.36 29.93 11.19
N THR D 590 -29.58 30.74 11.91
CA THR D 590 -29.40 30.56 13.34
C THR D 590 -30.70 30.69 14.10
N GLN D 591 -30.96 29.75 15.03
CA GLN D 591 -32.15 29.59 15.86
C GLN D 591 -33.50 29.56 15.17
N PHE D 592 -33.55 29.33 13.84
CA PHE D 592 -34.77 29.17 13.08
C PHE D 592 -35.58 27.98 13.56
N VAL D 593 -34.93 26.84 13.79
CA VAL D 593 -35.55 25.62 14.28
C VAL D 593 -36.06 25.78 15.70
N GLU D 594 -35.29 26.44 16.57
CA GLU D 594 -35.69 26.74 17.93
C GLU D 594 -36.92 27.63 17.99
N LYS D 595 -36.98 28.64 17.12
CA LYS D 595 -38.13 29.50 16.99
C LYS D 595 -39.37 28.79 16.43
N ASN D 596 -39.19 27.74 15.62
CA ASN D 596 -40.28 26.93 15.13
C ASN D 596 -40.70 25.86 16.14
N ASN D 597 -40.26 25.80 17.27
CA ASN D 597 -40.66 24.87 18.29
C ASN D 597 -41.70 25.50 19.20
N ASP D 598 -42.89 24.91 19.31
CA ASP D 598 -43.99 25.40 20.11
C ASP D 598 -44.71 24.22 20.68
N ALA D 599 -44.03 23.10 20.90
CA ALA D 599 -44.54 21.87 21.40
C ALA D 599 -45.29 21.95 22.67
N LEU D 600 -46.50 21.57 22.72
CA LEU D 600 -47.30 21.57 23.88
C LEU D 600 -47.40 20.18 24.47
N HIS D 601 -46.60 19.89 25.44
CA HIS D 601 -46.58 18.61 26.10
C HIS D 601 -47.83 18.35 26.88
N MET D 602 -48.37 17.13 26.77
CA MET D 602 -49.58 16.73 27.41
C MET D 602 -49.54 16.79 28.91
N SER D 603 -48.38 16.56 29.53
CA SER D 603 -48.26 16.70 30.97
C SER D 603 -48.33 18.13 31.43
N LEU D 604 -47.93 19.08 30.60
CA LEU D 604 -48.04 20.46 30.97
C LEU D 604 -49.43 20.98 30.71
N GLU D 605 -50.18 20.29 29.86
CA GLU D 605 -51.55 20.65 29.64
C GLU D 605 -52.40 20.19 30.78
N SER D 606 -52.07 19.05 31.36
CA SER D 606 -52.69 18.59 32.57
C SER D 606 -51.98 19.11 33.78
N LEU D 607 -51.67 20.40 33.77
CA LEU D 607 -51.05 21.08 34.84
C LEU D 607 -51.45 22.52 34.82
N ILE D 608 -51.41 23.16 33.65
CA ILE D 608 -51.86 24.53 33.55
C ILE D 608 -53.35 24.65 33.59
N CYS D 609 -54.05 23.64 33.07
CA CYS D 609 -55.47 23.55 33.21
C CYS D 609 -55.86 23.24 34.61
N GLU D 610 -55.12 22.35 35.24
CA GLU D 610 -55.34 21.91 36.58
C GLU D 610 -54.82 22.80 37.68
N SER D 611 -54.50 24.08 37.41
CA SER D 611 -54.05 25.05 38.40
C SER D 611 -55.06 25.32 39.49
N ARG D 612 -54.59 25.67 40.69
CA ARG D 612 -55.43 25.96 41.82
C ARG D 612 -55.89 27.40 41.84
N ASP D 613 -55.37 28.29 41.02
CA ASP D 613 -55.75 29.67 40.93
C ASP D 613 -56.93 29.88 40.00
N LYS D 614 -57.94 30.64 40.44
CA LYS D 614 -59.15 30.93 39.68
C LYS D 614 -58.92 31.75 38.41
N PHE D 615 -57.92 32.64 38.40
CA PHE D 615 -57.60 33.44 37.24
C PHE D 615 -57.02 32.61 36.11
N ILE D 616 -56.11 31.67 36.42
CA ILE D 616 -55.52 30.77 35.46
C ILE D 616 -56.56 29.83 34.87
N ARG D 617 -57.50 29.38 35.70
CA ARG D 617 -58.63 28.60 35.24
C ARG D 617 -59.49 29.34 34.24
N GLU D 618 -59.71 30.63 34.48
CA GLU D 618 -60.42 31.49 33.58
C GLU D 618 -59.66 31.72 32.28
N LEU D 619 -58.34 31.83 32.33
CA LEU D 619 -57.50 31.97 31.15
C LEU D 619 -57.58 30.79 30.21
N PHE D 620 -57.57 29.58 30.74
CA PHE D 620 -57.63 28.37 29.98
C PHE D 620 -59.02 27.81 29.93
N GLU D 621 -60.04 28.57 29.96
CA GLU D 621 -61.39 28.23 29.85
C GLU D 621 -61.98 27.73 28.83
N GLY D 635 -53.61 10.27 20.31
CA GLY D 635 -52.98 11.42 20.85
C GLY D 635 -52.25 12.14 19.84
N LYS D 636 -52.43 13.00 19.19
CA LYS D 636 -51.85 13.77 18.18
C LYS D 636 -51.69 15.02 18.55
N LEU D 637 -50.79 15.81 18.07
CA LEU D 637 -49.82 15.73 17.14
C LEU D 637 -48.54 15.97 17.71
N SER D 638 -47.74 15.47 18.11
CA SER D 638 -46.48 15.60 18.71
C SER D 638 -45.95 16.94 18.99
N PHE D 639 -45.44 17.59 18.09
CA PHE D 639 -44.92 18.86 18.26
C PHE D 639 -45.86 19.97 17.88
N ILE D 640 -46.92 19.68 17.19
CA ILE D 640 -47.95 20.56 16.73
C ILE D 640 -47.50 21.48 15.67
N SER D 641 -46.88 22.13 15.38
CA SER D 641 -46.34 23.04 14.41
C SER D 641 -46.51 24.46 14.64
N VAL D 642 -45.65 25.28 14.56
CA VAL D 642 -45.66 26.67 14.79
C VAL D 642 -45.82 27.43 13.53
N GLY D 643 -45.03 27.10 12.50
CA GLY D 643 -45.12 27.73 11.22
C GLY D 643 -46.37 27.38 10.50
N ASN D 644 -46.96 26.24 10.80
CA ASN D 644 -48.20 25.90 10.14
C ASN D 644 -49.37 26.21 11.04
N LYS D 645 -49.10 26.60 12.29
CA LYS D 645 -50.08 27.19 13.15
C LYS D 645 -50.38 28.59 12.67
N PHE D 646 -49.32 29.37 12.37
CA PHE D 646 -49.46 30.69 11.81
C PHE D 646 -49.96 30.68 10.39
N LYS D 647 -49.63 29.65 9.57
CA LYS D 647 -50.14 29.57 8.22
C LYS D 647 -51.63 29.31 8.19
N THR D 648 -52.14 28.60 9.21
CA THR D 648 -53.56 28.37 9.38
C THR D 648 -54.28 29.65 9.74
N GLN D 649 -53.68 30.51 10.59
CA GLN D 649 -54.32 31.75 10.99
C GLN D 649 -54.12 32.86 9.96
N LEU D 650 -53.16 32.72 9.05
CA LEU D 650 -52.97 33.66 7.96
C LEU D 650 -53.93 33.36 6.83
N ASN D 651 -54.10 32.08 6.48
CA ASN D 651 -55.05 31.73 5.43
C ASN D 651 -56.48 31.90 5.88
N LEU D 652 -56.76 31.82 7.19
CA LEU D 652 -58.08 32.16 7.70
C LEU D 652 -58.38 33.65 7.62
N LEU D 653 -57.35 34.53 7.73
CA LEU D 653 -57.57 35.95 7.55
C LEU D 653 -57.66 36.33 6.08
N LEU D 654 -57.08 35.52 5.18
CA LEU D 654 -57.21 35.71 3.75
C LEU D 654 -58.60 35.41 3.26
N ASP D 655 -59.31 34.47 3.90
CA ASP D 655 -60.67 34.17 3.58
C ASP D 655 -61.62 35.28 4.01
N LYS D 656 -61.23 36.09 5.01
CA LYS D 656 -62.01 37.23 5.46
C LYS D 656 -61.75 38.45 4.59
N LEU D 657 -60.67 38.45 3.79
CA LEU D 657 -60.34 39.54 2.88
C LEU D 657 -60.91 39.26 1.51
N ARG D 658 -60.88 38.01 1.04
CA ARG D 658 -61.47 37.64 -0.23
C ARG D 658 -62.98 37.67 -0.18
N SER D 659 -63.58 37.52 1.02
CA SER D 659 -65.02 37.59 1.21
C SER D 659 -65.55 38.99 1.46
N THR D 660 -64.69 40.01 1.64
CA THR D 660 -65.12 41.38 1.92
C THR D 660 -64.61 42.39 0.91
N GLY D 661 -65.22 43.59 0.86
CA GLY D 661 -64.84 44.67 -0.03
C GLY D 661 -63.71 45.47 0.53
N ALA D 662 -62.64 45.55 0.10
CA ALA D 662 -61.45 46.22 0.61
C ALA D 662 -61.25 47.66 0.18
N SER D 663 -60.57 48.45 1.04
CA SER D 663 -60.22 49.83 0.79
C SER D 663 -58.75 49.99 1.12
N PHE D 664 -57.98 50.67 0.26
CA PHE D 664 -56.54 50.75 0.36
C PHE D 664 -55.98 52.11 0.73
N ILE D 665 -55.43 52.19 1.95
CA ILE D 665 -54.78 53.34 2.54
C ILE D 665 -53.31 53.03 2.74
N ARG D 666 -52.39 53.87 2.23
CA ARG D 666 -50.95 53.64 2.36
C ARG D 666 -50.37 54.85 3.09
N CYS D 667 -49.65 54.61 4.20
CA CYS D 667 -49.09 55.64 5.05
C CYS D 667 -47.58 55.71 4.94
N ILE D 668 -47.09 56.84 4.41
CA ILE D 668 -45.71 57.15 4.11
C ILE D 668 -45.06 57.99 5.19
N LYS D 669 -43.91 57.54 5.69
CA LYS D 669 -43.11 58.22 6.69
C LYS D 669 -42.14 59.18 5.99
N PRO D 670 -42.15 60.50 6.16
CA PRO D 670 -41.27 61.39 5.39
C PRO D 670 -39.85 61.50 5.92
N ASN D 671 -39.59 61.16 7.18
CA ASN D 671 -38.26 61.30 7.73
C ASN D 671 -38.10 60.39 8.92
N LEU D 672 -36.85 60.05 9.29
CA LEU D 672 -36.56 59.15 10.39
C LEU D 672 -36.53 59.85 11.72
N LYS D 673 -36.41 61.18 11.73
CA LYS D 673 -36.41 61.99 12.92
C LYS D 673 -37.78 62.09 13.54
N MET D 674 -38.83 61.94 12.74
CA MET D 674 -40.21 62.02 13.07
C MET D 674 -40.62 63.42 13.42
N THR D 675 -40.21 64.39 12.61
CA THR D 675 -40.45 65.80 12.81
C THR D 675 -41.08 66.46 11.62
N SER D 676 -41.86 67.52 11.86
CA SER D 676 -42.53 68.31 10.84
C SER D 676 -41.60 69.08 9.93
N HIS D 677 -42.01 69.25 8.66
CA HIS D 677 -41.30 69.98 7.63
C HIS D 677 -39.92 69.43 7.29
N HIS D 678 -39.75 68.13 7.24
CA HIS D 678 -38.51 67.48 6.91
C HIS D 678 -38.80 66.36 5.93
N PHE D 679 -38.18 66.39 4.75
CA PHE D 679 -38.44 65.44 3.69
C PHE D 679 -37.13 64.93 3.16
N GLU D 680 -36.80 63.70 3.39
CA GLU D 680 -35.58 63.13 2.93
C GLU D 680 -35.53 62.70 1.51
N GLY D 681 -36.31 62.32 0.83
CA GLY D 681 -36.42 61.96 -0.54
C GLY D 681 -35.84 60.63 -0.96
N ALA D 682 -35.02 59.99 -0.15
CA ALA D 682 -34.43 58.72 -0.47
C ALA D 682 -35.13 57.58 0.23
N GLN D 683 -35.52 57.78 1.49
CA GLN D 683 -36.26 56.82 2.27
C GLN D 683 -37.71 56.77 1.82
N ILE D 684 -38.27 57.90 1.39
CA ILE D 684 -39.63 57.97 0.89
C ILE D 684 -39.74 57.26 -0.43
N LEU D 685 -38.69 57.29 -1.27
CA LEU D 685 -38.65 56.59 -2.53
C LEU D 685 -38.63 55.08 -2.31
N SER D 686 -37.91 54.61 -1.29
CA SER D 686 -37.89 53.20 -0.92
C SER D 686 -39.23 52.73 -0.40
N GLN D 687 -40.05 53.61 0.17
CA GLN D 687 -41.38 53.24 0.59
C GLN D 687 -42.36 53.20 -0.57
N LEU D 688 -42.02 53.79 -1.73
CA LEU D 688 -42.83 53.66 -2.93
C LEU D 688 -42.45 52.41 -3.70
N GLN D 689 -41.20 51.96 -3.53
CA GLN D 689 -40.68 50.77 -4.17
C GLN D 689 -40.91 49.52 -3.33
N CYS D 690 -41.16 49.67 -2.02
CA CYS D 690 -41.46 48.56 -1.14
C CYS D 690 -42.90 48.65 -0.70
N SER D 691 -43.80 48.82 -1.66
CA SER D 691 -45.22 48.85 -1.42
C SER D 691 -46.01 48.63 -2.69
N GLY D 692 -45.34 48.35 -3.82
CA GLY D 692 -45.97 48.07 -5.10
C GLY D 692 -46.47 49.28 -5.83
N MET D 693 -46.23 50.48 -5.31
CA MET D 693 -46.74 51.71 -5.90
C MET D 693 -46.25 51.96 -7.32
N VAL D 694 -44.96 51.74 -7.60
CA VAL D 694 -44.43 51.88 -8.93
C VAL D 694 -45.00 50.86 -9.90
N SER D 695 -45.21 49.62 -9.45
CA SER D 695 -45.75 48.56 -10.26
C SER D 695 -47.22 48.71 -10.58
N VAL D 696 -48.05 49.23 -9.65
CA VAL D 696 -49.45 49.47 -9.94
C VAL D 696 -49.63 50.65 -10.87
N LEU D 697 -48.66 51.57 -10.90
CA LEU D 697 -48.72 52.75 -11.74
C LEU D 697 -47.87 52.57 -12.97
N ASP D 698 -47.89 51.34 -13.50
CA ASP D 698 -47.30 51.03 -14.77
C ASP D 698 -48.24 50.10 -15.50
N LEU D 699 -48.91 49.18 -14.79
CA LEU D 699 -49.97 48.38 -15.35
C LEU D 699 -51.22 49.18 -15.64
N MET D 700 -51.57 50.10 -14.72
CA MET D 700 -52.72 50.96 -14.82
C MET D 700 -52.65 51.97 -15.93
N GLN D 701 -51.45 52.35 -16.37
CA GLN D 701 -51.28 53.32 -17.42
C GLN D 701 -51.90 52.87 -18.73
N GLY D 702 -51.74 51.64 -19.15
CA GLY D 702 -52.35 51.02 -20.32
C GLY D 702 -52.83 51.82 -21.37
N GLY D 703 -53.86 51.75 -22.06
CA GLY D 703 -54.47 52.44 -23.12
C GLY D 703 -54.94 53.84 -22.86
N PHE D 704 -55.05 54.26 -21.60
CA PHE D 704 -55.48 55.60 -21.24
C PHE D 704 -54.61 56.10 -20.09
N PRO D 705 -53.34 56.49 -20.28
CA PRO D 705 -52.45 56.87 -19.20
C PRO D 705 -52.89 58.09 -18.42
N SER D 706 -53.47 59.06 -18.99
CA SER D 706 -53.95 60.24 -18.31
C SER D 706 -55.45 60.21 -18.35
N ARG D 707 -56.08 60.44 -17.19
CA ARG D 707 -57.50 60.37 -17.07
C ARG D 707 -57.92 61.35 -16.02
N ALA D 708 -58.38 62.38 -16.19
CA ALA D 708 -58.68 63.44 -15.26
C ALA D 708 -60.14 63.74 -15.11
N SER D 709 -60.55 64.06 -13.88
CA SER D 709 -61.92 64.39 -13.52
C SER D 709 -62.34 65.78 -13.96
N PHE D 710 -63.66 66.01 -14.11
CA PHE D 710 -64.20 67.29 -14.55
C PHE D 710 -63.85 68.46 -13.64
N HIS D 711 -63.79 68.25 -12.32
CA HIS D 711 -63.40 69.30 -11.40
C HIS D 711 -61.92 69.59 -11.47
N GLU D 712 -61.07 68.58 -11.72
CA GLU D 712 -59.65 68.77 -11.90
C GLU D 712 -59.31 69.46 -13.21
N LEU D 713 -60.10 69.25 -14.28
CA LEU D 713 -59.89 69.90 -15.56
C LEU D 713 -60.49 71.30 -15.58
N TYR D 714 -61.24 71.69 -14.54
CA TYR D 714 -61.78 73.02 -14.41
C TYR D 714 -60.77 73.91 -13.72
N ASN D 715 -60.03 73.39 -12.73
CA ASN D 715 -59.04 74.13 -12.00
C ASN D 715 -57.75 74.32 -12.80
N MET D 716 -57.32 73.29 -13.55
CA MET D 716 -56.10 73.36 -14.34
C MET D 716 -56.23 74.21 -15.58
N TYR D 717 -57.44 74.39 -16.13
CA TYR D 717 -57.60 75.15 -17.35
C TYR D 717 -58.47 76.38 -17.24
N LYS D 718 -59.00 76.73 -16.05
CA LYS D 718 -59.73 77.97 -15.89
C LYS D 718 -58.89 79.21 -15.92
N LYS D 719 -57.61 79.10 -15.66
CA LYS D 719 -56.70 80.20 -15.69
C LYS D 719 -56.45 80.72 -17.04
N TYR D 720 -56.77 79.94 -18.08
CA TYR D 720 -56.65 80.33 -19.42
C TYR D 720 -57.95 80.83 -19.94
N MET D 721 -58.96 80.95 -19.11
CA MET D 721 -60.25 81.41 -19.47
C MET D 721 -60.61 82.71 -18.76
N PRO D 722 -61.37 83.61 -19.34
CA PRO D 722 -61.78 84.84 -18.67
C PRO D 722 -62.77 84.60 -17.58
N ASP D 723 -62.87 85.51 -16.66
CA ASP D 723 -63.72 85.42 -15.53
C ASP D 723 -65.17 85.16 -15.79
N LYS D 724 -65.73 85.84 -16.75
CA LYS D 724 -67.08 85.65 -17.16
C LYS D 724 -67.42 84.29 -17.67
N LEU D 725 -66.54 83.69 -18.40
CA LEU D 725 -66.73 82.39 -18.93
C LEU D 725 -66.48 81.31 -17.94
N ALA D 726 -65.80 81.62 -16.88
CA ALA D 726 -65.48 80.69 -15.87
C ALA D 726 -66.53 80.47 -14.81
N ARG D 727 -67.71 81.08 -14.97
CA ARG D 727 -68.79 80.91 -14.05
C ARG D 727 -69.54 79.63 -14.21
N LEU D 728 -69.38 78.95 -15.35
CA LEU D 728 -70.01 77.71 -15.64
C LEU D 728 -69.59 76.57 -14.72
N ASP D 729 -70.47 75.59 -14.46
CA ASP D 729 -70.16 74.46 -13.62
C ASP D 729 -69.19 73.48 -14.29
N PRO D 730 -68.41 72.65 -13.60
CA PRO D 730 -67.39 71.85 -14.28
C PRO D 730 -67.94 70.75 -15.17
N ARG D 731 -69.18 70.25 -14.92
CA ARG D 731 -69.77 69.27 -15.82
C ARG D 731 -70.19 69.88 -17.15
N LEU D 732 -70.52 71.19 -17.17
CA LEU D 732 -70.87 71.88 -18.39
C LEU D 732 -69.65 72.47 -19.06
N PHE D 733 -68.67 72.97 -18.29
CA PHE D 733 -67.45 73.54 -18.83
C PHE D 733 -66.60 72.50 -19.55
N CYS D 734 -66.51 71.27 -19.03
CA CYS D 734 -65.79 70.20 -19.70
C CYS D 734 -66.51 69.61 -20.89
N LYS D 735 -67.83 69.77 -20.98
CA LYS D 735 -68.60 69.23 -22.10
C LYS D 735 -68.79 70.28 -23.17
N ALA D 736 -68.51 71.55 -22.85
CA ALA D 736 -68.54 72.61 -23.81
C ALA D 736 -67.15 72.83 -24.38
N LEU D 737 -66.08 72.55 -23.61
CA LEU D 737 -64.73 72.66 -24.13
C LEU D 737 -64.38 71.46 -24.99
N PHE D 738 -64.96 70.28 -24.71
CA PHE D 738 -64.76 69.12 -25.54
C PHE D 738 -65.52 69.24 -26.87
N LYS D 739 -66.74 69.80 -26.84
CA LYS D 739 -67.52 70.04 -28.03
C LYS D 739 -67.01 71.20 -28.86
N ALA D 740 -66.41 72.22 -28.23
CA ALA D 740 -65.86 73.36 -28.93
C ALA D 740 -64.61 73.02 -29.71
N LEU D 741 -63.72 72.21 -29.13
CA LEU D 741 -62.52 71.74 -29.78
C LEU D 741 -62.86 70.68 -30.82
N GLY D 742 -63.85 69.82 -30.54
CA GLY D 742 -64.31 68.81 -31.47
C GLY D 742 -63.40 67.64 -31.58
N LEU D 743 -62.70 67.36 -30.50
CA LEU D 743 -61.73 66.30 -30.40
C LEU D 743 -62.27 64.93 -30.71
N ASN D 744 -61.48 64.05 -31.32
CA ASN D 744 -61.88 62.72 -31.69
C ASN D 744 -62.05 61.79 -30.52
N GLU D 745 -63.24 61.20 -30.40
CA GLU D 745 -63.65 60.35 -29.32
C GLU D 745 -62.81 59.12 -29.10
N ILE D 746 -62.16 58.59 -30.12
CA ILE D 746 -61.31 57.46 -30.01
C ILE D 746 -59.97 57.81 -29.41
N ASP D 747 -59.49 59.04 -29.51
CA ASP D 747 -58.26 59.52 -28.91
C ASP D 747 -58.53 60.20 -27.57
N TYR D 748 -59.68 60.85 -27.44
CA TYR D 748 -60.10 61.55 -26.25
C TYR D 748 -61.47 61.00 -25.86
N LYS D 749 -61.55 60.08 -24.90
CA LYS D 749 -62.81 59.48 -24.49
C LYS D 749 -63.47 60.27 -23.37
N PHE D 750 -64.70 60.72 -23.59
CA PHE D 750 -65.45 61.49 -22.63
C PHE D 750 -66.31 60.57 -21.78
N GLY D 751 -66.00 60.44 -20.50
CA GLY D 751 -66.71 59.59 -19.57
C GLY D 751 -67.82 60.29 -18.84
N LEU D 752 -68.34 59.64 -17.79
CA LEU D 752 -69.41 60.17 -16.96
C LEU D 752 -68.95 61.31 -16.08
N THR D 753 -67.74 61.21 -15.51
CA THR D 753 -67.17 62.21 -14.64
C THR D 753 -65.71 62.48 -14.90
N LYS D 754 -65.12 61.83 -15.93
CA LYS D 754 -63.73 61.98 -16.26
C LYS D 754 -63.54 62.03 -17.76
N VAL D 755 -62.37 62.51 -18.21
CA VAL D 755 -61.96 62.50 -19.59
C VAL D 755 -60.73 61.62 -19.64
N PHE D 756 -60.74 60.60 -20.50
CA PHE D 756 -59.70 59.61 -20.61
C PHE D 756 -58.92 59.88 -21.89
N PHE D 757 -57.60 60.09 -21.77
CA PHE D 757 -56.75 60.47 -22.89
C PHE D 757 -55.86 59.32 -23.30
N ARG D 758 -55.81 59.02 -24.62
CA ARG D 758 -54.92 58.02 -25.17
C ARG D 758 -53.45 58.47 -25.10
N PRO D 759 -52.45 57.62 -25.26
CA PRO D 759 -51.04 58.00 -25.17
C PRO D 759 -50.63 59.20 -26.03
N GLY D 760 -49.98 60.20 -25.42
CA GLY D 760 -49.51 61.40 -26.10
C GLY D 760 -50.55 62.45 -26.40
N LYS D 761 -51.78 62.32 -25.87
CA LYS D 761 -52.84 63.26 -26.19
C LYS D 761 -53.22 64.18 -25.05
N PHE D 762 -52.77 63.95 -23.81
CA PHE D 762 -52.96 64.94 -22.75
C PHE D 762 -51.92 66.04 -22.89
N ALA D 763 -50.73 65.69 -23.37
CA ALA D 763 -49.66 66.61 -23.68
C ALA D 763 -49.97 67.46 -24.91
N GLU D 764 -50.82 66.93 -25.81
CA GLU D 764 -51.25 67.63 -26.99
C GLU D 764 -52.41 68.55 -26.67
N PHE D 765 -53.26 68.18 -25.70
CA PHE D 765 -54.35 69.00 -25.21
C PHE D 765 -53.84 70.18 -24.39
N ASP D 766 -52.72 70.03 -23.68
CA ASP D 766 -52.13 71.11 -22.91
C ASP D 766 -51.59 72.20 -23.82
N GLN D 767 -51.11 71.84 -25.03
CA GLN D 767 -50.69 72.81 -26.01
C GLN D 767 -51.83 73.42 -26.81
N ILE D 768 -53.06 72.88 -26.74
CA ILE D 768 -54.24 73.49 -27.33
C ILE D 768 -54.66 74.69 -26.51
N MET D 769 -54.64 74.53 -25.19
CA MET D 769 -55.01 75.56 -24.25
C MET D 769 -53.95 76.64 -24.11
N LYS D 770 -52.71 76.33 -24.47
CA LYS D 770 -51.60 77.25 -24.44
C LYS D 770 -51.26 77.72 -25.85
N SER D 771 -52.30 77.86 -26.70
CA SER D 771 -52.18 78.39 -28.04
C SER D 771 -53.15 79.28 -28.45
N ASP D 772 -53.52 80.01 -29.27
CA ASP D 772 -54.39 80.93 -29.81
C ASP D 772 -55.63 81.31 -28.97
N PRO D 773 -55.55 82.25 -28.01
CA PRO D 773 -56.67 82.65 -27.16
C PRO D 773 -57.90 83.18 -27.88
N ASP D 774 -57.74 83.90 -29.01
CA ASP D 774 -58.84 84.46 -29.77
C ASP D 774 -59.64 83.39 -30.49
N HIS D 775 -58.96 82.33 -30.96
CA HIS D 775 -59.59 81.21 -31.63
C HIS D 775 -60.35 80.34 -30.65
N LEU D 776 -59.81 80.17 -29.42
CA LEU D 776 -60.48 79.40 -28.39
C LEU D 776 -61.68 80.14 -27.84
N ALA D 777 -61.64 81.48 -27.74
CA ALA D 777 -62.79 82.23 -27.32
C ALA D 777 -63.89 82.28 -28.38
N GLU D 778 -63.52 82.15 -29.67
CA GLU D 778 -64.48 82.06 -30.74
C GLU D 778 -65.18 80.70 -30.78
N LEU D 779 -64.48 79.61 -30.41
CA LEU D 779 -65.08 78.31 -30.34
C LEU D 779 -65.98 78.14 -29.13
N VAL D 780 -65.71 78.87 -28.03
CA VAL D 780 -66.58 78.89 -26.86
C VAL D 780 -67.86 79.64 -27.18
N LYS D 781 -67.78 80.66 -28.03
CA LYS D 781 -68.92 81.40 -28.50
C LYS D 781 -69.80 80.55 -29.39
N ARG D 782 -69.19 79.71 -30.23
CA ARG D 782 -69.92 78.82 -31.11
C ARG D 782 -70.62 77.71 -30.36
N VAL D 783 -69.99 77.09 -29.37
CA VAL D 783 -70.68 76.09 -28.58
C VAL D 783 -71.73 76.68 -27.64
N ASN D 784 -71.58 77.94 -27.23
CA ASN D 784 -72.61 78.64 -26.49
C ASN D 784 -73.87 78.83 -27.31
N HIS D 785 -73.70 79.09 -28.61
CA HIS D 785 -74.79 79.21 -29.55
C HIS D 785 -75.51 77.90 -29.75
N TRP D 786 -74.78 76.80 -29.68
CA TRP D 786 -75.36 75.51 -29.78
C TRP D 786 -76.13 75.15 -28.53
N LEU D 787 -75.71 75.63 -27.37
CA LEU D 787 -76.43 75.41 -26.13
C LEU D 787 -77.74 76.17 -26.03
N ILE D 788 -77.85 77.30 -26.73
CA ILE D 788 -79.06 78.07 -26.87
C ILE D 788 -80.07 77.41 -27.78
N CYS D 789 -79.59 76.53 -28.65
CA CYS D 789 -80.41 75.84 -29.58
C CYS D 789 -80.78 74.52 -29.05
N SER D 790 -79.94 73.97 -28.22
CA SER D 790 -80.20 72.76 -27.56
C SER D 790 -80.65 73.03 -26.19
N ARG D 791 -81.72 73.80 -26.06
CA ARG D 791 -82.31 74.16 -24.84
C ARG D 791 -83.53 73.40 -24.63
N TRP D 792 -84.29 73.22 -25.65
CA TRP D 792 -85.49 72.53 -25.60
C TRP D 792 -85.53 71.16 -25.99
N LYS D 793 -84.45 70.64 -26.54
CA LYS D 793 -84.39 69.36 -26.95
C LYS D 793 -84.30 68.41 -25.94
N LYS D 794 -83.74 68.73 -24.89
CA LYS D 794 -83.62 67.93 -23.84
C LYS D 794 -84.83 67.88 -22.98
N VAL D 795 -85.68 68.85 -22.97
CA VAL D 795 -86.88 68.93 -22.22
C VAL D 795 -88.02 68.46 -23.02
N GLN D 796 -88.70 67.50 -22.56
CA GLN D 796 -89.78 66.93 -23.22
C GLN D 796 -91.10 67.26 -22.63
N LYS E 4 51.63 -50.29 41.81
CA LYS E 4 50.83 -51.34 41.81
C LYS E 4 49.79 -51.41 40.76
N PRO E 5 49.62 -52.45 40.00
CA PRO E 5 48.63 -52.49 38.99
C PRO E 5 47.22 -52.64 39.53
N VAL E 6 46.24 -52.14 38.80
CA VAL E 6 44.84 -52.20 39.14
C VAL E 6 44.10 -52.93 38.03
N TRP E 7 42.78 -53.07 38.18
CA TRP E 7 41.94 -53.66 37.16
C TRP E 7 41.20 -52.49 36.53
N ALA E 8 41.37 -52.39 35.22
CA ALA E 8 40.85 -51.40 34.32
C ALA E 8 39.63 -51.89 33.57
N PRO E 9 38.49 -51.22 33.54
CA PRO E 9 37.36 -51.66 32.73
C PRO E 9 37.69 -51.78 31.25
N HIS E 10 37.55 -52.95 30.64
CA HIS E 10 37.81 -53.17 29.24
C HIS E 10 36.50 -53.51 28.59
N PRO E 11 36.12 -53.09 27.39
CA PRO E 11 34.82 -53.44 26.85
C PRO E 11 34.63 -54.91 26.56
N THR E 12 35.59 -55.57 25.94
CA THR E 12 35.49 -56.97 25.59
C THR E 12 35.76 -57.92 26.73
N ASP E 13 36.78 -57.69 27.55
CA ASP E 13 37.13 -58.57 28.65
C ASP E 13 36.46 -58.21 29.94
N GLY E 14 35.84 -57.02 30.03
CA GLY E 14 35.20 -56.54 31.24
C GLY E 14 36.16 -55.82 32.11
N PHE E 15 37.24 -56.50 32.49
CA PHE E 15 38.33 -56.03 33.32
C PHE E 15 39.67 -56.48 32.77
N GLN E 16 40.64 -55.58 32.58
CA GLN E 16 41.98 -55.94 32.11
C GLN E 16 43.01 -55.28 33.02
N VAL E 17 44.25 -55.77 33.05
CA VAL E 17 45.29 -55.24 33.93
C VAL E 17 45.87 -53.92 33.42
N GLY E 18 46.19 -52.97 34.32
CA GLY E 18 46.68 -51.67 33.91
C GLY E 18 47.08 -50.84 35.09
N ASN E 19 48.08 -49.95 34.92
CA ASN E 19 48.56 -49.13 36.02
C ASN E 19 47.92 -47.75 35.97
N ILE E 20 48.13 -46.93 37.01
CA ILE E 20 47.64 -45.57 37.10
C ILE E 20 48.81 -44.65 36.94
N VAL E 21 48.82 -43.81 35.88
CA VAL E 21 49.98 -42.99 35.61
C VAL E 21 49.68 -41.50 35.65
N ASP E 22 48.42 -41.11 35.85
CA ASP E 22 48.06 -39.75 36.14
C ASP E 22 46.82 -39.84 37.01
N ILE E 23 46.72 -39.00 38.06
CA ILE E 23 45.62 -39.08 39.00
C ILE E 23 45.06 -37.71 39.32
N GLY E 24 43.74 -37.59 39.48
CA GLY E 24 43.03 -36.37 39.79
C GLY E 24 41.58 -36.68 39.79
N PRO E 25 40.71 -35.85 40.35
CA PRO E 25 39.28 -36.10 40.41
C PRO E 25 38.66 -36.38 39.07
N ASP E 26 38.01 -37.54 38.92
CA ASP E 26 37.42 -38.05 37.72
C ASP E 26 38.35 -38.04 36.51
N SER E 27 39.65 -38.26 36.76
CA SER E 27 40.67 -38.16 35.73
C SER E 27 41.74 -39.19 35.95
N LEU E 28 41.35 -40.42 36.31
CA LEU E 28 42.27 -41.50 36.52
C LEU E 28 42.79 -42.04 35.20
N THR E 29 44.00 -41.63 34.78
CA THR E 29 44.58 -42.06 33.52
C THR E 29 45.18 -43.44 33.69
N ILE E 30 44.63 -44.44 32.99
CA ILE E 30 45.01 -45.82 33.12
C ILE E 30 45.77 -46.29 31.89
N GLU E 31 47.05 -46.68 32.05
CA GLU E 31 47.79 -47.28 30.97
C GLU E 31 47.60 -48.79 31.03
N PRO E 32 47.13 -49.53 30.02
CA PRO E 32 47.06 -50.99 30.06
C PRO E 32 48.39 -51.68 30.28
N LEU E 33 48.41 -52.89 30.85
CA LEU E 33 49.63 -53.63 31.07
C LEU E 33 49.95 -54.45 29.90
N ASN E 34 51.13 -54.28 29.41
CA ASN E 34 51.65 -54.90 28.26
C ASN E 34 50.99 -54.55 26.99
N GLN E 35 50.33 -53.50 26.93
CA GLN E 35 49.70 -52.93 25.82
C GLN E 35 49.82 -51.46 25.89
N LYS E 36 50.84 -50.93 25.75
CA LYS E 36 51.14 -49.56 25.83
C LYS E 36 50.52 -48.75 24.76
N GLY E 37 50.00 -47.72 25.03
CA GLY E 37 49.33 -46.87 24.10
C GLY E 37 48.08 -46.69 24.03
N LYS E 38 47.40 -47.31 24.53
CA LYS E 38 46.16 -47.19 24.56
C LYS E 38 45.58 -46.52 25.78
N THR E 39 46.30 -45.74 26.48
CA THR E 39 46.03 -45.01 27.69
C THR E 39 44.75 -44.20 27.66
N PHE E 40 43.73 -44.67 28.39
CA PHE E 40 42.43 -44.02 28.49
C PHE E 40 42.24 -43.42 29.86
N LEU E 41 41.06 -42.84 30.14
CA LEU E 41 40.76 -42.30 31.45
C LEU E 41 39.60 -43.08 32.06
N ALA E 42 39.50 -43.10 33.40
CA ALA E 42 38.39 -43.74 34.08
C ALA E 42 37.76 -42.82 35.11
N LEU E 43 36.98 -43.41 36.03
CA LEU E 43 36.32 -42.77 37.15
C LEU E 43 36.66 -43.60 38.36
N ILE E 44 36.59 -43.04 39.58
CA ILE E 44 36.95 -43.73 40.81
C ILE E 44 36.14 -44.99 41.06
N ASN E 45 34.84 -44.96 40.72
CA ASN E 45 33.95 -46.09 40.87
C ASN E 45 34.10 -47.17 39.83
N GLN E 46 34.97 -47.03 38.83
CA GLN E 46 35.16 -48.03 37.83
C GLN E 46 36.50 -48.73 37.91
N VAL E 47 37.40 -48.29 38.80
CA VAL E 47 38.71 -48.86 38.97
C VAL E 47 38.81 -49.58 40.30
N PHE E 48 39.37 -50.80 40.30
CA PHE E 48 39.46 -51.65 41.48
C PHE E 48 40.87 -52.17 41.67
N PRO E 49 41.48 -52.25 42.84
CA PRO E 49 42.85 -52.75 42.97
C PRO E 49 42.97 -54.25 42.69
N ALA E 50 44.19 -54.73 42.41
CA ALA E 50 44.44 -56.12 42.06
C ALA E 50 45.39 -56.82 43.00
N GLU E 51 45.38 -58.15 43.03
CA GLU E 51 46.25 -58.97 43.85
C GLU E 51 47.68 -59.00 43.34
N GLU E 52 48.67 -59.10 44.24
CA GLU E 52 50.07 -59.11 43.92
C GLU E 52 50.51 -60.32 43.15
N ASP E 53 50.05 -61.51 43.52
CA ASP E 53 50.38 -62.75 42.88
C ASP E 53 49.28 -63.14 41.92
N SER E 54 49.63 -63.46 40.69
CA SER E 54 48.70 -63.85 39.65
C SER E 54 48.61 -65.31 39.43
N LYS E 55 49.42 -66.08 40.09
CA LYS E 55 49.41 -67.49 39.95
C LYS E 55 48.55 -68.18 40.95
N LYS E 56 48.18 -67.70 41.93
CA LYS E 56 47.34 -68.23 42.97
C LYS E 56 45.88 -68.28 42.62
N ASP E 57 45.15 -69.23 43.20
CA ASP E 57 43.76 -69.41 43.01
C ASP E 57 43.16 -69.86 44.30
N VAL E 58 42.44 -69.45 45.00
CA VAL E 58 41.90 -69.77 46.31
C VAL E 58 40.52 -70.37 46.26
N GLU E 59 40.30 -71.42 47.09
CA GLU E 59 39.05 -72.14 47.19
C GLU E 59 37.97 -71.29 47.80
N ASP E 60 38.34 -70.52 48.85
CA ASP E 60 37.50 -69.58 49.51
C ASP E 60 37.97 -68.20 49.10
N ASN E 61 37.04 -67.31 48.76
CA ASN E 61 37.38 -66.00 48.25
C ASN E 61 37.50 -64.97 49.34
N CYS E 62 37.28 -65.37 50.61
CA CYS E 62 37.54 -64.52 51.74
C CYS E 62 38.98 -64.67 52.18
N SER E 63 39.75 -65.46 51.41
CA SER E 63 41.16 -65.70 51.55
C SER E 63 41.95 -64.81 50.62
N LEU E 64 41.28 -63.82 49.98
CA LEU E 64 41.91 -62.82 49.14
C LEU E 64 42.28 -61.63 49.97
N MET E 65 43.27 -60.85 49.53
CA MET E 65 43.72 -59.71 50.23
C MET E 65 43.00 -58.45 49.85
N TYR E 66 42.75 -58.26 48.58
CA TYR E 66 41.97 -57.17 48.09
C TYR E 66 40.70 -57.71 47.49
N LEU E 67 39.65 -57.81 48.23
CA LEU E 67 38.39 -58.36 47.79
C LEU E 67 37.51 -57.30 47.15
N ASN E 68 37.13 -57.53 45.89
CA ASN E 68 36.31 -56.66 45.11
C ASN E 68 35.75 -57.50 43.97
N GLU E 69 35.05 -56.89 43.00
CA GLU E 69 34.40 -57.64 41.95
C GLU E 69 35.38 -58.07 40.87
N ALA E 70 36.41 -57.27 40.57
CA ALA E 70 37.42 -57.61 39.60
C ALA E 70 38.39 -58.70 40.08
N THR E 71 38.68 -58.78 41.39
CA THR E 71 39.56 -59.81 41.97
C THR E 71 38.80 -61.10 42.19
N LEU E 72 37.45 -61.04 42.19
CA LEU E 72 36.59 -62.18 42.31
C LEU E 72 36.34 -62.71 40.92
N LEU E 73 36.21 -61.85 39.90
CA LEU E 73 36.06 -62.31 38.53
C LEU E 73 37.37 -62.88 37.98
N HIS E 74 38.54 -62.48 38.54
CA HIS E 74 39.80 -63.06 38.13
C HIS E 74 40.04 -64.39 38.78
N ASN E 75 39.56 -64.60 40.03
CA ASN E 75 39.71 -65.88 40.69
C ASN E 75 38.83 -66.93 40.02
N ILE E 76 37.63 -66.56 39.55
CA ILE E 76 36.78 -67.46 38.79
C ILE E 76 37.33 -67.69 37.39
N LYS E 77 38.00 -66.71 36.75
CA LYS E 77 38.59 -66.90 35.43
C LYS E 77 39.78 -67.84 35.45
N VAL E 78 40.58 -67.80 36.53
CA VAL E 78 41.70 -68.69 36.72
C VAL E 78 41.22 -70.09 37.09
N ARG E 79 40.17 -70.22 37.91
CA ARG E 79 39.67 -71.52 38.26
C ARG E 79 38.77 -72.11 37.20
N TYR E 80 38.38 -71.33 36.17
CA TYR E 80 37.74 -71.86 35.00
C TYR E 80 38.79 -72.50 34.11
N SER E 81 39.95 -71.84 33.97
CA SER E 81 41.11 -72.35 33.27
C SER E 81 41.67 -73.61 33.88
N LYS E 82 41.70 -73.71 35.21
CA LYS E 82 42.18 -74.88 35.92
C LYS E 82 41.09 -75.91 36.23
N ASP E 83 39.89 -75.75 35.64
CA ASP E 83 38.74 -76.64 35.75
C ASP E 83 38.21 -76.87 37.16
N ARG E 84 38.12 -75.85 37.99
CA ARG E 84 37.59 -75.90 39.34
C ARG E 84 36.34 -75.05 39.40
N ILE E 85 35.27 -75.56 38.82
CA ILE E 85 33.97 -74.91 38.67
C ILE E 85 33.23 -74.64 39.96
N TYR E 86 33.37 -75.50 40.97
CA TYR E 86 32.73 -75.36 42.27
C TYR E 86 33.63 -74.55 43.20
N THR E 87 33.16 -73.37 43.63
CA THR E 87 33.99 -72.45 44.38
C THR E 87 33.20 -71.78 45.48
N TYR E 88 33.67 -71.92 46.72
CA TYR E 88 33.06 -71.36 47.93
C TYR E 88 33.29 -69.87 48.06
N VAL E 89 32.24 -69.05 48.00
CA VAL E 89 32.42 -67.64 48.29
C VAL E 89 31.67 -67.45 49.59
N ALA E 90 32.40 -67.34 50.71
CA ALA E 90 31.84 -67.25 52.04
C ALA E 90 31.00 -68.47 52.39
N ASN E 91 29.73 -68.40 52.47
CA ASN E 91 28.77 -69.44 52.73
C ASN E 91 27.88 -69.70 51.54
N ILE E 92 28.25 -69.15 50.37
CA ILE E 92 27.51 -69.27 49.14
C ILE E 92 28.32 -70.07 48.14
N LEU E 93 27.74 -71.15 47.60
CA LEU E 93 28.41 -71.90 46.56
C LEU E 93 28.26 -71.19 45.23
N ILE E 94 29.38 -70.94 44.54
CA ILE E 94 29.37 -70.40 43.21
C ILE E 94 29.78 -71.54 42.34
N ALA E 95 28.96 -71.82 41.33
CA ALA E 95 29.16 -72.91 40.41
C ALA E 95 29.17 -72.31 39.03
N VAL E 96 30.10 -72.75 38.17
CA VAL E 96 30.20 -72.27 36.81
C VAL E 96 29.84 -73.44 35.93
N ASN E 97 28.98 -73.27 34.91
CA ASN E 97 28.59 -74.37 34.07
C ASN E 97 29.67 -74.70 33.04
N PRO E 98 30.26 -75.88 32.95
CA PRO E 98 31.31 -76.14 31.98
C PRO E 98 30.75 -76.52 30.65
N TYR E 99 29.50 -76.97 30.59
CA TYR E 99 28.82 -77.46 29.43
C TYR E 99 29.46 -78.69 28.78
N PHE E 100 30.26 -79.43 29.49
CA PHE E 100 30.82 -80.70 29.06
C PHE E 100 31.16 -81.45 30.31
N ASP E 101 31.29 -82.77 30.25
CA ASP E 101 31.57 -83.61 31.39
C ASP E 101 33.03 -83.58 31.81
N ILE E 102 33.31 -83.22 33.04
CA ILE E 102 34.65 -83.18 33.62
C ILE E 102 34.92 -84.52 34.29
N PRO E 103 36.05 -85.19 34.10
CA PRO E 103 36.33 -86.48 34.71
C PRO E 103 36.36 -86.53 36.21
N LYS E 104 35.89 -87.64 36.76
CA LYS E 104 35.87 -88.03 38.14
C LYS E 104 35.21 -87.15 39.20
N ILE E 105 34.83 -85.89 38.92
CA ILE E 105 34.16 -85.05 39.91
C ILE E 105 32.76 -85.50 40.30
N TYR E 106 32.09 -86.30 39.45
CA TYR E 106 30.77 -86.83 39.77
C TYR E 106 30.87 -88.31 40.13
N SER E 107 32.09 -88.86 40.26
CA SER E 107 32.35 -90.26 40.60
C SER E 107 31.81 -90.71 41.94
N SER E 108 31.44 -92.00 42.06
CA SER E 108 30.93 -92.56 43.30
C SER E 108 32.03 -92.77 44.30
N GLU E 109 33.30 -92.82 43.86
CA GLU E 109 34.43 -92.84 44.76
C GLU E 109 34.66 -91.48 45.39
N THR E 110 34.32 -90.42 44.65
CA THR E 110 34.34 -89.03 45.08
C THR E 110 33.25 -88.79 46.08
N ILE E 111 32.05 -89.33 45.83
CA ILE E 111 30.92 -89.20 46.74
C ILE E 111 31.14 -89.98 48.03
N LYS E 112 31.79 -91.16 47.98
CA LYS E 112 32.13 -91.92 49.16
C LYS E 112 33.27 -91.31 49.97
N SER E 113 34.15 -90.54 49.32
CA SER E 113 35.23 -89.83 49.96
C SER E 113 34.71 -88.68 50.78
N TYR E 114 33.95 -87.77 50.14
CA TYR E 114 33.36 -86.60 50.75
C TYR E 114 32.52 -86.87 51.99
N GLN E 115 31.76 -87.98 52.03
CA GLN E 115 30.92 -88.40 53.13
C GLN E 115 31.45 -88.17 54.53
N GLY E 116 30.82 -87.26 55.28
CA GLY E 116 31.14 -86.97 56.66
C GLY E 116 32.30 -86.07 56.93
N LYS E 117 32.93 -85.54 55.88
CA LYS E 117 34.06 -84.67 56.05
C LYS E 117 33.68 -83.27 56.31
N SER E 118 34.47 -82.54 57.03
CA SER E 118 34.23 -81.17 57.40
C SER E 118 34.53 -80.18 56.31
N LEU E 119 33.79 -79.06 56.28
CA LEU E 119 33.97 -78.01 55.31
C LEU E 119 35.31 -77.35 55.37
N GLY E 120 35.87 -77.05 54.22
CA GLY E 120 37.17 -76.47 54.06
C GLY E 120 38.29 -77.44 54.10
N THR E 121 38.07 -78.61 54.67
CA THR E 121 39.00 -79.71 54.73
C THR E 121 39.08 -80.40 53.43
N MET E 122 38.02 -80.48 52.73
CA MET E 122 37.95 -81.02 51.43
C MET E 122 37.59 -79.90 50.47
N PRO E 123 38.03 -79.91 49.22
CA PRO E 123 37.72 -78.86 48.28
C PRO E 123 36.26 -78.61 48.00
N PRO E 124 35.79 -77.43 47.62
CA PRO E 124 34.39 -77.16 47.32
C PRO E 124 33.82 -78.03 46.23
N HIS E 125 32.62 -78.56 46.43
CA HIS E 125 31.96 -79.43 45.49
C HIS E 125 30.49 -79.29 45.74
N VAL E 126 29.65 -79.76 44.81
CA VAL E 126 28.20 -79.73 44.91
C VAL E 126 27.71 -80.56 46.09
N PHE E 127 28.41 -81.66 46.37
CA PHE E 127 28.10 -82.54 47.45
C PHE E 127 28.66 -82.08 48.79
N ALA E 128 29.44 -80.99 48.83
CA ALA E 128 29.96 -80.47 50.08
C ALA E 128 28.99 -79.52 50.75
N ILE E 129 27.95 -79.13 50.01
CA ILE E 129 26.90 -78.28 50.48
C ILE E 129 25.79 -79.16 50.95
N ALA E 130 25.54 -80.29 50.25
CA ALA E 130 24.54 -81.24 50.68
C ALA E 130 24.96 -82.03 51.93
N ASP E 131 26.27 -82.20 52.19
CA ASP E 131 26.75 -82.86 53.39
C ASP E 131 26.66 -81.94 54.62
N LYS E 132 26.84 -80.62 54.43
CA LYS E 132 26.73 -79.65 55.48
C LYS E 132 25.30 -79.47 55.92
N ALA E 133 24.35 -79.57 54.98
CA ALA E 133 22.95 -79.47 55.29
C ALA E 133 22.34 -80.84 55.53
N PHE E 134 23.10 -81.71 56.20
CA PHE E 134 22.63 -82.96 56.71
C PHE E 134 23.10 -83.07 58.14
N ARG E 135 24.27 -82.48 58.46
CA ARG E 135 24.71 -82.40 59.84
C ARG E 135 23.99 -81.32 60.62
N ASP E 136 23.33 -80.35 59.95
CA ASP E 136 22.51 -79.40 60.65
C ASP E 136 21.16 -80.01 61.03
N MET E 137 20.82 -81.18 60.44
CA MET E 137 19.66 -81.95 60.82
C MET E 137 19.85 -82.62 62.18
N LYS E 138 21.10 -82.88 62.59
CA LYS E 138 21.38 -83.49 63.87
C LYS E 138 21.78 -82.47 64.91
N VAL E 139 22.37 -81.33 64.50
CA VAL E 139 22.71 -80.24 65.40
C VAL E 139 21.49 -79.47 65.87
N LEU E 140 20.94 -78.56 65.04
CA LEU E 140 19.82 -77.73 65.42
C LEU E 140 18.47 -78.34 65.10
N LYS E 141 18.43 -79.46 64.35
CA LYS E 141 17.24 -80.23 64.05
C LYS E 141 16.14 -79.45 63.34
N LEU E 142 16.49 -78.82 62.22
CA LEU E 142 15.60 -78.01 61.45
C LEU E 142 15.67 -78.41 60.00
N SER E 143 14.50 -78.46 59.31
CA SER E 143 14.39 -78.76 57.89
C SER E 143 15.16 -77.77 57.03
N GLN E 144 15.90 -78.24 56.03
CA GLN E 144 16.80 -77.41 55.25
C GLN E 144 16.31 -77.19 53.82
N SER E 145 16.21 -75.94 53.36
CA SER E 145 15.81 -75.64 52.00
C SER E 145 16.99 -75.25 51.11
N ILE E 146 17.29 -76.09 50.12
CA ILE E 146 18.26 -75.82 49.09
C ILE E 146 17.67 -74.86 48.06
N ILE E 147 18.25 -73.67 47.88
CA ILE E 147 17.72 -72.71 46.93
C ILE E 147 18.78 -72.53 45.87
N VAL E 148 18.49 -73.00 44.64
CA VAL E 148 19.43 -72.89 43.54
C VAL E 148 19.02 -71.73 42.67
N SER E 149 19.89 -70.71 42.58
CA SER E 149 19.65 -69.52 41.78
C SER E 149 20.54 -69.47 40.56
N GLY E 150 20.33 -68.48 39.69
CA GLY E 150 21.08 -68.31 38.45
C GLY E 150 20.15 -68.15 37.28
N GLU E 151 20.63 -67.57 36.18
CA GLU E 151 19.88 -67.38 34.95
C GLU E 151 19.48 -68.69 34.32
N SER E 152 18.40 -68.77 33.57
CA SER E 152 17.98 -70.00 32.99
C SER E 152 18.92 -70.58 31.96
N GLY E 153 19.17 -71.89 32.04
CA GLY E 153 20.15 -72.58 31.24
C GLY E 153 21.50 -72.62 31.89
N ALA E 154 21.56 -72.36 33.20
CA ALA E 154 22.81 -72.31 33.93
C ALA E 154 23.14 -73.62 34.64
N GLY E 155 22.27 -74.63 34.60
CA GLY E 155 22.56 -75.93 35.20
C GLY E 155 21.89 -76.16 36.51
N LYS E 156 20.86 -75.38 36.84
CA LYS E 156 20.16 -75.46 38.11
C LYS E 156 19.33 -76.71 38.28
N THR E 157 19.05 -77.44 37.20
CA THR E 157 18.23 -78.63 37.23
C THR E 157 19.17 -79.79 37.18
N GLU E 158 20.26 -79.72 36.40
CA GLU E 158 21.26 -80.77 36.41
C GLU E 158 22.04 -80.80 37.72
N ASN E 159 22.40 -79.64 38.32
CA ASN E 159 23.03 -79.64 39.63
C ASN E 159 22.05 -80.00 40.74
N THR E 160 20.72 -79.85 40.50
CA THR E 160 19.71 -80.30 41.43
C THR E 160 19.63 -81.81 41.41
N LYS E 161 19.80 -82.47 40.25
CA LYS E 161 19.81 -83.93 40.21
C LYS E 161 21.05 -84.52 40.87
N PHE E 162 22.18 -83.79 40.90
CA PHE E 162 23.37 -84.22 41.61
C PHE E 162 23.21 -84.13 43.12
N VAL E 163 22.48 -83.11 43.62
CA VAL E 163 22.23 -82.95 45.04
C VAL E 163 21.31 -84.04 45.55
N LEU E 164 20.26 -84.39 44.80
CA LEU E 164 19.31 -85.43 45.17
C LEU E 164 19.90 -86.83 45.10
N ARG E 165 20.90 -87.05 44.23
CA ARG E 165 21.56 -88.33 44.15
C ARG E 165 22.51 -88.54 45.32
N TYR E 166 23.11 -87.46 45.84
CA TYR E 166 23.97 -87.55 47.00
C TYR E 166 23.19 -87.82 48.28
N LEU E 167 22.00 -87.24 48.43
CA LEU E 167 21.19 -87.41 49.60
C LEU E 167 20.56 -88.77 49.69
N THR E 168 20.30 -89.42 48.54
CA THR E 168 19.76 -90.75 48.52
C THR E 168 20.83 -91.79 48.38
N GLU E 169 22.09 -91.45 48.67
CA GLU E 169 23.19 -92.37 48.62
C GLU E 169 24.06 -92.24 49.84
N SER E 170 24.56 -91.06 50.15
CA SER E 170 25.44 -90.83 51.29
C SER E 170 24.86 -91.09 52.61
N TYR E 171 23.59 -90.76 52.77
CA TYR E 171 22.89 -91.00 53.96
C TYR E 171 21.87 -92.06 53.73
N GLY E 172 22.12 -92.89 53.16
CA GLY E 172 21.35 -94.02 52.87
C GLY E 172 20.36 -94.10 52.06
N THR E 173 19.75 -95.08 51.66
CA THR E 173 18.75 -95.32 50.90
C THR E 173 17.57 -95.01 51.17
N GLY E 174 16.94 -94.98 51.11
CA GLY E 174 15.82 -94.67 51.39
C GLY E 174 14.70 -95.10 50.62
N GLN E 175 14.69 -94.91 49.46
CA GLN E 175 13.68 -95.25 48.57
C GLN E 175 14.07 -96.46 47.82
N ASP E 176 13.09 -97.27 47.44
CA ASP E 176 13.30 -98.49 46.71
C ASP E 176 13.80 -98.21 45.32
N ILE E 177 13.24 -97.22 44.65
CA ILE E 177 13.65 -96.79 43.36
C ILE E 177 14.06 -95.34 43.44
N ASP E 178 15.33 -95.03 43.27
CA ASP E 178 15.88 -93.70 43.29
C ASP E 178 15.44 -92.89 42.09
N ASP E 179 15.41 -93.55 40.93
CA ASP E 179 15.70 -92.95 39.66
C ASP E 179 14.46 -92.22 39.14
N ARG E 180 13.31 -92.49 39.77
CA ARG E 180 12.04 -91.86 39.50
C ARG E 180 12.08 -90.38 39.72
N ILE E 181 12.75 -89.93 40.77
CA ILE E 181 12.92 -88.53 41.06
C ILE E 181 13.75 -87.84 39.99
N VAL E 182 14.82 -88.47 39.52
CA VAL E 182 15.67 -87.95 38.47
C VAL E 182 14.98 -87.92 37.13
N GLU E 183 14.33 -89.01 36.75
CA GLU E 183 13.65 -89.16 35.49
C GLU E 183 12.41 -88.34 35.28
N ALA E 184 11.67 -88.03 36.34
CA ALA E 184 10.47 -87.25 36.28
C ALA E 184 10.64 -85.81 35.86
N ASN E 185 11.79 -85.18 36.16
CA ASN E 185 12.01 -83.80 35.82
C ASN E 185 11.89 -83.47 34.33
N PRO E 186 12.50 -84.12 33.33
CA PRO E 186 12.23 -83.78 31.95
C PRO E 186 10.80 -83.99 31.50
N LEU E 187 10.01 -84.82 32.20
CA LEU E 187 8.60 -84.99 31.90
C LEU E 187 7.80 -83.73 32.20
N LEU E 188 8.02 -83.12 33.37
CA LEU E 188 7.31 -81.92 33.74
C LEU E 188 7.86 -80.68 33.08
N GLU E 189 9.08 -80.77 32.53
CA GLU E 189 9.66 -79.68 31.76
C GLU E 189 9.19 -79.72 30.32
N ALA E 190 8.50 -80.79 29.87
CA ALA E 190 7.85 -80.79 28.57
C ALA E 190 6.65 -79.83 28.57
N PHE E 191 5.88 -79.86 29.66
CA PHE E 191 4.72 -79.02 29.88
C PHE E 191 5.05 -77.58 30.23
N GLY E 192 6.15 -77.33 30.96
CA GLY E 192 6.48 -76.00 31.47
C GLY E 192 7.57 -75.22 30.79
N ASN E 193 8.47 -75.87 30.03
CA ASN E 193 9.50 -75.16 29.31
C ASN E 193 8.97 -74.46 28.07
N ALA E 194 9.61 -73.34 27.69
CA ALA E 194 9.27 -72.57 26.53
C ALA E 194 10.57 -72.07 25.90
N LYS E 195 10.48 -71.09 24.99
CA LYS E 195 11.62 -70.46 24.34
C LYS E 195 11.61 -69.01 24.66
N THR E 196 12.73 -68.46 25.16
CA THR E 196 12.86 -67.05 25.48
C THR E 196 13.99 -66.47 24.68
N VAL E 197 14.14 -65.14 24.66
CA VAL E 197 15.20 -64.46 23.95
C VAL E 197 16.56 -64.79 24.52
N ARG E 198 16.65 -64.95 25.85
CA ARG E 198 17.87 -65.31 26.53
C ARG E 198 18.27 -66.76 26.37
N ASN E 199 17.32 -67.71 26.39
CA ASN E 199 17.66 -69.10 26.27
C ASN E 199 16.59 -69.88 25.55
N ASN E 200 17.01 -70.81 24.68
CA ASN E 200 16.10 -71.66 23.95
C ASN E 200 15.35 -72.63 24.84
N ASN E 201 16.05 -73.38 25.68
CA ASN E 201 15.40 -74.23 26.65
C ASN E 201 15.28 -73.50 27.97
N SER E 202 14.17 -72.83 28.26
CA SER E 202 13.99 -72.18 29.54
C SER E 202 12.73 -72.66 30.21
N SER E 203 12.76 -72.79 31.56
CA SER E 203 11.60 -73.16 32.35
C SER E 203 10.79 -71.96 32.71
N ARG E 204 9.46 -71.99 32.52
CA ARG E 204 8.61 -70.87 32.87
C ARG E 204 7.78 -71.16 34.10
N PHE E 205 8.32 -72.00 35.00
CA PHE E 205 7.68 -72.39 36.22
C PHE E 205 8.75 -72.60 37.29
N GLY E 206 8.36 -72.48 38.56
CA GLY E 206 9.26 -72.58 39.70
C GLY E 206 8.94 -73.79 40.52
N LYS E 207 9.54 -74.93 40.18
CA LYS E 207 9.32 -76.17 40.88
C LYS E 207 10.01 -76.21 42.24
N PHE E 208 9.41 -76.93 43.21
CA PHE E 208 9.94 -77.03 44.56
C PHE E 208 9.85 -78.48 45.00
N VAL E 209 10.99 -79.20 44.97
CA VAL E 209 11.03 -80.58 45.43
C VAL E 209 11.02 -80.61 46.94
N GLU E 210 10.22 -81.47 47.59
CA GLU E 210 10.20 -81.63 49.03
C GLU E 210 10.48 -83.08 49.39
N ILE E 211 11.76 -83.43 49.62
CA ILE E 211 12.14 -84.79 49.99
C ILE E 211 12.00 -84.93 51.48
N HIS E 212 11.07 -85.80 51.92
CA HIS E 212 10.76 -85.96 53.31
C HIS E 212 11.63 -87.05 53.93
N PHE E 213 11.87 -86.96 55.24
CA PHE E 213 12.65 -87.93 55.99
C PHE E 213 11.89 -88.22 57.27
N ASN E 214 12.56 -88.77 58.30
CA ASN E 214 11.94 -89.09 59.56
C ASN E 214 12.96 -88.96 60.68
N GLU E 215 12.57 -89.20 61.94
CA GLU E 215 13.43 -89.10 63.10
C GLU E 215 14.55 -90.11 63.14
N LYS E 216 14.45 -91.20 62.40
CA LYS E 216 15.49 -92.19 62.25
C LYS E 216 16.51 -91.76 61.23
N SER E 217 16.29 -90.69 60.50
CA SER E 217 17.08 -90.05 59.48
C SER E 217 17.08 -90.80 58.17
N SER E 218 15.97 -91.44 57.83
CA SER E 218 15.80 -92.18 56.60
C SER E 218 14.73 -91.56 55.75
N VAL E 219 14.87 -91.63 54.41
CA VAL E 219 13.93 -91.08 53.45
C VAL E 219 12.58 -91.79 53.51
N VAL E 220 11.47 -91.04 53.51
CA VAL E 220 10.13 -91.63 53.54
C VAL E 220 9.34 -91.39 52.27
N GLY E 221 9.86 -90.60 51.33
CA GLY E 221 9.22 -90.30 50.05
C GLY E 221 9.35 -88.84 49.75
N GLY E 222 8.63 -88.34 48.74
CA GLY E 222 8.75 -86.94 48.37
C GLY E 222 7.50 -86.34 47.82
N PHE E 223 7.58 -85.05 47.47
CA PHE E 223 6.45 -84.31 46.96
C PHE E 223 6.98 -83.13 46.16
N VAL E 224 6.63 -83.02 44.87
CA VAL E 224 7.09 -81.93 44.03
C VAL E 224 5.90 -81.06 43.73
N SER E 225 6.03 -79.72 43.88
CA SER E 225 4.96 -78.80 43.57
C SER E 225 5.43 -77.82 42.53
N HIS E 226 4.77 -76.67 42.37
CA HIS E 226 5.14 -75.69 41.39
C HIS E 226 4.52 -74.37 41.74
N TYR E 227 5.26 -73.28 41.47
CA TYR E 227 4.86 -71.94 41.77
C TYR E 227 5.23 -71.13 40.56
N LEU E 228 4.40 -70.13 40.22
CA LEU E 228 4.54 -69.27 39.07
C LEU E 228 4.37 -69.97 37.75
N LEU E 229 3.37 -69.84 37.07
CA LEU E 229 3.14 -70.39 35.75
C LEU E 229 2.76 -69.24 34.84
N GLU E 230 3.43 -69.10 33.68
CA GLU E 230 3.12 -68.03 32.75
C GLU E 230 1.86 -68.34 31.96
N LYS E 231 0.69 -68.10 32.58
CA LYS E 231 -0.61 -68.36 32.00
C LYS E 231 -0.88 -67.51 30.78
N SER E 232 -0.34 -66.28 30.76
CA SER E 232 -0.41 -65.36 29.65
C SER E 232 0.21 -65.88 28.38
N ARG E 233 1.27 -66.68 28.49
CA ARG E 233 1.96 -67.32 27.39
C ARG E 233 1.07 -68.20 26.55
N ILE E 234 0.03 -68.78 27.14
CA ILE E 234 -0.94 -69.59 26.42
C ILE E 234 -1.65 -68.77 25.38
N CYS E 235 -2.10 -67.57 25.76
CA CYS E 235 -2.83 -66.69 24.89
C CYS E 235 -2.01 -65.87 23.94
N VAL E 236 -0.89 -65.34 24.38
CA VAL E 236 -0.08 -64.48 23.54
C VAL E 236 1.40 -64.74 23.76
N GLN E 237 2.17 -64.78 22.67
CA GLN E 237 3.58 -65.06 22.68
C GLN E 237 4.34 -63.98 21.97
N GLY E 238 5.60 -63.77 22.34
CA GLY E 238 6.48 -62.83 21.68
C GLY E 238 6.90 -63.29 20.33
N LYS E 239 7.49 -62.42 19.52
CA LYS E 239 7.95 -62.74 18.20
C LYS E 239 9.02 -63.78 18.10
N GLU E 240 9.98 -63.77 19.00
CA GLU E 240 11.04 -64.73 19.05
C GLU E 240 10.77 -65.79 20.09
N GLU E 241 9.60 -65.91 20.61
CA GLU E 241 9.23 -66.88 21.61
C GLU E 241 8.25 -67.91 21.09
N ARG E 242 8.23 -69.11 21.70
CA ARG E 242 7.24 -70.13 21.37
C ARG E 242 6.16 -70.08 22.45
N ASN E 243 5.31 -71.12 22.58
CA ASN E 243 4.33 -71.12 23.64
C ASN E 243 4.83 -72.11 24.69
N TYR E 244 4.18 -73.25 24.96
CA TYR E 244 4.78 -74.29 25.78
C TYR E 244 5.34 -75.34 24.86
N HIS E 245 6.31 -76.13 25.33
CA HIS E 245 6.93 -77.11 24.47
C HIS E 245 6.23 -78.43 24.36
N ILE E 246 5.04 -78.58 24.96
CA ILE E 246 4.25 -79.77 24.73
C ILE E 246 3.43 -79.65 23.45
N PHE E 247 3.00 -78.44 23.05
CA PHE E 247 2.20 -78.30 21.83
C PHE E 247 2.98 -78.55 20.54
N TYR E 248 4.30 -78.31 20.55
CA TYR E 248 5.14 -78.59 19.40
C TYR E 248 5.62 -80.02 19.37
N ARG E 249 5.39 -80.77 20.46
CA ARG E 249 5.75 -82.16 20.59
C ARG E 249 4.54 -83.02 20.30
N LEU E 250 3.36 -82.39 20.28
CA LEU E 250 2.13 -83.04 19.95
C LEU E 250 1.89 -82.85 18.47
N CYS E 251 2.17 -81.67 17.88
CA CYS E 251 1.98 -81.53 16.45
C CYS E 251 3.15 -82.03 15.63
N ALA E 252 4.37 -82.15 16.18
CA ALA E 252 5.48 -82.74 15.44
C ALA E 252 5.75 -84.18 15.83
N GLY E 253 5.22 -84.67 16.94
CA GLY E 253 5.46 -86.02 17.41
C GLY E 253 4.38 -87.00 17.12
N ALA E 254 3.20 -86.87 17.64
CA ALA E 254 2.08 -87.78 17.53
C ALA E 254 1.73 -88.29 16.14
N SER E 255 1.37 -89.57 16.02
CA SER E 255 1.02 -90.26 14.78
C SER E 255 -0.16 -89.70 14.00
N GLU E 256 -0.46 -90.29 12.83
CA GLU E 256 -1.51 -89.83 11.94
C GLU E 256 -2.81 -90.52 12.29
N ASP E 257 -2.76 -91.52 13.16
CA ASP E 257 -3.93 -92.19 13.70
C ASP E 257 -4.21 -91.66 15.11
N ILE E 258 -3.60 -90.52 15.42
CA ILE E 258 -3.83 -89.76 16.63
C ILE E 258 -4.18 -88.37 16.18
N ARG E 259 -3.50 -87.80 15.17
CA ARG E 259 -3.82 -86.47 14.73
C ARG E 259 -5.13 -86.39 13.95
N GLU E 260 -5.49 -87.44 13.19
CA GLU E 260 -6.79 -87.47 12.54
C GLU E 260 -7.93 -87.73 13.51
N ARG E 261 -7.67 -88.38 14.65
CA ARG E 261 -8.67 -88.63 15.66
C ARG E 261 -8.92 -87.42 16.55
N LEU E 262 -7.97 -86.50 16.66
CA LEU E 262 -8.13 -85.28 17.44
C LEU E 262 -8.41 -84.09 16.56
N HIS E 263 -8.54 -84.29 15.24
CA HIS E 263 -8.83 -83.27 14.23
C HIS E 263 -7.81 -82.15 14.20
N LEU E 264 -6.52 -82.46 14.45
CA LEU E 264 -5.47 -81.48 14.54
C LEU E 264 -4.84 -81.13 13.22
N SER E 265 -4.68 -79.84 12.98
CA SER E 265 -4.07 -79.29 11.81
C SER E 265 -2.74 -78.67 12.17
N SER E 266 -2.11 -77.87 11.30
CA SER E 266 -0.84 -77.23 11.57
C SER E 266 -0.94 -76.05 12.54
N PRO E 267 0.11 -75.68 13.29
CA PRO E 267 0.03 -74.64 14.33
C PRO E 267 -0.46 -73.28 13.91
N ASP E 268 -0.30 -72.88 12.64
CA ASP E 268 -0.71 -71.59 12.14
C ASP E 268 -2.22 -71.42 12.03
N ASN E 269 -2.97 -72.54 12.13
CA ASN E 269 -4.41 -72.52 12.11
C ASN E 269 -4.98 -72.20 13.48
N PHE E 270 -4.22 -72.44 14.58
CA PHE E 270 -4.70 -72.19 15.93
C PHE E 270 -4.27 -70.84 16.46
N ARG E 271 -5.23 -70.03 16.95
CA ARG E 271 -5.00 -68.69 17.48
C ARG E 271 -3.95 -68.60 18.59
N TYR E 272 -3.95 -69.56 19.51
CA TYR E 272 -2.99 -69.59 20.60
C TYR E 272 -1.60 -70.06 20.17
N LEU E 273 -1.39 -70.48 18.93
CA LEU E 273 -0.10 -70.88 18.43
C LEU E 273 0.32 -70.06 17.22
N ASN E 274 -0.52 -69.22 16.62
CA ASN E 274 -0.15 -68.45 15.46
C ASN E 274 0.42 -67.09 15.75
N ARG E 275 0.49 -66.70 16.99
CA ARG E 275 1.15 -65.50 17.39
C ARG E 275 2.59 -65.74 17.61
N GLY E 276 3.42 -65.83 17.86
CA GLY E 276 4.82 -66.10 18.07
C GLY E 276 5.46 -67.02 17.06
N CYS E 277 6.43 -67.75 17.49
CA CYS E 277 7.20 -68.66 16.66
C CYS E 277 6.61 -70.06 16.57
N THR E 278 6.41 -70.57 15.34
CA THR E 278 5.85 -71.87 15.06
C THR E 278 6.88 -72.91 14.67
N ARG E 279 8.15 -72.52 14.54
CA ARG E 279 9.25 -73.40 14.16
C ARG E 279 9.60 -74.48 15.18
N TYR E 280 9.96 -75.67 14.69
CA TYR E 280 10.33 -76.81 15.53
C TYR E 280 11.84 -76.83 15.78
N PHE E 281 12.27 -77.43 16.91
CA PHE E 281 13.67 -77.62 17.23
C PHE E 281 14.10 -78.92 16.64
N ALA E 282 14.81 -79.04 15.70
CA ALA E 282 15.21 -80.26 15.04
C ALA E 282 16.61 -80.20 14.51
N ASN E 283 17.25 -81.31 14.32
CA ASN E 283 18.56 -81.51 13.77
C ASN E 283 18.41 -81.99 12.34
N LYS E 284 19.48 -82.11 11.55
CA LYS E 284 19.42 -82.48 10.16
C LYS E 284 18.72 -83.79 9.87
N GLU E 285 19.00 -84.84 10.63
CA GLU E 285 18.34 -86.11 10.51
C GLU E 285 16.87 -86.07 10.86
N THR E 286 16.49 -85.33 11.90
CA THR E 286 15.12 -85.19 12.34
C THR E 286 14.27 -84.34 11.41
N ASP E 287 14.86 -83.38 10.68
CA ASP E 287 14.18 -82.55 9.70
C ASP E 287 13.51 -83.35 8.61
N LYS E 288 14.16 -84.44 8.14
CA LYS E 288 13.57 -85.31 7.16
C LYS E 288 12.60 -86.31 7.76
N GLN E 289 12.63 -86.55 9.06
CA GLN E 289 11.74 -87.44 9.74
C GLN E 289 10.38 -86.84 10.02
N ILE E 290 10.28 -85.52 10.24
CA ILE E 290 9.02 -84.83 10.47
C ILE E 290 8.19 -84.83 9.20
N LEU E 291 6.91 -85.24 9.30
CA LEU E 291 6.00 -85.35 8.18
C LEU E 291 5.67 -84.01 7.51
N GLN E 292 5.50 -84.01 6.18
CA GLN E 292 5.26 -82.84 5.36
C GLN E 292 4.03 -82.05 5.75
N ASN E 293 2.93 -82.71 6.14
CA ASN E 293 1.73 -82.06 6.58
C ASN E 293 1.85 -81.32 7.90
N ARG E 294 2.86 -81.62 8.71
CA ARG E 294 3.12 -80.95 9.97
C ARG E 294 3.94 -79.70 9.81
N LYS E 295 4.60 -79.51 8.66
CA LYS E 295 5.42 -78.36 8.39
C LYS E 295 4.60 -77.18 7.89
N SER E 296 4.57 -76.10 8.66
CA SER E 296 3.85 -74.89 8.33
C SER E 296 4.59 -74.06 7.30
N PRO E 297 3.98 -73.11 6.60
CA PRO E 297 4.69 -72.28 5.63
C PRO E 297 5.85 -71.49 6.20
N GLU E 298 5.79 -71.07 7.47
CA GLU E 298 6.89 -70.41 8.13
C GLU E 298 8.04 -71.35 8.42
N TYR E 299 7.75 -72.64 8.69
CA TYR E 299 8.77 -73.65 8.85
C TYR E 299 9.38 -73.98 7.50
N LEU E 300 8.59 -74.00 6.42
CA LEU E 300 9.11 -74.21 5.10
C LEU E 300 10.02 -73.08 4.66
N LYS E 301 9.64 -71.82 4.92
CA LYS E 301 10.45 -70.68 4.61
C LYS E 301 11.68 -70.47 5.48
N ALA E 302 11.55 -70.56 6.80
CA ALA E 302 12.64 -70.28 7.71
C ALA E 302 13.34 -71.47 8.34
N GLY E 303 12.83 -72.69 8.16
CA GLY E 303 13.43 -73.91 8.69
C GLY E 303 13.42 -74.07 10.18
N SER E 304 14.03 -75.16 10.64
CA SER E 304 14.16 -75.54 12.04
C SER E 304 14.94 -74.58 12.91
N LEU E 305 14.81 -74.72 14.22
CA LEU E 305 15.54 -73.98 15.21
C LEU E 305 16.62 -74.91 15.75
N LYS E 306 17.81 -74.45 15.95
CA LYS E 306 18.94 -75.25 16.38
C LYS E 306 19.26 -75.10 17.86
N ASP E 307 19.53 -76.21 18.56
CA ASP E 307 19.94 -76.22 19.94
C ASP E 307 20.80 -77.47 20.19
N PRO E 308 21.74 -77.50 21.13
CA PRO E 308 22.53 -78.69 21.39
C PRO E 308 21.79 -79.76 22.05
N LEU E 309 20.74 -79.45 22.79
CA LEU E 309 20.03 -80.42 23.49
C LEU E 309 18.69 -80.70 23.03
N LEU E 310 17.92 -79.75 22.67
CA LEU E 310 16.59 -79.96 22.27
C LEU E 310 16.30 -80.43 20.86
N ASP E 311 15.37 -81.37 20.74
CA ASP E 311 14.84 -81.89 19.51
C ASP E 311 13.39 -82.18 19.86
N ASP E 312 12.41 -81.57 19.16
CA ASP E 312 11.01 -81.73 19.49
C ASP E 312 10.52 -83.15 19.22
N HIS E 313 10.88 -83.77 18.07
CA HIS E 313 10.46 -85.12 17.77
C HIS E 313 11.18 -86.14 18.64
N GLY E 314 12.44 -85.87 19.03
CA GLY E 314 13.22 -86.70 19.93
C GLY E 314 12.72 -86.70 21.34
N ASP E 315 12.31 -85.53 21.84
CA ASP E 315 11.80 -85.38 23.18
C ASP E 315 10.38 -85.89 23.31
N PHE E 316 9.68 -86.20 22.20
CA PHE E 316 8.34 -86.78 22.25
C PHE E 316 8.47 -88.28 22.51
N ILE E 317 9.54 -88.91 22.01
CA ILE E 317 9.81 -90.30 22.28
C ILE E 317 10.24 -90.46 23.73
N ARG E 318 11.04 -89.53 24.27
CA ARG E 318 11.44 -89.60 25.66
C ARG E 318 10.38 -89.07 26.60
N MET E 319 9.30 -88.48 26.08
CA MET E 319 8.14 -88.08 26.84
C MET E 319 7.26 -89.29 27.03
N CYS E 320 6.97 -90.04 25.96
CA CYS E 320 6.12 -91.21 26.05
C CYS E 320 6.80 -92.37 26.77
N THR E 321 8.13 -92.41 26.78
CA THR E 321 8.89 -93.37 27.58
C THR E 321 8.82 -93.03 29.06
N ALA E 322 8.85 -91.73 29.41
CA ALA E 322 8.75 -91.28 30.79
C ALA E 322 7.33 -91.37 31.34
N MET E 323 6.32 -91.46 30.46
CA MET E 323 4.94 -91.65 30.85
C MET E 323 4.70 -93.07 31.31
N LYS E 324 5.26 -94.07 30.62
CA LYS E 324 5.11 -95.45 31.06
C LYS E 324 6.04 -95.77 32.23
N LYS E 325 7.01 -94.90 32.55
CA LYS E 325 7.87 -95.08 33.70
C LYS E 325 7.29 -94.46 34.97
N ILE E 326 6.29 -93.57 34.86
CA ILE E 326 5.55 -93.07 36.01
C ILE E 326 4.23 -93.78 36.15
N GLY E 327 3.97 -94.77 35.26
CA GLY E 327 2.77 -95.60 35.29
C GLY E 327 1.57 -95.03 34.60
N LEU E 328 1.71 -94.05 33.71
CA LEU E 328 0.61 -93.47 32.98
C LEU E 328 0.19 -94.37 31.83
N ASP E 329 -1.08 -94.79 31.80
CA ASP E 329 -1.63 -95.67 30.79
C ASP E 329 -1.77 -94.96 29.45
N ASP E 330 -1.60 -95.68 28.32
CA ASP E 330 -1.73 -95.09 27.01
C ASP E 330 -3.14 -94.60 26.71
N GLU E 331 -4.17 -95.25 27.31
CA GLU E 331 -5.55 -94.80 27.18
C GLU E 331 -5.84 -93.50 27.94
N GLU E 332 -5.03 -93.20 28.97
CA GLU E 332 -5.14 -91.97 29.74
C GLU E 332 -4.30 -90.88 29.11
N LYS E 333 -3.24 -91.28 28.37
CA LYS E 333 -2.44 -90.36 27.59
C LYS E 333 -3.23 -89.80 26.42
N LEU E 334 -4.15 -90.60 25.85
CA LEU E 334 -5.01 -90.11 24.80
C LEU E 334 -6.05 -89.13 25.31
N ASP E 335 -6.50 -89.24 26.58
CA ASP E 335 -7.38 -88.25 27.15
C ASP E 335 -6.61 -86.99 27.54
N LEU E 336 -5.29 -87.10 27.82
CA LEU E 336 -4.46 -85.94 28.06
C LEU E 336 -4.22 -85.16 26.77
N PHE E 337 -4.14 -85.87 25.63
CA PHE E 337 -4.03 -85.24 24.34
C PHE E 337 -5.35 -84.61 23.89
N ARG E 338 -6.50 -85.11 24.34
CA ARG E 338 -7.80 -84.53 24.04
C ARG E 338 -8.02 -83.22 24.79
N VAL E 339 -7.45 -83.07 25.99
CA VAL E 339 -7.56 -81.85 26.76
C VAL E 339 -6.66 -80.76 26.19
N VAL E 340 -5.44 -81.12 25.75
CA VAL E 340 -4.53 -80.16 25.13
C VAL E 340 -5.04 -79.69 23.78
N ALA E 341 -5.62 -80.59 22.97
CA ALA E 341 -6.20 -80.22 21.71
C ALA E 341 -7.49 -79.43 21.86
N GLY E 342 -8.24 -79.64 22.97
CA GLY E 342 -9.44 -78.86 23.24
C GLY E 342 -9.16 -77.43 23.61
N VAL E 343 -7.96 -77.12 24.13
CA VAL E 343 -7.56 -75.74 24.39
C VAL E 343 -7.22 -75.04 23.09
N LEU E 344 -6.62 -75.77 22.13
CA LEU E 344 -6.31 -75.24 20.82
C LEU E 344 -7.55 -74.92 20.00
N HIS E 345 -8.61 -75.75 20.07
CA HIS E 345 -9.81 -75.43 19.32
C HIS E 345 -10.78 -74.56 20.10
N LEU E 346 -10.42 -74.17 21.33
CA LEU E 346 -11.16 -73.18 22.09
C LEU E 346 -10.80 -71.80 21.61
N GLY E 347 -9.50 -71.59 21.30
CA GLY E 347 -8.99 -70.32 20.79
C GLY E 347 -9.44 -69.96 19.41
N ASN E 348 -9.99 -70.93 18.66
CA ASN E 348 -10.49 -70.70 17.33
C ASN E 348 -11.95 -70.25 17.33
N ILE E 349 -12.54 -69.97 18.47
CA ILE E 349 -13.89 -69.44 18.58
C ILE E 349 -13.84 -67.91 18.60
N ASP E 350 -14.53 -67.29 17.63
CA ASP E 350 -14.57 -65.86 17.41
C ASP E 350 -15.99 -65.34 17.60
N PHE E 351 -16.12 -64.24 18.33
CA PHE E 351 -17.38 -63.60 18.70
C PHE E 351 -17.77 -62.42 17.82
N GLU E 352 -19.04 -62.01 17.88
CA GLU E 352 -19.50 -60.79 17.24
C GLU E 352 -20.66 -60.23 18.04
N GLU E 353 -21.39 -59.21 17.55
CA GLU E 353 -22.48 -58.60 18.26
C GLU E 353 -23.79 -58.79 17.69
N ALA E 354 -24.85 -58.90 18.43
CA ALA E 354 -26.20 -59.06 18.05
C ALA E 354 -27.18 -58.87 18.78
N GLY E 355 -28.15 -59.17 18.27
CA GLY E 355 -29.12 -59.06 18.86
C GLY E 355 -30.28 -58.64 19.24
N SER E 356 -30.96 -59.44 19.70
CA SER E 356 -32.11 -59.21 20.15
C SER E 356 -32.01 -58.55 21.33
N THR E 357 -31.01 -58.80 22.11
CA THR E 357 -30.69 -58.20 23.19
C THR E 357 -30.25 -56.94 22.92
N SER E 358 -29.87 -56.77 21.80
CA SER E 358 -29.44 -55.68 21.28
C SER E 358 -28.15 -55.42 21.78
N GLY E 359 -27.56 -55.58 22.52
CA GLY E 359 -26.29 -55.48 23.10
C GLY E 359 -25.64 -56.54 23.32
N GLY E 360 -25.86 -57.51 22.91
CA GLY E 360 -25.33 -58.59 23.09
C GLY E 360 -24.27 -59.23 22.42
N CYS E 361 -23.71 -60.21 22.56
CA CYS E 361 -22.68 -60.97 22.00
C CYS E 361 -23.20 -62.26 21.36
N ASN E 362 -22.70 -62.59 20.16
CA ASN E 362 -23.02 -63.82 19.47
C ASN E 362 -21.71 -64.39 18.95
N LEU E 363 -21.72 -65.38 18.05
CA LEU E 363 -20.51 -65.96 17.49
C LEU E 363 -20.46 -65.69 16.01
N LYS E 364 -19.28 -65.90 15.37
CA LYS E 364 -19.11 -65.75 13.95
C LYS E 364 -19.45 -67.02 13.19
N ASN E 365 -19.73 -66.91 11.89
CA ASN E 365 -20.07 -68.02 11.01
C ASN E 365 -18.97 -69.05 10.88
N LYS E 366 -17.71 -68.61 10.90
CA LYS E 366 -16.53 -69.46 10.86
C LYS E 366 -16.30 -70.25 12.14
N SER E 367 -17.03 -69.95 13.22
CA SER E 367 -16.91 -70.59 14.51
C SER E 367 -17.92 -71.68 14.75
N THR E 368 -18.50 -72.27 13.70
CA THR E 368 -19.51 -73.30 13.86
C THR E 368 -18.89 -74.65 13.68
N GLN E 369 -17.97 -74.80 12.72
CA GLN E 369 -17.21 -76.01 12.50
C GLN E 369 -16.19 -76.19 13.61
N ALA E 370 -15.63 -75.08 14.09
CA ALA E 370 -14.68 -75.09 15.19
C ALA E 370 -15.35 -75.40 16.52
N LEU E 371 -16.63 -75.03 16.68
CA LEU E 371 -17.36 -75.32 17.90
C LEU E 371 -17.81 -76.77 17.94
N GLU E 372 -18.04 -77.41 16.78
CA GLU E 372 -18.39 -78.83 16.78
C GLU E 372 -17.21 -79.71 17.15
N TYR E 373 -15.99 -79.36 16.69
CA TYR E 373 -14.79 -80.09 17.06
C TYR E 373 -14.29 -79.76 18.46
N CYS E 374 -14.63 -78.58 19.00
CA CYS E 374 -14.21 -78.21 20.35
C CYS E 374 -15.05 -78.88 21.42
N ALA E 375 -16.35 -79.03 21.16
CA ALA E 375 -17.27 -79.63 22.12
C ALA E 375 -17.19 -81.15 22.12
N GLU E 376 -16.57 -81.73 21.08
CA GLU E 376 -16.33 -83.15 20.97
C GLU E 376 -15.13 -83.57 21.80
N LEU E 377 -14.12 -82.68 21.91
CA LEU E 377 -12.94 -82.92 22.71
C LEU E 377 -13.20 -82.63 24.18
N LEU E 378 -13.95 -81.56 24.49
CA LEU E 378 -14.29 -81.20 25.86
C LEU E 378 -15.37 -82.08 26.47
N GLY E 379 -16.35 -82.59 25.68
CA GLY E 379 -17.40 -83.44 26.23
C GLY E 379 -18.58 -82.68 26.74
N LEU E 380 -18.95 -81.61 26.04
CA LEU E 380 -20.03 -80.71 26.39
C LEU E 380 -20.97 -80.59 25.22
N ASP E 381 -22.20 -80.08 25.47
CA ASP E 381 -23.15 -79.82 24.40
C ASP E 381 -22.81 -78.47 23.75
N GLN E 382 -23.07 -78.31 22.44
CA GLN E 382 -22.68 -77.10 21.73
C GLN E 382 -23.55 -75.91 22.09
N ASP E 383 -24.87 -76.11 22.24
CA ASP E 383 -25.79 -75.05 22.58
C ASP E 383 -25.59 -74.57 24.01
N ASP E 384 -25.30 -75.46 24.97
CA ASP E 384 -25.05 -75.08 26.35
C ASP E 384 -23.67 -74.46 26.58
N LEU E 385 -22.76 -74.55 25.60
CA LEU E 385 -21.46 -73.94 25.72
C LEU E 385 -21.49 -72.59 25.02
N ARG E 386 -22.37 -72.44 24.02
CA ARG E 386 -22.50 -71.17 23.32
C ARG E 386 -23.21 -70.11 24.14
N VAL E 387 -24.19 -70.50 24.99
CA VAL E 387 -24.81 -69.55 25.91
C VAL E 387 -24.14 -69.57 27.27
N SER E 388 -22.87 -70.01 27.34
CA SER E 388 -22.13 -69.95 28.59
C SER E 388 -20.89 -69.13 28.38
N LEU E 389 -20.37 -69.10 27.14
CA LEU E 389 -19.30 -68.20 26.78
C LEU E 389 -19.83 -66.79 26.54
N THR E 390 -21.11 -66.63 26.20
CA THR E 390 -21.68 -65.32 25.88
C THR E 390 -22.64 -64.73 26.89
N THR E 391 -22.90 -65.36 28.05
CA THR E 391 -23.84 -64.78 29.02
C THR E 391 -23.31 -64.74 30.43
N ARG E 392 -23.91 -63.87 31.26
CA ARG E 392 -23.68 -63.72 32.67
C ARG E 392 -24.91 -64.25 33.38
N VAL E 393 -24.82 -65.49 33.88
CA VAL E 393 -25.89 -66.16 34.59
C VAL E 393 -26.04 -65.61 36.00
N MET E 394 -27.27 -65.27 36.43
CA MET E 394 -27.50 -64.79 37.78
C MET E 394 -28.85 -65.29 38.22
N LEU E 395 -29.19 -65.15 39.51
CA LEU E 395 -30.45 -65.66 39.99
C LEU E 395 -31.21 -64.63 40.78
N THR E 396 -32.52 -64.89 40.97
CA THR E 396 -33.41 -64.04 41.74
C THR E 396 -34.06 -64.82 42.86
N THR E 397 -33.63 -66.09 43.04
CA THR E 397 -34.09 -66.99 44.07
C THR E 397 -33.75 -66.57 45.48
N THR E 404 -36.07 -67.17 39.98
CA THR E 404 -35.58 -68.04 38.92
C THR E 404 -34.13 -67.74 38.63
N VAL E 405 -33.52 -68.36 37.62
CA VAL E 405 -32.13 -68.20 37.23
C VAL E 405 -32.11 -67.66 35.81
N ILE E 406 -31.78 -66.37 35.66
CA ILE E 406 -31.77 -65.69 34.38
C ILE E 406 -30.38 -65.70 33.75
N LYS E 407 -30.28 -65.22 32.49
CA LYS E 407 -29.05 -65.14 31.76
C LYS E 407 -28.98 -63.76 31.12
N VAL E 408 -27.84 -63.09 31.22
CA VAL E 408 -27.65 -61.73 30.77
C VAL E 408 -26.48 -61.65 29.82
N PRO E 409 -26.62 -61.45 28.51
CA PRO E 409 -25.50 -61.47 27.58
C PRO E 409 -24.35 -60.52 27.90
N LEU E 410 -23.11 -60.99 27.69
CA LEU E 410 -21.89 -60.26 27.96
C LEU E 410 -21.50 -59.37 26.81
N LYS E 411 -20.52 -58.48 27.04
CA LYS E 411 -19.95 -57.64 26.02
C LYS E 411 -18.97 -58.45 25.17
N VAL E 412 -18.52 -57.91 24.03
CA VAL E 412 -17.65 -58.64 23.12
C VAL E 412 -16.23 -58.72 23.63
N GLU E 413 -15.72 -57.64 24.25
CA GLU E 413 -14.41 -57.67 24.84
C GLU E 413 -14.38 -58.56 26.07
N GLN E 414 -15.50 -58.63 26.82
CA GLN E 414 -15.55 -59.52 27.96
C GLN E 414 -15.79 -60.96 27.56
N ALA E 415 -16.29 -61.23 26.34
CA ALA E 415 -16.39 -62.56 25.78
C ALA E 415 -15.04 -63.10 25.33
N ASN E 416 -14.21 -62.21 24.74
CA ASN E 416 -12.87 -62.58 24.33
C ASN E 416 -11.99 -62.79 25.55
N ASN E 417 -12.21 -62.02 26.64
CA ASN E 417 -11.50 -62.27 27.87
C ASN E 417 -12.01 -63.49 28.60
N ALA E 418 -13.28 -63.88 28.45
CA ALA E 418 -13.80 -65.08 29.07
C ALA E 418 -13.34 -66.38 28.41
N ARG E 419 -13.12 -66.36 27.08
CA ARG E 419 -12.66 -67.53 26.36
C ARG E 419 -11.20 -67.81 26.65
N ASP E 420 -10.42 -66.73 26.78
CA ASP E 420 -9.02 -66.77 27.11
C ASP E 420 -8.82 -67.14 28.57
N ALA E 421 -9.73 -66.73 29.48
CA ALA E 421 -9.66 -67.09 30.88
C ALA E 421 -10.09 -68.53 31.10
N LEU E 422 -11.00 -69.07 30.25
CA LEU E 422 -11.40 -70.45 30.33
C LEU E 422 -10.29 -71.36 29.84
N ALA E 423 -9.48 -70.90 28.86
CA ALA E 423 -8.34 -71.66 28.38
C ALA E 423 -7.21 -71.72 29.40
N LYS E 424 -6.98 -70.63 30.16
CA LYS E 424 -5.97 -70.59 31.18
C LYS E 424 -6.39 -71.36 32.42
N THR E 425 -7.71 -71.47 32.66
CA THR E 425 -8.24 -72.23 33.77
C THR E 425 -8.07 -73.72 33.58
N VAL E 426 -8.27 -74.24 32.36
CA VAL E 426 -8.06 -75.65 32.09
C VAL E 426 -6.60 -76.05 32.16
N TYR E 427 -5.66 -75.20 31.68
CA TYR E 427 -4.25 -75.53 31.76
C TYR E 427 -3.70 -75.46 33.18
N SER E 428 -4.32 -74.65 34.05
CA SER E 428 -3.97 -74.57 35.46
C SER E 428 -4.24 -75.87 36.17
N HIS E 429 -5.46 -76.43 36.02
CA HIS E 429 -5.82 -77.69 36.62
C HIS E 429 -5.18 -78.88 35.93
N LEU E 430 -4.75 -78.72 34.66
CA LEU E 430 -4.03 -79.77 33.96
C LEU E 430 -2.60 -79.89 34.46
N PHE E 431 -1.95 -78.77 34.81
CA PHE E 431 -0.61 -78.79 35.33
C PHE E 431 -0.56 -79.37 36.75
N ASP E 432 -1.59 -79.09 37.57
CA ASP E 432 -1.70 -79.67 38.88
C ASP E 432 -2.07 -81.14 38.83
N HIS E 433 -2.71 -81.63 37.76
CA HIS E 433 -3.03 -83.02 37.61
C HIS E 433 -1.84 -83.86 37.23
N VAL E 434 -0.91 -83.30 36.44
CA VAL E 434 0.30 -84.00 36.05
C VAL E 434 1.24 -84.16 37.23
N VAL E 435 1.41 -83.14 38.09
CA VAL E 435 2.24 -83.27 39.28
C VAL E 435 1.61 -84.16 40.33
N ASN E 436 0.27 -84.34 40.32
CA ASN E 436 -0.41 -85.22 41.25
C ASN E 436 -0.25 -86.67 40.81
N ARG E 437 -0.16 -86.92 39.49
CA ARG E 437 0.10 -88.24 38.96
C ARG E 437 1.53 -88.67 39.27
N VAL E 438 2.51 -87.74 39.18
CA VAL E 438 3.90 -87.97 39.50
C VAL E 438 4.13 -88.10 40.99
N ASN E 439 3.53 -87.24 41.84
CA ASN E 439 3.66 -87.35 43.30
C ASN E 439 3.14 -88.67 43.84
N GLN E 440 2.16 -89.29 43.15
CA GLN E 440 1.64 -90.60 43.46
C GLN E 440 2.61 -91.73 43.19
N CYS E 441 3.74 -91.49 42.48
CA CYS E 441 4.74 -92.51 42.25
C CYS E 441 5.84 -92.49 43.28
N PHE E 442 5.78 -91.58 44.25
CA PHE E 442 6.68 -91.56 45.38
C PHE E 442 6.02 -91.12 46.68
N PRO E 443 4.90 -91.69 47.09
CA PRO E 443 4.17 -91.29 48.28
C PRO E 443 4.95 -91.37 49.58
N PHE E 444 4.64 -90.56 50.54
CA PHE E 444 5.31 -90.50 51.82
C PHE E 444 4.42 -90.84 52.97
N GLU E 445 4.97 -91.38 54.01
CA GLU E 445 4.30 -91.74 55.20
C GLU E 445 4.83 -91.11 56.35
N THR E 446 4.73 -90.99 57.47
CA THR E 446 5.16 -90.39 58.66
C THR E 446 6.42 -89.59 58.60
N SER E 447 6.36 -88.40 58.50
CA SER E 447 7.47 -87.51 58.33
C SER E 447 7.70 -86.56 59.50
N SER E 448 8.87 -85.96 59.58
CA SER E 448 9.26 -85.02 60.60
C SER E 448 10.22 -84.02 60.00
N TYR E 449 11.38 -84.47 59.53
CA TYR E 449 12.36 -83.61 58.89
C TYR E 449 12.22 -83.71 57.39
N PHE E 450 12.73 -82.72 56.65
CA PHE E 450 12.59 -82.70 55.21
C PHE E 450 13.59 -81.75 54.59
N ILE E 451 14.01 -82.05 53.35
CA ILE E 451 14.99 -81.25 52.64
C ILE E 451 14.33 -80.80 51.36
N GLY E 452 14.08 -79.47 51.25
CA GLY E 452 13.44 -78.88 50.09
C GLY E 452 14.47 -78.46 49.07
N VAL E 453 14.13 -78.47 47.77
CA VAL E 453 15.03 -78.00 46.73
C VAL E 453 14.28 -77.09 45.77
N LEU E 454 14.51 -75.76 45.87
CA LEU E 454 13.90 -74.77 44.99
C LEU E 454 14.65 -74.65 43.66
N ASP E 455 13.93 -74.40 42.53
CA ASP E 455 14.51 -74.21 41.22
C ASP E 455 13.67 -73.16 40.51
N ILE E 456 14.11 -71.89 40.63
CA ILE E 456 13.46 -70.76 40.07
C ILE E 456 14.49 -69.81 39.50
N ALA E 457 14.20 -69.19 38.35
CA ALA E 457 15.10 -68.33 37.64
C ALA E 457 15.41 -67.02 38.29
N GLY E 458 16.58 -66.46 38.00
CA GLY E 458 17.01 -65.19 38.52
C GLY E 458 16.72 -64.03 37.72
N PHE E 459 16.96 -62.88 37.91
CA PHE E 459 16.73 -61.64 37.24
C PHE E 459 16.95 -61.71 35.73
N GLU E 460 16.05 -62.06 35.01
CA GLU E 460 16.15 -62.22 33.59
C GLU E 460 15.60 -61.09 32.85
N TYR E 461 16.20 -60.22 32.42
CA TYR E 461 15.75 -59.10 31.72
C TYR E 461 16.07 -59.01 30.30
N PHE E 462 15.16 -58.63 29.52
CA PHE E 462 15.25 -58.57 28.13
C PHE E 462 15.28 -57.15 27.63
N GLU E 463 15.22 -56.97 26.31
CA GLU E 463 15.14 -55.67 25.68
C GLU E 463 13.72 -55.15 25.76
N HIS E 464 12.73 -56.02 25.58
CA HIS E 464 11.33 -55.72 25.72
C HIS E 464 10.80 -56.47 26.92
N ASN E 465 10.33 -55.75 27.96
CA ASN E 465 9.87 -56.34 29.18
C ASN E 465 8.39 -56.05 29.39
N SER E 466 7.65 -57.05 29.87
CA SER E 466 6.21 -56.95 30.07
C SER E 466 5.84 -57.36 31.49
N PHE E 467 4.63 -57.91 31.68
CA PHE E 467 4.03 -58.29 32.94
C PHE E 467 4.72 -59.48 33.56
N GLU E 468 5.05 -60.50 32.76
CA GLU E 468 5.68 -61.69 33.28
C GLU E 468 7.12 -61.43 33.68
N GLN E 469 7.80 -60.45 33.06
CA GLN E 469 9.13 -60.05 33.47
C GLN E 469 9.08 -59.17 34.72
N PHE E 470 7.90 -58.62 35.03
CA PHE E 470 7.73 -57.83 36.22
C PHE E 470 7.38 -58.78 37.36
N CYS E 471 6.67 -59.89 37.08
CA CYS E 471 6.45 -60.90 38.08
C CYS E 471 7.72 -61.68 38.44
N ILE E 472 8.65 -61.88 37.49
CA ILE E 472 9.93 -62.52 37.77
C ILE E 472 10.86 -61.62 38.55
N ASN E 473 10.90 -60.31 38.23
CA ASN E 473 11.75 -59.39 38.96
C ASN E 473 11.18 -59.04 40.31
N TYR E 474 9.85 -59.06 40.48
CA TYR E 474 9.23 -58.86 41.77
C TYR E 474 9.47 -60.07 42.66
N CYS E 475 9.46 -61.29 42.10
CA CYS E 475 9.78 -62.46 42.88
C CYS E 475 11.25 -62.50 43.24
N ASN E 476 12.13 -62.00 42.37
CA ASN E 476 13.54 -61.86 42.69
C ASN E 476 13.81 -60.81 43.74
N GLU E 477 13.04 -59.70 43.82
CA GLU E 477 13.24 -58.71 44.87
C GLU E 477 12.79 -59.19 46.24
N LYS E 478 11.84 -60.12 46.30
CA LYS E 478 11.38 -60.69 47.56
C LYS E 478 12.34 -61.77 48.01
N LEU E 479 12.90 -62.55 47.07
CA LEU E 479 13.90 -63.55 47.37
C LEU E 479 15.21 -62.87 47.77
N GLN E 480 15.59 -61.75 47.14
CA GLN E 480 16.77 -61.03 47.54
C GLN E 480 16.60 -60.34 48.90
N GLN E 481 15.37 -59.95 49.29
CA GLN E 481 15.20 -59.46 50.66
C GLN E 481 15.27 -60.60 51.67
N PHE E 482 14.96 -61.84 51.26
CA PHE E 482 15.17 -63.03 52.04
C PHE E 482 16.66 -63.31 52.18
N PHE E 483 17.43 -63.14 51.09
CA PHE E 483 18.87 -63.32 51.12
C PHE E 483 19.55 -62.24 51.94
N ASN E 484 18.97 -61.04 52.04
CA ASN E 484 19.55 -60.01 52.87
C ASN E 484 19.27 -60.24 54.36
N GLU E 485 18.26 -61.04 54.72
CA GLU E 485 18.06 -61.33 56.14
C GLU E 485 18.48 -62.73 56.50
N ARG E 486 18.97 -63.54 55.55
CA ARG E 486 19.49 -64.85 55.85
C ARG E 486 20.97 -64.96 55.58
N ILE E 487 21.53 -64.15 54.67
CA ILE E 487 22.95 -64.18 54.37
C ILE E 487 23.64 -63.05 55.09
N LEU E 488 22.99 -61.89 55.28
CA LEU E 488 23.67 -60.80 55.96
C LEU E 488 23.24 -60.68 57.41
N LYS E 489 21.94 -60.72 57.73
CA LYS E 489 21.51 -60.63 59.13
C LYS E 489 21.89 -61.84 59.98
N GLU E 490 21.60 -63.06 59.52
CA GLU E 490 21.93 -64.27 60.24
C GLU E 490 23.42 -64.50 60.37
N GLU E 491 24.20 -64.16 59.35
CA GLU E 491 25.63 -64.28 59.40
C GLU E 491 26.30 -63.38 60.43
N GLN E 492 25.80 -62.16 60.62
CA GLN E 492 26.41 -61.31 61.63
C GLN E 492 25.93 -61.63 63.02
N GLU E 493 24.87 -62.43 63.13
CA GLU E 493 24.47 -63.04 64.37
C GLU E 493 25.42 -64.16 64.75
N LEU E 494 26.07 -64.75 63.75
CA LEU E 494 27.00 -65.85 63.89
C LEU E 494 28.37 -65.36 64.25
N TYR E 495 28.70 -64.12 63.87
CA TYR E 495 29.94 -63.52 64.26
C TYR E 495 29.88 -63.15 65.72
N GLN E 496 28.69 -62.89 66.23
CA GLN E 496 28.49 -62.63 67.63
C GLN E 496 28.20 -63.90 68.40
N LYS E 497 28.18 -65.06 67.76
CA LYS E 497 28.02 -66.33 68.43
C LYS E 497 29.33 -67.08 68.52
N GLU E 498 30.26 -66.76 67.71
CA GLU E 498 31.54 -67.34 67.75
C GLU E 498 32.52 -66.51 68.47
N GLY E 499 32.40 -65.66 69.10
CA GLY E 499 33.26 -64.85 69.89
C GLY E 499 33.99 -63.82 69.14
N LEU E 500 33.67 -63.61 67.88
CA LEU E 500 34.31 -62.65 67.07
C LEU E 500 33.84 -61.26 67.34
N GLY E 501 32.57 -61.08 67.67
CA GLY E 501 31.99 -59.83 68.04
C GLY E 501 31.61 -58.99 66.88
N VAL E 502 32.10 -58.47 66.12
CA VAL E 502 31.90 -57.63 64.97
C VAL E 502 30.77 -56.65 65.11
N ASN E 503 31.07 -55.35 64.93
CA ASN E 503 30.09 -54.31 64.98
C ASN E 503 29.14 -54.38 63.83
N GLU E 504 27.87 -54.22 64.09
CA GLU E 504 26.83 -54.36 63.14
C GLU E 504 26.85 -53.36 62.03
N VAL E 505 26.78 -53.80 60.80
CA VAL E 505 26.75 -53.01 59.62
C VAL E 505 25.41 -53.16 58.99
N HIS E 506 24.70 -52.07 58.75
CA HIS E 506 23.39 -52.11 58.21
C HIS E 506 23.35 -52.17 56.75
N TYR E 507 22.47 -52.91 56.21
CA TYR E 507 22.29 -53.07 54.82
C TYR E 507 21.23 -52.27 54.25
N VAL E 508 21.25 -52.01 52.98
CA VAL E 508 20.30 -51.25 52.33
C VAL E 508 19.11 -52.01 51.93
N ASP E 509 18.05 -51.73 52.48
CA ASP E 509 16.84 -52.39 52.30
C ASP E 509 16.11 -52.20 51.01
N ASN E 510 15.36 -53.13 50.52
CA ASN E 510 14.56 -53.10 49.33
C ASN E 510 13.09 -53.16 49.64
N GLN E 511 12.74 -52.86 50.90
CA GLN E 511 11.41 -52.85 51.41
C GLN E 511 10.58 -51.76 50.78
N ASP E 512 11.21 -50.70 50.31
CA ASP E 512 10.54 -49.63 49.62
C ASP E 512 10.01 -50.05 48.25
N CYS E 513 10.63 -51.04 47.61
CA CYS E 513 10.14 -51.57 46.36
C CYS E 513 8.95 -52.49 46.55
N ILE E 514 8.92 -53.17 47.70
CA ILE E 514 7.84 -54.06 48.06
C ILE E 514 6.60 -53.27 48.36
N ASP E 515 6.75 -52.13 49.03
CA ASP E 515 5.68 -51.23 49.32
C ASP E 515 5.56 -50.18 48.23
N LEU E 516 5.76 -50.64 47.00
CA LEU E 516 5.52 -49.92 45.79
C LEU E 516 4.79 -50.90 44.90
N ILE E 517 5.38 -52.06 44.60
CA ILE E 517 4.72 -53.07 43.80
C ILE E 517 3.49 -53.68 44.45
N GLU E 518 3.58 -54.13 45.72
CA GLU E 518 2.47 -54.78 46.40
C GLU E 518 1.89 -54.02 47.57
N ALA E 519 2.13 -52.71 47.73
CA ALA E 519 1.55 -51.94 48.81
C ALA E 519 0.03 -51.92 48.83
N ARG E 520 -0.59 -51.97 50.01
CA ARG E 520 -2.03 -51.97 50.13
C ARG E 520 -2.66 -50.65 49.78
N LEU E 521 -3.62 -50.68 48.86
CA LEU E 521 -4.41 -49.58 48.35
C LEU E 521 -3.67 -48.67 47.40
N VAL E 522 -2.39 -48.38 47.64
CA VAL E 522 -1.58 -47.51 46.82
C VAL E 522 -0.57 -48.23 45.97
N GLY E 523 -0.44 -49.56 46.06
CA GLY E 523 0.52 -50.32 45.26
C GLY E 523 0.16 -50.44 43.80
N ILE E 524 1.10 -50.92 42.98
CA ILE E 524 0.89 -51.08 41.55
C ILE E 524 -0.07 -52.21 41.27
N LEU E 525 0.00 -53.33 42.00
CA LEU E 525 -0.94 -54.41 41.82
C LEU E 525 -2.31 -54.08 42.41
N ASP E 526 -2.40 -53.08 43.30
CA ASP E 526 -3.62 -52.58 43.91
C ASP E 526 -4.30 -51.53 43.05
N ILE E 527 -3.70 -51.18 41.90
CA ILE E 527 -4.26 -50.25 40.94
C ILE E 527 -4.50 -51.05 39.68
N LEU E 528 -3.67 -52.03 39.37
CA LEU E 528 -3.87 -52.92 38.24
C LEU E 528 -5.09 -53.81 38.41
N ASP E 529 -5.31 -54.35 39.62
CA ASP E 529 -6.50 -55.14 39.87
C ASP E 529 -7.74 -54.28 40.03
N GLU E 530 -7.60 -52.97 40.27
CA GLU E 530 -8.74 -52.10 40.35
C GLU E 530 -9.15 -51.57 38.99
N GLU E 531 -8.22 -51.53 38.03
CA GLU E 531 -8.47 -51.16 36.65
C GLU E 531 -9.33 -52.17 35.94
N ASN E 532 -9.12 -53.46 36.21
CA ASN E 532 -9.92 -54.48 35.60
C ASN E 532 -11.35 -54.45 36.09
N ARG E 533 -11.58 -54.02 37.34
CA ARG E 533 -12.91 -53.87 37.87
C ARG E 533 -13.65 -52.65 37.33
N LEU E 534 -12.93 -51.65 36.82
CA LEU E 534 -13.48 -50.45 36.24
C LEU E 534 -14.18 -50.68 34.90
N PRO E 535 -15.34 -50.13 34.58
CA PRO E 535 -15.95 -50.28 33.27
C PRO E 535 -15.17 -49.64 32.19
N GLN E 536 -14.84 -50.00 31.17
CA GLN E 536 -14.02 -49.54 30.07
C GLN E 536 -12.55 -49.34 30.45
N PRO E 537 -11.81 -50.37 30.87
CA PRO E 537 -10.39 -50.26 31.24
C PRO E 537 -9.49 -49.64 30.18
N SER E 538 -8.42 -48.95 30.58
CA SER E 538 -7.52 -48.30 29.63
C SER E 538 -6.08 -48.39 30.08
N ASP E 539 -5.17 -48.57 29.12
CA ASP E 539 -3.75 -48.72 29.37
C ASP E 539 -3.12 -47.36 29.61
N GLN E 540 -3.71 -46.31 29.02
CA GLN E 540 -3.29 -44.94 29.23
C GLN E 540 -3.73 -44.47 30.59
N HIS E 541 -4.91 -44.93 31.06
CA HIS E 541 -5.40 -44.59 32.39
C HIS E 541 -4.64 -45.32 33.46
N PHE E 542 -4.19 -46.55 33.21
CA PHE E 542 -3.38 -47.29 34.16
C PHE E 542 -1.97 -46.72 34.23
N THR E 543 -1.39 -46.24 33.12
CA THR E 543 -0.04 -45.71 33.16
C THR E 543 0.01 -44.37 33.86
N SER E 544 -1.00 -43.52 33.63
CA SER E 544 -1.09 -42.25 34.33
C SER E 544 -1.46 -42.41 35.78
N ALA E 545 -2.11 -43.53 36.16
CA ALA E 545 -2.45 -43.73 37.55
C ALA E 545 -1.26 -44.16 38.38
N VAL E 546 -0.18 -44.67 37.77
CA VAL E 546 1.00 -45.00 38.54
C VAL E 546 1.73 -43.72 38.89
N HIS E 547 1.88 -42.82 37.91
CA HIS E 547 2.53 -41.55 38.16
C HIS E 547 1.67 -40.56 38.91
N GLN E 548 0.33 -40.68 38.86
CA GLN E 548 -0.54 -39.87 39.67
C GLN E 548 -0.56 -40.31 41.13
N LYS E 549 -0.42 -41.62 41.41
CA LYS E 549 -0.47 -42.12 42.77
C LYS E 549 0.87 -42.06 43.46
N HIS E 550 1.96 -42.31 42.73
CA HIS E 550 3.27 -42.21 43.29
C HIS E 550 4.06 -41.19 42.59
N LYS E 551 3.90 -39.95 42.71
CA LYS E 551 4.57 -38.84 42.10
C LYS E 551 5.92 -38.64 42.56
N ASP E 552 6.20 -38.94 43.79
CA ASP E 552 7.43 -38.83 44.32
C ASP E 552 8.10 -40.00 44.81
N HIS E 553 8.45 -40.95 44.54
CA HIS E 553 9.11 -42.11 44.99
C HIS E 553 10.37 -42.27 44.24
N PHE E 554 11.45 -42.53 44.94
CA PHE E 554 12.75 -42.64 44.40
C PHE E 554 13.02 -43.85 43.55
N ARG E 555 12.29 -44.89 43.71
CA ARG E 555 12.39 -46.09 42.93
C ARG E 555 11.68 -46.00 41.59
N LEU E 556 10.82 -45.04 41.37
CA LEU E 556 10.02 -44.92 40.17
C LEU E 556 10.53 -43.82 39.27
N SER E 557 10.57 -44.06 37.95
CA SER E 557 10.98 -43.08 36.98
C SER E 557 10.15 -43.19 35.72
N ILE E 558 10.10 -42.11 34.94
CA ILE E 558 9.36 -41.99 33.71
C ILE E 558 10.26 -42.23 32.54
N PRO E 559 9.82 -42.72 31.38
CA PRO E 559 10.67 -42.97 30.25
C PRO E 559 11.53 -41.83 29.80
N ARG E 560 11.08 -40.58 29.89
CA ARG E 560 11.86 -39.44 29.51
C ARG E 560 12.94 -39.09 30.47
N LYS E 561 12.90 -39.62 31.69
CA LYS E 561 13.93 -39.41 32.67
C LYS E 561 15.02 -40.44 32.54
N SER E 562 14.93 -41.40 31.70
CA SER E 562 15.92 -42.41 31.45
C SER E 562 16.88 -42.08 30.47
N LYS E 563 18.08 -42.46 30.63
CA LYS E 563 19.10 -42.19 29.76
C LYS E 563 19.39 -43.14 28.67
N LEU E 564 18.90 -44.35 28.77
CA LEU E 564 19.07 -45.33 27.75
C LEU E 564 18.26 -45.02 26.54
N ALA E 565 18.87 -45.17 25.42
CA ALA E 565 18.30 -44.86 24.17
C ALA E 565 17.02 -45.50 23.79
N ILE E 566 16.90 -46.72 24.10
CA ILE E 566 15.70 -47.43 23.84
C ILE E 566 14.56 -46.91 24.48
N HIS E 567 14.78 -46.42 25.62
CA HIS E 567 13.79 -45.83 26.32
C HIS E 567 13.46 -44.54 25.86
N ARG E 568 14.17 -44.05 24.97
CA ARG E 568 13.88 -42.84 24.41
C ARG E 568 12.92 -42.85 23.33
N ASN E 569 12.58 -43.99 22.84
CA ASN E 569 11.62 -44.15 21.86
C ASN E 569 10.26 -44.40 22.41
N ILE E 570 10.17 -44.88 23.65
CA ILE E 570 8.96 -45.16 24.36
C ILE E 570 8.29 -43.87 24.84
N ARG E 571 6.97 -43.73 24.66
CA ARG E 571 6.25 -42.54 25.06
C ARG E 571 5.77 -42.63 26.49
N ASP E 572 5.40 -41.50 27.10
CA ASP E 572 4.98 -41.39 28.48
C ASP E 572 3.85 -42.32 28.88
N ASP E 573 2.88 -42.52 27.99
CA ASP E 573 1.76 -43.39 28.23
C ASP E 573 2.00 -44.80 27.70
N GLU E 574 3.25 -45.18 27.40
CA GLU E 574 3.60 -46.49 26.90
C GLU E 574 4.45 -47.30 27.88
N GLY E 575 4.67 -46.87 29.13
CA GLY E 575 5.51 -47.64 30.05
C GLY E 575 6.11 -46.82 31.15
N PHE E 576 6.68 -47.51 32.16
CA PHE E 576 7.22 -46.90 33.36
C PHE E 576 8.43 -47.68 33.85
N ILE E 577 9.37 -46.99 34.52
CA ILE E 577 10.64 -47.57 34.94
C ILE E 577 10.69 -47.72 36.44
N ILE E 578 10.85 -48.97 36.90
CA ILE E 578 11.04 -49.32 38.29
C ILE E 578 12.51 -49.62 38.50
N ARG E 579 13.15 -48.95 39.50
CA ARG E 579 14.53 -49.20 39.78
C ARG E 579 14.58 -50.33 40.79
N HIS E 580 15.31 -51.41 40.45
CA HIS E 580 15.43 -52.59 41.25
C HIS E 580 16.84 -52.71 41.75
N PHE E 581 17.09 -53.64 42.69
CA PHE E 581 18.40 -53.90 43.23
C PHE E 581 19.35 -54.45 42.18
N ALA E 582 18.89 -55.09 41.19
CA ALA E 582 19.60 -55.60 40.07
C ALA E 582 19.66 -54.65 38.90
N GLY E 583 19.09 -53.50 38.92
CA GLY E 583 19.11 -52.52 37.87
C GLY E 583 17.78 -51.88 37.62
N ALA E 584 17.73 -50.91 36.72
CA ALA E 584 16.52 -50.18 36.37
C ALA E 584 15.90 -50.76 35.12
N VAL E 585 14.66 -51.29 35.24
CA VAL E 585 13.99 -52.01 34.17
C VAL E 585 12.72 -51.31 33.75
N CYS E 586 12.56 -51.00 32.45
CA CYS E 586 11.37 -50.35 31.96
C CYS E 586 10.37 -51.41 31.57
N TYR E 587 9.11 -51.24 31.98
CA TYR E 587 8.06 -52.19 31.68
C TYR E 587 7.03 -51.49 30.84
N GLU E 588 6.73 -52.03 29.65
CA GLU E 588 5.73 -51.47 28.78
C GLU E 588 4.34 -51.77 29.32
N THR E 589 3.36 -50.86 29.15
CA THR E 589 2.03 -51.07 29.70
C THR E 589 1.04 -51.67 28.74
N THR E 590 1.43 -51.94 27.49
CA THR E 590 0.55 -52.65 26.55
C THR E 590 0.18 -54.03 27.06
N GLN E 591 -1.10 -54.38 26.96
CA GLN E 591 -1.74 -55.61 27.41
C GLN E 591 -1.51 -56.06 28.85
N PHE E 592 -1.04 -55.17 29.73
CA PHE E 592 -0.87 -55.42 31.15
C PHE E 592 -2.19 -55.76 31.83
N VAL E 593 -3.25 -54.98 31.54
CA VAL E 593 -4.59 -55.18 32.05
C VAL E 593 -5.21 -56.47 31.56
N GLU E 594 -5.02 -56.80 30.26
CA GLU E 594 -5.48 -58.03 29.67
C GLU E 594 -4.84 -59.25 30.29
N LYS E 595 -3.53 -59.17 30.57
CA LYS E 595 -2.80 -60.21 31.27
C LYS E 595 -3.23 -60.37 32.73
N ASN E 596 -3.71 -59.31 33.38
CA ASN E 596 -4.22 -59.37 34.73
C ASN E 596 -5.68 -59.82 34.75
N ASN E 597 -6.27 -60.23 33.77
CA ASN E 597 -7.63 -60.74 33.73
C ASN E 597 -7.61 -62.25 33.79
N ASP E 598 -8.26 -62.85 34.79
CA ASP E 598 -8.32 -64.28 34.99
C ASP E 598 -9.67 -64.61 35.55
N ALA E 599 -10.70 -63.84 35.23
CA ALA E 599 -12.04 -63.97 35.68
C ALA E 599 -12.66 -65.28 35.46
N LEU E 600 -13.10 -65.94 36.45
CA LEU E 600 -13.75 -67.19 36.35
C LEU E 600 -15.25 -67.05 36.48
N HIS E 601 -15.94 -67.00 35.39
CA HIS E 601 -17.37 -66.86 35.36
C HIS E 601 -18.08 -68.06 35.92
N MET E 602 -19.10 -67.83 36.73
CA MET E 602 -19.85 -68.86 37.38
C MET E 602 -20.57 -69.79 36.44
N SER E 603 -20.99 -69.32 35.27
CA SER E 603 -21.59 -70.20 34.28
C SER E 603 -20.61 -71.14 33.65
N LEU E 604 -19.34 -70.76 33.57
CA LEU E 604 -18.34 -71.65 33.04
C LEU E 604 -17.86 -72.61 34.08
N GLU E 605 -18.07 -72.29 35.36
CA GLU E 605 -17.75 -73.20 36.41
C GLU E 605 -18.78 -74.28 36.50
N SER E 606 -20.04 -73.93 36.23
CA SER E 606 -21.09 -74.92 36.12
C SER E 606 -21.20 -75.42 34.71
N LEU E 607 -20.07 -75.76 34.13
CA LEU E 607 -19.98 -76.31 32.81
C LEU E 607 -18.76 -77.16 32.72
N ILE E 608 -17.62 -76.67 33.20
CA ILE E 608 -16.42 -77.48 33.19
C ILE E 608 -16.44 -78.54 34.25
N CYS E 609 -17.09 -78.26 35.38
CA CYS E 609 -17.34 -79.23 36.40
C CYS E 609 -18.35 -80.24 35.95
N GLU E 610 -19.38 -79.77 35.26
CA GLU E 610 -20.45 -80.56 34.77
C GLU E 610 -20.21 -81.29 33.47
N SER E 611 -18.95 -81.44 33.02
CA SER E 611 -18.59 -82.18 31.81
C SER E 611 -18.97 -83.64 31.85
N ARG E 612 -19.25 -84.23 30.68
CA ARG E 612 -19.63 -85.60 30.56
C ARG E 612 -18.45 -86.53 30.47
N ASP E 613 -17.23 -86.05 30.31
CA ASP E 613 -16.02 -86.83 30.24
C ASP E 613 -15.45 -87.10 31.63
N LYS E 614 -15.09 -88.35 31.92
CA LYS E 614 -14.54 -88.80 33.18
C LYS E 614 -13.18 -88.21 33.53
N PHE E 615 -12.34 -87.92 32.53
CA PHE E 615 -11.03 -87.32 32.74
C PHE E 615 -11.13 -85.88 33.22
N ILE E 616 -12.03 -85.08 32.62
CA ILE E 616 -12.28 -83.71 33.01
C ILE E 616 -12.86 -83.63 34.40
N ARG E 617 -13.74 -84.58 34.76
CA ARG E 617 -14.26 -84.71 36.10
C ARG E 617 -13.17 -84.95 37.12
N GLU E 618 -12.20 -85.80 36.77
CA GLU E 618 -11.05 -86.06 37.58
C GLU E 618 -10.15 -84.84 37.73
N LEU E 619 -9.98 -84.04 36.67
CA LEU E 619 -9.20 -82.82 36.70
C LEU E 619 -9.74 -81.79 37.66
N PHE E 620 -11.07 -81.61 37.69
CA PHE E 620 -11.71 -80.66 38.54
C PHE E 620 -12.27 -81.30 39.77
N GLU E 621 -11.69 -82.32 40.30
CA GLU E 621 -12.03 -82.98 41.48
C GLU E 621 -11.98 -82.52 42.67
N GLY E 635 -22.09 -64.33 46.49
CA GLY E 635 -21.32 -64.75 45.36
C GLY E 635 -20.15 -63.94 45.20
N LYS E 636 -19.10 -64.01 45.47
CA LYS E 636 -17.87 -63.32 45.41
C LYS E 636 -16.98 -63.97 44.71
N LEU E 637 -15.99 -63.42 44.09
CA LEU E 637 -15.53 -62.18 43.95
C LEU E 637 -15.53 -61.79 42.57
N SER E 638 -16.10 -61.30 41.88
CA SER E 638 -16.20 -60.90 40.54
C SER E 638 -15.17 -61.29 39.59
N PHE E 639 -14.11 -60.68 39.56
CA PHE E 639 -13.07 -60.97 38.70
C PHE E 639 -11.98 -61.82 39.30
N ILE E 640 -11.96 -61.96 40.59
CA ILE E 640 -11.03 -62.72 41.39
C ILE E 640 -9.67 -62.15 41.41
N SER E 641 -8.93 -61.83 40.92
CA SER E 641 -7.61 -61.26 40.83
C SER E 641 -6.52 -62.11 40.41
N VAL E 642 -5.72 -61.85 39.57
CA VAL E 642 -4.65 -62.58 39.04
C VAL E 642 -3.37 -62.22 39.68
N GLY E 643 -3.07 -60.93 39.80
CA GLY E 643 -1.88 -60.45 40.46
C GLY E 643 -1.91 -60.67 41.90
N ASN E 644 -3.09 -60.76 42.52
CA ASN E 644 -3.12 -61.02 43.93
C ASN E 644 -3.39 -62.48 44.18
N LYS E 645 -3.67 -63.24 43.13
CA LYS E 645 -3.67 -64.68 43.18
C LYS E 645 -2.24 -65.17 43.29
N PHE E 646 -1.35 -64.61 42.45
CA PHE E 646 0.06 -64.92 42.50
C PHE E 646 0.73 -64.33 43.73
N LYS E 647 0.28 -63.18 44.26
CA LYS E 647 0.87 -62.63 45.46
C LYS E 647 0.55 -63.49 46.68
N THR E 648 -0.62 -64.16 46.66
CA THR E 648 -0.98 -65.11 47.70
C THR E 648 -0.11 -66.34 47.65
N GLN E 649 0.23 -66.84 46.45
CA GLN E 649 1.04 -68.03 46.34
C GLN E 649 2.53 -67.73 46.47
N LEU E 650 2.94 -66.46 46.32
CA LEU E 650 4.31 -66.06 46.56
C LEU E 650 4.55 -65.85 48.04
N ASN E 651 3.63 -65.21 48.76
CA ASN E 651 3.80 -65.02 50.19
C ASN E 651 3.61 -66.32 50.95
N LEU E 652 2.87 -67.30 50.40
CA LEU E 652 2.81 -68.61 51.00
C LEU E 652 4.11 -69.39 50.84
N LEU E 653 4.88 -69.15 49.74
CA LEU E 653 6.17 -69.79 49.60
C LEU E 653 7.24 -69.09 50.42
N LEU E 654 7.03 -67.80 50.76
CA LEU E 654 7.91 -67.07 51.65
C LEU E 654 7.82 -67.56 53.07
N ASP E 655 6.63 -68.02 53.49
CA ASP E 655 6.44 -68.59 54.79
C ASP E 655 7.11 -69.96 54.93
N LYS E 656 7.34 -70.66 53.81
CA LYS E 656 8.02 -71.93 53.81
C LYS E 656 9.53 -71.74 53.76
N LEU E 657 10.02 -70.52 53.44
CA LEU E 657 11.43 -70.19 53.41
C LEU E 657 11.85 -69.60 54.74
N ARG E 658 11.01 -68.76 55.35
CA ARG E 658 11.30 -68.19 56.65
C ARG E 658 11.19 -69.24 57.75
N SER E 659 10.42 -70.30 57.53
CA SER E 659 10.28 -71.40 58.49
C SER E 659 11.32 -72.49 58.32
N THR E 660 12.16 -72.48 57.26
CA THR E 660 13.17 -73.51 57.03
C THR E 660 14.58 -72.97 56.96
N GLY E 661 15.60 -73.85 57.11
CA GLY E 661 17.01 -73.50 57.04
C GLY E 661 17.49 -73.44 55.63
N ALA E 662 17.85 -72.50 55.03
CA ALA E 662 18.24 -72.32 53.66
C ALA E 662 19.72 -72.54 53.34
N SER E 663 20.01 -72.95 52.11
CA SER E 663 21.35 -73.15 51.58
C SER E 663 21.41 -72.47 50.23
N PHE E 664 22.49 -71.71 49.97
CA PHE E 664 22.60 -70.85 48.80
C PHE E 664 23.62 -71.30 47.77
N ILE E 665 23.13 -71.73 46.61
CA ILE E 665 23.86 -72.16 45.44
C ILE E 665 23.58 -71.18 44.31
N ARG E 666 24.62 -70.61 43.68
CA ARG E 666 24.46 -69.67 42.59
C ARG E 666 25.17 -70.25 41.37
N CYS E 667 24.45 -70.36 40.24
CA CYS E 667 24.95 -70.97 39.01
C CYS E 667 25.17 -69.93 37.93
N ILE E 668 26.44 -69.76 37.54
CA ILE E 668 26.96 -68.79 36.60
C ILE E 668 27.18 -69.40 35.23
N LYS E 669 26.62 -68.76 34.18
CA LYS E 669 26.75 -69.16 32.80
C LYS E 669 27.99 -68.48 32.20
N PRO E 670 29.03 -69.16 31.73
CA PRO E 670 30.26 -68.48 31.27
C PRO E 670 30.18 -67.92 29.86
N ASN E 671 29.27 -68.39 29.00
CA ASN E 671 29.20 -67.91 27.65
C ASN E 671 27.82 -68.18 27.08
N LEU E 672 27.43 -67.45 26.03
CA LEU E 672 26.12 -67.56 25.41
C LEU E 672 26.05 -68.67 24.39
N LYS E 673 27.19 -69.16 23.91
CA LYS E 673 27.29 -70.24 22.98
C LYS E 673 26.97 -71.58 23.60
N MET E 674 27.18 -71.69 24.92
CA MET E 674 26.97 -72.84 25.74
C MET E 674 27.97 -73.92 25.42
N THR E 675 29.25 -73.55 25.32
CA THR E 675 30.34 -74.44 24.98
C THR E 675 31.46 -74.38 25.97
N SER E 676 32.20 -75.49 26.10
CA SER E 676 33.35 -75.63 26.98
C SER E 676 34.54 -74.77 26.60
N HIS E 677 35.31 -74.33 27.60
CA HIS E 677 36.49 -73.51 27.48
C HIS E 677 36.30 -72.16 26.80
N HIS E 678 35.20 -71.48 27.08
CA HIS E 678 34.91 -70.18 26.53
C HIS E 678 34.42 -69.29 27.65
N PHE E 679 35.09 -68.15 27.88
CA PHE E 679 34.79 -67.25 28.98
C PHE E 679 34.72 -65.86 28.45
N GLU E 680 33.56 -65.26 28.43
CA GLU E 680 33.39 -63.93 27.94
C GLU E 680 33.75 -62.83 28.88
N GLY E 681 33.71 -62.76 29.98
CA GLY E 681 34.09 -61.81 30.98
C GLY E 681 33.20 -60.61 31.18
N ALA E 682 32.29 -60.32 30.26
CA ALA E 682 31.40 -59.18 30.38
C ALA E 682 30.02 -59.61 30.82
N GLN E 683 29.53 -60.74 30.31
CA GLN E 683 28.26 -61.30 30.69
C GLN E 683 28.34 -61.95 32.05
N ILE E 684 29.49 -62.53 32.40
CA ILE E 684 29.70 -63.13 33.70
C ILE E 684 29.76 -62.08 34.77
N LEU E 685 30.28 -60.88 34.46
CA LEU E 685 30.32 -59.77 35.39
C LEU E 685 28.92 -59.27 35.67
N SER E 686 28.04 -59.23 34.67
CA SER E 686 26.66 -58.85 34.85
C SER E 686 25.88 -59.85 35.67
N GLN E 687 26.30 -61.13 35.70
CA GLN E 687 25.67 -62.11 36.56
C GLN E 687 26.16 -62.00 38.00
N LEU E 688 27.27 -61.30 38.26
CA LEU E 688 27.73 -61.04 39.61
C LEU E 688 27.07 -59.77 40.14
N GLN E 689 26.67 -58.87 39.23
CA GLN E 689 26.01 -57.62 39.57
C GLN E 689 24.50 -57.78 39.60
N CYS E 690 23.95 -58.83 38.97
CA CYS E 690 22.53 -59.09 39.00
C CYS E 690 22.28 -60.35 39.79
N SER E 691 22.86 -60.42 40.99
CA SER E 691 22.66 -61.52 41.91
C SER E 691 23.06 -61.15 43.32
N GLY E 692 23.43 -59.88 43.56
CA GLY E 692 23.80 -59.38 44.87
C GLY E 692 25.18 -59.75 45.33
N MET E 693 25.98 -60.43 44.50
CA MET E 693 27.28 -60.91 44.88
C MET E 693 28.25 -59.81 45.28
N VAL E 694 28.29 -58.70 44.54
CA VAL E 694 29.13 -57.58 44.88
C VAL E 694 28.71 -56.92 46.19
N SER E 695 27.40 -56.81 46.43
CA SER E 695 26.86 -56.21 47.63
C SER E 695 27.03 -57.04 48.88
N VAL E 696 26.95 -58.37 48.80
CA VAL E 696 27.22 -59.22 49.95
C VAL E 696 28.69 -59.26 50.29
N LEU E 697 29.57 -58.99 49.32
CA LEU E 697 31.00 -59.00 49.52
C LEU E 697 31.53 -57.60 49.67
N ASP E 698 30.74 -56.77 50.36
CA ASP E 698 31.16 -55.45 50.74
C ASP E 698 30.66 -55.22 52.16
N LEU E 699 29.47 -55.72 52.51
CA LEU E 699 28.99 -55.73 53.87
C LEU E 699 29.74 -56.69 54.74
N MET E 700 30.05 -57.88 54.20
CA MET E 700 30.74 -58.94 54.88
C MET E 700 32.19 -58.63 55.18
N GLN E 701 32.81 -57.72 54.44
CA GLN E 701 34.19 -57.37 54.66
C GLN E 701 34.43 -56.77 56.04
N GLY E 702 33.60 -55.88 56.51
CA GLY E 702 33.61 -55.29 57.84
C GLY E 702 34.81 -55.28 58.60
N GLY E 703 35.02 -55.50 59.80
CA GLY E 703 36.10 -55.53 60.67
C GLY E 703 37.14 -56.58 60.48
N PHE E 704 36.86 -57.63 59.68
CA PHE E 704 37.80 -58.69 59.41
C PHE E 704 37.72 -59.06 57.94
N PRO E 705 38.22 -58.26 56.98
CA PRO E 705 38.06 -58.52 55.55
C PRO E 705 38.68 -59.81 55.07
N SER E 706 39.78 -60.25 55.58
CA SER E 706 40.41 -61.48 55.18
C SER E 706 40.30 -62.43 56.34
N ARG E 707 39.86 -63.67 56.06
CA ARG E 707 39.64 -64.65 57.08
C ARG E 707 39.92 -65.99 56.48
N ALA E 708 40.87 -66.62 56.63
CA ALA E 708 41.27 -67.83 55.99
C ALA E 708 41.36 -69.03 56.93
N SER E 709 40.98 -70.21 56.41
CA SER E 709 41.00 -71.46 57.13
C SER E 709 42.38 -72.05 57.31
N PHE E 710 42.56 -72.91 58.32
CA PHE E 710 43.85 -73.54 58.61
C PHE E 710 44.42 -74.36 57.48
N HIS E 711 43.56 -75.07 56.70
CA HIS E 711 44.03 -75.83 55.57
C HIS E 711 44.43 -74.93 54.41
N GLU E 712 43.73 -73.80 54.22
CA GLU E 712 44.09 -72.82 53.20
C GLU E 712 45.38 -72.08 53.52
N LEU E 713 45.67 -71.85 54.81
CA LEU E 713 46.90 -71.19 55.22
C LEU E 713 48.07 -72.15 55.27
N TYR E 714 47.83 -73.45 55.10
CA TYR E 714 48.86 -74.46 55.06
C TYR E 714 49.35 -74.59 53.63
N ASN E 715 48.45 -74.51 52.65
CA ASN E 715 48.79 -74.63 51.24
C ASN E 715 49.44 -73.36 50.69
N MET E 716 48.97 -72.17 51.11
CA MET E 716 49.51 -70.91 50.65
C MET E 716 50.87 -70.57 51.23
N TYR E 717 51.22 -71.10 52.42
CA TYR E 717 52.48 -70.77 53.04
C TYR E 717 53.42 -71.93 53.26
N LYS E 718 53.08 -73.16 52.86
CA LYS E 718 54.02 -74.27 52.97
C LYS E 718 55.15 -74.23 51.99
N LYS E 719 55.01 -73.49 50.90
CA LYS E 719 56.03 -73.34 49.92
C LYS E 719 57.20 -72.56 50.38
N TYR E 720 57.02 -71.79 51.45
CA TYR E 720 58.05 -71.03 52.05
C TYR E 720 58.64 -71.77 53.20
N MET E 721 58.26 -73.00 53.42
CA MET E 721 58.75 -73.82 54.47
C MET E 721 59.47 -75.05 53.94
N PRO E 722 60.50 -75.57 54.60
CA PRO E 722 61.18 -76.78 54.16
C PRO E 722 60.35 -78.00 54.32
N ASP E 723 60.66 -79.03 53.59
CA ASP E 723 59.94 -80.26 53.58
C ASP E 723 59.76 -80.95 54.90
N LYS E 724 60.79 -80.98 55.70
CA LYS E 724 60.75 -81.53 57.01
C LYS E 724 59.81 -80.88 57.96
N LEU E 725 59.73 -79.57 57.90
CA LEU E 725 58.87 -78.83 58.74
C LEU E 725 57.46 -78.82 58.27
N ALA E 726 57.23 -79.17 57.05
CA ALA E 726 55.94 -79.21 56.48
C ALA E 726 55.14 -80.47 56.70
N ARG E 727 55.66 -81.40 57.50
CA ARG E 727 54.97 -82.61 57.82
C ARG E 727 53.90 -82.46 58.85
N LEU E 728 53.91 -81.36 59.61
CA LEU E 728 52.95 -81.05 60.62
C LEU E 728 51.54 -80.88 60.08
N ASP E 729 50.50 -81.21 60.87
CA ASP E 729 49.12 -81.06 60.46
C ASP E 729 48.69 -79.59 60.42
N PRO E 730 47.68 -79.15 59.66
CA PRO E 730 47.41 -77.72 59.54
C PRO E 730 46.88 -77.07 60.79
N ARG E 731 46.24 -77.81 61.72
CA ARG E 731 45.81 -77.24 62.98
C ARG E 731 46.98 -76.93 63.91
N LEU E 732 48.09 -77.69 63.79
CA LEU E 732 49.27 -77.45 64.57
C LEU E 732 50.21 -76.47 63.89
N PHE E 733 50.31 -76.52 62.55
CA PHE E 733 51.16 -75.62 61.79
C PHE E 733 50.69 -74.18 61.88
N CYS E 734 49.38 -73.93 61.86
CA CYS E 734 48.85 -72.59 62.01
C CYS E 734 48.90 -72.06 63.44
N LYS E 735 48.99 -72.95 64.45
CA LYS E 735 49.04 -72.53 65.83
C LYS E 735 50.47 -72.41 66.30
N ALA E 736 51.41 -72.98 65.54
CA ALA E 736 52.82 -72.84 65.82
C ALA E 736 53.39 -71.66 65.06
N LEU E 737 52.83 -71.33 63.88
CA LEU E 737 53.28 -70.16 63.14
C LEU E 737 52.71 -68.88 63.74
N PHE E 738 51.51 -68.94 64.34
CA PHE E 738 50.95 -67.80 65.02
C PHE E 738 51.67 -67.53 66.34
N LYS E 739 52.07 -68.58 67.08
CA LYS E 739 52.81 -68.44 68.31
C LYS E 739 54.27 -68.08 68.08
N ALA E 740 54.87 -68.51 66.95
CA ALA E 740 56.23 -68.19 66.62
C ALA E 740 56.43 -66.73 66.26
N LEU E 741 55.49 -66.18 65.47
CA LEU E 741 55.51 -64.78 65.10
C LEU E 741 55.10 -63.90 66.27
N GLY E 742 54.15 -64.37 67.10
CA GLY E 742 53.73 -63.67 68.30
C GLY E 742 52.84 -62.51 68.02
N LEU E 743 52.11 -62.60 66.92
CA LEU E 743 51.20 -61.58 66.45
C LEU E 743 50.15 -61.16 67.44
N ASN E 744 49.76 -59.90 67.45
CA ASN E 744 48.77 -59.36 68.36
C ASN E 744 47.37 -59.81 68.07
N GLU E 745 46.72 -60.43 69.06
CA GLU E 745 45.41 -61.00 68.98
C GLU E 745 44.30 -60.08 68.57
N ILE E 746 44.42 -58.79 68.84
CA ILE E 746 43.44 -57.82 68.45
C ILE E 746 43.53 -57.46 66.98
N ASP E 747 44.66 -57.61 66.33
CA ASP E 747 44.86 -57.37 64.92
C ASP E 747 44.74 -58.68 64.13
N TYR E 748 45.16 -59.79 64.73
CA TYR E 748 45.13 -61.11 64.13
C TYR E 748 44.36 -62.02 65.10
N LYS E 749 43.08 -62.28 64.84
CA LYS E 749 42.27 -63.11 65.72
C LYS E 749 42.34 -64.57 65.32
N PHE E 750 42.76 -65.44 66.25
CA PHE E 750 42.88 -66.87 66.03
C PHE E 750 41.60 -67.57 66.43
N GLY E 751 40.86 -68.11 65.49
CA GLY E 751 39.60 -68.80 65.70
C GLY E 751 39.75 -70.28 65.90
N LEU E 752 38.64 -71.00 65.87
CA LEU E 752 38.59 -72.44 66.02
C LEU E 752 39.16 -73.17 64.82
N THR E 753 38.86 -72.68 63.60
CA THR E 753 39.33 -73.29 62.36
C THR E 753 39.79 -72.27 61.36
N LYS E 754 39.79 -70.98 61.70
CA LYS E 754 40.19 -69.92 60.81
C LYS E 754 41.01 -68.87 61.54
N VAL E 755 41.72 -68.03 60.78
CA VAL E 755 42.44 -66.89 61.30
C VAL E 755 41.79 -65.69 60.67
N PHE E 756 41.36 -64.72 61.49
CA PHE E 756 40.64 -63.54 61.06
C PHE E 756 41.57 -62.35 61.14
N PHE E 757 41.77 -61.65 60.03
CA PHE E 757 42.73 -60.55 59.94
C PHE E 757 42.02 -59.22 59.85
N ARG E 758 42.42 -58.24 60.67
CA ARG E 758 41.91 -56.89 60.62
C ARG E 758 42.37 -56.17 59.35
N PRO E 759 41.78 -55.04 58.93
CA PRO E 759 42.17 -54.33 57.71
C PRO E 759 43.65 -54.04 57.57
N GLY E 760 44.25 -54.41 56.43
CA GLY E 760 45.66 -54.19 56.13
C GLY E 760 46.63 -55.12 56.79
N LYS E 761 46.17 -56.21 57.43
CA LYS E 761 47.07 -57.09 58.15
C LYS E 761 47.26 -58.45 57.49
N PHE E 762 46.46 -58.83 56.49
CA PHE E 762 46.76 -60.03 55.71
C PHE E 762 47.85 -59.74 54.69
N ALA E 763 47.87 -58.49 54.18
CA ALA E 763 48.90 -58.00 53.30
C ALA E 763 50.22 -57.79 54.02
N GLU E 764 50.17 -57.57 55.34
CA GLU E 764 51.35 -57.40 56.16
C GLU E 764 51.90 -58.74 56.58
N PHE E 765 51.02 -59.76 56.76
CA PHE E 765 51.40 -61.13 57.03
C PHE E 765 52.04 -61.80 55.84
N ASP E 766 51.62 -61.44 54.61
CA ASP E 766 52.21 -61.99 53.40
C ASP E 766 53.64 -61.53 53.21
N GLN E 767 53.97 -60.32 53.68
CA GLN E 767 55.33 -59.83 53.65
C GLN E 767 56.19 -60.34 54.81
N ILE E 768 55.60 -60.96 55.85
CA ILE E 768 56.33 -61.62 56.92
C ILE E 768 56.93 -62.91 56.41
N MET E 769 56.12 -63.66 55.64
CA MET E 769 56.50 -64.93 55.06
C MET E 769 57.44 -64.78 53.88
N LYS E 770 57.44 -63.60 53.24
CA LYS E 770 58.30 -63.28 52.13
C LYS E 770 59.44 -62.38 52.58
N SER E 771 59.91 -62.58 53.82
CA SER E 771 61.05 -61.88 54.37
C SER E 771 61.96 -62.65 55.08
N ASP E 772 62.98 -62.69 55.63
CA ASP E 772 63.97 -63.31 56.35
C ASP E 772 63.80 -64.81 56.66
N PRO E 773 64.12 -65.75 55.77
CA PRO E 773 63.96 -67.19 56.00
C PRO E 773 64.69 -67.77 57.19
N ASP E 774 65.89 -67.26 57.53
CA ASP E 774 66.69 -67.74 58.64
C ASP E 774 66.08 -67.36 59.98
N HIS E 775 65.45 -66.17 60.05
CA HIS E 775 64.78 -65.69 61.25
C HIS E 775 63.49 -66.44 61.49
N LEU E 776 62.75 -66.79 60.41
CA LEU E 776 61.53 -67.54 60.53
C LEU E 776 61.80 -68.99 60.89
N ALA E 777 62.90 -69.59 60.40
CA ALA E 777 63.25 -70.93 60.80
C ALA E 777 63.76 -71.00 62.24
N GLU E 778 64.31 -69.90 62.77
CA GLU E 778 64.72 -69.82 64.15
C GLU E 778 63.53 -69.68 65.10
N LEU E 779 62.46 -69.00 64.66
CA LEU E 779 61.26 -68.89 65.45
C LEU E 779 60.43 -70.16 65.45
N VAL E 780 60.52 -70.97 64.39
CA VAL E 780 59.90 -72.29 64.34
C VAL E 780 60.60 -73.25 65.28
N LYS E 781 61.92 -73.09 65.43
CA LYS E 781 62.71 -73.86 66.35
C LYS E 781 62.37 -73.52 67.79
N ARG E 782 62.13 -72.24 68.07
CA ARG E 782 61.76 -71.79 69.39
C ARG E 782 60.37 -72.26 69.80
N VAL E 783 59.38 -72.19 68.91
CA VAL E 783 58.07 -72.72 69.26
C VAL E 783 58.03 -74.24 69.32
N ASN E 784 58.92 -74.94 68.59
CA ASN E 784 59.07 -76.38 68.73
C ASN E 784 59.57 -76.76 70.10
N HIS E 785 60.46 -75.95 70.68
CA HIS E 785 60.96 -76.14 72.01
C HIS E 785 59.89 -75.93 73.05
N TRP E 786 58.96 -75.03 72.78
CA TRP E 786 57.85 -74.79 73.65
C TRP E 786 56.87 -75.94 73.60
N LEU E 787 56.71 -76.58 72.44
CA LEU E 787 55.85 -77.73 72.32
C LEU E 787 56.37 -78.98 73.02
N ILE E 788 57.68 -79.10 73.20
CA ILE E 788 58.33 -80.13 73.97
C ILE E 788 58.15 -79.94 75.45
N CYS E 789 57.87 -78.71 75.86
CA CYS E 789 57.70 -78.38 77.22
C CYS E 789 56.27 -78.39 77.58
N SER E 790 55.43 -78.13 76.62
CA SER E 790 54.03 -78.20 76.77
C SER E 790 53.54 -79.48 76.22
N ARG E 791 54.07 -80.58 76.72
CA ARG E 791 53.72 -81.89 76.34
C ARG E 791 52.87 -82.50 77.35
N TRP E 792 53.18 -82.28 78.56
CA TRP E 792 52.47 -82.81 79.64
C TRP E 792 51.50 -82.01 80.31
N LYS E 793 51.40 -80.73 79.97
CA LYS E 793 50.52 -79.90 80.55
C LYS E 793 49.19 -80.07 80.15
N LYS E 794 48.98 -80.51 79.01
CA LYS E 794 47.76 -80.74 78.53
C LYS E 794 47.20 -82.05 78.95
N VAL E 795 47.97 -83.02 79.30
CA VAL E 795 47.58 -84.32 79.72
C VAL E 795 47.50 -84.36 81.20
N GLN E 796 46.39 -84.70 81.72
CA GLN E 796 46.17 -84.74 83.08
C GLN E 796 46.05 -86.13 83.63
N LYS F 4 -78.00 16.91 -27.67
CA LYS F 4 -78.97 16.82 -26.76
C LYS F 4 -78.54 16.82 -25.35
N PRO F 5 -79.06 17.61 -24.45
CA PRO F 5 -78.65 17.61 -23.10
C PRO F 5 -79.14 16.41 -22.33
N VAL F 6 -78.39 16.00 -21.30
CA VAL F 6 -78.72 14.89 -20.44
C VAL F 6 -78.82 15.40 -19.02
N TRP F 7 -79.10 14.49 -18.07
CA TRP F 7 -79.14 14.81 -16.67
C TRP F 7 -77.87 14.23 -16.09
N ALA F 8 -77.09 15.11 -15.47
CA ALA F 8 -75.82 14.92 -14.84
C ALA F 8 -75.93 14.78 -13.34
N PRO F 9 -75.41 13.76 -12.67
CA PRO F 9 -75.45 13.70 -11.21
C PRO F 9 -74.77 14.90 -10.54
N HIS F 10 -75.49 15.67 -9.73
CA HIS F 10 -74.94 16.80 -9.03
C HIS F 10 -74.97 16.48 -7.55
N PRO F 11 -74.03 16.80 -6.68
CA PRO F 11 -74.14 16.43 -5.28
C PRO F 11 -75.26 17.10 -4.54
N THR F 12 -75.45 18.39 -4.69
CA THR F 12 -76.47 19.14 -4.00
C THR F 12 -77.85 19.01 -4.59
N ASP F 13 -78.00 19.07 -5.91
CA ASP F 13 -79.29 19.00 -6.57
C ASP F 13 -79.70 17.60 -6.94
N GLY F 14 -78.77 16.64 -6.87
CA GLY F 14 -79.00 15.26 -7.25
C GLY F 14 -78.78 15.04 -8.71
N PHE F 15 -79.48 15.81 -9.54
CA PHE F 15 -79.44 15.82 -10.98
C PHE F 15 -79.46 17.23 -11.52
N GLN F 16 -78.52 17.61 -12.41
CA GLN F 16 -78.51 18.94 -13.02
C GLN F 16 -78.34 18.77 -14.52
N VAL F 17 -78.69 19.79 -15.33
CA VAL F 17 -78.63 19.70 -16.79
C VAL F 17 -77.19 19.85 -17.31
N GLY F 18 -76.82 19.09 -18.36
CA GLY F 18 -75.46 19.13 -18.89
C GLY F 18 -75.33 18.31 -20.12
N ASN F 19 -74.42 18.70 -21.04
CA ASN F 19 -74.25 17.99 -22.30
C ASN F 19 -73.09 17.02 -22.19
N ILE F 20 -72.90 16.17 -23.21
CA ILE F 20 -71.82 15.20 -23.30
C ILE F 20 -70.86 15.70 -24.35
N VAL F 21 -69.60 16.01 -23.99
CA VAL F 21 -68.68 16.60 -24.94
C VAL F 21 -67.45 15.75 -25.19
N ASP F 22 -67.30 14.62 -24.47
CA ASP F 22 -66.30 13.63 -24.78
C ASP F 22 -66.90 12.31 -24.35
N ILE F 23 -66.73 11.24 -25.14
CA ILE F 23 -67.35 9.96 -24.84
C ILE F 23 -66.38 8.82 -25.04
N GLY F 24 -66.45 7.81 -24.18
CA GLY F 24 -65.60 6.64 -24.19
C GLY F 24 -65.96 5.80 -23.01
N PRO F 25 -65.59 4.52 -22.94
CA PRO F 25 -65.92 3.65 -21.83
C PRO F 25 -65.52 4.19 -20.50
N ASP F 26 -66.49 4.34 -19.58
CA ASP F 26 -66.34 4.91 -18.26
C ASP F 26 -65.66 6.26 -18.26
N SER F 27 -65.89 7.07 -19.31
CA SER F 27 -65.22 8.33 -19.48
C SER F 27 -66.13 9.35 -20.11
N LEU F 28 -67.39 9.38 -19.67
CA LEU F 28 -68.38 10.31 -20.16
C LEU F 28 -68.13 11.71 -19.60
N THR F 29 -67.47 12.59 -20.38
CA THR F 29 -67.18 13.95 -19.94
C THR F 29 -68.41 14.81 -20.08
N ILE F 30 -68.93 15.29 -18.95
CA ILE F 30 -70.15 16.06 -18.89
C ILE F 30 -69.88 17.51 -18.60
N GLU F 31 -70.22 18.42 -19.53
CA GLU F 31 -70.12 19.85 -19.27
C GLU F 31 -71.47 20.31 -18.71
N PRO F 32 -71.61 20.94 -17.54
CA PRO F 32 -72.89 21.48 -17.09
C PRO F 32 -73.50 22.53 -18.00
N LEU F 33 -74.83 22.68 -17.99
CA LEU F 33 -75.50 23.67 -18.82
C LEU F 33 -75.58 24.95 -18.12
N ASN F 34 -75.11 25.96 -18.76
CA ASN F 34 -75.01 27.28 -18.28
C ASN F 34 -74.11 27.49 -17.13
N GLN F 35 -73.22 26.65 -16.92
CA GLN F 35 -72.21 26.69 -15.96
C GLN F 35 -70.97 26.10 -16.53
N LYS F 36 -70.39 26.64 -17.36
CA LYS F 36 -69.24 26.22 -18.05
C LYS F 36 -68.03 26.12 -17.18
N GLY F 37 -67.32 25.18 -17.26
CA GLY F 37 -66.17 24.95 -16.47
C GLY F 37 -66.06 24.10 -15.54
N LYS F 38 -66.88 23.59 -15.14
CA LYS F 38 -66.87 22.70 -14.27
C LYS F 38 -66.97 21.29 -14.76
N THR F 39 -66.60 21.00 -15.96
CA THR F 39 -66.61 19.76 -16.68
C THR F 39 -66.00 18.60 -15.95
N PHE F 40 -66.83 17.66 -15.48
CA PHE F 40 -66.41 16.48 -14.77
C PHE F 40 -66.62 15.23 -15.61
N LEU F 41 -66.34 14.04 -15.06
CA LEU F 41 -66.57 12.80 -15.78
C LEU F 41 -67.62 11.99 -15.05
N ALA F 42 -68.32 11.09 -15.75
CA ALA F 42 -69.29 10.20 -15.13
C ALA F 42 -69.07 8.76 -15.56
N LEU F 43 -70.11 7.92 -15.34
CA LEU F 43 -70.17 6.53 -15.70
C LEU F 43 -71.48 6.35 -16.44
N ILE F 44 -71.61 5.30 -17.27
CA ILE F 44 -72.82 5.07 -18.06
C ILE F 44 -74.08 4.90 -17.23
N ASN F 45 -73.98 4.25 -16.06
CA ASN F 45 -75.07 4.03 -15.15
C ASN F 45 -75.46 5.24 -14.31
N GLN F 46 -74.76 6.37 -14.42
CA GLN F 46 -75.10 7.55 -13.66
C GLN F 46 -75.66 8.67 -14.51
N VAL F 47 -75.67 8.54 -15.84
CA VAL F 47 -76.16 9.54 -16.76
C VAL F 47 -77.46 9.07 -17.40
N PHE F 48 -78.47 9.95 -17.46
CA PHE F 48 -79.80 9.64 -17.97
C PHE F 48 -80.24 10.68 -18.98
N PRO F 49 -80.87 10.40 -20.11
CA PRO F 49 -81.27 11.42 -21.06
C PRO F 49 -82.40 12.30 -20.55
N ALA F 50 -82.61 13.48 -21.15
CA ALA F 50 -83.59 14.46 -20.70
C ALA F 50 -84.60 14.79 -21.78
N GLU F 51 -85.77 15.33 -21.38
CA GLU F 51 -86.84 15.75 -22.27
C GLU F 51 -86.51 17.03 -23.04
N GLU F 52 -86.98 17.15 -24.27
CA GLU F 52 -86.74 18.28 -25.13
C GLU F 52 -87.36 19.57 -24.64
N ASP F 53 -88.60 19.53 -24.16
CA ASP F 53 -89.30 20.67 -23.66
C ASP F 53 -89.23 20.70 -22.15
N SER F 54 -88.86 21.83 -21.59
CA SER F 54 -88.70 22.02 -20.16
C SER F 54 -89.85 22.73 -19.53
N LYS F 55 -90.80 23.17 -20.29
CA LYS F 55 -91.93 23.84 -19.78
C LYS F 55 -93.09 22.95 -19.52
N LYS F 56 -93.21 21.88 -19.98
CA LYS F 56 -94.24 20.91 -19.81
C LYS F 56 -94.20 20.18 -18.50
N ASP F 57 -95.36 19.75 -18.01
CA ASP F 57 -95.52 19.02 -16.81
C ASP F 57 -96.59 18.00 -16.98
N VAL F 58 -96.65 16.92 -16.99
CA VAL F 58 -97.62 15.88 -17.26
C VAL F 58 -98.21 15.26 -16.02
N GLU F 59 -99.53 15.04 -16.04
CA GLU F 59 -100.29 14.45 -14.95
C GLU F 59 -99.96 13.00 -14.76
N ASP F 60 -99.80 12.27 -15.88
CA ASP F 60 -99.38 10.90 -15.93
C ASP F 60 -97.96 10.90 -16.45
N ASN F 61 -97.08 10.12 -15.82
CA ASN F 61 -95.68 10.11 -16.15
C ASN F 61 -95.35 9.07 -17.20
N CYS F 62 -96.35 8.32 -17.67
CA CYS F 62 -96.18 7.42 -18.79
C CYS F 62 -96.45 8.17 -20.08
N SER F 63 -96.68 9.48 -19.97
CA SER F 63 -96.87 10.42 -21.03
C SER F 63 -95.57 11.15 -21.33
N LEU F 64 -94.45 10.69 -20.76
CA LEU F 64 -93.12 11.21 -21.01
C LEU F 64 -92.49 10.43 -22.14
N MET F 65 -91.55 11.04 -22.85
CA MET F 65 -90.89 10.42 -23.96
C MET F 65 -89.66 9.66 -23.57
N TYR F 66 -88.87 10.18 -22.68
CA TYR F 66 -87.73 9.52 -22.13
C TYR F 66 -87.98 9.29 -20.66
N LEU F 67 -88.51 8.18 -20.28
CA LEU F 67 -88.84 7.83 -18.93
C LEU F 67 -87.65 7.21 -18.20
N ASN F 68 -87.23 7.85 -17.10
CA ASN F 68 -86.13 7.42 -16.27
C ASN F 68 -86.32 8.10 -14.94
N GLU F 69 -85.34 7.99 -14.02
CA GLU F 69 -85.48 8.53 -12.69
C GLU F 69 -85.25 10.03 -12.65
N ALA F 70 -84.33 10.56 -13.48
CA ALA F 70 -84.06 11.98 -13.56
C ALA F 70 -85.18 12.78 -14.24
N THR F 71 -85.90 12.19 -15.21
CA THR F 71 -87.02 12.84 -15.90
C THR F 71 -88.29 12.74 -15.09
N LEU F 72 -88.32 11.84 -14.10
CA LEU F 72 -89.42 11.66 -13.18
C LEU F 72 -89.18 12.59 -12.01
N LEU F 73 -87.92 12.77 -11.57
CA LEU F 73 -87.63 13.73 -10.51
C LEU F 73 -87.75 15.17 -10.99
N HIS F 74 -87.62 15.42 -12.31
CA HIS F 74 -87.83 16.76 -12.84
C HIS F 74 -89.29 17.07 -13.00
N ASN F 75 -90.13 16.07 -13.34
CA ASN F 75 -91.55 16.29 -13.46
C ASN F 75 -92.17 16.57 -12.09
N ILE F 76 -91.69 15.92 -11.02
CA ILE F 76 -92.12 16.20 -9.66
C ILE F 76 -91.57 17.53 -9.16
N LYS F 77 -90.37 17.96 -9.58
CA LYS F 77 -89.81 19.24 -9.19
C LYS F 77 -90.55 20.42 -9.81
N VAL F 78 -91.01 20.25 -11.05
CA VAL F 78 -91.81 21.26 -11.75
C VAL F 78 -93.22 21.31 -11.19
N ARG F 79 -93.82 20.15 -10.85
CA ARG F 79 -95.15 20.15 -10.30
C ARG F 79 -95.16 20.47 -8.82
N TYR F 80 -94.00 20.52 -8.16
CA TYR F 80 -93.89 21.05 -6.81
C TYR F 80 -93.93 22.56 -6.89
N SER F 81 -93.21 23.13 -7.87
CA SER F 81 -93.20 24.56 -8.16
C SER F 81 -94.57 25.08 -8.56
N LYS F 82 -95.34 24.31 -9.35
CA LYS F 82 -96.68 24.68 -9.78
C LYS F 82 -97.78 24.19 -8.85
N ASP F 83 -97.42 23.71 -7.64
CA ASP F 83 -98.31 23.26 -6.59
C ASP F 83 -99.26 22.13 -6.95
N ARG F 84 -98.82 21.11 -7.69
CA ARG F 84 -99.59 19.95 -8.08
C ARG F 84 -98.97 18.73 -7.43
N ILE F 85 -99.17 18.60 -6.14
CA ILE F 85 -98.63 17.56 -5.27
C ILE F 85 -99.11 16.15 -5.56
N TYR F 86 -100.36 15.98 -6.01
CA TYR F 86 -100.93 14.70 -6.35
C TYR F 86 -100.67 14.38 -7.80
N THR F 87 -99.91 13.29 -8.06
CA THR F 87 -99.44 12.99 -9.40
C THR F 87 -99.47 11.50 -9.66
N TYR F 88 -100.21 11.09 -10.71
CA TYR F 88 -100.39 9.71 -11.14
C TYR F 88 -99.16 9.15 -11.83
N VAL F 89 -98.49 8.15 -11.26
CA VAL F 89 -97.43 7.49 -11.98
C VAL F 89 -97.97 6.12 -12.26
N ALA F 90 -98.42 5.85 -13.50
CA ALA F 90 -99.06 4.62 -13.89
C ALA F 90 -100.33 4.36 -13.11
N ASN F 91 -100.38 3.44 -12.23
CA ASN F 91 -101.49 3.09 -11.36
C ASN F 91 -101.14 3.35 -9.90
N ILE F 92 -100.05 4.08 -9.65
CA ILE F 92 -99.57 4.41 -8.33
C ILE F 92 -99.70 5.90 -8.10
N LEU F 93 -100.39 6.31 -7.03
CA LEU F 93 -100.45 7.71 -6.69
C LEU F 93 -99.17 8.15 -6.00
N ILE F 94 -98.54 9.21 -6.51
CA ILE F 94 -97.38 9.79 -5.87
C ILE F 94 -97.89 11.09 -5.32
N ALA F 95 -97.67 11.30 -4.01
CA ALA F 95 -98.12 12.46 -3.31
C ALA F 95 -96.90 13.07 -2.67
N VAL F 96 -96.78 14.40 -2.71
CA VAL F 96 -95.66 15.11 -2.13
C VAL F 96 -96.25 15.91 -1.00
N ASN F 97 -95.62 15.91 0.21
CA ASN F 97 -96.17 16.64 1.33
C ASN F 97 -95.85 18.13 1.22
N PRO F 98 -96.78 19.07 1.19
CA PRO F 98 -96.43 20.47 1.06
C PRO F 98 -96.11 21.09 2.38
N TYR F 99 -96.55 20.48 3.47
CA TYR F 99 -96.41 20.98 4.82
C TYR F 99 -97.10 22.32 5.11
N PHE F 100 -98.05 22.71 4.30
CA PHE F 100 -98.88 23.88 4.50
C PHE F 100 -100.14 23.65 3.74
N ASP F 101 -101.24 24.33 4.07
CA ASP F 101 -102.51 24.15 3.44
C ASP F 101 -102.61 24.84 2.09
N ILE F 102 -102.92 24.13 1.04
CA ILE F 102 -103.09 24.62 -0.31
C ILE F 102 -104.56 24.96 -0.51
N PRO F 103 -104.96 26.10 -1.05
CA PRO F 103 -106.37 26.45 -1.23
C PRO F 103 -107.17 25.56 -2.13
N LYS F 104 -108.44 25.38 -1.78
CA LYS F 104 -109.47 24.66 -2.47
C LYS F 104 -109.31 23.20 -2.87
N ILE F 105 -108.11 22.59 -2.78
CA ILE F 105 -107.95 21.19 -3.12
C ILE F 105 -108.61 20.21 -2.18
N TYR F 106 -108.92 20.62 -0.93
CA TYR F 106 -109.62 19.78 0.02
C TYR F 106 -111.06 20.24 0.17
N SER F 107 -111.52 21.20 -0.65
CA SER F 107 -112.87 21.76 -0.63
C SER F 107 -113.98 20.75 -0.88
N SER F 108 -115.17 20.97 -0.29
CA SER F 108 -116.31 20.10 -0.48
C SER F 108 -116.94 20.30 -1.84
N GLU F 109 -116.68 21.43 -2.51
CA GLU F 109 -117.08 21.63 -3.88
C GLU F 109 -116.22 20.81 -4.84
N THR F 110 -114.95 20.60 -4.45
CA THR F 110 -113.99 19.76 -5.14
C THR F 110 -114.36 18.32 -4.99
N ILE F 111 -114.78 17.91 -3.78
CA ILE F 111 -115.21 16.55 -3.51
C ILE F 111 -116.52 16.22 -4.22
N LYS F 112 -117.46 17.17 -4.32
CA LYS F 112 -118.69 16.99 -5.06
C LYS F 112 -118.51 16.97 -6.56
N SER F 113 -117.47 17.64 -7.06
CA SER F 113 -117.11 17.66 -8.46
C SER F 113 -116.57 16.32 -8.90
N TYR F 114 -115.52 15.83 -8.23
CA TYR F 114 -114.87 14.57 -8.50
C TYR F 114 -115.79 13.35 -8.52
N GLN F 115 -116.81 13.30 -7.65
CA GLN F 115 -117.78 12.23 -7.55
C GLN F 115 -118.28 11.62 -8.85
N GLY F 116 -117.91 10.35 -9.09
CA GLY F 116 -118.35 9.59 -10.24
C GLY F 116 -117.64 9.81 -11.53
N LYS F 117 -116.61 10.65 -11.55
CA LYS F 117 -115.88 10.93 -12.74
C LYS F 117 -114.83 9.93 -13.03
N SER F 118 -114.53 9.69 -14.27
CA SER F 118 -113.56 8.72 -14.71
C SER F 118 -112.13 9.18 -14.59
N LEU F 119 -111.21 8.25 -14.35
CA LEU F 119 -109.79 8.53 -14.22
C LEU F 119 -109.17 9.09 -15.45
N GLY F 120 -108.29 10.05 -15.27
CA GLY F 120 -107.63 10.76 -16.33
C GLY F 120 -108.41 11.88 -16.89
N THR F 121 -109.73 11.88 -16.72
CA THR F 121 -110.64 12.92 -17.14
C THR F 121 -110.57 14.08 -16.21
N MET F 122 -110.33 13.84 -14.99
CA MET F 122 -110.14 14.83 -13.99
C MET F 122 -108.72 14.72 -13.49
N PRO F 123 -108.04 15.78 -13.08
CA PRO F 123 -106.69 15.73 -12.60
C PRO F 123 -106.43 14.83 -11.42
N PRO F 124 -105.26 14.26 -11.18
CA PRO F 124 -104.97 13.40 -10.05
C PRO F 124 -105.19 14.07 -8.72
N HIS F 125 -105.81 13.37 -7.77
CA HIS F 125 -106.12 13.90 -6.47
C HIS F 125 -106.22 12.71 -5.55
N VAL F 126 -106.20 12.93 -4.23
CA VAL F 126 -106.32 11.89 -3.22
C VAL F 126 -107.67 11.20 -3.31
N PHE F 127 -108.71 11.95 -3.67
CA PHE F 127 -110.05 11.43 -3.82
C PHE F 127 -110.29 10.78 -5.17
N ALA F 128 -109.33 10.80 -6.10
CA ALA F 128 -109.49 10.16 -7.39
C ALA F 128 -109.09 8.70 -7.34
N ILE F 129 -108.44 8.31 -6.23
CA ILE F 129 -108.01 6.96 -5.97
C ILE F 129 -109.09 6.31 -5.17
N ALA F 130 -109.71 7.05 -4.23
CA ALA F 130 -110.81 6.53 -3.47
C ALA F 130 -112.10 6.36 -4.27
N ASP F 131 -112.29 7.14 -5.36
CA ASP F 131 -113.44 6.98 -6.23
C ASP F 131 -113.29 5.77 -7.17
N LYS F 132 -112.05 5.47 -7.58
CA LYS F 132 -111.75 4.32 -8.42
C LYS F 132 -111.93 3.02 -7.65
N ALA F 133 -111.59 3.02 -6.36
CA ALA F 133 -111.76 1.87 -5.53
C ALA F 133 -113.09 1.89 -4.81
N PHE F 134 -114.12 2.34 -5.52
CA PHE F 134 -115.50 2.24 -5.09
C PHE F 134 -116.28 1.71 -6.26
N ARG F 135 -115.86 2.03 -7.50
CA ARG F 135 -116.48 1.44 -8.67
C ARG F 135 -116.00 0.03 -8.92
N ASP F 136 -114.87 -0.40 -8.31
CA ASP F 136 -114.46 -1.79 -8.41
C ASP F 136 -115.27 -2.65 -7.44
N MET F 137 -115.99 -2.02 -6.48
CA MET F 137 -116.92 -2.71 -5.61
C MET F 137 -118.18 -3.14 -6.35
N LYS F 138 -118.53 -2.46 -7.46
CA LYS F 138 -119.69 -2.81 -8.25
C LYS F 138 -119.32 -3.62 -9.48
N VAL F 139 -118.10 -3.46 -10.01
CA VAL F 139 -117.61 -4.25 -11.12
C VAL F 139 -117.26 -5.67 -10.71
N LEU F 140 -116.10 -5.90 -10.08
CA LEU F 140 -115.66 -7.22 -9.71
C LEU F 140 -116.10 -7.66 -8.34
N LYS F 141 -116.68 -6.75 -7.53
CA LYS F 141 -117.25 -7.03 -6.23
C LYS F 141 -116.30 -7.64 -5.22
N LEU F 142 -115.16 -6.98 -5.00
CA LEU F 142 -114.13 -7.43 -4.13
C LEU F 142 -113.73 -6.32 -3.19
N SER F 143 -113.49 -6.64 -1.90
CA SER F 143 -113.03 -5.70 -0.89
C SER F 143 -111.69 -5.08 -1.24
N GLN F 144 -111.54 -3.77 -1.07
CA GLN F 144 -110.37 -3.04 -1.52
C GLN F 144 -109.49 -2.56 -0.37
N SER F 145 -108.18 -2.88 -0.40
CA SER F 145 -107.25 -2.42 0.62
C SER F 145 -106.39 -1.25 0.15
N ILE F 146 -106.58 -0.08 0.76
CA ILE F 146 -105.76 1.08 0.57
C ILE F 146 -104.45 0.94 1.32
N ILE F 147 -103.29 0.92 0.64
CA ILE F 147 -102.03 0.77 1.32
C ILE F 147 -101.26 2.05 1.11
N VAL F 148 -101.05 2.82 2.20
CA VAL F 148 -100.34 4.07 2.11
C VAL F 148 -98.92 3.85 2.60
N SER F 149 -97.95 4.05 1.69
CA SER F 149 -96.54 3.89 1.98
C SER F 149 -95.81 5.22 2.03
N GLY F 150 -94.52 5.21 2.40
CA GLY F 150 -93.69 6.41 2.53
C GLY F 150 -93.02 6.45 3.87
N GLU F 151 -91.92 7.20 4.00
CA GLU F 151 -91.19 7.38 5.24
C GLU F 151 -92.02 8.07 6.29
N SER F 152 -91.78 7.85 7.58
CA SER F 152 -92.56 8.45 8.61
C SER F 152 -92.46 9.97 8.68
N GLY F 153 -93.62 10.62 8.83
CA GLY F 153 -93.73 12.06 8.79
C GLY F 153 -94.01 12.56 7.40
N ALA F 154 -94.46 11.69 6.49
CA ALA F 154 -94.71 12.03 5.12
C ALA F 154 -96.16 12.36 4.84
N GLY F 155 -97.07 12.24 5.82
CA GLY F 155 -98.46 12.61 5.63
C GLY F 155 -99.38 11.44 5.42
N LYS F 156 -98.94 10.22 5.76
CA LYS F 156 -99.71 9.01 5.56
C LYS F 156 -100.92 8.89 6.44
N THR F 157 -101.01 9.68 7.51
CA THR F 157 -102.10 9.62 8.46
C THR F 157 -103.01 10.77 8.14
N GLU F 158 -102.47 11.93 7.75
CA GLU F 158 -103.32 13.03 7.32
C GLU F 158 -103.96 12.75 5.97
N ASN F 159 -103.25 12.12 5.00
CA ASN F 159 -103.88 11.72 3.75
C ASN F 159 -104.81 10.54 3.94
N THR F 160 -104.65 9.75 5.02
CA THR F 160 -105.59 8.69 5.38
C THR F 160 -106.87 9.29 5.88
N LYS F 161 -106.84 10.39 6.64
CA LYS F 161 -108.06 11.03 7.10
C LYS F 161 -108.83 11.71 5.96
N PHE F 162 -108.14 12.13 4.87
CA PHE F 162 -108.79 12.65 3.68
C PHE F 162 -109.50 11.56 2.89
N VAL F 163 -108.94 10.35 2.83
CA VAL F 163 -109.54 9.23 2.12
C VAL F 163 -110.80 8.75 2.84
N LEU F 164 -110.78 8.68 4.17
CA LEU F 164 -111.92 8.26 4.96
C LEU F 164 -113.04 9.28 5.00
N ARG F 165 -112.72 10.58 4.82
CA ARG F 165 -113.73 11.61 4.76
C ARG F 165 -114.45 11.59 3.42
N TYR F 166 -113.76 11.20 2.33
CA TYR F 166 -114.38 11.09 1.03
C TYR F 166 -115.31 9.90 0.93
N LEU F 167 -114.96 8.77 1.56
CA LEU F 167 -115.76 7.58 1.53
C LEU F 167 -117.01 7.69 2.36
N THR F 168 -116.99 8.50 3.42
CA THR F 168 -118.17 8.72 4.23
C THR F 168 -118.91 9.95 3.82
N GLU F 169 -118.68 10.46 2.61
CA GLU F 169 -119.38 11.60 2.10
C GLU F 169 -119.83 11.37 0.68
N SER F 170 -118.95 11.01 -0.23
CA SER F 170 -119.28 10.79 -1.63
C SER F 170 -120.22 9.68 -1.90
N TYR F 171 -120.09 8.61 -1.16
CA TYR F 171 -120.96 7.51 -1.26
C TYR F 171 -121.81 7.42 -0.04
N GLY F 172 -122.22 8.30 0.35
CA GLY F 172 -123.08 8.44 1.44
C GLY F 172 -122.81 8.32 2.68
N THR F 173 -123.48 8.58 3.67
CA THR F 173 -123.35 8.49 4.94
C THR F 173 -123.31 7.42 5.57
N GLY F 174 -123.30 7.02 6.06
CA GLY F 174 -123.24 5.98 6.64
C GLY F 174 -123.29 5.89 8.07
N GLN F 175 -122.53 6.53 8.71
CA GLN F 175 -122.43 6.56 10.09
C GLN F 175 -123.07 7.79 10.61
N ASP F 176 -123.63 7.73 11.80
CA ASP F 176 -124.28 8.83 12.45
C ASP F 176 -123.30 9.91 12.82
N ILE F 177 -122.15 9.53 13.33
CA ILE F 177 -121.09 10.43 13.66
C ILE F 177 -119.86 10.04 12.87
N ASP F 178 -119.42 10.85 11.94
CA ASP F 178 -118.25 10.64 11.11
C ASP F 178 -116.98 10.75 11.91
N ASP F 179 -116.95 11.73 12.83
CA ASP F 179 -115.77 12.47 13.19
C ASP F 179 -114.96 11.66 14.19
N ARG F 180 -115.59 10.63 14.77
CA ARG F 180 -115.00 9.68 15.69
C ARG F 180 -113.84 8.96 15.09
N ILE F 181 -113.95 8.56 13.83
CA ILE F 181 -112.88 7.90 13.12
C ILE F 181 -111.70 8.82 12.93
N VAL F 182 -111.93 10.09 12.59
CA VAL F 182 -110.89 11.08 12.42
C VAL F 182 -110.22 11.45 13.72
N GLU F 183 -111.00 11.72 14.76
CA GLU F 183 -110.53 12.10 16.06
C GLU F 183 -109.79 11.07 16.86
N ALA F 184 -110.12 9.79 16.69
CA ALA F 184 -109.49 8.71 17.40
C ALA F 184 -108.04 8.48 17.08
N ASN F 185 -107.58 8.79 15.87
CA ASN F 185 -106.21 8.55 15.50
C ASN F 185 -105.18 9.27 16.37
N PRO F 186 -105.18 10.56 16.70
CA PRO F 186 -104.19 11.11 17.61
C PRO F 186 -104.24 10.53 19.01
N LEU F 187 -105.36 9.92 19.45
CA LEU F 187 -105.44 9.24 20.72
C LEU F 187 -104.56 8.00 20.77
N LEU F 188 -104.63 7.17 19.72
CA LEU F 188 -103.84 5.95 19.68
C LEU F 188 -102.40 6.21 19.29
N GLU F 189 -102.11 7.39 18.73
CA GLU F 189 -100.77 7.80 18.43
C GLU F 189 -100.09 8.39 19.65
N ALA F 190 -100.81 8.67 20.75
CA ALA F 190 -100.19 9.04 22.01
C ALA F 190 -99.45 7.86 22.61
N PHE F 191 -100.09 6.67 22.56
CA PHE F 191 -99.55 5.42 23.04
C PHE F 191 -98.47 4.82 22.16
N GLY F 192 -98.55 4.98 20.83
CA GLY F 192 -97.65 4.32 19.89
C GLY F 192 -96.57 5.14 19.24
N ASN F 193 -96.68 6.48 19.21
CA ASN F 193 -95.63 7.32 18.66
C ASN F 193 -94.43 7.43 19.58
N ALA F 194 -93.25 7.63 18.99
CA ALA F 194 -92.00 7.80 19.70
C ALA F 194 -91.18 8.84 18.97
N LYS F 195 -89.87 8.93 19.28
CA LYS F 195 -88.93 9.83 18.63
C LYS F 195 -87.85 8.99 18.00
N THR F 196 -87.56 9.20 16.71
CA THR F 196 -86.50 8.50 16.00
C THR F 196 -85.54 9.50 15.46
N VAL F 197 -84.37 9.04 14.96
CA VAL F 197 -83.36 9.91 14.40
C VAL F 197 -83.85 10.59 13.13
N ARG F 198 -84.66 9.88 12.32
CA ARG F 198 -85.24 10.42 11.12
C ARG F 198 -86.37 11.40 11.33
N ASN F 199 -87.26 11.15 12.32
CA ASN F 199 -88.36 12.04 12.55
C ASN F 199 -88.73 12.11 14.02
N ASN F 200 -89.06 13.31 14.49
CA ASN F 200 -89.47 13.53 15.85
C ASN F 200 -90.80 12.90 16.18
N ASN F 201 -91.84 13.15 15.38
CA ASN F 201 -93.10 12.47 15.54
C ASN F 201 -93.16 11.26 14.64
N SER F 202 -92.80 10.06 15.10
CA SER F 202 -92.91 8.88 14.28
C SER F 202 -93.75 7.84 14.95
N SER F 203 -94.54 7.07 14.19
CA SER F 203 -95.34 5.97 14.68
C SER F 203 -94.55 4.70 14.72
N ARG F 204 -94.57 3.96 15.83
CA ARG F 204 -93.84 2.71 15.93
C ARG F 204 -94.78 1.51 15.92
N PHE F 205 -95.91 1.66 15.22
CA PHE F 205 -96.92 0.64 15.09
C PHE F 205 -97.57 0.78 13.73
N GLY F 206 -98.14 -0.32 13.22
CA GLY F 206 -98.76 -0.39 11.90
C GLY F 206 -100.24 -0.60 12.01
N LYS F 207 -101.00 0.49 12.11
CA LYS F 207 -102.44 0.42 12.24
C LYS F 207 -103.12 0.05 10.91
N PHE F 208 -104.27 -0.65 11.01
CA PHE F 208 -105.01 -1.08 9.84
C PHE F 208 -106.48 -0.81 10.08
N VAL F 209 -107.02 0.26 9.46
CA VAL F 209 -108.43 0.59 9.57
C VAL F 209 -109.23 -0.35 8.68
N GLU F 210 -110.34 -0.92 9.16
CA GLU F 210 -111.22 -1.77 8.36
C GLU F 210 -112.63 -1.19 8.37
N ILE F 211 -112.97 -0.33 7.38
CA ILE F 211 -114.30 0.27 7.28
C ILE F 211 -115.19 -0.71 6.54
N HIS F 212 -116.21 -1.22 7.24
CA HIS F 212 -117.09 -2.22 6.69
C HIS F 212 -118.29 -1.57 6.00
N PHE F 213 -118.86 -2.27 5.01
CA PHE F 213 -120.02 -1.81 4.28
C PHE F 213 -120.99 -2.99 4.17
N ASN F 214 -121.93 -2.95 3.22
CA ASN F 214 -122.90 -4.00 3.04
C ASN F 214 -123.29 -4.08 1.57
N GLU F 215 -124.17 -5.03 1.19
CA GLU F 215 -124.62 -5.22 -0.18
C GLU F 215 -125.43 -4.08 -0.74
N LYS F 216 -125.99 -3.22 0.11
CA LYS F 216 -126.69 -2.03 -0.29
C LYS F 216 -125.74 -0.90 -0.58
N SER F 217 -124.47 -1.05 -0.30
CA SER F 217 -123.35 -0.16 -0.47
C SER F 217 -123.31 0.98 0.53
N SER F 218 -123.76 0.72 1.75
CA SER F 218 -123.77 1.69 2.83
C SER F 218 -122.86 1.24 3.95
N VAL F 219 -122.25 2.19 4.66
CA VAL F 219 -121.34 1.94 5.77
C VAL F 219 -122.06 1.31 6.95
N VAL F 220 -121.50 0.26 7.57
CA VAL F 220 -122.11 -0.40 8.71
C VAL F 220 -121.31 -0.23 9.98
N GLY F 221 -120.10 0.37 9.92
CA GLY F 221 -119.24 0.62 11.07
C GLY F 221 -117.83 0.27 10.72
N GLY F 222 -116.93 0.22 11.71
CA GLY F 222 -115.52 -0.07 11.41
C GLY F 222 -114.82 -0.81 12.50
N PHE F 223 -113.53 -1.09 12.27
CA PHE F 223 -112.71 -1.82 13.19
C PHE F 223 -111.25 -1.47 12.92
N VAL F 224 -110.52 -0.94 13.91
CA VAL F 224 -109.12 -0.57 13.74
C VAL F 224 -108.30 -1.56 14.56
N SER F 225 -107.23 -2.11 13.97
CA SER F 225 -106.35 -3.02 14.68
C SER F 225 -104.94 -2.46 14.65
N HIS F 226 -103.92 -3.30 14.90
CA HIS F 226 -102.55 -2.85 14.91
C HIS F 226 -101.64 -4.04 14.77
N TYR F 227 -100.53 -3.84 14.05
CA TYR F 227 -99.56 -4.85 13.78
C TYR F 227 -98.22 -4.20 13.97
N LEU F 228 -97.24 -4.96 14.49
CA LEU F 228 -95.90 -4.52 14.82
C LEU F 228 -95.83 -3.51 15.94
N LEU F 229 -95.44 -3.79 17.05
CA LEU F 229 -95.26 -2.90 18.17
C LEU F 229 -93.83 -3.06 18.64
N GLU F 230 -93.07 -1.97 18.79
CA GLU F 230 -91.70 -2.04 19.26
C GLU F 230 -91.65 -2.26 20.76
N LYS F 231 -91.84 -3.51 21.20
CA LYS F 231 -91.84 -3.91 22.58
C LYS F 231 -90.50 -3.69 23.27
N SER F 232 -89.41 -3.82 22.51
CA SER F 232 -88.06 -3.58 22.95
C SER F 232 -87.82 -2.16 23.40
N ARG F 233 -88.49 -1.19 22.77
CA ARG F 233 -88.43 0.22 23.10
C ARG F 233 -88.80 0.53 24.52
N ILE F 234 -89.68 -0.29 25.13
CA ILE F 234 -90.06 -0.13 26.51
C ILE F 234 -88.87 -0.31 27.42
N CYS F 235 -88.07 -1.35 27.18
CA CYS F 235 -86.92 -1.66 27.98
C CYS F 235 -85.68 -0.87 27.69
N VAL F 236 -85.36 -0.62 26.43
CA VAL F 236 -84.16 0.07 26.06
C VAL F 236 -84.40 1.02 24.91
N GLN F 237 -83.82 2.22 24.99
CA GLN F 237 -83.99 3.27 24.01
C GLN F 237 -82.64 3.76 23.54
N GLY F 238 -82.57 4.27 22.32
CA GLY F 238 -81.36 4.85 21.77
C GLY F 238 -81.04 6.17 22.38
N LYS F 239 -79.85 6.70 22.16
CA LYS F 239 -79.41 7.96 22.71
C LYS F 239 -80.18 9.16 22.28
N GLU F 240 -80.57 9.24 21.02
CA GLU F 240 -81.35 10.31 20.48
C GLU F 240 -82.82 9.94 20.38
N GLU F 241 -83.25 8.89 20.99
CA GLU F 241 -84.62 8.43 20.96
C GLU F 241 -85.30 8.53 22.31
N ARG F 242 -86.64 8.65 22.32
CA ARG F 242 -87.41 8.63 23.56
C ARG F 242 -87.99 7.23 23.71
N ASN F 243 -89.00 7.03 24.57
CA ASN F 243 -89.61 5.71 24.68
C ASN F 243 -90.96 5.81 23.98
N TYR F 244 -92.12 5.70 24.65
CA TYR F 244 -93.39 6.02 24.02
C TYR F 244 -93.78 7.40 24.47
N HIS F 245 -94.64 8.08 23.69
CA HIS F 245 -95.00 9.45 24.02
C HIS F 245 -96.11 9.60 25.02
N ILE F 246 -96.63 8.50 25.60
CA ILE F 246 -97.58 8.63 26.68
C ILE F 246 -96.87 8.83 28.02
N PHE F 247 -95.66 8.29 28.22
CA PHE F 247 -94.97 8.47 29.49
C PHE F 247 -94.48 9.87 29.74
N TYR F 248 -94.19 10.64 28.68
CA TYR F 248 -93.78 12.04 28.81
C TYR F 248 -94.97 12.96 28.90
N ARG F 249 -96.18 12.45 28.65
CA ARG F 249 -97.42 13.20 28.72
C ARG F 249 -98.07 12.94 30.05
N LEU F 250 -97.61 11.91 30.76
CA LEU F 250 -98.08 11.57 32.07
C LEU F 250 -97.16 12.26 33.07
N CYS F 251 -95.84 12.31 32.85
CA CYS F 251 -95.00 13.01 33.81
C CYS F 251 -94.93 14.51 33.57
N ALA F 252 -95.23 15.02 32.36
CA ALA F 252 -95.30 16.46 32.15
C ALA F 252 -96.72 17.01 32.15
N GLY F 253 -97.73 16.19 32.02
CA GLY F 253 -99.12 16.60 31.97
C GLY F 253 -99.87 16.50 33.25
N ALA F 254 -100.11 15.33 33.78
CA ALA F 254 -100.90 15.04 34.96
C ALA F 254 -100.64 15.89 36.20
N SER F 255 -101.72 16.27 36.92
CA SER F 255 -101.69 17.09 38.12
C SER F 255 -100.88 16.57 39.29
N GLU F 256 -100.80 17.34 40.39
CA GLU F 256 -100.03 17.00 41.56
C GLU F 256 -100.88 16.22 42.54
N ASP F 257 -102.19 16.13 42.29
CA ASP F 257 -103.11 15.30 43.03
C ASP F 257 -103.40 14.02 42.26
N ILE F 258 -102.54 13.75 41.27
CA ILE F 258 -102.52 12.53 40.50
C ILE F 258 -101.12 11.99 40.61
N ARG F 259 -100.08 12.83 40.53
CA ARG F 259 -98.73 12.33 40.64
C ARG F 259 -98.35 11.92 42.05
N GLU F 260 -98.89 12.58 43.09
CA GLU F 260 -98.66 12.16 44.46
C GLU F 260 -99.44 10.90 44.82
N ARG F 261 -100.57 10.63 44.14
CA ARG F 261 -101.36 9.44 44.36
C ARG F 261 -100.81 8.22 43.66
N LEU F 262 -100.00 8.40 42.61
CA LEU F 262 -99.37 7.31 41.89
C LEU F 262 -97.92 7.15 42.28
N HIS F 263 -97.43 7.99 43.22
CA HIS F 263 -96.06 7.99 43.72
C HIS F 263 -95.01 8.20 42.65
N LEU F 264 -95.32 9.04 41.64
CA LEU F 264 -94.46 9.25 40.50
C LEU F 264 -93.45 10.35 40.71
N SER F 265 -92.21 10.07 40.35
CA SER F 265 -91.09 10.95 40.42
C SER F 265 -90.67 11.35 39.02
N SER F 266 -89.49 11.96 38.83
CA SER F 266 -89.00 12.37 37.53
C SER F 266 -88.51 11.20 36.68
N PRO F 267 -88.49 11.27 35.34
CA PRO F 267 -88.14 10.15 34.47
C PRO F 267 -86.79 9.50 34.69
N ASP F 268 -85.78 10.23 35.20
CA ASP F 268 -84.45 9.74 35.41
C ASP F 268 -84.36 8.74 36.56
N ASN F 269 -85.40 8.65 37.39
CA ASN F 269 -85.47 7.69 38.48
C ASN F 269 -85.94 6.33 37.99
N PHE F 270 -86.65 6.25 36.84
CA PHE F 270 -87.17 5.00 36.33
C PHE F 270 -86.25 4.37 35.30
N ARG F 271 -85.86 3.10 35.47
CA ARG F 271 -84.98 2.35 34.58
C ARG F 271 -85.40 2.32 33.12
N TYR F 272 -86.69 2.16 32.86
CA TYR F 272 -87.22 2.13 31.51
C TYR F 272 -87.30 3.51 30.86
N LEU F 273 -87.02 4.59 31.57
CA LEU F 273 -87.02 5.93 31.02
C LEU F 273 -85.67 6.61 31.18
N ASN F 274 -84.70 6.07 31.91
CA ASN F 274 -83.42 6.72 32.09
C ASN F 274 -82.38 6.33 31.08
N ARG F 275 -82.67 5.45 30.19
CA ARG F 275 -81.80 5.13 29.09
C ARG F 275 -82.03 6.04 27.96
N GLY F 276 -82.18 6.48 27.22
CA GLY F 276 -82.42 7.39 26.12
C GLY F 276 -82.65 8.82 26.52
N CYS F 277 -83.44 9.52 25.76
CA CYS F 277 -83.75 10.92 25.94
C CYS F 277 -84.93 11.16 26.86
N THR F 278 -84.75 12.02 27.89
CA THR F 278 -85.77 12.37 28.86
C THR F 278 -86.40 13.73 28.63
N ARG F 279 -85.90 14.49 27.65
CA ARG F 279 -86.39 15.82 27.31
C ARG F 279 -87.82 15.87 26.77
N TYR F 280 -88.57 16.92 27.14
CA TYR F 280 -89.95 17.12 26.70
C TYR F 280 -89.99 17.96 25.43
N PHE F 281 -91.05 17.79 24.62
CA PHE F 281 -91.29 18.60 23.44
C PHE F 281 -92.09 19.81 23.85
N ALA F 282 -91.66 20.91 23.92
CA ALA F 282 -92.33 22.09 24.38
C ALA F 282 -91.92 23.32 23.62
N ASN F 283 -92.73 24.33 23.59
CA ASN F 283 -92.53 25.63 23.00
C ASN F 283 -92.23 26.62 24.11
N LYS F 284 -91.86 27.86 23.80
CA LYS F 284 -91.48 28.85 24.78
C LYS F 284 -92.49 29.11 25.87
N GLU F 285 -93.76 29.26 25.52
CA GLU F 285 -94.82 29.46 26.45
C GLU F 285 -95.06 28.25 27.35
N THR F 286 -95.00 27.03 26.79
CA THR F 286 -95.18 25.79 27.52
C THR F 286 -94.04 25.44 28.45
N ASP F 287 -92.80 25.89 28.16
CA ASP F 287 -91.63 25.69 28.99
C ASP F 287 -91.80 26.29 30.38
N LYS F 288 -92.45 27.44 30.50
CA LYS F 288 -92.74 28.03 31.78
C LYS F 288 -93.96 27.44 32.45
N GLN F 289 -94.84 26.75 31.72
CA GLN F 289 -96.00 26.11 32.25
C GLN F 289 -95.72 24.78 32.92
N ILE F 290 -94.70 24.04 32.48
CA ILE F 290 -94.31 22.78 33.08
C ILE F 290 -93.72 23.01 34.46
N LEU F 291 -94.21 22.28 35.47
CA LEU F 291 -93.77 22.42 36.85
C LEU F 291 -92.31 22.05 37.08
N GLN F 292 -91.64 22.76 38.01
CA GLN F 292 -90.24 22.63 38.32
C GLN F 292 -89.83 21.23 38.78
N ASN F 293 -90.67 20.55 39.56
CA ASN F 293 -90.42 19.19 40.01
C ASN F 293 -90.45 18.15 38.91
N ARG F 294 -91.05 18.45 37.76
CA ARG F 294 -91.11 17.55 36.63
C ARG F 294 -89.89 17.67 35.74
N LYS F 295 -89.11 18.73 35.87
CA LYS F 295 -87.93 18.96 35.07
C LYS F 295 -86.73 18.23 35.63
N SER F 296 -86.19 17.28 34.87
CA SER F 296 -85.04 16.50 35.24
C SER F 296 -83.75 17.28 35.06
N PRO F 297 -82.61 16.92 35.65
CA PRO F 297 -81.36 17.63 35.45
C PRO F 297 -80.91 17.72 34.00
N GLU F 298 -81.21 16.71 33.18
CA GLU F 298 -80.89 16.74 31.76
C GLU F 298 -81.77 17.72 31.01
N TYR F 299 -83.03 17.91 31.45
CA TYR F 299 -83.91 18.90 30.89
C TYR F 299 -83.47 20.29 31.34
N LEU F 300 -83.00 20.43 32.57
CA LEU F 300 -82.46 21.70 33.03
C LEU F 300 -81.21 22.10 32.27
N LYS F 301 -80.30 21.15 32.02
CA LYS F 301 -79.09 21.40 31.26
C LYS F 301 -79.29 21.58 29.77
N ALA F 302 -80.04 20.71 29.10
CA ALA F 302 -80.20 20.75 27.66
C ALA F 302 -81.50 21.32 27.13
N GLY F 303 -82.49 21.61 27.98
CA GLY F 303 -83.76 22.19 27.59
C GLY F 303 -84.66 21.33 26.74
N SER F 304 -85.79 21.91 26.35
CA SER F 304 -86.83 21.28 25.54
C SER F 304 -86.40 20.85 24.14
N LEU F 305 -87.20 20.01 23.51
CA LEU F 305 -87.03 19.57 22.15
C LEU F 305 -88.02 20.33 21.30
N LYS F 306 -87.67 20.80 20.15
CA LYS F 306 -88.50 21.62 19.30
C LYS F 306 -89.10 20.85 18.13
N ASP F 307 -90.39 21.07 17.85
CA ASP F 307 -91.09 20.47 16.73
C ASP F 307 -92.21 21.41 16.30
N PRO F 308 -92.66 21.47 15.05
CA PRO F 308 -93.78 22.33 14.66
C PRO F 308 -95.07 21.89 15.14
N LEU F 309 -95.25 20.59 15.40
CA LEU F 309 -96.49 20.10 15.80
C LEU F 309 -96.57 19.62 17.17
N LEU F 310 -95.64 18.93 17.67
CA LEU F 310 -95.68 18.39 18.96
C LEU F 310 -95.39 19.27 20.15
N ASP F 311 -96.18 19.14 21.21
CA ASP F 311 -96.04 19.76 22.49
C ASP F 311 -96.55 18.71 23.45
N ASP F 312 -95.74 18.24 24.41
CA ASP F 312 -96.15 17.18 25.31
C ASP F 312 -97.25 17.62 26.27
N HIS F 313 -97.17 18.83 26.86
CA HIS F 313 -98.20 19.31 27.75
C HIS F 313 -99.48 19.67 27.01
N GLY F 314 -99.36 20.15 25.76
CA GLY F 314 -100.48 20.46 24.89
C GLY F 314 -101.24 19.25 24.41
N ASP F 315 -100.53 18.18 24.07
CA ASP F 315 -101.11 16.94 23.62
C ASP F 315 -101.70 16.13 24.76
N PHE F 316 -101.44 16.49 26.03
CA PHE F 316 -102.06 15.82 27.16
C PHE F 316 -103.46 16.38 27.37
N ILE F 317 -103.68 17.67 27.06
CA ILE F 317 -105.00 18.27 27.10
C ILE F 317 -105.85 17.71 25.98
N ARG F 318 -105.27 17.51 24.78
CA ARG F 318 -106.02 16.94 23.68
C ARG F 318 -106.11 15.43 23.74
N MET F 319 -105.41 14.80 24.69
CA MET F 319 -105.54 13.39 24.99
C MET F 319 -106.73 13.20 25.90
N CYS F 320 -106.84 13.99 26.98
CA CYS F 320 -107.94 13.85 27.90
C CYS F 320 -109.25 14.35 27.32
N THR F 321 -109.21 15.25 26.31
CA THR F 321 -110.40 15.64 25.57
C THR F 321 -110.87 14.53 24.64
N ALA F 322 -109.93 13.79 24.02
CA ALA F 322 -110.25 12.68 23.15
C ALA F 322 -110.71 11.44 23.90
N MET F 323 -110.40 11.36 25.21
CA MET F 323 -110.84 10.28 26.08
C MET F 323 -112.32 10.44 26.40
N LYS F 324 -112.78 11.66 26.69
CA LYS F 324 -114.20 11.86 26.94
C LYS F 324 -115.01 11.88 25.65
N LYS F 325 -114.37 11.97 24.48
CA LYS F 325 -115.07 11.89 23.21
C LYS F 325 -115.22 10.46 22.71
N ILE F 326 -114.45 9.49 23.26
CA ILE F 326 -114.67 8.08 22.97
C ILE F 326 -115.43 7.42 24.10
N GLY F 327 -115.84 8.21 25.10
CA GLY F 327 -116.63 7.76 26.23
C GLY F 327 -115.88 7.15 27.37
N LEU F 328 -114.58 7.39 27.50
CA LEU F 328 -113.76 6.86 28.58
C LEU F 328 -113.98 7.67 29.85
N ASP F 329 -114.42 7.03 30.94
CA ASP F 329 -114.68 7.67 32.21
C ASP F 329 -113.40 8.12 32.90
N ASP F 330 -113.44 9.22 33.66
CA ASP F 330 -112.26 9.70 34.35
C ASP F 330 -111.78 8.76 35.45
N GLU F 331 -112.70 7.97 36.06
CA GLU F 331 -112.34 6.96 37.03
C GLU F 331 -111.64 5.76 36.41
N GLU F 332 -111.86 5.51 35.10
CA GLU F 332 -111.21 4.44 34.36
C GLU F 332 -109.90 4.94 33.78
N LYS F 333 -109.78 6.26 33.55
CA LYS F 333 -108.54 6.89 33.13
C LYS F 333 -107.52 6.87 34.25
N LEU F 334 -107.97 6.94 35.51
CA LEU F 334 -107.08 6.82 36.64
C LEU F 334 -106.56 5.41 36.83
N ASP F 335 -107.33 4.38 36.44
CA ASP F 335 -106.83 3.01 36.46
C ASP F 335 -105.91 2.75 35.29
N LEU F 336 -106.06 3.49 34.17
CA LEU F 336 -105.14 3.40 33.05
C LEU F 336 -103.79 4.03 33.40
N PHE F 337 -103.81 5.08 34.23
CA PHE F 337 -102.61 5.70 34.73
C PHE F 337 -101.91 4.84 35.79
N ARG F 338 -102.67 4.01 36.54
CA ARG F 338 -102.08 3.10 37.52
C ARG F 338 -101.36 1.93 36.85
N VAL F 339 -101.81 1.50 35.66
CA VAL F 339 -101.16 0.43 34.92
C VAL F 339 -99.89 0.94 34.27
N VAL F 340 -99.88 2.16 33.72
CA VAL F 340 -98.68 2.73 33.11
C VAL F 340 -97.63 3.04 34.16
N ALA F 341 -98.03 3.55 35.34
CA ALA F 341 -97.10 3.79 36.43
C ALA F 341 -96.58 2.50 37.05
N GLY F 342 -97.37 1.41 37.03
CA GLY F 342 -96.93 0.13 37.52
C GLY F 342 -95.87 -0.52 36.67
N VAL F 343 -95.79 -0.18 35.36
CA VAL F 343 -94.72 -0.66 34.51
C VAL F 343 -93.43 0.07 34.82
N LEU F 344 -93.53 1.38 35.16
CA LEU F 344 -92.38 2.17 35.55
C LEU F 344 -91.77 1.73 36.85
N HIS F 345 -92.58 1.33 37.85
CA HIS F 345 -92.00 0.88 39.10
C HIS F 345 -91.73 -0.61 39.10
N LEU F 346 -91.99 -1.31 37.99
CA LEU F 346 -91.58 -2.69 37.80
C LEU F 346 -90.13 -2.73 37.41
N GLY F 347 -89.71 -1.77 36.55
CA GLY F 347 -88.33 -1.65 36.11
C GLY F 347 -87.34 -1.25 37.15
N ASN F 348 -87.82 -0.73 38.29
CA ASN F 348 -86.97 -0.33 39.39
C ASN F 348 -86.68 -1.48 40.34
N ILE F 349 -87.07 -2.71 40.02
CA ILE F 349 -86.76 -3.89 40.81
C ILE F 349 -85.46 -4.51 40.30
N ASP F 350 -84.47 -4.62 41.21
CA ASP F 350 -83.14 -5.12 40.94
C ASP F 350 -82.89 -6.39 41.74
N PHE F 351 -82.32 -7.40 41.08
CA PHE F 351 -82.04 -8.72 41.61
C PHE F 351 -80.61 -8.93 42.06
N GLU F 352 -80.36 -9.99 42.86
CA GLU F 352 -79.02 -10.40 43.22
C GLU F 352 -79.02 -11.90 43.45
N GLU F 353 -77.95 -12.50 43.98
CA GLU F 353 -77.86 -13.93 44.19
C GLU F 353 -77.82 -14.35 45.57
N ALA F 354 -78.36 -15.48 45.95
CA ALA F 354 -78.38 -16.06 47.24
C ALA F 354 -78.66 -17.24 47.48
N GLY F 355 -78.72 -17.44 48.60
CA GLY F 355 -78.99 -18.49 48.94
C GLY F 355 -78.89 -19.68 49.46
N SER F 356 -79.87 -20.07 49.93
CA SER F 356 -79.98 -21.21 50.45
C SER F 356 -80.00 -22.15 49.48
N THR F 357 -80.56 -21.87 48.35
CA THR F 357 -80.58 -22.59 47.29
C THR F 357 -79.33 -22.65 46.75
N SER F 358 -78.59 -21.78 47.07
CA SER F 358 -77.35 -21.64 46.74
C SER F 358 -77.31 -21.20 45.40
N GLY F 359 -77.79 -21.20 44.56
CA GLY F 359 -77.90 -20.77 43.24
C GLY F 359 -78.88 -20.03 42.95
N GLY F 360 -79.52 -19.50 43.64
CA GLY F 360 -80.51 -18.82 43.45
C GLY F 360 -80.65 -17.43 43.25
N CYS F 361 -81.52 -16.74 43.03
CA CYS F 361 -81.82 -15.39 42.83
C CYS F 361 -82.63 -14.78 43.97
N ASN F 362 -82.26 -13.58 44.42
CA ASN F 362 -82.98 -12.84 45.43
C ASN F 362 -83.13 -11.41 44.93
N LEU F 363 -83.52 -10.44 45.78
CA LEU F 363 -83.65 -9.05 45.37
C LEU F 363 -82.65 -8.20 46.13
N LYS F 364 -82.43 -6.95 45.69
CA LYS F 364 -81.56 -6.02 46.37
C LYS F 364 -82.29 -5.23 47.44
N ASN F 365 -81.54 -4.64 48.40
CA ASN F 365 -82.06 -3.87 49.50
C ASN F 365 -82.81 -2.62 49.06
N LYS F 366 -82.37 -1.98 47.97
CA LYS F 366 -83.00 -0.84 47.37
C LYS F 366 -84.32 -1.14 46.67
N SER F 367 -84.65 -2.42 46.49
CA SER F 367 -85.86 -2.86 45.82
C SER F 367 -86.97 -3.22 46.77
N THR F 368 -86.98 -2.71 48.00
CA THR F 368 -88.01 -3.04 48.97
C THR F 368 -89.04 -1.95 49.01
N GLN F 369 -88.61 -0.68 48.94
CA GLN F 369 -89.49 0.46 48.86
C GLN F 369 -90.14 0.52 47.49
N ALA F 370 -89.40 0.12 46.45
CA ALA F 370 -89.91 0.08 45.10
C ALA F 370 -90.89 -1.06 44.91
N LEU F 371 -90.76 -2.17 45.66
CA LEU F 371 -91.67 -3.29 45.56
C LEU F 371 -92.97 -3.00 46.31
N GLU F 372 -92.94 -2.16 47.37
CA GLU F 372 -94.17 -1.79 48.04
C GLU F 372 -95.03 -0.86 47.20
N TYR F 373 -94.43 0.08 46.46
CA TYR F 373 -95.17 0.95 45.57
C TYR F 373 -95.56 0.27 44.25
N CYS F 374 -94.86 -0.80 43.83
CA CYS F 374 -95.19 -1.50 42.61
C CYS F 374 -96.37 -2.45 42.80
N ALA F 375 -96.47 -3.08 43.97
CA ALA F 375 -97.51 -4.03 44.28
C ALA F 375 -98.81 -3.34 44.66
N GLU F 376 -98.74 -2.03 44.99
CA GLU F 376 -99.89 -1.21 45.31
C GLU F 376 -100.59 -0.76 44.04
N LEU F 377 -99.82 -0.53 42.96
CA LEU F 377 -100.36 -0.15 41.66
C LEU F 377 -100.88 -1.36 40.90
N LEU F 378 -100.17 -2.50 40.96
CA LEU F 378 -100.58 -3.72 40.30
C LEU F 378 -101.72 -4.45 41.01
N GLY F 379 -101.82 -4.38 42.34
CA GLY F 379 -102.89 -5.06 43.07
C GLY F 379 -102.58 -6.49 43.41
N LEU F 380 -101.33 -6.74 43.80
CA LEU F 380 -100.81 -8.05 44.12
C LEU F 380 -100.17 -8.01 45.49
N ASP F 381 -99.93 -9.17 46.11
CA ASP F 381 -99.22 -9.25 47.37
C ASP F 381 -97.72 -9.20 47.10
N GLN F 382 -96.92 -8.62 48.03
CA GLN F 382 -95.50 -8.43 47.80
C GLN F 382 -94.71 -9.73 47.89
N ASP F 383 -95.06 -10.60 48.84
CA ASP F 383 -94.39 -11.88 49.01
C ASP F 383 -94.68 -12.83 47.87
N ASP F 384 -95.92 -12.85 47.34
CA ASP F 384 -96.29 -13.71 46.23
C ASP F 384 -95.79 -13.20 44.88
N LEU F 385 -95.31 -11.95 44.80
CA LEU F 385 -94.76 -11.43 43.57
C LEU F 385 -93.24 -11.58 43.62
N ARG F 386 -92.65 -11.60 44.82
CA ARG F 386 -91.23 -11.79 44.95
C ARG F 386 -90.79 -13.22 44.68
N VAL F 387 -91.61 -14.23 45.03
CA VAL F 387 -91.30 -15.60 44.66
C VAL F 387 -91.98 -16.00 43.36
N SER F 388 -92.31 -15.03 42.50
CA SER F 388 -92.84 -15.34 41.18
C SER F 388 -91.95 -14.73 40.15
N LEU F 389 -91.26 -13.63 40.48
CA LEU F 389 -90.24 -13.08 39.62
C LEU F 389 -88.94 -13.88 39.73
N THR F 390 -88.72 -14.58 40.86
CA THR F 390 -87.46 -15.30 41.08
C THR F 390 -87.55 -16.81 41.01
N THR F 391 -88.69 -17.45 40.71
CA THR F 391 -88.76 -18.91 40.67
C THR F 391 -89.40 -19.46 39.42
N ARG F 392 -89.11 -20.74 39.13
CA ARG F 392 -89.70 -21.52 38.07
C ARG F 392 -90.60 -22.55 38.72
N VAL F 393 -91.91 -22.27 38.73
CA VAL F 393 -92.92 -23.15 39.31
C VAL F 393 -93.17 -24.36 38.42
N MET F 394 -93.18 -25.57 38.98
CA MET F 394 -93.47 -26.76 38.21
C MET F 394 -94.22 -27.71 39.11
N LEU F 395 -94.78 -28.80 38.56
CA LEU F 395 -95.54 -29.73 39.37
C LEU F 395 -95.12 -31.15 39.16
N THR F 396 -95.52 -32.03 40.10
CA THR F 396 -95.24 -33.46 40.06
C THR F 396 -96.53 -34.24 40.10
N THR F 397 -97.68 -33.54 40.06
CA THR F 397 -99.01 -34.11 40.07
C THR F 397 -99.34 -34.94 38.85
N THR F 404 -97.20 -32.79 44.03
CA THR F 404 -97.38 -31.44 44.54
C THR F 404 -96.87 -30.44 43.53
N VAL F 405 -96.85 -29.14 43.88
CA VAL F 405 -96.41 -28.06 43.01
C VAL F 405 -95.23 -27.39 43.67
N ILE F 406 -94.02 -27.62 43.14
CA ILE F 406 -92.79 -27.10 43.68
C ILE F 406 -92.38 -25.79 43.03
N LYS F 407 -91.33 -25.15 43.55
CA LYS F 407 -90.79 -23.90 43.05
C LYS F 407 -89.29 -24.04 42.97
N VAL F 408 -88.68 -23.63 41.85
CA VAL F 408 -87.28 -23.81 41.57
C VAL F 408 -86.65 -22.46 41.24
N PRO F 409 -85.82 -21.84 42.05
CA PRO F 409 -85.28 -20.51 41.77
C PRO F 409 -84.56 -20.34 40.45
N LEU F 410 -84.78 -19.20 39.79
CA LEU F 410 -84.21 -18.87 38.49
C LEU F 410 -82.84 -18.27 38.62
N LYS F 411 -82.13 -18.14 37.48
CA LYS F 411 -80.84 -17.48 37.42
C LYS F 411 -81.04 -15.97 37.42
N VAL F 412 -79.97 -15.19 37.59
CA VAL F 412 -80.06 -13.74 37.71
C VAL F 412 -80.31 -13.08 36.37
N GLU F 413 -79.68 -13.58 35.30
CA GLU F 413 -79.91 -13.07 33.97
C GLU F 413 -81.31 -13.45 33.49
N GLN F 414 -81.82 -14.61 33.90
CA GLN F 414 -83.17 -14.99 33.54
C GLN F 414 -84.21 -14.29 34.38
N ALA F 415 -83.85 -13.75 35.56
CA ALA F 415 -84.71 -12.91 36.36
C ALA F 415 -84.85 -11.51 35.78
N ASN F 416 -83.74 -10.97 35.23
CA ASN F 416 -83.76 -9.67 34.58
C ASN F 416 -84.50 -9.77 33.27
N ASN F 417 -84.41 -10.91 32.57
CA ASN F 417 -85.21 -11.10 31.37
C ASN F 417 -86.67 -11.37 31.68
N ALA F 418 -87.01 -11.95 32.85
CA ALA F 418 -88.39 -12.18 33.22
C ALA F 418 -89.12 -10.92 33.66
N ARG F 419 -88.42 -9.95 34.28
CA ARG F 419 -89.03 -8.71 34.71
C ARG F 419 -89.31 -7.81 33.52
N ASP F 420 -88.41 -7.84 32.54
CA ASP F 420 -88.52 -7.09 31.31
C ASP F 420 -89.57 -7.72 30.40
N ALA F 421 -89.74 -9.05 30.42
CA ALA F 421 -90.77 -9.72 29.65
C ALA F 421 -92.14 -9.53 30.28
N LEU F 422 -92.22 -9.38 31.61
CA LEU F 422 -93.48 -9.12 32.28
C LEU F 422 -93.93 -7.69 32.01
N ALA F 423 -92.99 -6.75 31.85
CA ALA F 423 -93.31 -5.38 31.51
C ALA F 423 -93.82 -5.24 30.07
N LYS F 424 -93.25 -6.02 29.13
CA LYS F 424 -93.68 -6.01 27.75
C LYS F 424 -95.00 -6.73 27.56
N THR F 425 -95.30 -7.69 28.45
CA THR F 425 -96.56 -8.42 28.41
C THR F 425 -97.73 -7.56 28.84
N VAL F 426 -97.55 -6.71 29.86
CA VAL F 426 -98.61 -5.81 30.29
C VAL F 426 -98.90 -4.72 29.27
N TYR F 427 -97.88 -4.17 28.60
CA TYR F 427 -98.09 -3.14 27.60
C TYR F 427 -98.72 -3.69 26.32
N SER F 428 -98.51 -4.99 26.03
CA SER F 428 -99.15 -5.66 24.91
C SER F 428 -100.64 -5.73 25.08
N HIS F 429 -101.12 -6.20 26.24
CA HIS F 429 -102.54 -6.29 26.53
C HIS F 429 -103.16 -4.94 26.82
N LEU F 430 -102.35 -3.93 27.21
CA LEU F 430 -102.84 -2.59 27.39
C LEU F 430 -103.11 -1.90 26.07
N PHE F 431 -102.28 -2.15 25.03
CA PHE F 431 -102.49 -1.58 23.72
C PHE F 431 -103.70 -2.19 23.02
N ASP F 432 -103.94 -3.49 23.23
CA ASP F 432 -105.12 -4.15 22.70
C ASP F 432 -106.39 -3.73 23.44
N HIS F 433 -106.28 -3.29 24.70
CA HIS F 433 -107.44 -2.82 25.45
C HIS F 433 -107.87 -1.44 25.04
N VAL F 434 -106.93 -0.57 24.64
CA VAL F 434 -107.25 0.76 24.17
C VAL F 434 -107.93 0.72 22.82
N VAL F 435 -107.49 -0.13 21.87
CA VAL F 435 -108.16 -0.26 20.59
C VAL F 435 -109.50 -0.95 20.71
N ASN F 436 -109.73 -1.76 21.75
CA ASN F 436 -111.00 -2.41 21.97
C ASN F 436 -112.01 -1.43 22.56
N ARG F 437 -111.54 -0.44 23.35
CA ARG F 437 -112.39 0.61 23.86
C ARG F 437 -112.83 1.55 22.73
N VAL F 438 -111.92 1.85 21.78
CA VAL F 438 -112.19 2.68 20.62
C VAL F 438 -113.05 1.95 19.59
N ASN F 439 -112.79 0.67 19.28
CA ASN F 439 -113.62 -0.11 18.35
C ASN F 439 -115.06 -0.24 18.82
N GLN F 440 -115.30 -0.19 20.14
CA GLN F 440 -116.61 -0.18 20.74
C GLN F 440 -117.38 1.11 20.51
N CYS F 441 -116.75 2.20 20.01
CA CYS F 441 -117.43 3.43 19.71
C CYS F 441 -117.86 3.51 18.27
N PHE F 442 -117.59 2.48 17.46
CA PHE F 442 -118.09 2.37 16.12
C PHE F 442 -118.43 0.94 15.71
N PRO F 443 -119.21 0.19 16.48
CA PRO F 443 -119.51 -1.20 16.19
C PRO F 443 -120.19 -1.46 14.86
N PHE F 444 -120.00 -2.61 14.28
CA PHE F 444 -120.57 -2.99 13.01
C PHE F 444 -121.51 -4.15 13.09
N GLU F 445 -122.46 -4.19 12.22
CA GLU F 445 -123.43 -5.24 12.12
C GLU F 445 -123.44 -5.86 10.87
N THR F 446 -123.92 -6.68 10.24
CA THR F 446 -123.99 -7.38 9.04
C THR F 446 -123.19 -6.85 7.88
N SER F 447 -122.11 -7.32 7.63
CA SER F 447 -121.20 -6.87 6.63
C SER F 447 -120.96 -7.84 5.50
N SER F 448 -120.42 -7.37 4.39
CA SER F 448 -120.11 -8.15 3.21
C SER F 448 -118.89 -7.56 2.55
N TYR F 449 -118.95 -6.31 2.09
CA TYR F 449 -117.84 -5.62 1.49
C TYR F 449 -117.16 -4.74 2.52
N PHE F 450 -115.89 -4.36 2.28
CA PHE F 450 -115.14 -3.57 3.23
C PHE F 450 -113.96 -2.92 2.56
N ILE F 451 -113.55 -1.74 3.08
CA ILE F 451 -112.44 -0.99 2.52
C ILE F 451 -111.44 -0.83 3.64
N GLY F 452 -110.27 -1.48 3.50
CA GLY F 452 -109.21 -1.43 4.49
C GLY F 452 -108.26 -0.30 4.21
N VAL F 453 -107.62 0.29 5.23
CA VAL F 453 -106.62 1.33 5.04
C VAL F 453 -105.40 1.06 5.89
N LEU F 454 -104.30 0.59 5.27
CA LEU F 454 -103.05 0.31 5.95
C LEU F 454 -102.21 1.58 6.15
N ASP F 455 -101.47 1.69 7.27
CA ASP F 455 -100.60 2.82 7.56
C ASP F 455 -99.39 2.26 8.29
N ILE F 456 -98.34 1.95 7.52
CA ILE F 456 -97.12 1.38 8.00
C ILE F 456 -95.95 2.03 7.28
N ALA F 457 -94.85 2.29 8.00
CA ALA F 457 -93.68 2.96 7.49
C ALA F 457 -92.87 2.21 6.48
N GLY F 458 -92.17 2.93 5.62
CA GLY F 458 -91.33 2.35 4.61
C GLY F 458 -89.94 2.17 4.95
N PHE F 459 -89.03 1.72 4.32
CA PHE F 459 -87.65 1.47 4.51
C PHE F 459 -86.93 2.59 5.27
N GLU F 460 -86.91 2.59 6.47
CA GLU F 460 -86.32 3.61 7.29
C GLU F 460 -85.01 3.22 7.80
N TYR F 461 -84.00 3.52 7.34
CA TYR F 461 -82.70 3.18 7.77
C TYR F 461 -81.88 4.24 8.34
N PHE F 462 -81.22 3.96 9.38
CA PHE F 462 -80.45 4.86 10.12
C PHE F 462 -78.98 4.59 9.97
N GLU F 463 -78.14 5.30 10.74
CA GLU F 463 -76.72 5.09 10.78
C GLU F 463 -76.41 3.89 11.66
N HIS F 464 -77.12 3.71 12.74
CA HIS F 464 -77.03 2.57 13.62
C HIS F 464 -78.32 1.79 13.53
N ASN F 465 -78.26 0.54 13.06
CA ASN F 465 -79.43 -0.29 12.85
C ASN F 465 -79.39 -1.52 13.74
N SER F 466 -80.52 -1.89 14.31
CA SER F 466 -80.65 -3.01 15.24
C SER F 466 -81.74 -3.96 14.80
N PHE F 467 -82.38 -4.64 15.76
CA PHE F 467 -83.38 -5.66 15.57
C PHE F 467 -84.68 -5.08 15.05
N GLU F 468 -85.14 -3.95 15.57
CA GLU F 468 -86.37 -3.35 15.14
C GLU F 468 -86.27 -2.76 13.75
N GLN F 469 -85.06 -2.34 13.32
CA GLN F 469 -84.85 -1.89 11.96
C GLN F 469 -84.74 -3.06 11.00
N PHE F 470 -84.50 -4.27 11.53
CA PHE F 470 -84.45 -5.45 10.71
C PHE F 470 -85.86 -5.98 10.58
N CYS F 471 -86.71 -5.82 11.61
CA CYS F 471 -88.11 -6.15 11.48
C CYS F 471 -88.88 -5.22 10.56
N ILE F 472 -88.51 -3.92 10.49
CA ILE F 472 -89.11 -2.99 9.55
C ILE F 472 -88.67 -3.24 8.12
N ASN F 473 -87.40 -3.57 7.89
CA ASN F 473 -86.91 -3.83 6.55
C ASN F 473 -87.34 -5.20 6.06
N TYR F 474 -87.53 -6.17 6.96
CA TYR F 474 -88.06 -7.47 6.61
C TYR F 474 -89.54 -7.36 6.26
N CYS F 475 -90.30 -6.50 6.97
CA CYS F 475 -91.69 -6.28 6.61
C CYS F 475 -91.81 -5.52 5.32
N ASN F 476 -90.87 -4.60 5.02
CA ASN F 476 -90.84 -3.94 3.73
C ASN F 476 -90.45 -4.86 2.60
N GLU F 477 -89.58 -5.87 2.79
CA GLU F 477 -89.26 -6.81 1.73
C GLU F 477 -90.41 -7.75 1.39
N LYS F 478 -91.30 -8.04 2.34
CA LYS F 478 -92.46 -8.88 2.11
C LYS F 478 -93.55 -8.07 1.45
N LEU F 479 -93.70 -6.79 1.82
CA LEU F 479 -94.65 -5.90 1.18
C LEU F 479 -94.19 -5.56 -0.22
N GLN F 480 -92.88 -5.39 -0.46
CA GLN F 480 -92.39 -5.16 -1.81
C GLN F 480 -92.50 -6.40 -2.69
N GLN F 481 -92.46 -7.63 -2.13
CA GLN F 481 -92.74 -8.80 -2.94
C GLN F 481 -94.23 -8.91 -3.26
N PHE F 482 -95.10 -8.33 -2.41
CA PHE F 482 -96.51 -8.18 -2.69
C PHE F 482 -96.73 -7.16 -3.80
N PHE F 483 -95.97 -6.05 -3.79
CA PHE F 483 -96.06 -5.04 -4.82
C PHE F 483 -95.50 -5.55 -6.13
N ASN F 484 -94.56 -6.50 -6.12
CA ASN F 484 -94.06 -7.07 -7.36
C ASN F 484 -95.03 -8.07 -7.96
N GLU F 485 -95.98 -8.64 -7.18
CA GLU F 485 -96.97 -9.52 -7.78
C GLU F 485 -98.33 -8.88 -7.89
N ARG F 486 -98.50 -7.64 -7.45
CA ARG F 486 -99.75 -6.93 -7.64
C ARG F 486 -99.61 -5.73 -8.55
N ILE F 487 -98.40 -5.14 -8.67
CA ILE F 487 -98.19 -4.00 -9.54
C ILE F 487 -97.54 -4.47 -10.81
N LEU F 488 -96.68 -5.50 -10.80
CA LEU F 488 -96.05 -5.94 -12.03
C LEU F 488 -96.72 -7.16 -12.60
N LYS F 489 -97.01 -8.21 -11.81
CA LYS F 489 -97.67 -9.39 -12.35
C LYS F 489 -99.11 -9.17 -12.78
N GLU F 490 -99.95 -8.55 -11.91
CA GLU F 490 -101.33 -8.27 -12.23
C GLU F 490 -101.51 -7.28 -13.36
N GLU F 491 -100.64 -6.28 -13.44
CA GLU F 491 -100.67 -5.31 -14.50
C GLU F 491 -100.38 -5.89 -15.87
N GLN F 492 -99.46 -6.85 -15.99
CA GLN F 492 -99.22 -7.42 -17.29
C GLN F 492 -100.24 -8.47 -17.66
N GLU F 493 -101.05 -8.91 -16.70
CA GLU F 493 -102.22 -9.68 -16.95
C GLU F 493 -103.32 -8.82 -17.55
N LEU F 494 -103.27 -7.52 -17.27
CA LEU F 494 -104.22 -6.54 -17.72
C LEU F 494 -103.89 -6.06 -19.10
N TYR F 495 -102.63 -6.13 -19.49
CA TYR F 495 -102.24 -5.80 -20.84
C TYR F 495 -102.66 -6.91 -21.77
N GLN F 496 -102.77 -8.12 -21.25
CA GLN F 496 -103.28 -9.23 -22.01
C GLN F 496 -104.79 -9.38 -21.88
N LYS F 497 -105.45 -8.49 -21.14
CA LYS F 497 -106.90 -8.48 -21.03
C LYS F 497 -107.50 -7.36 -21.84
N GLU F 498 -106.75 -6.37 -22.15
CA GLU F 498 -107.18 -5.30 -22.95
C GLU F 498 -106.78 -5.45 -24.37
N GLY F 499 -106.38 -6.28 -24.91
CA GLY F 499 -106.04 -6.54 -26.26
C GLY F 499 -104.73 -6.03 -26.67
N LEU F 500 -103.92 -5.55 -25.73
CA LEU F 500 -102.63 -5.02 -26.01
C LEU F 500 -101.62 -6.09 -26.26
N GLY F 501 -101.72 -7.21 -25.54
CA GLY F 501 -100.87 -8.34 -25.70
C GLY F 501 -99.59 -8.24 -24.98
N VAL F 502 -98.72 -7.66 -25.05
CA VAL F 502 -97.42 -7.42 -24.47
C VAL F 502 -96.72 -8.67 -24.01
N ASN F 503 -95.50 -8.92 -24.50
CA ASN F 503 -94.69 -10.03 -24.11
C ASN F 503 -94.23 -9.91 -22.70
N GLU F 504 -94.32 -10.98 -21.96
CA GLU F 504 -94.01 -11.01 -20.57
C GLU F 504 -92.58 -10.74 -20.22
N VAL F 505 -92.34 -9.83 -19.31
CA VAL F 505 -91.04 -9.45 -18.82
C VAL F 505 -90.95 -9.88 -17.40
N HIS F 506 -89.93 -10.66 -17.06
CA HIS F 506 -89.79 -11.18 -15.74
C HIS F 506 -89.08 -10.27 -14.83
N TYR F 507 -89.51 -10.21 -13.63
CA TYR F 507 -88.94 -9.39 -12.63
C TYR F 507 -88.03 -10.08 -11.74
N VAL F 508 -87.16 -9.38 -11.07
CA VAL F 508 -86.24 -9.92 -10.20
C VAL F 508 -86.77 -10.14 -8.85
N ASP F 509 -86.86 -11.31 -8.46
CA ASP F 509 -87.42 -11.71 -7.26
C ASP F 509 -86.65 -11.48 -6.00
N ASN F 510 -87.24 -11.27 -4.87
CA ASN F 510 -86.66 -11.07 -3.57
C ASN F 510 -86.96 -12.22 -2.65
N GLN F 511 -87.37 -13.35 -3.22
CA GLN F 511 -87.70 -14.56 -2.52
C GLN F 511 -86.51 -15.18 -1.86
N ASP F 512 -85.32 -14.91 -2.38
CA ASP F 512 -84.10 -15.37 -1.78
C ASP F 512 -83.78 -14.70 -0.45
N CYS F 513 -84.26 -13.47 -0.23
CA CYS F 513 -84.10 -12.80 1.04
C CYS F 513 -85.07 -13.31 2.09
N ILE F 514 -86.24 -13.75 1.64
CA ILE F 514 -87.26 -14.32 2.49
C ILE F 514 -86.82 -15.66 3.01
N ASP F 515 -86.18 -16.46 2.16
CA ASP F 515 -85.62 -17.73 2.50
C ASP F 515 -84.18 -17.57 2.94
N LEU F 516 -83.93 -16.48 3.65
CA LEU F 516 -82.70 -16.17 4.33
C LEU F 516 -83.14 -15.71 5.71
N ILE F 517 -83.94 -14.65 5.79
CA ILE F 517 -84.44 -14.16 7.06
C ILE F 517 -85.37 -15.12 7.77
N GLU F 518 -86.40 -15.65 7.08
CA GLU F 518 -87.38 -16.53 7.70
C GLU F 518 -87.36 -17.97 7.22
N ALA F 519 -86.31 -18.46 6.54
CA ALA F 519 -86.23 -19.83 6.11
C ALA F 519 -86.33 -20.86 7.23
N ARG F 520 -87.01 -21.99 7.01
CA ARG F 520 -87.17 -23.01 8.02
C ARG F 520 -85.91 -23.77 8.30
N LEU F 521 -85.51 -23.82 9.58
CA LEU F 521 -84.36 -24.48 10.14
C LEU F 521 -83.06 -23.78 9.89
N VAL F 522 -82.85 -23.22 8.70
CA VAL F 522 -81.63 -22.54 8.32
C VAL F 522 -81.74 -21.03 8.27
N GLY F 523 -82.92 -20.45 8.52
CA GLY F 523 -83.09 -18.99 8.51
C GLY F 523 -82.48 -18.28 9.68
N ILE F 524 -82.41 -16.94 9.60
CA ILE F 524 -81.82 -16.12 10.66
C ILE F 524 -82.71 -16.10 11.88
N LEU F 525 -84.03 -16.04 11.72
CA LEU F 525 -84.94 -16.10 12.87
C LEU F 525 -85.05 -17.52 13.44
N ASP F 526 -84.64 -18.54 12.67
CA ASP F 526 -84.61 -19.94 13.07
C ASP F 526 -83.31 -20.29 13.78
N ILE F 527 -82.39 -19.34 13.92
CA ILE F 527 -81.13 -19.50 14.62
C ILE F 527 -81.19 -18.54 15.79
N LEU F 528 -81.83 -17.38 15.66
CA LEU F 528 -82.01 -16.44 16.73
C LEU F 528 -82.95 -16.98 17.80
N ASP F 529 -84.04 -17.65 17.41
CA ASP F 529 -84.92 -18.25 18.38
C ASP F 529 -84.35 -19.53 18.97
N GLU F 530 -83.33 -20.13 18.33
CA GLU F 530 -82.71 -21.31 18.88
C GLU F 530 -81.59 -20.97 19.84
N GLU F 531 -81.00 -19.76 19.70
CA GLU F 531 -79.99 -19.23 20.58
C GLU F 531 -80.55 -18.93 21.95
N ASN F 532 -81.79 -18.42 22.02
CA ASN F 532 -82.39 -18.13 23.29
C ASN F 532 -82.72 -19.40 24.06
N ARG F 533 -83.00 -20.51 23.36
CA ARG F 533 -83.23 -21.78 23.99
C ARG F 533 -81.95 -22.44 24.50
N LEU F 534 -80.79 -22.07 23.96
CA LEU F 534 -79.50 -22.59 24.37
C LEU F 534 -79.06 -22.11 25.75
N PRO F 535 -78.49 -22.92 26.65
CA PRO F 535 -78.00 -22.45 27.92
C PRO F 535 -76.84 -21.52 27.79
N GLN F 536 -76.61 -20.52 28.25
CA GLN F 536 -75.60 -19.50 28.17
C GLN F 536 -75.53 -18.83 26.79
N PRO F 537 -76.57 -18.16 26.28
CA PRO F 537 -76.58 -17.52 24.97
C PRO F 537 -75.44 -16.52 24.74
N SER F 538 -74.98 -16.35 23.50
CA SER F 538 -73.89 -15.44 23.19
C SER F 538 -74.11 -14.73 21.88
N ASP F 539 -73.70 -13.46 21.82
CA ASP F 539 -73.87 -12.62 20.65
C ASP F 539 -72.79 -12.92 19.63
N GLN F 540 -71.62 -13.38 20.10
CA GLN F 540 -70.53 -13.81 19.27
C GLN F 540 -70.85 -15.15 18.65
N HIS F 541 -71.57 -16.02 19.38
CA HIS F 541 -71.99 -17.31 18.87
C HIS F 541 -73.11 -17.18 17.87
N PHE F 542 -74.01 -16.20 18.06
CA PHE F 542 -75.07 -15.95 17.10
C PHE F 542 -74.53 -15.30 15.84
N THR F 543 -73.52 -14.43 15.92
CA THR F 543 -72.99 -13.79 14.73
C THR F 543 -72.20 -14.75 13.88
N SER F 544 -71.42 -15.64 14.51
CA SER F 544 -70.70 -16.67 13.79
C SER F 544 -71.60 -17.74 13.27
N ALA F 545 -72.79 -17.94 13.85
CA ALA F 545 -73.71 -18.94 13.34
C ALA F 545 -74.42 -18.50 12.08
N VAL F 546 -74.48 -17.18 11.79
CA VAL F 546 -75.07 -16.74 10.54
C VAL F 546 -74.11 -17.01 9.41
N HIS F 547 -72.82 -16.68 9.61
CA HIS F 547 -71.82 -16.94 8.61
C HIS F 547 -71.42 -18.40 8.51
N GLN F 548 -71.58 -19.19 9.57
CA GLN F 548 -71.36 -20.61 9.50
C GLN F 548 -72.48 -21.36 8.78
N LYS F 549 -73.73 -20.88 8.90
CA LYS F 549 -74.86 -21.55 8.28
C LYS F 549 -75.08 -21.13 6.85
N HIS F 550 -74.85 -19.85 6.54
CA HIS F 550 -74.98 -19.36 5.20
C HIS F 550 -73.68 -18.83 4.73
N LYS F 551 -72.70 -19.54 4.41
CA LYS F 551 -71.38 -19.19 3.94
C LYS F 551 -71.37 -18.66 2.59
N ASP F 552 -72.23 -19.12 1.75
CA ASP F 552 -72.33 -18.68 0.47
C ASP F 552 -73.53 -18.06 0.03
N HIS F 553 -74.20 -17.24 0.21
CA HIS F 553 -75.36 -16.61 -0.20
C HIS F 553 -75.05 -15.24 -0.66
N PHE F 554 -75.55 -14.85 -1.80
CA PHE F 554 -75.29 -13.61 -2.41
C PHE F 554 -75.88 -12.39 -1.76
N ARG F 555 -76.89 -12.54 -0.99
CA ARG F 555 -77.51 -11.48 -0.25
C ARG F 555 -76.80 -11.15 1.06
N LEU F 556 -75.93 -11.99 1.54
CA LEU F 556 -75.25 -11.83 2.81
C LEU F 556 -73.81 -11.39 2.64
N SER F 557 -73.35 -10.44 3.46
CA SER F 557 -71.97 -9.98 3.44
C SER F 557 -71.48 -9.70 4.84
N ILE F 558 -70.16 -9.70 5.02
CA ILE F 558 -69.48 -9.48 6.27
C ILE F 558 -69.03 -8.05 6.35
N PRO F 559 -68.88 -7.42 7.52
CA PRO F 559 -68.46 -6.05 7.64
C PRO F 559 -67.20 -5.68 6.92
N ARG F 560 -66.21 -6.56 6.83
CA ARG F 560 -64.98 -6.30 6.13
C ARG F 560 -65.11 -6.33 4.64
N LYS F 561 -66.19 -6.88 4.11
CA LYS F 561 -66.45 -6.89 2.70
C LYS F 561 -67.19 -5.67 2.27
N SER F 562 -67.58 -4.80 3.12
CA SER F 562 -68.25 -3.56 2.83
C SER F 562 -67.41 -2.46 2.59
N LYS F 563 -67.75 -1.60 1.71
CA LYS F 563 -67.00 -0.50 1.38
C LYS F 563 -67.24 0.77 2.11
N LEU F 564 -68.36 0.89 2.77
CA LEU F 564 -68.66 2.05 3.54
C LEU F 564 -67.83 2.14 4.76
N ALA F 565 -67.35 3.29 5.02
CA ALA F 565 -66.48 3.56 6.09
C ALA F 565 -66.92 3.23 7.47
N ILE F 566 -68.12 3.47 7.74
CA ILE F 566 -68.67 3.13 9.01
C ILE F 566 -68.64 1.76 9.32
N HIS F 567 -68.79 1.00 8.33
CA HIS F 567 -68.70 -0.33 8.49
C HIS F 567 -67.39 -0.82 8.61
N ARG F 568 -66.46 0.00 8.46
CA ARG F 568 -65.16 -0.36 8.66
C ARG F 568 -64.68 -0.31 10.03
N ASN F 569 -65.43 0.26 10.90
CA ASN F 569 -65.12 0.29 12.25
C ASN F 569 -65.72 -0.85 13.02
N ILE F 570 -66.76 -1.48 12.49
CA ILE F 570 -67.44 -2.61 13.05
C ILE F 570 -66.62 -3.87 12.90
N ARG F 571 -66.50 -4.70 13.94
CA ARG F 571 -65.73 -5.93 13.89
C ARG F 571 -66.57 -7.10 13.43
N ASP F 572 -65.93 -8.20 13.00
CA ASP F 572 -66.57 -9.38 12.47
C ASP F 572 -67.64 -9.98 13.35
N ASP F 573 -67.43 -9.99 14.67
CA ASP F 573 -68.37 -10.50 15.62
C ASP F 573 -69.30 -9.44 16.17
N GLU F 574 -69.38 -8.25 15.53
CA GLU F 574 -70.23 -7.17 15.95
C GLU F 574 -71.37 -6.86 14.99
N GLY F 575 -71.62 -7.68 13.95
CA GLY F 575 -72.69 -7.37 13.00
C GLY F 575 -72.52 -8.00 11.65
N PHE F 576 -73.59 -7.96 10.83
CA PHE F 576 -73.64 -8.61 9.54
C PHE F 576 -74.48 -7.80 8.58
N ILE F 577 -74.17 -7.87 7.27
CA ILE F 577 -74.81 -7.05 6.26
C ILE F 577 -75.70 -7.88 5.37
N ILE F 578 -77.00 -7.53 5.33
CA ILE F 578 -78.00 -8.13 4.48
C ILE F 578 -78.26 -7.17 3.34
N ARG F 579 -78.16 -7.64 2.08
CA ARG F 579 -78.43 -6.80 0.94
C ARG F 579 -79.91 -6.91 0.65
N HIS F 580 -80.62 -5.78 0.63
CA HIS F 580 -82.03 -5.70 0.41
C HIS F 580 -82.31 -5.03 -0.90
N PHE F 581 -83.55 -5.05 -1.37
CA PHE F 581 -83.97 -4.41 -2.58
C PHE F 581 -83.84 -2.91 -2.52
N ALA F 582 -83.91 -2.32 -1.40
CA ALA F 582 -83.74 -0.93 -1.10
C ALA F 582 -82.31 -0.56 -0.74
N GLY F 583 -81.38 -1.45 -0.66
CA GLY F 583 -80.00 -1.19 -0.36
C GLY F 583 -79.41 -2.19 0.60
N ALA F 584 -78.12 -2.06 0.89
CA ALA F 584 -77.40 -2.96 1.77
C ALA F 584 -77.30 -2.35 3.16
N VAL F 585 -77.88 -3.01 4.17
CA VAL F 585 -78.00 -2.48 5.52
C VAL F 585 -77.27 -3.36 6.51
N CYS F 586 -76.35 -2.79 7.30
CA CYS F 586 -75.63 -3.54 8.29
C CYS F 586 -76.39 -3.51 9.59
N TYR F 587 -76.54 -4.68 10.24
CA TYR F 587 -77.27 -4.78 11.48
C TYR F 587 -76.30 -5.25 12.54
N GLU F 588 -76.17 -4.46 13.64
CA GLU F 588 -75.31 -4.83 14.74
C GLU F 588 -75.94 -5.95 15.55
N THR F 589 -75.14 -6.87 16.11
CA THR F 589 -75.68 -8.01 16.83
C THR F 589 -75.77 -7.83 18.33
N THR F 590 -75.33 -6.67 18.86
CA THR F 590 -75.52 -6.37 20.27
C THR F 590 -76.98 -6.34 20.66
N GLN F 591 -77.33 -6.98 21.79
CA GLN F 591 -78.64 -7.16 22.37
C GLN F 591 -79.75 -7.72 21.48
N PHE F 592 -79.41 -8.33 20.33
CA PHE F 592 -80.33 -9.00 19.45
C PHE F 592 -81.05 -10.15 20.13
N VAL F 593 -80.31 -10.99 20.86
CA VAL F 593 -80.83 -12.12 21.61
C VAL F 593 -81.73 -11.67 22.76
N GLU F 594 -81.34 -10.61 23.48
CA GLU F 594 -82.11 -10.03 24.55
C GLU F 594 -83.44 -9.48 24.05
N LYS F 595 -83.43 -8.81 22.88
CA LYS F 595 -84.63 -8.33 22.25
C LYS F 595 -85.54 -9.44 21.74
N ASN F 596 -84.99 -10.61 21.39
CA ASN F 596 -85.77 -11.77 21.00
C ASN F 596 -86.27 -12.56 22.21
N ASN F 597 -86.14 -12.17 23.36
CA ASN F 597 -86.65 -12.83 24.54
C ASN F 597 -87.97 -12.21 24.94
N ASP F 598 -89.04 -13.01 25.01
CA ASP F 598 -90.38 -12.58 25.37
C ASP F 598 -91.03 -13.67 26.15
N ALA F 599 -90.27 -14.48 26.87
CA ALA F 599 -90.69 -15.59 27.65
C ALA F 599 -91.76 -15.31 28.64
N LEU F 600 -92.86 -15.94 28.58
CA LEU F 600 -93.91 -15.78 29.49
C LEU F 600 -93.96 -16.91 30.49
N HIS F 601 -93.41 -16.72 31.64
CA HIS F 601 -93.36 -17.69 32.69
C HIS F 601 -94.72 -18.00 33.25
N MET F 602 -95.00 -19.28 33.46
CA MET F 602 -96.26 -19.75 33.94
C MET F 602 -96.63 -19.24 35.32
N SER F 603 -95.66 -18.99 36.18
CA SER F 603 -95.94 -18.41 37.47
C SER F 603 -96.36 -16.96 37.40
N LEU F 604 -95.91 -16.25 36.39
CA LEU F 604 -96.34 -14.88 36.22
C LEU F 604 -97.67 -14.81 35.53
N GLU F 605 -98.05 -15.87 34.83
CA GLU F 605 -99.35 -15.94 34.24
C GLU F 605 -100.39 -16.22 35.28
N SER F 606 -100.04 -17.03 36.28
CA SER F 606 -100.89 -17.23 37.42
C SER F 606 -100.61 -16.22 38.49
N LEU F 607 -100.52 -14.97 38.09
CA LEU F 607 -100.32 -13.86 38.97
C LEU F 607 -100.92 -12.64 38.37
N ILE F 608 -100.68 -12.40 37.09
CA ILE F 608 -101.28 -11.25 36.43
C ILE F 608 -102.73 -11.48 36.13
N CYS F 609 -103.11 -12.73 35.87
CA CYS F 609 -104.48 -13.12 35.73
C CYS F 609 -105.18 -13.09 37.05
N GLU F 610 -104.49 -13.54 38.10
CA GLU F 610 -105.00 -13.60 39.42
C GLU F 610 -104.94 -12.32 40.23
N SER F 611 -104.76 -11.15 39.61
CA SER F 611 -104.74 -9.86 40.26
C SER F 611 -106.05 -9.52 40.97
N ARG F 612 -105.97 -8.72 42.04
CA ARG F 612 -107.10 -8.32 42.82
C ARG F 612 -107.78 -7.09 42.25
N ASP F 613 -107.21 -6.39 41.29
CA ASP F 613 -107.76 -5.22 40.66
C ASP F 613 -108.67 -5.58 39.49
N LYS F 614 -109.87 -5.00 39.43
CA LYS F 614 -110.86 -5.24 38.40
C LYS F 614 -110.44 -4.80 37.00
N PHE F 615 -109.62 -3.75 36.88
CA PHE F 615 -109.13 -3.27 35.60
C PHE F 615 -108.15 -4.23 34.96
N ILE F 616 -107.23 -4.80 35.75
CA ILE F 616 -106.26 -5.78 35.30
C ILE F 616 -106.95 -7.07 34.87
N ARG F 617 -107.99 -7.47 35.60
CA ARG F 617 -108.82 -8.60 35.24
C ARG F 617 -109.48 -8.40 33.90
N GLU F 618 -109.98 -7.19 33.63
CA GLU F 618 -110.54 -6.83 32.36
C GLU F 618 -109.51 -6.83 31.24
N LEU F 619 -108.27 -6.39 31.51
CA LEU F 619 -107.19 -6.41 30.54
C LEU F 619 -106.83 -7.81 30.06
N PHE F 620 -106.78 -8.76 30.98
CA PHE F 620 -106.45 -10.13 30.68
C PHE F 620 -107.66 -10.99 30.56
N GLU F 621 -108.75 -10.51 30.12
CA GLU F 621 -109.96 -11.19 29.87
C GLU F 621 -110.17 -12.08 28.98
N GLY F 635 -97.19 -28.79 28.86
CA GLY F 635 -96.92 -27.41 29.08
C GLY F 635 -96.07 -26.88 28.05
N LYS F 636 -96.21 -26.32 27.13
CA LYS F 636 -95.51 -25.76 26.05
C LYS F 636 -95.65 -24.46 25.98
N LEU F 637 -94.79 -23.67 25.45
CA LEU F 637 -93.62 -23.80 24.82
C LEU F 637 -92.58 -23.10 25.52
N SER F 638 -91.85 -23.25 26.20
CA SER F 638 -90.83 -22.66 26.97
C SER F 638 -90.60 -21.21 26.87
N PHE F 639 -90.00 -20.75 25.92
CA PHE F 639 -89.74 -19.40 25.73
C PHE F 639 -90.71 -18.70 24.82
N ILE F 640 -91.49 -19.44 24.08
CA ILE F 640 -92.49 -19.00 23.14
C ILE F 640 -91.92 -18.35 21.95
N SER F 641 -91.35 -17.70 21.57
CA SER F 641 -90.73 -17.00 20.47
C SER F 641 -91.17 -15.66 20.17
N VAL F 642 -90.46 -14.72 19.98
CA VAL F 642 -90.76 -13.38 19.72
C VAL F 642 -90.69 -13.09 18.26
N GLY F 643 -89.62 -13.51 17.59
CA GLY F 643 -89.46 -13.33 16.18
C GLY F 643 -90.41 -14.16 15.39
N ASN F 644 -90.87 -15.27 15.94
CA ASN F 644 -91.82 -16.08 15.21
C ASN F 644 -93.22 -15.79 15.69
N LYS F 645 -93.36 -14.99 16.76
CA LYS F 645 -94.62 -14.42 17.15
C LYS F 645 -94.99 -13.34 16.16
N PHE F 646 -94.02 -12.47 15.83
CA PHE F 646 -94.22 -11.44 14.84
C PHE F 646 -94.30 -12.00 13.42
N LYS F 647 -93.62 -13.10 13.11
CA LYS F 647 -93.72 -13.71 11.79
C LYS F 647 -95.10 -14.31 11.57
N THR F 648 -95.75 -14.79 12.64
CA THR F 648 -97.11 -15.27 12.59
C THR F 648 -98.09 -14.15 12.34
N GLN F 649 -97.88 -12.97 12.95
CA GLN F 649 -98.79 -11.86 12.76
C GLN F 649 -98.51 -11.09 11.47
N LEU F 650 -97.32 -11.26 10.87
CA LEU F 650 -97.01 -10.66 9.59
C LEU F 650 -97.57 -11.51 8.47
N ASN F 651 -97.44 -12.84 8.54
CA ASN F 651 -98.01 -13.69 7.52
C ASN F 651 -99.52 -13.75 7.59
N LEU F 652 -100.12 -13.49 8.77
CA LEU F 652 -101.57 -13.34 8.84
C LEU F 652 -102.05 -12.05 8.20
N LEU F 653 -101.24 -10.97 8.21
CA LEU F 653 -101.64 -9.76 7.51
C LEU F 653 -101.39 -9.86 6.02
N LEU F 654 -100.47 -10.75 5.58
CA LEU F 654 -100.24 -11.03 4.18
C LEU F 654 -101.39 -11.77 3.55
N ASP F 655 -102.08 -12.61 4.33
CA ASP F 655 -103.25 -13.32 3.87
C ASP F 655 -104.44 -12.38 3.70
N LYS F 656 -104.47 -11.24 4.41
CA LYS F 656 -105.50 -10.24 4.26
C LYS F 656 -105.21 -9.31 3.10
N LEU F 657 -103.98 -9.30 2.57
CA LEU F 657 -103.59 -8.48 1.43
C LEU F 657 -103.73 -9.27 0.16
N ARG F 658 -103.38 -10.56 0.17
CA ARG F 658 -103.54 -11.42 -0.99
C ARG F 658 -105.01 -11.73 -1.26
N SER F 659 -105.86 -11.67 -0.22
CA SER F 659 -107.29 -11.89 -0.35
C SER F 659 -108.09 -10.63 -0.71
N THR F 660 -107.48 -9.43 -0.72
CA THR F 660 -108.18 -8.19 -1.03
C THR F 660 -107.58 -7.44 -2.20
N GLY F 661 -108.34 -6.48 -2.79
CA GLY F 661 -107.92 -5.65 -3.90
C GLY F 661 -107.12 -4.49 -3.44
N ALA F 662 -105.99 -4.28 -3.65
CA ALA F 662 -105.11 -3.24 -3.17
C ALA F 662 -105.02 -1.98 -4.02
N SER F 663 -104.73 -0.84 -3.38
CA SER F 663 -104.54 0.45 -4.01
C SER F 663 -103.26 1.05 -3.46
N PHE F 664 -102.42 1.60 -4.34
CA PHE F 664 -101.07 2.04 -3.99
C PHE F 664 -100.87 3.55 -4.01
N ILE F 665 -100.67 4.12 -2.82
CA ILE F 665 -100.39 5.51 -2.54
C ILE F 665 -98.99 5.62 -1.95
N ARG F 666 -98.12 6.46 -2.52
CA ARG F 666 -96.76 6.64 -2.04
C ARG F 666 -96.59 8.11 -1.67
N CYS F 667 -96.16 8.38 -0.43
CA CYS F 667 -96.02 9.73 0.10
C CYS F 667 -94.55 10.10 0.27
N ILE F 668 -94.12 11.12 -0.50
CA ILE F 668 -92.78 11.63 -0.62
C ILE F 668 -92.59 12.90 0.22
N LYS F 669 -91.54 12.90 1.06
CA LYS F 669 -91.17 14.01 1.91
C LYS F 669 -90.20 14.92 1.12
N PRO F 670 -90.47 16.19 0.82
CA PRO F 670 -89.57 16.99 -0.02
C PRO F 670 -88.38 17.58 0.71
N ASN F 671 -88.41 17.71 2.04
CA ASN F 671 -87.31 18.31 2.75
C ASN F 671 -87.33 17.86 4.20
N LEU F 672 -86.19 17.96 4.90
CA LEU F 672 -86.05 17.52 6.28
C LEU F 672 -86.49 18.56 7.26
N LYS F 673 -86.59 19.82 6.84
CA LYS F 673 -87.03 20.93 7.65
C LYS F 673 -88.52 20.89 7.92
N MET F 674 -89.27 20.26 7.01
CA MET F 674 -90.70 20.10 7.02
C MET F 674 -91.40 21.41 6.79
N THR F 675 -90.94 22.16 5.78
CA THR F 675 -91.46 23.47 5.43
C THR F 675 -91.85 23.57 3.98
N SER F 676 -92.81 24.45 3.69
CA SER F 676 -93.30 24.71 2.35
C SER F 676 -92.29 25.38 1.42
N HIS F 677 -92.38 25.07 0.12
CA HIS F 677 -91.54 25.60 -0.93
C HIS F 677 -90.05 25.31 -0.78
N HIS F 678 -89.68 24.13 -0.34
CA HIS F 678 -88.30 23.73 -0.18
C HIS F 678 -88.15 22.33 -0.75
N PHE F 679 -87.25 22.16 -1.72
CA PHE F 679 -87.05 20.90 -2.41
C PHE F 679 -85.60 20.58 -2.46
N GLU F 680 -85.15 19.58 -1.76
CA GLU F 680 -83.77 19.22 -1.74
C GLU F 680 -83.30 18.41 -2.89
N GLY F 681 -83.79 17.68 -3.53
CA GLY F 681 -83.47 16.90 -4.70
C GLY F 681 -82.61 15.69 -4.51
N ALA F 682 -81.93 15.53 -3.37
CA ALA F 682 -81.08 14.40 -3.11
C ALA F 682 -81.76 13.39 -2.21
N GLN F 683 -82.50 13.85 -1.21
CA GLN F 683 -83.26 13.01 -0.32
C GLN F 683 -84.50 12.49 -1.00
N ILE F 684 -85.11 13.28 -1.88
CA ILE F 684 -86.27 12.88 -2.64
C ILE F 684 -85.92 11.80 -3.63
N LEU F 685 -84.69 11.84 -4.20
CA LEU F 685 -84.21 10.81 -5.10
C LEU F 685 -84.02 9.50 -4.38
N SER F 686 -83.54 9.53 -3.14
CA SER F 686 -83.39 8.33 -2.32
C SER F 686 -84.72 7.74 -1.94
N GLN F 687 -85.80 8.53 -1.88
CA GLN F 687 -87.12 8.00 -1.63
C GLN F 687 -87.74 7.39 -2.88
N LEU F 688 -87.19 7.65 -4.08
CA LEU F 688 -87.63 7.01 -5.30
C LEU F 688 -86.86 5.71 -5.49
N GLN F 689 -85.65 5.63 -4.93
CA GLN F 689 -84.80 4.47 -4.99
C GLN F 689 -85.05 3.51 -3.85
N CYS F 690 -85.65 3.98 -2.75
CA CYS F 690 -85.99 3.13 -1.63
C CYS F 690 -87.49 3.01 -1.53
N SER F 691 -88.13 2.67 -2.66
CA SER F 691 -89.55 2.43 -2.72
C SER F 691 -89.92 1.67 -3.97
N GLY F 692 -88.94 1.23 -4.77
CA GLY F 692 -89.16 0.45 -5.98
C GLY F 692 -89.62 1.22 -7.16
N MET F 693 -89.73 2.56 -7.07
CA MET F 693 -90.24 3.39 -8.12
C MET F 693 -89.45 3.32 -9.41
N VAL F 694 -88.11 3.34 -9.33
CA VAL F 694 -87.27 3.20 -10.50
C VAL F 694 -87.40 1.84 -11.16
N SER F 695 -87.53 0.77 -10.35
CA SER F 695 -87.65 -0.58 -10.84
C SER F 695 -89.00 -0.89 -11.47
N VAL F 696 -90.11 -0.33 -10.95
CA VAL F 696 -91.40 -0.51 -11.59
C VAL F 696 -91.52 0.26 -12.88
N LEU F 697 -90.73 1.33 -13.04
CA LEU F 697 -90.74 2.16 -14.23
C LEU F 697 -89.59 1.82 -15.13
N ASP F 698 -89.28 0.53 -15.20
CA ASP F 698 -88.33 0.00 -16.13
C ASP F 698 -88.88 -1.30 -16.67
N LEU F 699 -89.56 -2.10 -15.83
CA LEU F 699 -90.29 -3.25 -16.28
C LEU F 699 -91.53 -2.89 -17.08
N MET F 700 -92.25 -1.86 -16.62
CA MET F 700 -93.45 -1.38 -17.23
C MET F 700 -93.25 -0.74 -18.59
N GLN F 701 -92.05 -0.23 -18.88
CA GLN F 701 -91.77 0.39 -20.15
C GLN F 701 -91.94 -0.56 -21.32
N GLY F 702 -91.49 -1.78 -21.25
CA GLY F 702 -91.66 -2.86 -22.23
C GLY F 702 -91.95 -2.54 -23.57
N GLY F 703 -92.75 -3.06 -24.37
CA GLY F 703 -93.15 -2.87 -25.70
C GLY F 703 -93.89 -1.61 -26.05
N PHE F 704 -94.38 -0.87 -25.05
CA PHE F 704 -95.11 0.37 -25.27
C PHE F 704 -94.66 1.39 -24.23
N PRO F 705 -93.46 1.97 -24.27
CA PRO F 705 -92.97 2.87 -23.23
C PRO F 705 -93.78 4.12 -23.03
N SER F 706 -94.35 4.71 -24.00
CA SER F 706 -95.17 5.89 -23.89
C SER F 706 -96.57 5.50 -24.21
N ARG F 707 -97.52 5.91 -23.34
CA ARG F 707 -98.89 5.54 -23.49
C ARG F 707 -99.72 6.67 -22.95
N ALA F 708 -100.28 7.46 -23.55
CA ALA F 708 -100.96 8.64 -23.12
C ALA F 708 -102.45 8.62 -23.39
N SER F 709 -103.23 9.19 -22.43
CA SER F 709 -104.67 9.27 -22.50
C SER F 709 -105.18 10.33 -23.46
N PHE F 710 -106.42 10.19 -23.95
CA PHE F 710 -107.03 11.11 -24.90
C PHE F 710 -107.11 12.55 -24.39
N HIS F 711 -107.38 12.76 -23.10
CA HIS F 711 -107.43 14.10 -22.55
C HIS F 711 -106.03 14.70 -22.42
N GLU F 712 -105.00 13.88 -22.12
CA GLU F 712 -103.63 14.34 -22.08
C GLU F 712 -103.06 14.67 -23.45
N LEU F 713 -103.51 13.98 -24.51
CA LEU F 713 -103.07 14.25 -25.86
C LEU F 713 -103.85 15.40 -26.50
N TYR F 714 -104.90 15.89 -25.81
CA TYR F 714 -105.66 17.02 -26.26
C TYR F 714 -105.02 18.29 -25.74
N ASN F 715 -104.51 18.28 -24.50
CA ASN F 715 -103.87 19.42 -23.90
C ASN F 715 -102.47 19.65 -24.43
N MET F 716 -101.69 18.59 -24.68
CA MET F 716 -100.33 18.70 -25.20
C MET F 716 -100.25 19.09 -26.65
N TYR F 717 -101.29 18.80 -27.46
CA TYR F 717 -101.24 19.11 -28.88
C TYR F 717 -102.29 20.09 -29.36
N LYS F 718 -103.16 20.63 -28.50
CA LYS F 718 -104.10 21.65 -28.93
C LYS F 718 -103.49 22.99 -29.21
N LYS F 719 -102.32 23.26 -28.68
CA LYS F 719 -101.62 24.50 -28.91
C LYS F 719 -101.11 24.64 -30.28
N TYR F 720 -101.01 23.53 -31.02
CA TYR F 720 -100.62 23.52 -32.37
C TYR F 720 -101.79 23.51 -33.27
N MET F 721 -102.98 23.64 -32.75
CA MET F 721 -104.19 23.66 -33.50
C MET F 721 -104.92 24.98 -33.37
N PRO F 722 -105.64 25.47 -34.36
CA PRO F 722 -106.40 26.70 -34.25
C PRO F 722 -107.59 26.57 -33.36
N ASP F 723 -108.08 27.65 -32.85
CA ASP F 723 -109.17 27.71 -31.94
C ASP F 723 -110.44 27.05 -32.40
N LYS F 724 -110.81 27.26 -33.62
CA LYS F 724 -111.95 26.65 -34.20
C LYS F 724 -111.94 25.16 -34.26
N LEU F 725 -110.81 24.59 -34.55
CA LEU F 725 -110.65 23.19 -34.63
C LEU F 725 -110.50 22.55 -33.29
N ALA F 726 -110.19 23.30 -32.31
CA ALA F 726 -110.01 22.81 -30.99
C ALA F 726 -111.25 22.69 -30.15
N ARG F 727 -112.42 22.92 -30.73
CA ARG F 727 -113.67 22.78 -30.05
C ARG F 727 -114.14 21.37 -29.91
N LEU F 728 -113.58 20.45 -30.69
CA LEU F 728 -113.90 19.05 -30.65
C LEU F 728 -113.56 18.37 -29.33
N ASP F 729 -114.32 17.34 -28.92
CA ASP F 729 -114.08 16.62 -27.69
C ASP F 729 -112.82 15.74 -27.78
N PRO F 730 -112.11 15.36 -26.71
CA PRO F 730 -110.85 14.65 -26.86
C PRO F 730 -110.97 13.25 -27.41
N ARG F 731 -112.12 12.57 -27.25
CA ARG F 731 -112.31 11.26 -27.86
C ARG F 731 -112.44 11.32 -29.37
N LEU F 732 -112.95 12.45 -29.90
CA LEU F 732 -113.07 12.64 -31.33
C LEU F 732 -111.83 13.28 -31.90
N PHE F 733 -111.18 14.20 -31.17
CA PHE F 733 -109.96 14.85 -31.62
C PHE F 733 -108.80 13.88 -31.76
N CYS F 734 -108.65 12.92 -30.84
CA CYS F 734 -107.63 11.90 -30.94
C CYS F 734 -107.90 10.84 -31.98
N LYS F 735 -109.17 10.63 -32.38
CA LYS F 735 -109.52 9.63 -33.37
C LYS F 735 -109.57 10.24 -34.74
N ALA F 736 -109.60 11.58 -34.83
CA ALA F 736 -109.53 12.26 -36.09
C ALA F 736 -108.10 12.62 -36.41
N LEU F 737 -107.24 12.84 -35.40
CA LEU F 737 -105.83 13.11 -35.65
C LEU F 737 -105.09 11.83 -35.96
N PHE F 738 -105.53 10.69 -35.40
CA PHE F 738 -104.93 9.40 -35.73
C PHE F 738 -105.32 8.96 -37.13
N LYS F 739 -106.59 9.20 -37.54
CA LYS F 739 -107.04 8.87 -38.88
C LYS F 739 -106.52 9.82 -39.93
N ALA F 740 -106.27 11.09 -39.59
CA ALA F 740 -105.75 12.07 -40.50
C ALA F 740 -104.30 11.81 -40.87
N LEU F 741 -103.48 11.45 -39.87
CA LEU F 741 -102.09 11.09 -40.07
C LEU F 741 -101.96 9.74 -40.72
N GLY F 742 -102.85 8.79 -40.37
CA GLY F 742 -102.88 7.47 -40.96
C GLY F 742 -101.81 6.58 -40.48
N LEU F 743 -101.37 6.79 -39.26
CA LEU F 743 -100.31 6.07 -38.60
C LEU F 743 -100.53 4.58 -38.53
N ASN F 744 -99.47 3.79 -38.63
CA ASN F 744 -99.55 2.34 -38.58
C ASN F 744 -99.88 1.79 -37.23
N GLU F 745 -100.95 1.00 -37.14
CA GLU F 745 -101.48 0.44 -35.95
C GLU F 745 -100.56 -0.43 -35.15
N ILE F 746 -99.58 -1.08 -35.78
CA ILE F 746 -98.61 -1.89 -35.11
C ILE F 746 -97.55 -1.07 -34.42
N ASP F 747 -97.27 0.15 -34.83
CA ASP F 747 -96.33 1.06 -34.21
C ASP F 747 -97.06 2.02 -33.26
N TYR F 748 -98.29 2.40 -33.60
CA TYR F 748 -99.13 3.30 -32.83
C TYR F 748 -100.44 2.58 -32.56
N LYS F 749 -100.63 2.00 -31.38
CA LYS F 749 -101.84 1.27 -31.05
C LYS F 749 -102.88 2.18 -30.43
N PHE F 750 -104.06 2.23 -31.02
CA PHE F 750 -105.16 3.06 -30.56
C PHE F 750 -106.05 2.26 -29.64
N GLY F 751 -106.08 2.59 -28.35
CA GLY F 751 -106.86 1.91 -27.34
C GLY F 751 -108.22 2.51 -27.13
N LEU F 752 -108.90 2.09 -26.07
CA LEU F 752 -110.21 2.59 -25.69
C LEU F 752 -110.18 4.00 -25.18
N THR F 753 -109.17 4.37 -24.38
CA THR F 753 -109.03 5.70 -23.82
C THR F 753 -107.60 6.20 -23.87
N LYS F 754 -106.67 5.43 -24.46
CA LYS F 754 -105.29 5.80 -24.55
C LYS F 754 -104.70 5.45 -25.90
N VAL F 755 -103.56 6.04 -26.23
CA VAL F 755 -102.80 5.71 -27.43
C VAL F 755 -101.48 5.17 -26.92
N PHE F 756 -101.10 3.97 -27.37
CA PHE F 756 -99.91 3.27 -26.92
C PHE F 756 -98.88 3.31 -28.02
N PHE F 757 -97.70 3.86 -27.73
CA PHE F 757 -96.65 4.09 -28.71
C PHE F 757 -95.51 3.11 -28.53
N ARG F 758 -95.07 2.45 -29.61
CA ARG F 758 -93.91 1.58 -29.60
C ARG F 758 -92.61 2.36 -29.40
N PRO F 759 -91.47 1.77 -29.05
CA PRO F 759 -90.23 2.48 -28.84
C PRO F 759 -89.80 3.42 -29.95
N GLY F 760 -89.49 4.69 -29.60
CA GLY F 760 -89.06 5.71 -30.55
C GLY F 760 -90.13 6.34 -31.38
N LYS F 761 -91.43 6.09 -31.10
CA LYS F 761 -92.49 6.61 -31.93
C LYS F 761 -93.31 7.71 -31.29
N PHE F 762 -93.17 7.97 -29.97
CA PHE F 762 -93.79 9.15 -29.39
C PHE F 762 -92.93 10.39 -29.68
N ALA F 763 -91.61 10.19 -29.76
CA ALA F 763 -90.67 11.21 -30.16
C ALA F 763 -90.77 11.55 -31.63
N GLU F 764 -91.26 10.60 -32.45
CA GLU F 764 -91.45 10.80 -33.86
C GLU F 764 -92.80 11.47 -34.12
N PHE F 765 -93.81 11.20 -33.27
CA PHE F 765 -95.09 11.86 -33.30
C PHE F 765 -95.02 13.31 -32.87
N ASP F 766 -94.11 13.65 -31.93
CA ASP F 766 -93.93 15.01 -31.49
C ASP F 766 -93.34 15.89 -32.59
N GLN F 767 -92.51 15.31 -33.49
CA GLN F 767 -92.00 16.02 -34.63
C GLN F 767 -92.97 16.08 -35.80
N ILE F 768 -94.08 15.29 -35.80
CA ILE F 768 -95.14 15.40 -36.78
C ILE F 768 -95.94 16.66 -36.53
N MET F 769 -96.25 16.91 -35.26
CA MET F 769 -97.01 18.06 -34.82
C MET F 769 -96.22 19.34 -34.87
N LYS F 770 -94.89 19.25 -34.83
CA LYS F 770 -93.99 20.37 -34.91
C LYS F 770 -93.37 20.47 -36.30
N SER F 771 -94.15 20.09 -37.33
CA SER F 771 -93.76 20.22 -38.72
C SER F 771 -94.72 20.69 -39.59
N ASP F 772 -94.96 21.04 -40.66
CA ASP F 772 -95.80 21.51 -41.66
C ASP F 772 -97.26 21.84 -41.26
N PRO F 773 -97.59 22.99 -40.69
CA PRO F 773 -98.94 23.35 -40.27
C PRO F 773 -100.01 23.34 -41.36
N ASP F 774 -99.67 23.71 -42.61
CA ASP F 774 -100.60 23.75 -43.72
C ASP F 774 -101.00 22.35 -44.17
N HIS F 775 -100.06 21.39 -44.09
CA HIS F 775 -100.31 20.00 -44.45
C HIS F 775 -101.14 19.32 -43.40
N LEU F 776 -100.94 19.65 -42.11
CA LEU F 776 -101.72 19.09 -41.04
C LEU F 776 -103.13 19.65 -41.03
N ALA F 777 -103.32 20.94 -41.39
CA ALA F 777 -104.65 21.49 -41.49
C ALA F 777 -105.42 20.95 -42.69
N GLU F 778 -104.72 20.53 -43.75
CA GLU F 778 -105.32 19.90 -44.90
C GLU F 778 -105.76 18.47 -44.61
N LEU F 779 -105.03 17.74 -43.76
CA LEU F 779 -105.42 16.41 -43.36
C LEU F 779 -106.56 16.41 -42.36
N VAL F 780 -106.71 17.47 -41.56
CA VAL F 780 -107.84 17.64 -40.68
C VAL F 780 -109.10 17.92 -41.46
N LYS F 781 -108.97 18.63 -42.59
CA LYS F 781 -110.05 18.91 -43.50
C LYS F 781 -110.51 17.64 -44.20
N ARG F 782 -109.57 16.77 -44.56
CA ARG F 782 -109.89 15.52 -45.21
C ARG F 782 -110.58 14.55 -44.27
N VAL F 783 -110.14 14.41 -43.02
CA VAL F 783 -110.86 13.56 -42.09
C VAL F 783 -112.19 14.13 -41.65
N ASN F 784 -112.37 15.46 -41.67
CA ASN F 784 -113.65 16.08 -41.43
C ASN F 784 -114.65 15.73 -42.51
N HIS F 785 -114.19 15.62 -43.75
CA HIS F 785 -115.00 15.18 -44.87
C HIS F 785 -115.42 13.75 -44.75
N TRP F 786 -114.57 12.93 -44.16
CA TRP F 786 -114.90 11.55 -43.92
C TRP F 786 -115.91 11.41 -42.80
N LEU F 787 -115.88 12.31 -41.82
CA LEU F 787 -116.86 12.30 -40.76
C LEU F 787 -118.26 12.73 -41.19
N ILE F 788 -118.35 13.54 -42.23
CA ILE F 788 -119.59 13.92 -42.87
C ILE F 788 -120.20 12.80 -43.67
N CYS F 789 -119.37 11.85 -44.08
CA CYS F 789 -119.80 10.73 -44.86
C CYS F 789 -120.08 9.58 -43.99
N SER F 790 -119.42 9.52 -42.86
CA SER F 790 -119.66 8.53 -41.89
C SER F 790 -120.49 9.08 -40.82
N ARG F 791 -121.66 9.58 -41.18
CA ARG F 791 -122.60 10.14 -40.30
C ARG F 791 -123.70 9.21 -40.10
N TRP F 792 -124.12 8.57 -41.12
CA TRP F 792 -125.17 7.65 -41.06
C TRP F 792 -124.89 6.26 -40.96
N LYS F 793 -123.63 5.87 -41.08
CA LYS F 793 -123.27 4.57 -41.00
C LYS F 793 -123.30 4.01 -39.72
N LYS F 794 -123.10 4.77 -38.76
CA LYS F 794 -123.13 4.36 -37.49
C LYS F 794 -124.50 4.28 -36.93
N VAL F 795 -125.47 4.98 -37.43
CA VAL F 795 -126.83 5.00 -37.00
C VAL F 795 -127.62 4.05 -37.80
N GLN F 796 -128.25 3.14 -37.18
CA GLN F 796 -128.99 2.16 -37.81
C GLN F 796 -130.47 2.33 -37.63
N THR G 7 86.00 21.42 -64.42
CA THR G 7 86.04 22.17 -65.28
C THR G 7 85.52 23.55 -65.13
N THR G 8 84.26 23.79 -65.45
CA THR G 8 83.64 25.08 -65.49
C THR G 8 83.60 25.83 -64.19
N ALA G 9 83.97 27.12 -64.24
CA ALA G 9 83.91 28.03 -63.12
C ALA G 9 82.51 28.32 -62.60
N LEU G 10 82.41 28.62 -61.30
CA LEU G 10 81.13 28.80 -60.64
C LEU G 10 81.08 30.20 -60.06
N VAL G 11 80.07 31.01 -60.46
CA VAL G 11 79.82 32.33 -59.90
C VAL G 11 78.79 32.27 -58.78
N CYS G 12 79.27 32.53 -57.56
CA CYS G 12 78.55 32.50 -56.32
C CYS G 12 78.69 33.87 -55.72
N ASP G 13 77.58 34.60 -55.59
CA ASP G 13 77.60 35.94 -55.11
C ASP G 13 77.10 35.86 -53.69
N ASN G 14 77.97 36.32 -52.78
CA ASN G 14 77.74 36.49 -51.37
C ASN G 14 76.88 37.71 -51.15
N GLY G 15 75.61 37.63 -51.57
CA GLY G 15 74.58 38.53 -51.14
C GLY G 15 74.40 38.58 -49.67
N SER G 16 73.83 39.66 -49.19
CA SER G 16 73.40 39.80 -47.85
C SER G 16 71.94 39.59 -47.74
N GLY G 17 71.26 39.44 -48.88
CA GLY G 17 69.86 39.16 -49.04
C GLY G 17 69.50 37.71 -48.80
N LEU G 18 69.32 36.78 -49.76
CA LEU G 18 69.53 36.71 -51.20
C LEU G 18 70.96 36.42 -51.60
N VAL G 19 71.48 35.26 -51.16
CA VAL G 19 72.70 34.69 -51.73
C VAL G 19 72.35 34.13 -53.11
N LYS G 20 73.21 34.38 -54.12
CA LYS G 20 72.95 34.01 -55.50
C LYS G 20 74.03 33.05 -56.00
N ALA G 21 73.68 31.95 -56.68
CA ALA G 21 74.65 30.99 -57.17
C ALA G 21 74.32 30.43 -58.54
N GLY G 22 75.32 30.30 -59.44
CA GLY G 22 75.06 29.76 -60.77
C GLY G 22 76.34 29.58 -61.54
N PHE G 23 76.44 28.56 -62.42
CA PHE G 23 77.67 28.28 -63.16
C PHE G 23 78.00 29.42 -64.13
N ALA G 24 79.19 29.42 -64.76
CA ALA G 24 79.62 30.49 -65.65
C ALA G 24 78.80 30.62 -66.93
N GLY G 25 77.88 31.55 -66.97
CA GLY G 25 76.94 31.86 -68.03
C GLY G 25 75.98 30.86 -68.43
N ASP G 26 75.07 31.16 -69.33
CA ASP G 26 74.93 32.36 -70.08
C ASP G 26 73.61 32.98 -69.86
N ASP G 27 72.79 32.43 -69.00
CA ASP G 27 71.44 32.79 -68.79
C ASP G 27 71.16 33.28 -67.40
N ALA G 28 70.83 32.88 -66.43
CA ALA G 28 70.39 33.32 -65.14
C ALA G 28 70.94 32.46 -64.00
N PRO G 29 70.97 32.87 -62.74
CA PRO G 29 71.43 32.05 -61.62
C PRO G 29 70.66 30.76 -61.44
N ARG G 30 71.30 29.70 -61.00
CA ARG G 30 70.68 28.42 -60.73
C ARG G 30 70.00 28.37 -59.38
N ALA G 31 70.55 29.05 -58.37
CA ALA G 31 70.04 29.00 -57.02
C ALA G 31 69.99 30.38 -56.41
N VAL G 32 68.83 30.76 -55.83
CA VAL G 32 68.65 32.01 -55.12
C VAL G 32 67.94 31.64 -53.86
N PHE G 33 68.35 32.15 -52.68
CA PHE G 33 67.65 31.77 -51.46
C PHE G 33 67.84 32.82 -50.36
N PRO G 34 66.96 32.94 -49.37
CA PRO G 34 66.92 34.12 -48.50
C PRO G 34 67.87 34.06 -47.33
N SER G 35 68.89 33.21 -47.35
CA SER G 35 70.04 33.14 -46.44
C SER G 35 69.80 32.72 -45.00
N ILE G 36 68.58 32.85 -44.48
CA ILE G 36 68.15 32.46 -43.14
C ILE G 36 68.58 31.07 -42.67
N VAL G 37 69.15 30.99 -41.44
CA VAL G 37 69.30 29.73 -40.72
C VAL G 37 68.39 29.81 -39.49
N GLY G 38 67.70 28.72 -39.13
CA GLY G 38 66.76 28.75 -38.01
C GLY G 38 66.73 27.48 -37.21
N ARG G 39 66.99 27.58 -35.89
CA ARG G 39 66.87 26.45 -34.99
C ARG G 39 65.41 26.33 -34.51
N PRO G 40 64.90 25.16 -34.13
CA PRO G 40 63.48 25.01 -33.78
C PRO G 40 63.14 25.51 -32.39
N ARG G 41 62.29 26.55 -32.30
CA ARG G 41 61.99 27.22 -31.06
C ARG G 41 60.92 26.57 -30.21
N HIS G 42 60.19 25.60 -30.65
CA HIS G 42 59.14 24.94 -29.91
C HIS G 42 59.50 23.49 -29.69
N GLN G 43 58.85 22.81 -28.73
CA GLN G 43 59.06 21.41 -28.45
C GLN G 43 58.24 20.49 -29.26
N GLY G 44 58.87 19.46 -29.77
CA GLY G 44 58.28 18.51 -30.63
C GLY G 44 57.57 17.64 -30.31
N VAL G 45 56.66 17.75 -30.26
CA VAL G 45 55.95 17.03 -29.84
C VAL G 45 55.54 15.82 -30.62
N MET G 46 55.58 15.63 -31.61
CA MET G 46 55.23 14.48 -32.39
C MET G 46 56.24 13.55 -32.51
N VAL G 47 57.40 14.00 -32.25
CA VAL G 47 58.47 13.29 -31.99
C VAL G 47 58.85 12.56 -33.07
N GLY G 48 58.51 12.24 -34.13
CA GLY G 48 58.81 11.68 -35.30
C GLY G 48 59.82 10.79 -35.42
N MET G 49 61.00 11.14 -35.51
CA MET G 49 61.51 12.32 -35.49
C MET G 49 62.00 12.89 -36.76
N GLY G 50 63.25 12.89 -37.00
CA GLY G 50 63.81 13.23 -38.25
C GLY G 50 63.99 14.65 -38.54
N GLN G 51 63.81 15.50 -37.60
CA GLN G 51 63.89 16.90 -37.78
C GLN G 51 65.32 17.39 -37.81
N LYS G 52 65.63 18.41 -38.60
CA LYS G 52 66.96 18.97 -38.73
C LYS G 52 67.32 19.91 -37.58
N ASP G 53 68.60 19.99 -37.21
CA ASP G 53 69.10 20.86 -36.16
C ASP G 53 68.91 22.33 -36.52
N SER G 54 69.17 22.67 -37.79
CA SER G 54 68.88 23.96 -38.34
C SER G 54 68.46 23.83 -39.78
N TYR G 55 67.30 24.39 -40.12
CA TYR G 55 66.79 24.46 -41.47
C TYR G 55 67.34 25.71 -42.12
N VAL G 56 67.91 25.60 -43.32
CA VAL G 56 68.26 26.77 -44.10
C VAL G 56 67.07 27.17 -44.97
N GLY G 57 67.11 28.33 -45.67
CA GLY G 57 66.17 28.65 -46.74
C GLY G 57 66.37 27.75 -47.94
N ASP G 58 65.34 27.41 -48.73
CA ASP G 58 63.96 27.83 -48.70
C ASP G 58 63.13 27.10 -47.65
N GLU G 59 63.52 25.91 -47.18
CA GLU G 59 62.74 25.14 -46.21
C GLU G 59 62.40 25.86 -44.91
N ALA G 60 63.25 26.82 -44.49
CA ALA G 60 62.99 27.68 -43.36
C ALA G 60 62.00 28.81 -43.63
N GLN G 61 61.44 28.89 -44.85
CA GLN G 61 60.43 29.87 -45.21
C GLN G 61 59.14 29.11 -45.45
N SER G 62 59.21 27.78 -45.41
CA SER G 62 58.06 26.89 -45.38
C SER G 62 57.81 26.44 -43.96
N LYS G 63 58.71 26.74 -43.04
CA LYS G 63 58.65 26.35 -41.65
C LYS G 63 58.71 27.55 -40.75
N ARG G 64 58.16 28.70 -41.17
CA ARG G 64 58.01 29.84 -40.29
C ARG G 64 57.15 29.54 -39.08
N GLY G 65 57.51 30.10 -37.92
CA GLY G 65 56.74 29.99 -36.69
C GLY G 65 57.13 28.81 -35.84
N ILE G 66 57.93 27.89 -36.36
CA ILE G 66 58.47 26.80 -35.57
C ILE G 66 59.96 26.97 -35.41
N LEU G 67 60.54 28.02 -36.00
CA LEU G 67 61.95 28.29 -35.93
C LEU G 67 62.18 29.74 -35.55
N THR G 68 63.42 30.12 -35.26
CA THR G 68 63.81 31.51 -35.05
C THR G 68 64.87 31.89 -36.07
N LEU G 69 64.43 32.54 -37.15
CA LEU G 69 65.25 32.91 -38.29
C LEU G 69 66.39 33.86 -37.96
N LYS G 70 67.62 33.52 -38.37
CA LYS G 70 68.80 34.32 -38.17
C LYS G 70 69.55 34.47 -39.47
N TYR G 71 69.57 35.69 -40.05
CA TYR G 71 70.34 35.98 -41.23
C TYR G 71 71.83 35.88 -40.88
N PRO G 72 72.71 35.19 -41.58
CA PRO G 72 74.07 34.95 -41.10
C PRO G 72 75.01 36.09 -41.35
N ILE G 73 74.69 37.03 -42.24
CA ILE G 73 75.52 38.18 -42.51
C ILE G 73 74.79 39.44 -42.13
N GLU G 74 75.29 40.14 -41.10
CA GLU G 74 74.60 41.26 -40.52
C GLU G 74 75.52 42.43 -40.51
N HIS G 75 75.12 43.52 -41.17
CA HIS G 75 75.92 44.68 -41.43
C HIS G 75 77.24 44.38 -42.07
N GLY G 76 77.25 43.37 -42.95
CA GLY G 76 78.41 42.99 -43.71
C GLY G 76 79.37 42.13 -42.94
N ILE G 77 79.07 41.78 -41.70
CA ILE G 77 79.90 40.92 -40.89
C ILE G 77 79.23 39.58 -40.75
N ILE G 78 79.97 38.50 -41.02
CA ILE G 78 79.51 37.15 -40.87
C ILE G 78 79.41 36.80 -39.39
N THR G 79 78.30 36.24 -38.95
CA THR G 79 78.05 35.97 -37.54
C THR G 79 78.99 34.95 -36.92
N ASN G 80 79.24 33.85 -37.62
CA ASN G 80 80.22 32.84 -37.27
C ASN G 80 80.38 31.99 -38.49
N TRP G 81 81.55 31.37 -38.69
CA TRP G 81 81.74 30.55 -39.86
C TRP G 81 81.16 29.15 -39.73
N ASP G 82 80.64 28.78 -38.54
CA ASP G 82 79.92 27.54 -38.33
C ASP G 82 78.61 27.48 -39.09
N ASP G 83 77.87 28.60 -39.13
CA ASP G 83 76.64 28.72 -39.87
C ASP G 83 76.97 29.04 -41.31
N MET G 84 78.00 29.88 -41.58
CA MET G 84 78.44 30.20 -42.92
C MET G 84 78.86 28.97 -43.72
N GLU G 85 79.65 28.06 -43.13
CA GLU G 85 80.04 26.80 -43.76
C GLU G 85 78.84 25.94 -44.10
N LYS G 86 77.77 25.98 -43.26
CA LYS G 86 76.54 25.27 -43.54
C LYS G 86 75.76 25.90 -44.68
N ILE G 87 75.73 27.24 -44.80
CA ILE G 87 75.27 27.96 -46.00
C ILE G 87 75.96 27.46 -47.27
N TRP G 88 77.30 27.46 -47.27
CA TRP G 88 78.12 27.00 -48.39
C TRP G 88 77.82 25.56 -48.75
N HIS G 89 77.94 24.63 -47.78
CA HIS G 89 77.67 23.21 -47.94
C HIS G 89 76.28 22.94 -48.51
N HIS G 90 75.24 23.60 -47.96
CA HIS G 90 73.87 23.55 -48.47
C HIS G 90 73.79 24.00 -49.90
N THR G 91 74.44 25.13 -50.23
CA THR G 91 74.43 25.68 -51.58
C THR G 91 75.07 24.77 -52.60
N PHE G 92 76.33 24.34 -52.38
CA PHE G 92 76.99 23.47 -53.32
C PHE G 92 76.35 22.10 -53.48
N TYR G 93 76.03 21.44 -52.35
CA TYR G 93 75.49 20.10 -52.38
C TYR G 93 74.01 19.99 -52.65
N ASN G 94 73.15 20.74 -51.91
CA ASN G 94 71.74 20.49 -51.92
C ASN G 94 70.96 21.50 -52.74
N GLU G 95 71.66 22.38 -53.47
CA GLU G 95 71.09 23.26 -54.45
C GLU G 95 71.74 22.93 -55.76
N LEU G 96 72.97 23.42 -55.98
CA LEU G 96 73.69 23.30 -57.24
C LEU G 96 74.00 21.88 -57.68
N ARG G 97 74.22 20.95 -56.72
CA ARG G 97 74.56 19.56 -56.94
C ARG G 97 75.94 19.42 -57.56
N VAL G 98 76.95 20.10 -56.97
CA VAL G 98 78.29 20.10 -57.51
C VAL G 98 79.35 19.93 -56.43
N ALA G 99 80.44 19.22 -56.76
CA ALA G 99 81.60 19.08 -55.92
C ALA G 99 82.57 20.25 -56.09
N PRO G 100 83.04 20.93 -55.05
CA PRO G 100 84.00 22.04 -55.16
C PRO G 100 85.31 21.71 -55.83
N GLU G 101 85.77 20.45 -55.82
CA GLU G 101 87.00 20.09 -56.48
C GLU G 101 86.89 20.11 -57.99
N GLU G 102 85.65 20.11 -58.53
CA GLU G 102 85.38 20.22 -59.94
C GLU G 102 85.40 21.62 -60.48
N HIS G 103 85.30 22.67 -59.67
CA HIS G 103 85.15 24.01 -60.19
C HIS G 103 86.11 25.00 -59.53
N PRO G 104 86.89 25.81 -60.22
CA PRO G 104 87.36 27.08 -59.71
C PRO G 104 86.22 28.03 -59.37
N THR G 105 86.22 28.65 -58.18
CA THR G 105 85.05 29.41 -57.75
C THR G 105 85.32 30.91 -57.81
N LEU G 106 84.26 31.69 -57.71
CA LEU G 106 84.28 33.13 -57.71
C LEU G 106 83.44 33.59 -56.57
N LEU G 107 84.00 34.34 -55.62
CA LEU G 107 83.27 34.81 -54.45
C LEU G 107 83.23 36.32 -54.54
N THR G 108 82.25 36.96 -53.88
CA THR G 108 82.14 38.41 -53.87
C THR G 108 82.27 38.96 -52.47
N GLU G 109 82.61 40.26 -52.35
CA GLU G 109 82.69 40.92 -51.07
C GLU G 109 82.17 42.35 -51.19
N ALA G 110 82.23 43.16 -50.12
CA ALA G 110 81.89 44.56 -50.15
C ALA G 110 83.11 45.43 -50.45
N PRO G 111 83.01 46.63 -50.99
CA PRO G 111 84.16 47.48 -51.27
C PRO G 111 84.94 47.88 -50.04
N LEU G 112 84.29 48.14 -48.91
CA LEU G 112 84.93 48.52 -47.68
C LEU G 112 84.33 47.65 -46.61
N ASN G 113 85.15 46.79 -46.01
CA ASN G 113 84.70 45.86 -45.01
C ASN G 113 85.90 45.62 -44.11
N PRO G 114 85.80 45.42 -42.81
CA PRO G 114 86.96 45.24 -41.96
C PRO G 114 87.81 44.03 -42.25
N LYS G 115 89.14 44.17 -42.11
CA LYS G 115 90.06 43.07 -42.10
C LYS G 115 89.90 42.39 -40.76
N ALA G 116 89.80 41.07 -40.65
CA ALA G 116 90.19 40.03 -41.58
C ALA G 116 89.01 39.25 -42.12
N ASN G 117 87.84 39.88 -42.29
CA ASN G 117 86.65 39.25 -42.86
C ASN G 117 86.79 38.66 -44.25
N ARG G 118 87.72 39.12 -45.09
CA ARG G 118 87.90 38.48 -46.38
C ARG G 118 88.94 37.41 -46.30
N GLU G 119 89.98 37.60 -45.47
CA GLU G 119 90.99 36.60 -45.17
C GLU G 119 90.36 35.36 -44.56
N LYS G 120 89.87 35.44 -43.30
CA LYS G 120 89.19 34.36 -42.61
C LYS G 120 88.19 33.55 -43.44
N MET G 121 87.39 34.25 -44.27
CA MET G 121 86.49 33.64 -45.25
C MET G 121 87.24 32.82 -46.29
N THR G 122 88.12 33.47 -47.07
CA THR G 122 88.96 32.88 -48.12
C THR G 122 89.74 31.68 -47.61
N GLN G 123 90.26 31.79 -46.38
CA GLN G 123 91.10 30.81 -45.73
C GLN G 123 90.29 29.61 -45.33
N ILE G 124 89.16 29.82 -44.61
CA ILE G 124 88.25 28.75 -44.27
C ILE G 124 87.69 28.05 -45.51
N MET G 125 87.24 28.77 -46.56
CA MET G 125 86.74 28.11 -47.75
C MET G 125 87.77 27.29 -48.52
N PHE G 126 89.07 27.67 -48.45
CA PHE G 126 90.14 26.91 -49.06
C PHE G 126 90.45 25.66 -48.26
N GLU G 127 90.41 25.73 -46.92
CA GLU G 127 90.77 24.58 -46.11
C GLU G 127 89.60 23.64 -45.91
N THR G 128 88.35 24.13 -45.87
CA THR G 128 87.17 23.30 -45.72
C THR G 128 86.71 22.69 -47.03
N PHE G 129 86.53 23.47 -48.10
CA PHE G 129 85.91 22.94 -49.29
C PHE G 129 86.91 22.63 -50.37
N ASN G 130 88.17 23.12 -50.25
CA ASN G 130 89.30 22.67 -51.03
C ASN G 130 89.14 22.90 -52.53
N VAL G 131 88.59 24.06 -52.89
CA VAL G 131 88.52 24.55 -54.26
C VAL G 131 89.89 24.69 -54.93
N PRO G 132 90.06 24.45 -56.23
CA PRO G 132 91.39 24.40 -56.83
C PRO G 132 91.88 25.79 -57.13
N ALA G 133 90.97 26.77 -57.32
CA ALA G 133 91.33 28.15 -57.51
C ALA G 133 90.14 29.02 -57.12
N MET G 134 90.41 30.30 -56.79
CA MET G 134 89.41 31.20 -56.26
C MET G 134 89.76 32.64 -56.56
N TYR G 135 88.76 33.53 -56.68
CA TYR G 135 88.98 34.96 -56.74
C TYR G 135 87.87 35.60 -55.93
N VAL G 136 88.12 36.77 -55.31
CA VAL G 136 87.11 37.47 -54.54
C VAL G 136 86.98 38.85 -55.15
N ALA G 137 85.83 39.14 -55.77
CA ALA G 137 85.54 40.42 -56.39
C ALA G 137 84.58 41.31 -55.60
N ILE G 138 84.80 42.64 -55.57
CA ILE G 138 83.82 43.53 -54.96
C ILE G 138 82.57 43.63 -55.85
N GLN G 139 81.35 43.67 -55.27
CA GLN G 139 80.09 43.58 -56.03
C GLN G 139 79.88 44.75 -56.98
N ALA G 140 80.45 45.93 -56.66
CA ALA G 140 80.31 47.12 -57.46
C ALA G 140 81.02 47.01 -58.79
N VAL G 141 82.29 46.58 -58.83
CA VAL G 141 83.03 46.38 -60.08
C VAL G 141 82.28 45.45 -61.03
N LEU G 142 81.71 44.36 -60.49
CA LEU G 142 80.93 43.46 -61.31
C LEU G 142 79.68 44.09 -61.90
N SER G 143 79.05 45.05 -61.22
CA SER G 143 77.90 45.74 -61.77
C SER G 143 78.24 46.71 -62.89
N LEU G 144 79.52 47.06 -63.07
CA LEU G 144 79.96 47.87 -64.19
C LEU G 144 80.13 47.02 -65.41
N TYR G 145 80.63 45.78 -65.22
CA TYR G 145 80.76 44.81 -66.29
C TYR G 145 79.38 44.45 -66.83
N ALA G 146 78.41 44.25 -65.93
CA ALA G 146 77.02 44.02 -66.27
C ALA G 146 76.35 45.19 -66.99
N SER G 147 76.61 46.43 -66.55
CA SER G 147 76.08 47.62 -67.18
C SER G 147 76.75 47.95 -68.49
N GLY G 148 77.99 47.50 -68.70
CA GLY G 148 78.70 47.66 -69.95
C GLY G 148 79.29 49.03 -70.08
N ARG G 149 79.59 49.67 -68.96
CA ARG G 149 80.22 50.96 -68.89
C ARG G 149 81.56 50.79 -68.23
N THR G 150 82.50 51.72 -68.45
CA THR G 150 83.83 51.65 -67.86
C THR G 150 84.12 52.87 -67.02
N THR G 151 83.08 53.66 -66.75
CA THR G 151 83.17 54.92 -66.04
C THR G 151 81.88 55.05 -65.30
N GLY G 152 81.86 55.75 -64.14
CA GLY G 152 80.64 56.04 -63.41
C GLY G 152 80.68 55.67 -61.95
N ILE G 153 79.76 56.29 -61.19
CA ILE G 153 79.55 56.02 -59.79
C ILE G 153 78.47 54.97 -59.62
N VAL G 154 78.81 53.88 -58.93
CA VAL G 154 77.98 52.71 -58.76
C VAL G 154 77.31 52.74 -57.40
N LEU G 155 75.98 52.66 -57.42
CA LEU G 155 75.11 52.57 -56.28
C LEU G 155 74.62 51.16 -56.09
N ASP G 156 75.26 50.34 -55.24
CA ASP G 156 74.89 48.95 -55.07
C ASP G 156 74.19 48.89 -53.75
N SER G 157 72.85 48.72 -53.78
CA SER G 157 72.06 48.78 -52.57
C SER G 157 71.30 47.50 -52.41
N GLY G 158 71.73 46.68 -51.44
CA GLY G 158 71.05 45.48 -51.01
C GLY G 158 70.91 45.44 -49.54
N ASP G 159 70.01 44.60 -49.02
CA ASP G 159 69.98 44.32 -47.60
C ASP G 159 71.28 43.60 -47.21
N GLY G 160 72.04 43.95 -46.16
CA GLY G 160 71.96 45.06 -45.28
C GLY G 160 73.06 46.05 -45.38
N VAL G 161 73.75 46.14 -46.52
CA VAL G 161 74.80 47.11 -46.76
C VAL G 161 74.66 47.70 -48.15
N THR G 162 74.52 49.03 -48.25
CA THR G 162 74.56 49.76 -49.51
C THR G 162 75.96 50.30 -49.76
N HIS G 163 76.32 50.64 -51.00
CA HIS G 163 77.64 51.17 -51.28
C HIS G 163 77.60 52.21 -52.41
N ASN G 164 78.59 53.14 -52.41
CA ASN G 164 78.75 54.20 -53.39
C ASN G 164 80.18 54.22 -53.95
N VAL G 165 80.46 53.55 -55.09
CA VAL G 165 81.82 53.43 -55.62
C VAL G 165 82.04 54.24 -56.90
N PRO G 166 82.91 55.24 -56.97
CA PRO G 166 83.24 55.90 -58.25
C PRO G 166 84.38 55.20 -58.97
N ILE G 167 84.18 54.85 -60.26
CA ILE G 167 85.18 54.21 -61.12
C ILE G 167 85.35 55.02 -62.39
N TYR G 168 86.59 55.31 -62.82
CA TYR G 168 86.84 55.99 -64.07
C TYR G 168 87.79 55.20 -64.92
N GLU G 169 87.50 54.83 -66.10
CA GLU G 169 88.22 54.12 -67.12
C GLU G 169 89.67 53.77 -66.90
N GLY G 170 90.07 52.70 -66.24
CA GLY G 170 89.31 51.76 -65.53
C GLY G 170 89.83 51.67 -64.16
N TYR G 171 90.21 52.79 -63.64
CA TYR G 171 90.79 52.97 -62.38
C TYR G 171 89.88 53.40 -61.31
N ALA G 172 90.13 53.13 -60.10
CA ALA G 172 89.36 53.48 -58.96
C ALA G 172 90.08 54.51 -58.13
N LEU G 173 89.34 55.40 -57.49
CA LEU G 173 89.87 56.44 -56.65
C LEU G 173 89.61 56.06 -55.19
N PRO G 174 90.59 55.60 -54.40
CA PRO G 174 90.35 55.10 -53.04
C PRO G 174 89.75 56.10 -52.12
N HIS G 175 90.04 57.39 -52.30
CA HIS G 175 89.66 58.43 -51.39
C HIS G 175 88.23 58.87 -51.60
N ALA G 176 87.53 58.35 -52.58
CA ALA G 176 86.18 58.72 -52.87
C ALA G 176 85.17 57.60 -52.68
N ILE G 177 85.58 56.38 -52.24
CA ILE G 177 84.65 55.29 -52.05
C ILE G 177 83.90 55.42 -50.72
N MET G 178 82.55 55.46 -50.78
CA MET G 178 81.69 55.62 -49.61
C MET G 178 80.80 54.42 -49.30
N ARG G 179 80.81 53.96 -48.04
CA ARG G 179 80.00 52.85 -47.59
C ARG G 179 78.93 53.39 -46.65
N LEU G 180 77.65 53.20 -46.99
CA LEU G 180 76.55 53.55 -46.12
C LEU G 180 75.96 52.29 -45.54
N ASP G 181 75.80 52.19 -44.21
CA ASP G 181 75.13 51.07 -43.58
C ASP G 181 73.63 51.36 -43.44
N LEU G 182 73.11 52.30 -44.17
CA LEU G 182 71.74 52.78 -44.18
C LEU G 182 70.69 51.78 -44.64
N ALA G 183 70.89 51.14 -45.78
CA ALA G 183 69.93 50.22 -46.34
C ALA G 183 70.49 48.82 -46.33
N GLY G 184 69.67 47.75 -46.25
CA GLY G 184 68.22 47.71 -46.31
C GLY G 184 67.52 47.14 -45.11
N ARG G 185 68.22 46.43 -44.20
CA ARG G 185 67.60 45.84 -43.02
C ARG G 185 67.03 46.86 -42.05
N ASP G 186 67.60 48.08 -42.05
CA ASP G 186 67.12 49.20 -41.28
C ASP G 186 65.87 49.79 -41.90
N LEU G 187 65.67 49.63 -43.22
CA LEU G 187 64.45 50.00 -43.88
C LEU G 187 63.38 49.01 -43.50
N THR G 188 63.72 47.72 -43.41
CA THR G 188 62.82 46.69 -42.88
C THR G 188 62.42 47.00 -41.45
N ASP G 189 63.39 47.24 -40.55
CA ASP G 189 63.11 47.57 -39.16
C ASP G 189 62.29 48.86 -39.01
N TYR G 190 62.53 49.90 -39.84
CA TYR G 190 61.76 51.12 -39.81
C TYR G 190 60.33 50.89 -40.30
N LEU G 191 60.15 50.08 -41.36
CA LEU G 191 58.83 49.68 -41.81
C LEU G 191 58.07 48.94 -40.73
N MET G 192 58.73 48.06 -39.98
CA MET G 192 58.14 47.39 -38.85
C MET G 192 57.79 48.34 -37.72
N LYS G 193 58.56 49.43 -37.55
CA LYS G 193 58.26 50.41 -36.54
C LYS G 193 57.12 51.33 -36.92
N ILE G 194 56.89 51.58 -38.21
CA ILE G 194 55.76 52.42 -38.58
C ILE G 194 54.57 51.59 -38.99
N LEU G 195 54.66 50.25 -39.04
CA LEU G 195 53.46 49.44 -39.14
C LEU G 195 52.86 49.12 -37.78
N THR G 196 53.66 49.16 -36.70
CA THR G 196 53.11 49.11 -35.35
C THR G 196 52.26 50.30 -35.03
N GLU G 197 52.57 51.42 -35.67
CA GLU G 197 51.81 52.64 -35.59
C GLU G 197 50.39 52.51 -36.09
N ARG G 198 50.12 51.54 -36.96
CA ARG G 198 48.78 51.24 -37.39
C ARG G 198 48.28 49.92 -36.86
N GLY G 199 48.80 49.44 -35.73
CA GLY G 199 48.16 48.39 -34.98
C GLY G 199 48.42 47.00 -35.49
N TYR G 200 49.35 46.83 -36.41
CA TYR G 200 49.67 45.54 -36.96
C TYR G 200 50.87 44.98 -36.24
N SER G 201 50.66 44.19 -35.26
CA SER G 201 51.65 43.69 -34.36
C SER G 201 52.59 42.65 -34.79
N PHE G 202 53.34 42.93 -35.73
CA PHE G 202 54.25 42.02 -36.25
C PHE G 202 55.54 42.03 -35.62
N VAL G 203 55.74 41.67 -34.48
CA VAL G 203 56.84 41.86 -33.70
C VAL G 203 57.91 40.80 -33.73
N THR G 204 57.64 39.64 -34.18
CA THR G 204 58.51 38.51 -34.07
C THR G 204 59.44 38.38 -35.24
N THR G 205 60.53 37.64 -35.04
CA THR G 205 61.59 37.46 -36.00
C THR G 205 61.12 36.86 -37.29
N ALA G 206 60.38 35.76 -37.24
CA ALA G 206 59.79 35.12 -38.38
C ALA G 206 58.90 36.07 -39.16
N GLU G 207 58.05 36.80 -38.42
CA GLU G 207 57.08 37.73 -39.01
C GLU G 207 57.74 38.87 -39.72
N ARG G 208 59.01 39.19 -39.34
CA ARG G 208 59.82 40.13 -40.14
C ARG G 208 59.99 39.75 -41.61
N GLU G 209 60.02 38.45 -41.98
CA GLU G 209 59.99 38.06 -43.38
C GLU G 209 58.72 38.54 -44.11
N ILE G 210 57.54 38.44 -43.46
CA ILE G 210 56.29 38.97 -43.98
C ILE G 210 56.35 40.47 -44.22
N VAL G 211 57.00 41.21 -43.29
CA VAL G 211 57.31 42.63 -43.44
C VAL G 211 58.12 42.90 -44.69
N ARG G 212 59.16 42.08 -44.95
CA ARG G 212 60.01 42.13 -46.12
C ARG G 212 59.20 41.96 -47.39
N ASP G 213 58.17 41.09 -47.38
CA ASP G 213 57.30 40.89 -48.52
C ASP G 213 56.44 42.14 -48.76
N ILE G 214 55.96 42.82 -47.72
CA ILE G 214 55.28 44.10 -47.88
C ILE G 214 56.24 45.25 -48.26
N LYS G 215 57.56 45.11 -47.97
CA LYS G 215 58.58 46.05 -48.41
C LYS G 215 58.86 45.95 -49.90
N GLU G 216 58.82 44.72 -50.43
CA GLU G 216 58.90 44.43 -51.84
C GLU G 216 57.72 45.00 -52.61
N LYS G 217 56.53 44.42 -52.40
CA LYS G 217 55.34 44.63 -53.19
C LYS G 217 54.62 45.95 -52.96
N LEU G 218 54.30 46.33 -51.71
CA LEU G 218 53.40 47.46 -51.49
C LEU G 218 54.01 48.84 -51.40
N CYS G 219 55.32 48.97 -51.15
CA CYS G 219 55.95 50.28 -51.05
C CYS G 219 56.04 51.05 -52.37
N TYR G 220 56.07 52.40 -52.30
CA TYR G 220 56.26 53.25 -53.45
C TYR G 220 57.01 54.48 -52.99
N VAL G 221 57.44 55.39 -53.87
CA VAL G 221 58.19 56.57 -53.47
C VAL G 221 57.50 57.81 -53.99
N ALA G 222 57.59 58.91 -53.25
CA ALA G 222 57.10 60.21 -53.61
C ALA G 222 57.94 60.86 -54.69
N LEU G 223 57.46 61.89 -55.36
CA LEU G 223 58.25 62.71 -56.26
C LEU G 223 58.84 63.85 -55.45
N ASP G 224 58.04 64.40 -54.54
CA ASP G 224 58.43 65.36 -53.55
C ASP G 224 57.71 65.03 -52.26
N PHE G 225 58.44 64.88 -51.14
CA PHE G 225 57.90 64.51 -49.83
C PHE G 225 56.77 65.42 -49.39
N GLU G 226 57.06 66.73 -49.29
CA GLU G 226 56.15 67.77 -48.84
C GLU G 226 54.83 67.78 -49.61
N ASN G 227 54.87 67.53 -50.93
CA ASN G 227 53.66 67.51 -51.74
C ASN G 227 52.94 66.18 -51.66
N GLU G 228 53.65 65.06 -51.44
CA GLU G 228 52.97 63.78 -51.21
C GLU G 228 52.29 63.75 -49.85
N MET G 229 52.87 64.46 -48.85
CA MET G 229 52.28 64.64 -47.54
C MET G 229 51.01 65.46 -47.60
N ALA G 230 50.99 66.47 -48.49
CA ALA G 230 49.80 67.24 -48.82
C ALA G 230 48.70 66.35 -49.37
N THR G 231 48.98 65.54 -50.40
CA THR G 231 47.97 64.68 -51.00
C THR G 231 47.58 63.51 -50.11
N ALA G 232 48.43 63.13 -49.14
CA ALA G 232 48.10 62.19 -48.08
C ALA G 232 47.00 62.66 -47.16
N ALA G 233 46.94 63.98 -46.90
CA ALA G 233 45.90 64.58 -46.09
C ALA G 233 44.53 64.52 -46.75
N SER G 234 44.51 64.43 -48.09
CA SER G 234 43.31 64.21 -48.88
C SER G 234 42.77 62.81 -48.73
N SER G 235 41.51 62.61 -49.11
CA SER G 235 40.78 61.39 -48.91
C SER G 235 41.02 60.35 -49.95
N SER G 236 41.82 60.66 -50.97
CA SER G 236 42.23 59.80 -52.04
C SER G 236 42.91 58.53 -51.62
N SER G 237 42.80 57.48 -52.38
CA SER G 237 43.22 56.17 -52.01
C SER G 237 44.67 55.89 -52.18
N LEU G 238 45.49 56.32 -51.27
CA LEU G 238 46.84 55.89 -51.10
C LEU G 238 46.87 54.56 -50.39
N GLU G 239 45.81 54.27 -49.61
CA GLU G 239 45.60 53.05 -48.90
C GLU G 239 45.43 51.85 -49.81
N LYS G 240 46.35 50.87 -49.69
CA LYS G 240 46.27 49.61 -50.40
C LYS G 240 46.09 48.49 -49.42
N SER G 241 45.20 47.53 -49.74
CA SER G 241 44.85 46.45 -48.85
C SER G 241 45.64 45.20 -49.17
N TYR G 242 46.54 44.77 -48.26
CA TYR G 242 47.30 43.54 -48.39
C TYR G 242 46.59 42.44 -47.63
N GLU G 243 46.77 41.17 -48.03
CA GLU G 243 46.20 40.06 -47.31
C GLU G 243 47.31 39.26 -46.66
N LEU G 244 47.11 38.80 -45.43
CA LEU G 244 48.13 38.22 -44.61
C LEU G 244 47.93 36.71 -44.53
N PRO G 245 48.90 35.84 -44.24
CA PRO G 245 48.73 34.40 -44.31
C PRO G 245 47.68 33.81 -43.40
N ASP G 246 47.30 34.50 -42.31
CA ASP G 246 46.24 34.08 -41.46
C ASP G 246 44.93 34.75 -41.81
N GLY G 247 44.72 35.40 -42.79
CA GLY G 247 43.50 35.99 -43.30
C GLY G 247 43.33 37.41 -42.98
N GLN G 248 44.16 38.12 -42.41
CA GLN G 248 44.01 39.49 -41.97
C GLN G 248 44.25 40.42 -43.12
N VAL G 249 43.53 41.56 -43.14
CA VAL G 249 43.63 42.55 -44.19
C VAL G 249 44.28 43.80 -43.64
N ILE G 250 45.44 44.19 -44.19
CA ILE G 250 46.22 45.30 -43.71
C ILE G 250 46.10 46.43 -44.70
N THR G 251 45.73 47.63 -44.23
CA THR G 251 45.59 48.83 -45.04
C THR G 251 46.64 49.86 -44.67
N ILE G 252 47.71 50.00 -45.46
CA ILE G 252 48.72 51.02 -45.24
C ILE G 252 48.65 52.08 -46.32
N GLY G 253 48.81 53.37 -45.96
CA GLY G 253 48.73 54.49 -46.87
C GLY G 253 49.88 55.45 -46.80
N ASN G 254 49.93 56.34 -45.83
CA ASN G 254 50.98 57.34 -45.66
C ASN G 254 52.35 56.73 -45.49
N GLU G 255 52.45 55.77 -44.56
CA GLU G 255 53.67 55.04 -44.28
C GLU G 255 54.28 54.30 -45.47
N ARG G 256 53.42 53.94 -46.46
CA ARG G 256 53.74 53.37 -47.75
C ARG G 256 54.72 54.07 -48.63
N PHE G 257 54.60 55.46 -48.68
CA PHE G 257 55.63 56.25 -49.29
C PHE G 257 56.67 56.81 -48.33
N ARG G 258 56.34 56.78 -47.02
CA ARG G 258 57.23 57.29 -46.02
C ARG G 258 58.49 56.46 -45.86
N CYS G 259 58.36 55.14 -45.74
CA CYS G 259 59.53 54.28 -45.62
C CYS G 259 60.62 54.43 -46.71
N PRO G 260 60.42 54.38 -48.04
CA PRO G 260 61.53 54.52 -48.96
C PRO G 260 62.19 55.88 -48.97
N GLU G 261 61.44 56.96 -48.65
CA GLU G 261 61.93 58.32 -48.57
C GLU G 261 63.12 58.48 -47.64
N THR G 262 63.25 57.58 -46.64
CA THR G 262 64.43 57.41 -45.78
C THR G 262 65.77 57.43 -46.51
N LEU G 263 65.83 56.94 -47.77
CA LEU G 263 67.04 56.98 -48.58
C LEU G 263 67.50 58.39 -48.94
N PHE G 264 66.54 59.31 -49.05
CA PHE G 264 66.79 60.73 -49.17
C PHE G 264 66.81 61.45 -47.84
N GLN G 265 66.19 60.96 -46.79
CA GLN G 265 66.23 61.56 -45.46
C GLN G 265 66.50 60.55 -44.36
N PRO G 266 67.76 60.29 -43.98
CA PRO G 266 68.09 59.37 -42.90
C PRO G 266 67.70 59.90 -41.53
N SER G 267 67.24 61.16 -41.45
CA SER G 267 66.63 61.77 -40.29
C SER G 267 65.39 61.03 -39.84
N PHE G 268 64.68 60.36 -40.76
CA PHE G 268 63.53 59.54 -40.44
C PHE G 268 63.91 58.38 -39.53
N ILE G 269 65.02 57.69 -39.81
CA ILE G 269 65.54 56.65 -38.95
C ILE G 269 66.26 57.24 -37.78
N GLY G 270 66.81 58.44 -37.92
CA GLY G 270 67.53 59.17 -36.90
C GLY G 270 69.01 58.99 -36.94
N MET G 271 69.58 58.51 -38.02
CA MET G 271 71.01 58.40 -38.19
C MET G 271 71.63 59.68 -38.69
N GLU G 272 72.87 59.97 -38.29
CA GLU G 272 73.53 61.24 -38.52
C GLU G 272 73.91 61.46 -39.96
N SER G 273 74.28 60.39 -40.67
CA SER G 273 74.61 60.34 -42.07
C SER G 273 73.63 60.99 -43.02
N ALA G 274 74.09 61.44 -44.19
CA ALA G 274 73.29 62.17 -45.16
C ALA G 274 72.83 61.26 -46.29
N GLY G 275 71.76 61.66 -47.02
CA GLY G 275 71.12 60.83 -48.03
C GLY G 275 71.94 60.51 -49.24
N ILE G 276 71.49 59.53 -50.06
CA ILE G 276 72.15 59.15 -51.30
C ILE G 276 72.39 60.30 -52.25
N HIS G 277 71.40 61.20 -52.38
CA HIS G 277 71.53 62.58 -52.84
C HIS G 277 72.85 63.27 -52.52
N GLU G 278 73.16 63.41 -51.22
CA GLU G 278 74.30 64.16 -50.78
C GLU G 278 75.57 63.34 -50.80
N THR G 279 75.52 62.00 -50.60
CA THR G 279 76.74 61.19 -50.68
C THR G 279 77.23 61.06 -52.09
N THR G 280 76.31 61.12 -53.07
CA THR G 280 76.63 61.19 -54.49
C THR G 280 77.40 62.46 -54.79
N TYR G 281 76.83 63.64 -54.42
CA TYR G 281 77.52 64.90 -54.61
C TYR G 281 78.85 64.99 -53.89
N ASN G 282 78.91 64.62 -52.60
CA ASN G 282 80.13 64.71 -51.83
C ASN G 282 81.23 63.74 -52.25
N SER G 283 80.90 62.61 -52.90
CA SER G 283 81.91 61.73 -53.48
C SER G 283 82.39 62.23 -54.82
N ILE G 284 81.50 62.83 -55.63
CA ILE G 284 81.84 63.43 -56.90
C ILE G 284 82.75 64.62 -56.66
N MET G 285 82.41 65.50 -55.72
CA MET G 285 83.27 66.61 -55.35
C MET G 285 84.43 66.23 -54.44
N LYS G 286 84.82 64.94 -54.40
CA LYS G 286 86.11 64.51 -53.91
C LYS G 286 86.92 63.98 -55.06
N CYS G 287 86.40 63.90 -56.25
CA CYS G 287 87.11 63.54 -57.45
C CYS G 287 87.64 64.75 -58.19
N ASP G 288 88.76 64.58 -58.91
CA ASP G 288 89.42 65.60 -59.71
C ASP G 288 88.52 66.26 -60.74
N ILE G 289 88.76 67.56 -61.00
CA ILE G 289 87.91 68.47 -61.75
C ILE G 289 87.49 67.95 -63.12
N ASP G 290 88.43 67.44 -63.91
CA ASP G 290 88.14 66.96 -65.24
C ASP G 290 87.24 65.75 -65.26
N ILE G 291 87.38 64.84 -64.26
CA ILE G 291 86.70 63.57 -64.31
C ILE G 291 85.24 63.72 -63.95
N ARG G 292 84.87 64.78 -63.20
CA ARG G 292 83.51 65.02 -62.74
C ARG G 292 82.48 65.08 -63.85
N LYS G 293 82.88 65.61 -65.02
CA LYS G 293 82.12 65.67 -66.24
C LYS G 293 81.51 64.36 -66.70
N ASP G 294 82.22 63.24 -66.50
CA ASP G 294 81.77 61.97 -67.00
C ASP G 294 81.31 61.08 -65.87
N LEU G 295 81.44 61.53 -64.61
CA LEU G 295 80.77 60.87 -63.51
C LEU G 295 79.29 61.21 -63.52
N TYR G 296 78.95 62.47 -63.84
CA TYR G 296 77.60 62.82 -64.22
C TYR G 296 77.21 62.18 -65.53
N ALA G 297 76.04 61.50 -65.53
CA ALA G 297 75.43 60.83 -66.66
C ALA G 297 75.92 59.41 -66.82
N ASN G 298 76.65 58.90 -65.83
CA ASN G 298 77.04 57.51 -65.71
C ASN G 298 76.81 57.13 -64.26
N ASN G 299 75.77 57.71 -63.65
CA ASN G 299 75.26 57.35 -62.35
C ASN G 299 74.48 56.04 -62.49
N VAL G 300 75.04 54.91 -62.05
CA VAL G 300 74.47 53.59 -62.23
C VAL G 300 73.94 52.91 -60.97
N MET G 301 72.62 52.67 -60.89
CA MET G 301 72.05 52.03 -59.72
C MET G 301 72.16 50.50 -59.86
N SER G 302 72.09 49.77 -58.74
CA SER G 302 72.14 48.32 -58.75
C SER G 302 71.54 47.81 -57.46
N GLY G 303 71.52 46.48 -57.25
CA GLY G 303 70.97 45.80 -56.09
C GLY G 303 69.47 45.72 -56.06
N GLY G 304 68.89 44.90 -55.22
CA GLY G 304 67.45 44.69 -55.08
C GLY G 304 66.68 45.78 -54.38
N THR G 305 67.31 46.56 -53.49
CA THR G 305 66.60 47.59 -52.75
C THR G 305 66.47 48.86 -53.55
N THR G 306 67.06 48.94 -54.75
CA THR G 306 66.81 50.06 -55.64
C THR G 306 65.61 49.81 -56.52
N MET G 307 64.85 48.72 -56.31
CA MET G 307 63.69 48.40 -57.11
C MET G 307 62.39 49.06 -56.64
N TYR G 308 62.44 50.03 -55.70
CA TYR G 308 61.29 50.84 -55.36
C TYR G 308 60.83 51.68 -56.57
N PRO G 309 59.55 51.80 -56.92
CA PRO G 309 59.11 52.53 -58.11
C PRO G 309 59.52 53.95 -58.29
N GLY G 310 59.58 54.87 -57.54
CA GLY G 310 59.87 56.28 -57.73
C GLY G 310 61.33 56.65 -57.84
N ILE G 311 62.24 55.71 -57.56
CA ILE G 311 63.63 55.88 -57.90
C ILE G 311 63.78 55.17 -59.23
N ALA G 312 64.48 55.75 -60.22
CA ALA G 312 65.47 56.80 -60.11
C ALA G 312 64.98 58.20 -60.42
N ASP G 313 63.70 58.48 -60.69
CA ASP G 313 63.38 59.81 -61.19
C ASP G 313 63.18 60.81 -60.05
N ARG G 314 63.01 60.30 -58.81
CA ARG G 314 63.24 61.03 -57.58
C ARG G 314 64.70 61.38 -57.43
N MET G 315 65.59 60.36 -57.46
CA MET G 315 67.03 60.52 -57.45
C MET G 315 67.56 61.50 -58.47
N GLN G 316 67.01 61.46 -59.71
CA GLN G 316 67.29 62.36 -60.79
C GLN G 316 66.94 63.78 -60.41
N LYS G 317 65.65 64.10 -60.17
CA LYS G 317 65.24 65.43 -59.77
C LYS G 317 66.00 66.04 -58.57
N GLU G 318 66.32 65.22 -57.55
CA GLU G 318 67.06 65.65 -56.38
C GLU G 318 68.52 65.93 -56.68
N ILE G 319 69.19 65.07 -57.45
CA ILE G 319 70.59 65.26 -57.82
C ILE G 319 70.69 66.48 -58.70
N THR G 320 69.80 66.61 -59.71
CA THR G 320 69.73 67.75 -60.62
C THR G 320 69.58 69.09 -59.90
N ALA G 321 68.98 69.10 -58.69
CA ALA G 321 68.87 70.30 -57.89
C ALA G 321 70.17 70.70 -57.19
N LEU G 322 71.02 69.73 -56.80
CA LEU G 322 72.26 70.00 -56.10
C LEU G 322 73.45 70.09 -57.05
N ALA G 323 73.42 69.30 -58.13
CA ALA G 323 74.43 69.27 -59.17
C ALA G 323 74.57 70.61 -59.92
N PRO G 324 75.74 70.95 -60.49
CA PRO G 324 75.91 72.13 -61.34
C PRO G 324 74.90 72.31 -62.45
N SER G 325 74.53 73.55 -62.75
CA SER G 325 73.58 73.89 -63.80
C SER G 325 74.11 73.58 -65.19
N THR G 326 73.21 73.21 -66.13
CA THR G 326 73.46 72.93 -67.54
C THR G 326 74.28 71.70 -67.80
N MET G 327 74.52 70.88 -66.88
CA MET G 327 75.21 69.63 -66.98
C MET G 327 74.23 68.52 -67.17
N LYS G 328 74.43 67.66 -68.15
CA LYS G 328 73.55 66.58 -68.44
C LYS G 328 73.63 65.44 -67.47
N ILE G 329 72.54 65.00 -66.93
CA ILE G 329 72.50 63.97 -65.93
C ILE G 329 71.58 62.90 -66.40
N LYS G 330 72.04 61.69 -66.49
CA LYS G 330 71.27 60.51 -66.77
C LYS G 330 71.58 59.51 -65.70
N ILE G 331 70.57 58.77 -65.23
CA ILE G 331 70.73 57.82 -64.16
C ILE G 331 70.43 56.46 -64.73
N ILE G 332 71.28 55.60 -64.87
CA ILE G 332 71.19 54.33 -65.55
C ILE G 332 70.66 53.32 -64.58
N ALA G 333 69.46 52.80 -64.83
CA ALA G 333 68.83 51.84 -63.97
C ALA G 333 68.10 50.80 -64.77
N PRO G 334 68.69 49.72 -65.17
CA PRO G 334 68.04 48.72 -65.96
C PRO G 334 67.06 47.91 -65.15
N PRO G 335 66.07 47.24 -65.63
CA PRO G 335 65.44 46.11 -64.99
C PRO G 335 66.38 45.07 -64.45
N GLU G 336 66.15 44.24 -63.74
CA GLU G 336 66.85 43.10 -63.23
C GLU G 336 67.96 43.34 -62.26
N ARG G 337 68.01 44.53 -61.64
CA ARG G 337 69.14 44.96 -60.83
C ARG G 337 69.58 44.03 -59.72
N LYS G 338 68.66 43.21 -59.17
CA LYS G 338 68.94 42.16 -58.21
C LYS G 338 69.92 41.12 -58.71
N TYR G 339 70.00 40.91 -60.03
CA TYR G 339 70.89 39.92 -60.60
C TYR G 339 72.01 40.59 -61.36
N SER G 340 72.14 41.94 -61.27
CA SER G 340 73.18 42.71 -61.94
C SER G 340 74.56 42.19 -61.65
N VAL G 341 74.90 42.12 -60.35
CA VAL G 341 76.13 41.58 -59.80
C VAL G 341 76.47 40.21 -60.38
N TRP G 342 75.48 39.29 -60.43
CA TRP G 342 75.67 37.95 -60.91
C TRP G 342 75.99 37.91 -62.42
N ILE G 343 75.28 38.70 -63.24
CA ILE G 343 75.56 38.82 -64.66
C ILE G 343 76.92 39.44 -64.94
N GLY G 344 77.43 40.25 -63.99
CA GLY G 344 78.78 40.76 -63.95
C GLY G 344 79.77 39.66 -63.80
N GLY G 345 79.63 38.89 -62.71
CA GLY G 345 80.50 37.78 -62.36
C GLY G 345 80.61 36.76 -63.46
N SER G 346 79.47 36.43 -64.11
CA SER G 346 79.42 35.53 -65.26
C SER G 346 80.32 35.98 -66.41
N ILE G 347 80.26 37.27 -66.77
CA ILE G 347 81.12 37.86 -67.79
C ILE G 347 82.59 37.82 -67.39
N LEU G 348 82.89 38.04 -66.09
CA LEU G 348 84.25 38.18 -65.61
C LEU G 348 84.99 36.87 -65.68
N ALA G 349 84.54 35.85 -64.96
CA ALA G 349 85.18 34.55 -64.87
C ALA G 349 85.21 33.79 -66.19
N SER G 350 84.39 34.20 -67.17
CA SER G 350 84.43 33.60 -68.49
C SER G 350 85.53 34.19 -69.35
N LEU G 351 85.90 35.47 -69.15
CA LEU G 351 86.96 36.10 -69.91
C LEU G 351 88.36 35.51 -69.69
N SER G 352 89.01 35.12 -70.78
CA SER G 352 90.45 35.06 -70.87
C SER G 352 91.02 36.47 -70.88
N THR G 353 92.17 36.76 -70.29
CA THR G 353 93.12 35.86 -69.65
C THR G 353 92.97 35.86 -68.15
N PHE G 354 91.91 36.50 -67.62
CA PHE G 354 91.73 36.69 -66.19
C PHE G 354 91.54 35.43 -65.35
N GLN G 355 91.65 34.24 -65.96
CA GLN G 355 91.93 32.98 -65.32
C GLN G 355 93.19 33.01 -64.49
N GLN G 356 94.17 33.81 -64.94
CA GLN G 356 95.42 33.96 -64.24
C GLN G 356 95.38 35.11 -63.26
N MET G 357 94.20 35.65 -62.93
CA MET G 357 94.05 36.50 -61.78
C MET G 357 93.30 35.77 -60.69
N TRP G 358 93.13 34.45 -60.82
CA TRP G 358 92.61 33.62 -59.77
C TRP G 358 93.75 33.17 -58.88
N ILE G 359 93.51 33.05 -57.57
CA ILE G 359 94.44 32.48 -56.61
C ILE G 359 94.35 30.98 -56.73
N THR G 360 95.46 30.28 -56.99
CA THR G 360 95.45 28.83 -57.16
C THR G 360 95.94 28.13 -55.92
N LYS G 361 95.39 26.92 -55.65
CA LYS G 361 95.62 26.17 -54.43
C LYS G 361 97.07 25.90 -54.10
N GLN G 362 97.90 25.54 -55.10
CA GLN G 362 99.31 25.28 -54.90
C GLN G 362 100.09 26.50 -54.41
N GLU G 363 99.82 27.69 -54.97
CA GLU G 363 100.45 28.91 -54.53
C GLU G 363 99.89 29.35 -53.18
N TYR G 364 98.58 29.18 -52.96
CA TYR G 364 97.92 29.45 -51.69
C TYR G 364 98.46 28.61 -50.54
N ASP G 365 98.83 27.35 -50.79
CA ASP G 365 99.42 26.46 -49.82
C ASP G 365 100.71 27.04 -49.23
N GLU G 366 101.52 27.69 -50.07
CA GLU G 366 102.71 28.37 -49.61
C GLU G 366 102.40 29.73 -48.98
N ALA G 367 101.53 30.52 -49.59
CA ALA G 367 101.27 31.89 -49.21
C ALA G 367 100.33 32.17 -48.07
N GLY G 368 99.26 31.40 -47.91
CA GLY G 368 98.27 31.62 -46.87
C GLY G 368 97.50 32.92 -47.02
N PRO G 369 97.06 33.60 -46.03
CA PRO G 369 96.23 34.79 -46.13
C PRO G 369 96.91 36.00 -46.66
N SER G 370 98.22 36.03 -46.71
CA SER G 370 98.97 37.11 -47.28
C SER G 370 98.72 37.31 -48.74
N ILE G 371 98.81 38.25 -49.25
CA ILE G 371 98.69 38.63 -50.62
C ILE G 371 97.37 38.62 -51.21
N VAL G 372 96.37 38.12 -50.59
CA VAL G 372 95.03 38.07 -50.98
C VAL G 372 94.51 39.37 -51.00
N HIS G 373 94.84 40.10 -50.09
CA HIS G 373 94.47 41.36 -50.00
C HIS G 373 95.52 42.07 -50.31
N THR H 7 40.02 75.64 -11.07
CA THR H 7 41.11 75.88 -10.80
C THR H 7 42.19 74.86 -10.91
N THR H 8 42.46 74.14 -9.84
CA THR H 8 43.54 73.21 -9.73
C THR H 8 43.53 72.06 -10.70
N ALA H 9 44.67 71.79 -11.32
CA ALA H 9 44.88 70.67 -12.20
C ALA H 9 44.77 69.31 -11.56
N LEU H 10 44.34 68.30 -12.34
CA LEU H 10 44.09 66.96 -11.84
C LEU H 10 44.99 65.98 -12.54
N VAL H 11 45.82 65.22 -11.78
CA VAL H 11 46.64 64.15 -12.33
C VAL H 11 45.96 62.80 -12.20
N CYS H 12 45.60 62.25 -13.36
CA CYS H 12 44.89 61.02 -13.54
C CYS H 12 45.78 60.16 -14.41
N ASP H 13 46.24 59.04 -13.87
CA ASP H 13 47.15 58.18 -14.57
C ASP H 13 46.33 57.00 -15.01
N ASN H 14 46.31 56.82 -16.35
CA ASN H 14 45.73 55.72 -17.05
C ASN H 14 46.61 54.49 -16.91
N GLY H 15 46.66 53.96 -15.68
CA GLY H 15 47.15 52.62 -15.42
C GLY H 15 46.42 51.58 -16.18
N SER H 16 47.07 50.45 -16.36
CA SER H 16 46.47 49.27 -16.87
C SER H 16 46.14 48.32 -15.77
N GLY H 17 46.54 48.65 -14.54
CA GLY H 17 46.28 47.94 -13.32
C GLY H 17 44.90 48.17 -12.77
N LEU H 18 44.58 49.05 -11.78
CA LEU H 18 45.27 50.11 -11.08
C LEU H 18 45.31 51.42 -11.81
N VAL H 19 44.13 51.98 -12.14
CA VAL H 19 44.02 53.38 -12.52
C VAL H 19 44.22 54.24 -11.29
N LYS H 20 45.01 55.33 -11.40
CA LYS H 20 45.38 56.19 -10.29
C LYS H 20 44.89 57.60 -10.51
N ALA H 21 44.26 58.26 -9.52
CA ALA H 21 43.75 59.61 -9.67
C ALA H 21 43.96 60.49 -8.45
N GLY H 22 44.37 61.76 -8.63
CA GLY H 22 44.56 62.65 -7.49
C GLY H 22 44.89 64.03 -7.94
N PHE H 23 44.48 65.09 -7.19
CA PHE H 23 44.70 66.47 -7.59
C PHE H 23 46.18 66.82 -7.59
N ALA H 24 46.58 67.99 -8.11
CA ALA H 24 47.99 68.37 -8.21
C ALA H 24 48.70 68.57 -6.87
N GLY H 25 49.45 67.59 -6.44
CA GLY H 25 50.19 67.52 -5.20
C GLY H 25 49.46 67.55 -3.95
N ASP H 26 50.13 67.38 -2.81
CA ASP H 26 51.53 67.25 -2.62
C ASP H 26 51.86 65.97 -1.94
N ASP H 27 50.89 65.14 -1.68
CA ASP H 27 51.00 63.96 -0.91
C ASP H 27 50.69 62.71 -1.66
N ALA H 28 49.84 62.06 -1.88
CA ALA H 28 49.52 60.77 -2.44
C ALA H 28 48.24 60.80 -3.27
N PRO H 29 47.94 59.85 -4.17
CA PRO H 29 46.71 59.82 -4.94
C PRO H 29 45.46 59.74 -4.09
N ARG H 30 44.36 60.33 -4.53
CA ARG H 30 43.10 60.30 -3.83
C ARG H 30 42.32 59.02 -4.11
N ALA H 31 42.42 58.48 -5.33
CA ALA H 31 41.66 57.32 -5.73
C ALA H 31 42.53 56.32 -6.46
N VAL H 32 42.48 55.05 -6.06
CA VAL H 32 43.18 53.95 -6.70
C VAL H 32 42.17 52.85 -6.81
N PHE H 33 42.02 52.17 -7.96
CA PHE H 33 41.04 51.11 -8.07
C PHE H 33 41.38 50.12 -9.17
N PRO H 34 40.92 48.86 -9.13
CA PRO H 34 41.48 47.80 -9.96
C PRO H 34 40.92 47.73 -11.35
N SER H 35 40.25 48.77 -11.85
CA SER H 35 39.82 48.98 -13.24
C SER H 35 38.70 48.11 -13.78
N ILE H 36 38.46 46.92 -13.22
CA ILE H 36 37.42 45.98 -13.59
C ILE H 36 36.02 46.56 -13.78
N VAL H 37 35.36 46.21 -14.91
CA VAL H 37 33.93 46.38 -15.09
C VAL H 37 33.30 45.00 -15.15
N GLY H 38 32.14 44.76 -14.53
CA GLY H 38 31.53 43.44 -14.49
C GLY H 38 30.03 43.45 -14.58
N ARG H 39 29.45 42.76 -15.59
CA ARG H 39 28.02 42.60 -15.71
C ARG H 39 27.58 41.40 -14.85
N PRO H 40 26.35 41.32 -14.36
CA PRO H 40 25.94 40.23 -13.47
C PRO H 40 25.63 38.93 -14.18
N ARG H 41 26.42 37.87 -13.90
CA ARG H 41 26.34 36.61 -14.62
C ARG H 41 25.29 35.65 -14.12
N HIS H 42 24.63 35.86 -13.03
CA HIS H 42 23.60 34.99 -12.49
C HIS H 42 22.27 35.70 -12.47
N GLN H 43 21.16 34.96 -12.37
CA GLN H 43 19.83 35.51 -12.27
C GLN H 43 19.40 35.87 -10.91
N GLY H 44 18.81 37.04 -10.77
CA GLY H 44 18.41 37.59 -9.54
C GLY H 44 17.45 37.29 -8.93
N VAL H 45 17.45 36.61 -8.33
CA VAL H 45 16.57 36.19 -7.82
C VAL H 45 15.90 36.91 -6.69
N MET H 46 16.24 37.64 -6.09
CA MET H 46 15.63 38.38 -5.03
C MET H 46 14.97 39.50 -5.45
N VAL H 47 15.29 39.92 -6.60
CA VAL H 47 14.63 40.76 -7.34
C VAL H 47 14.59 41.99 -6.77
N GLY H 48 14.82 42.56 -5.79
CA GLY H 48 14.96 43.73 -5.15
C GLY H 48 14.33 44.84 -5.58
N MET H 49 14.75 45.52 -6.50
CA MET H 49 15.79 45.35 -7.25
C MET H 49 16.96 46.22 -7.03
N GLY H 50 17.17 47.20 -7.82
CA GLY H 50 18.13 48.20 -7.60
C GLY H 50 19.52 47.90 -7.97
N GLN H 51 19.75 46.84 -8.65
CA GLN H 51 21.05 46.42 -9.01
C GLN H 51 21.58 47.16 -10.22
N LYS H 52 22.88 47.42 -10.28
CA LYS H 52 23.52 48.15 -11.36
C LYS H 52 23.76 47.27 -12.57
N ASP H 53 23.73 47.85 -13.78
CA ASP H 53 23.99 47.16 -15.04
C ASP H 53 25.41 46.65 -15.12
N SER H 54 26.37 47.47 -14.65
CA SER H 54 27.73 47.05 -14.50
C SER H 54 28.33 47.73 -13.29
N TYR H 55 28.91 46.95 -12.37
CA TYR H 55 29.62 47.42 -11.21
C TYR H 55 31.05 47.66 -11.60
N VAL H 56 31.62 48.83 -11.28
CA VAL H 56 33.04 49.05 -11.42
C VAL H 56 33.74 48.65 -10.13
N GLY H 57 35.09 48.61 -10.09
CA GLY H 57 35.85 48.52 -8.84
C GLY H 57 35.70 49.78 -8.01
N ASP H 58 35.75 49.74 -6.68
CA ASP H 58 35.99 48.64 -5.78
C ASP H 58 34.78 47.73 -5.57
N GLU H 59 33.54 48.21 -5.80
CA GLU H 59 32.35 47.42 -5.56
C GLU H 59 32.27 46.09 -6.29
N ALA H 60 32.93 45.97 -7.46
CA ALA H 60 33.08 44.73 -8.18
C ALA H 60 34.11 43.77 -7.61
N GLN H 61 34.77 44.12 -6.50
CA GLN H 61 35.72 43.28 -5.82
C GLN H 61 35.11 42.88 -4.48
N SER H 62 33.95 43.48 -4.17
CA SER H 62 33.10 43.07 -3.07
C SER H 62 31.97 42.21 -3.60
N LYS H 63 31.82 42.11 -4.89
CA LYS H 63 30.77 41.38 -5.56
C LYS H 63 31.34 40.33 -6.50
N ARG H 64 32.51 39.75 -6.17
CA ARG H 64 33.03 38.63 -6.92
C ARG H 64 32.09 37.43 -6.90
N GLY H 65 32.01 36.71 -8.03
CA GLY H 65 31.22 35.49 -8.14
C GLY H 65 29.82 35.71 -8.60
N ILE H 66 29.35 36.95 -8.62
CA ILE H 66 28.04 37.28 -9.17
C ILE H 66 28.21 38.08 -10.44
N LEU H 67 29.45 38.39 -10.83
CA LEU H 67 29.75 39.17 -12.01
C LEU H 67 30.81 38.45 -12.82
N THR H 68 31.07 38.95 -14.04
CA THR H 68 32.19 38.49 -14.86
C THR H 68 33.10 39.65 -15.16
N LEU H 69 34.18 39.76 -14.36
CA LEU H 69 35.12 40.86 -14.42
C LEU H 69 35.86 41.01 -15.75
N LYS H 70 35.86 42.22 -16.32
CA LYS H 70 36.52 42.53 -17.57
C LYS H 70 37.37 43.77 -17.41
N TYR H 71 38.71 43.63 -17.42
CA TYR H 71 39.63 44.76 -17.39
C TYR H 71 39.46 45.55 -18.68
N PRO H 72 39.28 46.86 -18.72
CA PRO H 72 38.92 47.55 -19.95
C PRO H 72 40.09 47.86 -20.85
N ILE H 73 41.33 47.79 -20.36
CA ILE H 73 42.51 48.03 -21.15
C ILE H 73 43.34 46.77 -21.22
N GLU H 74 43.46 46.18 -22.39
CA GLU H 74 44.07 44.87 -22.55
C GLU H 74 45.14 44.99 -23.58
N HIS H 75 46.37 44.68 -23.21
CA HIS H 75 47.56 44.87 -24.01
C HIS H 75 47.72 46.27 -24.52
N GLY H 76 47.31 47.25 -23.71
CA GLY H 76 47.44 48.65 -24.02
C GLY H 76 46.38 49.17 -24.94
N ILE H 77 45.43 48.34 -25.35
CA ILE H 77 44.33 48.75 -26.19
C ILE H 77 43.07 48.79 -25.39
N ILE H 78 42.34 49.90 -25.47
CA ILE H 78 41.06 50.07 -24.81
C ILE H 78 40.01 49.24 -25.51
N THR H 79 39.22 48.45 -24.78
CA THR H 79 38.26 47.53 -25.35
C THR H 79 37.13 48.20 -26.12
N ASN H 80 36.56 49.27 -25.57
CA ASN H 80 35.59 50.11 -26.22
C ASN H 80 35.48 51.35 -25.36
N TRP H 81 35.13 52.50 -25.94
CA TRP H 81 35.04 53.71 -25.15
C TRP H 81 33.73 53.82 -24.39
N ASP H 82 32.78 52.90 -24.59
CA ASP H 82 31.55 52.82 -23.82
C ASP H 82 31.80 52.45 -22.35
N ASP H 83 32.73 51.52 -22.11
CA ASP H 83 33.13 51.12 -20.79
C ASP H 83 34.17 52.10 -20.27
N MET H 84 35.09 52.58 -21.13
CA MET H 84 36.08 53.58 -20.76
C MET H 84 35.46 54.87 -20.23
N GLU H 85 34.43 55.42 -20.91
CA GLU H 85 33.69 56.59 -20.46
C GLU H 85 33.05 56.37 -19.10
N LYS H 86 32.59 55.14 -18.81
CA LYS H 86 32.03 54.79 -17.52
C LYS H 86 33.10 54.73 -16.44
N ILE H 87 34.32 54.21 -16.74
CA ILE H 87 35.51 54.35 -15.89
C ILE H 87 35.76 55.80 -15.51
N TRP H 88 35.87 56.70 -16.51
CA TRP H 88 36.10 58.12 -16.33
C TRP H 88 35.03 58.76 -15.47
N HIS H 89 33.74 58.63 -15.85
CA HIS H 89 32.58 59.15 -15.14
C HIS H 89 32.56 58.71 -13.68
N HIS H 90 32.77 57.40 -13.43
CA HIS H 90 32.89 56.83 -12.09
C HIS H 90 34.00 57.48 -11.29
N THR H 91 35.18 57.63 -11.92
CA THR H 91 36.35 58.23 -11.28
C THR H 91 36.11 59.67 -10.89
N PHE H 92 35.72 60.55 -11.83
CA PHE H 92 35.50 61.94 -11.51
C PHE H 92 34.36 62.18 -10.53
N TYR H 93 33.20 61.56 -10.78
CA TYR H 93 32.03 61.79 -9.96
C TYR H 93 31.98 61.02 -8.66
N ASN H 94 32.17 59.69 -8.69
CA ASN H 94 31.88 58.86 -7.53
C ASN H 94 33.11 58.43 -6.77
N GLU H 95 34.28 58.98 -7.12
CA GLU H 95 35.50 58.83 -6.35
C GLU H 95 35.92 60.23 -5.97
N LEU H 96 36.54 60.96 -6.91
CA LEU H 96 37.13 62.27 -6.66
C LEU H 96 36.16 63.35 -6.22
N ARG H 97 34.90 63.28 -6.68
CA ARG H 97 33.83 64.24 -6.40
C ARG H 97 34.12 65.59 -7.03
N VAL H 98 34.47 65.61 -8.32
CA VAL H 98 34.84 66.82 -9.01
C VAL H 98 34.23 66.93 -10.39
N ALA H 99 33.85 68.15 -10.81
CA ALA H 99 33.38 68.44 -12.14
C ALA H 99 34.54 68.70 -13.11
N PRO H 100 34.63 68.07 -14.28
CA PRO H 100 35.70 68.31 -15.25
C PRO H 100 35.84 69.72 -15.75
N GLU H 101 34.79 70.56 -15.72
CA GLU H 101 34.90 71.93 -16.14
C GLU H 101 35.68 72.78 -15.17
N GLU H 102 35.87 72.30 -13.92
CA GLU H 102 36.66 72.97 -12.91
C GLU H 102 38.15 72.71 -13.02
N HIS H 103 38.63 71.71 -13.73
CA HIS H 103 40.03 71.36 -13.71
C HIS H 103 40.61 71.16 -15.10
N PRO H 104 41.71 71.77 -15.51
CA PRO H 104 42.57 71.22 -16.54
C PRO H 104 43.13 69.86 -16.17
N THR H 105 43.06 68.85 -17.06
CA THR H 105 43.42 67.50 -16.66
C THR H 105 44.74 67.08 -17.26
N LEU H 106 45.29 65.98 -16.76
CA LEU H 106 46.54 65.39 -17.20
C LEU H 106 46.28 63.93 -17.39
N LEU H 107 46.48 63.39 -18.59
CA LEU H 107 46.24 61.99 -18.87
C LEU H 107 47.57 61.38 -19.22
N THR H 108 47.72 60.05 -19.07
CA THR H 108 48.95 59.36 -19.42
C THR H 108 48.72 58.35 -20.51
N GLU H 109 49.80 57.95 -21.22
CA GLU H 109 49.71 56.91 -22.24
C GLU H 109 50.97 56.05 -22.19
N ALA H 110 51.12 55.08 -23.11
CA ALA H 110 52.32 54.29 -23.25
C ALA H 110 53.29 54.91 -24.25
N PRO H 111 54.59 54.67 -24.20
CA PRO H 111 55.55 55.24 -25.14
C PRO H 111 55.31 54.82 -26.59
N LEU H 112 54.93 53.58 -26.83
CA LEU H 112 54.67 53.08 -28.16
C LEU H 112 53.33 52.39 -28.09
N ASN H 113 52.34 52.92 -28.81
CA ASN H 113 51.00 52.39 -28.79
C ASN H 113 50.42 52.72 -30.16
N PRO H 114 49.58 51.93 -30.80
CA PRO H 114 49.07 52.24 -32.12
C PRO H 114 48.23 53.49 -32.24
N LYS H 115 48.38 54.23 -33.34
CA LYS H 115 47.50 55.29 -33.71
C LYS H 115 46.21 54.64 -34.20
N ALA H 116 45.01 55.06 -33.80
CA ALA H 116 44.63 56.33 -33.25
C ALA H 116 44.15 56.23 -31.80
N ASN H 117 44.70 55.29 -31.01
CA ASN H 117 44.38 55.13 -29.60
C ASN H 117 44.58 56.33 -28.70
N ARG H 118 45.47 57.29 -29.03
CA ARG H 118 45.60 58.47 -28.20
C ARG H 118 44.70 59.56 -28.72
N GLU H 119 44.50 59.64 -30.05
CA GLU H 119 43.58 60.55 -30.69
C GLU H 119 42.16 60.27 -30.23
N LYS H 120 41.55 59.13 -30.62
CA LYS H 120 40.22 58.72 -30.22
C LYS H 120 39.89 58.91 -28.73
N MET H 121 40.85 58.61 -27.83
CA MET H 121 40.77 58.88 -26.41
C MET H 121 40.64 60.36 -26.12
N THR H 122 41.66 61.16 -26.49
CA THR H 122 41.74 62.61 -26.34
C THR H 122 40.50 63.32 -26.86
N GLN H 123 40.02 62.86 -28.02
CA GLN H 123 38.91 63.42 -28.74
C GLN H 123 37.61 63.13 -28.02
N ILE H 124 37.35 61.86 -27.67
CA ILE H 124 36.19 61.50 -26.87
C ILE H 124 36.18 62.19 -25.52
N MET H 125 37.30 62.25 -24.76
CA MET H 125 37.32 62.94 -23.49
C MET H 125 37.07 64.45 -23.57
N PHE H 126 37.45 65.10 -24.69
CA PHE H 126 37.19 66.51 -24.90
C PHE H 126 35.73 66.74 -25.25
N GLU H 127 35.11 65.85 -26.04
CA GLU H 127 33.73 66.06 -26.45
C GLU H 127 32.73 65.56 -25.42
N THR H 128 33.06 64.50 -24.65
CA THR H 128 32.19 63.99 -23.61
C THR H 128 32.29 64.75 -22.31
N PHE H 129 33.51 64.97 -21.77
CA PHE H 129 33.62 65.53 -20.42
C PHE H 129 33.96 67.00 -20.46
N ASN H 130 34.40 67.54 -21.61
CA ASN H 130 34.50 68.97 -21.87
C ASN H 130 35.44 69.69 -20.91
N VAL H 131 36.59 69.07 -20.62
CA VAL H 131 37.71 69.66 -19.90
C VAL H 131 38.25 70.93 -20.57
N PRO H 132 38.72 71.95 -19.85
CA PRO H 132 39.08 73.21 -20.49
C PRO H 132 40.47 73.14 -21.09
N ALA H 133 41.33 72.25 -20.58
CA ALA H 133 42.63 72.01 -21.13
C ALA H 133 43.12 70.63 -20.73
N MET H 134 44.05 70.06 -21.50
CA MET H 134 44.48 68.69 -21.32
C MET H 134 45.89 68.49 -21.83
N TYR H 135 46.65 67.53 -21.28
CA TYR H 135 47.92 67.11 -21.83
C TYR H 135 47.99 65.61 -21.66
N VAL H 136 48.69 64.90 -22.57
CA VAL H 136 48.83 63.46 -22.47
C VAL H 136 50.31 63.16 -22.42
N ALA H 137 50.80 62.66 -21.27
CA ALA H 137 52.19 62.32 -21.06
C ALA H 137 52.49 60.82 -21.07
N ILE H 138 53.63 60.39 -21.65
CA ILE H 138 54.01 58.98 -21.53
C ILE H 138 54.47 58.67 -20.09
N GLN H 139 54.12 57.49 -19.54
CA GLN H 139 54.35 57.18 -18.13
C GLN H 139 55.83 57.13 -17.74
N ALA H 140 56.70 56.81 -18.71
CA ALA H 140 58.12 56.71 -18.48
C ALA H 140 58.76 58.05 -18.18
N VAL H 141 58.50 59.10 -18.99
CA VAL H 141 59.01 60.44 -18.73
C VAL H 141 58.65 60.93 -17.35
N LEU H 142 57.39 60.68 -16.91
CA LEU H 142 56.99 61.05 -15.57
C LEU H 142 57.75 60.34 -14.47
N SER H 143 58.18 59.09 -14.70
CA SER H 143 58.98 58.37 -13.72
C SER H 143 60.40 58.89 -13.57
N LEU H 144 60.88 59.70 -14.53
CA LEU H 144 62.17 60.35 -14.43
C LEU H 144 62.08 61.59 -13.59
N TYR H 145 60.95 62.31 -13.72
CA TYR H 145 60.68 63.47 -12.89
C TYR H 145 60.55 63.06 -11.43
N ALA H 146 59.86 61.93 -11.18
CA ALA H 146 59.73 61.33 -9.86
C ALA H 146 61.06 60.84 -9.28
N SER H 147 61.91 60.22 -10.10
CA SER H 147 63.21 59.74 -9.68
C SER H 147 64.22 60.87 -9.50
N GLY H 148 64.02 62.01 -10.17
CA GLY H 148 64.85 63.20 -10.01
C GLY H 148 66.13 63.08 -10.77
N ARG H 149 66.12 62.31 -11.85
CA ARG H 149 67.25 62.14 -12.74
C ARG H 149 66.85 62.68 -14.08
N THR H 150 67.83 63.04 -14.93
CA THR H 150 67.55 63.59 -16.26
C THR H 150 68.18 62.74 -17.33
N THR H 151 68.67 61.56 -16.95
CA THR H 151 69.39 60.64 -17.80
C THR H 151 69.03 59.26 -17.31
N GLY H 152 69.03 58.25 -18.20
CA GLY H 152 68.83 56.86 -17.81
C GLY H 152 67.77 56.14 -18.59
N ILE H 153 67.86 54.79 -18.54
CA ILE H 153 66.89 53.90 -19.13
C ILE H 153 65.84 53.52 -18.12
N VAL H 154 64.57 53.78 -18.46
CA VAL H 154 63.43 53.62 -17.60
C VAL H 154 62.71 52.32 -17.91
N LEU H 155 62.56 51.50 -16.88
CA LEU H 155 61.85 50.24 -16.89
C LEU H 155 60.49 50.40 -16.21
N ASP H 156 59.41 50.64 -16.96
CA ASP H 156 58.10 50.88 -16.37
C ASP H 156 57.33 49.61 -16.62
N SER H 157 57.11 48.83 -15.54
CA SER H 157 56.49 47.53 -15.70
C SER H 157 55.25 47.47 -14.85
N GLY H 158 54.09 47.49 -15.50
CA GLY H 158 52.80 47.29 -14.89
C GLY H 158 52.01 46.29 -15.65
N ASP H 159 50.96 45.72 -15.05
CA ASP H 159 49.99 44.95 -15.78
C ASP H 159 49.26 45.86 -16.78
N GLY H 160 49.08 45.57 -18.07
CA GLY H 160 49.58 44.49 -18.86
C GLY H 160 50.56 44.86 -19.91
N VAL H 161 51.27 45.99 -19.77
CA VAL H 161 52.29 46.43 -20.70
C VAL H 161 53.48 46.94 -19.95
N THR H 162 54.66 46.35 -20.18
CA THR H 162 55.94 46.86 -19.67
C THR H 162 56.63 47.70 -20.73
N HIS H 163 57.58 48.57 -20.36
CA HIS H 163 58.27 49.39 -21.34
C HIS H 163 59.72 49.63 -20.94
N ASN H 164 60.60 49.89 -21.94
CA ASN H 164 62.02 50.16 -21.81
C ASN H 164 62.42 51.44 -22.54
N VAL H 165 62.43 52.61 -21.88
CA VAL H 165 62.71 53.89 -22.55
C VAL H 165 64.07 54.49 -22.19
N PRO H 166 65.02 54.68 -23.10
CA PRO H 166 66.26 55.41 -22.78
C PRO H 166 66.11 56.92 -22.98
N ILE H 167 66.45 57.74 -21.97
CA ILE H 167 66.40 59.19 -22.02
C ILE H 167 67.76 59.76 -21.63
N TYR H 168 68.31 60.71 -22.39
CA TYR H 168 69.55 61.38 -22.04
C TYR H 168 69.37 62.87 -22.01
N GLU H 169 69.65 63.56 -20.99
CA GLU H 169 69.59 64.97 -20.71
C GLU H 169 69.29 65.94 -21.82
N GLY H 170 68.06 66.24 -22.19
CA GLY H 170 66.84 65.70 -21.78
C GLY H 170 66.10 65.23 -22.96
N TYR H 171 66.82 64.67 -23.88
CA TYR H 171 66.36 64.21 -25.10
C TYR H 171 66.14 62.75 -25.19
N ALA H 172 65.30 62.29 -26.03
CA ALA H 172 64.97 60.93 -26.22
C ALA H 172 65.48 60.44 -27.56
N LEU H 173 65.85 59.18 -27.65
CA LEU H 173 66.37 58.56 -28.85
C LEU H 173 65.28 57.65 -29.42
N PRO H 174 64.54 58.00 -30.47
CA PRO H 174 63.42 57.21 -30.96
C PRO H 174 63.75 55.81 -31.36
N HIS H 175 64.97 55.57 -31.84
CA HIS H 175 65.36 54.32 -32.39
C HIS H 175 65.75 53.32 -31.34
N ALA H 176 65.76 53.69 -30.07
CA ALA H 176 66.15 52.82 -29.00
C ALA H 176 65.00 52.51 -28.03
N ILE H 177 63.78 53.02 -28.24
CA ILE H 177 62.67 52.75 -27.33
C ILE H 177 62.06 51.38 -27.60
N MET H 178 62.02 50.50 -26.57
CA MET H 178 61.50 49.15 -26.66
C MET H 178 60.27 48.87 -25.83
N ARG H 179 59.23 48.30 -26.45
CA ARG H 179 57.98 47.94 -25.80
C ARG H 179 57.90 46.42 -25.71
N LEU H 180 57.83 45.87 -24.49
CA LEU H 180 57.60 44.45 -24.29
C LEU H 180 56.18 44.25 -23.82
N ASP H 181 55.41 43.35 -24.46
CA ASP H 181 54.08 42.98 -24.01
C ASP H 181 54.15 41.79 -23.05
N LEU H 182 55.30 41.51 -22.50
CA LEU H 182 55.62 40.41 -21.62
C LEU H 182 54.93 40.43 -20.26
N ALA H 183 54.97 41.54 -19.54
CA ALA H 183 54.41 41.65 -18.22
C ALA H 183 53.24 42.59 -18.24
N GLY H 184 52.23 42.46 -17.35
CA GLY H 184 52.12 41.55 -16.22
C GLY H 184 50.96 40.58 -16.25
N ARG H 185 49.95 40.77 -17.10
CA ARG H 185 48.80 39.89 -17.16
C ARG H 185 49.14 38.47 -17.62
N ASP H 186 50.23 38.34 -18.39
CA ASP H 186 50.76 37.07 -18.82
C ASP H 186 51.50 36.38 -17.70
N LEU H 187 52.01 37.14 -16.72
CA LEU H 187 52.59 36.59 -15.51
C LEU H 187 51.47 36.06 -14.64
N THR H 188 50.33 36.78 -14.57
CA THR H 188 49.12 36.29 -13.92
C THR H 188 48.63 35.01 -14.56
N ASP H 189 48.45 34.98 -15.89
CA ASP H 189 48.01 33.80 -16.60
C ASP H 189 48.97 32.61 -16.47
N TYR H 190 50.30 32.86 -16.46
CA TYR H 190 51.29 31.81 -16.24
C TYR H 190 51.24 31.28 -14.82
N LEU H 191 51.07 32.15 -13.81
CA LEU H 191 50.87 31.73 -12.44
C LEU H 191 49.63 30.87 -12.29
N MET H 192 48.54 31.22 -12.99
CA MET H 192 47.35 30.41 -13.01
C MET H 192 47.57 29.07 -13.70
N LYS H 193 48.47 29.01 -14.69
CA LYS H 193 48.77 27.77 -15.36
C LYS H 193 49.67 26.87 -14.55
N ILE H 194 50.54 27.41 -13.70
CA ILE H 194 51.35 26.54 -12.86
C ILE H 194 50.79 26.36 -11.49
N LEU H 195 49.66 27.01 -11.13
CA LEU H 195 48.93 26.62 -9.94
C LEU H 195 47.93 25.53 -10.21
N THR H 196 47.47 25.36 -11.45
CA THR H 196 46.70 24.19 -11.83
C THR H 196 47.49 22.92 -11.73
N GLU H 197 48.81 23.04 -11.90
CA GLU H 197 49.76 21.98 -11.76
C GLU H 197 49.80 21.42 -10.35
N ARG H 198 49.40 22.19 -9.34
CA ARG H 198 49.26 21.70 -7.99
C ARG H 198 47.82 21.60 -7.55
N GLY H 199 46.88 21.43 -8.48
CA GLY H 199 45.55 21.00 -8.13
C GLY H 199 44.63 22.06 -7.62
N TYR H 200 45.02 23.33 -7.71
CA TYR H 200 44.22 24.43 -7.24
C TYR H 200 43.46 25.00 -8.41
N SER H 201 42.27 24.59 -8.60
CA SER H 201 41.45 24.89 -9.74
C SER H 201 40.84 26.22 -9.89
N PHE H 202 41.60 27.19 -9.97
CA PHE H 202 41.15 28.50 -10.08
C PHE H 202 40.93 28.95 -11.42
N VAL H 203 40.05 28.51 -12.13
CA VAL H 203 39.89 28.69 -13.49
C VAL H 203 39.08 29.86 -13.94
N THR H 204 38.29 30.44 -13.14
CA THR H 204 37.31 31.43 -13.53
C THR H 204 37.87 32.82 -13.49
N THR H 205 37.20 33.73 -14.20
CA THR H 205 37.62 35.10 -14.38
C THR H 205 37.73 35.85 -13.09
N ALA H 206 36.71 35.79 -12.25
CA ALA H 206 36.70 36.38 -10.94
C ALA H 206 37.86 35.88 -10.08
N GLU H 207 38.05 34.55 -10.10
CA GLU H 207 39.07 33.89 -9.29
C GLU H 207 40.46 34.29 -9.70
N ARG H 208 40.64 34.75 -10.97
CA ARG H 208 41.89 35.38 -11.38
C ARG H 208 42.33 36.57 -10.51
N GLU H 209 41.40 37.36 -9.94
CA GLU H 209 41.78 38.39 -8.96
C GLU H 209 42.48 37.80 -7.73
N ILE H 210 41.99 36.65 -7.21
CA ILE H 210 42.62 35.94 -6.12
C ILE H 210 44.02 35.48 -6.46
N VAL H 211 44.24 35.03 -7.71
CA VAL H 211 45.55 34.72 -8.27
C VAL H 211 46.47 35.92 -8.20
N ARG H 212 45.97 37.11 -8.60
CA ARG H 212 46.67 38.38 -8.55
C ARG H 212 47.12 38.71 -7.13
N ASP H 213 46.29 38.39 -6.12
CA ASP H 213 46.65 38.61 -4.74
C ASP H 213 47.78 37.67 -4.31
N ILE H 214 47.80 36.41 -4.78
CA ILE H 214 48.94 35.53 -4.54
C ILE H 214 50.18 35.91 -5.37
N LYS H 215 50.00 36.65 -6.48
CA LYS H 215 51.10 37.21 -7.27
C LYS H 215 51.79 38.35 -6.56
N GLU H 216 51.01 39.19 -5.85
CA GLU H 216 51.49 40.24 -4.99
C GLU H 216 52.29 39.69 -3.81
N LYS H 217 51.60 39.02 -2.89
CA LYS H 217 52.09 38.65 -1.59
C LYS H 217 53.06 37.46 -1.57
N LEU H 218 52.73 36.31 -2.19
CA LEU H 218 53.52 35.11 -1.97
C LEU H 218 54.70 34.88 -2.89
N CYS H 219 54.78 35.53 -4.05
CA CYS H 219 55.89 35.34 -4.97
C CYS H 219 57.24 35.88 -4.48
N TYR H 220 58.36 35.29 -4.93
CA TYR H 220 59.69 35.77 -4.65
C TYR H 220 60.55 35.47 -5.85
N VAL H 221 61.82 35.92 -5.90
CA VAL H 221 62.68 35.65 -7.05
C VAL H 221 63.96 35.00 -6.59
N ALA H 222 64.53 34.13 -7.42
CA ALA H 222 65.80 33.48 -7.22
C ALA H 222 66.96 34.44 -7.40
N LEU H 223 68.16 34.10 -6.95
CA LEU H 223 69.37 34.84 -7.24
C LEU H 223 69.98 34.24 -8.50
N ASP H 224 69.93 32.91 -8.60
CA ASP H 224 70.28 32.15 -9.77
C ASP H 224 69.28 31.01 -9.88
N PHE H 225 68.63 30.86 -11.06
CA PHE H 225 67.62 29.85 -11.33
C PHE H 225 68.10 28.43 -11.02
N GLU H 226 69.19 28.01 -11.68
CA GLU H 226 69.79 26.70 -11.56
C GLU H 226 70.10 26.30 -10.12
N ASN H 227 70.56 27.25 -9.29
CA ASN H 227 70.86 26.96 -7.91
C ASN H 227 69.65 27.01 -7.02
N GLU H 228 68.61 27.81 -7.35
CA GLU H 228 67.36 27.76 -6.60
C GLU H 228 66.59 26.47 -6.89
N MET H 229 66.72 25.94 -8.12
CA MET H 229 66.17 24.66 -8.52
C MET H 229 66.82 23.52 -7.77
N ALA H 230 68.13 23.63 -7.52
CA ALA H 230 68.88 22.73 -6.66
C ALA H 230 68.33 22.71 -5.25
N THR H 231 68.17 23.88 -4.62
CA THR H 231 67.68 23.95 -3.25
C THR H 231 66.19 23.63 -3.14
N ALA H 232 65.42 23.75 -4.24
CA ALA H 232 64.07 23.27 -4.35
C ALA H 232 63.92 21.77 -4.21
N ALA H 233 64.91 21.01 -4.70
CA ALA H 233 64.94 19.58 -4.59
C ALA H 233 65.13 19.11 -3.14
N SER H 234 65.74 19.97 -2.31
CA SER H 234 65.87 19.76 -0.88
C SER H 234 64.56 19.90 -0.16
N SER H 235 64.49 19.40 1.07
CA SER H 235 63.29 19.30 1.86
C SER H 235 62.94 20.55 2.61
N SER H 236 63.79 21.57 2.52
CA SER H 236 63.62 22.88 3.10
C SER H 236 62.37 23.60 2.71
N SER H 237 61.84 24.44 3.55
CA SER H 237 60.57 25.04 3.39
C SER H 237 60.51 26.23 2.50
N LEU H 238 60.47 26.02 1.21
CA LEU H 238 60.11 26.99 0.24
C LEU H 238 58.61 27.13 0.18
N GLU H 239 57.89 26.06 0.61
CA GLU H 239 56.46 25.99 0.70
C GLU H 239 55.88 26.96 1.70
N LYS H 240 55.05 27.90 1.24
CA LYS H 240 54.34 28.83 2.09
C LYS H 240 52.86 28.57 1.97
N SER H 241 52.14 28.59 3.11
CA SER H 241 50.72 28.26 3.15
C SER H 241 49.87 29.52 3.12
N TYR H 242 49.10 29.71 2.04
CA TYR H 242 48.16 30.81 1.89
C TYR H 242 46.78 30.34 2.30
N GLU H 243 45.92 31.23 2.79
CA GLU H 243 44.55 30.89 3.11
C GLU H 243 43.62 31.56 2.13
N LEU H 244 42.58 30.85 1.68
CA LEU H 244 41.73 31.26 0.59
C LEU H 244 40.39 31.71 1.14
N PRO H 245 39.56 32.55 0.50
CA PRO H 245 38.34 33.08 1.09
C PRO H 245 37.31 32.08 1.50
N ASP H 246 37.31 30.87 0.94
CA ASP H 246 36.45 29.80 1.36
C ASP H 246 37.11 28.88 2.34
N GLY H 247 38.15 29.08 2.90
CA GLY H 247 38.83 28.34 3.93
C GLY H 247 39.88 27.42 3.46
N GLN H 248 40.25 27.32 2.30
CA GLN H 248 41.18 26.37 1.74
C GLN H 248 42.60 26.84 1.98
N VAL H 249 43.53 25.91 2.19
CA VAL H 249 44.92 26.21 2.44
C VAL H 249 45.77 25.76 1.26
N ILE H 250 46.46 26.70 0.62
CA ILE H 250 47.21 26.45 -0.59
C ILE H 250 48.68 26.52 -0.24
N THR H 251 49.45 25.46 -0.59
CA THR H 251 50.88 25.38 -0.36
C THR H 251 51.64 25.39 -1.66
N ILE H 252 52.23 26.53 -2.04
CA ILE H 252 53.07 26.64 -3.22
C ILE H 252 54.52 26.82 -2.84
N GLY H 253 55.45 26.16 -3.55
CA GLY H 253 56.88 26.20 -3.28
C GLY H 253 57.74 26.51 -4.46
N ASN H 254 58.01 25.55 -5.34
CA ASN H 254 58.87 25.72 -6.52
C ASN H 254 58.35 26.76 -7.48
N GLU H 255 57.06 26.67 -7.82
CA GLU H 255 56.37 27.60 -8.68
C GLU H 255 56.39 29.06 -8.21
N ARG H 256 56.52 29.26 -6.87
CA ARG H 256 56.71 30.52 -6.18
C ARG H 256 57.84 31.41 -6.60
N PHE H 257 59.03 30.78 -6.89
CA PHE H 257 60.10 31.49 -7.52
C PHE H 257 60.16 31.35 -9.03
N ARG H 258 59.44 30.33 -9.56
CA ARG H 258 59.43 30.08 -10.97
C ARG H 258 58.72 31.17 -11.77
N CYS H 259 57.52 31.56 -11.37
CA CYS H 259 56.81 32.61 -12.06
C CYS H 259 57.57 33.95 -12.27
N PRO H 260 58.18 34.67 -11.31
CA PRO H 260 58.86 35.92 -11.63
C PRO H 260 60.07 35.78 -12.52
N GLU H 261 60.77 34.63 -12.46
CA GLU H 261 61.95 34.33 -13.28
C GLU H 261 61.68 34.47 -14.76
N THR H 262 60.41 34.30 -15.20
CA THR H 262 59.91 34.62 -16.53
C THR H 262 60.39 35.96 -17.11
N LEU H 263 60.62 36.99 -16.27
CA LEU H 263 61.14 38.27 -16.70
C LEU H 263 62.56 38.20 -17.25
N PHE H 264 63.35 37.25 -16.74
CA PHE H 264 64.64 36.89 -17.27
C PHE H 264 64.59 35.77 -18.28
N GLN H 265 63.59 34.91 -18.30
CA GLN H 265 63.43 33.86 -19.29
C GLN H 265 62.02 33.78 -19.85
N PRO H 266 61.69 34.49 -20.95
CA PRO H 266 60.37 34.41 -21.57
C PRO H 266 60.11 33.08 -22.24
N SER H 267 61.11 32.21 -22.32
CA SER H 267 61.00 30.83 -22.74
C SER H 267 60.05 30.04 -21.85
N PHE H 268 59.90 30.42 -20.57
CA PHE H 268 58.94 29.81 -19.67
C PHE H 268 57.52 29.98 -20.15
N ILE H 269 57.14 31.18 -20.61
CA ILE H 269 55.86 31.43 -21.22
C ILE H 269 55.81 30.92 -22.62
N GLY H 270 56.95 30.86 -23.30
CA GLY H 270 57.10 30.42 -24.66
C GLY H 270 57.09 31.48 -25.68
N MET H 271 57.25 32.74 -25.33
CA MET H 271 57.33 33.81 -26.28
C MET H 271 58.73 34.00 -26.81
N GLU H 272 58.87 34.45 -28.06
CA GLU H 272 60.11 34.49 -28.79
C GLU H 272 61.07 35.55 -28.29
N SER H 273 60.53 36.67 -27.83
CA SER H 273 61.23 37.79 -27.23
C SER H 273 62.21 37.45 -26.12
N ALA H 274 63.22 38.30 -25.90
CA ALA H 274 64.28 38.08 -24.95
C ALA H 274 64.05 38.85 -23.66
N GLY H 275 64.69 38.44 -22.54
CA GLY H 275 64.44 38.98 -21.21
C GLY H 275 64.84 40.42 -21.02
N ILE H 276 64.39 41.05 -19.91
CA ILE H 276 64.74 42.41 -19.55
C ILE H 276 66.23 42.68 -19.51
N HIS H 277 67.01 41.72 -18.95
CA HIS H 277 68.43 41.51 -19.17
C HIS H 277 68.95 41.90 -20.56
N GLU H 278 68.42 41.23 -21.60
CA GLU H 278 68.92 41.39 -22.94
C GLU H 278 68.32 42.59 -23.64
N THR H 279 67.07 42.99 -23.33
CA THR H 279 66.49 44.19 -23.96
C THR H 279 67.14 45.46 -23.45
N THR H 280 67.62 45.43 -22.19
CA THR H 280 68.43 46.50 -21.61
C THR H 280 69.72 46.64 -22.37
N TYR H 281 70.50 45.55 -22.51
CA TYR H 281 71.73 45.59 -23.28
C TYR H 281 71.52 45.98 -24.74
N ASN H 282 70.56 45.36 -25.45
CA ASN H 282 70.33 45.66 -26.85
C ASN H 282 69.80 47.05 -27.14
N SER H 283 69.12 47.72 -26.17
CA SER H 283 68.74 49.11 -26.31
C SER H 283 69.88 50.05 -26.04
N ILE H 284 70.74 49.72 -25.06
CA ILE H 284 71.94 50.48 -24.74
C ILE H 284 72.90 50.42 -25.91
N MET H 285 73.14 49.24 -26.48
CA MET H 285 73.97 49.12 -27.66
C MET H 285 73.26 49.48 -28.96
N LYS H 286 72.15 50.24 -28.90
CA LYS H 286 71.63 50.97 -30.03
C LYS H 286 71.82 52.45 -29.80
N CYS H 287 72.32 52.88 -28.67
CA CYS H 287 72.67 54.25 -28.38
C CYS H 287 74.12 54.54 -28.70
N ASP H 288 74.42 55.81 -29.06
CA ASP H 288 75.74 56.29 -29.38
C ASP H 288 76.78 56.08 -28.28
N ILE H 289 78.04 55.84 -28.69
CA ILE H 289 79.14 55.37 -27.88
C ILE H 289 79.36 56.15 -26.60
N ASP H 290 79.40 57.50 -26.67
CA ASP H 290 79.65 58.33 -25.52
C ASP H 290 78.55 58.26 -24.49
N ILE H 291 77.28 58.12 -24.92
CA ILE H 291 76.16 58.23 -24.02
C ILE H 291 76.01 56.98 -23.17
N ARG H 292 76.51 55.82 -23.66
CA ARG H 292 76.38 54.54 -22.99
C ARG H 292 76.93 54.52 -21.56
N LYS H 293 78.01 55.29 -21.33
CA LYS H 293 78.64 55.53 -20.04
C LYS H 293 77.70 55.96 -18.94
N ASP H 294 76.69 56.79 -19.26
CA ASP H 294 75.82 57.34 -18.24
C ASP H 294 74.46 56.69 -18.31
N LEU H 295 74.21 55.81 -19.30
CA LEU H 295 73.03 54.96 -19.26
C LEU H 295 73.23 53.86 -18.24
N TYR H 296 74.45 53.30 -18.17
CA TYR H 296 74.85 52.49 -17.04
C TYR H 296 74.94 53.32 -15.77
N ALA H 297 74.28 52.85 -14.70
CA ALA H 297 74.23 53.43 -13.37
C ALA H 297 73.14 54.46 -13.23
N ASN H 298 72.24 54.52 -14.21
CA ASN H 298 71.02 55.29 -14.17
C ASN H 298 69.94 54.41 -14.74
N ASN H 299 70.05 53.09 -14.50
CA ASN H 299 69.04 52.10 -14.79
C ASN H 299 67.94 52.22 -13.73
N VAL H 300 66.79 52.81 -14.09
CA VAL H 300 65.70 53.09 -13.16
C VAL H 300 64.45 52.25 -13.32
N MET H 301 64.11 51.43 -12.30
CA MET H 301 62.92 50.60 -12.39
C MET H 301 61.69 51.40 -11.94
N SER H 302 60.48 50.97 -12.33
CA SER H 302 59.26 51.62 -11.94
C SER H 302 58.11 50.63 -12.11
N GLY H 303 56.87 51.05 -11.82
CA GLY H 303 55.65 50.26 -11.91
C GLY H 303 55.47 49.28 -10.78
N GLY H 304 54.30 48.73 -10.60
CA GLY H 304 53.95 47.77 -9.56
C GLY H 304 54.47 46.38 -9.70
N THR H 305 54.72 45.92 -10.94
CA THR H 305 55.19 44.54 -11.15
C THR H 305 56.67 44.41 -10.95
N THR H 306 57.39 45.53 -10.70
CA THR H 306 58.79 45.44 -10.30
C THR H 306 58.94 45.30 -8.81
N MET H 307 57.84 45.13 -8.05
CA MET H 307 57.92 44.99 -6.61
C MET H 307 58.14 43.57 -6.12
N TYR H 308 58.49 42.62 -7.00
CA TYR H 308 58.94 41.29 -6.57
C TYR H 308 60.24 41.39 -5.74
N PRO H 309 60.45 40.71 -4.62
CA PRO H 309 61.64 40.85 -3.81
C PRO H 309 62.98 40.64 -4.41
N GLY H 310 63.40 39.82 -5.17
CA GLY H 310 64.71 39.54 -5.70
C GLY H 310 65.19 40.40 -6.83
N ILE H 311 64.30 41.23 -7.40
CA ILE H 311 64.72 42.29 -8.30
C ILE H 311 64.79 43.51 -7.41
N ALA H 312 65.85 44.33 -7.51
CA ALA H 312 66.76 44.48 -8.62
C ALA H 312 68.08 43.77 -8.48
N ASP H 313 68.37 42.97 -7.44
CA ASP H 313 69.74 42.51 -7.30
C ASP H 313 70.01 41.25 -8.13
N ARG H 314 68.94 40.57 -8.58
CA ARG H 314 68.95 39.65 -9.70
C ARG H 314 69.27 40.38 -10.98
N MET H 315 68.46 41.40 -11.33
CA MET H 315 68.69 42.28 -12.47
C MET H 315 70.10 42.86 -12.53
N GLN H 316 70.64 43.28 -11.39
CA GLN H 316 72.00 43.76 -11.22
C GLN H 316 72.99 42.69 -11.60
N LYS H 317 73.06 41.56 -10.87
CA LYS H 317 73.97 40.47 -11.19
C LYS H 317 73.93 39.97 -12.64
N GLU H 318 72.73 39.89 -13.25
CA GLU H 318 72.56 39.47 -14.63
C GLU H 318 73.06 40.49 -15.63
N ILE H 319 72.76 41.80 -15.41
CA ILE H 319 73.20 42.86 -16.30
C ILE H 319 74.70 42.97 -16.21
N THR H 320 75.27 42.94 -14.99
CA THR H 320 76.70 42.98 -14.72
C THR H 320 77.47 41.87 -15.43
N ALA H 321 76.83 40.72 -15.70
CA ALA H 321 77.44 39.65 -16.46
C ALA H 321 77.51 39.89 -17.95
N LEU H 322 76.55 40.63 -18.53
CA LEU H 322 76.50 40.89 -19.96
C LEU H 322 77.14 42.22 -20.32
N ALA H 323 77.02 43.22 -19.43
CA ALA H 323 77.59 44.54 -19.54
C ALA H 323 79.13 44.54 -19.60
N PRO H 324 79.80 45.51 -20.24
CA PRO H 324 81.25 45.65 -20.21
C PRO H 324 81.90 45.61 -18.84
N SER H 325 83.10 45.02 -18.75
CA SER H 325 83.86 44.91 -17.52
C SER H 325 84.34 46.24 -16.99
N THR H 326 84.43 46.40 -15.66
CA THR H 326 84.93 47.55 -14.92
C THR H 326 84.07 48.78 -15.02
N MET H 327 82.91 48.71 -15.51
CA MET H 327 81.93 49.76 -15.61
C MET H 327 81.02 49.70 -14.43
N LYS H 328 80.79 50.81 -13.75
CA LYS H 328 79.96 50.86 -12.58
C LYS H 328 78.48 50.80 -12.89
N ILE H 329 77.75 49.92 -12.27
CA ILE H 329 76.36 49.71 -12.54
C ILE H 329 75.62 49.85 -11.25
N LYS H 330 74.65 50.72 -11.19
CA LYS H 330 73.73 50.88 -10.09
C LYS H 330 72.35 50.84 -10.68
N ILE H 331 71.41 50.20 -9.99
CA ILE H 331 70.06 50.04 -10.45
C ILE H 331 69.16 50.77 -9.50
N ILE H 332 68.55 51.79 -9.80
CA ILE H 332 67.80 52.68 -8.95
C ILE H 332 66.40 52.15 -8.84
N ALA H 333 66.00 51.75 -7.63
CA ALA H 333 64.71 51.20 -7.39
C ALA H 333 64.17 51.65 -6.07
N PRO H 334 63.49 52.75 -5.96
CA PRO H 334 62.99 53.23 -4.70
C PRO H 334 61.82 52.42 -4.22
N PRO H 335 61.42 52.35 -2.99
CA PRO H 335 60.08 52.02 -2.57
C PRO H 335 58.98 52.74 -3.28
N GLU H 336 57.88 52.50 -3.29
CA GLU H 336 56.69 53.13 -3.79
C GLU H 336 56.48 53.15 -5.27
N ARG H 337 57.19 52.29 -6.03
CA ARG H 337 57.22 52.35 -7.48
C ARG H 337 55.88 52.34 -8.20
N LYS H 338 54.84 51.74 -7.59
CA LYS H 338 53.48 51.77 -8.06
C LYS H 338 52.89 53.17 -8.18
N TYR H 339 53.40 54.14 -7.40
CA TYR H 339 52.91 55.49 -7.44
C TYR H 339 53.94 56.42 -8.03
N SER H 340 55.06 55.88 -8.57
CA SER H 340 56.14 56.65 -9.18
C SER H 340 55.64 57.61 -10.24
N VAL H 341 54.94 57.05 -11.24
CA VAL H 341 54.28 57.76 -12.33
C VAL H 341 53.42 58.91 -11.85
N TRP H 342 52.60 58.68 -10.80
CA TRP H 342 51.70 59.68 -10.26
C TRP H 342 52.45 60.83 -9.61
N ILE H 343 53.51 60.54 -8.80
CA ILE H 343 54.35 61.57 -8.20
C ILE H 343 55.12 62.37 -9.24
N GLY H 344 55.35 61.77 -10.42
CA GLY H 344 55.88 62.43 -11.61
C GLY H 344 54.92 63.45 -12.10
N GLY H 345 53.69 63.00 -12.44
CA GLY H 345 52.62 63.83 -12.97
C GLY H 345 52.32 65.01 -12.09
N SER H 346 52.30 64.81 -10.76
CA SER H 346 52.10 65.87 -9.78
C SER H 346 53.13 66.98 -9.89
N ILE H 347 54.43 66.62 -10.02
CA ILE H 347 55.50 67.59 -10.23
C ILE H 347 55.36 68.31 -11.55
N LEU H 348 54.92 67.61 -12.61
CA LEU H 348 54.88 68.14 -13.95
C LEU H 348 53.85 69.25 -14.09
N ALA H 349 52.57 68.92 -13.88
CA ALA H 349 51.46 69.83 -14.04
C ALA H 349 51.48 71.00 -13.05
N SER H 350 52.28 70.91 -11.97
CA SER H 350 52.44 72.00 -11.04
C SER H 350 53.46 73.00 -11.52
N LEU H 351 54.47 72.59 -12.30
CA LEU H 351 55.48 73.49 -12.83
C LEU H 351 54.96 74.53 -13.82
N SER H 352 55.23 75.80 -13.55
CA SER H 352 55.32 76.83 -14.56
C SER H 352 56.57 76.62 -15.39
N THR H 353 56.59 76.88 -16.70
CA THR H 353 55.57 77.50 -17.51
C THR H 353 54.79 76.47 -18.29
N PHE H 354 55.00 75.17 -18.01
CA PHE H 354 54.42 74.08 -18.77
C PHE H 354 52.90 73.96 -18.78
N GLN H 355 52.20 74.91 -18.15
CA GLN H 355 50.80 75.23 -18.36
C GLN H 355 50.50 75.54 -19.81
N GLN H 356 51.47 76.13 -20.51
CA GLN H 356 51.34 76.45 -21.90
C GLN H 356 51.82 75.32 -22.79
N MET H 357 52.03 74.11 -22.25
CA MET H 357 52.16 72.93 -23.08
C MET H 357 50.93 72.07 -22.95
N TRP H 358 49.85 72.61 -22.37
CA TRP H 358 48.57 71.95 -22.35
C TRP H 358 47.80 72.34 -23.60
N ILE H 359 47.02 71.43 -24.17
CA ILE H 359 46.11 71.68 -25.26
C ILE H 359 44.87 72.32 -24.69
N THR H 360 44.48 73.51 -25.15
CA THR H 360 43.33 74.23 -24.62
C THR H 360 42.13 74.08 -25.52
N LYS H 361 40.92 74.06 -24.93
CA LYS H 361 39.66 73.77 -25.60
C LYS H 361 39.37 74.64 -26.80
N GLN H 362 39.63 75.95 -26.72
CA GLN H 362 39.41 76.87 -27.82
C GLN H 362 40.25 76.56 -29.04
N GLU H 363 41.53 76.22 -28.87
CA GLU H 363 42.40 75.85 -29.96
C GLU H 363 42.05 74.46 -30.48
N TYR H 364 41.70 73.52 -29.58
CA TYR H 364 41.23 72.19 -29.90
C TYR H 364 39.97 72.19 -30.75
N ASP H 365 39.05 73.13 -30.50
CA ASP H 365 37.82 73.28 -31.27
C ASP H 365 38.12 73.52 -32.75
N GLU H 366 39.15 74.30 -33.05
CA GLU H 366 39.59 74.51 -34.41
C GLU H 366 40.40 73.34 -34.95
N ALA H 367 41.34 72.82 -34.17
CA ALA H 367 42.30 71.84 -34.60
C ALA H 367 41.90 70.39 -34.67
N GLY H 368 41.07 69.90 -33.73
CA GLY H 368 40.67 68.51 -33.68
C GLY H 368 41.81 67.55 -33.39
N PRO H 369 41.85 66.35 -33.84
CA PRO H 369 42.86 65.36 -33.51
C PRO H 369 44.23 65.63 -34.07
N SER H 370 44.37 66.52 -35.02
CA SER H 370 45.63 66.91 -35.56
C SER H 370 46.53 67.57 -34.57
N ILE H 371 47.60 67.54 -34.61
CA ILE H 371 48.62 68.16 -33.82
C ILE H 371 48.82 67.65 -32.48
N VAL H 372 48.01 66.82 -31.95
CA VAL H 372 48.07 66.20 -30.71
C VAL H 372 49.17 65.33 -30.67
N HIS H 373 49.35 64.67 -31.69
CA HIS H 373 50.35 63.83 -31.82
C HIS H 373 51.19 64.42 -32.63
N THR I 7 56.37 -10.79 -24.07
CA THR I 7 56.53 -10.34 -25.12
C THR I 7 55.78 -9.14 -25.57
N THR I 8 54.64 -9.32 -26.21
CA THR I 8 53.86 -8.28 -26.82
C THR I 8 53.36 -7.19 -25.90
N ALA I 9 53.53 -5.94 -26.32
CA ALA I 9 53.04 -4.77 -25.63
C ALA I 9 51.53 -4.67 -25.53
N LEU I 10 51.04 -4.02 -24.47
CA LEU I 10 49.62 -3.94 -24.19
C LEU I 10 49.19 -2.49 -24.16
N VAL I 11 48.22 -2.10 -25.01
CA VAL I 11 47.64 -0.77 -25.01
C VAL I 11 46.37 -0.72 -24.18
N CYS I 12 46.46 0.01 -23.06
CA CYS I 12 45.45 0.19 -22.06
C CYS I 12 45.22 1.66 -21.96
N ASP I 13 44.01 2.11 -22.32
CA ASP I 13 43.69 3.51 -22.34
C ASP I 13 42.85 3.75 -21.11
N ASN I 14 43.37 4.65 -20.26
CA ASN I 14 42.75 5.18 -19.08
C ASN I 14 41.68 6.18 -19.48
N GLY I 15 40.61 5.69 -20.10
CA GLY I 15 39.37 6.41 -20.23
C GLY I 15 38.80 6.85 -18.93
N SER I 16 37.97 7.86 -18.99
CA SER I 16 37.18 8.30 -17.90
C SER I 16 35.78 7.81 -18.02
N GLY I 17 35.47 7.16 -19.15
CA GLY I 17 34.22 6.53 -19.47
C GLY I 17 34.03 5.17 -18.82
N LEU I 18 34.26 3.99 -19.42
CA LEU I 18 34.85 3.54 -20.66
C LEU I 18 36.36 3.48 -20.64
N VAL I 19 36.92 2.65 -19.72
CA VAL I 19 38.31 2.24 -19.81
C VAL I 19 38.44 1.22 -20.94
N LYS I 20 39.49 1.35 -21.78
CA LYS I 20 39.67 0.53 -22.97
C LYS I 20 40.97 -0.25 -22.87
N ALA I 21 40.99 -1.56 -23.17
CA ALA I 21 42.19 -2.37 -23.09
C ALA I 21 42.33 -3.38 -24.23
N GLY I 22 43.54 -3.55 -24.80
CA GLY I 22 43.74 -4.50 -25.87
C GLY I 22 45.18 -4.61 -26.25
N PHE I 23 45.67 -5.79 -26.68
CA PHE I 23 47.07 -5.99 -27.02
C PHE I 23 47.48 -5.16 -28.24
N ALA I 24 48.79 -5.07 -28.57
CA ALA I 24 49.25 -4.25 -29.66
C ALA I 24 48.80 -4.70 -31.05
N GLY I 25 47.80 -4.06 -31.59
CA GLY I 25 47.15 -4.32 -32.86
C GLY I 25 46.49 -5.59 -33.07
N ASP I 26 45.82 -5.79 -34.20
CA ASP I 26 45.71 -4.95 -35.33
C ASP I 26 44.30 -4.61 -35.61
N ASP I 27 43.37 -5.04 -34.80
CA ASP I 27 41.98 -4.95 -34.99
C ASP I 27 41.26 -4.16 -33.96
N ALA I 28 40.75 -4.31 -33.00
CA ALA I 28 39.92 -3.61 -32.06
C ALA I 28 40.28 -3.93 -30.60
N PRO I 29 39.89 -3.17 -29.59
CA PRO I 29 40.17 -3.49 -28.18
C PRO I 29 39.58 -4.80 -27.72
N ARG I 30 40.22 -5.50 -26.82
CA ARG I 30 39.75 -6.74 -26.26
C ARG I 30 38.74 -6.55 -25.15
N ALA I 31 38.90 -5.48 -24.34
CA ALA I 31 38.06 -5.24 -23.18
C ALA I 31 37.64 -3.78 -23.13
N VAL I 32 36.34 -3.52 -22.97
CA VAL I 32 35.78 -2.20 -22.79
C VAL I 32 34.81 -2.32 -21.65
N PHE I 33 34.81 -1.40 -20.66
CA PHE I 33 33.88 -1.54 -19.55
C PHE I 33 33.61 -0.20 -18.88
N PRO I 34 32.49 0.01 -18.19
CA PRO I 34 32.04 1.34 -17.81
C PRO I 34 32.64 1.87 -16.53
N SER I 35 33.75 1.31 -16.05
CA SER I 35 34.60 1.79 -14.96
C SER I 35 34.05 1.78 -13.54
N ILE I 36 32.73 1.77 -13.36
CA ILE I 36 32.03 1.73 -12.09
C ILE I 36 32.52 0.68 -11.08
N VAL I 37 32.74 1.10 -9.82
CA VAL I 37 32.88 0.20 -8.68
C VAL I 37 31.68 0.43 -7.78
N GLY I 38 31.08 -0.63 -7.20
CA GLY I 38 29.89 -0.48 -6.38
C GLY I 38 29.83 -1.42 -5.21
N ARG I 39 29.71 -0.88 -3.98
CA ARG I 39 29.52 -1.67 -2.78
C ARG I 39 28.03 -1.97 -2.61
N PRO I 40 27.61 -3.05 -1.95
CA PRO I 40 26.20 -3.42 -1.86
C PRO I 40 25.43 -2.62 -0.84
N ARG I 41 24.44 -1.83 -1.28
CA ARG I 41 23.71 -0.90 -0.43
C ARG I 41 22.57 -1.48 0.33
N HIS I 42 22.13 -2.68 0.13
CA HIS I 42 21.04 -3.32 0.83
C HIS I 42 21.54 -4.51 1.62
N GLN I 43 20.78 -4.99 2.60
CA GLN I 43 21.11 -6.16 3.37
C GLN I 43 20.69 -7.44 2.80
N GLY I 44 21.57 -8.41 2.82
CA GLY I 44 21.39 -9.68 2.24
C GLY I 44 20.76 -10.56 2.69
N VAL I 45 19.85 -10.64 2.53
CA VAL I 45 19.19 -11.35 3.01
C VAL I 45 19.18 -12.80 2.64
N MET I 46 19.51 -13.26 1.81
CA MET I 46 19.56 -14.65 1.43
C MET I 46 20.70 -15.31 1.84
N VAL I 47 21.67 -14.55 2.16
CA VAL I 47 22.71 -14.87 2.86
C VAL I 47 23.48 -15.78 2.19
N GLY I 48 23.48 -16.48 1.27
CA GLY I 48 24.17 -17.29 0.47
C GLY I 48 25.29 -17.91 0.87
N MET I 49 26.38 -17.35 0.90
CA MET I 49 26.69 -16.13 0.62
C MET I 49 27.41 -15.87 -0.65
N GLY I 50 28.67 -15.65 -0.62
CA GLY I 50 29.48 -15.60 -1.76
C GLY I 50 29.51 -14.32 -2.50
N GLN I 51 28.96 -13.29 -1.97
CA GLN I 51 28.88 -12.03 -2.61
C GLN I 51 30.17 -11.25 -2.52
N LYS I 52 30.54 -10.48 -3.53
CA LYS I 52 31.75 -9.69 -3.56
C LYS I 52 31.63 -8.41 -2.78
N ASP I 53 32.74 -7.91 -2.21
CA ASP I 53 32.80 -6.67 -1.46
C ASP I 53 32.51 -5.47 -2.33
N SER I 54 33.04 -5.48 -3.56
CA SER I 54 32.71 -4.51 -4.57
C SER I 54 32.72 -5.17 -5.93
N TYR I 55 31.62 -5.03 -6.67
CA TYR I 55 31.48 -5.48 -8.04
C TYR I 55 32.00 -4.40 -8.96
N VAL I 56 32.88 -4.73 -9.90
CA VAL I 56 33.24 -3.80 -10.96
C VAL I 56 32.29 -3.97 -12.13
N GLY I 57 32.33 -3.11 -13.16
CA GLY I 57 31.68 -3.35 -14.45
C GLY I 57 32.32 -4.50 -15.18
N ASP I 58 31.61 -5.28 -16.00
CA ASP I 58 30.22 -5.22 -16.40
C ASP I 58 29.26 -5.77 -15.35
N GLU I 59 29.69 -6.63 -14.42
CA GLU I 59 28.80 -7.22 -13.44
C GLU I 59 28.03 -6.25 -12.56
N ALA I 60 28.57 -5.04 -12.34
CA ALA I 60 27.90 -3.96 -11.66
C ALA I 60 26.85 -3.23 -12.49
N GLN I 61 26.64 -3.64 -13.75
CA GLN I 61 25.63 -3.09 -14.63
C GLN I 61 24.57 -4.15 -14.85
N SER I 62 24.83 -5.36 -14.33
CA SER I 62 23.86 -6.44 -14.22
C SER I 62 23.31 -6.48 -12.82
N LYS I 63 23.87 -5.72 -11.90
CA LYS I 63 23.51 -5.68 -10.51
C LYS I 63 23.13 -4.28 -10.09
N ARG I 64 22.55 -3.47 -10.99
CA ARG I 64 22.01 -2.18 -10.61
C ARG I 64 20.91 -2.29 -9.57
N GLY I 65 20.85 -1.34 -8.63
CA GLY I 65 19.81 -1.26 -7.62
C GLY I 65 20.13 -1.99 -6.36
N ILE I 66 21.17 -2.81 -6.35
CA ILE I 66 21.63 -3.47 -5.13
C ILE I 66 22.98 -2.91 -4.74
N LEU I 67 23.54 -1.98 -5.55
CA LEU I 67 24.82 -1.38 -5.29
C LEU I 67 24.71 0.12 -5.40
N THR I 68 25.78 0.85 -5.01
CA THR I 68 25.88 2.29 -5.23
C THR I 68 27.09 2.57 -6.07
N LEU I 69 26.86 2.74 -7.38
CA LEU I 69 27.89 2.93 -8.39
C LEU I 69 28.75 4.17 -8.19
N LYS I 70 30.08 4.02 -8.20
CA LYS I 70 31.03 5.09 -8.05
C LYS I 70 32.07 5.01 -9.15
N TYR I 71 32.05 5.97 -10.10
CA TYR I 71 33.08 6.07 -11.14
C TYR I 71 34.41 6.42 -10.47
N PRO I 72 35.53 5.78 -10.69
CA PRO I 72 36.73 6.01 -9.90
C PRO I 72 37.53 7.21 -10.34
N ILE I 73 37.32 7.74 -11.54
CA ILE I 73 38.01 8.90 -12.01
C ILE I 73 37.02 10.02 -12.25
N GLU I 74 37.12 11.09 -11.47
CA GLU I 74 36.14 12.15 -11.46
C GLU I 74 36.84 13.44 -11.67
N HIS I 75 36.46 14.15 -12.74
CA HIS I 75 37.12 15.34 -13.22
C HIS I 75 38.59 15.17 -13.44
N GLY I 76 38.99 13.98 -13.89
CA GLY I 76 40.36 13.65 -14.21
C GLY I 76 41.20 13.32 -13.02
N ILE I 77 40.62 13.31 -11.81
CA ILE I 77 41.33 12.94 -10.61
C ILE I 77 40.87 11.59 -10.15
N ILE I 78 41.80 10.68 -9.87
CA ILE I 78 41.52 9.38 -9.35
C ILE I 78 41.09 9.47 -7.90
N THR I 79 39.98 8.83 -7.52
CA THR I 79 39.41 8.96 -6.19
C THR I 79 40.30 8.41 -5.08
N ASN I 80 40.89 7.24 -5.29
CA ASN I 80 41.87 6.65 -4.41
C ASN I 80 42.49 5.52 -5.19
N TRP I 81 43.75 5.16 -4.92
CA TRP I 81 44.37 4.09 -5.67
C TRP I 81 43.99 2.71 -5.17
N ASP I 82 43.23 2.60 -4.07
CA ASP I 82 42.67 1.35 -3.58
C ASP I 82 41.64 0.76 -4.53
N ASP I 83 40.78 1.61 -5.09
CA ASP I 83 39.79 1.23 -6.07
C ASP I 83 40.45 1.16 -7.44
N MET I 84 41.36 2.09 -7.76
CA MET I 84 42.11 2.09 -9.01
C MET I 84 42.90 0.80 -9.23
N GLU I 85 43.64 0.31 -8.21
CA GLU I 85 44.37 -0.94 -8.26
C GLU I 85 43.43 -2.12 -8.52
N LYS I 86 42.20 -2.08 -7.99
CA LYS I 86 41.21 -3.10 -8.24
C LYS I 86 40.67 -3.06 -9.66
N ILE I 87 40.47 -1.85 -10.25
CA ILE I 87 40.25 -1.66 -11.69
C ILE I 87 41.31 -2.34 -12.52
N TRP I 88 42.60 -2.04 -12.27
CA TRP I 88 43.75 -2.60 -12.96
C TRP I 88 43.77 -4.12 -12.85
N HIS I 89 43.77 -4.66 -11.62
CA HIS I 89 43.76 -6.08 -11.32
C HIS I 89 42.63 -6.83 -12.04
N HIS I 90 41.40 -6.29 -11.97
CA HIS I 90 40.24 -6.80 -12.69
C HIS I 90 40.47 -6.84 -14.18
N THR I 91 41.02 -5.75 -14.74
CA THR I 91 41.29 -5.64 -16.17
C THR I 91 42.31 -6.64 -16.64
N PHE I 92 43.51 -6.69 -16.04
CA PHE I 92 44.52 -7.63 -16.47
C PHE I 92 44.14 -9.08 -16.26
N TYR I 93 43.65 -9.43 -15.06
CA TYR I 93 43.35 -10.80 -14.73
C TYR I 93 42.02 -11.32 -15.24
N ASN I 94 40.91 -10.61 -14.99
CA ASN I 94 39.58 -11.17 -15.22
C ASN I 94 38.92 -10.66 -16.48
N GLU I 95 39.65 -9.91 -17.29
CA GLU I 95 39.23 -9.53 -18.62
C GLU I 95 40.26 -10.07 -19.57
N LEU I 96 41.41 -9.40 -19.70
CA LEU I 96 42.45 -9.73 -20.65
C LEU I 96 43.08 -11.11 -20.50
N ARG I 97 43.17 -11.62 -19.26
CA ARG I 97 43.77 -12.90 -18.91
C ARG I 97 45.27 -12.89 -19.14
N VAL I 98 45.96 -11.85 -18.64
CA VAL I 98 47.39 -11.70 -18.87
C VAL I 98 48.13 -11.29 -17.61
N ALA I 99 49.37 -11.79 -17.43
CA ALA I 99 50.26 -11.40 -16.37
C ALA I 99 51.05 -10.13 -16.75
N PRO I 100 51.11 -9.08 -15.94
CA PRO I 100 51.90 -7.88 -16.24
C PRO I 100 53.37 -8.08 -16.46
N GLU I 101 54.00 -9.14 -15.92
CA GLU I 101 55.40 -9.39 -16.14
C GLU I 101 55.68 -9.85 -17.56
N GLU I 102 54.67 -10.30 -18.30
CA GLU I 102 54.77 -10.69 -19.68
C GLU I 102 54.72 -9.55 -20.67
N HIS I 103 54.25 -8.36 -20.32
CA HIS I 103 54.04 -7.31 -21.29
C HIS I 103 54.62 -5.97 -20.84
N PRO I 104 55.43 -5.26 -21.60
CA PRO I 104 55.55 -3.81 -21.48
C PRO I 104 54.23 -3.10 -21.73
N THR I 105 53.82 -2.16 -20.85
CA THR I 105 52.48 -1.60 -20.97
C THR I 105 52.53 -0.18 -21.49
N LEU I 106 51.37 0.34 -21.88
CA LEU I 106 51.18 1.67 -22.39
C LEU I 106 50.00 2.25 -21.67
N LEU I 107 50.17 3.36 -20.95
CA LEU I 107 49.09 3.98 -20.21
C LEU I 107 48.85 5.33 -20.82
N THR I 108 47.64 5.90 -20.64
CA THR I 108 47.31 7.22 -21.15
C THR I 108 46.99 8.18 -20.05
N GLU I 109 47.08 9.50 -20.31
CA GLU I 109 46.70 10.52 -19.35
C GLU I 109 46.03 11.67 -20.07
N ALA I 110 45.68 12.76 -19.37
CA ALA I 110 45.16 13.97 -19.95
C ALA I 110 46.26 14.96 -20.27
N PRO I 111 46.13 15.90 -21.21
CA PRO I 111 47.17 16.87 -21.53
C PRO I 111 47.53 17.79 -20.39
N LEU I 112 46.57 18.21 -19.59
CA LEU I 112 46.78 19.09 -18.46
C LEU I 112 46.06 18.47 -17.30
N ASN I 113 46.81 18.04 -16.28
CA ASN I 113 46.26 17.38 -15.13
C ASN I 113 47.20 17.71 -13.97
N PRO I 114 46.78 17.89 -12.75
CA PRO I 114 47.68 18.24 -11.66
C PRO I 114 48.75 17.24 -11.33
N LYS I 115 49.95 17.72 -10.99
CA LYS I 115 51.00 16.91 -10.41
C LYS I 115 50.58 16.66 -8.98
N ALA I 116 50.66 15.44 -8.43
CA ALA I 116 51.44 14.30 -8.84
C ALA I 116 50.58 13.13 -9.30
N ASN I 117 49.41 13.40 -9.92
CA ASN I 117 48.53 12.38 -10.46
C ASN I 117 49.12 11.44 -11.50
N ARG I 118 50.17 11.81 -12.24
CA ARG I 118 50.78 10.89 -13.17
C ARG I 118 51.91 10.16 -12.50
N GLU I 119 52.64 10.82 -11.60
CA GLU I 119 53.68 10.23 -10.78
C GLU I 119 53.10 9.12 -9.90
N LYS I 120 52.29 9.46 -8.89
CA LYS I 120 51.62 8.50 -8.00
C LYS I 120 51.00 7.28 -8.68
N MET I 121 50.36 7.48 -9.86
CA MET I 121 49.86 6.43 -10.72
C MET I 121 50.98 5.53 -11.23
N THR I 122 51.93 6.09 -12.00
CA THR I 122 53.10 5.42 -12.57
C THR I 122 53.88 4.65 -11.54
N GLN I 123 54.03 5.24 -10.35
CA GLN I 123 54.80 4.73 -9.24
C GLN I 123 54.11 3.56 -8.62
N ILE I 124 52.82 3.69 -8.26
CA ILE I 124 52.01 2.60 -7.77
C ILE I 124 51.92 1.45 -8.75
N MET I 125 51.66 1.69 -10.06
CA MET I 125 51.61 0.60 -11.03
C MET I 125 52.92 -0.15 -11.22
N PHE I 126 54.08 0.52 -11.03
CA PHE I 126 55.37 -0.11 -11.11
C PHE I 126 55.65 -0.95 -9.89
N GLU I 127 55.24 -0.49 -8.69
CA GLU I 127 55.53 -1.22 -7.48
C GLU I 127 54.50 -2.30 -7.19
N THR I 128 53.24 -2.12 -7.58
CA THR I 128 52.19 -3.12 -7.40
C THR I 128 52.20 -4.19 -8.47
N PHE I 129 52.19 -3.83 -9.76
CA PHE I 129 52.00 -4.83 -10.80
C PHE I 129 53.30 -5.22 -11.47
N ASN I 130 54.38 -4.43 -11.27
CA ASN I 130 55.75 -4.82 -11.60
C ASN I 130 55.96 -5.10 -13.08
N VAL I 131 55.35 -4.26 -13.94
CA VAL I 131 55.58 -4.23 -15.38
C VAL I 131 57.04 -3.99 -15.76
N PRO I 132 57.58 -4.58 -16.83
CA PRO I 132 59.02 -4.48 -17.09
C PRO I 132 59.36 -3.17 -17.75
N ALA I 133 58.40 -2.54 -18.45
CA ALA I 133 58.57 -1.24 -19.04
C ALA I 133 57.22 -0.59 -19.23
N MET I 134 57.19 0.75 -19.32
CA MET I 134 55.96 1.50 -19.35
C MET I 134 56.16 2.83 -20.06
N TYR I 135 55.10 3.39 -20.67
CA TYR I 135 55.11 4.74 -21.19
C TYR I 135 53.74 5.32 -20.89
N VAL I 136 53.64 6.65 -20.69
CA VAL I 136 52.37 7.30 -20.43
C VAL I 136 52.19 8.36 -21.49
N ALA I 137 51.22 8.17 -22.40
CA ALA I 137 50.92 9.11 -23.48
C ALA I 137 49.67 9.95 -23.26
N ILE I 138 49.66 11.23 -23.65
CA ILE I 138 48.43 12.01 -23.60
C ILE I 138 47.47 11.54 -24.71
N GLN I 139 46.15 11.48 -24.44
CA GLN I 139 45.17 10.88 -25.35
C GLN I 139 45.04 11.61 -26.68
N ALA I 140 45.33 12.93 -26.67
CA ALA I 140 45.22 13.76 -27.85
C ALA I 140 46.27 13.43 -28.89
N VAL I 141 47.56 13.31 -28.52
CA VAL I 141 48.62 12.92 -29.44
C VAL I 141 48.31 11.60 -30.12
N LEU I 142 47.78 10.61 -29.38
CA LEU I 142 47.39 9.36 -29.98
C LEU I 142 46.27 9.47 -30.99
N SER I 143 45.34 10.43 -30.82
CA SER I 143 44.29 10.64 -31.79
C SER I 143 44.77 11.27 -33.09
N LEU I 144 45.98 11.83 -33.11
CA LEU I 144 46.58 12.34 -34.34
C LEU I 144 47.20 11.23 -35.12
N TYR I 145 47.81 10.25 -34.42
CA TYR I 145 48.36 9.06 -35.03
C TYR I 145 47.26 8.25 -35.69
N ALA I 146 46.11 8.12 -34.98
CA ALA I 146 44.91 7.47 -35.50
C ALA I 146 44.29 8.18 -36.69
N SER I 147 44.24 9.51 -36.67
CA SER I 147 43.73 10.31 -37.77
C SER I 147 44.66 10.38 -38.95
N GLY I 148 45.97 10.18 -38.73
CA GLY I 148 46.96 10.12 -39.79
C GLY I 148 47.34 11.48 -40.27
N ARG I 149 47.23 12.48 -39.41
CA ARG I 149 47.62 13.84 -39.67
C ARG I 149 48.74 14.20 -38.73
N THR I 150 49.56 15.21 -39.08
CA THR I 150 50.68 15.62 -38.23
C THR I 150 50.54 17.07 -37.83
N THR I 151 49.37 17.65 -38.08
CA THR I 151 49.07 19.05 -37.85
C THR I 151 47.62 19.10 -37.48
N GLY I 152 47.19 20.08 -36.66
CA GLY I 152 45.79 20.30 -36.34
C GLY I 152 45.49 20.40 -34.88
N ILE I 153 44.32 20.99 -34.59
CA ILE I 153 43.79 21.11 -33.25
C ILE I 153 42.87 19.95 -32.95
N VAL I 154 43.17 19.22 -31.86
CA VAL I 154 42.52 18.01 -31.46
C VAL I 154 41.51 18.29 -30.37
N LEU I 155 40.26 17.89 -30.63
CA LEU I 155 39.14 17.96 -29.73
C LEU I 155 38.82 16.60 -29.16
N ASP I 156 39.35 16.24 -27.97
CA ASP I 156 39.16 14.92 -27.39
C ASP I 156 38.14 15.10 -26.31
N SER I 157 36.90 14.63 -26.55
CA SER I 157 35.82 14.87 -25.62
C SER I 157 35.24 13.55 -25.18
N GLY I 158 35.51 13.19 -23.93
CA GLY I 158 34.93 12.05 -23.26
C GLY I 158 34.42 12.43 -21.92
N ASP I 159 33.53 11.60 -21.32
CA ASP I 159 33.18 11.77 -19.94
C ASP I 159 34.41 11.53 -19.06
N GLY I 160 34.81 12.33 -18.08
CA GLY I 160 34.32 13.61 -17.67
C GLY I 160 35.25 14.76 -17.90
N VAL I 161 36.19 14.65 -18.84
CA VAL I 161 37.11 15.71 -19.17
C VAL I 161 37.27 15.81 -20.67
N THR I 162 36.96 16.97 -21.26
CA THR I 162 37.23 17.28 -22.65
C THR I 162 38.54 18.03 -22.80
N HIS I 163 39.17 18.06 -23.98
CA HIS I 163 40.41 18.77 -24.16
C HIS I 163 40.52 19.37 -25.55
N ASN I 164 41.31 20.46 -25.69
CA ASN I 164 41.59 21.18 -26.92
C ASN I 164 43.09 21.37 -27.15
N VAL I 165 43.76 20.46 -27.90
CA VAL I 165 45.21 20.50 -28.07
C VAL I 165 45.64 20.92 -29.48
N PRO I 166 46.34 22.03 -29.72
CA PRO I 166 46.89 22.33 -31.04
C PRO I 166 48.28 21.72 -31.24
N ILE I 167 48.49 20.97 -32.34
CA ILE I 167 49.77 20.34 -32.69
C ILE I 167 50.14 20.74 -34.10
N TYR I 168 51.39 21.17 -34.35
CA TYR I 168 51.87 21.48 -35.68
C TYR I 168 53.12 20.71 -36.00
N GLU I 169 53.21 19.96 -37.00
CA GLU I 169 54.28 19.15 -37.54
C GLU I 169 55.67 19.23 -36.92
N GLY I 170 56.02 18.53 -35.87
CA GLY I 170 55.25 17.70 -35.04
C GLY I 170 55.39 18.15 -33.65
N TYR I 171 55.44 19.44 -33.49
CA TYR I 171 55.63 20.11 -32.27
C TYR I 171 54.41 20.62 -31.64
N ALA I 172 54.37 20.79 -30.38
CA ALA I 172 53.28 21.29 -29.62
C ALA I 172 53.59 22.67 -29.08
N LEU I 173 52.57 23.51 -28.94
CA LEU I 173 52.70 24.84 -28.43
C LEU I 173 52.12 24.88 -27.02
N PRO I 174 52.90 24.91 -25.94
CA PRO I 174 52.39 24.80 -24.58
C PRO I 174 51.42 25.87 -24.19
N HIS I 175 51.56 27.07 -24.75
CA HIS I 175 50.79 28.21 -24.36
C HIS I 175 49.42 28.24 -24.99
N ALA I 176 49.09 27.29 -25.85
CA ALA I 176 47.83 27.24 -26.53
C ALA I 176 46.99 26.02 -26.15
N ILE I 177 47.45 25.13 -25.25
CA ILE I 177 46.67 23.96 -24.89
C ILE I 177 45.59 24.30 -23.87
N MET I 178 44.31 24.01 -24.20
CA MET I 178 43.16 24.32 -23.36
C MET I 178 42.40 23.10 -22.84
N ARG I 179 42.15 23.05 -21.53
CA ARG I 179 41.42 21.98 -20.88
C ARG I 179 40.07 22.51 -20.43
N LEU I 180 38.97 21.94 -20.94
CA LEU I 180 37.64 22.27 -20.48
C LEU I 180 37.11 21.14 -19.63
N ASP I 181 36.63 21.41 -18.42
CA ASP I 181 35.98 20.41 -17.58
C ASP I 181 34.47 20.38 -17.85
N LEU I 182 34.04 20.90 -18.97
CA LEU I 182 32.66 21.03 -19.41
C LEU I 182 31.94 19.72 -19.71
N ALA I 183 32.52 18.82 -20.48
CA ALA I 183 31.90 17.59 -20.87
C ALA I 183 32.64 16.43 -20.24
N GLY I 184 32.01 15.27 -19.98
CA GLY I 184 30.63 14.88 -20.30
C GLY I 184 29.73 14.55 -19.14
N ARG I 185 30.26 14.34 -17.92
CA ARG I 185 29.44 14.01 -16.76
C ARG I 185 28.50 15.12 -16.35
N ASP I 186 28.85 16.36 -16.66
CA ASP I 186 28.02 17.52 -16.45
C ASP I 186 26.91 17.60 -17.47
N LEU I 187 27.10 17.01 -18.66
CA LEU I 187 26.06 16.87 -19.65
C LEU I 187 25.08 15.81 -19.16
N THR I 188 25.58 14.72 -18.56
CA THR I 188 24.73 13.73 -17.90
C THR I 188 23.93 14.35 -16.77
N ASP I 189 24.57 15.07 -15.84
CA ASP I 189 23.89 15.73 -14.74
C ASP I 189 22.88 16.78 -15.22
N TYR I 190 23.17 17.54 -16.28
CA TYR I 190 22.24 18.50 -16.86
C TYR I 190 21.05 17.81 -17.50
N LEU I 191 21.28 16.69 -18.22
CA LEU I 191 20.20 15.89 -18.78
C LEU I 191 19.30 15.35 -17.69
N MET I 192 19.87 14.93 -16.55
CA MET I 192 19.10 14.50 -15.40
C MET I 192 18.32 15.65 -14.78
N LYS I 193 18.84 16.88 -14.85
CA LYS I 193 18.14 18.03 -14.32
C LYS I 193 17.02 18.49 -15.22
N ILE I 194 17.11 18.29 -16.53
CA ILE I 194 16.01 18.69 -17.39
C ILE I 194 15.11 17.52 -17.73
N LEU I 195 15.41 16.29 -17.28
CA LEU I 195 14.41 15.24 -17.33
C LEU I 195 13.53 15.21 -16.10
N THR I 196 13.99 15.76 -14.96
CA THR I 196 13.12 15.99 -13.82
C THR I 196 12.05 16.99 -14.11
N GLU I 197 12.34 17.90 -15.04
CA GLU I 197 11.41 18.89 -15.53
C GLU I 197 10.21 18.29 -16.24
N ARG I 198 10.33 17.07 -16.75
CA ARG I 198 9.22 16.34 -17.31
C ARG I 198 8.81 15.16 -16.46
N GLY I 199 9.07 15.19 -15.15
CA GLY I 199 8.42 14.28 -14.23
C GLY I 199 9.00 12.92 -14.15
N TYR I 200 10.17 12.69 -14.75
CA TYR I 200 10.81 11.40 -14.74
C TYR I 200 11.85 11.39 -13.65
N SER I 201 11.50 10.91 -12.52
CA SER I 201 12.28 10.95 -11.31
C SER I 201 13.45 10.07 -11.15
N PHE I 202 14.37 10.21 -11.96
CA PHE I 202 15.51 9.42 -11.94
C PHE I 202 16.58 9.93 -11.10
N VAL I 203 16.50 9.98 -9.90
CA VAL I 203 17.32 10.65 -9.02
C VAL I 203 18.50 9.90 -8.47
N THR I 204 18.54 8.63 -8.52
CA THR I 204 19.52 7.83 -7.85
C THR I 204 20.72 7.56 -8.68
N THR I 205 21.82 7.19 -8.02
CA THR I 205 23.12 6.98 -8.62
C THR I 205 23.10 5.93 -9.69
N ALA I 206 22.55 4.76 -9.42
CA ALA I 206 22.39 3.70 -10.35
C ALA I 206 21.62 4.12 -11.58
N GLU I 207 20.49 4.82 -11.32
CA GLU I 207 19.58 5.28 -12.39
C GLU I 207 20.24 6.26 -13.30
N ARG I 208 21.29 6.98 -12.81
CA ARG I 208 22.14 7.79 -13.70
C ARG I 208 22.75 7.03 -14.88
N GLU I 209 23.07 5.73 -14.76
CA GLU I 209 23.47 4.93 -15.92
C GLU I 209 22.40 4.87 -17.00
N ILE I 210 21.11 4.71 -16.61
CA ILE I 210 19.98 4.75 -17.52
C ILE I 210 19.88 6.07 -18.25
N VAL I 211 20.14 7.18 -17.54
CA VAL I 211 20.25 8.53 -18.11
C VAL I 211 21.32 8.58 -19.18
N ARG I 212 22.50 7.99 -18.92
CA ARG I 212 23.61 7.88 -19.84
C ARG I 212 23.22 7.15 -21.10
N ASP I 213 22.36 6.11 -20.99
CA ASP I 213 21.87 5.39 -22.15
C ASP I 213 20.93 6.26 -22.98
N ILE I 214 20.09 7.11 -22.36
CA ILE I 214 19.29 8.08 -23.10
C ILE I 214 20.13 9.24 -23.65
N LYS I 215 21.33 9.51 -23.07
CA LYS I 215 22.28 10.48 -23.59
C LYS I 215 22.96 10.00 -24.86
N GLU I 216 23.25 8.69 -24.93
CA GLU I 216 23.75 8.02 -26.10
C GLU I 216 22.74 8.04 -27.25
N LYS I 217 21.64 7.30 -27.08
CA LYS I 217 20.69 6.98 -28.11
C LYS I 217 19.74 8.10 -28.52
N LEU I 218 19.05 8.76 -27.57
CA LEU I 218 17.96 9.64 -27.94
C LEU I 218 18.31 11.10 -28.22
N CYS I 219 19.47 11.59 -27.78
CA CYS I 219 19.86 12.98 -28.02
C CYS I 219 20.17 13.33 -29.48
N TYR I 220 19.98 14.59 -29.88
CA TYR I 220 20.34 15.07 -31.19
C TYR I 220 20.75 16.53 -31.04
N VAL I 221 21.26 17.19 -32.09
CA VAL I 221 21.67 18.59 -31.98
C VAL I 221 20.98 19.42 -33.03
N ALA I 222 20.70 20.68 -32.71
CA ALA I 222 20.13 21.67 -33.60
C ALA I 222 21.13 22.13 -34.64
N LEU I 223 20.69 22.77 -35.72
CA LEU I 223 21.55 23.45 -36.66
C LEU I 223 21.74 24.88 -36.20
N ASP I 224 20.65 25.47 -35.72
CA ASP I 224 20.60 26.76 -35.08
C ASP I 224 19.62 26.66 -33.92
N PHE I 225 20.04 27.04 -32.70
CA PHE I 225 19.24 26.96 -31.49
C PHE I 225 17.91 27.69 -31.62
N GLU I 226 17.95 28.99 -31.92
CA GLU I 226 16.81 29.87 -32.08
C GLU I 226 15.76 29.35 -33.05
N ASN I 227 16.19 28.72 -34.16
CA ASN I 227 15.26 28.19 -35.13
C ASN I 227 14.76 26.81 -34.74
N GLU I 228 15.54 26.00 -34.01
CA GLU I 228 15.02 24.74 -33.49
C GLU I 228 14.01 24.96 -32.37
N MET I 229 14.19 26.04 -31.59
CA MET I 229 13.25 26.47 -30.57
C MET I 229 11.94 26.92 -31.17
N ALA I 230 11.99 27.58 -32.34
CA ALA I 230 10.85 27.91 -33.15
C ALA I 230 10.07 26.68 -33.56
N THR I 231 10.74 25.68 -34.17
CA THR I 231 10.07 24.47 -34.62
C THR I 231 9.64 23.56 -33.47
N ALA I 232 10.24 23.70 -32.28
CA ALA I 232 9.79 23.08 -31.05
C ALA I 232 8.42 23.54 -30.60
N ALA I 233 8.09 24.82 -30.83
CA ALA I 233 6.80 25.38 -30.51
C ALA I 233 5.69 24.80 -31.37
N SER I 234 6.03 24.31 -32.57
CA SER I 234 5.15 23.60 -33.46
C SER I 234 4.80 22.22 -32.94
N SER I 235 3.73 21.63 -33.48
CA SER I 235 3.16 20.40 -33.01
C SER I 235 3.82 19.18 -33.55
N SER I 236 4.81 19.34 -34.43
CA SER I 236 5.63 18.32 -35.02
C SER I 236 6.35 17.42 -34.06
N SER I 237 6.61 16.20 -34.40
CA SER I 237 7.11 15.21 -33.52
C SER I 237 8.58 15.21 -33.29
N LEU I 238 9.05 16.08 -32.44
CA LEU I 238 10.34 16.05 -31.87
C LEU I 238 10.39 15.04 -30.74
N GLU I 239 9.21 14.76 -30.16
CA GLU I 239 9.00 13.80 -29.11
C GLU I 239 9.27 12.38 -29.55
N LYS I 240 10.25 11.72 -28.92
CA LYS I 240 10.57 10.32 -29.15
C LYS I 240 10.30 9.54 -27.89
N SER I 241 9.68 8.35 -28.03
CA SER I 241 9.27 7.54 -26.90
C SER I 241 10.31 6.47 -26.61
N TYR I 242 10.97 6.55 -25.44
CA TYR I 242 11.92 5.56 -24.98
C TYR I 242 11.21 4.61 -24.04
N GLU I 243 11.67 3.35 -23.92
CA GLU I 243 11.10 2.41 -23.00
C GLU I 243 12.10 2.12 -21.91
N LEU I 244 11.66 2.02 -20.65
CA LEU I 244 12.51 1.97 -19.48
C LEU I 244 12.51 0.55 -18.93
N PRO I 245 13.49 0.07 -18.16
CA PRO I 245 13.56 -1.33 -17.75
C PRO I 245 12.42 -1.84 -16.93
N ASP I 246 11.66 -0.97 -16.25
CA ASP I 246 10.47 -1.35 -15.55
C ASP I 246 9.23 -1.13 -16.36
N GLY I 247 9.19 -0.88 -17.53
CA GLY I 247 8.08 -0.77 -18.44
C GLY I 247 7.61 0.60 -18.69
N GLN I 248 8.14 1.62 -18.25
CA GLN I 248 7.68 2.98 -18.35
C GLN I 248 8.07 3.56 -19.68
N VAL I 249 7.22 4.43 -20.25
CA VAL I 249 7.46 5.06 -21.52
C VAL I 249 7.73 6.53 -21.33
N ILE I 250 8.92 6.99 -21.74
CA ILE I 250 9.37 8.35 -21.52
C ILE I 250 9.35 9.07 -22.85
N THR I 251 8.69 10.23 -22.92
CA THR I 251 8.61 11.07 -24.11
C THR I 251 9.34 12.37 -23.91
N ILE I 252 10.55 12.50 -24.46
CA ILE I 252 11.31 13.75 -24.42
C ILE I 252 11.37 14.38 -25.80
N GLY I 253 11.22 15.72 -25.88
CA GLY I 253 11.23 16.47 -27.13
C GLY I 253 12.16 17.64 -27.16
N ASN I 254 11.80 18.77 -26.57
CA ASN I 254 12.61 20.00 -26.56
C ASN I 254 13.96 19.81 -25.92
N GLU I 255 13.95 19.22 -24.71
CA GLU I 255 15.15 18.91 -23.95
C GLU I 255 16.16 18.00 -24.66
N ARG I 256 15.66 17.17 -25.61
CA ARG I 256 16.39 16.32 -26.53
C ARG I 256 17.46 16.94 -27.38
N PHE I 257 17.16 18.17 -27.93
CA PHE I 257 18.17 18.96 -28.56
C PHE I 257 18.82 20.01 -27.67
N ARG I 258 18.17 20.30 -26.53
CA ARG I 258 18.65 21.29 -25.60
C ARG I 258 19.94 20.86 -24.92
N CYS I 259 19.99 19.65 -24.36
CA CYS I 259 21.20 19.16 -23.72
C CYS I 259 22.50 19.22 -24.55
N PRO I 260 22.68 18.72 -25.79
CA PRO I 260 23.96 18.84 -26.47
C PRO I 260 24.39 20.23 -26.82
N GLU I 261 23.42 21.16 -27.05
CA GLU I 261 23.66 22.56 -27.35
C GLU I 261 24.53 23.25 -26.32
N THR I 262 24.51 22.76 -25.06
CA THR I 262 25.43 23.14 -23.98
C THR I 262 26.91 23.24 -24.38
N LEU I 263 27.36 22.42 -25.35
CA LEU I 263 28.73 22.49 -25.85
C LEU I 263 29.05 23.79 -26.58
N PHE I 264 28.03 24.39 -27.20
CA PHE I 264 28.09 25.73 -27.76
C PHE I 264 27.64 26.80 -26.80
N GLN I 265 26.84 26.52 -25.78
CA GLN I 265 26.43 27.48 -24.77
C GLN I 265 26.55 26.94 -23.35
N PRO I 266 27.68 27.10 -22.66
CA PRO I 266 27.84 26.66 -21.29
C PRO I 266 27.03 27.48 -20.30
N SER I 267 26.39 28.56 -20.76
CA SER I 267 25.40 29.33 -20.03
C SER I 267 24.21 28.50 -19.61
N PHE I 268 23.88 27.44 -20.37
CA PHE I 268 22.82 26.51 -20.01
C PHE I 268 23.11 25.80 -18.70
N ILE I 269 24.35 25.34 -18.49
CA ILE I 269 24.78 24.75 -17.24
C ILE I 269 25.06 25.82 -16.22
N GLY I 270 25.43 27.02 -16.67
CA GLY I 270 25.75 28.16 -15.84
C GLY I 270 27.19 28.33 -15.52
N MET I 271 28.09 27.69 -16.22
CA MET I 271 29.51 27.86 -16.04
C MET I 271 30.04 29.05 -16.83
N GLU I 272 31.07 29.72 -16.31
CA GLU I 272 31.56 30.98 -16.83
C GLU I 272 32.29 30.84 -18.15
N SER I 273 32.99 29.71 -18.34
CA SER I 273 33.69 29.32 -19.55
C SER I 273 32.90 29.41 -20.84
N ALA I 274 33.59 29.58 -21.98
CA ALA I 274 32.98 29.77 -23.27
C ALA I 274 32.99 28.49 -24.09
N GLY I 275 32.10 28.38 -25.11
CA GLY I 275 31.88 27.16 -25.87
C GLY I 275 33.04 26.69 -26.71
N ILE I 276 32.97 25.44 -27.19
CA ILE I 276 34.00 24.85 -28.07
C ILE I 276 34.30 25.69 -29.29
N HIS I 277 33.26 26.26 -29.93
CA HIS I 277 33.30 27.42 -30.81
C HIS I 277 34.36 28.46 -30.48
N GLU I 278 34.29 29.06 -29.28
CA GLU I 278 35.15 30.16 -28.91
C GLU I 278 36.49 29.68 -28.39
N THR I 279 36.59 28.49 -27.75
CA THR I 279 37.89 28.00 -27.30
C THR I 279 38.75 27.56 -28.45
N THR I 280 38.14 27.11 -29.54
CA THR I 280 38.81 26.82 -30.80
C THR I 280 39.41 28.08 -31.36
N TYR I 281 38.61 29.15 -31.55
CA TYR I 281 39.12 30.42 -32.03
C TYR I 281 40.19 31.02 -31.13
N ASN I 282 39.96 31.10 -29.80
CA ASN I 282 40.90 31.70 -28.89
C ASN I 282 42.20 30.93 -28.72
N SER I 283 42.23 29.61 -28.98
CA SER I 283 43.48 28.84 -29.00
C SER I 283 44.22 29.02 -30.29
N ILE I 284 43.49 29.12 -31.42
CA ILE I 284 44.08 29.37 -32.73
C ILE I 284 44.69 30.75 -32.75
N MET I 285 43.98 31.78 -32.25
CA MET I 285 44.53 33.11 -32.13
C MET I 285 45.46 33.30 -30.94
N LYS I 286 46.00 32.21 -30.37
CA LYS I 286 47.17 32.27 -29.51
C LYS I 286 48.32 31.61 -30.21
N CYS I 287 48.16 31.05 -31.39
CA CYS I 287 49.21 30.52 -32.21
C CYS I 287 49.74 31.54 -33.20
N ASP I 288 51.02 31.42 -33.57
CA ASP I 288 51.71 32.28 -34.53
C ASP I 288 51.03 32.37 -35.89
N ILE I 289 51.13 33.56 -36.53
CA ILE I 289 50.39 33.97 -37.70
C ILE I 289 50.43 32.99 -38.85
N ASP I 290 51.62 32.48 -39.22
CA ASP I 290 51.77 31.58 -40.33
C ASP I 290 51.10 30.23 -40.10
N ILE I 291 51.10 29.74 -38.85
CA ILE I 291 50.66 28.39 -38.58
C ILE I 291 49.14 28.29 -38.59
N ARG I 292 48.44 29.42 -38.35
CA ARG I 292 46.99 29.46 -38.29
C ARG I 292 46.30 28.94 -39.54
N LYS I 293 46.91 29.17 -40.71
CA LYS I 293 46.50 28.69 -42.02
C LYS I 293 46.24 27.19 -42.09
N ASP I 294 47.04 26.38 -41.37
CA ASP I 294 46.93 24.94 -41.48
C ASP I 294 46.31 24.36 -40.22
N LEU I 295 46.04 25.19 -39.19
CA LEU I 295 45.20 24.76 -38.10
C LEU I 295 43.76 24.72 -38.53
N TYR I 296 43.33 25.72 -39.33
CA TYR I 296 42.09 25.62 -40.07
C TYR I 296 42.17 24.53 -41.13
N ALA I 297 41.16 23.63 -41.13
CA ALA I 297 40.97 22.53 -42.04
C ALA I 297 41.71 21.27 -41.61
N ASN I 298 42.20 21.28 -40.36
CA ASN I 298 42.75 20.13 -39.69
C ASN I 298 42.20 20.16 -38.28
N ASN I 299 40.96 20.64 -38.14
CA ASN I 299 40.19 20.58 -36.92
C ASN I 299 39.66 19.15 -36.75
N VAL I 300 40.26 18.36 -35.85
CA VAL I 300 39.97 16.95 -35.66
C VAL I 300 39.23 16.59 -34.37
N MET I 301 37.98 16.08 -34.49
CA MET I 301 37.23 15.71 -33.30
C MET I 301 37.60 14.29 -32.88
N SER I 302 37.34 13.92 -31.61
CA SER I 302 37.62 12.60 -31.11
C SER I 302 36.77 12.37 -29.86
N GLY I 303 36.90 11.21 -29.21
CA GLY I 303 36.17 10.80 -28.02
C GLY I 303 34.74 10.38 -28.27
N GLY I 304 34.08 9.75 -27.33
CA GLY I 304 32.72 9.27 -27.42
C GLY I 304 31.63 10.30 -27.33
N THR I 305 31.88 11.43 -26.65
CA THR I 305 30.84 12.45 -26.48
C THR I 305 30.74 13.35 -27.68
N THR I 306 31.62 13.20 -28.68
CA THR I 306 31.44 13.90 -29.95
C THR I 306 30.58 13.13 -30.91
N MET I 307 29.97 12.01 -30.49
CA MET I 307 29.11 11.21 -31.35
C MET I 307 27.66 11.66 -31.40
N TYR I 308 27.32 12.85 -30.87
CA TYR I 308 26.00 13.44 -31.08
C TYR I 308 25.75 13.74 -32.58
N PRO I 309 24.62 13.45 -33.20
CA PRO I 309 24.42 13.67 -34.62
C PRO I 309 24.63 15.02 -35.21
N GLY I 310 24.35 16.12 -34.83
CA GLY I 310 24.47 17.42 -35.43
C GLY I 310 25.83 18.07 -35.37
N ILE I 311 26.76 17.49 -34.59
CA ILE I 311 28.16 17.87 -34.69
C ILE I 311 28.76 16.85 -35.63
N ALA I 312 29.59 17.25 -36.59
CA ALA I 312 30.35 18.48 -36.66
C ALA I 312 29.76 19.56 -37.53
N ASP I 313 28.56 19.44 -38.14
CA ASP I 313 28.20 20.45 -39.12
C ASP I 313 27.56 21.68 -38.47
N ARG I 314 27.13 21.54 -37.20
CA ARG I 314 26.91 22.64 -36.29
C ARG I 314 28.22 23.34 -35.96
N MET I 315 29.22 22.60 -35.45
CA MET I 315 30.57 23.08 -35.20
C MET I 315 31.19 23.80 -36.39
N GLN I 316 31.00 23.27 -37.60
CA GLN I 316 31.44 23.84 -38.85
C GLN I 316 30.78 25.19 -39.07
N LYS I 317 29.44 25.25 -39.22
CA LYS I 317 28.75 26.52 -39.41
C LYS I 317 29.04 27.60 -38.37
N GLU I 318 29.21 27.23 -37.09
CA GLU I 318 29.53 28.17 -36.02
C GLU I 318 30.96 28.67 -36.10
N ILE I 319 31.93 27.79 -36.37
CA ILE I 319 33.33 28.18 -36.49
C ILE I 319 33.49 29.07 -37.70
N THR I 320 32.89 28.67 -38.85
CA THR I 320 32.89 29.45 -40.10
C THR I 320 32.36 30.86 -39.94
N ALA I 321 31.46 31.09 -38.95
CA ALA I 321 30.96 32.42 -38.66
C ALA I 321 31.95 33.31 -37.89
N LEU I 322 32.79 32.72 -37.04
CA LEU I 322 33.75 33.47 -36.24
C LEU I 322 35.13 33.54 -36.89
N ALA I 323 35.52 32.48 -37.61
CA ALA I 323 36.75 32.37 -38.35
C ALA I 323 36.88 33.40 -39.48
N PRO I 324 38.09 33.83 -39.88
CA PRO I 324 38.30 34.70 -41.03
C PRO I 324 37.62 34.29 -42.32
N SER I 325 37.16 35.27 -43.11
CA SER I 325 36.48 35.04 -44.37
C SER I 325 37.40 34.46 -45.43
N THR I 326 36.86 33.63 -46.34
CA THR I 326 37.51 33.00 -47.48
C THR I 326 38.55 31.97 -47.13
N MET I 327 38.65 31.56 -45.94
CA MET I 327 39.53 30.53 -45.46
C MET I 327 38.81 29.21 -45.45
N LYS I 328 39.40 28.17 -46.01
CA LYS I 328 38.79 26.88 -46.07
C LYS I 328 38.79 26.12 -44.77
N ILE I 329 37.67 25.64 -44.33
CA ILE I 329 37.52 24.98 -43.07
C ILE I 329 36.93 23.63 -43.32
N LYS I 330 37.57 22.60 -42.87
CA LYS I 330 37.09 21.25 -42.88
C LYS I 330 37.25 20.71 -41.48
N ILE I 331 36.28 19.94 -41.00
CA ILE I 331 36.29 19.41 -39.66
C ILE I 331 36.36 17.92 -39.76
N ILE I 332 37.35 17.28 -39.42
CA ILE I 332 37.62 15.87 -39.62
C ILE I 332 37.01 15.11 -38.47
N ALA I 333 36.02 14.28 -38.77
CA ALA I 333 35.34 13.51 -37.78
C ALA I 333 35.01 12.13 -38.29
N PRO I 334 35.84 11.16 -38.16
CA PRO I 334 35.58 9.83 -38.67
C PRO I 334 34.56 9.12 -37.84
N PRO I 335 33.84 8.12 -38.25
CA PRO I 335 33.24 7.12 -37.39
C PRO I 335 34.14 6.53 -36.35
N GLU I 336 33.87 5.92 -35.45
CA GLU I 336 34.57 5.19 -34.45
C GLU I 336 35.32 5.96 -33.42
N ARG I 337 35.02 7.27 -33.26
CA ARG I 337 35.81 8.17 -32.44
C ARG I 337 36.08 7.75 -31.00
N LYS I 338 35.18 6.94 -30.41
CA LYS I 338 35.35 6.32 -29.10
C LYS I 338 36.57 5.43 -29.00
N TYR I 339 37.04 4.86 -30.12
CA TYR I 339 38.18 3.98 -30.12
C TYR I 339 39.35 4.63 -30.81
N SER I 340 39.24 5.93 -31.17
CA SER I 340 40.30 6.69 -31.85
C SER I 340 41.62 6.62 -31.12
N VAL I 341 41.61 7.02 -29.84
CA VAL I 341 42.70 6.96 -28.91
C VAL I 341 43.39 5.61 -28.88
N TRP I 342 42.60 4.52 -28.81
CA TRP I 342 43.12 3.17 -28.74
C TRP I 342 43.83 2.76 -30.03
N ILE I 343 43.24 3.07 -31.21
CA ILE I 343 43.89 2.81 -32.50
C ILE I 343 45.16 3.63 -32.70
N GLY I 344 45.26 4.77 -32.01
CA GLY I 344 46.47 5.57 -31.88
C GLY I 344 47.54 4.82 -31.15
N GLY I 345 47.23 4.41 -29.91
CA GLY I 345 48.12 3.68 -29.03
C GLY I 345 48.67 2.44 -29.66
N SER I 346 47.82 1.68 -30.37
CA SER I 346 48.21 0.49 -31.11
C SER I 346 49.31 0.76 -32.14
N ILE I 347 49.16 1.84 -32.94
CA ILE I 347 50.16 2.26 -33.90
C ILE I 347 51.45 2.69 -33.22
N LEU I 348 51.35 3.35 -32.06
CA LEU I 348 52.49 3.95 -31.38
C LEU I 348 53.43 2.88 -30.85
N ALA I 349 52.96 2.06 -29.91
CA ALA I 349 53.73 1.04 -29.25
C ALA I 349 54.23 -0.05 -30.19
N SER I 350 53.66 -0.18 -31.39
CA SER I 350 54.14 -1.11 -32.38
C SER I 350 55.33 -0.57 -33.15
N LEU I 351 55.43 0.75 -33.34
CA LEU I 351 56.55 1.35 -34.05
C LEU I 351 57.90 1.20 -33.36
N SER I 352 58.88 0.66 -34.09
CA SER I 352 60.28 0.91 -33.85
C SER I 352 60.61 2.34 -34.25
N THR I 353 61.51 3.06 -33.56
CA THR I 353 62.37 2.63 -32.48
C THR I 353 61.83 3.04 -31.15
N PHE I 354 60.58 3.56 -31.09
CA PHE I 354 60.00 4.13 -29.89
C PHE I 354 59.79 3.18 -28.71
N GLN I 355 60.24 1.92 -28.83
CA GLN I 355 60.51 1.00 -27.75
C GLN I 355 61.49 1.58 -26.76
N GLN I 356 62.43 2.40 -27.24
CA GLN I 356 63.40 3.05 -26.40
C GLN I 356 62.92 4.40 -25.91
N MET I 357 61.62 4.71 -26.04
CA MET I 357 61.05 5.82 -25.31
C MET I 357 60.15 5.30 -24.21
N TRP I 358 60.23 4.00 -23.91
CA TRP I 358 59.58 3.44 -22.76
C TRP I 358 60.49 3.55 -21.56
N ILE I 359 59.93 3.78 -20.36
CA ILE I 359 60.65 3.76 -19.11
C ILE I 359 60.82 2.31 -18.70
N THR I 360 62.05 1.83 -18.48
CA THR I 360 62.31 0.45 -18.13
C THR I 360 62.54 0.28 -16.65
N LYS I 361 62.13 -0.88 -16.09
CA LYS I 361 62.13 -1.15 -14.66
C LYS I 361 63.47 -0.96 -13.97
N GLN I 362 64.58 -1.40 -14.59
CA GLN I 362 65.92 -1.26 -14.04
C GLN I 362 66.33 0.19 -13.86
N GLU I 363 66.04 1.07 -14.83
CA GLU I 363 66.34 2.47 -14.74
C GLU I 363 65.38 3.16 -13.77
N TYR I 364 64.10 2.77 -13.77
CA TYR I 364 63.09 3.24 -12.84
C TYR I 364 63.43 2.94 -11.38
N ASP I 365 64.04 1.77 -11.10
CA ASP I 365 64.48 1.39 -9.78
C ASP I 365 65.45 2.40 -9.18
N GLU I 366 66.35 2.94 -10.01
CA GLU I 366 67.26 3.99 -9.59
C GLU I 366 66.59 5.35 -9.55
N ALA I 367 65.80 5.71 -10.56
CA ALA I 367 65.25 7.03 -10.75
C ALA I 367 64.02 7.42 -9.98
N GLY I 368 63.07 6.50 -9.79
CA GLY I 368 61.81 6.79 -9.11
C GLY I 368 60.93 7.77 -9.86
N PRO I 369 60.14 8.59 -9.27
CA PRO I 369 59.19 9.47 -9.95
C PRO I 369 59.80 10.59 -10.73
N SER I 370 61.06 10.90 -10.51
CA SER I 370 61.75 11.91 -11.27
C SER I 370 61.89 11.59 -12.71
N ILE I 371 61.96 12.33 -13.50
CA ILE I 371 62.16 12.25 -14.91
C ILE I 371 61.07 11.75 -15.71
N VAL I 372 60.02 11.23 -15.17
CA VAL I 372 58.86 10.77 -15.78
C VAL I 372 58.17 11.84 -16.36
N HIS I 373 58.14 12.88 -15.72
CA HIS I 373 57.56 13.97 -16.14
C HIS I 373 58.55 14.78 -16.47
N THR J 7 -10.07 44.47 -3.68
CA THR J 7 -9.14 45.04 -3.31
C THR J 7 -7.92 44.31 -2.83
N THR J 8 -7.84 44.04 -1.54
CA THR J 8 -6.70 43.48 -0.89
C THR J 8 -6.26 42.12 -1.37
N ALA J 9 -4.96 41.95 -1.61
CA ALA J 9 -4.34 40.71 -1.99
C ALA J 9 -4.41 39.61 -0.93
N LEU J 10 -4.44 38.35 -1.38
CA LEU J 10 -4.61 37.21 -0.50
C LEU J 10 -3.40 36.31 -0.61
N VAL J 11 -2.70 36.04 0.51
CA VAL J 11 -1.60 35.08 0.56
C VAL J 11 -2.07 33.72 1.02
N CYS J 12 -2.00 32.77 0.07
CA CYS J 12 -2.44 31.40 0.20
C CYS J 12 -1.23 30.57 -0.11
N ASP J 13 -0.75 29.81 0.88
CA ASP J 13 0.44 29.03 0.72
C ASP J 13 -0.03 27.59 0.57
N ASN J 14 0.35 27.02 -0.58
CA ASN J 14 0.16 25.66 -0.97
C ASN J 14 1.15 24.78 -0.22
N GLY J 15 0.95 24.67 1.10
CA GLY J 15 1.56 23.65 1.91
C GLY J 15 1.24 22.28 1.44
N SER J 16 2.08 21.33 1.80
CA SER J 16 1.85 19.95 1.63
C SER J 16 1.38 19.32 2.89
N GLY J 17 1.38 20.10 3.99
CA GLY J 17 0.91 19.75 5.30
C GLY J 17 -0.59 19.80 5.45
N LEU J 18 -1.30 20.83 5.97
CA LEU J 18 -1.00 22.18 6.38
C LEU J 18 -0.98 23.18 5.25
N VAL J 19 -2.10 23.32 4.52
CA VAL J 19 -2.32 24.46 3.65
C VAL J 19 -2.61 25.68 4.51
N LYS J 20 -1.99 26.84 4.19
CA LYS J 20 -2.08 28.05 4.98
C LYS J 20 -2.72 29.17 4.17
N ALA J 21 -3.68 29.93 4.72
CA ALA J 21 -4.34 31.00 4.00
C ALA J 21 -4.62 32.24 4.85
N GLY J 22 -4.39 33.45 4.33
CA GLY J 22 -4.65 34.67 5.09
C GLY J 22 -4.44 35.90 4.25
N PHE J 23 -5.20 36.98 4.48
CA PHE J 23 -5.11 38.19 3.68
C PHE J 23 -3.74 38.87 3.86
N ALA J 24 -3.41 39.89 3.04
CA ALA J 24 -2.11 40.54 3.11
C ALA J 24 -1.83 41.30 4.40
N GLY J 25 -1.09 40.72 5.30
CA GLY J 25 -0.72 41.20 6.60
C GLY J 25 -1.74 41.44 7.59
N ASP J 26 -1.39 41.78 8.81
CA ASP J 26 -0.10 42.06 9.33
C ASP J 26 0.24 41.17 10.46
N ASP J 27 -0.61 40.24 10.80
CA ASP J 27 -0.53 39.42 11.94
C ASP J 27 -0.43 37.96 11.63
N ALA J 28 -1.08 37.09 11.49
CA ALA J 28 -1.02 35.66 11.37
C ALA J 28 -2.01 35.12 10.33
N PRO J 29 -1.90 33.90 9.80
CA PRO J 29 -2.86 33.34 8.85
C PRO J 29 -4.26 33.23 9.40
N ARG J 30 -5.28 33.38 8.58
CA ARG J 30 -6.66 33.25 8.96
C ARG J 30 -7.13 31.80 9.00
N ALA J 31 -6.61 30.95 8.11
CA ALA J 31 -7.04 29.57 7.98
C ALA J 31 -5.85 28.65 7.84
N VAL J 32 -5.81 27.59 8.66
CA VAL J 32 -4.79 26.56 8.60
C VAL J 32 -5.54 25.25 8.69
N PHE J 33 -5.25 24.25 7.84
CA PHE J 33 -6.00 23.00 7.92
C PHE J 33 -5.22 21.83 7.33
N PRO J 34 -5.47 20.58 7.72
CA PRO J 34 -4.54 19.49 7.45
C PRO J 34 -4.68 18.86 6.09
N SER J 35 -5.34 19.51 5.12
CA SER J 35 -5.42 19.18 3.70
C SER J 35 -6.19 17.94 3.28
N ILE J 36 -6.37 16.96 4.17
CA ILE J 36 -7.12 15.73 3.96
C ILE J 36 -8.48 15.86 3.29
N VAL J 37 -8.75 15.04 2.26
CA VAL J 37 -10.09 14.79 1.74
C VAL J 37 -10.44 13.35 2.03
N GLY J 38 -11.68 13.05 2.46
CA GLY J 38 -12.05 11.68 2.83
C GLY J 38 -13.46 11.31 2.44
N ARG J 39 -13.62 10.23 1.65
CA ARG J 39 -14.92 9.70 1.31
C ARG J 39 -15.38 8.73 2.42
N PRO J 40 -16.67 8.51 2.66
CA PRO J 40 -17.13 7.68 3.77
C PRO J 40 -17.02 6.20 3.51
N ARG J 41 -16.18 5.49 4.30
CA ARG J 41 -15.86 4.10 4.08
C ARG J 41 -16.84 3.11 4.65
N HIS J 42 -17.80 3.47 5.45
CA HIS J 42 -18.78 2.58 6.04
C HIS J 42 -20.15 2.93 5.54
N GLN J 43 -21.12 2.00 5.68
CA GLN J 43 -22.50 2.23 5.30
C GLN J 43 -23.34 2.86 6.32
N GLY J 44 -24.11 3.84 5.93
CA GLY J 44 -24.93 4.63 6.77
C GLY J 44 -25.95 4.29 7.23
N VAL J 45 -26.01 3.85 8.03
CA VAL J 45 -26.91 3.41 8.45
C VAL J 45 -27.97 4.25 9.10
N MET J 46 -27.92 5.18 9.47
CA MET J 46 -28.91 6.04 10.05
C MET J 46 -29.61 6.80 9.15
N VAL J 47 -29.05 6.91 8.00
CA VAL J 47 -29.61 7.30 6.90
C VAL J 47 -30.01 8.60 6.97
N GLY J 48 -30.14 9.47 7.72
CA GLY J 48 -30.37 10.78 7.90
C GLY J 48 -31.03 11.52 7.00
N MET J 49 -30.48 11.97 6.00
CA MET J 49 -29.26 11.84 5.59
C MET J 49 -28.36 12.99 5.72
N GLY J 50 -28.10 13.71 4.69
CA GLY J 50 -27.41 14.93 4.73
C GLY J 50 -25.95 14.87 4.78
N GLN J 51 -25.36 13.74 4.59
CA GLN J 51 -23.97 13.55 4.67
C GLN J 51 -23.25 14.01 3.41
N LYS J 52 -22.04 14.55 3.53
CA LYS J 52 -21.27 15.04 2.41
C LYS J 52 -20.56 13.92 1.66
N ASP J 53 -20.35 14.09 0.35
CA ASP J 53 -19.66 13.13 -0.51
C ASP J 53 -18.21 12.98 -0.11
N SER J 54 -17.56 14.09 0.22
CA SER J 54 -16.24 14.10 0.79
C SER J 54 -16.11 15.24 1.77
N TYR J 55 -15.68 14.92 3.01
CA TYR J 55 -15.40 15.88 4.04
C TYR J 55 -13.97 16.34 3.89
N VAL J 56 -13.70 17.66 3.88
CA VAL J 56 -12.35 18.16 3.97
C VAL J 56 -11.97 18.34 5.43
N GLY J 57 -10.69 18.64 5.75
CA GLY J 57 -10.31 19.11 7.07
C GLY J 57 -10.87 20.50 7.35
N ASP J 58 -11.19 20.87 8.60
CA ASP J 58 -11.02 20.19 9.86
C ASP J 58 -12.08 19.13 10.13
N GLU J 59 -13.27 19.20 9.50
CA GLU J 59 -14.35 18.25 9.75
C GLU J 59 -14.01 16.79 9.54
N ALA J 60 -13.05 16.48 8.66
CA ALA J 60 -12.51 15.16 8.45
C ALA J 60 -11.53 14.70 9.52
N GLN J 61 -11.26 15.52 10.55
CA GLN J 61 -10.41 15.18 11.68
C GLN J 61 -11.29 15.07 12.90
N SER J 62 -12.58 15.44 12.74
CA SER J 62 -13.62 15.18 13.72
C SER J 62 -14.40 13.96 13.31
N LYS J 63 -14.18 13.43 12.13
CA LYS J 63 -14.88 12.30 11.56
C LYS J 63 -13.92 11.20 11.20
N ARG J 64 -12.81 11.04 11.93
CA ARG J 64 -11.93 9.91 11.75
C ARG J 64 -12.63 8.58 12.00
N GLY J 65 -12.29 7.55 11.21
CA GLY J 65 -12.81 6.20 11.38
C GLY J 65 -14.06 5.93 10.60
N ILE J 66 -14.70 6.95 10.04
CA ILE J 66 -15.83 6.77 9.16
C ILE J 66 -15.46 7.17 7.75
N LEU J 67 -14.22 7.64 7.54
CA LEU J 67 -13.74 8.07 6.25
C LEU J 67 -12.41 7.42 5.97
N THR J 68 -11.90 7.57 4.74
CA THR J 68 -10.54 7.16 4.37
C THR J 68 -9.78 8.37 3.88
N LEU J 69 -8.99 8.97 4.78
CA LEU J 69 -8.25 10.19 4.54
C LEU J 69 -7.22 10.11 3.42
N LYS J 70 -7.26 11.04 2.47
CA LYS J 70 -6.34 11.13 1.36
C LYS J 70 -5.77 12.52 1.24
N TYR J 71 -4.47 12.71 1.55
CA TYR J 71 -3.79 13.97 1.37
C TYR J 71 -3.73 14.28 -0.14
N PRO J 72 -4.10 15.42 -0.67
CA PRO J 72 -4.21 15.61 -2.11
C PRO J 72 -2.90 15.90 -2.80
N ILE J 73 -1.86 16.29 -2.07
CA ILE J 73 -0.56 16.55 -2.65
C ILE J 73 0.45 15.58 -2.09
N GLU J 74 0.98 14.70 -2.93
CA GLU J 74 1.81 13.61 -2.50
C GLU J 74 3.09 13.65 -3.27
N HIS J 75 4.21 13.77 -2.57
CA HIS J 75 5.52 13.99 -3.12
C HIS J 75 5.58 15.18 -4.05
N GLY J 76 4.81 16.22 -3.74
CA GLY J 76 4.80 17.45 -4.48
C GLY J 76 3.97 17.39 -5.73
N ILE J 77 3.30 16.27 -6.00
CA ILE J 77 2.43 16.14 -7.14
C ILE J 77 1.01 16.11 -6.67
N ILE J 78 0.15 16.92 -7.29
CA ILE J 78 -1.26 16.98 -7.01
C ILE J 78 -1.94 15.74 -7.57
N THR J 79 -2.76 15.06 -6.77
CA THR J 79 -3.38 13.79 -7.17
C THR J 79 -4.34 13.90 -8.33
N ASN J 80 -5.20 14.93 -8.33
CA ASN J 80 -6.08 15.26 -9.41
C ASN J 80 -6.61 16.64 -9.09
N TRP J 81 -6.97 17.44 -10.10
CA TRP J 81 -7.46 18.78 -9.81
C TRP J 81 -8.93 18.80 -9.42
N ASP J 82 -9.64 17.65 -9.48
CA ASP J 82 -10.99 17.52 -8.99
C ASP J 82 -11.09 17.68 -7.48
N ASP J 83 -10.13 17.12 -6.74
CA ASP J 83 -10.04 17.24 -5.31
C ASP J 83 -9.36 18.56 -4.97
N MET J 84 -8.34 18.97 -5.73
CA MET J 84 -7.65 20.24 -5.55
C MET J 84 -8.60 21.44 -5.65
N GLU J 85 -9.47 21.48 -6.68
CA GLU J 85 -10.47 22.53 -6.82
C GLU J 85 -11.43 22.58 -5.63
N LYS J 86 -11.74 21.42 -5.03
CA LYS J 86 -12.57 21.36 -3.84
C LYS J 86 -11.84 21.88 -2.61
N ILE J 87 -10.52 21.61 -2.46
CA ILE J 87 -9.65 22.28 -1.49
C ILE J 87 -9.73 23.79 -1.60
N TRP J 88 -9.51 24.34 -2.81
CA TRP J 88 -9.56 25.76 -3.10
C TRP J 88 -10.91 26.36 -2.76
N HIS J 89 -12.00 25.81 -3.32
CA HIS J 89 -13.39 26.22 -3.09
C HIS J 89 -13.74 26.25 -1.60
N HIS J 90 -13.39 25.18 -0.87
CA HIS J 90 -13.55 25.08 0.57
C HIS J 90 -12.82 26.19 1.30
N THR J 91 -11.56 26.43 0.91
CA THR J 91 -10.72 27.46 1.52
C THR J 91 -11.27 28.85 1.32
N PHE J 92 -11.53 29.27 0.07
CA PHE J 92 -12.04 30.61 -0.17
C PHE J 92 -13.42 30.85 0.40
N TYR J 93 -14.36 29.92 0.17
CA TYR J 93 -15.73 30.09 0.60
C TYR J 93 -16.02 29.77 2.05
N ASN J 94 -15.61 28.58 2.53
CA ASN J 94 -16.08 28.09 3.81
C ASN J 94 -15.04 28.23 4.92
N GLU J 95 -13.93 28.91 4.64
CA GLU J 95 -12.95 29.30 5.63
C GLU J 95 -12.88 30.80 5.58
N LEU J 96 -12.15 31.35 4.59
CA LEU J 96 -11.87 32.76 4.47
C LEU J 96 -13.08 33.66 4.30
N ARG J 97 -14.15 33.16 3.65
CA ARG J 97 -15.39 33.87 3.35
C ARG J 97 -15.15 34.99 2.36
N VAL J 98 -14.47 34.70 1.24
CA VAL J 98 -14.12 35.71 0.26
C VAL J 98 -14.36 35.23 -1.17
N ALA J 99 -14.79 36.14 -2.06
CA ALA J 99 -14.93 35.90 -3.47
C ALA J 99 -13.60 36.11 -4.21
N PRO J 100 -13.09 35.21 -5.03
CA PRO J 100 -11.86 35.39 -5.79
C PRO J 100 -11.82 36.59 -6.71
N GLU J 101 -12.95 37.11 -7.20
CA GLU J 101 -12.95 38.26 -8.06
C GLU J 101 -12.61 39.54 -7.29
N GLU J 102 -12.69 39.52 -5.95
CA GLU J 102 -12.32 40.62 -5.10
C GLU J 102 -10.85 40.71 -4.81
N HIS J 103 -10.03 39.69 -5.01
CA HIS J 103 -8.65 39.72 -4.58
C HIS J 103 -7.70 39.25 -5.67
N PRO J 104 -6.64 39.95 -6.03
CA PRO J 104 -5.45 39.34 -6.60
C PRO J 104 -4.80 38.33 -5.68
N THR J 105 -4.47 37.12 -6.15
CA THR J 105 -4.02 36.08 -5.23
C THR J 105 -2.53 35.83 -5.37
N LEU J 106 -1.96 35.11 -4.41
CA LEU J 106 -0.58 34.73 -4.35
C LEU J 106 -0.53 33.27 -4.06
N LEU J 107 0.07 32.45 -4.92
CA LEU J 107 0.14 31.02 -4.73
C LEU J 107 1.60 30.66 -4.57
N THR J 108 1.90 29.53 -3.94
CA THR J 108 3.27 29.08 -3.76
C THR J 108 3.52 27.76 -4.45
N GLU J 109 4.81 27.43 -4.74
CA GLU J 109 5.16 26.15 -5.32
C GLU J 109 6.47 25.67 -4.72
N ALA J 110 7.03 24.54 -5.19
CA ALA J 110 8.32 24.06 -4.79
C ALA J 110 9.42 24.56 -5.72
N PRO J 111 10.68 24.66 -5.33
CA PRO J 111 11.75 25.13 -6.20
C PRO J 111 11.99 24.27 -7.41
N LEU J 112 11.88 22.95 -7.28
CA LEU J 112 12.08 22.02 -8.37
C LEU J 112 10.90 21.08 -8.34
N ASN J 113 10.07 21.11 -9.38
CA ASN J 113 8.89 20.31 -9.45
C ASN J 113 8.65 20.06 -10.93
N PRO J 114 8.16 18.94 -11.40
CA PRO J 114 7.97 18.70 -12.82
C PRO J 114 7.01 19.62 -13.55
N LYS J 115 7.34 19.99 -14.78
CA LYS J 115 6.43 20.65 -15.67
C LYS J 115 5.45 19.59 -16.15
N ALA J 116 4.14 19.82 -16.18
CA ALA J 116 3.42 21.06 -16.19
C ALA J 116 2.59 21.28 -14.93
N ASN J 117 3.05 20.79 -13.77
CA ASN J 117 2.38 20.98 -12.49
C ASN J 117 2.13 22.42 -12.06
N ARG J 118 2.92 23.42 -12.51
CA ARG J 118 2.63 24.79 -12.15
C ARG J 118 1.74 25.42 -13.18
N GLU J 119 1.91 25.05 -14.46
CA GLU J 119 1.05 25.47 -15.57
C GLU J 119 -0.37 25.01 -15.33
N LYS J 120 -0.66 23.70 -15.41
CA LYS J 120 -1.97 23.12 -15.16
C LYS J 120 -2.72 23.66 -13.94
N MET J 121 -2.00 23.88 -12.82
CA MET J 121 -2.51 24.55 -11.63
C MET J 121 -2.95 25.97 -11.91
N THR J 122 -2.00 26.84 -12.33
CA THR J 122 -2.20 28.24 -12.68
C THR J 122 -3.35 28.43 -13.66
N GLN J 123 -3.42 27.54 -14.66
CA GLN J 123 -4.37 27.57 -15.74
C GLN J 123 -5.74 27.22 -15.24
N ILE J 124 -5.89 26.09 -14.52
CA ILE J 124 -7.14 25.72 -13.90
C ILE J 124 -7.63 26.77 -12.91
N MET J 125 -6.78 27.32 -12.02
CA MET J 125 -7.22 28.34 -11.09
C MET J 125 -7.68 29.64 -11.74
N PHE J 126 -7.12 29.99 -12.92
CA PHE J 126 -7.53 31.16 -13.68
C PHE J 126 -8.86 30.93 -14.36
N GLU J 127 -9.10 29.72 -14.90
CA GLU J 127 -10.33 29.45 -15.62
C GLU J 127 -11.47 29.06 -14.70
N THR J 128 -11.20 28.40 -13.57
CA THR J 128 -12.23 28.03 -12.61
C THR J 128 -12.61 29.16 -11.68
N PHE J 129 -11.64 29.81 -11.01
CA PHE J 129 -11.98 30.76 -9.96
C PHE J 129 -11.89 32.19 -10.44
N ASN J 130 -11.24 32.45 -11.59
CA ASN J 130 -11.30 33.71 -12.31
C ASN J 130 -10.77 34.89 -11.51
N VAL J 131 -9.67 34.68 -10.79
CA VAL J 131 -8.90 35.72 -10.12
C VAL J 131 -8.40 36.81 -11.06
N PRO J 132 -8.32 38.09 -10.68
CA PRO J 132 -8.01 39.15 -11.62
C PRO J 132 -6.51 39.23 -11.86
N ALA J 133 -5.69 38.77 -10.91
CA ALA J 133 -4.26 38.70 -11.07
C ALA J 133 -3.71 37.66 -10.12
N MET J 134 -2.51 37.12 -10.43
CA MET J 134 -1.93 36.02 -9.70
C MET J 134 -0.42 36.04 -9.81
N TYR J 135 0.30 35.49 -8.81
CA TYR J 135 1.72 35.25 -8.91
C TYR J 135 1.98 33.92 -8.21
N VAL J 136 3.01 33.16 -8.65
CA VAL J 136 3.34 31.90 -8.02
C VAL J 136 4.79 32.00 -7.57
N ALA J 137 5.01 32.02 -6.24
CA ALA J 137 6.33 32.09 -5.65
C ALA J 137 6.86 30.79 -5.07
N ILE J 138 8.17 30.49 -5.21
CA ILE J 138 8.71 29.32 -4.53
C ILE J 138 8.81 29.57 -3.02
N GLN J 139 8.52 28.57 -2.16
CA GLN J 139 8.40 28.75 -0.72
C GLN J 139 9.70 29.19 -0.05
N ALA J 140 10.84 28.82 -0.64
CA ALA J 140 12.15 29.13 -0.11
C ALA J 140 12.47 30.61 -0.18
N VAL J 141 12.26 31.28 -1.34
CA VAL J 141 12.47 32.71 -1.48
C VAL J 141 11.67 33.50 -0.46
N LEU J 142 10.40 33.09 -0.22
CA LEU J 142 9.60 33.75 0.78
C LEU J 142 10.13 33.61 2.20
N SER J 143 10.80 32.49 2.52
CA SER J 143 11.39 32.32 3.83
C SER J 143 12.63 33.18 4.05
N LEU J 144 13.21 33.75 2.99
CA LEU J 144 14.31 34.69 3.12
C LEU J 144 13.80 36.06 3.43
N TYR J 145 12.65 36.43 2.84
CA TYR J 145 11.97 37.69 3.13
C TYR J 145 11.52 37.70 4.58
N ALA J 146 10.97 36.58 5.07
CA ALA J 146 10.60 36.39 6.46
C ALA J 146 11.77 36.43 7.42
N SER J 147 12.90 35.82 7.08
CA SER J 147 14.12 35.83 7.89
C SER J 147 14.83 37.16 7.85
N GLY J 148 14.64 37.96 6.80
CA GLY J 148 15.20 39.29 6.70
C GLY J 148 16.64 39.28 6.31
N ARG J 149 17.05 38.24 5.59
CA ARG J 149 18.38 38.09 5.06
C ARG J 149 18.29 38.08 3.57
N THR J 150 19.39 38.39 2.86
CA THR J 150 19.39 38.42 1.40
C THR J 150 20.43 37.47 0.84
N THR J 151 20.97 36.61 1.70
CA THR J 151 22.04 35.68 1.40
C THR J 151 21.79 34.48 2.26
N GLY J 152 22.19 33.27 1.81
CA GLY J 152 22.11 32.06 2.62
C GLY J 152 21.44 30.90 1.95
N ILE J 153 21.71 29.70 2.49
CA ILE J 153 21.10 28.47 2.05
C ILE J 153 19.88 28.16 2.91
N VAL J 154 18.73 27.99 2.24
CA VAL J 154 17.44 27.82 2.85
C VAL J 154 17.05 26.37 2.89
N LEU J 155 16.76 25.88 4.09
CA LEU J 155 16.28 24.55 4.38
C LEU J 155 14.80 24.57 4.68
N ASP J 156 13.93 24.31 3.68
CA ASP J 156 12.49 24.38 3.87
C ASP J 156 12.03 22.96 3.93
N SER J 157 11.65 22.51 5.15
CA SER J 157 11.30 21.13 5.34
C SER J 157 9.91 21.02 5.89
N GLY J 158 8.98 20.56 5.05
CA GLY J 158 7.63 20.24 5.41
C GLY J 158 7.24 18.91 4.92
N ASP J 159 6.17 18.31 5.45
CA ASP J 159 5.57 17.14 4.85
C ASP J 159 5.01 17.50 3.49
N GLY J 160 5.23 16.80 2.38
CA GLY J 160 6.09 15.70 2.13
C GLY J 160 7.25 15.95 1.23
N VAL J 161 7.70 17.21 1.10
CA VAL J 161 8.85 17.57 0.31
C VAL J 161 9.71 18.57 1.05
N THR J 162 10.98 18.24 1.30
CA THR J 162 11.97 19.16 1.83
C THR J 162 12.78 19.79 0.71
N HIS J 163 13.45 20.93 0.94
CA HIS J 163 14.24 21.55 -0.11
C HIS J 163 15.47 22.25 0.46
N ASN J 164 16.53 22.39 -0.36
CA ASN J 164 17.80 23.03 -0.04
C ASN J 164 18.16 24.08 -1.09
N VAL J 165 17.82 25.37 -0.90
CA VAL J 165 18.06 26.41 -1.91
C VAL J 165 19.15 27.40 -1.52
N PRO J 166 20.28 27.54 -2.21
CA PRO J 166 21.25 28.60 -1.93
C PRO J 166 20.92 29.89 -2.68
N ILE J 167 20.84 31.03 -1.97
CA ILE J 167 20.58 32.35 -2.55
C ILE J 167 21.67 33.31 -2.12
N TYR J 168 22.24 34.11 -3.04
CA TYR J 168 23.22 35.12 -2.69
C TYR J 168 22.80 36.46 -3.23
N GLU J 169 22.67 37.47 -2.48
CA GLU J 169 22.32 38.85 -2.74
C GLU J 169 22.19 39.33 -4.16
N GLY J 170 21.07 39.19 -4.86
CA GLY J 170 19.89 38.52 -4.53
C GLY J 170 19.57 37.56 -5.59
N TYR J 171 20.61 36.95 -6.10
CA TYR J 171 20.58 36.03 -7.15
C TYR J 171 20.62 34.61 -6.76
N ALA J 172 20.12 33.73 -7.52
CA ALA J 172 20.09 32.34 -7.29
C ALA J 172 21.01 31.61 -8.23
N LEU J 173 21.59 30.50 -7.79
CA LEU J 173 22.49 29.70 -8.56
C LEU J 173 21.76 28.42 -8.98
N PRO J 174 21.30 28.24 -10.22
CA PRO J 174 20.49 27.10 -10.62
C PRO J 174 21.14 25.76 -10.42
N HIS J 175 22.46 25.70 -10.52
CA HIS J 175 23.19 24.46 -10.51
C HIS J 175 23.43 23.96 -9.12
N ALA J 176 23.04 24.69 -8.09
CA ALA J 176 23.24 24.30 -6.72
C ALA J 176 21.95 24.04 -5.96
N ILE J 177 20.75 24.14 -6.58
CA ILE J 177 19.51 23.90 -5.88
C ILE J 177 19.21 22.41 -5.76
N MET J 178 19.03 21.90 -4.52
CA MET J 178 18.80 20.50 -4.23
C MET J 178 17.43 20.20 -3.62
N ARG J 179 16.71 19.22 -4.20
CA ARG J 179 15.42 18.80 -3.73
C ARG J 179 15.54 17.41 -3.12
N LEU J 180 15.23 17.24 -1.83
CA LEU J 180 15.19 15.95 -1.20
C LEU J 180 13.74 15.56 -0.99
N ASP J 181 13.33 14.36 -1.41
CA ASP J 181 12.01 13.83 -1.13
C ASP J 181 12.01 13.03 0.17
N LEU J 182 12.98 13.23 1.01
CA LEU J 182 13.23 12.56 2.27
C LEU J 182 12.20 12.82 3.37
N ALA J 183 11.86 14.06 3.64
CA ALA J 183 10.95 14.42 4.69
C ALA J 183 9.70 15.01 4.10
N GLY J 184 8.52 14.92 4.76
CA GLY J 184 8.25 14.39 6.09
C GLY J 184 7.31 13.22 6.17
N ARG J 185 6.56 12.88 5.12
CA ARG J 185 5.63 11.77 5.14
C ARG J 185 6.30 10.42 5.29
N ASP J 186 7.56 10.31 4.85
CA ASP J 186 8.39 9.15 5.02
C ASP J 186 8.89 9.02 6.44
N LEU J 187 8.99 10.15 7.17
CA LEU J 187 9.30 10.14 8.59
C LEU J 187 8.09 9.65 9.33
N THR J 188 6.87 10.06 8.91
CA THR J 188 5.63 9.52 9.45
C THR J 188 5.54 8.02 9.21
N ASP J 189 5.73 7.54 7.96
CA ASP J 189 5.69 6.13 7.64
C ASP J 189 6.76 5.32 8.38
N TYR J 190 7.98 5.87 8.57
CA TYR J 190 9.03 5.21 9.34
C TYR J 190 8.67 5.12 10.81
N LEU J 191 8.11 6.19 11.39
CA LEU J 191 7.60 6.18 12.75
C LEU J 191 6.53 5.13 12.95
N MET J 192 5.62 4.98 11.97
CA MET J 192 4.63 3.94 11.99
C MET J 192 5.24 2.54 11.87
N LYS J 193 6.37 2.41 11.17
CA LYS J 193 7.04 1.14 11.05
C LYS J 193 7.82 0.77 12.30
N ILE J 194 8.32 1.74 13.08
CA ILE J 194 9.01 1.38 14.29
C ILE J 194 8.12 1.50 15.51
N LEU J 195 6.86 1.94 15.36
CA LEU J 195 5.90 1.77 16.45
C LEU J 195 5.19 0.42 16.38
N THR J 196 5.12 -0.21 15.21
CA THR J 196 4.68 -1.60 15.13
C THR J 196 5.61 -2.54 15.82
N GLU J 197 6.89 -2.16 15.89
CA GLU J 197 7.92 -2.88 16.59
C GLU J 197 7.68 -2.95 18.09
N ARG J 198 6.89 -2.04 18.65
CA ARG J 198 6.47 -2.11 20.03
C ARG J 198 5.01 -2.42 20.17
N GLY J 199 4.38 -3.07 19.20
CA GLY J 199 3.09 -3.70 19.40
C GLY J 199 1.92 -2.78 19.30
N TYR J 200 2.11 -1.54 18.86
CA TYR J 200 1.04 -0.59 18.74
C TYR J 200 0.55 -0.59 17.31
N SER J 201 -0.46 -1.31 17.04
CA SER J 201 -0.98 -1.59 15.73
C SER J 201 -1.74 -0.55 15.00
N PHE J 202 -1.14 0.50 14.74
CA PHE J 202 -1.75 1.56 14.09
C PHE J 202 -1.66 1.53 12.66
N VAL J 203 -2.24 0.70 11.99
CA VAL J 203 -2.04 0.40 10.65
C VAL J 203 -2.88 1.14 9.65
N THR J 204 -3.94 1.74 10.03
CA THR J 204 -4.91 2.30 9.12
C THR J 204 -4.63 3.73 8.79
N THR J 205 -5.20 4.19 7.68
CA THR J 205 -4.98 5.50 7.11
C THR J 205 -5.35 6.61 8.05
N ALA J 206 -6.53 6.56 8.64
CA ALA J 206 -6.98 7.50 9.62
C ALA J 206 -6.04 7.58 10.81
N GLU J 207 -5.65 6.39 11.31
CA GLU J 207 -4.79 6.26 12.49
C GLU J 207 -3.43 6.85 12.24
N ARG J 208 -3.00 6.94 10.96
CA ARG J 208 -1.79 7.70 10.62
C ARG J 208 -1.79 9.16 11.08
N GLU J 209 -2.96 9.85 11.14
CA GLU J 209 -3.02 11.18 11.75
C GLU J 209 -2.60 11.18 13.22
N ILE J 210 -3.03 10.16 14.00
CA ILE J 210 -2.62 9.98 15.38
C ILE J 210 -1.12 9.81 15.51
N VAL J 211 -0.50 9.05 14.57
CA VAL J 211 0.94 8.91 14.44
C VAL J 211 1.61 10.26 14.25
N ARG J 212 1.05 11.12 13.37
CA ARG J 212 1.50 12.47 13.11
C ARG J 212 1.49 13.32 14.38
N ASP J 213 0.48 13.13 15.25
CA ASP J 213 0.41 13.84 16.51
C ASP J 213 1.52 13.38 17.46
N ILE J 214 1.87 12.07 17.48
CA ILE J 214 3.02 11.60 18.24
C ILE J 214 4.35 12.01 17.61
N LYS J 215 4.38 12.31 16.29
CA LYS J 215 5.54 12.85 15.60
C LYS J 215 5.83 14.28 15.98
N GLU J 216 4.76 15.08 16.17
CA GLU J 216 4.82 16.43 16.68
C GLU J 216 5.34 16.48 18.11
N LYS J 217 4.54 15.98 19.05
CA LYS J 217 4.72 16.13 20.47
C LYS J 217 5.81 15.29 21.10
N LEU J 218 5.86 13.96 20.88
CA LEU J 218 6.73 13.11 21.67
C LEU J 218 8.14 12.90 21.14
N CYS J 219 8.43 13.17 19.87
CA CYS J 219 9.78 12.98 19.32
C CYS J 219 10.83 13.96 19.85
N TYR J 220 12.10 13.54 19.87
CA TYR J 220 13.22 14.40 20.24
C TYR J 220 14.41 13.96 19.42
N VAL J 221 15.56 14.66 19.47
CA VAL J 221 16.72 14.28 18.69
C VAL J 221 17.91 14.13 19.59
N ALA J 222 18.82 13.21 19.25
CA ALA J 222 20.07 12.98 19.93
C ALA J 222 21.08 14.08 19.67
N LEU J 223 22.14 14.20 20.43
CA LEU J 223 23.26 15.08 20.15
C LEU J 223 24.27 14.30 19.33
N ASP J 224 24.46 13.03 19.71
CA ASP J 224 25.23 12.06 18.98
C ASP J 224 24.51 10.74 19.07
N PHE J 225 24.22 10.08 17.93
CA PHE J 225 23.50 8.82 17.83
C PHE J 225 24.09 7.74 18.71
N GLU J 226 25.37 7.40 18.47
CA GLU J 226 26.12 6.38 19.17
C GLU J 226 26.09 6.52 20.68
N ASN J 227 26.15 7.76 21.20
CA ASN J 227 26.11 7.99 22.62
C ASN J 227 24.69 8.00 23.17
N GLU J 228 23.68 8.40 22.38
CA GLU J 228 22.31 8.27 22.83
C GLU J 228 21.86 6.82 22.86
N MET J 229 22.40 5.98 21.95
CA MET J 229 22.19 4.54 21.93
C MET J 229 22.78 3.87 23.15
N ALA J 230 23.94 4.36 23.60
CA ALA J 230 24.57 3.98 24.85
C ALA J 230 23.66 4.25 26.04
N THR J 231 23.16 5.49 26.18
CA THR J 231 22.30 5.85 27.30
C THR J 231 20.91 5.22 27.21
N ALA J 232 20.46 4.82 26.01
CA ALA J 232 19.27 4.02 25.80
C ALA J 232 19.34 2.64 26.42
N ALA J 233 20.53 2.03 26.45
CA ALA J 233 20.76 0.75 27.08
C ALA J 233 20.62 0.81 28.59
N SER J 234 20.83 2.00 29.17
CA SER J 234 20.60 2.27 30.58
C SER J 234 19.14 2.30 30.93
N SER J 235 18.82 2.19 32.21
CA SER J 235 17.49 2.05 32.72
C SER J 235 16.76 3.34 32.89
N SER J 236 17.42 4.47 32.62
CA SER J 236 16.90 5.81 32.65
C SER J 236 15.69 6.05 31.79
N SER J 237 14.84 6.96 32.16
CA SER J 237 13.57 7.15 31.54
C SER J 237 13.57 7.97 30.30
N LEU J 238 13.91 7.36 29.19
CA LEU J 238 13.68 7.87 27.88
C LEU J 238 12.26 7.62 27.47
N GLU J 239 11.63 6.60 28.09
CA GLU J 239 10.25 6.22 27.91
C GLU J 239 9.28 7.27 28.37
N LYS J 240 8.46 7.80 27.45
CA LYS J 240 7.41 8.74 27.75
C LYS J 240 6.07 8.11 27.44
N SER J 241 5.08 8.29 28.32
CA SER J 241 3.78 7.66 28.19
C SER J 241 2.78 8.61 27.55
N TYR J 242 2.31 8.28 26.34
CA TYR J 242 1.29 9.03 25.63
C TYR J 242 -0.06 8.37 25.88
N GLU J 243 -1.15 9.13 25.83
CA GLU J 243 -2.49 8.59 25.98
C GLU J 243 -3.21 8.68 24.66
N LEU J 244 -3.96 7.64 24.28
CA LEU J 244 -4.53 7.49 22.97
C LEU J 244 -6.03 7.75 23.04
N PRO J 245 -6.78 8.11 21.99
CA PRO J 245 -8.17 8.49 22.10
C PRO J 245 -9.11 7.44 22.62
N ASP J 246 -8.76 6.16 22.54
CA ASP J 246 -9.53 5.10 23.12
C ASP J 246 -9.02 4.71 24.48
N GLY J 247 -8.21 5.31 25.12
CA GLY J 247 -7.74 5.11 26.47
C GLY J 247 -6.46 4.37 26.57
N GLN J 248 -5.77 4.01 25.63
CA GLN J 248 -4.58 3.19 25.64
C GLN J 248 -3.39 4.04 25.97
N VAL J 249 -2.41 3.47 26.70
CA VAL J 249 -1.20 4.16 27.10
C VAL J 249 -0.02 3.58 26.35
N ILE J 250 0.66 4.43 25.56
CA ILE J 250 1.76 4.01 24.70
C ILE J 250 3.04 4.54 25.30
N THR J 251 4.03 3.65 25.50
CA THR J 251 5.34 3.98 26.03
C THR J 251 6.41 3.79 24.99
N ILE J 252 6.90 4.86 24.37
CA ILE J 252 8.00 4.81 23.42
C ILE J 252 9.24 5.44 24.00
N GLY J 253 10.43 4.83 23.77
CA GLY J 253 11.71 5.30 24.29
C GLY J 253 12.80 5.44 23.27
N ASN J 254 13.44 4.36 22.87
CA ASN J 254 14.54 4.37 21.90
C ASN J 254 14.16 4.92 20.56
N GLU J 255 13.03 4.41 20.02
CA GLU J 255 12.46 4.84 18.76
C GLU J 255 12.12 6.33 18.67
N ARG J 256 11.85 6.95 19.85
CA ARG J 256 11.64 8.36 20.09
C ARG J 256 12.68 9.34 19.61
N PHE J 257 14.00 8.95 19.82
CA PHE J 257 15.06 9.69 19.20
C PHE J 257 15.56 9.10 17.88
N ARG J 258 15.18 7.83 17.61
CA ARG J 258 15.59 7.16 16.41
C ARG J 258 14.97 7.76 15.16
N CYS J 259 13.65 7.96 15.14
CA CYS J 259 13.00 8.55 14.00
C CYS J 259 13.55 9.90 13.48
N PRO J 260 13.77 11.00 14.22
CA PRO J 260 14.30 12.21 13.63
C PRO J 260 15.71 12.12 13.12
N GLU J 261 16.55 11.24 13.71
CA GLU J 261 17.93 11.00 13.31
C GLU J 261 18.06 10.62 11.85
N THR J 262 17.00 10.02 11.25
CA THR J 262 16.84 9.80 9.82
C THR J 262 17.23 10.96 8.92
N LEU J 263 17.06 12.22 9.37
CA LEU J 263 17.47 13.40 8.63
C LEU J 263 18.98 13.52 8.44
N PHE J 264 19.74 12.98 9.41
CA PHE J 264 21.17 12.80 9.30
C PHE J 264 21.57 11.45 8.78
N GLN J 265 20.76 10.41 8.85
CA GLN J 265 21.05 9.10 8.29
C GLN J 265 19.87 8.52 7.51
N PRO J 266 19.74 8.76 6.20
CA PRO J 266 18.68 8.19 5.39
C PRO J 266 18.82 6.70 5.19
N SER J 267 19.94 6.10 5.63
CA SER J 267 20.16 4.67 5.72
C SER J 267 19.15 3.99 6.61
N PHE J 268 18.59 4.69 7.62
CA PHE J 268 17.55 4.17 8.47
C PHE J 268 16.28 3.84 7.68
N ILE J 269 15.88 4.72 6.75
CA ILE J 269 14.77 4.46 5.86
C ILE J 269 15.19 3.54 4.73
N GLY J 270 16.46 3.57 4.37
CA GLY J 270 17.06 2.77 3.32
C GLY J 270 17.14 3.45 1.99
N MET J 271 17.01 4.74 1.92
CA MET J 271 17.16 5.48 0.68
C MET J 271 18.61 5.82 0.41
N GLU J 272 19.00 5.90 -0.86
CA GLU J 272 20.39 6.01 -1.28
C GLU J 272 20.98 7.37 -1.01
N SER J 273 20.17 8.42 -1.10
CA SER J 273 20.50 9.80 -0.80
C SER J 273 21.17 10.06 0.53
N ALA J 274 21.93 11.15 0.64
CA ALA J 274 22.71 11.48 1.81
C ALA J 274 22.03 12.54 2.66
N GLY J 275 22.40 12.65 3.96
CA GLY J 275 21.71 13.49 4.93
C GLY J 275 21.82 14.97 4.68
N ILE J 276 20.98 15.77 5.37
CA ILE J 276 21.00 17.23 5.30
C ILE J 276 22.37 17.84 5.55
N HIS J 277 23.09 17.32 6.55
CA HIS J 277 24.54 17.41 6.70
C HIS J 277 25.34 17.46 5.41
N GLU J 278 25.24 16.41 4.58
CA GLU J 278 26.05 16.27 3.40
C GLU J 278 25.48 17.02 2.22
N THR J 279 24.14 17.18 2.11
CA THR J 279 23.57 17.96 1.00
C THR J 279 23.86 19.43 1.15
N THR J 280 23.97 19.91 2.41
CA THR J 280 24.42 21.26 2.73
C THR J 280 25.82 21.47 2.23
N TYR J 281 26.77 20.62 2.65
CA TYR J 281 28.15 20.71 2.18
C TYR J 281 28.28 20.58 0.67
N ASN J 282 27.66 19.57 0.04
CA ASN J 282 27.78 19.36 -1.39
C ASN J 282 27.11 20.42 -2.25
N SER J 283 26.12 21.17 -1.74
CA SER J 283 25.57 22.32 -2.45
C SER J 283 26.43 23.55 -2.28
N ILE J 284 27.03 23.75 -1.10
CA ILE J 284 27.95 24.83 -0.83
C ILE J 284 29.19 24.65 -1.69
N MET J 285 29.77 23.46 -1.74
CA MET J 285 30.90 23.17 -2.61
C MET J 285 30.52 22.95 -4.07
N LYS J 286 29.33 23.41 -4.51
CA LYS J 286 29.02 23.61 -5.90
C LYS J 286 28.90 25.08 -6.17
N CYS J 287 29.01 25.94 -5.20
CA CYS J 287 29.04 27.38 -5.34
C CYS J 287 30.46 27.91 -5.44
N ASP J 288 30.64 29.04 -6.15
CA ASP J 288 31.89 29.72 -6.36
C ASP J 288 32.62 30.09 -5.07
N ILE J 289 33.96 30.06 -5.11
CA ILE J 289 34.87 30.14 -3.97
C ILE J 289 34.61 31.29 -3.03
N ASP J 290 34.44 32.51 -3.57
CA ASP J 290 34.25 33.69 -2.77
C ASP J 290 32.92 33.68 -2.02
N ILE J 291 31.87 33.11 -2.62
CA ILE J 291 30.54 33.21 -2.06
C ILE J 291 30.36 32.28 -0.87
N ARG J 292 31.15 31.19 -0.81
CA ARG J 292 31.05 30.18 0.24
C ARG J 292 31.19 30.73 1.64
N LYS J 293 32.03 31.78 1.81
CA LYS J 293 32.24 32.52 3.03
C LYS J 293 30.98 33.04 3.70
N ASP J 294 29.97 33.45 2.91
CA ASP J 294 28.78 34.06 3.46
C ASP J 294 27.61 33.11 3.35
N LEU J 295 27.78 31.94 2.72
CA LEU J 295 26.79 30.89 2.81
C LEU J 295 26.88 30.22 4.18
N TYR J 296 28.10 30.02 4.68
CA TYR J 296 28.30 29.72 6.08
C TYR J 296 27.92 30.90 6.96
N ALA J 297 27.08 30.62 7.98
CA ALA J 297 26.57 31.54 8.98
C ALA J 297 25.33 32.27 8.52
N ASN J 298 24.74 31.81 7.42
CA ASN J 298 23.45 32.25 6.94
C ASN J 298 22.71 30.99 6.51
N ASN J 299 22.98 29.88 7.22
CA ASN J 299 22.24 28.64 7.10
C ASN J 299 20.89 28.80 7.80
N VAL J 300 19.80 28.95 7.04
CA VAL J 300 18.47 29.24 7.56
C VAL J 300 17.46 28.11 7.46
N MET J 301 16.99 27.59 8.61
CA MET J 301 16.02 26.50 8.58
C MET J 301 14.61 27.07 8.47
N SER J 302 13.64 26.27 8.01
CA SER J 302 12.25 26.69 7.89
C SER J 302 11.37 25.45 7.85
N GLY J 303 10.06 25.63 7.71
CA GLY J 303 9.05 24.57 7.67
C GLY J 303 8.72 23.98 9.01
N GLY J 304 7.65 23.23 9.13
CA GLY J 304 7.18 22.58 10.35
C GLY J 304 7.95 21.38 10.81
N THR J 305 8.60 20.64 9.90
CA THR J 305 9.31 19.43 10.29
C THR J 305 10.68 19.73 10.82
N THR J 306 11.13 21.00 10.79
CA THR J 306 12.36 21.38 11.48
C THR J 306 12.12 21.74 12.92
N MET J 307 10.90 21.54 13.45
CA MET J 307 10.59 21.87 14.82
C MET J 307 10.90 20.77 15.83
N TYR J 308 11.63 19.71 15.43
CA TYR J 308 12.15 18.73 16.38
C TYR J 308 13.14 19.38 17.36
N PRO J 309 13.14 19.14 18.66
CA PRO J 309 14.03 19.81 19.61
C PRO J 309 15.50 19.74 19.40
N GLY J 310 16.23 18.86 19.07
CA GLY J 310 17.67 18.76 18.96
C GLY J 310 18.29 19.33 17.71
N ILE J 311 17.47 19.71 16.72
CA ILE J 311 17.94 20.51 15.61
C ILE J 311 17.58 21.93 16.02
N ALA J 312 18.47 22.91 15.84
CA ALA J 312 19.61 22.93 14.97
C ALA J 312 20.96 22.64 15.60
N ASP J 313 21.07 22.28 16.90
CA ASP J 313 22.41 22.23 17.47
C ASP J 313 23.08 20.88 17.21
N ARG J 314 22.29 19.86 16.81
CA ARG J 314 22.75 18.67 16.12
C ARG J 314 23.29 19.05 14.75
N MET J 315 22.46 19.68 13.91
CA MET J 315 22.84 20.21 12.61
C MET J 315 24.11 21.06 12.63
N GLN J 316 24.24 21.93 13.65
CA GLN J 316 25.41 22.75 13.90
C GLN J 316 26.63 21.88 14.13
N LYS J 317 26.67 21.08 15.21
CA LYS J 317 27.80 20.21 15.48
C LYS J 317 28.23 19.28 14.33
N GLU J 318 27.27 18.74 13.56
CA GLU J 318 27.55 17.89 12.41
C GLU J 318 28.13 18.66 11.23
N ILE J 319 27.58 19.85 10.92
CA ILE J 319 28.08 20.67 9.82
C ILE J 319 29.46 21.15 10.18
N THR J 320 29.67 21.64 11.41
CA THR J 320 30.96 22.11 11.92
C THR J 320 32.06 21.05 11.83
N ALA J 321 31.70 19.75 11.86
CA ALA J 321 32.65 18.68 11.67
C ALA J 321 33.09 18.47 10.22
N LEU J 322 32.21 18.73 9.24
CA LEU J 322 32.52 18.54 7.84
C LEU J 322 33.01 19.81 7.17
N ALA J 323 32.49 20.97 7.61
CA ALA J 323 32.86 22.29 7.15
C ALA J 323 34.33 22.65 7.42
N PRO J 324 34.98 23.50 6.63
CA PRO J 324 36.33 24.00 6.89
C PRO J 324 36.59 24.53 8.30
N SER J 325 37.80 24.30 8.82
CA SER J 325 38.20 24.76 10.14
C SER J 325 38.29 26.27 10.25
N THR J 326 38.00 26.83 11.43
CA THR J 326 38.08 28.24 11.80
C THR J 326 37.10 29.14 11.10
N MET J 327 36.14 28.64 10.45
CA MET J 327 35.07 29.34 9.79
C MET J 327 33.89 29.43 10.70
N LYS J 328 33.31 30.60 10.88
CA LYS J 328 32.20 30.79 11.76
C LYS J 328 30.89 30.29 11.20
N ILE J 329 30.18 29.49 11.93
CA ILE J 329 28.96 28.88 11.47
C ILE J 329 27.88 29.22 12.46
N LYS J 330 26.81 29.80 12.01
CA LYS J 330 25.61 30.06 12.76
C LYS J 330 24.47 29.52 11.96
N ILE J 331 23.49 28.91 12.64
CA ILE J 331 22.36 28.30 11.99
C ILE J 331 21.13 29.04 12.43
N ILE J 332 20.48 29.74 11.67
CA ILE J 332 19.39 30.64 11.98
C ILE J 332 18.11 29.85 11.98
N ALA J 333 17.47 29.74 13.15
CA ALA J 333 16.26 28.99 13.30
C ALA J 333 15.32 29.69 14.24
N PRO J 334 14.48 30.57 13.81
CA PRO J 334 13.58 31.27 14.69
C PRO J 334 12.47 30.39 15.17
N PRO J 335 11.77 30.60 16.25
CA PRO J 335 10.43 30.10 16.47
C PRO J 335 9.46 30.27 15.34
N GLU J 336 8.47 29.80 15.19
CA GLU J 336 7.37 29.93 14.28
C GLU J 336 7.57 29.45 12.88
N ARG J 337 8.59 28.61 12.64
CA ARG J 337 9.00 28.22 11.30
C ARG J 337 7.93 27.68 10.37
N LYS J 338 6.87 27.06 10.93
CA LYS J 338 5.70 26.61 10.20
C LYS J 338 4.96 27.73 9.49
N TYR J 339 5.07 28.98 9.97
CA TYR J 339 4.39 30.10 9.35
C TYR J 339 5.39 31.02 8.70
N SER J 340 6.69 30.63 8.62
CA SER J 340 7.75 31.42 8.00
C SER J 340 7.41 31.86 6.59
N VAL J 341 7.12 30.87 5.74
CA VAL J 341 6.66 31.03 4.37
C VAL J 341 5.54 32.04 4.23
N TRP J 342 4.51 31.94 5.09
CA TRP J 342 3.35 32.82 5.05
C TRP J 342 3.70 34.25 5.40
N ILE J 343 4.53 34.48 6.45
CA ILE J 343 5.00 35.82 6.80
C ILE J 343 5.89 36.43 5.72
N GLY J 344 6.53 35.57 4.91
CA GLY J 344 7.24 35.94 3.69
C GLY J 344 6.31 36.51 2.68
N GLY J 345 5.30 35.70 2.30
CA GLY J 345 4.29 36.03 1.30
C GLY J 345 3.58 37.33 1.62
N SER J 346 3.23 37.53 2.90
CA SER J 346 2.62 38.76 3.38
C SER J 346 3.43 40.00 3.09
N ILE J 347 4.76 39.95 3.37
CA ILE J 347 5.69 41.02 3.06
C ILE J 347 5.81 41.26 1.56
N LEU J 348 5.78 40.19 0.75
CA LEU J 348 6.03 40.26 -0.67
C LEU J 348 4.91 40.99 -1.38
N ALA J 349 3.68 40.45 -1.34
CA ALA J 349 2.53 40.97 -2.03
C ALA J 349 2.09 42.35 -1.54
N SER J 350 2.57 42.78 -0.36
CA SER J 350 2.30 44.12 0.14
C SER J 350 3.24 45.13 -0.45
N LEU J 351 4.48 44.76 -0.80
CA LEU J 351 5.43 45.69 -1.40
C LEU J 351 5.05 46.21 -2.79
N SER J 352 5.02 47.53 -2.93
CA SER J 352 5.21 48.20 -4.20
C SER J 352 6.67 48.05 -4.63
N THR J 353 7.00 47.90 -5.91
CA THR J 353 6.15 47.98 -7.09
C THR J 353 5.79 46.61 -7.59
N PHE J 354 6.12 45.54 -6.83
CA PHE J 354 5.95 44.16 -7.26
C PHE J 354 4.52 43.68 -7.52
N GLN J 355 3.53 44.58 -7.43
CA GLN J 355 2.22 44.48 -8.01
C GLN J 355 2.27 44.25 -9.51
N GLN J 356 3.30 44.82 -10.17
CA GLN J 356 3.49 44.66 -11.58
C GLN J 356 4.38 43.46 -11.90
N MET J 357 4.62 42.57 -10.93
CA MET J 357 5.16 41.26 -11.25
C MET J 357 4.09 40.21 -11.07
N TRP J 358 2.83 40.62 -10.94
CA TRP J 358 1.70 39.71 -10.96
C TRP J 358 1.26 39.50 -12.40
N ILE J 359 0.82 38.30 -12.75
CA ILE J 359 0.22 37.98 -14.02
C ILE J 359 -1.22 38.46 -13.98
N THR J 360 -1.65 39.31 -14.90
CA THR J 360 -3.01 39.85 -14.90
C THR J 360 -3.88 39.15 -15.91
N LYS J 361 -5.19 39.03 -15.61
CA LYS J 361 -6.15 38.26 -16.36
C LYS J 361 -6.25 38.61 -17.84
N GLN J 362 -6.23 39.91 -18.17
CA GLN J 362 -6.29 40.38 -19.54
C GLN J 362 -5.11 39.92 -20.39
N GLU J 363 -3.88 39.98 -19.85
CA GLU J 363 -2.70 39.51 -20.53
C GLU J 363 -2.66 37.99 -20.58
N TYR J 364 -3.10 37.31 -19.50
CA TYR J 364 -3.23 35.87 -19.42
C TYR J 364 -4.21 35.31 -20.46
N ASP J 365 -5.31 36.02 -20.75
CA ASP J 365 -6.28 35.64 -21.75
C ASP J 365 -5.64 35.47 -23.12
N GLU J 366 -4.69 36.36 -23.47
CA GLU J 366 -3.95 36.25 -24.70
C GLU J 366 -2.84 35.21 -24.62
N ALA J 367 -2.08 35.17 -23.52
CA ALA J 367 -0.89 34.38 -23.38
C ALA J 367 -1.02 32.92 -23.00
N GLY J 368 -1.98 32.56 -22.15
CA GLY J 368 -2.16 31.20 -21.69
C GLY J 368 -1.00 30.67 -20.86
N PRO J 369 -0.65 29.44 -20.85
CA PRO J 369 0.38 28.87 -19.99
C PRO J 369 1.78 29.29 -20.31
N SER J 370 2.03 29.85 -21.47
CA SER J 370 3.32 30.35 -21.83
C SER J 370 3.79 31.48 -20.99
N ILE J 371 4.83 31.70 -20.79
CA ILE J 371 5.48 32.76 -20.09
C ILE J 371 5.39 32.74 -18.65
N VAL J 372 4.60 31.94 -18.02
CA VAL J 372 4.42 31.76 -16.66
C VAL J 372 5.59 31.22 -16.11
N HIS J 373 6.16 30.36 -16.76
CA HIS J 373 7.27 29.78 -16.38
C HIS J 373 8.20 30.29 -17.16
N THR K 7 22.65 -35.29 18.01
CA THR K 7 23.02 -35.15 16.92
C THR K 7 22.23 -34.35 15.95
N THR K 8 21.35 -34.98 15.19
CA THR K 8 20.61 -34.39 14.12
C THR K 8 19.72 -33.23 14.49
N ALA K 9 19.78 -32.15 13.70
CA ALA K 9 18.94 -30.99 13.83
C ALA K 9 17.45 -31.24 13.58
N LEU K 10 16.60 -30.45 14.24
CA LEU K 10 15.16 -30.64 14.18
C LEU K 10 14.53 -29.39 13.60
N VAL K 11 13.76 -29.51 12.49
CA VAL K 11 13.00 -28.42 11.92
C VAL K 11 11.56 -28.44 12.40
N CYS K 12 11.22 -27.42 13.20
CA CYS K 12 9.96 -27.21 13.85
C CYS K 12 9.47 -25.87 13.38
N ASP K 13 8.36 -25.85 12.65
CA ASP K 13 7.83 -24.64 12.08
C ASP K 13 6.65 -24.26 12.96
N ASN K 14 6.78 -23.05 13.53
CA ASN K 14 5.77 -22.37 14.30
C ASN K 14 4.72 -21.82 13.38
N GLY K 15 3.94 -22.72 12.76
CA GLY K 15 2.69 -22.39 12.13
C GLY K 15 1.72 -21.74 13.05
N SER K 16 0.78 -21.02 12.49
CA SER K 16 -0.33 -20.49 13.17
C SER K 16 -1.55 -21.32 12.95
N GLY K 17 -1.43 -22.33 12.07
CA GLY K 17 -2.43 -23.31 11.74
C GLY K 17 -2.56 -24.40 12.76
N LEU K 18 -1.98 -25.63 12.68
CA LEU K 18 -1.01 -26.26 11.81
C LEU K 18 0.42 -25.95 12.16
N VAL K 19 0.84 -26.31 13.40
CA VAL K 19 2.25 -26.38 13.75
C VAL K 19 2.84 -27.62 13.09
N LYS K 20 4.04 -27.49 12.49
CA LYS K 20 4.67 -28.55 11.72
C LYS K 20 6.01 -28.94 12.35
N ALA K 21 6.32 -30.23 12.52
CA ALA K 21 7.56 -30.67 13.11
C ALA K 21 8.17 -31.90 12.45
N GLY K 22 9.49 -31.92 12.24
CA GLY K 22 10.14 -33.07 11.63
C GLY K 22 11.63 -32.93 11.60
N PHE K 23 12.39 -34.03 11.72
CA PHE K 23 13.85 -33.97 11.77
C PHE K 23 14.44 -33.47 10.44
N ALA K 24 15.75 -33.17 10.38
CA ALA K 24 16.35 -32.61 9.18
C ALA K 24 16.38 -33.55 7.98
N GLY K 25 15.47 -33.37 7.05
CA GLY K 25 15.25 -34.14 5.85
C GLY K 25 14.88 -35.54 5.97
N ASP K 26 14.58 -36.21 4.87
CA ASP K 26 14.65 -35.80 3.52
C ASP K 26 13.32 -35.90 2.86
N ASP K 27 12.31 -36.29 3.56
CA ASP K 27 11.02 -36.61 3.07
C ASP K 27 9.93 -35.74 3.60
N ALA K 28 9.22 -35.72 4.42
CA ALA K 28 8.05 -35.00 4.88
C ALA K 28 8.05 -34.79 6.39
N PRO K 29 7.28 -33.88 6.98
CA PRO K 29 7.22 -33.68 8.43
C PRO K 29 6.74 -34.90 9.19
N ARG K 30 7.23 -35.13 10.39
CA ARG K 30 6.83 -36.24 11.24
C ARG K 30 5.53 -35.96 11.98
N ALA K 31 5.29 -34.71 12.38
CA ALA K 31 4.14 -34.34 13.18
C ALA K 31 3.49 -33.08 12.65
N VAL K 32 2.17 -33.11 12.45
CA VAL K 32 1.39 -31.97 12.03
C VAL K 32 0.17 -31.98 12.92
N PHE K 33 -0.25 -30.84 13.51
CA PHE K 33 -1.41 -30.87 14.39
C PHE K 33 -2.07 -29.49 14.49
N PRO K 34 -3.35 -29.38 14.81
CA PRO K 34 -4.10 -28.14 14.61
C PRO K 34 -3.97 -27.13 15.72
N SER K 35 -2.95 -27.24 16.58
CA SER K 35 -2.52 -26.26 17.59
C SER K 35 -3.42 -25.99 18.78
N ILE K 36 -4.74 -26.26 18.68
CA ILE K 36 -5.73 -26.10 19.73
C ILE K 36 -5.37 -26.65 21.10
N VAL K 37 -5.57 -25.84 22.16
CA VAL K 37 -5.60 -26.30 23.54
C VAL K 37 -7.02 -26.12 24.05
N GLY K 38 -7.57 -27.07 24.82
CA GLY K 38 -8.95 -26.99 25.27
C GLY K 38 -9.18 -27.51 26.66
N ARG K 39 -9.71 -26.68 27.57
CA ARG K 39 -10.09 -27.11 28.91
C ARG K 39 -11.49 -27.70 28.87
N PRO K 40 -11.89 -28.61 29.75
CA PRO K 40 -13.20 -29.26 29.68
C PRO K 40 -14.34 -28.40 30.19
N ARG K 41 -15.29 -28.05 29.31
CA ARG K 41 -16.36 -27.11 29.60
C ARG K 41 -17.56 -27.71 30.28
N HIS K 42 -17.72 -28.99 30.42
CA HIS K 42 -18.85 -29.63 31.06
C HIS K 42 -18.39 -30.38 32.28
N GLN K 43 -19.31 -30.72 33.20
CA GLN K 43 -19.02 -31.48 34.39
C GLN K 43 -19.06 -32.94 34.21
N GLY K 44 -18.05 -33.62 34.74
CA GLY K 44 -17.87 -35.01 34.62
C GLY K 44 -18.46 -35.84 35.20
N VAL K 45 -19.24 -36.18 34.90
CA VAL K 45 -19.90 -36.87 35.45
C VAL K 45 -19.57 -38.32 35.60
N MET K 46 -18.95 -38.90 35.08
CA MET K 46 -18.57 -40.28 35.22
C MET K 46 -17.50 -40.50 36.06
N VAL K 47 -16.80 -39.46 36.28
CA VAL K 47 -15.94 -39.31 37.24
C VAL K 47 -14.88 -40.16 37.12
N GLY K 48 -14.53 -41.07 36.51
CA GLY K 48 -13.51 -41.89 36.18
C GLY K 48 -12.46 -42.07 37.00
N MET K 49 -11.52 -41.28 37.06
CA MET K 49 -11.35 -40.16 36.44
C MET K 49 -10.37 -40.12 35.33
N GLY K 50 -9.21 -39.60 35.55
CA GLY K 50 -8.14 -39.68 34.65
C GLY K 50 -8.12 -38.72 33.54
N GLN K 51 -8.95 -37.75 33.56
CA GLN K 51 -9.07 -36.79 32.52
C GLN K 51 -7.98 -35.73 32.59
N LYS K 52 -7.50 -35.22 31.47
CA LYS K 52 -6.46 -34.22 31.41
C LYS K 52 -7.00 -32.82 31.66
N ASP K 53 -6.17 -31.93 32.24
CA ASP K 53 -6.51 -30.55 32.52
C ASP K 53 -6.76 -29.76 31.24
N SER K 54 -5.93 -30.00 30.23
CA SER K 54 -6.12 -29.49 28.91
C SER K 54 -5.63 -30.50 27.89
N TYR K 55 -6.50 -30.84 26.93
CA TYR K 55 -6.17 -31.71 25.81
C TYR K 55 -5.62 -30.85 24.70
N VAL K 56 -4.47 -31.22 24.12
CA VAL K 56 -3.99 -30.58 22.91
C VAL K 56 -4.55 -31.32 21.70
N GLY K 57 -4.36 -30.81 20.46
CA GLY K 57 -4.60 -31.57 19.24
C GLY K 57 -3.60 -32.70 19.09
N ASP K 58 -3.92 -33.84 18.47
CA ASP K 58 -5.14 -34.23 17.80
C ASP K 58 -6.26 -34.66 18.75
N GLU K 59 -5.96 -35.08 19.99
CA GLU K 59 -6.96 -35.55 20.92
C GLU K 59 -8.10 -34.58 21.22
N ALA K 60 -7.84 -33.27 21.12
CA ALA K 60 -8.85 -32.24 21.23
C ALA K 60 -9.72 -32.06 20.00
N GLN K 61 -9.52 -32.86 18.95
CA GLN K 61 -10.33 -32.85 17.74
C GLN K 61 -11.11 -34.16 17.70
N SER K 62 -10.80 -35.07 18.65
CA SER K 62 -11.58 -36.25 18.91
C SER K 62 -12.47 -36.02 20.11
N LYS K 63 -12.31 -34.91 20.80
CA LYS K 63 -13.04 -34.55 21.99
C LYS K 63 -13.74 -33.21 21.81
N ARG K 64 -14.18 -32.88 20.59
CA ARG K 64 -15.00 -31.72 20.38
C ARG K 64 -16.31 -31.78 21.15
N GLY K 65 -16.77 -30.63 21.67
CA GLY K 65 -18.04 -30.52 22.35
C GLY K 65 -17.97 -30.74 23.82
N ILE K 66 -16.85 -31.25 24.33
CA ILE K 66 -16.64 -31.37 25.77
C ILE K 66 -15.55 -30.42 26.21
N LEU K 67 -14.96 -29.67 25.27
CA LEU K 67 -13.91 -28.72 25.56
C LEU K 67 -14.23 -27.39 24.91
N THR K 68 -13.45 -26.35 25.24
CA THR K 68 -13.52 -25.06 24.55
C THR K 68 -12.19 -24.74 23.93
N LEU K 69 -12.07 -25.04 22.62
CA LEU K 69 -10.86 -24.91 21.85
C LEU K 69 -10.29 -23.49 21.78
N LYS K 70 -9.01 -23.31 22.09
CA LYS K 70 -8.32 -22.05 22.05
C LYS K 70 -7.02 -22.19 21.29
N TYR K 71 -6.93 -21.59 20.09
CA TYR K 71 -5.71 -21.56 19.30
C TYR K 71 -4.67 -20.71 20.06
N PRO K 72 -3.45 -21.10 20.32
CA PRO K 72 -2.57 -20.36 21.21
C PRO K 72 -1.88 -19.18 20.55
N ILE K 73 -1.85 -19.10 19.23
CA ILE K 73 -1.24 -17.99 18.53
C ILE K 73 -2.29 -17.27 17.73
N GLU K 74 -2.59 -16.02 18.08
CA GLU K 74 -3.70 -15.30 17.53
C GLU K 74 -3.19 -13.98 17.03
N HIS K 75 -3.36 -13.73 15.74
CA HIS K 75 -2.80 -12.61 15.02
C HIS K 75 -1.32 -12.48 15.17
N GLY K 76 -0.62 -13.62 15.26
CA GLY K 76 0.81 -13.68 15.35
C GLY K 76 1.34 -13.42 16.73
N ILE K 77 0.46 -13.24 17.72
CA ILE K 77 0.87 -13.05 19.09
C ILE K 77 0.52 -14.27 19.88
N ILE K 78 1.48 -14.79 20.65
CA ILE K 78 1.28 -15.92 21.52
C ILE K 78 0.46 -15.51 22.73
N THR K 79 -0.59 -16.26 23.07
CA THR K 79 -1.50 -15.90 24.14
C THR K 79 -0.88 -15.85 25.52
N ASN K 80 -0.06 -16.85 25.85
CA ASN K 80 0.72 -16.90 27.06
C ASN K 80 1.71 -18.03 26.86
N TRP K 81 2.88 -17.98 27.49
CA TRP K 81 3.84 -19.03 27.29
C TRP K 81 3.57 -20.25 28.15
N ASP K 82 2.57 -20.21 29.04
CA ASP K 82 2.11 -21.36 29.81
C ASP K 82 1.48 -22.44 28.94
N ASP K 83 0.69 -22.03 27.94
CA ASP K 83 0.08 -22.91 26.98
C ASP K 83 1.08 -23.22 25.89
N MET K 84 1.89 -22.23 25.46
CA MET K 84 2.94 -22.42 24.46
C MET K 84 3.95 -23.48 24.87
N GLU K 85 4.45 -23.44 26.12
CA GLU K 85 5.37 -24.45 26.66
C GLU K 85 4.74 -25.85 26.64
N LYS K 86 3.41 -25.95 26.85
CA LYS K 86 2.71 -27.21 26.79
C LYS K 86 2.58 -27.70 25.35
N ILE K 87 2.36 -26.82 24.35
CA ILE K 87 2.50 -27.12 22.93
C ILE K 87 3.85 -27.74 22.61
N TRP K 88 4.95 -27.07 23.01
CA TRP K 88 6.32 -27.51 22.79
C TRP K 88 6.56 -28.88 23.42
N HIS K 89 6.30 -29.01 24.74
CA HIS K 89 6.45 -30.25 25.51
C HIS K 89 5.70 -31.41 24.88
N HIS K 90 4.43 -31.20 24.50
CA HIS K 90 3.60 -32.17 23.79
C HIS K 90 4.24 -32.59 22.48
N THR K 91 4.72 -31.61 21.70
CA THR K 91 5.36 -31.87 20.42
C THR K 91 6.61 -32.69 20.52
N PHE K 92 7.60 -32.26 21.34
CA PHE K 92 8.83 -33.01 21.47
C PHE K 92 8.66 -34.39 22.09
N TYR K 93 7.91 -34.46 23.21
CA TYR K 93 7.76 -35.71 23.93
C TYR K 93 6.73 -36.66 23.37
N ASN K 94 5.48 -36.20 23.13
CA ASN K 94 4.39 -37.11 22.85
C ASN K 94 4.01 -37.17 21.37
N GLU K 95 4.81 -36.53 20.51
CA GLU K 95 4.70 -36.68 19.08
C GLU K 95 6.03 -37.23 18.62
N LEU K 96 7.04 -36.36 18.50
CA LEU K 96 8.34 -36.68 17.94
C LEU K 96 9.12 -37.75 18.68
N ARG K 97 8.95 -37.84 20.03
CA ARG K 97 9.63 -38.78 20.91
C ARG K 97 11.12 -38.48 21.00
N VAL K 98 11.48 -37.20 21.24
CA VAL K 98 12.86 -36.78 21.28
C VAL K 98 13.16 -35.85 22.43
N ALA K 99 14.37 -35.96 23.02
CA ALA K 99 14.86 -35.07 24.04
C ALA K 99 15.51 -33.83 23.42
N PRO K 100 15.17 -32.60 23.80
CA PRO K 100 15.81 -31.38 23.28
C PRO K 100 17.30 -31.27 23.45
N GLU K 101 17.91 -31.94 24.43
CA GLU K 101 19.35 -31.90 24.59
C GLU K 101 20.08 -32.68 23.51
N GLU K 102 19.38 -33.55 22.78
CA GLU K 102 19.92 -34.30 21.67
C GLU K 102 19.95 -33.54 20.37
N HIS K 103 19.22 -32.46 20.18
CA HIS K 103 19.13 -31.82 18.89
C HIS K 103 19.33 -30.31 18.96
N PRO K 104 20.19 -29.68 18.17
CA PRO K 104 20.03 -28.28 17.82
C PRO K 104 18.73 -28.01 17.08
N THR K 105 17.96 -26.99 17.46
CA THR K 105 16.63 -26.83 16.89
C THR K 105 16.59 -25.65 15.94
N LEU K 106 15.50 -25.57 15.16
CA LEU K 106 15.24 -24.53 14.19
C LEU K 106 13.83 -24.08 14.41
N LEU K 107 13.62 -22.79 14.72
CA LEU K 107 12.29 -22.27 14.98
C LEU K 107 12.00 -21.26 13.90
N THR K 108 10.72 -20.98 13.63
CA THR K 108 10.34 -19.99 12.63
C THR K 108 9.57 -18.85 13.24
N GLU K 109 9.53 -17.69 12.56
CA GLU K 109 8.73 -16.56 13.02
C GLU K 109 8.11 -15.86 11.82
N ALA K 110 7.40 -14.73 12.02
CA ALA K 110 6.87 -13.91 10.96
C ALA K 110 7.85 -12.82 10.55
N PRO K 111 7.82 -12.27 9.34
CA PRO K 111 8.74 -11.21 8.92
C PRO K 111 8.62 -9.94 9.72
N LEU K 112 7.42 -9.54 10.11
CA LEU K 112 7.19 -8.35 10.88
C LEU K 112 6.29 -8.76 12.02
N ASN K 113 6.78 -8.67 13.25
CA ASN K 113 6.06 -9.08 14.42
C ASN K 113 6.57 -8.21 15.55
N PRO K 114 5.82 -7.78 16.53
CA PRO K 114 6.32 -6.91 17.59
C PRO K 114 7.41 -7.48 18.45
N LYS K 115 8.37 -6.65 18.84
CA LYS K 115 9.33 -6.96 19.87
C LYS K 115 8.59 -6.88 21.19
N ALA K 116 8.72 -7.82 22.11
CA ALA K 116 9.75 -8.81 22.30
C ALA K 116 9.26 -10.24 22.11
N ASN K 117 8.28 -10.46 21.20
CA ASN K 117 7.75 -11.77 20.90
C ASN K 117 8.74 -12.80 20.39
N ARG K 118 9.88 -12.42 19.78
CA ARG K 118 10.86 -13.40 19.38
C ARG K 118 11.87 -13.61 20.48
N GLU K 119 12.21 -12.55 21.22
CA GLU K 119 13.06 -12.60 22.39
C GLU K 119 12.46 -13.51 23.45
N LYS K 120 11.36 -13.10 24.11
CA LYS K 120 10.64 -13.88 25.11
C LYS K 120 10.44 -15.36 24.78
N MET K 121 10.11 -15.68 23.51
CA MET K 121 10.06 -17.03 22.97
C MET K 121 11.39 -17.74 23.05
N THR K 122 12.41 -17.20 22.34
CA THR K 122 13.79 -17.71 22.28
C THR K 122 14.37 -17.94 23.67
N GLN K 123 14.09 -17.00 24.58
CA GLN K 123 14.61 -16.95 25.93
C GLN K 123 13.97 -18.04 26.76
N ILE K 124 12.62 -18.11 26.78
CA ILE K 124 11.91 -19.17 27.45
C ILE K 124 12.28 -20.55 26.91
N MET K 125 12.35 -20.77 25.59
CA MET K 125 12.73 -22.07 25.05
C MET K 125 14.15 -22.51 25.40
N PHE K 126 15.08 -21.55 25.59
CA PHE K 126 16.45 -21.85 26.00
C PHE K 126 16.50 -22.20 27.47
N GLU K 127 15.72 -21.52 28.32
CA GLU K 127 15.79 -21.77 29.75
C GLU K 127 14.91 -22.93 30.17
N THR K 128 13.78 -23.18 29.49
CA THR K 128 12.90 -24.31 29.79
C THR K 128 13.38 -25.61 29.19
N PHE K 129 13.66 -25.66 27.87
CA PHE K 129 13.93 -26.93 27.23
C PHE K 129 15.40 -27.17 27.01
N ASN K 130 16.25 -26.13 27.14
CA ASN K 130 17.70 -26.25 27.25
C ASN K 130 18.35 -26.90 26.03
N VAL K 131 17.87 -26.53 24.83
CA VAL K 131 18.47 -26.86 23.55
C VAL K 131 19.92 -26.41 23.43
N PRO K 132 20.82 -27.12 22.76
CA PRO K 132 22.23 -26.76 22.77
C PRO K 132 22.53 -25.66 21.78
N ALA K 133 21.71 -25.51 20.73
CA ALA K 133 21.82 -24.45 19.79
C ALA K 133 20.48 -24.24 19.10
N MET K 134 20.26 -23.03 18.55
CA MET K 134 18.98 -22.64 18.01
C MET K 134 19.14 -21.57 16.95
N TYR K 135 18.22 -21.49 15.97
CA TYR K 135 18.15 -20.39 15.04
C TYR K 135 16.67 -20.10 14.83
N VAL K 136 16.31 -18.84 14.54
CA VAL K 136 14.93 -18.47 14.29
C VAL K 136 14.88 -17.85 12.91
N ALA K 137 14.23 -18.53 11.95
CA ALA K 137 14.09 -18.05 10.59
C ALA K 137 12.70 -17.51 10.24
N ILE K 138 12.60 -16.44 9.43
CA ILE K 138 11.29 -16.01 8.96
C ILE K 138 10.75 -16.99 7.90
N GLN K 139 9.43 -17.29 7.91
CA GLN K 139 8.85 -18.35 7.08
C GLN K 139 8.98 -18.10 5.59
N ALA K 140 9.03 -16.81 5.20
CA ALA K 140 9.12 -16.42 3.82
C ALA K 140 10.45 -16.78 3.19
N VAL K 141 11.59 -16.47 3.83
CA VAL K 141 12.91 -16.85 3.33
C VAL K 141 13.02 -18.34 3.10
N LEU K 142 12.47 -19.15 4.01
CA LEU K 142 12.46 -20.58 3.83
C LEU K 142 11.66 -21.06 2.63
N SER K 143 10.58 -20.34 2.26
CA SER K 143 9.81 -20.69 1.08
C SER K 143 10.52 -20.38 -0.23
N LEU K 144 11.59 -19.57 -0.19
CA LEU K 144 12.40 -19.32 -1.37
C LEU K 144 13.39 -20.42 -1.58
N TYR K 145 13.93 -20.97 -0.47
CA TYR K 145 14.82 -22.11 -0.51
C TYR K 145 14.07 -23.32 -1.04
N ALA K 146 12.82 -23.52 -0.60
CA ALA K 146 11.93 -24.56 -1.08
C ALA K 146 11.55 -24.40 -2.55
N SER K 147 11.28 -23.18 -3.01
CA SER K 147 10.94 -22.89 -4.40
C SER K 147 12.15 -22.95 -5.32
N GLY K 148 13.37 -22.75 -4.78
CA GLY K 148 14.60 -22.87 -5.52
C GLY K 148 14.88 -21.67 -6.35
N ARG K 149 14.38 -20.52 -5.93
CA ARG K 149 14.59 -19.24 -6.56
C ARG K 149 15.35 -18.37 -5.60
N THR K 150 16.05 -17.33 -6.09
CA THR K 150 16.81 -16.44 -5.24
C THR K 150 16.34 -15.01 -5.40
N THR K 151 15.20 -14.82 -6.06
CA THR K 151 14.63 -13.54 -6.40
C THR K 151 13.14 -13.75 -6.37
N GLY K 152 12.36 -12.69 -6.05
CA GLY K 152 10.91 -12.74 -6.11
C GLY K 152 10.20 -12.29 -4.87
N ILE K 153 8.92 -11.93 -5.04
CA ILE K 153 8.03 -11.56 -3.97
C ILE K 153 7.26 -12.77 -3.48
N VAL K 154 7.38 -13.04 -2.18
CA VAL K 154 6.84 -14.21 -1.52
C VAL K 154 5.54 -13.88 -0.83
N LEU K 155 4.49 -14.62 -1.18
CA LEU K 155 3.17 -14.56 -0.60
C LEU K 155 2.95 -15.74 0.33
N ASP K 156 3.17 -15.59 1.64
CA ASP K 156 3.05 -16.69 2.58
C ASP K 156 1.75 -16.44 3.31
N SER K 157 0.73 -17.25 3.01
CA SER K 157 -0.58 -17.02 3.55
C SER K 157 -1.04 -18.24 4.30
N GLY K 158 -1.08 -18.14 5.62
CA GLY K 158 -1.62 -19.15 6.52
C GLY K 158 -2.53 -18.53 7.50
N ASP K 159 -3.40 -19.33 8.15
CA ASP K 159 -4.14 -18.86 9.29
C ASP K 159 -3.17 -18.53 10.43
N GLY K 160 -3.20 -17.39 11.13
CA GLY K 160 -3.96 -16.21 10.96
C GLY K 160 -3.22 -14.99 10.55
N VAL K 161 -2.04 -15.14 9.93
CA VAL K 161 -1.25 -14.03 9.43
C VAL K 161 -0.72 -14.34 8.06
N THR K 162 -1.03 -13.52 7.06
CA THR K 162 -0.46 -13.58 5.72
C THR K 162 0.71 -12.61 5.61
N HIS K 163 1.63 -12.78 4.64
CA HIS K 163 2.74 -11.87 4.48
C HIS K 163 3.12 -11.70 3.02
N ASN K 164 3.74 -10.54 2.68
CA ASN K 164 4.21 -10.17 1.35
C ASN K 164 5.67 -9.70 1.39
N VAL K 165 6.66 -10.59 1.16
CA VAL K 165 8.07 -10.25 1.28
C VAL K 165 8.80 -10.17 -0.07
N PRO K 166 9.34 -9.05 -0.54
CA PRO K 166 10.18 -9.04 -1.74
C PRO K 166 11.65 -9.32 -1.43
N ILE K 167 12.27 -10.29 -2.13
CA ILE K 167 13.67 -10.65 -1.98
C ILE K 167 14.35 -10.61 -3.34
N TYR K 168 15.54 -9.99 -3.44
CA TYR K 168 16.30 -9.97 -4.67
C TYR K 168 17.70 -10.47 -4.45
N GLU K 169 18.17 -11.45 -5.08
CA GLU K 169 19.46 -12.10 -5.08
C GLU K 169 20.59 -11.50 -4.26
N GLY K 170 20.76 -11.75 -2.99
CA GLY K 170 19.94 -12.45 -2.10
C GLY K 170 19.62 -11.60 -0.95
N TYR K 171 19.42 -10.35 -1.24
CA TYR K 171 19.16 -9.33 -0.32
C TYR K 171 17.75 -8.95 -0.16
N ALA K 172 17.34 -8.44 0.92
CA ALA K 172 16.02 -8.03 1.22
C ALA K 172 15.94 -6.52 1.31
N LEU K 173 14.80 -5.95 0.94
CA LEU K 173 14.56 -4.54 0.97
C LEU K 173 13.64 -4.23 2.13
N PRO K 174 14.08 -3.69 3.27
CA PRO K 174 13.24 -3.50 4.45
C PRO K 174 12.04 -2.63 4.24
N HIS K 175 12.12 -1.66 3.34
CA HIS K 175 11.10 -0.69 3.14
C HIS K 175 9.97 -1.18 2.28
N ALA K 176 10.05 -2.38 1.75
CA ALA K 176 9.04 -2.94 0.89
C ALA K 176 8.35 -4.15 1.49
N ILE K 177 8.67 -4.60 2.72
CA ILE K 177 8.03 -5.77 3.29
C ILE K 177 6.66 -5.41 3.89
N MET K 178 5.59 -6.09 3.43
CA MET K 178 4.23 -5.84 3.85
C MET K 178 3.56 -7.00 4.59
N ARG K 179 2.97 -6.72 5.77
CA ARG K 179 2.28 -7.69 6.58
C ARG K 179 0.78 -7.39 6.54
N LEU K 180 -0.02 -8.34 6.05
CA LEU K 180 -1.47 -8.22 6.07
C LEU K 180 -2.00 -9.15 7.14
N ASP K 181 -2.85 -8.65 8.06
CA ASP K 181 -3.53 -9.48 9.03
C ASP K 181 -4.87 -9.97 8.50
N LEU K 182 -5.07 -9.93 7.21
CA LEU K 182 -6.28 -10.27 6.47
C LEU K 182 -6.66 -11.73 6.51
N ALA K 183 -5.76 -12.65 6.23
CA ALA K 183 -6.04 -14.06 6.18
C ALA K 183 -5.32 -14.77 7.29
N GLY K 184 -5.80 -15.91 7.81
CA GLY K 184 -6.95 -16.70 7.37
C GLY K 184 -8.07 -16.88 8.36
N ARG K 185 -7.86 -16.59 9.66
CA ARG K 185 -8.90 -16.76 10.66
C ARG K 185 -10.10 -15.84 10.47
N ASP K 186 -9.88 -14.69 9.83
CA ASP K 186 -10.91 -13.76 9.46
C ASP K 186 -11.70 -14.26 8.26
N LEU K 187 -11.09 -15.11 7.42
CA LEU K 187 -11.79 -15.79 6.35
C LEU K 187 -12.68 -16.85 6.95
N THR K 188 -12.19 -17.57 7.99
CA THR K 188 -13.02 -18.49 8.77
C THR K 188 -14.19 -17.78 9.42
N ASP K 189 -13.95 -16.68 10.16
CA ASP K 189 -15.00 -15.92 10.79
C ASP K 189 -16.01 -15.33 9.79
N TYR K 190 -15.56 -14.87 8.61
CA TYR K 190 -16.44 -14.38 7.56
C TYR K 190 -17.28 -15.50 6.96
N LEU K 191 -16.68 -16.68 6.74
CA LEU K 191 -17.43 -17.85 6.29
C LEU K 191 -18.50 -18.24 7.30
N MET K 192 -18.19 -18.17 8.60
CA MET K 192 -19.16 -18.41 9.64
C MET K 192 -20.26 -17.35 9.66
N LYS K 193 -19.95 -16.10 9.27
CA LYS K 193 -20.94 -15.05 9.21
C LYS K 193 -21.83 -15.17 8.01
N ILE K 194 -21.36 -15.73 6.89
CA ILE K 194 -22.25 -15.88 5.74
C ILE K 194 -22.81 -17.27 5.65
N LEU K 195 -22.45 -18.20 6.55
CA LEU K 195 -23.21 -19.44 6.67
C LEU K 195 -24.37 -19.31 7.63
N THR K 196 -24.34 -18.36 8.57
CA THR K 196 -25.51 -18.02 9.36
C THR K 196 -26.61 -17.44 8.53
N GLU K 197 -26.24 -16.79 7.42
CA GLU K 197 -27.14 -16.26 6.44
C GLU K 197 -27.98 -17.31 5.76
N ARG K 198 -27.53 -18.57 5.73
CA ARG K 198 -28.32 -19.67 5.24
C ARG K 198 -28.75 -20.60 6.35
N GLY K 199 -28.86 -20.14 7.59
CA GLY K 199 -29.59 -20.86 8.62
C GLY K 199 -28.82 -21.95 9.28
N TYR K 200 -27.52 -22.06 9.04
CA TYR K 200 -26.70 -23.09 9.63
C TYR K 200 -26.02 -22.52 10.85
N SER K 201 -26.57 -22.73 11.97
CA SER K 201 -26.17 -22.15 13.22
C SER K 201 -24.96 -22.62 13.91
N PHE K 202 -23.89 -22.50 13.31
CA PHE K 202 -22.68 -22.94 13.84
C PHE K 202 -22.00 -21.98 14.64
N VAL K 203 -22.40 -21.59 15.71
CA VAL K 203 -21.96 -20.52 16.45
C VAL K 203 -20.87 -20.76 17.46
N THR K 204 -20.62 -21.94 17.85
CA THR K 204 -19.75 -22.25 18.95
C THR K 204 -18.33 -22.44 18.52
N THR K 205 -17.41 -22.33 19.47
CA THR K 205 -15.98 -22.39 19.26
C THR K 205 -15.52 -23.68 18.64
N ALA K 206 -15.94 -24.81 19.19
CA ALA K 206 -15.66 -26.11 18.67
C ALA K 206 -16.14 -26.26 17.24
N GLU K 207 -17.38 -25.82 16.99
CA GLU K 207 -18.03 -25.93 15.69
C GLU K 207 -17.31 -25.12 14.64
N ARG K 208 -16.57 -24.06 15.06
CA ARG K 208 -15.66 -23.37 14.14
C ARG K 208 -14.64 -24.27 13.44
N GLU K 209 -14.15 -25.36 14.07
CA GLU K 209 -13.33 -26.34 13.36
C GLU K 209 -14.04 -26.98 12.18
N ILE K 210 -15.34 -27.33 12.32
CA ILE K 210 -16.16 -27.84 11.24
C ILE K 210 -16.29 -26.85 10.10
N VAL K 211 -16.42 -25.54 10.41
CA VAL K 211 -16.37 -24.45 9.46
C VAL K 211 -15.06 -24.45 8.68
N ARG K 212 -13.92 -24.64 9.36
CA ARG K 212 -12.61 -24.74 8.78
C ARG K 212 -12.52 -25.89 7.79
N ASP K 213 -13.18 -27.02 8.08
CA ASP K 213 -13.22 -28.14 7.17
C ASP K 213 -14.03 -27.81 5.91
N ILE K 214 -15.14 -27.04 6.02
CA ILE K 214 -15.85 -26.56 4.85
C ILE K 214 -15.09 -25.44 4.11
N LYS K 215 -14.16 -24.74 4.79
CA LYS K 215 -13.27 -23.77 4.18
C LYS K 215 -12.21 -24.41 3.31
N GLU K 216 -11.70 -25.57 3.76
CA GLU K 216 -10.80 -26.42 3.02
C GLU K 216 -11.44 -26.98 1.75
N LYS K 217 -12.40 -27.88 1.95
CA LYS K 217 -12.97 -28.72 0.92
C LYS K 217 -13.95 -28.04 -0.03
N LEU K 218 -14.98 -27.32 0.46
CA LEU K 218 -16.05 -26.87 -0.41
C LEU K 218 -15.87 -25.52 -1.09
N CYS K 219 -14.98 -24.65 -0.63
CA CYS K 219 -14.77 -23.35 -1.24
C CYS K 219 -14.13 -23.38 -2.64
N TYR K 220 -14.40 -22.37 -3.48
CA TYR K 220 -13.78 -22.22 -4.78
C TYR K 220 -13.67 -20.74 -5.05
N VAL K 221 -13.02 -20.30 -6.14
CA VAL K 221 -12.87 -18.89 -6.43
C VAL K 221 -13.39 -18.60 -7.83
N ALA K 222 -13.95 -17.40 -8.03
CA ALA K 222 -14.41 -16.89 -9.29
C ALA K 222 -13.25 -16.53 -10.21
N LEU K 223 -13.48 -16.35 -11.50
CA LEU K 223 -12.51 -15.80 -12.43
C LEU K 223 -12.70 -14.31 -12.47
N ASP K 224 -13.96 -13.88 -12.45
CA ASP K 224 -14.37 -12.51 -12.31
C ASP K 224 -15.61 -12.50 -11.43
N PHE K 225 -15.61 -11.69 -10.35
CA PHE K 225 -16.69 -11.59 -9.37
C PHE K 225 -18.03 -11.29 -10.02
N GLU K 226 -18.12 -10.16 -10.73
CA GLU K 226 -19.29 -9.67 -11.41
C GLU K 226 -19.95 -10.69 -12.34
N ASN K 227 -19.14 -11.49 -13.05
CA ASN K 227 -19.66 -12.50 -13.95
C ASN K 227 -20.02 -13.78 -13.22
N GLU K 228 -19.36 -14.12 -12.10
CA GLU K 228 -19.78 -15.26 -11.30
C GLU K 228 -21.07 -14.97 -10.56
N MET K 229 -21.30 -13.70 -10.17
CA MET K 229 -22.53 -13.23 -9.58
C MET K 229 -23.69 -13.31 -10.56
N ALA K 230 -23.42 -13.03 -11.84
CA ALA K 230 -24.34 -13.24 -12.93
C ALA K 230 -24.77 -14.69 -13.04
N THR K 231 -23.80 -15.63 -13.12
CA THR K 231 -24.12 -17.04 -13.25
C THR K 231 -24.69 -17.65 -11.97
N ALA K 232 -24.47 -17.01 -10.80
CA ALA K 232 -25.13 -17.35 -9.56
C ALA K 232 -26.64 -17.12 -9.57
N ALA K 233 -27.09 -16.08 -10.30
CA ALA K 233 -28.49 -15.78 -10.46
C ALA K 233 -29.22 -16.84 -11.28
N SER K 234 -28.48 -17.56 -12.14
CA SER K 234 -28.97 -18.71 -12.89
C SER K 234 -29.22 -19.91 -12.00
N SER K 235 -29.99 -20.87 -12.51
CA SER K 235 -30.45 -22.01 -11.76
C SER K 235 -29.47 -23.14 -11.71
N SER K 236 -28.33 -23.01 -12.38
CA SER K 236 -27.23 -23.93 -12.40
C SER K 236 -26.66 -24.30 -11.06
N SER K 237 -26.13 -25.47 -10.89
CA SER K 237 -25.72 -26.01 -9.65
C SER K 237 -24.40 -25.56 -9.13
N LEU K 238 -24.33 -24.40 -8.57
CA LEU K 238 -23.24 -23.95 -7.77
C LEU K 238 -23.35 -24.54 -6.38
N GLU K 239 -24.58 -24.90 -5.98
CA GLU K 239 -24.91 -25.54 -4.73
C GLU K 239 -24.29 -26.92 -4.59
N LYS K 240 -23.43 -27.10 -3.59
CA LYS K 240 -22.84 -28.38 -3.25
C LYS K 240 -23.31 -28.81 -1.88
N SER K 241 -23.67 -30.09 -1.73
CA SER K 241 -24.23 -30.62 -0.49
C SER K 241 -23.15 -31.26 0.35
N TYR K 242 -22.85 -30.68 1.53
CA TYR K 242 -21.92 -31.23 2.50
C TYR K 242 -22.70 -32.01 3.54
N GLU K 243 -22.09 -33.02 4.17
CA GLU K 243 -22.73 -33.76 5.24
C GLU K 243 -22.02 -33.46 6.53
N LEU K 244 -22.77 -33.30 7.62
CA LEU K 244 -22.28 -32.79 8.88
C LEU K 244 -22.19 -33.94 9.87
N PRO K 245 -21.39 -33.93 10.95
CA PRO K 245 -21.22 -35.08 11.82
C PRO K 245 -22.44 -35.58 12.51
N ASP K 246 -23.48 -34.76 12.69
CA ASP K 246 -24.74 -35.20 13.23
C ASP K 246 -25.73 -35.53 12.15
N GLY K 247 -25.49 -35.66 10.98
CA GLY K 247 -26.31 -36.09 9.88
C GLY K 247 -26.91 -35.00 9.09
N GLN K 248 -26.69 -33.81 9.25
CA GLN K 248 -27.33 -32.69 8.60
C GLN K 248 -26.69 -32.45 7.25
N VAL K 249 -27.48 -32.02 6.25
CA VAL K 249 -27.02 -31.76 4.92
C VAL K 249 -27.05 -30.28 4.64
N ILE K 250 -25.88 -29.69 4.35
CA ILE K 250 -25.73 -28.26 4.17
C ILE K 250 -25.50 -27.99 2.71
N THR K 251 -26.30 -27.09 2.11
CA THR K 251 -26.19 -26.70 0.71
C THR K 251 -25.76 -25.25 0.60
N ILE K 252 -24.49 -24.99 0.28
CA ILE K 252 -23.98 -23.65 0.04
C ILE K 252 -23.66 -23.46 -1.42
N GLY K 253 -23.98 -22.28 -1.98
CA GLY K 253 -23.76 -21.94 -3.38
C GLY K 253 -23.06 -20.65 -3.63
N ASN K 254 -23.74 -19.52 -3.56
CA ASN K 254 -23.18 -18.20 -3.80
C ASN K 254 -22.04 -17.85 -2.87
N GLU K 255 -22.27 -18.04 -1.57
CA GLU K 255 -21.31 -17.82 -0.52
C GLU K 255 -20.00 -18.61 -0.66
N ARG K 256 -20.09 -19.79 -1.33
CA ARG K 256 -19.00 -20.66 -1.72
C ARG K 256 -17.87 -20.07 -2.51
N PHE K 257 -18.20 -19.17 -3.50
CA PHE K 257 -17.19 -18.39 -4.15
C PHE K 257 -17.00 -17.00 -3.57
N ARG K 258 -17.98 -16.55 -2.75
CA ARG K 258 -17.91 -15.24 -2.14
C ARG K 258 -16.80 -15.13 -1.10
N CYS K 259 -16.72 -16.08 -0.17
CA CYS K 259 -15.68 -16.04 0.83
C CYS K 259 -14.22 -15.91 0.32
N PRO K 260 -13.63 -16.69 -0.61
CA PRO K 260 -12.25 -16.48 -1.00
C PRO K 260 -11.99 -15.19 -1.72
N GLU K 261 -12.98 -14.63 -2.45
CA GLU K 261 -12.90 -13.37 -3.16
C GLU K 261 -12.47 -12.22 -2.27
N THR K 262 -12.75 -12.30 -0.96
CA THR K 262 -12.23 -11.42 0.09
C THR K 262 -10.75 -11.08 -0.01
N LEU K 263 -9.91 -12.00 -0.53
CA LEU K 263 -8.49 -11.76 -0.74
C LEU K 263 -8.19 -10.70 -1.79
N PHE K 264 -9.10 -10.57 -2.77
CA PHE K 264 -9.11 -9.49 -3.72
C PHE K 264 -9.97 -8.32 -3.32
N GLN K 265 -10.96 -8.48 -2.45
CA GLN K 265 -11.78 -7.39 -1.93
C GLN K 265 -11.96 -7.44 -0.43
N PRO K 266 -11.10 -6.81 0.37
CA PRO K 266 -11.25 -6.77 1.83
C PRO K 266 -12.42 -5.93 2.29
N SER K 267 -13.08 -5.22 1.36
CA SER K 267 -14.34 -4.52 1.56
C SER K 267 -15.45 -5.46 1.98
N PHE K 268 -15.39 -6.76 1.59
CA PHE K 268 -16.33 -7.76 2.03
C PHE K 268 -16.30 -7.97 3.53
N ILE K 269 -15.10 -8.03 4.13
CA ILE K 269 -14.96 -8.09 5.57
C ILE K 269 -15.13 -6.74 6.19
N GLY K 270 -14.84 -5.66 5.45
CA GLY K 270 -14.96 -4.30 5.87
C GLY K 270 -13.71 -3.70 6.40
N MET K 271 -12.56 -4.28 6.17
CA MET K 271 -11.29 -3.72 6.57
C MET K 271 -10.76 -2.73 5.54
N GLU K 272 -10.03 -1.71 5.99
CA GLU K 272 -9.63 -0.58 5.17
C GLU K 272 -8.56 -0.92 4.17
N SER K 273 -7.67 -1.85 4.52
CA SER K 273 -6.61 -2.38 3.68
C SER K 273 -7.01 -2.88 2.32
N ALA K 274 -6.08 -2.89 1.35
CA ALA K 274 -6.34 -3.24 -0.02
C ALA K 274 -5.91 -4.67 -0.33
N GLY K 275 -6.45 -5.28 -1.41
CA GLY K 275 -6.26 -6.69 -1.72
C GLY K 275 -4.86 -7.09 -2.09
N ILE K 276 -4.57 -8.40 -2.12
CA ILE K 276 -3.27 -8.94 -2.51
C ILE K 276 -2.79 -8.46 -3.86
N HIS K 277 -3.70 -8.39 -4.85
CA HIS K 277 -3.61 -7.56 -6.05
C HIS K 277 -2.85 -6.24 -5.89
N GLU K 278 -3.35 -5.36 -5.01
CA GLU K 278 -2.81 -4.03 -4.87
C GLU K 278 -1.60 -3.99 -3.96
N THR K 279 -1.49 -4.86 -2.94
CA THR K 279 -0.30 -4.87 -2.09
C THR K 279 0.91 -5.40 -2.82
N THR K 280 0.68 -6.30 -3.79
CA THR K 280 1.72 -6.77 -4.71
C THR K 280 2.24 -5.62 -5.54
N TYR K 281 1.35 -4.89 -6.24
CA TYR K 281 1.77 -3.74 -7.02
C TYR K 281 2.43 -2.65 -6.17
N ASN K 282 1.83 -2.25 -5.04
CA ASN K 282 2.39 -1.20 -4.22
C ASN K 282 3.70 -1.53 -3.53
N SER K 283 4.02 -2.83 -3.31
CA SER K 283 5.32 -3.24 -2.81
C SER K 283 6.35 -3.28 -3.91
N ILE K 284 5.96 -3.69 -5.12
CA ILE K 284 6.82 -3.71 -6.29
C ILE K 284 7.19 -2.28 -6.65
N MET K 285 6.21 -1.36 -6.70
CA MET K 285 6.49 0.04 -6.94
C MET K 285 7.01 0.79 -5.72
N LYS K 286 7.55 0.09 -4.71
CA LYS K 286 8.41 0.67 -3.71
C LYS K 286 9.81 0.14 -3.89
N CYS K 287 10.06 -0.76 -4.80
CA CYS K 287 11.37 -1.25 -5.16
C CYS K 287 11.96 -0.46 -6.32
N ASP K 288 13.30 -0.38 -6.36
CA ASP K 288 14.08 0.31 -7.37
C ASP K 288 13.79 -0.18 -8.79
N ILE K 289 13.87 0.76 -9.77
CA ILE K 289 13.42 0.61 -11.15
C ILE K 289 13.93 -0.63 -11.85
N ASP K 290 15.23 -0.91 -11.77
CA ASP K 290 15.83 -2.04 -12.44
C ASP K 290 15.35 -3.38 -11.90
N ILE K 291 15.09 -3.46 -10.58
CA ILE K 291 14.81 -4.73 -9.96
C ILE K 291 13.40 -5.20 -10.26
N ARG K 292 12.48 -4.25 -10.57
CA ARG K 292 11.08 -4.55 -10.82
C ARG K 292 10.84 -5.57 -11.93
N LYS K 293 11.72 -5.56 -12.95
CA LYS K 293 11.75 -6.48 -14.06
C LYS K 293 11.78 -7.95 -13.67
N ASP K 294 12.46 -8.30 -12.57
CA ASP K 294 12.63 -9.68 -12.19
C ASP K 294 11.80 -10.00 -10.98
N LEU K 295 11.12 -9.00 -10.37
CA LEU K 295 10.10 -9.28 -9.38
C LEU K 295 8.85 -9.79 -10.06
N TYR K 296 8.50 -9.21 -11.22
CA TYR K 296 7.54 -9.82 -12.12
C TYR K 296 8.08 -11.11 -12.70
N ALA K 297 7.27 -12.19 -12.59
CA ALA K 297 7.53 -13.52 -13.09
C ALA K 297 8.30 -14.37 -12.10
N ASN K 298 8.43 -13.88 -10.86
CA ASN K 298 8.96 -14.62 -9.74
C ASN K 298 8.05 -14.31 -8.57
N ASN K 299 6.76 -14.12 -8.87
CA ASN K 299 5.70 -14.01 -7.88
C ASN K 299 5.40 -15.41 -7.34
N VAL K 300 5.84 -15.72 -6.11
CA VAL K 300 5.73 -17.04 -5.51
C VAL K 300 4.75 -17.18 -4.37
N MET K 301 3.68 -17.99 -4.55
CA MET K 301 2.70 -18.16 -3.49
C MET K 301 3.16 -19.27 -2.53
N SER K 302 2.64 -19.28 -1.30
CA SER K 302 2.98 -20.30 -0.32
C SER K 302 1.87 -20.35 0.72
N GLY K 303 2.01 -21.20 1.75
CA GLY K 303 1.05 -21.40 2.83
C GLY K 303 -0.16 -22.21 2.46
N GLY K 304 -0.93 -22.68 3.39
CA GLY K 304 -2.14 -23.48 3.21
C GLY K 304 -3.35 -22.76 2.71
N THR K 305 -3.49 -21.46 3.00
CA THR K 305 -4.68 -20.72 2.58
C THR K 305 -4.60 -20.26 1.15
N THR K 306 -3.46 -20.48 0.46
CA THR K 306 -3.41 -20.25 -0.97
C THR K 306 -3.84 -21.46 -1.76
N MET K 307 -4.36 -22.52 -1.11
CA MET K 307 -4.80 -23.72 -1.80
C MET K 307 -6.23 -23.67 -2.29
N TYR K 308 -6.90 -22.50 -2.29
CA TYR K 308 -8.18 -22.33 -2.95
C TYR K 308 -8.05 -22.56 -4.47
N PRO K 309 -8.92 -23.27 -5.18
CA PRO K 309 -8.77 -23.55 -6.60
C PRO K 309 -8.61 -22.42 -7.55
N GLY K 310 -9.17 -21.36 -7.65
CA GLY K 310 -9.10 -20.30 -8.63
C GLY K 310 -7.94 -19.36 -8.51
N ILE K 311 -7.17 -19.44 -7.42
CA ILE K 311 -5.88 -18.78 -7.35
C ILE K 311 -4.89 -19.86 -7.74
N ALA K 312 -3.90 -19.56 -8.59
CA ALA K 312 -3.36 -18.27 -8.92
C ALA K 312 -3.86 -17.65 -10.21
N ASP K 313 -4.80 -18.24 -10.97
CA ASP K 313 -5.05 -17.69 -12.30
C ASP K 313 -6.04 -16.52 -12.25
N ARG K 314 -6.77 -16.37 -11.13
CA ARG K 314 -7.40 -15.14 -10.72
C ARG K 314 -6.36 -14.07 -10.40
N MET K 315 -5.43 -14.37 -9.47
CA MET K 315 -4.30 -13.53 -9.13
C MET K 315 -3.50 -13.06 -10.33
N GLN K 316 -3.26 -13.96 -11.30
CA GLN K 316 -2.61 -13.69 -12.56
C GLN K 316 -3.38 -12.67 -13.35
N LYS K 317 -4.62 -12.98 -13.80
CA LYS K 317 -5.44 -12.03 -14.54
C LYS K 317 -5.61 -10.65 -13.91
N GLU K 318 -5.76 -10.58 -12.57
CA GLU K 318 -5.89 -9.32 -11.85
C GLU K 318 -4.59 -8.53 -11.79
N ILE K 319 -3.44 -9.19 -11.55
CA ILE K 319 -2.15 -8.52 -11.51
C ILE K 319 -1.83 -8.03 -12.90
N THR K 320 -2.01 -8.87 -13.93
CA THR K 320 -1.80 -8.52 -15.34
C THR K 320 -2.58 -7.29 -15.79
N ALA K 321 -3.73 -7.00 -15.16
CA ALA K 321 -4.49 -5.81 -15.44
C ALA K 321 -3.92 -4.54 -14.84
N LEU K 322 -3.25 -4.62 -13.69
CA LEU K 322 -2.69 -3.45 -13.02
C LEU K 322 -1.22 -3.25 -13.35
N ALA K 323 -0.48 -4.35 -13.57
CA ALA K 323 0.91 -4.37 -13.97
C ALA K 323 1.18 -3.70 -15.33
N PRO K 324 2.36 -3.14 -15.60
CA PRO K 324 2.75 -2.62 -16.91
C PRO K 324 2.50 -3.55 -18.10
N SER K 325 2.12 -2.98 -19.24
CA SER K 325 1.87 -3.73 -20.45
C SER K 325 3.12 -4.36 -21.04
N THR K 326 2.98 -5.52 -21.69
CA THR K 326 4.02 -6.29 -22.38
C THR K 326 5.07 -6.88 -21.50
N MET K 327 4.91 -6.89 -20.25
CA MET K 327 5.78 -7.49 -19.27
C MET K 327 5.32 -8.87 -18.96
N LYS K 328 6.19 -9.86 -18.99
CA LYS K 328 5.84 -11.22 -18.72
C LYS K 328 5.60 -11.53 -17.27
N ILE K 329 4.50 -12.12 -16.93
CA ILE K 329 4.13 -12.39 -15.58
C ILE K 329 3.85 -13.86 -15.46
N LYS K 330 4.52 -14.54 -14.56
CA LYS K 330 4.27 -15.90 -14.20
C LYS K 330 4.14 -15.94 -12.70
N ILE K 331 3.21 -16.74 -12.19
CA ILE K 331 2.93 -16.83 -10.79
C ILE K 331 3.28 -18.23 -10.35
N ILE K 332 4.22 -18.49 -9.61
CA ILE K 332 4.76 -19.77 -9.25
C ILE K 332 4.00 -20.30 -8.07
N ALA K 333 3.27 -21.40 -8.25
CA ALA K 333 2.48 -21.98 -7.22
C ALA K 333 2.53 -23.48 -7.27
N PRO K 334 3.44 -24.14 -6.65
CA PRO K 334 3.55 -25.57 -6.70
C PRO K 334 2.48 -26.24 -5.91
N PRO K 335 2.06 -27.47 -6.09
CA PRO K 335 1.42 -28.28 -5.07
C PRO K 335 2.09 -28.29 -3.74
N GLU K 336 1.69 -28.66 -2.77
CA GLU K 336 2.20 -28.87 -1.43
C GLU K 336 2.50 -27.67 -0.62
N ARG K 337 1.97 -26.49 -0.98
CA ARG K 337 2.35 -25.22 -0.38
C ARG K 337 2.28 -25.13 1.15
N LYS K 338 1.39 -25.91 1.78
CA LYS K 338 1.29 -26.05 3.22
C LYS K 338 2.57 -26.56 3.88
N TYR K 339 3.41 -27.31 3.13
CA TYR K 339 4.64 -27.84 3.67
C TYR K 339 5.83 -27.16 3.06
N SER K 340 5.63 -26.09 2.25
CA SER K 340 6.69 -25.32 1.58
C SER K 340 7.76 -24.86 2.54
N VAL K 341 7.32 -24.12 3.58
CA VAL K 341 8.12 -23.62 4.67
C VAL K 341 8.99 -24.71 5.31
N TRP K 342 8.40 -25.88 5.59
CA TRP K 342 9.08 -26.98 6.21
C TRP K 342 10.18 -27.57 5.33
N ILE K 343 9.89 -27.78 4.02
CA ILE K 343 10.89 -28.24 3.06
C ILE K 343 12.02 -27.23 2.86
N GLY K 344 11.74 -25.94 3.11
CA GLY K 344 12.72 -24.88 3.20
C GLY K 344 13.66 -25.10 4.34
N GLY K 345 13.10 -25.18 5.55
CA GLY K 345 13.82 -25.37 6.80
C GLY K 345 14.72 -26.58 6.76
N SER K 346 14.23 -27.70 6.20
CA SER K 346 15.00 -28.92 6.01
C SER K 346 16.27 -28.71 5.20
N ILE K 347 16.17 -27.99 4.06
CA ILE K 347 17.31 -27.63 3.24
C ILE K 347 18.28 -26.72 3.98
N LEU K 348 17.76 -25.79 4.79
CA LEU K 348 18.56 -24.76 5.44
C LEU K 348 19.48 -25.36 6.49
N ALA K 349 18.91 -25.97 7.53
CA ALA K 349 19.64 -26.53 8.65
C ALA K 349 20.54 -27.69 8.28
N SER K 350 20.34 -28.29 7.09
CA SER K 350 21.22 -29.34 6.61
C SER K 350 22.46 -28.78 5.96
N LEU K 351 22.40 -27.58 5.34
CA LEU K 351 23.56 -26.96 4.72
C LEU K 351 24.68 -26.57 5.68
N SER K 352 25.90 -27.04 5.39
CA SER K 352 27.12 -26.41 5.81
C SER K 352 27.32 -25.12 5.02
N THR K 353 27.85 -24.05 5.59
CA THR K 353 28.45 -23.90 6.90
C THR K 353 27.51 -23.26 7.87
N PHE K 354 26.22 -23.07 7.49
CA PHE K 354 25.25 -22.34 8.28
C PHE K 354 24.88 -22.92 9.64
N GLN K 355 25.54 -24.01 10.06
CA GLN K 355 25.67 -24.48 11.42
C GLN K 355 26.23 -23.40 12.34
N GLN K 356 27.11 -22.56 11.79
CA GLN K 356 27.71 -21.48 12.53
C GLN K 356 26.90 -20.21 12.42
N MET K 357 25.66 -20.26 11.93
CA MET K 357 24.73 -19.17 12.09
C MET K 357 23.67 -19.54 13.10
N TRP K 358 23.87 -20.63 13.85
CA TRP K 358 23.02 -20.99 14.97
C TRP K 358 23.55 -20.30 16.21
N ILE K 359 22.66 -19.87 17.11
CA ILE K 359 23.00 -19.35 18.41
C ILE K 359 23.28 -20.52 19.31
N THR K 360 24.46 -20.59 19.94
CA THR K 360 24.84 -21.72 20.79
C THR K 360 24.69 -21.37 22.25
N LYS K 361 24.34 -22.38 23.08
CA LYS K 361 24.00 -22.21 24.48
C LYS K 361 25.05 -21.52 25.32
N GLN K 362 26.33 -21.83 25.13
CA GLN K 362 27.42 -21.21 25.86
C GLN K 362 27.53 -19.72 25.61
N GLU K 363 27.39 -19.27 24.35
CA GLU K 363 27.41 -17.86 24.03
C GLU K 363 26.14 -17.18 24.48
N TYR K 364 24.98 -17.85 24.35
CA TYR K 364 23.69 -17.39 24.83
C TYR K 364 23.67 -17.15 26.34
N ASP K 365 24.35 -17.99 27.12
CA ASP K 365 24.47 -17.86 28.56
C ASP K 365 25.07 -16.50 28.95
N GLU K 366 26.06 -16.03 28.19
CA GLU K 366 26.64 -14.73 28.40
C GLU K 366 25.77 -13.61 27.83
N ALA K 367 25.24 -13.78 26.62
CA ALA K 367 24.57 -12.74 25.88
C ALA K 367 23.11 -12.46 26.19
N GLY K 368 22.31 -13.48 26.49
CA GLY K 368 20.89 -13.32 26.75
C GLY K 368 20.09 -12.84 25.55
N PRO K 369 19.05 -12.12 25.65
CA PRO K 369 18.19 -11.73 24.53
C PRO K 369 18.80 -10.76 23.56
N SER K 370 19.90 -10.11 23.90
CA SER K 370 20.59 -9.24 23.01
C SER K 370 21.16 -9.93 21.81
N ILE K 371 21.32 -9.45 20.85
CA ILE K 371 21.91 -9.89 19.64
C ILE K 371 21.17 -10.86 18.85
N VAL K 372 20.11 -11.43 19.31
CA VAL K 372 19.25 -12.32 18.68
C VAL K 372 18.58 -11.67 17.63
N HIS K 373 18.22 -10.53 17.85
CA HIS K 373 17.61 -9.78 16.97
C HIS K 373 18.49 -8.89 16.59
N THR L 7 -54.81 6.13 3.87
CA THR L 7 -54.12 7.00 4.20
C THR L 7 -52.99 6.76 5.14
N THR L 8 -53.21 6.92 6.43
CA THR L 8 -52.22 6.85 7.46
C THR L 8 -51.46 5.55 7.57
N ALA L 9 -50.14 5.64 7.68
CA ALA L 9 -49.25 4.52 7.90
C ALA L 9 -49.44 3.81 9.23
N LEU L 10 -49.14 2.50 9.26
CA LEU L 10 -49.37 1.68 10.42
C LEU L 10 -48.04 1.09 10.88
N VAL L 11 -47.65 1.34 12.15
CA VAL L 11 -46.47 0.73 12.75
C VAL L 11 -46.82 -0.51 13.55
N CYS L 12 -46.36 -1.65 13.03
CA CYS L 12 -46.59 -2.98 13.53
C CYS L 12 -45.23 -3.56 13.78
N ASP L 13 -44.92 -3.85 15.05
CA ASP L 13 -43.63 -4.34 15.42
C ASP L 13 -43.82 -5.81 15.68
N ASN L 14 -43.06 -6.60 14.90
CA ASN L 14 -42.92 -8.02 15.00
C ASN L 14 -42.05 -8.37 16.18
N GLY L 15 -42.58 -8.12 17.39
CA GLY L 15 -42.06 -8.69 18.61
C GLY L 15 -42.02 -10.18 18.58
N SER L 16 -41.18 -10.74 19.42
CA SER L 16 -41.14 -12.13 19.70
C SER L 16 -41.83 -12.43 20.98
N GLY L 17 -42.25 -11.40 21.71
CA GLY L 17 -42.99 -11.44 22.93
C GLY L 17 -44.47 -11.71 22.74
N LEU L 18 -45.44 -10.77 22.72
CA LEU L 18 -45.49 -9.32 22.68
C LEU L 18 -45.29 -8.72 21.31
N VAL L 19 -46.20 -9.08 20.36
CA VAL L 19 -46.34 -8.34 19.12
C VAL L 19 -47.04 -7.02 19.43
N LYS L 20 -46.55 -5.90 18.85
CA LYS L 20 -47.04 -4.57 19.14
C LYS L 20 -47.60 -3.92 17.88
N ALA L 21 -48.78 -3.29 17.92
CA ALA L 21 -49.38 -2.66 16.75
C ALA L 21 -50.06 -1.34 17.05
N GLY L 22 -49.89 -0.31 16.19
CA GLY L 22 -50.52 0.97 16.41
C GLY L 22 -50.30 1.91 15.27
N PHE L 23 -51.25 2.80 14.95
CA PHE L 23 -51.13 3.70 13.81
C PHE L 23 -49.99 4.71 14.01
N ALA L 24 -49.61 5.49 12.98
CA ALA L 24 -48.50 6.41 13.08
C ALA L 24 -48.70 7.57 14.04
N GLY L 25 -48.14 7.48 15.23
CA GLY L 25 -48.22 8.40 16.33
C GLY L 25 -49.50 8.66 16.95
N ASP L 26 -49.55 9.45 18.02
CA ASP L 26 -48.51 10.16 18.65
C ASP L 26 -48.36 9.75 20.07
N ASP L 27 -49.12 8.80 20.52
CA ASP L 27 -49.23 8.38 21.87
C ASP L 27 -48.81 6.98 22.12
N ALA L 28 -49.26 5.98 22.16
CA ALA L 28 -48.94 4.63 22.56
C ALA L 28 -49.52 3.59 21.59
N PRO L 29 -49.08 2.33 21.55
CA PRO L 29 -49.64 1.30 20.68
C PRO L 29 -51.10 1.02 20.94
N ARG L 30 -51.88 0.67 19.92
CA ARG L 30 -53.28 0.34 20.04
C ARG L 30 -53.51 -1.09 20.48
N ALA L 31 -52.64 -2.03 20.06
CA ALA L 31 -52.80 -3.43 20.34
C ALA L 31 -51.49 -4.05 20.78
N VAL L 32 -51.50 -4.78 21.90
CA VAL L 32 -50.36 -5.50 22.41
C VAL L 32 -50.90 -6.87 22.79
N PHE L 33 -50.24 -7.98 22.42
CA PHE L 33 -50.77 -9.28 22.78
C PHE L 33 -49.68 -10.35 22.81
N PRO L 34 -49.83 -11.46 23.56
CA PRO L 34 -48.71 -12.33 23.88
C PRO L 34 -48.39 -13.36 22.82
N SER L 35 -48.85 -13.19 21.58
CA SER L 35 -48.48 -13.94 20.37
C SER L 35 -48.91 -15.39 20.26
N ILE L 36 -49.17 -16.08 21.38
CA ILE L 36 -49.62 -17.46 21.45
C ILE L 36 -50.76 -17.85 20.52
N VAL L 37 -50.60 -18.99 19.80
CA VAL L 37 -51.71 -19.69 19.14
C VAL L 37 -51.89 -21.02 19.85
N GLY L 38 -53.14 -21.46 20.08
CA GLY L 38 -53.39 -22.70 20.81
C GLY L 38 -54.56 -23.50 20.31
N ARG L 39 -54.32 -24.76 19.92
CA ARG L 39 -55.39 -25.67 19.53
C ARG L 39 -55.97 -26.33 20.79
N PRO L 40 -57.23 -26.77 20.82
CA PRO L 40 -57.84 -27.32 22.03
C PRO L 40 -57.44 -28.75 22.34
N ARG L 41 -56.74 -28.97 23.47
CA ARG L 41 -56.16 -30.24 23.82
C ARG L 41 -57.10 -31.21 24.49
N HIS L 42 -58.27 -30.87 24.89
CA HIS L 42 -59.22 -31.75 25.53
C HIS L 42 -60.46 -31.90 24.68
N GLN L 43 -61.27 -32.94 24.92
CA GLN L 43 -62.50 -33.18 24.21
C GLN L 43 -63.68 -32.49 24.77
N GLY L 44 -64.46 -31.88 23.90
CA GLY L 44 -65.59 -31.10 24.24
C GLY L 44 -66.63 -31.51 24.57
N VAL L 45 -66.83 -31.69 25.44
CA VAL L 45 -67.74 -32.19 25.80
C VAL L 45 -69.04 -31.47 25.88
N MET L 46 -69.25 -30.49 25.90
CA MET L 46 -70.48 -29.76 25.93
C MET L 46 -71.00 -29.49 24.69
N VAL L 47 -70.19 -29.60 23.73
CA VAL L 47 -70.48 -29.69 22.47
C VAL L 47 -71.07 -28.56 22.00
N GLY L 48 -71.54 -27.57 22.35
CA GLY L 48 -72.02 -26.36 22.02
C GLY L 48 -72.50 -26.10 20.80
N MET L 49 -71.80 -25.85 19.84
CA MET L 49 -70.50 -25.80 19.76
C MET L 49 -69.86 -24.49 19.67
N GLY L 50 -69.43 -24.07 18.53
CA GLY L 50 -68.98 -22.76 18.28
C GLY L 50 -67.60 -22.45 18.65
N GLN L 51 -66.83 -23.42 18.98
CA GLN L 51 -65.48 -23.24 19.41
C GLN L 51 -64.53 -23.03 18.25
N LYS L 52 -63.50 -22.21 18.41
CA LYS L 52 -62.54 -21.90 17.38
C LYS L 52 -61.49 -23.00 17.23
N ASP L 53 -60.96 -23.19 16.01
CA ASP L 53 -59.93 -24.16 15.70
C ASP L 53 -58.63 -23.84 16.42
N SER L 54 -58.27 -22.55 16.46
CA SER L 54 -57.18 -22.06 17.25
C SER L 54 -57.50 -20.69 17.79
N TYR L 55 -57.38 -20.51 19.10
CA TYR L 55 -57.54 -19.24 19.78
C TYR L 55 -56.21 -18.54 19.78
N VAL L 56 -56.16 -17.26 19.37
CA VAL L 56 -54.98 -16.45 19.55
C VAL L 56 -55.04 -15.75 20.91
N GLY L 57 -53.97 -15.07 21.35
CA GLY L 57 -54.03 -14.15 22.47
C GLY L 57 -54.85 -12.92 22.14
N ASP L 58 -55.56 -12.27 23.09
CA ASP L 58 -55.63 -12.50 24.51
C ASP L 58 -56.55 -13.65 24.90
N GLU L 59 -57.52 -14.06 24.06
CA GLU L 59 -58.47 -15.10 24.40
C GLU L 59 -57.85 -16.44 24.78
N ALA L 60 -56.66 -16.76 24.27
CA ALA L 60 -55.89 -17.92 24.66
C ALA L 60 -55.17 -17.79 26.01
N GLN L 61 -55.33 -16.67 26.71
CA GLN L 61 -54.76 -16.44 28.03
C GLN L 61 -55.92 -16.38 29.01
N SER L 62 -57.15 -16.40 28.48
CA SER L 62 -58.37 -16.59 29.24
C SER L 62 -58.82 -18.02 29.13
N LYS L 63 -58.20 -18.81 28.28
CA LYS L 63 -58.54 -20.19 28.02
C LYS L 63 -57.35 -21.09 28.26
N ARG L 64 -56.47 -20.75 29.21
CA ARG L 64 -55.41 -21.65 29.63
C ARG L 64 -55.94 -22.97 30.17
N GLY L 65 -55.25 -24.07 29.88
CA GLY L 65 -55.57 -25.39 30.39
C GLY L 65 -56.50 -26.18 29.52
N ILE L 66 -57.12 -25.54 28.53
CA ILE L 66 -57.93 -26.25 27.55
C ILE L 66 -57.25 -26.22 26.20
N LEU L 67 -56.09 -25.54 26.09
CA LEU L 67 -55.35 -25.42 24.86
C LEU L 67 -53.91 -25.79 25.10
N THR L 68 -53.11 -25.90 24.03
CA THR L 68 -51.66 -26.06 24.11
C THR L 68 -50.99 -24.92 23.41
N LEU L 69 -50.58 -23.90 24.17
CA LEU L 69 -50.00 -22.67 23.68
C LEU L 69 -48.71 -22.84 22.90
N LYS L 70 -48.63 -22.26 21.69
CA LYS L 70 -47.47 -22.30 20.84
C LYS L 70 -47.12 -20.91 20.36
N TYR L 71 -46.00 -20.35 20.84
CA TYR L 71 -45.49 -19.07 20.38
C TYR L 71 -45.07 -19.22 18.90
N PRO L 72 -45.45 -18.40 17.95
CA PRO L 72 -45.20 -18.69 16.55
C PRO L 72 -43.82 -18.31 16.08
N ILE L 73 -43.08 -17.49 16.82
CA ILE L 73 -41.73 -17.12 16.47
C ILE L 73 -40.77 -17.61 17.53
N GLU L 74 -39.90 -18.55 17.17
CA GLU L 74 -39.07 -19.23 18.12
C GLU L 74 -37.66 -19.13 17.66
N HIS L 75 -36.80 -18.54 18.49
CA HIS L 75 -35.43 -18.18 18.17
C HIS L 75 -35.30 -17.35 16.93
N GLY L 76 -36.27 -16.48 16.70
CA GLY L 76 -36.28 -15.56 15.57
C GLY L 76 -36.72 -16.19 14.30
N ILE L 77 -37.10 -17.46 14.30
CA ILE L 77 -37.61 -18.14 13.12
C ILE L 77 -39.08 -18.36 13.27
N ILE L 78 -39.86 -17.99 12.24
CA ILE L 78 -41.27 -18.19 12.19
C ILE L 78 -41.58 -19.65 11.97
N THR L 79 -42.47 -20.24 12.76
CA THR L 79 -42.75 -21.68 12.72
C THR L 79 -43.36 -22.15 11.42
N ASN L 80 -44.33 -21.41 10.89
CA ASN L 80 -44.93 -21.63 9.60
C ASN L 80 -45.74 -20.38 9.30
N TRP L 81 -45.94 -20.03 8.03
CA TRP L 81 -46.69 -18.83 7.73
C TRP L 81 -48.19 -19.04 7.78
N ASP L 82 -48.67 -20.28 7.98
CA ASP L 82 -50.06 -20.59 8.19
C ASP L 82 -50.60 -20.01 9.50
N ASP L 83 -49.80 -20.07 10.57
CA ASP L 83 -50.13 -19.51 11.87
C ASP L 83 -49.78 -18.03 11.85
N MET L 84 -48.65 -17.64 11.21
CA MET L 84 -48.25 -16.26 11.08
C MET L 84 -49.30 -15.39 10.38
N GLU L 85 -49.87 -15.86 9.25
CA GLU L 85 -50.94 -15.19 8.54
C GLU L 85 -52.17 -15.00 9.42
N LYS L 86 -52.46 -15.97 10.31
CA LYS L 86 -53.56 -15.87 11.24
C LYS L 86 -53.28 -14.85 12.34
N ILE L 87 -52.02 -14.74 12.84
CA ILE L 87 -51.56 -13.62 13.68
C ILE L 87 -51.85 -12.27 13.03
N TRP L 88 -51.40 -12.08 11.77
CA TRP L 88 -51.58 -10.86 11.01
C TRP L 88 -53.05 -10.53 10.84
N HIS L 89 -53.85 -11.46 10.29
CA HIS L 89 -55.29 -11.33 10.08
C HIS L 89 -56.03 -10.95 11.35
N HIS L 90 -55.74 -11.64 12.48
CA HIS L 90 -56.28 -11.35 13.79
C HIS L 90 -55.94 -9.93 14.21
N THR L 91 -54.68 -9.52 14.04
CA THR L 91 -54.21 -8.19 14.41
C THR L 91 -54.89 -7.09 13.64
N PHE L 92 -54.86 -7.13 12.28
CA PHE L 92 -55.50 -6.10 11.50
C PHE L 92 -57.00 -6.03 11.65
N TYR L 93 -57.68 -7.19 11.57
CA TYR L 93 -59.13 -7.22 11.62
C TYR L 93 -59.74 -7.16 13.00
N ASN L 94 -59.31 -8.01 13.95
CA ASN L 94 -60.02 -8.18 15.19
C ASN L 94 -59.36 -7.48 16.36
N GLU L 95 -58.32 -6.68 16.11
CA GLU L 95 -57.74 -5.79 17.08
C GLU L 95 -57.88 -4.40 16.52
N LEU L 96 -57.01 -4.01 15.57
CA LEU L 96 -56.92 -2.67 15.03
C LEU L 96 -58.17 -2.18 14.31
N ARG L 97 -58.93 -3.10 13.67
CA ARG L 97 -60.13 -2.82 12.90
C ARG L 97 -59.82 -2.02 11.65
N VAL L 98 -58.83 -2.47 10.87
CA VAL L 98 -58.38 -1.75 9.68
C VAL L 98 -58.14 -2.67 8.51
N ALA L 99 -58.45 -2.19 7.29
CA ALA L 99 -58.15 -2.87 6.05
C ALA L 99 -56.73 -2.58 5.57
N PRO L 100 -55.88 -3.54 5.23
CA PRO L 100 -54.53 -3.30 4.72
C PRO L 100 -54.42 -2.47 3.48
N GLU L 101 -55.45 -2.41 2.62
CA GLU L 101 -55.39 -1.58 1.43
C GLU L 101 -55.48 -0.10 1.76
N GLU L 102 -55.92 0.26 2.98
CA GLU L 102 -55.97 1.63 3.45
C GLU L 102 -54.66 2.15 3.98
N HIS L 103 -53.68 1.33 4.32
CA HIS L 103 -52.49 1.82 4.99
C HIS L 103 -51.21 1.28 4.35
N PRO L 104 -50.21 2.08 3.99
CA PRO L 104 -48.83 1.62 3.92
C PRO L 104 -48.32 1.12 5.26
N THR L 105 -47.69 -0.06 5.31
CA THR L 105 -47.35 -0.65 6.60
C THR L 105 -45.86 -0.56 6.87
N LEU L 106 -45.47 -0.82 8.12
CA LEU L 106 -44.11 -0.81 8.59
C LEU L 106 -43.92 -2.07 9.38
N LEU L 107 -42.98 -2.94 8.99
CA LEU L 107 -42.74 -4.20 9.67
C LEU L 107 -41.35 -4.13 10.24
N THR L 108 -41.05 -4.92 11.29
CA THR L 108 -39.73 -4.96 11.88
C THR L 108 -39.11 -6.32 11.76
N GLU L 109 -37.76 -6.40 11.87
CA GLU L 109 -37.06 -7.68 11.86
C GLU L 109 -35.91 -7.64 12.85
N ALA L 110 -35.08 -8.69 12.93
CA ALA L 110 -33.88 -8.72 13.72
C ALA L 110 -32.67 -8.27 12.92
N PRO L 111 -31.58 -7.76 13.51
CA PRO L 111 -30.41 -7.33 12.76
C PRO L 111 -29.72 -8.43 12.00
N LEU L 112 -29.65 -9.64 12.56
CA LEU L 112 -29.02 -10.78 11.93
C LEU L 112 -30.00 -11.91 12.04
N ASN L 113 -30.51 -12.39 10.91
CA ASN L 113 -31.50 -13.44 10.87
C ASN L 113 -31.28 -14.16 9.57
N PRO L 114 -31.44 -15.46 9.42
CA PRO L 114 -31.20 -16.15 8.17
C PRO L 114 -32.05 -15.74 6.99
N LYS L 115 -31.46 -15.69 5.80
CA LYS L 115 -32.18 -15.56 4.56
C LYS L 115 -32.82 -16.91 4.30
N ALA L 116 -34.10 -17.03 3.93
CA ALA L 116 -34.97 -16.05 3.32
C ALA L 116 -36.13 -15.67 4.23
N ASN L 117 -35.94 -15.66 5.56
CA ASN L 117 -36.96 -15.26 6.52
C ASN L 117 -37.53 -13.86 6.38
N ARG L 118 -36.81 -12.89 5.78
CA ARG L 118 -37.40 -11.57 5.57
C ARG L 118 -38.06 -11.52 4.22
N GLU L 119 -37.50 -12.20 3.21
CA GLU L 119 -38.06 -12.34 1.89
C GLU L 119 -39.42 -13.03 1.97
N LYS L 120 -39.46 -14.34 2.29
CA LYS L 120 -40.69 -15.12 2.45
C LYS L 120 -41.82 -14.43 3.23
N MET L 121 -41.47 -13.72 4.32
CA MET L 121 -42.37 -12.86 5.07
C MET L 121 -42.94 -11.73 4.23
N THR L 122 -42.06 -10.84 3.74
CA THR L 122 -42.38 -9.68 2.89
C THR L 122 -43.23 -10.07 1.70
N GLN L 123 -42.88 -11.22 1.08
CA GLN L 123 -43.49 -11.73 -0.12
C GLN L 123 -44.89 -12.24 0.18
N ILE L 124 -45.04 -13.11 1.20
CA ILE L 124 -46.34 -13.56 1.64
C ILE L 124 -47.24 -12.41 2.08
N MET L 125 -46.76 -11.44 2.88
CA MET L 125 -47.60 -10.31 3.29
C MET L 125 -48.06 -9.40 2.13
N PHE L 126 -47.25 -9.31 1.06
CA PHE L 126 -47.63 -8.54 -0.12
C PHE L 126 -48.66 -9.28 -0.95
N GLU L 127 -48.55 -10.62 -1.07
CA GLU L 127 -49.48 -11.37 -1.89
C GLU L 127 -50.76 -11.73 -1.16
N THR L 128 -50.71 -11.93 0.17
CA THR L 128 -51.89 -12.23 0.97
C THR L 128 -52.68 -11.00 1.36
N PHE L 129 -52.04 -9.97 1.94
CA PHE L 129 -52.79 -8.86 2.49
C PHE L 129 -52.80 -7.66 1.58
N ASN L 130 -51.90 -7.61 0.57
CA ASN L 130 -51.98 -6.68 -0.54
C ASN L 130 -51.87 -5.22 -0.11
N VAL L 131 -50.98 -4.94 0.86
CA VAL L 131 -50.60 -3.60 1.26
C VAL L 131 -50.03 -2.75 0.13
N PRO L 132 -50.26 -1.44 0.05
CA PRO L 132 -49.87 -0.66 -1.12
C PRO L 132 -48.40 -0.30 -1.06
N ALA L 133 -47.81 -0.25 0.14
CA ALA L 133 -46.40 -0.03 0.31
C ALA L 133 -45.96 -0.57 1.65
N MET L 134 -44.66 -0.88 1.79
CA MET L 134 -44.14 -1.54 2.97
C MET L 134 -42.68 -1.21 3.18
N TYR L 135 -42.18 -1.24 4.42
CA TYR L 135 -40.76 -1.16 4.71
C TYR L 135 -40.51 -2.12 5.86
N VAL L 136 -39.29 -2.70 5.94
CA VAL L 136 -38.96 -3.60 7.02
C VAL L 136 -37.72 -3.03 7.70
N ALA L 137 -37.86 -2.57 8.96
CA ALA L 137 -36.79 -2.01 9.73
C ALA L 137 -36.24 -2.93 10.83
N ILE L 138 -34.91 -2.94 11.08
CA ILE L 138 -34.40 -3.68 12.22
C ILE L 138 -34.75 -2.97 13.52
N GLN L 139 -35.10 -3.71 14.60
CA GLN L 139 -35.64 -3.14 15.83
C GLN L 139 -34.66 -2.23 16.55
N ALA L 140 -33.35 -2.48 16.38
CA ALA L 140 -32.31 -1.72 17.02
C ALA L 140 -32.21 -0.29 16.51
N VAL L 141 -32.19 -0.08 15.17
CA VAL L 141 -32.18 1.26 14.60
C VAL L 141 -33.34 2.10 15.08
N LEU L 142 -34.55 1.50 15.19
CA LEU L 142 -35.69 2.21 15.71
C LEU L 142 -35.55 2.63 17.17
N SER L 143 -34.82 1.85 17.99
CA SER L 143 -34.59 2.22 19.37
C SER L 143 -33.61 3.38 19.53
N LEU L 144 -32.85 3.73 18.48
CA LEU L 144 -31.99 4.90 18.50
C LEU L 144 -32.78 6.13 18.20
N TYR L 145 -33.76 6.03 17.29
CA TYR L 145 -34.68 7.11 16.98
C TYR L 145 -35.50 7.46 18.21
N ALA L 146 -35.98 6.44 18.94
CA ALA L 146 -36.69 6.59 20.19
C ALA L 146 -35.84 7.19 21.31
N SER L 147 -34.58 6.79 21.43
CA SER L 147 -33.66 7.33 22.42
C SER L 147 -33.17 8.71 22.08
N GLY L 148 -33.19 9.10 20.79
CA GLY L 148 -32.84 10.44 20.34
C GLY L 148 -31.36 10.63 20.29
N ARG L 149 -30.62 9.56 20.08
CA ARG L 149 -29.18 9.58 19.92
C ARG L 149 -28.86 9.10 18.53
N THR L 150 -27.68 9.44 18.01
CA THR L 150 -27.27 9.04 16.66
C THR L 150 -26.00 8.23 16.70
N THR L 151 -25.59 7.83 17.90
CA THR L 151 -24.34 7.13 18.15
C THR L 151 -24.63 6.21 19.32
N GLY L 152 -23.94 5.06 19.41
CA GLY L 152 -24.04 4.16 20.55
C GLY L 152 -24.32 2.72 20.20
N ILE L 153 -24.02 1.85 21.16
CA ILE L 153 -24.29 0.43 21.08
C ILE L 153 -25.64 0.12 21.72
N VAL L 154 -26.51 -0.51 20.92
CA VAL L 154 -27.89 -0.78 21.28
C VAL L 154 -28.03 -2.22 21.74
N LEU L 155 -28.56 -2.38 22.95
CA LEU L 155 -28.89 -3.64 23.58
C LEU L 155 -30.38 -3.88 23.53
N ASP L 156 -30.90 -4.62 22.53
CA ASP L 156 -32.33 -4.84 22.38
C ASP L 156 -32.56 -6.24 22.84
N SER L 157 -33.18 -6.40 24.03
CA SER L 157 -33.34 -7.70 24.63
C SER L 157 -34.81 -7.96 24.87
N GLY L 158 -35.38 -8.85 24.08
CA GLY L 158 -36.73 -9.35 24.25
C GLY L 158 -36.75 -10.83 24.16
N ASP L 159 -37.82 -11.48 24.65
CA ASP L 159 -38.04 -12.87 24.39
C ASP L 159 -38.26 -13.09 22.90
N GLY L 160 -37.64 -14.02 22.16
CA GLY L 160 -36.58 -14.91 22.50
C GLY L 160 -35.28 -14.66 21.83
N VAL L 161 -35.01 -13.43 21.37
CA VAL L 161 -33.75 -13.07 20.75
C VAL L 161 -33.31 -11.72 21.26
N THR L 162 -32.11 -11.65 21.86
CA THR L 162 -31.45 -10.40 22.23
C THR L 162 -30.48 -9.97 21.16
N HIS L 163 -30.08 -8.68 21.10
CA HIS L 163 -29.15 -8.23 20.10
C HIS L 163 -28.24 -7.13 20.63
N ASN L 164 -27.03 -6.99 20.04
CA ASN L 164 -26.01 -6.00 20.37
C ASN L 164 -25.53 -5.26 19.11
N VAL L 165 -26.12 -4.09 18.78
CA VAL L 165 -25.79 -3.38 17.54
C VAL L 165 -25.00 -2.08 17.77
N PRO L 166 -23.76 -1.90 17.33
CA PRO L 166 -23.09 -0.60 17.41
C PRO L 166 -23.40 0.29 16.21
N ILE L 167 -23.84 1.54 16.44
CA ILE L 167 -24.13 2.52 15.41
C ILE L 167 -23.37 3.80 15.69
N TYR L 168 -22.70 4.40 14.69
CA TYR L 168 -22.02 5.66 14.85
C TYR L 168 -22.47 6.65 13.81
N GLU L 169 -22.96 7.77 14.11
CA GLU L 169 -23.43 8.89 13.33
C GLU L 169 -23.26 8.87 11.83
N GLY L 170 -24.10 8.28 11.01
CA GLY L 170 -25.21 7.48 11.30
C GLY L 170 -25.07 6.19 10.61
N TYR L 171 -23.86 5.72 10.57
CA TYR L 171 -23.46 4.55 9.93
C TYR L 171 -23.31 3.37 10.78
N ALA L 172 -23.43 2.21 10.28
CA ALA L 172 -23.31 0.98 10.97
C ALA L 172 -22.07 0.24 10.56
N LEU L 173 -21.46 -0.51 11.46
CA LEU L 173 -20.27 -1.27 11.21
C LEU L 173 -20.65 -2.74 11.13
N PRO L 174 -20.73 -3.40 9.96
CA PRO L 174 -21.22 -4.76 9.83
C PRO L 174 -20.44 -5.78 10.61
N HIS L 175 -19.15 -5.56 10.80
CA HIS L 175 -18.27 -6.52 11.40
C HIS L 175 -18.34 -6.52 12.90
N ALA L 176 -19.11 -5.63 13.50
CA ALA L 176 -19.23 -5.53 14.94
C ALA L 176 -20.61 -5.86 15.45
N ILE L 177 -21.59 -6.23 14.60
CA ILE L 177 -22.94 -6.53 15.08
C ILE L 177 -23.01 -7.95 15.65
N MET L 178 -23.44 -8.09 16.91
CA MET L 178 -23.53 -9.36 17.61
C MET L 178 -24.94 -9.78 18.01
N ARG L 179 -25.32 -11.02 17.66
CA ARG L 179 -26.62 -11.58 17.99
C ARG L 179 -26.44 -12.66 19.03
N LEU L 180 -27.07 -12.50 20.22
CA LEU L 180 -27.07 -13.51 21.24
C LEU L 180 -28.45 -14.15 21.27
N ASP L 181 -28.53 -15.49 21.22
CA ASP L 181 -29.79 -16.20 21.38
C ASP L 181 -30.02 -16.55 22.85
N LEU L 182 -29.36 -15.89 23.76
CA LEU L 182 -29.35 -16.08 25.20
C LEU L 182 -30.67 -15.76 25.89
N ALA L 183 -31.26 -14.60 25.63
CA ALA L 183 -32.46 -14.17 26.30
C ALA L 183 -33.59 -14.10 25.29
N GLY L 184 -34.87 -14.28 25.68
CA GLY L 184 -35.40 -14.42 27.03
C GLY L 184 -36.14 -15.71 27.32
N ARG L 185 -36.52 -16.50 26.31
CA ARG L 185 -37.24 -17.75 26.53
C ARG L 185 -36.43 -18.80 27.28
N ASP L 186 -35.09 -18.72 27.17
CA ASP L 186 -34.18 -19.56 27.90
C ASP L 186 -34.06 -19.13 29.34
N LEU L 187 -34.34 -17.84 29.64
CA LEU L 187 -34.43 -17.35 30.99
C LEU L 187 -35.71 -17.88 31.61
N THR L 188 -36.81 -17.90 30.83
CA THR L 188 -38.05 -18.55 31.25
C THR L 188 -37.84 -20.03 31.54
N ASP L 189 -37.25 -20.79 30.61
CA ASP L 189 -36.97 -22.20 30.79
C ASP L 189 -36.04 -22.47 31.97
N TYR L 190 -35.02 -21.63 32.21
CA TYR L 190 -34.13 -21.76 33.35
C TYR L 190 -34.85 -21.48 34.65
N LEU L 191 -35.72 -20.45 34.69
CA LEU L 191 -36.56 -20.18 35.84
C LEU L 191 -37.47 -21.35 36.16
N MET L 192 -38.04 -21.99 35.13
CA MET L 192 -38.83 -23.18 35.32
C MET L 192 -38.00 -24.36 35.82
N LYS L 193 -36.71 -24.42 35.46
CA LYS L 193 -35.85 -25.48 35.93
C LYS L 193 -35.39 -25.27 37.35
N ILE L 194 -35.28 -24.02 37.82
CA ILE L 194 -34.90 -23.82 39.21
C ILE L 194 -36.09 -23.55 40.10
N LEU L 195 -37.32 -23.50 39.56
CA LEU L 195 -38.49 -23.56 40.41
C LEU L 195 -38.94 -24.98 40.67
N THR L 196 -38.59 -25.94 39.81
CA THR L 196 -38.77 -27.35 40.12
C THR L 196 -37.93 -27.79 41.28
N GLU L 197 -36.79 -27.12 41.46
CA GLU L 197 -35.90 -27.33 42.58
C GLU L 197 -36.52 -27.01 43.92
N ARG L 198 -37.56 -26.19 43.96
CA ARG L 198 -38.33 -25.93 45.15
C ARG L 198 -39.71 -26.53 45.09
N GLY L 199 -39.93 -27.57 44.29
CA GLY L 199 -41.12 -28.39 44.44
C GLY L 199 -42.35 -27.85 43.79
N TYR L 200 -42.24 -26.80 42.98
CA TYR L 200 -43.36 -26.20 42.32
C TYR L 200 -43.44 -26.74 40.91
N SER L 201 -44.22 -27.74 40.72
CA SER L 201 -44.31 -28.50 39.50
C SER L 201 -44.99 -27.94 38.33
N PHE L 202 -44.52 -26.90 37.84
CA PHE L 202 -45.08 -26.26 36.76
C PHE L 202 -44.61 -26.70 35.48
N VAL L 203 -44.84 -27.79 35.03
CA VAL L 203 -44.25 -28.43 33.95
C VAL L 203 -44.89 -28.24 32.61
N THR L 204 -46.09 -27.83 32.52
CA THR L 204 -46.85 -27.82 31.31
C THR L 204 -46.70 -26.52 30.56
N THR L 205 -47.02 -26.56 29.27
CA THR L 205 -46.86 -25.46 28.33
C THR L 205 -47.64 -24.25 28.74
N ALA L 206 -48.92 -24.40 29.04
CA ALA L 206 -49.77 -23.34 29.53
C ALA L 206 -49.21 -22.69 30.77
N GLU L 207 -48.79 -23.55 31.73
CA GLU L 207 -48.27 -23.11 33.03
C GLU L 207 -47.00 -22.32 32.89
N ARG L 208 -46.24 -22.52 31.77
CA ARG L 208 -45.13 -21.64 31.44
C ARG L 208 -45.49 -20.15 31.35
N GLU L 209 -46.72 -19.77 30.93
CA GLU L 209 -47.15 -18.37 31.01
C GLU L 209 -47.15 -17.83 32.44
N ILE L 210 -47.62 -18.65 33.42
CA ILE L 210 -47.57 -18.29 34.84
C ILE L 210 -46.15 -18.07 35.32
N VAL L 211 -45.19 -18.90 34.85
CA VAL L 211 -43.76 -18.72 35.06
C VAL L 211 -43.29 -17.37 34.57
N ARG L 212 -43.71 -16.97 33.35
CA ARG L 212 -43.42 -15.69 32.73
C ARG L 212 -43.91 -14.54 33.60
N ASP L 213 -45.08 -14.69 34.25
CA ASP L 213 -45.60 -13.68 35.14
C ASP L 213 -44.73 -13.56 36.40
N ILE L 214 -44.21 -14.67 36.94
CA ILE L 214 -43.25 -14.61 38.03
C ILE L 214 -41.86 -14.11 37.59
N LYS L 215 -41.53 -14.21 36.28
CA LYS L 215 -40.32 -13.65 35.70
C LYS L 215 -40.38 -12.14 35.61
N GLU L 216 -41.56 -11.60 35.29
CA GLU L 216 -41.87 -10.19 35.30
C GLU L 216 -41.75 -9.60 36.70
N LYS L 217 -42.70 -9.97 37.58
CA LYS L 217 -42.94 -9.36 38.85
C LYS L 217 -41.94 -9.69 39.95
N LEU L 218 -41.64 -10.97 40.21
CA LEU L 218 -40.88 -11.31 41.42
C LEU L 218 -39.37 -11.33 41.29
N CYS L 219 -38.79 -11.40 40.10
CA CYS L 219 -37.33 -11.41 39.94
C CYS L 219 -36.63 -10.10 40.29
N TYR L 220 -35.36 -10.19 40.72
CA TYR L 220 -34.54 -9.02 40.98
C TYR L 220 -33.11 -9.38 40.63
N VAL L 221 -32.15 -8.45 40.67
CA VAL L 221 -30.77 -8.76 40.33
C VAL L 221 -29.85 -8.35 41.45
N ALA L 222 -28.76 -9.09 41.65
CA ALA L 222 -27.72 -8.80 42.60
C ALA L 222 -26.86 -7.62 42.18
N LEU L 223 -26.08 -7.03 43.07
CA LEU L 223 -25.08 -6.04 42.73
C LEU L 223 -23.78 -6.76 42.47
N ASP L 224 -23.50 -7.78 43.28
CA ASP L 224 -22.42 -8.71 43.11
C ASP L 224 -22.93 -10.08 43.50
N PHE L 225 -22.78 -11.09 42.62
CA PHE L 225 -23.25 -12.46 42.82
C PHE L 225 -22.75 -13.06 44.13
N GLU L 226 -21.43 -13.14 44.29
CA GLU L 226 -20.75 -13.71 45.45
C GLU L 226 -21.21 -13.12 46.77
N ASN L 227 -21.49 -11.81 46.83
CA ASN L 227 -21.94 -11.17 48.04
C ASN L 227 -23.44 -11.34 48.24
N GLU L 228 -24.25 -11.45 47.18
CA GLU L 228 -25.66 -11.77 47.35
C GLU L 228 -25.87 -13.20 47.80
N MET L 229 -24.98 -14.12 47.36
CA MET L 229 -24.95 -15.51 47.80
C MET L 229 -24.61 -15.62 49.27
N ALA L 230 -23.71 -14.75 49.75
CA ALA L 230 -23.40 -14.59 51.16
C ALA L 230 -24.63 -14.19 51.97
N THR L 231 -25.34 -13.12 51.55
CA THR L 231 -26.51 -12.67 52.27
C THR L 231 -27.71 -13.59 52.13
N ALA L 232 -27.74 -14.44 51.08
CA ALA L 232 -28.69 -15.52 50.92
C ALA L 232 -28.58 -16.60 51.99
N ALA L 233 -27.35 -16.87 52.46
CA ALA L 233 -27.11 -17.81 53.53
C ALA L 233 -27.66 -17.34 54.86
N SER L 234 -27.81 -16.02 55.03
CA SER L 234 -28.45 -15.40 56.18
C SER L 234 -29.94 -15.62 56.19
N SER L 235 -30.57 -15.41 57.33
CA SER L 235 -31.96 -15.70 57.57
C SER L 235 -32.90 -14.63 57.13
N SER L 236 -32.37 -13.51 56.64
CA SER L 236 -33.09 -12.38 56.09
C SER L 236 -34.03 -12.71 54.97
N SER L 237 -35.08 -11.97 54.81
CA SER L 237 -36.15 -12.26 53.92
C SER L 237 -35.94 -11.88 52.49
N LEU L 238 -35.22 -12.68 51.76
CA LEU L 238 -35.16 -12.65 50.34
C LEU L 238 -36.37 -13.35 49.76
N GLU L 239 -36.97 -14.26 50.55
CA GLU L 239 -38.16 -15.00 50.25
C GLU L 239 -39.39 -14.10 50.10
N LYS L 240 -39.98 -14.09 48.90
CA LYS L 240 -41.22 -13.38 48.63
C LYS L 240 -42.31 -14.37 48.29
N SER L 241 -43.51 -14.17 48.84
CA SER L 241 -44.62 -15.10 48.67
C SER L 241 -45.54 -14.66 47.54
N TYR L 242 -45.60 -15.43 46.45
CA TYR L 242 -46.50 -15.20 45.34
C TYR L 242 -47.74 -16.04 45.52
N GLU L 243 -48.89 -15.61 44.98
CA GLU L 243 -50.11 -16.39 45.04
C GLU L 243 -50.45 -16.87 43.65
N LEU L 244 -50.91 -18.12 43.51
CA LEU L 244 -51.06 -18.79 42.25
C LEU L 244 -52.55 -18.88 41.92
N PRO L 245 -53.02 -19.03 40.67
CA PRO L 245 -54.44 -18.98 40.35
C PRO L 245 -55.31 -20.02 41.00
N ASP L 246 -54.75 -21.15 41.45
CA ASP L 246 -55.48 -22.13 42.19
C ASP L 246 -55.30 -21.97 43.67
N GLY L 247 -54.80 -21.04 44.22
CA GLY L 247 -54.69 -20.71 45.63
C GLY L 247 -53.39 -21.06 46.24
N GLN L 248 -52.43 -21.51 45.63
CA GLN L 248 -51.17 -21.98 46.17
C GLN L 248 -50.25 -20.81 46.42
N VAL L 249 -49.44 -20.90 47.49
CA VAL L 249 -48.50 -19.85 47.86
C VAL L 249 -47.09 -20.32 47.62
N ILE L 250 -46.35 -19.62 46.75
CA ILE L 250 -45.02 -20.00 46.33
C ILE L 250 -44.05 -19.04 46.96
N THR L 251 -43.02 -19.57 47.66
CA THR L 251 -41.97 -18.78 48.30
C THR L 251 -40.64 -19.02 47.63
N ILE L 252 -40.18 -18.09 46.78
CA ILE L 252 -38.86 -18.17 46.16
C ILE L 252 -37.94 -17.12 46.73
N GLY L 253 -36.66 -17.47 46.97
CA GLY L 253 -35.66 -16.58 47.54
C GLY L 253 -34.38 -16.49 46.79
N ASN L 254 -33.48 -17.47 46.93
CA ASN L 254 -32.17 -17.48 46.27
C ASN L 254 -32.26 -17.47 44.77
N GLU L 255 -33.10 -18.36 44.22
CA GLU L 255 -33.36 -18.47 42.81
C GLU L 255 -33.90 -17.20 42.13
N ARG L 256 -34.57 -16.34 42.94
CA ARG L 256 -35.06 -15.01 42.62
C ARG L 256 -34.09 -14.01 42.06
N PHE L 257 -32.84 -14.00 42.65
CA PHE L 257 -31.77 -13.25 42.05
C PHE L 257 -30.85 -14.06 41.15
N ARG L 258 -30.94 -15.40 41.27
CA ARG L 258 -30.12 -16.29 40.48
C ARG L 258 -30.46 -16.25 39.01
N CYS L 259 -31.74 -16.39 38.66
CA CYS L 259 -32.14 -16.35 37.27
C CYS L 259 -31.68 -15.12 36.44
N PRO L 260 -31.85 -13.83 36.78
CA PRO L 260 -31.37 -12.75 35.93
C PRO L 260 -29.88 -12.66 35.78
N GLU L 261 -29.10 -13.09 36.80
CA GLU L 261 -27.65 -13.12 36.79
C GLU L 261 -27.07 -13.87 35.62
N THR L 262 -27.82 -14.85 35.06
CA THR L 262 -27.55 -15.53 33.79
C THR L 262 -27.12 -14.63 32.64
N LEU L 263 -27.59 -13.36 32.59
CA LEU L 263 -27.19 -12.39 31.59
C LEU L 263 -25.72 -11.99 31.68
N PHE L 264 -25.18 -12.02 32.91
CA PHE L 264 -23.76 -11.88 33.17
C PHE L 264 -23.02 -13.19 33.23
N GLN L 265 -23.65 -14.31 33.50
CA GLN L 265 -23.03 -15.63 33.49
C GLN L 265 -23.84 -16.68 32.75
N PRO L 266 -23.64 -16.87 31.44
CA PRO L 266 -24.35 -17.90 30.68
C PRO L 266 -23.92 -19.31 31.04
N SER L 267 -22.89 -19.46 31.88
CA SER L 267 -22.48 -20.70 32.51
C SER L 267 -23.58 -21.30 33.36
N PHE L 268 -24.49 -20.48 33.92
CA PHE L 268 -25.64 -20.96 34.66
C PHE L 268 -26.57 -21.80 33.80
N ILE L 269 -26.84 -21.36 32.56
CA ILE L 269 -27.61 -22.14 31.61
C ILE L 269 -26.76 -23.21 30.98
N GLY L 270 -25.45 -23.00 30.90
CA GLY L 270 -24.49 -23.91 30.34
C GLY L 270 -24.15 -23.66 28.91
N MET L 271 -24.46 -22.52 28.36
CA MET L 271 -24.09 -22.16 27.01
C MET L 271 -22.69 -21.58 26.95
N GLU L 272 -21.98 -21.82 25.83
CA GLU L 272 -20.58 -21.50 25.69
C GLU L 272 -20.29 -20.02 25.59
N SER L 273 -21.20 -19.27 24.97
CA SER L 273 -21.18 -17.83 24.82
C SER L 273 -20.95 -17.03 26.10
N ALA L 274 -20.42 -15.81 25.98
CA ALA L 274 -20.04 -14.97 27.09
C ALA L 274 -21.10 -13.90 27.36
N GLY L 275 -21.11 -13.32 28.58
CA GLY L 275 -22.16 -12.41 29.04
C GLY L 275 -22.23 -11.10 28.31
N ILE L 276 -23.33 -10.35 28.50
CA ILE L 276 -23.52 -9.02 27.92
C ILE L 276 -22.39 -8.05 28.22
N HIS L 277 -21.89 -8.07 29.47
CA HIS L 277 -20.58 -7.60 29.88
C HIS L 277 -19.46 -7.74 28.84
N GLU L 278 -19.17 -8.99 28.43
CA GLU L 278 -18.06 -9.27 27.57
C GLU L 278 -18.40 -9.07 26.11
N THR L 279 -19.66 -9.27 25.67
CA THR L 279 -20.02 -9.01 24.27
C THR L 279 -20.02 -7.54 23.95
N THR L 280 -20.33 -6.70 24.96
CA THR L 280 -20.20 -5.26 24.87
C THR L 280 -18.77 -4.87 24.64
N TYR L 281 -17.85 -5.31 25.51
CA TYR L 281 -16.43 -5.04 25.33
C TYR L 281 -15.87 -5.57 24.02
N ASN L 282 -16.13 -6.85 23.67
CA ASN L 282 -15.60 -7.44 22.46
C ASN L 282 -16.16 -6.86 21.17
N SER L 283 -17.37 -6.25 21.18
CA SER L 283 -17.87 -5.54 20.01
C SER L 283 -17.28 -4.15 19.91
N ILE L 284 -17.06 -3.47 21.05
CA ILE L 284 -16.44 -2.17 21.10
C ILE L 284 -14.99 -2.29 20.64
N MET L 285 -14.25 -3.29 21.12
CA MET L 285 -12.90 -3.54 20.66
C MET L 285 -12.83 -4.27 19.32
N LYS L 286 -13.90 -4.26 18.52
CA LYS L 286 -13.84 -4.56 17.10
C LYS L 286 -14.12 -3.30 16.33
N CYS L 287 -14.42 -2.19 16.94
CA CYS L 287 -14.57 -0.90 16.32
C CYS L 287 -13.29 -0.11 16.33
N ASP L 288 -13.09 0.76 15.33
CA ASP L 288 -11.94 1.63 15.16
C ASP L 288 -11.66 2.54 16.36
N ILE L 289 -10.37 2.80 16.61
CA ILE L 289 -9.84 3.43 17.81
C ILE L 289 -10.51 4.72 18.21
N ASP L 290 -10.71 5.65 17.27
CA ASP L 290 -11.31 6.93 17.55
C ASP L 290 -12.76 6.84 17.97
N ILE L 291 -13.52 5.87 17.40
CA ILE L 291 -14.95 5.83 17.60
C ILE L 291 -15.29 5.28 18.97
N ARG L 292 -14.39 4.47 19.57
CA ARG L 292 -14.61 3.83 20.85
C ARG L 292 -14.94 4.79 21.98
N LYS L 293 -14.36 6.00 21.94
CA LYS L 293 -14.61 7.11 22.84
C LYS L 293 -16.07 7.48 23.01
N ASP L 294 -16.87 7.39 21.94
CA ASP L 294 -18.24 7.84 21.99
C ASP L 294 -19.18 6.65 21.98
N LEU L 295 -18.66 5.42 21.84
CA LEU L 295 -19.46 4.24 22.09
C LEU L 295 -19.65 4.05 23.59
N TYR L 296 -18.59 4.31 24.38
CA TYR L 296 -18.73 4.50 25.81
C TYR L 296 -19.53 5.75 26.12
N ALA L 297 -20.55 5.60 26.97
CA ALA L 297 -21.45 6.63 27.46
C ALA L 297 -22.62 6.88 26.54
N ASN L 298 -22.81 5.99 25.57
CA ASN L 298 -23.98 5.93 24.71
C ASN L 298 -24.35 4.47 24.60
N ASN L 299 -24.14 3.73 25.69
CA ASN L 299 -24.61 2.37 25.87
C ASN L 299 -26.10 2.41 26.17
N VAL L 300 -26.95 2.06 25.20
CA VAL L 300 -28.40 2.16 25.30
C VAL L 300 -29.15 0.85 25.40
N MET L 301 -29.83 0.60 26.54
CA MET L 301 -30.58 -0.64 26.68
C MET L 301 -31.98 -0.48 26.09
N SER L 302 -32.65 -1.59 25.76
CA SER L 302 -33.99 -1.56 25.21
C SER L 302 -34.64 -2.93 25.44
N GLY L 303 -35.88 -3.12 24.97
CA GLY L 303 -36.66 -4.35 25.09
C GLY L 303 -37.24 -4.57 26.46
N GLY L 304 -38.18 -5.48 26.61
CA GLY L 304 -38.85 -5.82 27.86
C GLY L 304 -38.06 -6.62 28.85
N THR L 305 -37.09 -7.42 28.40
CA THR L 305 -36.32 -8.26 29.34
C THR L 305 -35.21 -7.49 30.00
N THR L 306 -34.98 -6.22 29.62
CA THR L 306 -34.06 -5.38 30.36
C THR L 306 -34.73 -4.67 31.51
N MET L 307 -36.00 -4.98 31.81
CA MET L 307 -36.72 -4.34 32.90
C MET L 307 -36.52 -4.99 34.26
N TYR L 308 -35.56 -5.92 34.42
CA TYR L 308 -35.18 -6.43 35.73
C TYR L 308 -34.60 -5.29 36.61
N PRO L 309 -34.92 -5.13 37.88
CA PRO L 309 -34.43 -4.02 38.69
C PRO L 309 -32.97 -3.78 38.82
N GLY L 310 -32.05 -4.53 38.99
CA GLY L 310 -30.64 -4.31 39.22
C GLY L 310 -29.80 -4.01 38.00
N ILE L 311 -30.37 -4.15 36.79
CA ILE L 311 -29.75 -3.63 35.60
C ILE L 311 -30.41 -2.28 35.40
N ALA L 312 -29.67 -1.21 35.07
CA ALA L 312 -28.35 -1.19 34.50
C ALA L 312 -27.21 -0.95 35.46
N ASP L 313 -27.40 -0.86 36.79
CA ASP L 313 -26.27 -0.43 37.61
C ASP L 313 -25.35 -1.59 37.98
N ARG L 314 -25.84 -2.83 37.82
CA ARG L 314 -25.02 -4.04 37.69
C ARG L 314 -24.20 -3.98 36.42
N MET L 315 -24.85 -3.83 35.25
CA MET L 315 -24.22 -3.65 33.96
C MET L 315 -23.17 -2.55 33.95
N GLN L 316 -23.43 -1.41 34.60
CA GLN L 316 -22.53 -0.30 34.79
C GLN L 316 -21.30 -0.75 35.54
N LYS L 317 -21.43 -1.16 36.83
CA LYS L 317 -20.30 -1.62 37.61
C LYS L 317 -19.43 -2.70 36.97
N GLU L 318 -20.04 -3.67 36.25
CA GLU L 318 -19.34 -4.73 35.55
C GLU L 318 -18.59 -4.24 34.33
N ILE L 319 -19.21 -3.36 33.50
CA ILE L 319 -18.56 -2.82 32.32
C ILE L 319 -17.42 -1.93 32.76
N THR L 320 -17.64 -1.06 33.76
CA THR L 320 -16.62 -0.18 34.34
C THR L 320 -15.39 -0.92 34.85
N ALA L 321 -15.53 -2.20 35.24
CA ALA L 321 -14.42 -3.02 35.64
C ALA L 321 -13.57 -3.54 34.48
N LEU L 322 -14.18 -3.79 33.31
CA LEU L 322 -13.48 -4.32 32.16
C LEU L 322 -13.02 -3.23 31.20
N ALA L 323 -13.82 -2.15 31.10
CA ALA L 323 -13.55 -0.98 30.30
C ALA L 323 -12.27 -0.22 30.72
N PRO L 324 -11.58 0.49 29.83
CA PRO L 324 -10.45 1.35 30.18
C PRO L 324 -10.67 2.31 31.33
N SER L 325 -9.63 2.55 32.14
CA SER L 325 -9.68 3.45 33.27
C SER L 325 -9.85 4.91 32.86
N THR L 326 -10.54 5.71 33.68
CA THR L 326 -10.78 7.14 33.55
C THR L 326 -11.66 7.53 32.40
N MET L 327 -12.31 6.65 31.77
CA MET L 327 -13.26 6.86 30.71
C MET L 327 -14.64 6.93 31.28
N LYS L 328 -15.42 7.93 30.92
CA LYS L 328 -16.75 8.11 31.42
C LYS L 328 -17.76 7.16 30.82
N ILE L 329 -18.51 6.47 31.61
CA ILE L 329 -19.45 5.49 31.17
C ILE L 329 -20.80 5.83 31.72
N LYS L 330 -21.79 5.99 30.89
CA LYS L 330 -23.15 6.17 31.24
C LYS L 330 -23.96 5.15 30.46
N ILE L 331 -24.97 4.57 31.09
CA ILE L 331 -25.77 3.54 30.48
C ILE L 331 -27.17 4.06 30.37
N ILE L 332 -27.70 4.33 29.30
CA ILE L 332 -28.94 5.00 29.04
C ILE L 332 -30.04 3.97 29.06
N ALA L 333 -30.95 4.06 30.04
CA ALA L 333 -32.02 3.12 30.18
C ALA L 333 -33.28 3.83 30.61
N PRO L 334 -34.11 4.31 29.74
CA PRO L 334 -35.30 5.01 30.11
C PRO L 334 -36.36 4.08 30.63
N PRO L 335 -37.35 4.43 31.40
CA PRO L 335 -38.60 3.71 31.51
C PRO L 335 -39.23 3.31 30.22
N GLU L 336 -40.07 2.58 30.05
CA GLU L 336 -40.89 2.18 28.94
C GLU L 336 -40.24 1.37 27.87
N ARG L 337 -39.07 0.76 28.15
CA ARG L 337 -38.25 0.11 27.14
C ARG L 337 -38.94 -0.93 26.26
N LYS L 338 -40.00 -1.59 26.76
CA LYS L 338 -40.85 -2.50 26.01
C LYS L 338 -41.53 -1.86 24.82
N TYR L 339 -41.74 -0.53 24.84
CA TYR L 339 -42.40 0.16 23.76
C TYR L 339 -41.41 1.06 23.03
N SER L 340 -40.11 0.97 23.36
CA SER L 340 -39.04 1.78 22.75
C SER L 340 -39.05 1.68 21.24
N VAL L 341 -38.95 0.44 20.74
CA VAL L 341 -39.02 0.08 19.34
C VAL L 341 -40.21 0.69 18.63
N TRP L 342 -41.42 0.63 19.25
CA TRP L 342 -42.63 1.14 18.67
C TRP L 342 -42.62 2.66 18.55
N ILE L 343 -42.16 3.37 19.60
CA ILE L 343 -42.01 4.84 19.56
C ILE L 343 -40.97 5.29 18.55
N GLY L 344 -40.01 4.40 18.23
CA GLY L 344 -39.06 4.56 17.13
C GLY L 344 -39.75 4.55 15.82
N GLY L 345 -40.48 3.44 15.54
CA GLY L 345 -41.22 3.23 14.31
C GLY L 345 -42.18 4.34 14.00
N SER L 346 -42.90 4.84 15.03
CA SER L 346 -43.80 5.97 14.92
C SER L 346 -43.14 7.22 14.39
N ILE L 347 -41.95 7.57 14.93
CA ILE L 347 -41.15 8.69 14.47
C ILE L 347 -40.67 8.50 13.04
N LEU L 348 -40.31 7.26 12.66
CA LEU L 348 -39.70 6.96 11.38
C LEU L 348 -40.68 7.15 10.26
N ALA L 349 -41.77 6.37 10.23
CA ALA L 349 -42.76 6.38 9.18
C ALA L 349 -43.52 7.69 9.06
N SER L 350 -43.46 8.56 10.09
CA SER L 350 -44.06 9.87 10.02
C SER L 350 -43.16 10.87 9.32
N LEU L 351 -41.83 10.72 9.38
CA LEU L 351 -40.90 11.61 8.71
C LEU L 351 -40.97 11.59 7.18
N SER L 352 -41.16 12.76 6.58
CA SER L 352 -40.73 13.05 5.23
C SER L 352 -39.22 13.13 5.19
N THR L 353 -38.53 12.69 4.13
CA THR L 353 -39.03 12.19 2.86
C THR L 353 -39.02 10.70 2.80
N PHE L 354 -38.75 10.01 3.93
CA PHE L 354 -38.58 8.58 3.99
C PHE L 354 -39.79 7.73 3.62
N GLN L 355 -40.90 8.35 3.19
CA GLN L 355 -41.96 7.77 2.42
C GLN L 355 -41.47 7.12 1.14
N GLN L 356 -40.41 7.69 0.56
CA GLN L 356 -39.81 7.16 -0.64
C GLN L 356 -38.71 6.18 -0.33
N MET L 357 -38.60 5.69 0.91
CA MET L 357 -37.80 4.53 1.19
C MET L 357 -38.69 3.34 1.50
N TRP L 358 -40.00 3.46 1.21
CA TRP L 358 -40.91 2.36 1.28
C TRP L 358 -40.91 1.63 -0.06
N ILE L 359 -41.05 0.31 -0.05
CA ILE L 359 -41.23 -0.51 -1.23
C ILE L 359 -42.68 -0.40 -1.65
N THR L 360 -42.97 0.02 -2.87
CA THR L 360 -44.34 0.20 -3.34
C THR L 360 -44.79 -0.96 -4.20
N LYS L 361 -46.10 -1.29 -4.14
CA LYS L 361 -46.68 -2.46 -4.77
C LYS L 361 -46.43 -2.59 -6.25
N GLN L 362 -46.52 -1.49 -7.02
CA GLN L 362 -46.27 -1.48 -8.45
C GLN L 362 -44.85 -1.88 -8.81
N GLU L 363 -43.84 -1.38 -8.08
CA GLU L 363 -42.47 -1.74 -8.32
C GLU L 363 -42.18 -3.14 -7.83
N TYR L 364 -42.78 -3.55 -6.68
CA TYR L 364 -42.71 -4.89 -6.14
C TYR L 364 -43.26 -5.95 -7.10
N ASP L 365 -44.34 -5.64 -7.82
CA ASP L 365 -44.93 -6.52 -8.81
C ASP L 365 -43.92 -6.92 -9.89
N GLU L 366 -43.07 -5.99 -10.32
CA GLU L 366 -42.01 -6.29 -11.25
C GLU L 366 -40.82 -6.96 -10.58
N ALA L 367 -40.39 -6.48 -9.41
CA ALA L 367 -39.17 -6.90 -8.76
C ALA L 367 -39.18 -8.17 -7.94
N GLY L 368 -40.27 -8.46 -7.22
CA GLY L 368 -40.35 -9.63 -6.37
C GLY L 368 -39.39 -9.60 -5.19
N PRO L 369 -38.88 -10.65 -4.68
CA PRO L 369 -38.04 -10.67 -3.48
C PRO L 369 -36.69 -10.06 -3.64
N SER L 370 -36.22 -9.83 -4.84
CA SER L 370 -34.97 -9.16 -5.08
C SER L 370 -34.93 -7.76 -4.61
N ILE L 371 -34.04 -7.26 -4.30
CA ILE L 371 -33.76 -5.91 -3.88
C ILE L 371 -34.24 -5.51 -2.57
N VAL L 372 -35.04 -6.25 -1.89
CA VAL L 372 -35.55 -6.06 -0.61
C VAL L 372 -34.51 -6.11 0.32
N HIS L 373 -33.66 -6.97 0.14
CA HIS L 373 -32.62 -7.12 0.91
C HIS L 373 -31.60 -6.68 0.21
N THR M 7 -17.20 -53.30 58.21
CA THR M 7 -16.58 -53.41 57.25
C THR M 7 -17.18 -53.15 55.91
N THR M 8 -17.72 -54.16 55.26
CA THR M 8 -18.22 -54.11 53.92
C THR M 8 -19.35 -53.15 53.67
N ALA M 9 -19.24 -52.37 52.60
CA ALA M 9 -20.25 -51.46 52.14
C ALA M 9 -21.55 -52.11 51.68
N LEU M 10 -22.67 -51.39 51.83
CA LEU M 10 -23.99 -51.92 51.55
C LEU M 10 -24.64 -51.08 50.46
N VAL M 11 -25.04 -51.71 49.33
CA VAL M 11 -25.79 -51.05 48.27
C VAL M 11 -27.28 -51.26 48.43
N CYS M 12 -27.97 -50.16 48.73
CA CYS M 12 -29.38 -50.07 49.00
C CYS M 12 -29.92 -49.09 47.99
N ASP M 13 -30.79 -49.55 47.09
CA ASP M 13 -31.31 -48.73 46.05
C ASP M 13 -32.72 -48.39 46.47
N ASN M 14 -32.96 -47.08 46.60
CA ASN M 14 -34.22 -46.46 46.86
C ASN M 14 -35.07 -46.47 45.60
N GLY M 15 -35.49 -47.67 45.19
CA GLY M 15 -36.56 -47.85 44.25
C GLY M 15 -37.83 -47.20 44.68
N SER M 16 -38.68 -46.93 43.71
CA SER M 16 -40.01 -46.49 43.92
C SER M 16 -40.97 -47.61 43.76
N GLY M 17 -40.47 -48.78 43.34
CA GLY M 17 -41.17 -50.02 43.16
C GLY M 17 -41.40 -50.77 44.46
N LEU M 18 -40.65 -51.79 44.93
CA LEU M 18 -39.39 -52.40 44.56
C LEU M 18 -38.17 -51.67 45.06
N VAL M 19 -38.06 -51.53 46.40
CA VAL M 19 -36.80 -51.15 47.04
C VAL M 19 -35.87 -52.36 46.98
N LYS M 20 -34.59 -52.14 46.64
CA LYS M 20 -33.61 -53.21 46.43
C LYS M 20 -32.46 -53.06 47.41
N ALA M 21 -32.01 -54.12 48.08
CA ALA M 21 -30.92 -54.06 49.04
C ALA M 21 -29.98 -55.25 48.99
N GLY M 22 -28.65 -55.03 49.06
CA GLY M 22 -27.70 -56.12 49.05
C GLY M 22 -26.30 -55.64 49.28
N PHE M 23 -25.43 -56.44 49.93
CA PHE M 23 -24.07 -56.03 50.24
C PHE M 23 -23.23 -55.83 48.98
N ALA M 24 -22.02 -55.26 49.08
CA ALA M 24 -21.19 -54.97 47.92
C ALA M 24 -20.71 -56.18 47.15
N GLY M 25 -21.35 -56.51 46.06
CA GLY M 25 -21.11 -57.63 45.18
C GLY M 25 -21.28 -58.98 45.69
N ASP M 26 -21.15 -60.00 44.86
CA ASP M 26 -20.79 -60.00 43.50
C ASP M 26 -21.85 -60.61 42.66
N ASP M 27 -22.95 -61.00 43.24
CA ASP M 27 -23.99 -61.74 42.63
C ASP M 27 -25.30 -61.04 42.59
N ALA M 28 -26.21 -60.95 43.19
CA ALA M 28 -27.56 -60.42 43.11
C ALA M 28 -28.00 -59.76 44.42
N PRO M 29 -29.02 -58.93 44.49
CA PRO M 29 -29.51 -58.32 45.73
C PRO M 29 -29.98 -59.35 46.76
N ARG M 30 -29.81 -59.07 48.03
CA ARG M 30 -30.25 -59.94 49.11
C ARG M 30 -31.72 -59.76 49.44
N ALA M 31 -32.26 -58.54 49.31
CA ALA M 31 -33.62 -58.24 49.68
C ALA M 31 -34.29 -57.39 48.62
N VAL M 32 -35.48 -57.79 48.18
CA VAL M 32 -36.30 -57.05 47.23
C VAL M 32 -37.69 -57.07 47.82
N PHE M 33 -38.43 -55.95 47.86
CA PHE M 33 -39.76 -55.99 48.44
C PHE M 33 -40.62 -54.83 47.91
N PRO M 34 -41.96 -54.94 47.91
CA PRO M 34 -42.80 -54.03 47.13
C PRO M 34 -43.12 -52.72 47.83
N SER M 35 -42.38 -52.33 48.87
CA SER M 35 -42.39 -51.03 49.53
C SER M 35 -43.62 -50.63 50.33
N ILE M 36 -44.79 -51.21 50.08
CA ILE M 36 -46.05 -51.00 50.77
C ILE M 36 -45.99 -51.00 52.30
N VAL M 37 -46.59 -49.98 52.94
CA VAL M 37 -46.93 -50.00 54.36
C VAL M 37 -48.44 -50.02 54.47
N GLY M 38 -49.03 -50.80 55.39
CA GLY M 38 -50.48 -50.91 55.50
C GLY M 38 -50.98 -51.04 56.91
N ARG M 39 -51.86 -50.12 57.34
CA ARG M 39 -52.52 -50.19 58.63
C ARG M 39 -53.76 -51.09 58.51
N PRO M 40 -54.24 -51.76 59.56
CA PRO M 40 -55.36 -52.69 59.45
C PRO M 40 -56.72 -52.02 59.38
N ARG M 41 -57.43 -52.17 58.25
CA ARG M 41 -58.66 -51.47 57.99
C ARG M 41 -59.90 -52.10 58.57
N HIS M 42 -59.89 -53.28 59.11
CA HIS M 42 -61.04 -53.94 59.69
C HIS M 42 -60.82 -54.17 61.17
N GLN M 43 -61.88 -54.43 61.93
CA GLN M 43 -61.82 -54.71 63.34
C GLN M 43 -61.57 -56.11 63.69
N GLY M 44 -60.66 -56.35 64.61
CA GLY M 44 -60.24 -57.62 65.02
C GLY M 44 -60.83 -58.35 65.73
N VAL M 45 -61.44 -58.96 65.41
CA VAL M 45 -62.11 -59.57 66.01
C VAL M 45 -61.62 -60.79 66.73
N MET M 46 -60.79 -61.34 66.58
CA MET M 46 -60.26 -62.49 67.27
C MET M 46 -59.44 -62.18 68.33
N VAL M 47 -58.98 -60.99 68.32
CA VAL M 47 -58.46 -60.35 69.32
C VAL M 47 -57.29 -60.92 69.71
N GLY M 48 -56.63 -61.87 69.55
CA GLY M 48 -55.46 -62.48 69.75
C GLY M 48 -54.66 -62.16 70.77
N MET M 49 -53.91 -61.19 70.73
CA MET M 49 -53.74 -60.30 69.81
C MET M 49 -52.52 -60.37 68.99
N GLY M 50 -51.56 -59.54 69.24
CA GLY M 50 -50.28 -59.64 68.66
C GLY M 50 -50.12 -59.08 67.32
N GLN M 51 -51.05 -58.37 66.83
CA GLN M 51 -51.03 -57.82 65.52
C GLN M 51 -50.19 -56.56 65.44
N LYS M 52 -49.50 -56.32 64.34
CA LYS M 52 -48.66 -55.17 64.15
C LYS M 52 -49.45 -53.92 63.77
N ASP M 53 -48.96 -52.74 64.16
CA ASP M 53 -49.58 -51.46 63.87
C ASP M 53 -49.58 -51.17 62.37
N SER M 54 -48.47 -51.50 61.70
CA SER M 54 -48.38 -51.46 60.27
C SER M 54 -47.49 -52.59 59.78
N TYR M 55 -48.00 -53.40 58.85
CA TYR M 55 -47.26 -54.45 58.20
C TYR M 55 -46.56 -53.86 57.00
N VAL M 56 -45.25 -54.11 56.84
CA VAL M 56 -44.56 -53.77 55.60
C VAL M 56 -44.65 -54.94 54.64
N GLY M 57 -44.22 -54.80 53.37
CA GLY M 57 -44.00 -55.92 52.48
C GLY M 57 -42.83 -56.78 52.93
N ASP M 58 -42.80 -58.09 52.69
CA ASP M 58 -43.71 -58.94 51.97
C ASP M 58 -44.96 -59.32 52.75
N GLU M 59 -44.95 -59.27 54.10
CA GLU M 59 -46.08 -59.66 54.91
C GLU M 59 -47.39 -58.94 54.62
N ALA M 60 -47.33 -57.70 54.12
CA ALA M 60 -48.46 -56.95 53.65
C ALA M 60 -49.00 -57.36 52.29
N GLN M 61 -48.39 -58.37 51.64
CA GLN M 61 -48.83 -58.91 50.38
C GLN M 61 -49.36 -60.32 50.64
N SER M 62 -49.18 -60.79 51.88
CA SER M 62 -49.81 -62.00 52.38
C SER M 62 -51.02 -61.63 53.21
N LYS M 63 -51.22 -60.37 53.49
CA LYS M 63 -52.30 -59.85 54.29
C LYS M 63 -53.12 -58.84 53.54
N ARG M 64 -53.26 -58.99 52.21
CA ARG M 64 -54.17 -58.17 51.44
C ARG M 64 -55.61 -58.31 51.89
N GLY M 65 -56.36 -57.20 51.87
CA GLY M 65 -57.78 -57.20 52.20
C GLY M 65 -58.07 -56.94 53.64
N ILE M 66 -57.07 -56.99 54.51
CA ILE M 66 -57.23 -56.63 55.91
C ILE M 66 -56.47 -55.35 56.20
N LEU M 67 -55.77 -54.80 55.20
CA LEU M 67 -54.99 -53.60 55.35
C LEU M 67 -55.33 -52.64 54.23
N THR M 68 -54.84 -51.39 54.32
CA THR M 68 -54.92 -50.42 53.23
C THR M 68 -53.53 -50.00 52.82
N LEU M 69 -53.03 -50.64 51.75
CA LEU M 69 -51.68 -50.46 51.26
C LEU M 69 -51.35 -49.04 50.80
N LYS M 70 -50.24 -48.48 51.29
CA LYS M 70 -49.76 -47.16 50.96
C LYS M 70 -48.31 -47.21 50.57
N TYR M 71 -47.98 -47.00 49.28
CA TYR M 71 -46.61 -46.92 48.80
C TYR M 71 -45.97 -45.66 49.42
N PRO M 72 -44.81 -45.65 50.03
CA PRO M 72 -44.33 -44.49 50.77
C PRO M 72 -43.68 -43.43 49.91
N ILE M 73 -43.30 -43.76 48.67
CA ILE M 73 -42.72 -42.79 47.76
C ILE M 73 -43.61 -42.62 46.56
N GLU M 74 -44.17 -41.43 46.40
CA GLU M 74 -45.20 -41.18 45.41
C GLU M 74 -44.77 -40.01 44.60
N HIS M 75 -44.63 -40.20 43.30
CA HIS M 75 -44.08 -39.24 42.36
C HIS M 75 -42.73 -38.72 42.76
N GLY M 76 -41.92 -39.59 43.37
CA GLY M 76 -40.57 -39.28 43.77
C GLY M 76 -40.48 -38.51 45.06
N ILE M 77 -41.61 -38.24 45.71
CA ILE M 77 -41.62 -37.56 46.97
C ILE M 77 -41.98 -38.53 48.06
N ILE M 78 -41.20 -38.57 49.14
CA ILE M 78 -41.44 -39.38 50.29
C ILE M 78 -42.61 -38.84 51.09
N THR M 79 -43.59 -39.68 51.45
CA THR M 79 -44.81 -39.24 52.10
C THR M 79 -44.60 -38.64 53.49
N ASN M 80 -43.76 -39.27 54.30
CA ASN M 80 -43.34 -38.77 55.58
C ASN M 80 -42.17 -39.63 55.99
N TRP M 81 -41.23 -39.12 56.80
CA TRP M 81 -40.10 -39.93 57.19
C TRP M 81 -40.40 -40.87 58.34
N ASP M 82 -41.60 -40.79 58.94
CA ASP M 82 -42.06 -41.72 59.94
C ASP M 82 -42.26 -43.14 59.40
N ASP M 83 -42.81 -43.24 58.18
CA ASP M 83 -42.99 -44.50 57.48
C ASP M 83 -41.70 -44.87 56.80
N MET M 84 -40.97 -43.90 56.22
CA MET M 84 -39.68 -44.12 55.59
C MET M 84 -38.65 -44.74 56.54
N GLU M 85 -38.52 -44.22 57.78
CA GLU M 85 -37.64 -44.77 58.80
C GLU M 85 -38.02 -46.20 59.14
N LYS M 86 -39.32 -46.56 59.12
CA LYS M 86 -39.77 -47.91 59.34
C LYS M 86 -39.43 -48.83 58.18
N ILE M 87 -39.51 -48.35 56.91
CA ILE M 87 -38.94 -49.03 55.73
C ILE M 87 -37.47 -49.38 55.94
N TRP M 88 -36.64 -48.38 56.29
CA TRP M 88 -35.22 -48.53 56.53
C TRP M 88 -34.94 -49.54 57.64
N HIS M 89 -35.53 -49.34 58.84
CA HIS M 89 -35.40 -50.22 60.00
C HIS M 89 -35.77 -51.66 59.68
N HIS M 90 -36.90 -51.87 58.99
CA HIS M 90 -37.34 -53.18 58.51
C HIS M 90 -36.32 -53.81 57.60
N THR M 91 -35.79 -53.03 56.64
CA THR M 91 -34.81 -53.50 55.68
C THR M 91 -33.52 -53.93 56.33
N PHE M 92 -32.87 -53.05 57.12
CA PHE M 92 -31.62 -53.41 57.75
C PHE M 92 -31.74 -54.54 58.77
N TYR M 93 -32.73 -54.45 59.67
CA TYR M 93 -32.88 -55.43 60.72
C TYR M 93 -33.57 -56.72 60.35
N ASN M 94 -34.75 -56.66 59.70
CA ASN M 94 -35.58 -57.84 59.53
C ASN M 94 -35.52 -58.42 58.14
N GLU M 95 -34.63 -57.92 57.29
CA GLU M 95 -34.32 -58.50 56.00
C GLU M 95 -32.86 -58.82 56.05
N LEU M 96 -32.00 -57.82 55.84
CA LEU M 96 -30.56 -57.98 55.71
C LEU M 96 -29.85 -58.56 56.93
N ARG M 97 -30.36 -58.29 58.14
CA ARG M 97 -29.82 -58.72 59.42
C ARG M 97 -28.48 -58.07 59.70
N VAL M 98 -28.40 -56.74 59.56
CA VAL M 98 -27.15 -56.00 59.72
C VAL M 98 -27.33 -54.73 60.51
N ALA M 99 -26.33 -54.37 61.33
CA ALA M 99 -26.27 -53.12 62.06
C ALA M 99 -25.68 -52.01 61.19
N PRO M 100 -26.29 -50.83 61.04
CA PRO M 100 -25.74 -49.72 60.27
C PRO M 100 -24.38 -49.22 60.69
N GLU M 101 -23.96 -49.39 61.95
CA GLU M 101 -22.65 -48.96 62.38
C GLU M 101 -21.54 -49.83 61.81
N GLU M 102 -21.87 -51.04 61.30
CA GLU M 102 -20.94 -51.93 60.66
C GLU M 102 -20.68 -51.62 59.20
N HIS M 103 -21.49 -50.84 58.51
CA HIS M 103 -21.33 -50.65 57.08
C HIS M 103 -21.38 -49.19 56.67
N PRO M 104 -20.45 -48.64 55.90
CA PRO M 104 -20.72 -47.49 55.06
C PRO M 104 -21.79 -47.77 54.02
N THR M 105 -22.79 -46.90 53.85
CA THR M 105 -23.93 -47.24 53.00
C THR M 105 -23.89 -46.44 51.71
N LEU M 106 -24.72 -46.86 50.75
CA LEU M 106 -24.86 -46.25 49.46
C LEU M 106 -26.33 -46.09 49.21
N LEU M 107 -26.83 -44.87 49.00
CA LEU M 107 -28.23 -44.62 48.78
C LEU M 107 -28.37 -44.08 47.37
N THR M 108 -29.56 -44.20 46.77
CA THR M 108 -29.80 -43.68 45.44
C THR M 108 -30.88 -42.62 45.44
N GLU M 109 -30.92 -41.76 44.40
CA GLU M 109 -31.96 -40.76 44.27
C GLU M 109 -32.34 -40.63 42.80
N ALA M 110 -33.23 -39.70 42.45
CA ALA M 110 -33.58 -39.38 41.08
C ALA M 110 -32.71 -38.27 40.52
N PRO M 111 -32.49 -38.13 39.21
CA PRO M 111 -31.67 -37.06 38.65
C PRO M 111 -32.20 -35.66 38.92
N LEU M 112 -33.51 -35.46 38.89
CA LEU M 112 -34.13 -34.19 39.13
C LEU M 112 -35.22 -34.44 40.13
N ASN M 113 -35.10 -33.87 41.32
CA ASN M 113 -36.05 -34.06 42.39
C ASN M 113 -35.99 -32.80 43.23
N PRO M 114 -37.05 -32.28 43.82
CA PRO M 114 -36.99 -31.05 44.58
C PRO M 114 -36.10 -31.06 45.80
N LYS M 115 -35.42 -29.94 46.06
CA LYS M 115 -34.73 -29.71 47.30
C LYS M 115 -35.81 -29.40 48.33
N ALA M 116 -35.79 -29.97 49.54
CA ALA M 116 -34.71 -30.59 50.26
C ALA M 116 -34.91 -32.07 50.48
N ASN M 117 -35.57 -32.78 49.53
CA ASN M 117 -35.77 -34.22 49.59
C ASN M 117 -34.53 -35.09 49.70
N ARG M 118 -33.35 -34.64 49.25
CA ARG M 118 -32.16 -35.45 49.42
C ARG M 118 -31.47 -35.07 50.70
N GLU M 119 -31.50 -33.78 51.08
CA GLU M 119 -31.00 -33.28 52.34
C GLU M 119 -31.72 -33.93 53.50
N LYS M 120 -33.01 -33.63 53.73
CA LYS M 120 -33.84 -34.22 54.78
C LYS M 120 -33.72 -35.73 54.96
N MET M 121 -33.63 -36.48 53.83
CA MET M 121 -33.33 -37.90 53.81
C MET M 121 -31.98 -38.22 54.40
N THR M 122 -30.90 -37.71 53.77
CA THR M 122 -29.49 -37.86 54.18
C THR M 122 -29.29 -37.52 55.64
N GLN M 123 -29.94 -36.44 56.09
CA GLN M 123 -29.82 -35.88 57.41
C GLN M 123 -30.49 -36.77 58.42
N ILE M 124 -31.76 -37.15 58.19
CA ILE M 124 -32.46 -38.11 59.03
C ILE M 124 -31.75 -39.45 59.09
N MET M 125 -31.28 -40.04 57.97
CA MET M 125 -30.58 -41.31 58.02
C MET M 125 -29.25 -41.28 58.78
N PHE M 126 -28.56 -40.11 58.80
CA PHE M 126 -27.34 -39.95 59.56
C PHE M 126 -27.63 -39.81 61.03
N GLU M 127 -28.71 -39.12 61.42
CA GLU M 127 -29.00 -38.89 62.82
C GLU M 127 -29.76 -40.06 63.45
N THR M 128 -30.61 -40.76 62.67
CA THR M 128 -31.35 -41.92 63.17
C THR M 128 -30.54 -43.19 63.16
N PHE M 129 -29.90 -43.57 62.04
CA PHE M 129 -29.27 -44.87 61.94
C PHE M 129 -27.79 -44.80 62.13
N ASN M 130 -27.18 -43.60 62.06
CA ASN M 130 -25.81 -43.34 62.50
C ASN M 130 -24.77 -44.15 61.74
N VAL M 131 -24.95 -44.28 60.41
CA VAL M 131 -23.97 -44.83 59.49
C VAL M 131 -22.63 -44.10 59.49
N PRO M 132 -21.49 -44.76 59.32
CA PRO M 132 -20.20 -44.09 59.51
C PRO M 132 -19.83 -43.30 58.27
N ALA M 133 -20.35 -43.67 57.09
CA ALA M 133 -20.15 -42.94 55.87
C ALA M 133 -21.26 -43.26 54.91
N MET M 134 -21.51 -42.36 53.94
CA MET M 134 -22.65 -42.47 53.05
C MET M 134 -22.37 -41.77 51.73
N TYR M 135 -22.99 -42.20 50.64
CA TYR M 135 -22.98 -41.48 49.38
C TYR M 135 -24.36 -41.63 48.78
N VAL M 136 -24.83 -40.63 48.00
CA VAL M 136 -26.13 -40.70 47.37
C VAL M 136 -25.91 -40.54 45.87
N ALA M 137 -26.15 -41.61 45.10
CA ALA M 137 -25.98 -41.61 43.65
C ALA M 137 -27.29 -41.55 42.86
N ILE M 138 -27.33 -40.82 41.73
CA ILE M 138 -28.52 -40.88 40.88
C ILE M 138 -28.59 -42.23 40.16
N GLN M 139 -29.79 -42.82 39.99
CA GLN M 139 -29.96 -44.18 39.49
C GLN M 139 -29.48 -44.36 38.06
N ALA M 140 -29.52 -43.28 37.26
CA ALA M 140 -29.12 -43.31 35.88
C ALA M 140 -27.63 -43.51 35.69
N VAL M 141 -26.77 -42.76 36.42
CA VAL M 141 -25.33 -42.95 36.35
C VAL M 141 -24.93 -44.38 36.68
N LEU M 142 -25.58 -44.99 37.70
CA LEU M 142 -25.30 -46.36 38.03
C LEU M 142 -25.67 -47.35 36.93
N SER M 143 -26.70 -47.06 36.12
CA SER M 143 -27.06 -47.91 35.02
C SER M 143 -26.09 -47.85 33.84
N LEU M 144 -25.20 -46.84 33.81
CA LEU M 144 -24.15 -46.77 32.82
C LEU M 144 -22.98 -47.61 33.22
N TYR M 145 -22.69 -47.66 34.52
CA TYR M 145 -21.66 -48.53 35.07
C TYR M 145 -22.03 -49.98 34.85
N ALA M 146 -23.31 -50.32 35.08
CA ALA M 146 -23.86 -51.64 34.81
C ALA M 146 -23.85 -52.02 33.34
N SER M 147 -24.18 -51.09 32.44
CA SER M 147 -24.15 -51.32 31.00
C SER M 147 -22.75 -51.37 30.43
N GLY M 148 -21.78 -50.73 31.10
CA GLY M 148 -20.38 -50.78 30.72
C GLY M 148 -20.08 -49.86 29.59
N ARG M 149 -20.85 -48.77 29.47
CA ARG M 149 -20.67 -47.74 28.48
C ARG M 149 -20.35 -46.47 29.22
N THR M 150 -19.72 -45.49 28.55
CA THR M 150 -19.36 -44.22 29.18
C THR M 150 -19.99 -43.06 28.43
N THR M 151 -20.92 -43.36 27.53
CA THR M 151 -21.56 -42.41 26.67
C THR M 151 -22.95 -42.94 26.45
N GLY M 152 -23.95 -42.06 26.21
CA GLY M 152 -25.30 -42.46 25.88
C GLY M 152 -26.37 -41.84 26.71
N ILE M 153 -27.61 -41.87 26.17
CA ILE M 153 -28.80 -41.41 26.85
C ILE M 153 -29.47 -42.57 27.55
N VAL M 154 -29.67 -42.39 28.87
CA VAL M 154 -30.18 -43.41 29.76
C VAL M 154 -31.65 -43.20 30.02
N LEU M 155 -32.44 -44.24 29.74
CA LEU M 155 -33.86 -44.32 29.98
C LEU M 155 -34.14 -45.18 31.19
N ASP M 156 -34.32 -44.59 32.38
CA ASP M 156 -34.51 -45.36 33.60
C ASP M 156 -35.98 -45.22 33.92
N SER M 157 -36.74 -46.30 33.72
CA SER M 157 -38.18 -46.24 33.86
C SER M 157 -38.62 -47.25 34.88
N GLY M 158 -39.03 -46.76 36.05
CA GLY M 158 -39.64 -47.55 37.11
C GLY M 158 -40.86 -46.90 37.60
N ASP M 159 -41.74 -47.65 38.30
CA ASP M 159 -42.83 -47.04 39.03
C ASP M 159 -42.26 -46.17 40.15
N GLY M 160 -42.65 -44.92 40.40
CA GLY M 160 -43.52 -44.06 39.67
C GLY M 160 -42.89 -42.88 39.02
N VAL M 161 -41.58 -42.93 38.74
CA VAL M 161 -40.86 -41.87 38.06
C VAL M 161 -39.94 -42.44 37.01
N THR M 162 -40.10 -42.05 35.75
CA THR M 162 -39.17 -42.38 34.68
C THR M 162 -38.18 -41.23 34.46
N HIS M 163 -37.03 -41.47 33.83
CA HIS M 163 -36.07 -40.41 33.59
C HIS M 163 -35.33 -40.60 32.27
N ASN M 164 -34.83 -39.48 31.69
CA ASN M 164 -34.08 -39.44 30.44
C ASN M 164 -32.78 -38.65 30.61
N VAL M 165 -31.64 -39.30 30.91
CA VAL M 165 -30.38 -38.62 31.18
C VAL M 165 -29.33 -38.78 30.07
N PRO M 166 -28.87 -37.75 29.37
CA PRO M 166 -27.75 -37.90 28.44
C PRO M 166 -26.40 -37.72 29.12
N ILE M 167 -25.47 -38.68 28.94
CA ILE M 167 -24.12 -38.65 29.50
C ILE M 167 -23.12 -38.85 28.38
N TYR M 168 -22.06 -38.03 28.30
CA TYR M 168 -20.99 -38.20 27.33
C TYR M 168 -19.66 -38.27 28.00
N GLU M 169 -18.87 -39.25 27.85
CA GLU M 169 -17.54 -39.54 28.35
C GLU M 169 -16.79 -38.48 29.12
N GLY M 170 -16.94 -38.29 30.40
CA GLY M 170 -17.85 -38.87 31.30
C GLY M 170 -18.60 -37.80 31.98
N TYR M 171 -18.90 -36.78 31.25
CA TYR M 171 -19.56 -35.63 31.67
C TYR M 171 -21.01 -35.57 31.40
N ALA M 172 -21.75 -34.86 32.13
CA ALA M 172 -23.16 -34.69 31.99
C ALA M 172 -23.50 -33.30 31.53
N LEU M 173 -24.55 -33.16 30.76
CA LEU M 173 -25.01 -31.90 30.23
C LEU M 173 -26.27 -31.48 31.00
N PRO M 174 -26.24 -30.54 31.95
CA PRO M 174 -27.38 -30.21 32.80
C PRO M 174 -28.60 -29.76 32.05
N HIS M 175 -28.43 -29.11 30.91
CA HIS M 175 -29.49 -28.50 30.18
C HIS M 175 -30.25 -29.48 29.33
N ALA M 176 -29.85 -30.73 29.28
CA ALA M 176 -30.49 -31.74 28.49
C ALA M 176 -31.13 -32.85 29.31
N ILE M 177 -31.07 -32.83 30.66
CA ILE M 177 -31.67 -33.88 31.47
C ILE M 177 -33.18 -33.69 31.60
N MET M 178 -33.97 -34.70 31.20
CA MET M 178 -35.42 -34.68 31.22
C MET M 178 -36.07 -35.68 32.16
N ARG M 179 -36.99 -35.21 33.02
CA ARG M 179 -37.72 -36.03 33.97
C ARG M 179 -39.16 -36.12 33.52
N LEU M 180 -39.66 -37.33 33.23
CA LEU M 180 -41.06 -37.55 32.92
C LEU M 180 -41.72 -38.22 34.11
N ASP M 181 -42.84 -37.68 34.61
CA ASP M 181 -43.62 -38.32 35.64
C ASP M 181 -44.69 -39.25 35.05
N LEU M 182 -44.53 -39.64 33.81
CA LEU M 182 -45.42 -40.46 33.01
C LEU M 182 -45.58 -41.89 33.48
N ALA M 183 -44.49 -42.61 33.73
CA ALA M 183 -44.53 -44.00 34.11
C ALA M 183 -44.03 -44.15 35.53
N GLY M 184 -44.47 -45.16 36.30
CA GLY M 184 -45.31 -46.30 35.93
C GLY M 184 -46.61 -46.43 36.69
N ARG M 185 -46.81 -45.72 37.81
CA ARG M 185 -48.05 -45.82 38.58
C ARG M 185 -49.27 -45.31 37.84
N ASP M 186 -49.07 -44.39 36.88
CA ASP M 186 -50.09 -43.89 36.02
C ASP M 186 -50.44 -44.89 34.94
N LEU M 187 -49.50 -45.79 34.59
CA LEU M 187 -49.77 -46.90 33.69
C LEU M 187 -50.62 -47.91 34.44
N THR M 188 -50.32 -48.15 35.74
CA THR M 188 -51.17 -48.97 36.61
C THR M 188 -52.58 -48.39 36.72
N ASP M 189 -52.72 -47.10 37.06
CA ASP M 189 -54.01 -46.45 37.15
C ASP M 189 -54.78 -46.44 35.82
N TYR M 190 -54.10 -46.27 34.67
CA TYR M 190 -54.73 -46.34 33.37
C TYR M 190 -55.20 -47.74 33.04
N LEU M 191 -54.39 -48.77 33.36
CA LEU M 191 -54.79 -50.16 33.22
C LEU M 191 -56.02 -50.48 34.05
N MET M 192 -56.10 -49.94 35.28
CA MET M 192 -57.27 -50.08 36.12
C MET M 192 -58.47 -49.36 35.54
N LYS M 193 -58.27 -48.25 34.82
CA LYS M 193 -59.36 -47.53 34.21
C LYS M 193 -59.86 -48.21 32.94
N ILE M 194 -59.02 -48.95 32.21
CA ILE M 194 -59.52 -49.64 31.04
C ILE M 194 -59.82 -51.09 31.33
N LEU M 195 -59.57 -51.59 32.55
CA LEU M 195 -60.14 -52.88 32.93
C LEU M 195 -61.53 -52.75 33.53
N THR M 196 -61.89 -51.58 34.06
CA THR M 196 -63.28 -51.30 34.42
C THR M 196 -64.19 -51.28 33.24
N GLU M 197 -63.63 -50.92 32.08
CA GLU M 197 -64.30 -50.93 30.82
C GLU M 197 -64.76 -52.32 30.39
N ARG M 198 -64.13 -53.37 30.88
CA ARG M 198 -64.57 -54.72 30.67
C ARG M 198 -65.14 -55.36 31.91
N GLY M 199 -65.65 -54.58 32.85
CA GLY M 199 -66.50 -55.11 33.90
C GLY M 199 -65.79 -55.75 35.05
N TYR M 200 -64.48 -55.61 35.13
CA TYR M 200 -63.69 -56.20 36.20
C TYR M 200 -63.46 -55.14 37.26
N SER M 201 -64.27 -55.12 38.25
CA SER M 201 -64.31 -54.12 39.26
C SER M 201 -63.28 -54.06 40.31
N PHE M 202 -62.11 -53.89 39.94
CA PHE M 202 -61.05 -53.85 40.83
C PHE M 202 -60.75 -52.55 41.37
N VAL M 203 -61.49 -51.97 42.13
CA VAL M 203 -61.44 -50.65 42.52
C VAL M 203 -60.65 -50.32 43.74
N THR M 204 -60.33 -51.22 44.57
CA THR M 204 -59.75 -50.98 45.86
C THR M 204 -58.26 -50.95 45.81
N THR M 205 -57.65 -50.34 46.84
CA THR M 205 -56.23 -50.12 46.96
C THR M 205 -55.43 -51.38 46.94
N ALA M 206 -55.81 -52.37 47.74
CA ALA M 206 -55.20 -53.66 47.79
C ALA M 206 -55.24 -54.34 46.43
N GLU M 207 -56.42 -54.30 45.80
CA GLU M 207 -56.66 -54.94 44.50
C GLU M 207 -55.82 -54.35 43.41
N ARG M 208 -55.39 -53.06 43.57
CA ARG M 208 -54.38 -52.49 42.68
C ARG M 208 -53.08 -53.28 42.56
N GLU M 209 -52.63 -53.99 43.62
CA GLU M 209 -51.50 -54.92 43.49
C GLU M 209 -51.75 -56.03 42.47
N ILE M 210 -52.98 -56.62 42.47
CA ILE M 210 -53.39 -57.60 41.49
C ILE M 210 -53.34 -57.06 40.08
N VAL M 211 -53.75 -55.79 39.88
CA VAL M 211 -53.63 -55.05 38.63
C VAL M 211 -52.18 -54.99 38.19
N ARG M 212 -51.24 -54.68 39.11
CA ARG M 212 -49.83 -54.64 38.89
C ARG M 212 -49.29 -55.98 38.40
N ASP M 213 -49.83 -57.09 38.92
CA ASP M 213 -49.44 -58.41 38.48
C ASP M 213 -49.92 -58.67 37.04
N ILE M 214 -51.12 -58.19 36.65
CA ILE M 214 -51.55 -58.27 35.27
C ILE M 214 -50.80 -57.28 34.35
N LYS M 215 -50.21 -56.21 34.92
CA LYS M 215 -49.36 -55.28 34.19
C LYS M 215 -48.01 -55.89 33.86
N GLU M 216 -47.46 -56.70 34.77
CA GLU M 216 -46.27 -57.50 34.57
C GLU M 216 -46.46 -58.55 33.48
N LYS M 217 -47.29 -59.55 33.77
CA LYS M 217 -47.42 -60.77 33.00
C LYS M 217 -48.20 -60.64 31.71
N LEU M 218 -49.42 -60.08 31.70
CA LEU M 218 -50.26 -60.18 30.51
C LEU M 218 -50.12 -59.10 29.47
N CYS M 219 -49.54 -57.94 29.77
CA CYS M 219 -49.37 -56.86 28.78
C CYS M 219 -48.38 -57.16 27.66
N TYR M 220 -48.58 -56.55 26.48
CA TYR M 220 -47.66 -56.66 25.37
C TYR M 220 -47.70 -55.35 24.61
N VAL M 221 -46.86 -55.12 23.60
CA VAL M 221 -46.86 -53.86 22.87
C VAL M 221 -47.01 -54.12 21.39
N ALA M 222 -47.67 -53.22 20.68
CA ALA M 222 -47.84 -53.25 19.25
C ALA M 222 -46.55 -52.90 18.51
N LEU M 223 -46.44 -53.18 17.23
CA LEU M 223 -45.36 -52.73 16.39
C LEU M 223 -45.76 -51.39 15.79
N ASP M 224 -47.03 -51.29 15.40
CA ASP M 224 -47.67 -50.08 14.96
C ASP M 224 -49.08 -50.09 15.52
N PHE M 225 -49.50 -49.03 16.23
CA PHE M 225 -50.80 -48.90 16.85
C PHE M 225 -51.95 -49.13 15.88
N GLU M 226 -52.01 -48.32 14.82
CA GLU M 226 -53.04 -48.35 13.78
C GLU M 226 -53.24 -49.72 13.17
N ASN M 227 -52.15 -50.49 12.96
CA ASN M 227 -52.25 -51.81 12.39
C ASN M 227 -52.60 -52.86 13.42
N GLU M 228 -52.20 -52.69 14.70
CA GLU M 228 -52.66 -53.60 15.75
C GLU M 228 -54.13 -53.42 16.05
N MET M 229 -54.63 -52.18 15.92
CA MET M 229 -56.05 -51.85 16.04
C MET M 229 -56.87 -52.50 14.94
N ALA M 230 -56.31 -52.56 13.72
CA ALA M 230 -56.86 -53.29 12.62
C ALA M 230 -57.01 -54.78 12.93
N THR M 231 -55.92 -55.43 13.39
CA THR M 231 -55.97 -56.86 13.70
C THR M 231 -56.77 -57.16 14.95
N ALA M 232 -56.97 -56.18 15.85
CA ALA M 232 -57.89 -56.26 16.97
C ALA M 232 -59.34 -56.41 16.57
N ALA M 233 -59.74 -55.79 15.46
CA ALA M 233 -61.07 -55.89 14.91
C ALA M 233 -61.38 -57.28 14.38
N SER M 234 -60.33 -58.03 14.00
CA SER M 234 -60.42 -59.42 13.62
C SER M 234 -60.71 -60.34 14.79
N SER M 235 -61.15 -61.56 14.51
CA SER M 235 -61.62 -62.50 15.49
C SER M 235 -60.53 -63.29 16.13
N SER M 236 -59.28 -63.10 15.72
CA SER M 236 -58.09 -63.70 16.24
C SER M 236 -57.86 -63.50 17.71
N SER M 237 -57.21 -64.40 18.38
CA SER M 237 -57.09 -64.44 19.79
C SER M 237 -56.04 -63.56 20.38
N LEU M 238 -56.30 -62.30 20.50
CA LEU M 238 -55.56 -61.39 21.30
C LEU M 238 -55.94 -61.54 22.75
N GLU M 239 -57.16 -62.05 23.00
CA GLU M 239 -57.72 -62.34 24.29
C GLU M 239 -56.96 -63.43 25.03
N LYS M 240 -56.38 -63.09 26.19
CA LYS M 240 -55.72 -64.03 27.06
C LYS M 240 -56.46 -64.13 28.36
N SER M 241 -56.65 -65.36 28.87
CA SER M 241 -57.44 -65.60 30.08
C SER M 241 -56.55 -65.68 31.30
N TYR M 242 -56.68 -64.73 32.23
CA TYR M 242 -55.96 -64.72 33.50
C TYR M 242 -56.86 -65.32 34.57
N GLU M 243 -56.29 -65.92 35.62
CA GLU M 243 -57.08 -66.45 36.72
C GLU M 243 -56.80 -65.60 37.95
N LEU M 244 -57.84 -65.30 38.74
CA LEU M 244 -57.79 -64.33 39.81
C LEU M 244 -57.80 -65.08 41.15
N PRO M 245 -57.33 -64.55 42.28
CA PRO M 245 -57.22 -65.31 43.51
C PRO M 245 -58.50 -65.86 44.08
N ASP M 246 -59.66 -65.30 43.73
CA ASP M 246 -60.93 -65.84 44.12
C ASP M 246 -61.52 -66.70 43.05
N GLY M 247 -60.96 -67.11 42.08
CA GLY M 247 -61.38 -68.04 41.06
C GLY M 247 -61.90 -67.41 39.83
N GLN M 248 -61.93 -66.21 39.60
CA GLN M 248 -62.53 -65.52 38.48
C GLN M 248 -61.58 -65.56 37.30
N VAL M 249 -62.14 -65.64 36.08
CA VAL M 249 -61.37 -65.69 34.85
C VAL M 249 -61.56 -64.41 34.08
N ILE M 250 -60.46 -63.67 33.84
CA ILE M 250 -60.49 -62.37 33.22
C ILE M 250 -59.92 -62.51 31.82
N THR M 251 -60.66 -62.05 30.81
CA THR M 251 -60.24 -62.08 29.41
C THR M 251 -60.02 -60.68 28.88
N ILE M 252 -58.76 -60.23 28.77
CA ILE M 252 -58.43 -58.94 28.19
C ILE M 252 -57.74 -59.12 26.85
N GLY M 253 -58.10 -58.28 25.85
CA GLY M 253 -57.55 -58.35 24.50
C GLY M 253 -57.01 -57.05 23.97
N ASN M 254 -57.86 -56.15 23.50
CA ASN M 254 -57.47 -54.86 22.93
C ASN M 254 -56.69 -53.99 23.89
N GLU M 255 -57.24 -53.84 25.10
CA GLU M 255 -56.64 -53.09 26.18
C GLU M 255 -55.24 -53.55 26.60
N ARG M 256 -54.94 -54.86 26.37
CA ARG M 256 -53.67 -55.52 26.54
C ARG M 256 -52.48 -54.96 25.85
N PHE M 257 -52.67 -54.50 24.56
CA PHE M 257 -51.65 -53.74 23.90
C PHE M 257 -51.84 -52.22 23.99
N ARG M 258 -53.06 -51.79 24.38
CA ARG M 258 -53.37 -50.40 24.50
C ARG M 258 -52.62 -49.71 25.63
N CYS M 259 -52.64 -50.29 26.83
CA CYS M 259 -51.92 -49.71 27.95
C CYS M 259 -50.42 -49.41 27.74
N PRO M 260 -49.49 -50.26 27.28
CA PRO M 260 -48.11 -49.86 27.12
C PRO M 260 -47.85 -48.82 26.07
N GLU M 261 -48.69 -48.76 25.01
CA GLU M 261 -48.61 -47.79 23.94
C GLU M 261 -48.63 -46.36 24.42
N THR M 262 -49.24 -46.10 25.60
CA THR M 262 -49.17 -44.85 26.36
C THR M 262 -47.78 -44.22 26.46
N LEU M 263 -46.70 -45.02 26.48
CA LEU M 263 -45.33 -44.53 26.50
C LEU M 263 -44.94 -43.80 25.22
N PHE M 264 -45.55 -44.18 24.09
CA PHE M 264 -45.46 -43.47 22.84
C PHE M 264 -46.57 -42.47 22.63
N GLN M 265 -47.71 -42.58 23.27
CA GLN M 265 -48.80 -41.63 23.20
C GLN M 265 -49.38 -41.26 24.56
N PRO M 266 -48.88 -40.23 25.25
CA PRO M 266 -49.43 -39.80 26.53
C PRO M 266 -50.79 -39.16 26.41
N SER M 267 -51.28 -38.94 25.18
CA SER M 267 -52.63 -38.54 24.87
C SER M 267 -53.66 -39.53 25.36
N PHE M 268 -53.29 -40.83 25.46
CA PHE M 268 -54.16 -41.85 26.02
C PHE M 268 -54.50 -41.58 27.47
N ILE M 269 -53.52 -41.18 28.29
CA ILE M 269 -53.75 -40.77 29.66
C ILE M 269 -54.30 -39.37 29.72
N GLY M 270 -54.00 -38.54 28.73
CA GLY M 270 -54.44 -37.18 28.60
C GLY M 270 -53.48 -36.17 29.14
N MET M 271 -52.23 -36.50 29.36
CA MET M 271 -51.22 -35.56 29.79
C MET M 271 -50.60 -34.84 28.62
N GLU M 272 -50.18 -33.58 28.82
CA GLU M 272 -49.75 -32.69 27.76
C GLU M 272 -48.40 -33.05 27.18
N SER M 273 -47.51 -33.59 28.00
CA SER M 273 -46.20 -34.09 27.64
C SER M 273 -46.14 -35.05 26.48
N ALA M 274 -44.99 -35.13 25.80
CA ALA M 274 -44.80 -35.93 24.60
C ALA M 274 -44.09 -37.24 24.92
N GLY M 275 -44.22 -38.25 24.03
CA GLY M 275 -43.73 -39.61 24.27
C GLY M 275 -42.23 -39.75 24.37
N ILE M 276 -41.75 -40.91 24.85
CA ILE M 276 -40.33 -41.23 24.95
C ILE M 276 -39.57 -41.07 23.65
N HIS M 277 -40.19 -41.51 22.53
CA HIS M 277 -39.91 -41.08 21.16
C HIS M 277 -39.43 -39.64 21.00
N GLU M 278 -40.28 -38.68 21.39
CA GLU M 278 -40.02 -37.28 21.17
C GLU M 278 -39.12 -36.68 22.23
N THR M 279 -39.16 -37.17 23.50
CA THR M 279 -38.26 -36.64 24.51
C THR M 279 -36.83 -37.06 24.28
N THR M 280 -36.64 -38.23 23.66
CA THR M 280 -35.34 -38.69 23.20
C THR M 280 -34.79 -37.75 22.15
N TYR M 281 -35.55 -37.50 21.07
CA TYR M 281 -35.14 -36.58 20.04
C TYR M 281 -34.89 -35.16 20.57
N ASN M 282 -35.83 -34.59 21.34
CA ASN M 282 -35.70 -33.24 21.85
C ASN M 282 -34.58 -33.04 22.86
N SER M 283 -34.14 -34.09 23.57
CA SER M 283 -32.97 -34.01 24.44
C SER M 283 -31.69 -34.13 23.67
N ILE M 284 -31.66 -34.98 22.62
CA ILE M 284 -30.53 -35.13 21.73
C ILE M 284 -30.30 -33.84 20.97
N MET M 285 -31.36 -33.23 20.41
CA MET M 285 -31.25 -31.95 19.76
C MET M 285 -31.20 -30.76 20.72
N LYS M 286 -30.86 -30.98 22.00
CA LYS M 286 -30.40 -29.94 22.88
C LYS M 286 -28.94 -30.15 23.19
N CYS M 287 -28.31 -31.20 22.73
CA CYS M 287 -26.90 -31.44 22.83
C CYS M 287 -26.14 -30.93 21.62
N ASP M 288 -24.87 -30.54 21.83
CA ASP M 288 -23.96 -30.04 20.82
C ASP M 288 -23.77 -30.97 19.63
N ILE M 289 -23.58 -30.39 18.43
CA ILE M 289 -23.61 -31.04 17.12
C ILE M 289 -22.75 -32.28 17.01
N ASP M 290 -21.48 -32.21 17.46
CA ASP M 290 -20.56 -33.31 17.36
C ASP M 290 -20.96 -34.50 18.22
N ILE M 291 -21.54 -34.24 19.41
CA ILE M 291 -21.78 -35.29 20.36
C ILE M 291 -22.97 -36.15 19.97
N ARG M 292 -23.91 -35.59 19.16
CA ARG M 292 -25.12 -36.27 18.76
C ARG M 292 -24.89 -37.60 18.04
N LYS M 293 -23.79 -37.68 17.28
CA LYS M 293 -23.30 -38.87 16.60
C LYS M 293 -23.16 -40.10 17.47
N ASP M 294 -22.75 -39.92 18.75
CA ASP M 294 -22.49 -41.05 19.60
C ASP M 294 -23.56 -41.18 20.66
N LEU M 295 -24.52 -40.24 20.72
CA LEU M 295 -25.71 -40.43 21.52
C LEU M 295 -26.64 -41.40 20.82
N TYR M 296 -26.75 -41.30 19.48
CA TYR M 296 -27.32 -42.36 18.67
C TYR M 296 -26.45 -43.61 18.71
N ALA M 297 -27.08 -44.75 19.01
CA ALA M 297 -26.49 -46.08 19.08
C ALA M 297 -25.90 -46.38 20.43
N ASN M 298 -26.18 -45.53 21.42
CA ASN M 298 -25.87 -45.75 22.82
C ASN M 298 -27.10 -45.32 23.59
N ASN M 299 -28.28 -45.55 23.00
CA ASN M 299 -29.57 -45.40 23.64
C ASN M 299 -29.79 -46.59 24.57
N VAL M 300 -29.65 -46.41 25.88
CA VAL M 300 -29.70 -47.48 26.87
C VAL M 300 -30.93 -47.49 27.77
N MET M 301 -31.78 -48.55 27.67
CA MET M 301 -32.97 -48.63 28.50
C MET M 301 -32.61 -49.25 29.84
N SER M 302 -33.44 -49.02 30.88
CA SER M 302 -33.23 -49.58 32.19
C SER M 302 -34.56 -49.58 32.94
N GLY M 303 -34.58 -50.03 34.20
CA GLY M 303 -35.75 -50.12 35.07
C GLY M 303 -36.68 -51.26 34.75
N GLY M 304 -37.58 -51.59 35.63
CA GLY M 304 -38.56 -52.68 35.49
C GLY M 304 -39.69 -52.44 34.54
N THR M 305 -40.09 -51.19 34.31
CA THR M 305 -41.24 -50.91 33.43
C THR M 305 -40.84 -50.90 31.98
N THR M 306 -39.54 -51.04 31.66
CA THR M 306 -39.13 -51.24 30.28
C THR M 306 -39.14 -52.70 29.89
N MET M 307 -39.64 -53.60 30.75
CA MET M 307 -39.69 -55.02 30.45
C MET M 307 -40.93 -55.47 29.68
N TYR M 308 -41.75 -54.54 29.15
CA TYR M 308 -42.80 -54.90 28.21
C TYR M 308 -42.24 -55.53 26.93
N PRO M 309 -42.76 -56.61 26.37
CA PRO M 309 -42.18 -57.24 25.19
C PRO M 309 -41.96 -56.45 23.95
N GLY M 310 -42.61 -55.63 23.38
CA GLY M 310 -42.45 -54.93 22.13
C GLY M 310 -41.52 -53.75 22.15
N ILE M 311 -41.08 -53.32 23.33
CA ILE M 311 -39.98 -52.38 23.42
C ILE M 311 -38.76 -53.25 23.65
N ALA M 312 -37.64 -53.01 22.98
CA ALA M 312 -37.24 -51.78 22.33
C ALA M 312 -37.45 -51.72 20.82
N ASP M 313 -38.06 -52.72 20.15
CA ASP M 313 -38.02 -52.66 18.69
C ASP M 313 -39.15 -51.80 18.12
N ARG M 314 -40.17 -51.50 18.95
CA ARG M 314 -41.07 -50.38 18.77
C ARG M 314 -40.34 -49.07 18.90
N MET M 315 -39.67 -48.84 20.04
CA MET M 315 -38.80 -47.69 20.28
C MET M 315 -37.79 -47.42 19.18
N GLN M 316 -37.16 -48.49 18.67
CA GLN M 316 -36.24 -48.47 17.55
C GLN M 316 -36.92 -47.95 16.31
N LYS M 317 -37.93 -48.66 15.77
CA LYS M 317 -38.65 -48.20 14.58
C LYS M 317 -39.21 -46.76 14.64
N GLU M 318 -39.71 -46.33 15.81
CA GLU M 318 -40.23 -44.99 16.01
C GLU M 318 -39.14 -43.94 16.04
N ILE M 319 -38.01 -44.20 16.74
CA ILE M 319 -36.89 -43.26 16.80
C ILE M 319 -36.28 -43.15 15.43
N THR M 320 -36.06 -44.28 14.74
CA THR M 320 -35.52 -44.33 13.38
C THR M 320 -36.33 -43.52 12.38
N ALA M 321 -37.64 -43.34 12.61
CA ALA M 321 -38.47 -42.50 11.78
C ALA M 321 -38.28 -41.00 12.00
N LEU M 322 -37.94 -40.57 13.22
CA LEU M 322 -37.78 -39.16 13.55
C LEU M 322 -36.32 -38.73 13.46
N ALA M 323 -35.39 -39.63 13.79
CA ALA M 323 -33.96 -39.45 13.73
C ALA M 323 -33.44 -39.17 12.31
N PRO M 324 -32.33 -38.46 12.12
CA PRO M 324 -31.69 -38.28 10.81
C PRO M 324 -31.46 -39.54 10.00
N SER M 325 -31.59 -39.46 8.68
CA SER M 325 -31.38 -40.57 7.77
C SER M 325 -29.94 -41.04 7.71
N THR M 326 -29.71 -42.34 7.50
CA THR M 326 -28.43 -43.01 7.33
C THR M 326 -27.58 -43.05 8.56
N MET M 327 -28.05 -42.72 9.68
CA MET M 327 -27.41 -42.77 10.97
C MET M 327 -27.72 -44.07 11.64
N LYS M 328 -26.73 -44.78 12.14
CA LYS M 328 -26.92 -46.04 12.78
C LYS M 328 -27.50 -45.95 14.17
N ILE M 329 -28.54 -46.65 14.46
CA ILE M 329 -29.22 -46.58 15.72
C ILE M 329 -29.30 -47.97 16.28
N LYS M 330 -28.80 -48.17 17.47
CA LYS M 330 -28.92 -49.37 18.23
C LYS M 330 -29.45 -49.00 19.58
N ILE M 331 -30.34 -49.81 20.14
CA ILE M 331 -30.97 -49.54 21.41
C ILE M 331 -30.56 -50.61 22.37
N ILE M 332 -29.81 -50.40 23.32
CA ILE M 332 -29.19 -51.35 24.21
C ILE M 332 -30.16 -51.66 25.32
N ALA M 333 -30.63 -52.90 25.38
CA ALA M 333 -31.59 -53.32 26.37
C ALA M 333 -31.28 -54.71 26.85
N PRO M 334 -30.47 -54.92 27.84
CA PRO M 334 -30.14 -56.24 28.31
C PRO M 334 -31.28 -56.87 29.05
N PRO M 335 -31.43 -58.15 29.23
CA PRO M 335 -32.19 -58.75 30.32
C PRO M 335 -31.91 -58.20 31.68
N GLU M 336 -32.51 -58.35 32.62
CA GLU M 336 -32.34 -58.03 34.01
C GLU M 336 -32.46 -56.59 34.40
N ARG M 337 -33.05 -55.74 33.54
CA ARG M 337 -33.05 -54.30 33.73
C ARG M 337 -33.55 -53.78 35.07
N LYS M 338 -34.44 -54.52 35.75
CA LYS M 338 -34.90 -54.24 37.11
C LYS M 338 -33.78 -54.21 38.13
N TYR M 339 -32.67 -54.92 37.88
CA TYR M 339 -31.57 -54.96 38.82
C TYR M 339 -30.37 -54.24 38.26
N SER M 340 -30.52 -53.54 37.11
CA SER M 340 -29.45 -52.78 36.45
C SER M 340 -28.77 -51.82 37.39
N VAL M 341 -29.58 -50.92 37.97
CA VAL M 341 -29.19 -49.95 38.98
C VAL M 341 -28.37 -50.55 40.10
N TRP M 342 -28.83 -51.70 40.65
CA TRP M 342 -28.18 -52.36 41.75
C TRP M 342 -26.80 -52.92 41.37
N ILE M 343 -26.69 -53.56 40.18
CA ILE M 343 -25.40 -54.04 39.67
C ILE M 343 -24.43 -52.91 39.36
N GLY M 344 -24.96 -51.70 39.10
CA GLY M 344 -24.22 -50.45 39.00
C GLY M 344 -23.61 -50.10 40.31
N GLY M 345 -24.46 -49.94 41.34
CA GLY M 345 -24.08 -49.58 42.69
C GLY M 345 -23.03 -50.49 43.26
N SER M 346 -23.18 -51.81 43.04
CA SER M 346 -22.20 -52.82 43.45
C SER M 346 -20.81 -52.57 42.90
N ILE M 347 -20.71 -52.26 41.59
CA ILE M 347 -19.45 -51.91 40.95
C ILE M 347 -18.88 -50.62 41.49
N LEU M 348 -19.73 -49.63 41.81
CA LEU M 348 -19.30 -48.30 42.21
C LEU M 348 -18.63 -48.33 43.56
N ALA M 349 -19.35 -48.71 44.61
CA ALA M 349 -18.88 -48.72 45.98
C ALA M 349 -17.73 -49.69 46.22
N SER M 350 -17.51 -50.65 45.32
CA SER M 350 -16.38 -51.55 45.42
C SER M 350 -15.12 -50.94 44.88
N LEU M 351 -15.19 -50.03 43.89
CA LEU M 351 -14.02 -49.37 43.34
C LEU M 351 -13.27 -48.46 44.30
N SER M 352 -11.97 -48.71 44.46
CA SER M 352 -11.02 -47.69 44.87
C SER M 352 -10.83 -46.69 43.74
N THR M 353 -10.63 -45.41 43.98
CA THR M 353 -10.44 -44.74 45.26
C THR M 353 -11.69 -44.07 45.73
N PHE M 354 -12.84 -44.32 45.06
CA PHE M 354 -14.09 -43.63 45.32
C PHE M 354 -14.72 -43.85 46.70
N GLN M 355 -14.04 -44.57 47.60
CA GLN M 355 -14.22 -44.56 49.03
C GLN M 355 -14.10 -43.17 49.60
N GLN M 356 -13.24 -42.34 48.99
CA GLN M 356 -13.05 -40.98 49.42
C GLN M 356 -13.97 -40.03 48.70
N MET M 357 -15.03 -40.52 48.02
CA MET M 357 -16.12 -39.68 47.60
C MET M 357 -17.34 -39.98 48.43
N TRP M 358 -17.18 -40.71 49.54
CA TRP M 358 -18.24 -40.90 50.51
C TRP M 358 -18.17 -39.77 51.52
N ILE M 359 -19.33 -39.31 52.00
CA ILE M 359 -19.45 -38.36 53.08
C ILE M 359 -19.24 -39.11 54.38
N THR M 360 -18.28 -38.71 55.22
CA THR M 360 -17.98 -39.40 56.46
C THR M 360 -18.57 -38.68 57.65
N LYS M 361 -18.97 -39.45 58.68
CA LYS M 361 -19.70 -38.96 59.84
C LYS M 361 -19.04 -37.80 60.58
N GLN M 362 -17.71 -37.85 60.78
CA GLN M 362 -16.97 -36.80 61.45
C GLN M 362 -17.03 -35.47 60.72
N GLU M 363 -16.90 -35.47 59.39
CA GLU M 363 -17.01 -34.26 58.60
C GLU M 363 -18.45 -33.79 58.51
N TYR M 364 -19.41 -34.73 58.39
CA TYR M 364 -20.84 -34.46 58.42
C TYR M 364 -21.31 -33.79 59.70
N ASP M 365 -20.73 -34.18 60.86
CA ASP M 365 -21.03 -33.58 62.14
C ASP M 365 -20.78 -32.08 62.16
N GLU M 366 -19.70 -31.64 61.49
CA GLU M 366 -19.41 -30.25 61.35
C GLU M 366 -20.25 -29.58 60.26
N ALA M 367 -20.40 -30.22 59.10
CA ALA M 367 -21.01 -29.64 57.93
C ALA M 367 -22.51 -29.63 57.82
N GLY M 368 -23.20 -30.68 58.29
CA GLY M 368 -24.64 -30.78 58.18
C GLY M 368 -25.15 -30.90 56.75
N PRO M 369 -26.27 -30.43 56.37
CA PRO M 369 -26.85 -30.61 55.04
C PRO M 369 -26.15 -29.88 53.94
N SER M 370 -25.31 -28.91 54.24
CA SER M 370 -24.54 -28.21 53.26
C SER M 370 -23.57 -29.06 52.54
N ILE M 371 -23.23 -28.87 51.53
CA ILE M 371 -22.27 -29.51 50.69
C ILE M 371 -22.61 -30.81 50.15
N VAL M 372 -23.65 -31.45 50.54
CA VAL M 372 -24.16 -32.67 50.11
C VAL M 372 -24.60 -32.54 48.79
N HIS M 373 -25.20 -31.51 48.52
CA HIS M 373 -25.66 -31.23 47.33
C HIS M 373 -24.85 -30.31 46.86
N THR N 7 -93.38 -37.73 15.14
CA THR N 7 -92.95 -36.67 15.28
C THR N 7 -92.09 -36.33 16.45
N THR N 8 -92.67 -35.85 17.53
CA THR N 8 -91.99 -35.36 18.68
C THR N 8 -91.11 -36.34 19.40
N ALA N 9 -89.88 -35.92 19.74
CA ALA N 9 -88.93 -36.68 20.50
C ALA N 9 -89.35 -36.97 21.93
N LEU N 10 -88.88 -38.11 22.48
CA LEU N 10 -89.29 -38.56 23.80
C LEU N 10 -88.07 -38.66 24.70
N VAL N 11 -88.06 -37.95 25.84
CA VAL N 11 -87.02 -38.05 26.84
C VAL N 11 -87.38 -39.04 27.94
N CYS N 12 -86.62 -40.14 27.96
CA CYS N 12 -86.78 -41.27 28.83
C CYS N 12 -85.47 -41.41 29.54
N ASP N 13 -85.47 -41.22 30.86
CA ASP N 13 -84.27 -41.25 31.65
C ASP N 13 -84.29 -42.58 32.37
N ASN N 14 -83.24 -43.37 32.08
CA ASN N 14 -82.91 -44.62 32.70
C ASN N 14 -82.35 -44.38 34.08
N GLY N 15 -83.21 -43.91 34.98
CA GLY N 15 -82.97 -43.94 36.41
C GLY N 15 -82.71 -45.30 36.92
N SER N 16 -82.03 -45.36 38.05
CA SER N 16 -81.86 -46.56 38.81
C SER N 16 -82.82 -46.62 39.94
N GLY N 17 -83.57 -45.52 40.16
CA GLY N 17 -84.60 -45.36 41.14
C GLY N 17 -85.91 -46.01 40.77
N LEU N 18 -86.97 -45.38 40.22
CA LEU N 18 -87.22 -44.07 39.67
C LEU N 18 -86.77 -43.89 38.23
N VAL N 19 -87.31 -44.72 37.32
CA VAL N 19 -87.23 -44.44 35.89
C VAL N 19 -88.17 -43.30 35.57
N LYS N 20 -87.73 -42.33 34.74
CA LYS N 20 -88.47 -41.12 34.44
C LYS N 20 -88.76 -41.05 32.95
N ALA N 21 -89.99 -40.72 32.52
CA ALA N 21 -90.34 -40.64 31.11
C ALA N 21 -91.28 -39.48 30.77
N GLY N 22 -91.03 -38.76 29.66
CA GLY N 22 -91.90 -37.66 29.28
C GLY N 22 -91.50 -37.09 27.95
N PHE N 23 -92.47 -36.58 27.15
CA PHE N 23 -92.17 -36.07 25.81
C PHE N 23 -91.30 -34.82 25.88
N ALA N 24 -90.78 -34.32 24.73
CA ALA N 24 -89.89 -33.17 24.72
C ALA N 24 -90.52 -31.86 25.16
N GLY N 25 -90.29 -31.46 26.39
CA GLY N 25 -90.80 -30.28 27.05
C GLY N 25 -92.22 -30.15 27.26
N ASP N 26 -92.67 -29.12 27.95
CA ASP N 26 -91.97 -28.02 28.48
C ASP N 26 -92.14 -27.93 29.96
N ASP N 27 -92.85 -28.85 30.55
CA ASP N 27 -93.25 -28.84 31.91
C ASP N 27 -92.71 -29.97 32.72
N ALA N 28 -92.99 -30.98 33.02
CA ALA N 28 -92.60 -32.04 33.92
C ALA N 28 -92.72 -33.43 33.29
N PRO N 29 -92.11 -34.49 33.78
CA PRO N 29 -92.25 -35.84 33.24
C PRO N 29 -93.67 -36.36 33.28
N ARG N 30 -94.07 -37.17 32.32
CA ARG N 30 -95.39 -37.77 32.26
C ARG N 30 -95.50 -39.01 33.12
N ALA N 31 -94.43 -39.80 33.25
CA ALA N 31 -94.44 -41.05 33.97
C ALA N 31 -93.22 -41.18 34.85
N VAL N 32 -93.43 -41.51 36.14
CA VAL N 32 -92.37 -41.77 37.09
C VAL N 32 -92.78 -43.03 37.81
N PHE N 33 -91.88 -44.02 38.00
CA PHE N 33 -92.28 -45.24 38.67
C PHE N 33 -91.10 -45.96 39.30
N PRO N 34 -91.27 -46.78 40.34
CA PRO N 34 -90.16 -47.24 41.16
C PRO N 34 -89.41 -48.42 40.63
N SER N 35 -89.54 -48.77 39.34
CA SER N 35 -88.76 -49.73 38.58
C SER N 35 -88.90 -51.21 38.91
N ILE N 36 -89.36 -51.57 40.12
CA ILE N 36 -89.60 -52.93 40.59
C ILE N 36 -90.37 -53.84 39.64
N VAL N 37 -89.86 -55.07 39.42
CA VAL N 37 -90.62 -56.17 38.84
C VAL N 37 -90.78 -57.22 39.91
N GLY N 38 -91.96 -57.87 40.03
CA GLY N 38 -92.21 -58.83 41.10
C GLY N 38 -93.07 -59.99 40.68
N ARG N 39 -92.55 -61.22 40.82
CA ARG N 39 -93.32 -62.43 40.56
C ARG N 39 -94.12 -62.79 41.83
N PRO N 40 -95.25 -63.49 41.77
CA PRO N 40 -96.07 -63.76 42.94
C PRO N 40 -95.55 -64.89 43.81
N ARG N 41 -95.17 -64.58 45.05
CA ARG N 41 -94.51 -65.52 45.94
C ARG N 41 -95.43 -66.43 46.70
N HIS N 42 -96.71 -66.27 46.72
CA HIS N 42 -97.66 -67.11 47.43
C HIS N 42 -98.58 -67.80 46.46
N GLN N 43 -99.26 -68.87 46.88
CA GLN N 43 -100.22 -69.60 46.07
C GLN N 43 -101.58 -69.06 46.09
N GLY N 44 -102.19 -68.94 44.92
CA GLY N 44 -103.47 -68.38 44.73
C GLY N 44 -104.48 -68.91 44.96
N VAL N 45 -104.88 -68.85 45.79
CA VAL N 45 -105.76 -69.42 46.11
C VAL N 45 -107.14 -69.03 45.66
N MET N 46 -107.48 -68.16 45.29
CA MET N 46 -108.78 -67.77 44.81
C MET N 46 -108.99 -68.02 43.48
N VAL N 47 -107.93 -68.22 42.80
CA VAL N 47 -107.85 -68.77 41.62
C VAL N 47 -108.47 -68.00 40.68
N GLY N 48 -109.16 -67.09 40.55
CA GLY N 48 -109.71 -66.18 39.74
C GLY N 48 -109.89 -66.43 38.43
N MET N 49 -108.98 -66.32 37.60
CA MET N 49 -107.74 -66.01 37.78
C MET N 49 -107.30 -64.67 37.36
N GLY N 50 -106.66 -64.54 36.25
CA GLY N 50 -106.36 -63.30 35.66
C GLY N 50 -105.18 -62.58 36.17
N GLN N 51 -104.39 -63.19 36.96
CA GLN N 51 -103.26 -62.58 37.57
C GLN N 51 -102.08 -62.51 36.62
N LYS N 52 -101.26 -61.46 36.68
CA LYS N 52 -100.11 -61.28 35.82
C LYS N 52 -98.92 -62.08 36.29
N ASP N 53 -98.05 -62.51 35.34
CA ASP N 53 -96.84 -63.27 35.62
C ASP N 53 -95.85 -62.44 36.42
N SER N 54 -95.71 -61.16 36.08
CA SER N 54 -94.96 -60.21 36.85
C SER N 54 -95.61 -58.86 36.78
N TYR N 55 -95.88 -58.26 37.95
CA TYR N 55 -96.41 -56.93 38.08
C TYR N 55 -95.24 -55.96 38.11
N VAL N 56 -95.29 -54.90 37.29
CA VAL N 56 -94.33 -53.81 37.40
C VAL N 56 -94.85 -52.77 38.38
N GLY N 57 -94.06 -51.76 38.77
CA GLY N 57 -94.57 -50.58 39.45
C GLY N 57 -95.45 -49.74 38.55
N ASP N 58 -96.46 -49.02 39.05
CA ASP N 58 -96.88 -48.80 40.41
C ASP N 58 -97.69 -49.96 40.98
N GLU N 59 -98.32 -50.82 40.17
CA GLU N 59 -99.16 -51.90 40.66
C GLU N 59 -98.48 -52.88 41.61
N ALA N 60 -97.15 -53.05 41.50
CA ALA N 60 -96.34 -53.82 42.41
C ALA N 60 -96.04 -53.13 43.75
N GLN N 61 -96.55 -51.91 43.95
CA GLN N 61 -96.41 -51.17 45.20
C GLN N 61 -97.78 -51.08 45.84
N SER N 62 -98.80 -51.55 45.11
CA SER N 62 -100.14 -51.77 45.63
C SER N 62 -100.33 -53.24 45.94
N LYS N 63 -99.39 -54.08 45.57
CA LYS N 63 -99.42 -55.51 45.75
C LYS N 63 -98.22 -55.99 46.52
N ARG N 64 -97.69 -55.18 47.46
CA ARG N 64 -96.67 -55.64 48.36
C ARG N 64 -97.12 -56.82 49.23
N GLY N 65 -96.21 -57.76 49.48
CA GLY N 65 -96.45 -58.89 50.36
C GLY N 65 -96.98 -60.10 49.64
N ILE N 66 -97.41 -59.97 48.39
CA ILE N 66 -97.80 -61.11 47.58
C ILE N 66 -96.81 -61.32 46.47
N LEU N 67 -95.78 -60.47 46.37
CA LEU N 67 -94.76 -60.56 45.35
C LEU N 67 -93.39 -60.49 45.99
N THR N 68 -92.33 -60.73 45.21
CA THR N 68 -90.95 -60.53 45.63
C THR N 68 -90.29 -59.53 44.72
N LEU N 69 -90.26 -58.27 45.15
CA LEU N 69 -89.76 -57.13 44.38
C LEU N 69 -88.29 -57.24 43.99
N LYS N 70 -87.99 -57.05 42.70
CA LYS N 70 -86.65 -57.08 42.17
C LYS N 70 -86.40 -55.86 41.31
N TYR N 71 -85.54 -54.92 41.78
CA TYR N 71 -85.14 -53.78 41.00
C TYR N 71 -84.32 -54.26 39.79
N PRO N 72 -84.55 -53.89 38.56
CA PRO N 72 -83.89 -54.52 37.43
C PRO N 72 -82.50 -54.00 37.14
N ILE N 73 -82.12 -52.84 37.68
CA ILE N 73 -80.80 -52.29 37.50
C ILE N 73 -80.10 -52.20 38.84
N GLU N 74 -79.04 -52.97 39.01
CA GLU N 74 -78.39 -53.12 40.30
C GLU N 74 -76.94 -52.83 40.12
N HIS N 75 -76.44 -51.82 40.84
CA HIS N 75 -75.11 -51.28 40.71
C HIS N 75 -74.77 -50.87 39.31
N GLY N 76 -75.78 -50.36 38.58
CA GLY N 76 -75.62 -49.86 37.24
C GLY N 76 -75.59 -50.93 36.19
N ILE N 77 -75.77 -52.19 36.57
CA ILE N 77 -75.83 -53.28 35.63
C ILE N 77 -77.23 -53.79 35.54
N ILE N 78 -77.75 -53.94 34.33
CA ILE N 78 -79.06 -54.47 34.06
C ILE N 78 -79.06 -55.97 34.32
N THR N 79 -80.03 -56.48 35.08
CA THR N 79 -80.07 -57.89 35.48
C THR N 79 -80.24 -58.86 34.34
N ASN N 80 -81.13 -58.56 33.40
CA ASN N 80 -81.32 -59.30 32.17
C ASN N 80 -82.20 -58.43 31.30
N TRP N 81 -82.09 -58.53 29.97
CA TRP N 81 -82.91 -57.69 29.12
C TRP N 81 -84.32 -58.23 28.93
N ASP N 82 -84.64 -59.42 29.46
CA ASP N 82 -85.99 -59.96 29.48
C ASP N 82 -86.94 -59.15 30.37
N ASP N 83 -86.45 -58.70 31.53
CA ASP N 83 -87.18 -57.87 32.44
C ASP N 83 -87.07 -56.42 31.98
N MET N 84 -85.90 -56.00 31.49
CA MET N 84 -85.69 -54.65 30.96
C MET N 84 -86.63 -54.32 29.80
N GLU N 85 -86.79 -55.23 28.82
CA GLU N 85 -87.72 -55.08 27.71
C GLU N 85 -89.16 -54.93 28.20
N LYS N 86 -89.53 -55.61 29.30
CA LYS N 86 -90.84 -55.49 29.90
C LYS N 86 -91.03 -54.14 30.60
N ILE N 87 -89.99 -53.60 31.27
CA ILE N 87 -89.94 -52.20 31.73
C ILE N 87 -90.24 -51.23 30.61
N TRP N 88 -89.50 -51.32 29.48
CA TRP N 88 -89.65 -50.48 28.31
C TRP N 88 -91.06 -50.56 27.74
N HIS N 89 -91.52 -51.79 27.41
CA HIS N 89 -92.87 -52.07 26.88
C HIS N 89 -93.96 -51.49 27.76
N HIS N 90 -93.89 -51.72 29.09
CA HIS N 90 -94.79 -51.16 30.08
C HIS N 90 -94.80 -49.65 30.04
N THR N 91 -93.62 -49.03 29.98
CA THR N 91 -93.47 -47.59 29.95
C THR N 91 -94.07 -46.97 28.71
N PHE N 92 -93.69 -47.41 27.50
CA PHE N 92 -94.23 -46.84 26.29
C PHE N 92 -95.71 -47.08 26.11
N TYR N 93 -96.16 -48.33 26.29
CA TYR N 93 -97.54 -48.68 26.07
C TYR N 93 -98.51 -48.35 27.18
N ASN N 94 -98.22 -48.75 28.43
CA ASN N 94 -99.21 -48.69 29.48
C ASN N 94 -99.00 -47.53 30.45
N GLU N 95 -98.07 -46.63 30.14
CA GLU N 95 -97.91 -45.37 30.82
C GLU N 95 -98.10 -44.30 29.79
N LEU N 96 -97.08 -44.03 28.97
CA LEU N 96 -97.05 -42.94 28.02
C LEU N 96 -98.13 -42.99 26.93
N ARG N 97 -98.53 -44.21 26.52
CA ARG N 97 -99.52 -44.47 25.47
C ARG N 97 -98.99 -44.05 24.11
N VAL N 98 -97.78 -44.46 23.76
CA VAL N 98 -97.14 -44.06 22.51
C VAL N 98 -96.45 -45.21 21.81
N ALA N 99 -96.50 -45.22 20.47
CA ALA N 99 -95.78 -46.15 19.63
C ALA N 99 -94.35 -45.69 19.38
N PRO N 100 -93.30 -46.49 19.59
CA PRO N 100 -91.92 -46.11 19.31
C PRO N 100 -91.61 -45.69 17.90
N GLU N 101 -92.36 -46.14 16.88
CA GLU N 101 -92.12 -45.73 15.51
C GLU N 101 -92.51 -44.28 15.28
N GLU N 102 -93.31 -43.68 16.16
CA GLU N 102 -93.69 -42.29 16.11
C GLU N 102 -92.67 -41.33 16.68
N HIS N 103 -91.70 -41.75 17.48
CA HIS N 103 -90.81 -40.83 18.15
C HIS N 103 -89.35 -41.21 18.01
N PRO N 104 -88.43 -40.35 17.61
CA PRO N 104 -87.03 -40.48 17.99
C PRO N 104 -86.82 -40.42 19.49
N THR N 105 -86.05 -41.34 20.08
CA THR N 105 -85.99 -41.41 21.54
C THR N 105 -84.66 -40.90 22.05
N LEU N 106 -84.58 -40.67 23.36
CA LEU N 106 -83.42 -40.20 24.06
C LEU N 106 -83.26 -41.08 25.27
N LEU N 107 -82.13 -41.78 25.41
CA LEU N 107 -81.90 -42.67 26.52
C LEU N 107 -80.73 -42.11 27.30
N THR N 108 -80.61 -42.45 28.60
CA THR N 108 -79.51 -42.00 29.41
C THR N 108 -78.67 -43.15 29.92
N GLU N 109 -77.41 -42.88 30.32
CA GLU N 109 -76.55 -43.90 30.90
C GLU N 109 -75.73 -43.28 32.01
N ALA N 110 -74.81 -44.04 32.63
CA ALA N 110 -73.87 -43.55 33.61
C ALA N 110 -72.57 -43.09 32.96
N PRO N 111 -71.77 -42.19 33.53
CA PRO N 111 -70.51 -41.74 32.93
C PRO N 111 -69.48 -42.83 32.77
N LEU N 112 -69.39 -43.76 33.72
CA LEU N 112 -68.45 -44.86 33.67
C LEU N 112 -69.25 -46.10 33.98
N ASN N 113 -69.35 -47.01 33.01
CA ASN N 113 -70.12 -48.21 33.16
C ASN N 113 -69.45 -49.24 32.25
N PRO N 114 -69.38 -50.51 32.55
CA PRO N 114 -68.69 -51.48 31.70
C PRO N 114 -69.26 -51.66 30.31
N LYS N 115 -68.38 -51.84 29.32
CA LYS N 115 -68.75 -52.27 28.00
C LYS N 115 -69.08 -53.74 28.11
N ALA N 116 -70.18 -54.25 27.55
CA ALA N 116 -71.01 -53.74 26.48
C ALA N 116 -72.41 -53.38 26.93
N ASN N 117 -72.58 -52.92 28.19
CA ASN N 117 -73.86 -52.49 28.72
C ASN N 117 -74.58 -51.38 27.98
N ARG N 118 -73.89 -50.51 27.23
CA ARG N 118 -74.59 -49.50 26.46
C ARG N 118 -74.86 -50.01 25.07
N GLU N 119 -73.95 -50.82 24.51
CA GLU N 119 -74.13 -51.48 23.23
C GLU N 119 -75.33 -52.41 23.28
N LYS N 120 -75.25 -53.53 24.03
CA LYS N 120 -76.35 -54.48 24.20
C LYS N 120 -77.74 -53.87 24.43
N MET N 121 -77.81 -52.80 25.25
CA MET N 121 -79.00 -51.99 25.45
C MET N 121 -79.47 -51.34 24.17
N THR N 122 -78.65 -50.46 23.58
CA THR N 122 -78.89 -49.73 22.34
C THR N 122 -79.32 -50.64 21.21
N GLN N 123 -78.66 -51.81 21.13
CA GLN N 123 -78.84 -52.80 20.09
C GLN N 123 -80.17 -53.51 20.25
N ILE N 124 -80.46 -54.03 21.46
CA ILE N 124 -81.75 -54.61 21.77
C ILE N 124 -82.89 -53.63 21.58
N MET N 125 -82.80 -52.37 22.06
CA MET N 125 -83.88 -51.40 21.87
C MET N 125 -84.14 -51.03 20.40
N PHE N 126 -83.09 -51.08 19.54
CA PHE N 126 -83.26 -50.82 18.13
C PHE N 126 -83.90 -51.99 17.43
N GLU N 127 -83.57 -53.24 17.81
CA GLU N 127 -84.11 -54.39 17.14
C GLU N 127 -85.47 -54.80 17.68
N THR N 128 -85.75 -54.57 18.98
CA THR N 128 -87.04 -54.89 19.57
C THR N 128 -88.08 -53.82 19.33
N PHE N 129 -87.79 -52.54 19.62
CA PHE N 129 -88.83 -51.52 19.59
C PHE N 129 -88.76 -50.69 18.33
N ASN N 130 -87.65 -50.75 17.57
CA ASN N 130 -87.56 -50.24 16.21
C ASN N 130 -87.80 -48.74 16.10
N VAL N 131 -87.25 -47.98 17.06
CA VAL N 131 -87.20 -46.52 17.04
C VAL N 131 -86.49 -45.96 15.82
N PRO N 132 -86.88 -44.82 15.24
CA PRO N 132 -86.31 -44.37 13.98
C PRO N 132 -84.98 -43.68 14.20
N ALA N 133 -84.75 -43.13 15.39
CA ALA N 133 -83.49 -42.53 15.75
C ALA N 133 -83.35 -42.52 17.27
N MET N 134 -82.11 -42.46 17.76
CA MET N 134 -81.83 -42.60 19.18
C MET N 134 -80.54 -41.88 19.54
N TYR N 135 -80.40 -41.42 20.79
CA TYR N 135 -79.14 -40.93 21.31
C TYR N 135 -79.06 -41.40 22.75
N VAL N 136 -77.84 -41.62 23.28
CA VAL N 136 -77.67 -42.05 24.66
C VAL N 136 -76.77 -41.03 25.32
N ALA N 137 -77.31 -40.25 26.27
CA ALA N 137 -76.57 -39.24 27.01
C ALA N 137 -76.21 -39.63 28.44
N ILE N 138 -75.02 -39.25 28.94
CA ILE N 138 -74.71 -39.48 30.35
C ILE N 138 -75.51 -38.50 31.22
N GLN N 139 -76.02 -38.94 32.39
CA GLN N 139 -76.96 -38.15 33.20
C GLN N 139 -76.35 -36.86 33.74
N ALA N 140 -75.02 -36.84 33.93
CA ALA N 140 -74.32 -35.71 34.46
C ALA N 140 -74.31 -34.53 33.51
N VAL N 141 -73.96 -34.73 32.22
CA VAL N 141 -74.00 -33.67 31.22
C VAL N 141 -75.36 -33.01 31.13
N LEU N 142 -76.44 -33.82 31.20
CA LEU N 142 -77.78 -33.27 31.19
C LEU N 142 -78.10 -32.41 32.40
N SER N 143 -77.51 -32.70 33.57
CA SER N 143 -77.72 -31.88 34.75
C SER N 143 -77.00 -30.53 34.69
N LEU N 144 -76.06 -30.36 33.75
CA LEU N 144 -75.42 -29.07 33.53
C LEU N 144 -76.27 -28.21 32.66
N TYR N 145 -76.95 -28.81 31.68
CA TYR N 145 -77.90 -28.12 30.82
C TYR N 145 -79.06 -27.61 31.66
N ALA N 146 -79.57 -28.45 32.59
CA ALA N 146 -80.59 -28.09 33.54
C ALA N 146 -80.18 -26.99 34.51
N SER N 147 -78.95 -27.03 35.03
CA SER N 147 -78.41 -26.02 35.92
C SER N 147 -78.07 -24.73 35.22
N GLY N 148 -77.80 -24.77 33.91
CA GLY N 148 -77.55 -23.60 33.10
C GLY N 148 -76.17 -23.08 33.27
N ARG N 149 -75.24 -23.96 33.61
CA ARG N 149 -73.83 -23.66 33.76
C ARG N 149 -73.08 -24.45 32.71
N THR N 150 -71.87 -24.02 32.35
CA THR N 150 -71.06 -24.71 31.35
C THR N 150 -69.73 -25.15 31.93
N THR N 151 -69.60 -25.06 33.25
CA THR N 151 -68.38 -25.34 33.97
C THR N 151 -68.83 -25.90 35.31
N GLY N 152 -68.02 -26.77 35.93
CA GLY N 152 -68.29 -27.28 37.27
C GLY N 152 -68.25 -28.77 37.40
N ILE N 153 -68.09 -29.22 38.66
CA ILE N 153 -68.11 -30.61 39.02
C ILE N 153 -69.51 -31.02 39.44
N VAL N 154 -70.04 -32.05 38.77
CA VAL N 154 -71.39 -32.52 38.91
C VAL N 154 -71.45 -33.73 39.81
N LEU N 155 -72.25 -33.63 40.87
CA LEU N 155 -72.53 -34.68 41.81
C LEU N 155 -73.91 -35.26 41.56
N ASP N 156 -74.01 -36.38 40.81
CA ASP N 156 -75.31 -36.95 40.46
C ASP N 156 -75.44 -38.16 41.33
N SER N 157 -76.33 -38.08 42.34
CA SER N 157 -76.44 -39.14 43.32
C SER N 157 -77.86 -39.65 43.33
N GLY N 158 -78.06 -40.85 42.81
CA GLY N 158 -79.31 -41.58 42.87
C GLY N 158 -79.08 -42.98 43.32
N ASP N 159 -80.13 -43.67 43.77
CA ASP N 159 -80.06 -45.09 43.98
C ASP N 159 -79.83 -45.79 42.64
N GLY N 160 -78.91 -46.73 42.42
CA GLY N 160 -77.86 -47.20 43.27
C GLY N 160 -76.47 -46.87 42.84
N VAL N 161 -76.28 -45.82 42.03
CA VAL N 161 -74.98 -45.38 41.60
C VAL N 161 -74.89 -43.87 41.67
N THR N 162 -73.92 -43.34 42.43
CA THR N 162 -73.59 -41.93 42.47
C THR N 162 -72.44 -41.64 41.52
N HIS N 163 -72.24 -40.37 41.10
CA HIS N 163 -71.14 -40.04 40.21
C HIS N 163 -70.59 -38.65 40.49
N ASN N 164 -69.31 -38.43 40.14
CA ASN N 164 -68.58 -37.17 40.30
C ASN N 164 -67.90 -36.75 39.00
N VAL N 165 -68.54 -35.91 38.15
CA VAL N 165 -67.99 -35.56 36.84
C VAL N 165 -67.52 -34.10 36.75
N PRO N 166 -66.24 -33.78 36.53
CA PRO N 166 -65.82 -32.41 36.28
C PRO N 166 -65.92 -32.02 34.80
N ILE N 167 -66.59 -30.90 34.49
CA ILE N 167 -66.75 -30.38 33.13
C ILE N 167 -66.29 -28.93 33.10
N TYR N 168 -65.47 -28.53 32.12
CA TYR N 168 -65.07 -27.15 31.95
C TYR N 168 -65.37 -26.67 30.55
N GLU N 169 -66.08 -25.65 30.33
CA GLU N 169 -66.49 -24.98 29.13
C GLU N 169 -65.91 -25.40 27.80
N GLY N 170 -66.41 -26.39 27.10
CA GLY N 170 -67.42 -27.31 27.42
C GLY N 170 -66.90 -28.68 27.27
N TYR N 171 -65.68 -28.84 27.64
CA TYR N 171 -64.94 -30.02 27.55
C TYR N 171 -64.84 -30.82 28.78
N ALA N 172 -64.66 -32.07 28.71
CA ALA N 172 -64.54 -32.97 29.80
C ALA N 172 -63.13 -33.48 29.93
N LEU N 173 -62.69 -33.76 31.14
CA LEU N 173 -61.38 -34.27 31.43
C LEU N 173 -61.49 -35.74 31.80
N PRO N 174 -61.15 -36.71 30.95
CA PRO N 174 -61.37 -38.13 31.20
C PRO N 174 -60.69 -38.65 32.43
N HIS N 175 -59.54 -38.09 32.80
CA HIS N 175 -58.72 -38.58 33.85
C HIS N 175 -59.19 -38.14 35.21
N ALA N 176 -60.22 -37.32 35.30
CA ALA N 176 -60.73 -36.81 36.54
C ALA N 176 -62.14 -37.28 36.85
N ILE N 177 -62.80 -38.11 36.00
CA ILE N 177 -64.15 -38.57 36.28
C ILE N 177 -64.16 -39.71 37.28
N MET N 178 -64.89 -39.55 38.40
CA MET N 178 -64.97 -40.53 39.47
C MET N 178 -66.35 -41.13 39.70
N ARG N 179 -66.44 -42.47 39.75
CA ARG N 179 -67.67 -43.19 39.97
C ARG N 179 -67.63 -43.82 41.35
N LEU N 180 -68.56 -43.46 42.24
CA LEU N 180 -68.68 -44.08 43.54
C LEU N 180 -69.90 -44.99 43.52
N ASP N 181 -69.77 -46.25 43.92
CA ASP N 181 -70.90 -47.16 44.07
C ASP N 181 -71.46 -47.08 45.50
N LEU N 182 -71.17 -46.04 46.22
CA LEU N 182 -71.53 -45.78 47.61
C LEU N 182 -73.01 -45.57 47.86
N ALA N 183 -73.68 -44.72 47.09
CA ALA N 183 -75.07 -44.40 47.31
C ALA N 183 -75.88 -44.90 46.13
N GLY N 184 -77.17 -45.24 46.29
CA GLY N 184 -78.03 -45.10 47.46
C GLY N 184 -78.61 -46.36 48.04
N ARG N 185 -78.57 -47.49 47.32
CA ARG N 185 -79.13 -48.75 47.82
C ARG N 185 -78.40 -49.30 49.03
N ASP N 186 -77.12 -48.95 49.18
CA ASP N 186 -76.32 -49.29 50.33
C ASP N 186 -76.66 -48.42 51.51
N LEU N 187 -77.19 -47.21 51.28
CA LEU N 187 -77.71 -46.36 52.32
C LEU N 187 -79.02 -46.96 52.81
N THR N 188 -79.86 -47.48 51.89
CA THR N 188 -81.06 -48.24 52.25
C THR N 188 -80.71 -49.46 53.08
N ASP N 189 -79.78 -50.30 52.61
CA ASP N 189 -79.36 -51.49 53.33
C ASP N 189 -78.73 -51.17 54.70
N TYR N 190 -77.96 -50.08 54.83
CA TYR N 190 -77.41 -49.64 56.09
C TYR N 190 -78.48 -49.15 57.04
N LEU N 191 -79.48 -48.39 56.54
CA LEU N 191 -80.62 -47.98 57.33
C LEU N 191 -81.39 -49.17 57.84
N MET N 192 -81.57 -50.22 57.02
CA MET N 192 -82.18 -51.45 57.44
C MET N 192 -81.36 -52.19 58.49
N LYS N 193 -80.02 -52.06 58.44
CA LYS N 193 -79.16 -52.69 59.42
C LYS N 193 -79.15 -51.95 60.74
N ILE N 194 -79.35 -50.62 60.75
CA ILE N 194 -79.39 -49.93 62.02
C ILE N 194 -80.81 -49.70 62.49
N LEU N 195 -81.84 -50.09 61.74
CA LEU N 195 -83.17 -50.16 62.30
C LEU N 195 -83.46 -51.50 62.96
N THR N 196 -82.74 -52.57 62.57
CA THR N 196 -82.79 -53.81 63.32
C THR N 196 -82.23 -53.67 64.70
N GLU N 197 -81.31 -52.73 64.87
CA GLU N 197 -80.72 -52.38 66.13
C GLU N 197 -81.72 -51.82 67.13
N ARG N 198 -82.85 -51.28 66.65
CA ARG N 198 -83.93 -50.87 67.50
C ARG N 198 -85.14 -51.75 67.38
N GLY N 199 -84.98 -53.01 66.98
CA GLY N 199 -86.03 -54.00 67.16
C GLY N 199 -87.11 -53.99 66.12
N TYR N 200 -86.93 -53.24 65.04
CA TYR N 200 -87.93 -53.16 63.99
C TYR N 200 -87.54 -54.10 62.89
N SER N 201 -88.07 -55.26 62.90
CA SER N 201 -87.72 -56.36 62.04
C SER N 201 -88.13 -56.35 60.64
N PHE N 202 -87.71 -55.44 59.93
CA PHE N 202 -88.06 -55.30 58.59
C PHE N 202 -87.19 -56.00 57.67
N VAL N 203 -87.13 -57.20 57.61
CA VAL N 203 -86.19 -57.97 56.96
C VAL N 203 -86.46 -58.36 55.54
N THR N 204 -87.64 -58.29 55.08
CA THR N 204 -88.04 -58.82 53.80
C THR N 204 -87.89 -57.82 52.69
N THR N 205 -87.85 -58.33 51.47
CA THR N 205 -87.61 -57.57 50.25
C THR N 205 -88.64 -56.50 50.04
N ALA N 206 -89.92 -56.84 50.12
CA ALA N 206 -91.01 -55.91 50.01
C ALA N 206 -90.92 -54.80 51.03
N GLU N 207 -90.63 -55.21 52.29
CA GLU N 207 -90.56 -54.28 53.41
C GLU N 207 -89.44 -53.29 53.27
N ARG N 208 -88.39 -53.65 52.48
CA ARG N 208 -87.38 -52.67 52.08
C ARG N 208 -87.91 -51.42 51.40
N GLU N 209 -89.02 -51.48 50.63
CA GLU N 209 -89.67 -50.26 50.13
C GLU N 209 -90.14 -49.34 51.24
N ILE N 210 -90.72 -49.89 52.33
CA ILE N 210 -91.11 -49.12 53.51
C ILE N 210 -89.92 -48.44 54.16
N VAL N 211 -88.76 -49.12 54.22
CA VAL N 211 -87.49 -48.56 54.64
C VAL N 211 -87.11 -47.36 53.81
N ARG N 212 -87.24 -47.45 52.47
CA ARG N 212 -87.00 -46.40 51.52
C ARG N 212 -87.87 -45.18 51.80
N ASP N 213 -89.13 -45.40 52.21
CA ASP N 213 -90.02 -44.30 52.56
C ASP N 213 -89.55 -43.62 53.85
N ILE N 214 -89.02 -44.35 54.84
CA ILE N 214 -88.41 -43.73 56.01
C ILE N 214 -87.05 -43.08 55.71
N LYS N 215 -86.37 -43.50 54.61
CA LYS N 215 -85.15 -42.88 54.13
C LYS N 215 -85.41 -41.53 53.49
N GLU N 216 -86.54 -41.40 52.77
CA GLU N 216 -87.03 -40.17 52.23
C GLU N 216 -87.40 -39.16 53.32
N LYS N 217 -88.47 -39.47 54.05
CA LYS N 217 -89.14 -38.56 54.95
C LYS N 217 -88.43 -38.30 56.28
N LEU N 218 -88.02 -39.33 57.04
CA LEU N 218 -87.57 -39.11 58.41
C LEU N 218 -86.10 -38.81 58.61
N CYS N 219 -85.21 -39.10 57.65
CA CYS N 219 -83.79 -38.83 57.80
C CYS N 219 -83.41 -37.34 57.81
N TYR N 220 -82.30 -36.99 58.48
CA TYR N 220 -81.77 -35.64 58.48
C TYR N 220 -80.26 -35.75 58.59
N VAL N 221 -79.50 -34.66 58.48
CA VAL N 221 -78.05 -34.73 58.54
C VAL N 221 -77.54 -33.79 59.61
N ALA N 222 -76.44 -34.15 60.28
CA ALA N 222 -75.75 -33.36 61.26
C ALA N 222 -75.01 -32.19 60.62
N LEU N 223 -74.58 -31.20 61.38
CA LEU N 223 -73.69 -30.15 60.93
C LEU N 223 -72.27 -30.59 61.20
N ASP N 224 -72.07 -31.23 62.37
CA ASP N 224 -70.86 -31.88 62.76
C ASP N 224 -71.24 -33.15 63.51
N PHE N 225 -70.70 -34.32 63.09
CA PHE N 225 -71.00 -35.62 63.65
C PHE N 225 -70.79 -35.66 65.16
N GLU N 226 -69.56 -35.38 65.61
CA GLU N 226 -69.14 -35.39 66.99
C GLU N 226 -70.02 -34.56 67.91
N ASN N 227 -70.50 -33.39 67.44
CA ASN N 227 -71.36 -32.54 68.23
C ASN N 227 -72.81 -32.97 68.18
N GLU N 228 -73.28 -33.60 67.08
CA GLU N 228 -74.62 -34.15 67.06
C GLU N 228 -74.71 -35.40 67.93
N MET N 229 -73.62 -36.17 68.04
CA MET N 229 -73.50 -37.31 68.93
C MET N 229 -73.55 -36.89 70.38
N ALA N 230 -72.95 -35.72 70.70
CA ALA N 230 -73.06 -35.07 71.99
C ALA N 230 -74.51 -34.75 72.34
N THR N 231 -75.23 -34.06 71.45
CA THR N 231 -76.61 -33.69 71.71
C THR N 231 -77.57 -34.87 71.65
N ALA N 232 -77.19 -35.97 70.99
CA ALA N 232 -77.89 -37.24 71.03
C ALA N 232 -77.91 -37.88 72.41
N ALA N 233 -76.83 -37.71 73.19
CA ALA N 233 -76.74 -38.19 74.55
C ALA N 233 -77.69 -37.48 75.49
N SER N 234 -78.07 -36.24 75.15
CA SER N 234 -79.09 -35.47 75.84
C SER N 234 -80.48 -36.01 75.63
N SER N 235 -81.42 -35.61 76.47
CA SER N 235 -82.76 -36.14 76.52
C SER N 235 -83.69 -35.50 75.54
N SER N 236 -83.23 -34.49 74.80
CA SER N 236 -83.94 -33.80 73.77
C SER N 236 -84.49 -34.64 72.66
N SER N 237 -85.56 -34.26 72.04
CA SER N 237 -86.29 -35.05 71.12
C SER N 237 -85.76 -35.09 69.73
N LEU N 238 -84.76 -35.89 69.49
CA LEU N 238 -84.32 -36.28 68.19
C LEU N 238 -85.21 -37.39 67.66
N GLU N 239 -85.86 -38.12 68.58
CA GLU N 239 -86.80 -39.17 68.32
C GLU N 239 -88.06 -38.68 67.63
N LYS N 240 -88.31 -39.18 66.41
CA LYS N 240 -89.52 -38.89 65.67
C LYS N 240 -90.30 -40.16 65.48
N SER N 241 -91.63 -40.09 65.67
CA SER N 241 -92.50 -41.26 65.62
C SER N 241 -93.13 -41.40 64.25
N TYR N 242 -92.79 -42.47 63.51
CA TYR N 242 -93.38 -42.80 62.23
C TYR N 242 -94.49 -43.81 62.45
N GLU N 243 -95.50 -43.86 61.58
CA GLU N 243 -96.55 -44.84 61.66
C GLU N 243 -96.44 -45.78 60.48
N LEU N 244 -96.64 -47.09 60.71
CA LEU N 244 -96.35 -48.13 59.76
C LEU N 244 -97.66 -48.65 59.18
N PRO N 245 -97.75 -49.29 58.01
CA PRO N 245 -99.02 -49.67 57.41
C PRO N 245 -99.87 -50.64 58.20
N ASP N 246 -99.29 -51.41 59.11
CA ASP N 246 -100.03 -52.26 60.00
C ASP N 246 -100.28 -51.62 61.34
N GLY N 247 -100.10 -50.47 61.60
CA GLY N 247 -100.42 -49.71 62.79
C GLY N 247 -99.29 -49.55 63.73
N GLN N 248 -98.13 -49.92 63.54
CA GLN N 248 -97.02 -49.89 64.45
C GLN N 248 -96.39 -48.52 64.46
N VAL N 249 -95.89 -48.09 65.61
CA VAL N 249 -95.26 -46.79 65.78
C VAL N 249 -93.78 -46.97 66.01
N ILE N 250 -92.95 -46.41 65.11
CA ILE N 250 -91.52 -46.58 65.13
C ILE N 250 -90.90 -45.28 65.56
N THR N 251 -90.04 -45.31 66.59
CA THR N 251 -89.33 -44.15 67.12
C THR N 251 -87.84 -44.26 66.86
N ILE N 252 -87.32 -43.55 65.85
CA ILE N 252 -85.89 -43.52 65.57
C ILE N 252 -85.32 -42.15 65.90
N GLY N 253 -84.12 -42.11 66.50
CA GLY N 253 -83.46 -40.88 66.92
C GLY N 253 -82.04 -40.73 66.47
N ASN N 254 -81.08 -41.38 67.12
CA ASN N 254 -79.66 -41.29 66.78
C ASN N 254 -79.34 -41.76 65.38
N GLU N 255 -79.86 -42.94 65.04
CA GLU N 255 -79.71 -43.54 63.73
C GLU N 255 -80.23 -42.69 62.55
N ARG N 256 -81.23 -41.81 62.85
CA ARG N 256 -81.80 -40.80 61.99
C ARG N 256 -80.88 -39.81 61.33
N PHE N 257 -79.84 -39.33 62.10
CA PHE N 257 -78.78 -38.57 61.52
C PHE N 257 -77.54 -39.38 61.15
N ARG N 258 -77.45 -40.61 61.72
CA ARG N 258 -76.32 -41.47 61.48
C ARG N 258 -76.26 -41.97 60.05
N CYS N 259 -77.36 -42.50 59.52
CA CYS N 259 -77.37 -42.98 58.15
C CYS N 259 -76.91 -42.00 57.07
N PRO N 260 -77.35 -40.73 56.89
CA PRO N 260 -76.83 -39.90 55.82
C PRO N 260 -75.38 -39.50 55.95
N GLU N 261 -74.85 -39.41 57.20
CA GLU N 261 -73.47 -39.10 57.49
C GLU N 261 -72.49 -40.01 56.80
N THR N 262 -72.90 -41.26 56.49
CA THR N 262 -72.20 -42.21 55.63
C THR N 262 -71.61 -41.63 54.34
N LEU N 263 -72.25 -40.59 53.75
CA LEU N 263 -71.74 -39.92 52.57
C LEU N 263 -70.44 -39.17 52.81
N PHE N 264 -70.24 -38.69 54.05
CA PHE N 264 -68.99 -38.16 54.53
C PHE N 264 -68.10 -39.17 55.19
N GLN N 265 -68.60 -40.28 55.71
CA GLN N 265 -67.81 -41.35 56.30
C GLN N 265 -68.22 -42.74 55.82
N PRO N 266 -67.66 -43.26 54.73
CA PRO N 266 -67.97 -44.61 54.26
C PRO N 266 -67.44 -45.70 55.18
N SER N 267 -66.67 -45.34 56.21
CA SER N 267 -66.25 -46.20 57.30
C SER N 267 -67.43 -46.76 58.07
N PHE N 268 -68.58 -46.04 58.10
CA PHE N 268 -69.79 -46.53 58.72
C PHE N 268 -70.32 -47.79 58.04
N ILE N 269 -70.32 -47.82 56.70
CA ILE N 269 -70.67 -49.00 55.94
C ILE N 269 -69.53 -49.99 55.93
N GLY N 270 -68.30 -49.51 56.05
CA GLY N 270 -67.09 -50.30 56.04
C GLY N 270 -66.43 -50.43 54.73
N MET N 271 -66.74 -49.61 53.75
CA MET N 271 -66.08 -49.61 52.47
C MET N 271 -64.82 -48.77 52.49
N GLU N 272 -63.82 -49.15 51.69
CA GLU N 272 -62.49 -48.58 51.74
C GLU N 272 -62.42 -47.19 51.17
N SER N 273 -63.23 -46.89 50.17
CA SER N 273 -63.39 -45.60 49.53
C SER N 273 -63.63 -44.42 50.45
N ALA N 274 -63.28 -43.20 50.02
CA ALA N 274 -63.35 -42.01 50.81
C ALA N 274 -64.59 -41.18 50.47
N GLY N 275 -65.02 -40.28 51.38
CA GLY N 275 -66.27 -39.54 51.26
C GLY N 275 -66.34 -38.56 50.13
N ILE N 276 -67.56 -38.07 49.81
CA ILE N 276 -67.78 -37.06 48.77
C ILE N 276 -66.93 -35.81 48.94
N HIS N 277 -66.79 -35.33 50.17
CA HIS N 277 -65.72 -34.47 50.66
C HIS N 277 -64.36 -34.66 49.98
N GLU N 278 -63.78 -35.86 50.10
CA GLU N 278 -62.45 -36.14 49.63
C GLU N 278 -62.42 -36.47 48.17
N THR N 279 -63.46 -37.08 47.58
CA THR N 279 -63.47 -37.36 46.14
C THR N 279 -63.62 -36.10 45.33
N THR N 280 -64.30 -35.09 45.89
CA THR N 280 -64.38 -33.75 45.33
C THR N 280 -63.00 -33.14 45.27
N TYR N 281 -62.29 -33.06 46.40
CA TYR N 281 -60.94 -32.53 46.42
C TYR N 281 -59.98 -33.29 45.53
N ASN N 282 -59.94 -34.64 45.61
CA ASN N 282 -59.02 -35.43 44.83
C ASN N 282 -59.29 -35.43 43.32
N SER N 283 -60.52 -35.14 42.87
CA SER N 283 -60.81 -34.95 41.45
C SER N 283 -60.44 -33.57 40.99
N ILE N 284 -60.63 -32.54 41.83
CA ILE N 284 -60.24 -31.17 41.54
C ILE N 284 -58.73 -31.10 41.46
N MET N 285 -58.00 -31.69 42.40
CA MET N 285 -56.56 -31.75 42.34
C MET N 285 -56.01 -32.81 41.38
N LYS N 286 -56.83 -33.31 40.44
CA LYS N 286 -56.35 -34.00 39.27
C LYS N 286 -56.59 -33.14 38.05
N CYS N 287 -57.20 -32.00 38.16
CA CYS N 287 -57.38 -31.03 37.10
C CYS N 287 -56.27 -30.00 37.10
N ASP N 288 -55.96 -29.46 35.90
CA ASP N 288 -54.95 -28.43 35.69
C ASP N 288 -55.15 -27.17 36.52
N ILE N 289 -54.02 -26.54 36.91
CA ILE N 289 -53.93 -25.47 37.89
C ILE N 289 -54.88 -24.32 37.66
N ASP N 290 -54.96 -23.80 36.43
CA ASP N 290 -55.80 -22.66 36.12
C ASP N 290 -57.27 -22.97 36.25
N ILE N 291 -57.69 -24.21 35.91
CA ILE N 291 -59.09 -24.52 35.83
C ILE N 291 -59.71 -24.69 37.20
N ARG N 292 -58.89 -25.04 38.22
CA ARG N 292 -59.35 -25.29 39.57
C ARG N 292 -60.12 -24.13 40.20
N LYS N 293 -59.74 -22.89 39.85
CA LYS N 293 -60.38 -21.65 40.23
C LYS N 293 -61.87 -21.60 39.96
N ASP N 294 -62.34 -22.19 38.85
CA ASP N 294 -63.72 -22.09 38.46
C ASP N 294 -64.42 -23.40 38.68
N LEU N 295 -63.71 -24.46 39.10
CA LEU N 295 -64.37 -25.66 39.58
C LEU N 295 -64.92 -25.42 40.97
N TYR N 296 -64.15 -24.69 41.81
CA TYR N 296 -64.70 -24.13 43.02
C TYR N 296 -65.73 -23.05 42.70
N ALA N 297 -66.92 -23.17 43.33
CA ALA N 297 -68.05 -22.27 43.24
C ALA N 297 -68.96 -22.60 42.07
N ASN N 298 -68.74 -23.77 41.46
CA ASN N 298 -69.61 -24.35 40.46
C ASN N 298 -69.72 -25.82 40.80
N ASN N 299 -69.70 -26.13 42.11
CA ASN N 299 -69.98 -27.43 42.65
C ASN N 299 -71.49 -27.65 42.62
N VAL N 300 -71.99 -28.47 41.67
CA VAL N 300 -73.41 -28.67 41.44
C VAL N 300 -73.96 -30.04 41.84
N MET N 301 -74.87 -30.09 42.84
CA MET N 301 -75.43 -31.35 43.25
C MET N 301 -76.63 -31.71 42.38
N SER N 302 -77.01 -33.00 42.32
CA SER N 302 -78.15 -33.45 41.55
C SER N 302 -78.60 -34.79 42.11
N GLY N 303 -79.64 -35.40 41.50
CA GLY N 303 -80.22 -36.68 41.89
C GLY N 303 -81.11 -36.61 43.09
N GLY N 304 -81.91 -37.61 43.37
CA GLY N 304 -82.83 -37.71 44.48
C GLY N 304 -82.22 -37.95 45.84
N THR N 305 -81.06 -38.60 45.92
CA THR N 305 -80.45 -38.92 47.22
C THR N 305 -79.69 -37.75 47.77
N THR N 306 -79.56 -36.64 47.02
CA THR N 306 -79.01 -35.42 47.59
C THR N 306 -80.06 -34.57 48.26
N MET N 307 -81.31 -35.05 48.39
CA MET N 307 -82.38 -34.30 49.00
C MET N 307 -82.46 -34.45 50.52
N TYR N 308 -81.44 -35.03 51.18
CA TYR N 308 -81.36 -35.00 52.64
C TYR N 308 -81.21 -33.55 53.15
N PRO N 309 -81.89 -33.08 54.19
CA PRO N 309 -81.81 -31.70 54.64
C PRO N 309 -80.49 -31.11 54.97
N GLY N 310 -79.54 -31.53 55.57
CA GLY N 310 -78.30 -30.93 55.99
C GLY N 310 -77.22 -30.82 54.94
N ILE N 311 -77.41 -31.46 53.78
CA ILE N 311 -76.58 -31.19 52.62
C ILE N 311 -77.37 -30.17 51.83
N ALA N 312 -76.74 -29.10 51.31
CA ALA N 312 -75.33 -28.95 51.04
C ALA N 312 -74.53 -28.17 52.07
N ASP N 313 -75.08 -27.74 53.22
CA ASP N 313 -74.30 -26.81 54.03
C ASP N 313 -73.35 -27.56 54.97
N ARG N 314 -73.58 -28.87 55.16
CA ARG N 314 -72.59 -29.82 55.63
C ARG N 314 -71.48 -29.97 54.62
N MET N 315 -71.80 -30.35 53.37
CA MET N 315 -70.88 -30.42 52.24
C MET N 315 -70.03 -29.17 52.07
N GLN N 316 -70.65 -27.98 52.20
CA GLN N 316 -70.00 -26.69 52.15
C GLN N 316 -68.97 -26.58 53.26
N LYS N 317 -69.38 -26.60 54.55
CA LYS N 317 -68.43 -26.52 55.65
C LYS N 317 -67.27 -27.52 55.63
N GLU N 318 -67.52 -28.77 55.19
CA GLU N 318 -66.50 -29.80 55.07
C GLU N 318 -65.54 -29.55 53.93
N ILE N 319 -66.03 -29.13 52.75
CA ILE N 319 -65.18 -28.84 51.59
C ILE N 319 -64.35 -27.63 51.92
N THR N 320 -64.97 -26.56 52.48
CA THR N 320 -64.28 -25.34 52.90
C THR N 320 -63.14 -25.58 53.87
N ALA N 321 -63.19 -26.67 54.66
CA ALA N 321 -62.10 -27.03 55.54
C ALA N 321 -60.91 -27.68 54.84
N LEU N 322 -61.13 -28.41 53.73
CA LEU N 322 -60.07 -29.10 53.01
C LEU N 322 -59.56 -28.27 51.84
N ALA N 323 -60.44 -27.49 51.20
CA ALA N 323 -60.14 -26.59 50.11
C ALA N 323 -59.16 -25.47 50.48
N PRO N 324 -58.38 -24.92 49.56
CA PRO N 324 -57.52 -23.76 49.80
C PRO N 324 -58.18 -22.56 50.47
N SER N 325 -57.45 -21.86 51.34
CA SER N 325 -57.94 -20.69 52.04
C SER N 325 -58.21 -19.51 51.12
N THR N 326 -59.20 -18.68 51.45
CA THR N 326 -59.61 -17.45 50.77
C THR N 326 -60.20 -17.65 49.39
N MET N 327 -60.52 -18.81 49.00
CA MET N 327 -61.18 -19.17 47.78
C MET N 327 -62.64 -19.24 47.99
N LYS N 328 -63.45 -18.62 47.15
CA LYS N 328 -64.87 -18.61 47.28
C LYS N 328 -65.53 -19.90 46.87
N ILE N 329 -66.35 -20.47 47.68
CA ILE N 329 -66.98 -21.74 47.42
C ILE N 329 -68.45 -21.56 47.55
N LYS N 330 -69.19 -21.90 46.53
CA LYS N 330 -70.63 -21.94 46.51
C LYS N 330 -71.02 -23.30 46.00
N ILE N 331 -72.06 -23.90 46.58
CA ILE N 331 -72.51 -25.22 46.22
C ILE N 331 -73.88 -25.09 45.65
N ILE N 332 -74.14 -25.29 44.46
CA ILE N 332 -75.37 -25.04 43.75
C ILE N 332 -76.26 -26.24 43.91
N ALA N 333 -77.39 -26.07 44.58
CA ALA N 333 -78.31 -27.14 44.82
C ALA N 333 -79.73 -26.66 44.72
N PRO N 334 -80.35 -26.66 43.59
CA PRO N 334 -81.70 -26.19 43.44
C PRO N 334 -82.70 -27.14 44.03
N PRO N 335 -83.90 -26.80 44.41
CA PRO N 335 -85.01 -27.73 44.50
C PRO N 335 -85.21 -28.64 43.35
N GLU N 336 -85.86 -29.55 43.28
CA GLU N 336 -86.27 -30.46 42.23
C GLU N 336 -85.24 -31.39 41.68
N ARG N 337 -84.11 -31.59 42.39
CA ARG N 337 -82.96 -32.32 41.85
C ARG N 337 -83.23 -33.70 41.28
N LYS N 338 -84.27 -34.40 41.76
CA LYS N 338 -84.74 -35.67 41.23
C LYS N 338 -85.16 -35.60 39.77
N TYR N 339 -85.57 -34.41 39.29
CA TYR N 339 -86.01 -34.26 37.92
C TYR N 339 -85.01 -33.43 37.14
N SER N 340 -83.84 -33.09 37.73
CA SER N 340 -82.79 -32.30 37.10
C SER N 340 -82.38 -32.85 35.76
N VAL N 341 -81.96 -34.13 35.75
CA VAL N 341 -81.59 -34.91 34.59
C VAL N 341 -82.64 -34.83 33.48
N TRP N 342 -83.93 -34.98 33.83
CA TRP N 342 -85.01 -34.97 32.87
C TRP N 342 -85.20 -33.59 32.23
N ILE N 343 -85.15 -32.51 33.03
CA ILE N 343 -85.22 -31.15 32.51
C ILE N 343 -84.02 -30.80 31.63
N GLY N 344 -82.88 -31.48 31.85
CA GLY N 344 -81.71 -31.46 30.99
C GLY N 344 -82.03 -32.03 29.64
N GLY N 345 -82.47 -33.29 29.64
CA GLY N 345 -82.81 -34.05 28.43
C GLY N 345 -83.82 -33.33 27.57
N SER N 346 -84.84 -32.73 28.19
CA SER N 346 -85.85 -31.93 27.51
C SER N 346 -85.26 -30.78 26.72
N ILE N 347 -84.33 -30.01 27.32
CA ILE N 347 -83.62 -28.94 26.66
C ILE N 347 -82.75 -29.45 25.54
N LEU N 348 -82.12 -30.62 25.70
CA LEU N 348 -81.14 -31.15 24.76
C LEU N 348 -81.81 -31.54 23.46
N ALA N 349 -82.71 -32.52 23.49
CA ALA N 349 -83.38 -33.07 22.33
C ALA N 349 -84.27 -32.06 21.61
N SER N 350 -84.62 -30.94 22.25
CA SER N 350 -85.37 -29.89 21.61
C SER N 350 -84.48 -28.97 20.79
N LEU N 351 -83.20 -28.78 21.17
CA LEU N 351 -82.27 -27.95 20.43
C LEU N 351 -81.93 -28.45 19.03
N SER N 352 -82.12 -27.59 18.03
CA SER N 352 -81.40 -27.64 16.78
C SER N 352 -79.96 -27.23 17.01
N THR N 353 -78.95 -27.80 16.35
CA THR N 353 -79.01 -28.75 15.26
C THR N 353 -78.77 -30.16 15.73
N PHE N 354 -78.71 -30.37 17.06
CA PHE N 354 -78.34 -31.65 17.66
C PHE N 354 -79.26 -32.84 17.37
N GLN N 355 -80.30 -32.64 16.54
CA GLN N 355 -81.02 -33.67 15.83
C GLN N 355 -80.11 -34.54 14.99
N GLN N 356 -79.02 -33.95 14.47
CA GLN N 356 -78.06 -34.65 13.68
C GLN N 356 -76.94 -35.21 14.52
N MET N 357 -77.09 -35.26 15.86
CA MET N 357 -76.23 -36.06 16.69
C MET N 357 -76.99 -37.27 17.20
N TRP N 358 -78.17 -37.55 16.64
CA TRP N 358 -78.89 -38.77 16.90
C TRP N 358 -78.42 -39.84 15.94
N ILE N 359 -78.35 -41.09 16.39
CA ILE N 359 -78.09 -42.25 15.57
C ILE N 359 -79.37 -42.61 14.86
N THR N 360 -79.39 -42.67 13.53
CA THR N 360 -80.59 -42.97 12.75
C THR N 360 -80.60 -44.40 12.30
N LYS N 361 -81.81 -45.00 12.20
CA LYS N 361 -82.03 -46.41 11.92
C LYS N 361 -81.37 -46.92 10.66
N GLN N 362 -81.42 -46.16 9.55
CA GLN N 362 -80.80 -46.53 8.31
C GLN N 362 -79.29 -46.67 8.39
N GLU N 363 -78.61 -45.75 9.08
CA GLU N 363 -77.17 -45.83 9.28
C GLU N 363 -76.82 -46.92 10.27
N TYR N 364 -77.64 -47.09 11.34
CA TYR N 364 -77.51 -48.14 12.33
C TYR N 364 -77.62 -49.54 11.72
N ASP N 365 -78.49 -49.73 10.71
CA ASP N 365 -78.65 -50.98 10.00
C ASP N 365 -77.35 -51.44 9.38
N GLU N 366 -76.57 -50.52 8.84
CA GLU N 366 -75.26 -50.83 8.30
C GLU N 366 -74.21 -50.96 9.38
N ALA N 367 -74.18 -50.07 10.36
CA ALA N 367 -73.14 -49.97 11.35
C ALA N 367 -73.18 -50.89 12.55
N GLY N 368 -74.35 -51.20 13.09
CA GLY N 368 -74.48 -52.03 14.28
C GLY N 368 -73.91 -51.43 15.53
N PRO N 369 -73.38 -52.11 16.48
CA PRO N 369 -72.91 -51.58 17.75
C PRO N 369 -71.67 -50.74 17.67
N SER N 370 -70.94 -50.78 16.57
CA SER N 370 -69.79 -49.96 16.37
C SER N 370 -70.09 -48.51 16.32
N ILE N 371 -69.40 -47.74 16.60
CA ILE N 371 -69.45 -46.31 16.56
C ILE N 371 -70.32 -45.65 17.51
N VAL N 372 -71.15 -46.31 18.24
CA VAL N 372 -72.01 -45.85 19.24
C VAL N 372 -71.27 -45.38 20.32
N HIS N 373 -70.27 -46.03 20.62
CA HIS N 373 -69.46 -45.69 21.60
C HIS N 373 -68.38 -45.26 21.00
#